data_9DZE
#
_entry.id   9DZE
#
loop_
_entity.id
_entity.type
_entity.pdbx_description
1 polymer 'pD5-14 A component'
2 polymer 'pD5-14 B component'
3 polymer 'pD5-14 C component'
4 polymer 'pD5-14 D component'
#
loop_
_entity_poly.entity_id
_entity_poly.type
_entity_poly.pdbx_seq_one_letter_code
_entity_poly.pdbx_strand_id
1 'polypeptide(L)'
;MGSLELALKALQILVNAAYVLAEIARDRGNEELLEKAARLAEEAARQAERIARQARKEGNLELALKALQILVNAAYVLAE
IARDRGNEELLEYAARLAEEAARQAIEIWAQAMEEGNQQLRTKAAHIILRAAEVLLEIARDRGNQELLEKAASLVDAVAA
LQQAAAAILEGDVEKAVRAAQEAVKAAKEAGDNDMLRAVAIAALRIAKEAEKQGNVEVAVKAARVAVEAAKQAGDNDVLR
KVAEQALRIAKEAEKQGNVEVAVKAARVAVEAAKQAGDNDVLRKVADQALEIAKAALEQGDIDVAQKAMDVAVEALTQAG
GSGGSHHHHHH
;
A,B,C,D,E,F,G,H,I,J
2 'polypeptide(L)'
;MGSPRLVLRALENMVRAAHTLAEIARDNGNEEWLERAARLAEEVARRAERLAREARKEGNLELALKALQILVNAAYVLAE
IARDRGNEEELEYAARLAEEAARQAIEIAAQAMEEGNLELALKALQIIVNAAYVLAEIARDRGNEELLEKAASLAEAAAA
LAEAIAAILEGDVEKAVRAAQEAVKAAKEAGDNDMLRAVAIAALRIAKEAEKQGNVEVAVKAARVAVEAAKQAGDNDVLR
KVAEQALRIAKEAEKQGNVEVAVKAARVAVEAAKQAGDNDVLRKVAEQALEIAKKAAEQGDVGVMQKAMDVALRAAGQAG
;
K,L,M,N,O,P,Q,R,S,T
3 'polypeptide(L)'
;MGSKGEAVIKEFMRFKVHMEGSMNGHEFEIEGEGEGRPYEGTQTAKLKVTKGGPLPFSWDILSPQFMYGSRAFIKHPADI
PDYYKQSFPEGFKWERVMNFEDGGAVTVTQDTSLEDGTLIYKVKLRGTNFPPDGPVMQKKTMGWEASTERLYPEDGVLKG
DIKMALRLKDGGRYLADFKTTYKAKKPVQMPGAYNVDRKLDITSHNEDYTVVEQYERSEGRHSTGGMDELYKGSGSGPEL
FLQDLRSLVEAARILARLARQRGDEHALERAARWAEQAARQAERLARQARKEGNLELALKALQILVNAAYVLAEIARDRG
NEELLEYAARLAEEAARQAIEIAAQAMEEGNFELALEALEIINEAARVLARIAHHRGNQELLEKAASLTHASAALSRAIA
AILEGDVEKAVRAAQEAVKAAKEAGDNDMLRAVAIAALRIAKEAEKQGNVEVAVKAARVAVEAAKQAGDNDVLRLVSERA
LSIAASSVKQGNYEVKEKAIRVAKEANKQAG
;
a,b,c,d,e
4 'polypeptide(L)'
;MGSKGEEDNMASLPATHELHIFGSINGVDFDMVGQGTGNPNDGYEELNLKSTKGDLQFSPWILVPHIGYGFHQYLPYPDG
MSPFQAAMVDGSGYQVHRTMQFEDGASLTVNYRYTYEGSHIKGEAQVKGTGFPADGPVMTNSLTAADWCRSKKTYPNDKT
IISTFKWSYTTGNGKRYRSTARTTYTFAKPMAANYLKNQPMYVFRKTELKHSKTELNFKEWQKAFTDVMGMDELYKGSGS
GPELFLQDLRSLVEAARILARLARQRGDEHALERAARWAEQAARQAERLARQARKEGNLELALKALQILVNAAYVLAEIA
RDRGNEELLEYAARLAEEAARQAIEIAAQAMEEGNFELALEALEIINEAARVLARIAHHRGNQELLEKAASLTHASAALS
RAIAAILEGDVEKAVRAAQEAVKAAKEAGDNDMLRAVAIAALRIAKEAEKQGNVEVAVKAARVAVEAAKQAGDNDVLKRV
SETLLSIAAEATKQGNSEVMEKAIRVSEEAEKQAG
;
f,g,h,i,j
#
# COMPACT_ATOMS: atom_id res chain seq x y z
N LEU A 4 -78.26 53.20 -4.15
CA LEU A 4 -78.92 54.50 -3.80
C LEU A 4 -79.87 55.03 -4.88
N GLU A 5 -79.62 54.76 -6.17
CA GLU A 5 -80.22 55.44 -7.33
C GLU A 5 -81.74 55.60 -7.25
N LEU A 6 -82.45 54.50 -6.98
CA LEU A 6 -83.91 54.50 -6.87
C LEU A 6 -84.40 55.31 -5.68
N ALA A 7 -83.68 55.27 -4.55
CA ALA A 7 -84.21 55.73 -3.27
C ALA A 7 -84.60 57.20 -3.33
N LEU A 8 -83.72 58.03 -3.88
CA LEU A 8 -84.03 59.45 -4.05
C LEU A 8 -85.27 59.64 -4.93
N LYS A 9 -85.42 58.85 -6.00
CA LYS A 9 -86.59 58.93 -6.87
C LYS A 9 -87.86 58.57 -6.09
N ALA A 10 -87.80 57.49 -5.34
CA ALA A 10 -88.92 57.08 -4.49
C ALA A 10 -89.26 58.17 -3.48
N LEU A 11 -88.25 58.74 -2.81
CA LEU A 11 -88.47 59.78 -1.83
C LEU A 11 -89.10 61.00 -2.47
N GLN A 12 -88.66 61.38 -3.67
CA GLN A 12 -89.27 62.47 -4.41
C GLN A 12 -90.75 62.17 -4.68
N ILE A 13 -91.06 60.94 -5.09
CA ILE A 13 -92.45 60.52 -5.27
C ILE A 13 -93.20 60.60 -3.96
N LEU A 14 -92.60 60.19 -2.84
CA LEU A 14 -93.24 60.27 -1.53
C LEU A 14 -93.57 61.71 -1.17
N VAL A 15 -92.64 62.64 -1.38
CA VAL A 15 -92.91 64.06 -1.13
C VAL A 15 -94.01 64.56 -2.06
N ASN A 16 -94.02 64.15 -3.32
CA ASN A 16 -95.10 64.51 -4.24
C ASN A 16 -96.45 63.93 -3.78
N ALA A 17 -96.46 62.69 -3.31
CA ALA A 17 -97.67 62.08 -2.78
C ALA A 17 -98.17 62.85 -1.56
N ALA A 18 -97.27 63.17 -0.63
CA ALA A 18 -97.60 63.98 0.53
C ALA A 18 -98.19 65.33 0.10
N TYR A 19 -97.62 65.97 -0.94
CA TYR A 19 -98.17 67.21 -1.47
C TYR A 19 -99.61 67.03 -1.93
N VAL A 20 -99.90 66.01 -2.73
CA VAL A 20 -101.26 65.78 -3.20
C VAL A 20 -102.21 65.54 -2.02
N LEU A 21 -101.80 64.71 -1.05
CA LEU A 21 -102.61 64.47 0.14
C LEU A 21 -102.88 65.78 0.89
N ALA A 22 -101.87 66.62 1.06
CA ALA A 22 -102.00 67.90 1.75
C ALA A 22 -102.98 68.84 1.03
N GLU A 23 -102.90 68.96 -0.30
CA GLU A 23 -103.84 69.80 -1.05
C GLU A 23 -105.28 69.29 -0.87
N ILE A 24 -105.48 67.97 -0.94
CA ILE A 24 -106.79 67.37 -0.70
C ILE A 24 -107.28 67.75 0.70
N ALA A 25 -106.42 67.53 1.71
CA ALA A 25 -106.77 67.79 3.10
C ALA A 25 -107.11 69.26 3.36
N ARG A 26 -106.38 70.22 2.77
CA ARG A 26 -106.64 71.65 2.97
C ARG A 26 -107.99 72.10 2.41
N ASP A 27 -108.40 71.55 1.29
CA ASP A 27 -109.73 71.82 0.75
C ASP A 27 -110.83 71.10 1.55
N ARG A 28 -110.62 69.82 1.87
CA ARG A 28 -111.64 68.97 2.53
C ARG A 28 -111.87 69.32 4.01
N GLY A 29 -110.82 69.69 4.73
CA GLY A 29 -110.87 69.97 6.18
C GLY A 29 -110.95 68.70 7.04
N ASN A 30 -109.89 67.88 7.05
CA ASN A 30 -109.73 66.79 8.02
C ASN A 30 -108.29 66.70 8.57
N GLU A 31 -108.19 66.60 9.89
CA GLU A 31 -106.91 66.59 10.60
C GLU A 31 -106.15 65.27 10.49
N GLU A 32 -106.81 64.12 10.43
CA GLU A 32 -106.11 62.84 10.27
C GLU A 32 -105.37 62.77 8.93
N LEU A 33 -105.96 63.31 7.86
CA LEU A 33 -105.26 63.43 6.58
C LEU A 33 -104.02 64.31 6.73
N LEU A 34 -104.13 65.48 7.36
CA LEU A 34 -102.98 66.35 7.58
C LEU A 34 -101.91 65.65 8.39
N GLU A 35 -102.30 64.99 9.48
CA GLU A 35 -101.41 64.25 10.35
C GLU A 35 -100.68 63.15 9.56
N LYS A 36 -101.41 62.33 8.81
CA LYS A 36 -100.79 61.26 8.03
C LYS A 36 -99.85 61.84 6.97
N ALA A 37 -100.26 62.89 6.27
CA ALA A 37 -99.41 63.55 5.29
C ALA A 37 -98.11 64.03 5.95
N ALA A 38 -98.21 64.67 7.11
CA ALA A 38 -97.04 65.14 7.84
C ALA A 38 -96.14 63.96 8.24
N ARG A 39 -96.72 62.86 8.72
CA ARG A 39 -95.95 61.65 9.04
C ARG A 39 -95.20 61.11 7.82
N LEU A 40 -95.86 61.05 6.67
CA LEU A 40 -95.22 60.62 5.42
C LEU A 40 -94.06 61.55 5.06
N ALA A 41 -94.28 62.86 5.10
CA ALA A 41 -93.24 63.83 4.80
C ALA A 41 -92.06 63.69 5.77
N GLU A 42 -92.33 63.59 7.08
CA GLU A 42 -91.28 63.49 8.08
C GLU A 42 -90.43 62.24 7.87
N GLU A 43 -91.06 61.09 7.62
CA GLU A 43 -90.32 59.85 7.40
C GLU A 43 -89.43 59.96 6.16
N ALA A 44 -89.95 60.57 5.08
CA ALA A 44 -89.16 60.81 3.89
C ALA A 44 -87.95 61.71 4.22
N ALA A 45 -88.15 62.77 5.01
CA ALA A 45 -87.05 63.65 5.41
C ALA A 45 -86.00 62.89 6.24
N ARG A 46 -86.45 62.04 7.18
CA ARG A 46 -85.55 61.21 8.00
C ARG A 46 -84.70 60.29 7.13
N GLN A 47 -85.29 59.64 6.13
CA GLN A 47 -84.54 58.84 5.16
C GLN A 47 -83.56 59.71 4.37
N ALA A 48 -84.02 60.83 3.82
CA ALA A 48 -83.22 61.70 2.97
C ALA A 48 -82.01 62.29 3.71
N GLU A 49 -82.13 62.68 4.98
CA GLU A 49 -80.99 63.19 5.74
C GLU A 49 -79.90 62.12 5.91
N ARG A 50 -80.29 60.91 6.29
CA ARG A 50 -79.36 59.78 6.44
C ARG A 50 -78.65 59.48 5.13
N ILE A 51 -79.40 59.46 4.02
CA ILE A 51 -78.81 59.28 2.69
C ILE A 51 -77.85 60.43 2.37
N ALA A 52 -78.21 61.69 2.65
CA ALA A 52 -77.33 62.83 2.37
C ALA A 52 -76.01 62.74 3.14
N ARG A 53 -76.05 62.36 4.43
CA ARG A 53 -74.84 62.11 5.23
C ARG A 53 -73.97 61.04 4.59
N GLN A 54 -74.56 59.90 4.22
CA GLN A 54 -73.81 58.81 3.58
C GLN A 54 -73.24 59.22 2.21
N ALA A 55 -74.03 59.90 1.38
CA ALA A 55 -73.59 60.35 0.06
C ALA A 55 -72.40 61.31 0.16
N ARG A 56 -72.38 62.17 1.18
CA ARG A 56 -71.22 63.02 1.47
C ARG A 56 -70.00 62.18 1.87
N LYS A 57 -70.17 61.14 2.70
CA LYS A 57 -69.07 60.20 3.03
C LYS A 57 -68.55 59.46 1.80
N GLU A 58 -69.44 59.03 0.91
CA GLU A 58 -69.08 58.36 -0.34
C GLU A 58 -68.55 59.33 -1.42
N GLY A 59 -68.71 60.64 -1.23
CA GLY A 59 -68.23 61.66 -2.16
C GLY A 59 -69.08 61.84 -3.42
N ASN A 60 -70.33 61.36 -3.45
CA ASN A 60 -71.24 61.65 -4.58
C ASN A 60 -72.08 62.91 -4.29
N LEU A 61 -71.53 64.05 -4.68
CA LEU A 61 -72.16 65.35 -4.46
C LEU A 61 -73.47 65.50 -5.24
N GLU A 62 -73.64 64.82 -6.38
CA GLU A 62 -74.89 64.90 -7.15
C GLU A 62 -76.05 64.21 -6.44
N LEU A 63 -75.82 63.02 -5.87
CA LEU A 63 -76.82 62.39 -5.01
C LEU A 63 -77.13 63.29 -3.83
N ALA A 64 -76.10 63.86 -3.18
CA ALA A 64 -76.32 64.74 -2.04
C ALA A 64 -77.19 65.94 -2.41
N LEU A 65 -76.89 66.66 -3.49
CA LEU A 65 -77.68 67.83 -3.85
C LEU A 65 -79.10 67.43 -4.28
N LYS A 66 -79.29 66.27 -4.92
CA LYS A 66 -80.64 65.79 -5.20
C LYS A 66 -81.40 65.50 -3.91
N ALA A 67 -80.76 64.86 -2.93
CA ALA A 67 -81.38 64.62 -1.63
C ALA A 67 -81.75 65.94 -0.96
N LEU A 68 -80.87 66.94 -1.02
CA LEU A 68 -81.18 68.27 -0.53
C LEU A 68 -82.38 68.86 -1.27
N GLN A 69 -82.48 68.71 -2.60
CA GLN A 69 -83.65 69.21 -3.32
C GLN A 69 -84.93 68.55 -2.81
N ILE A 70 -84.89 67.25 -2.58
CA ILE A 70 -86.04 66.54 -2.00
C ILE A 70 -86.36 67.12 -0.62
N LEU A 71 -85.35 67.39 0.20
CA LEU A 71 -85.57 68.02 1.50
C LEU A 71 -86.17 69.41 1.34
N VAL A 72 -85.76 70.19 0.35
CA VAL A 72 -86.33 71.51 0.09
C VAL A 72 -87.80 71.38 -0.31
N ASN A 73 -88.12 70.44 -1.19
CA ASN A 73 -89.51 70.17 -1.52
C ASN A 73 -90.27 69.77 -0.25
N ALA A 74 -89.68 68.92 0.59
CA ALA A 74 -90.32 68.52 1.84
C ALA A 74 -90.56 69.73 2.74
N ALA A 75 -89.60 70.64 2.87
CA ALA A 75 -89.78 71.84 3.66
C ALA A 75 -90.93 72.69 3.10
N TYR A 76 -91.02 72.83 1.78
CA TYR A 76 -92.13 73.53 1.15
C TYR A 76 -93.47 72.89 1.51
N VAL A 77 -93.58 71.57 1.38
CA VAL A 77 -94.80 70.85 1.74
C VAL A 77 -95.10 71.02 3.22
N LEU A 78 -94.11 70.81 4.09
CA LEU A 78 -94.31 70.91 5.53
C LEU A 78 -94.81 72.30 5.89
N ALA A 79 -94.24 73.35 5.31
CA ALA A 79 -94.68 74.71 5.55
C ALA A 79 -96.14 74.91 5.09
N GLU A 80 -96.49 74.44 3.90
CA GLU A 80 -97.86 74.53 3.39
C GLU A 80 -98.85 73.80 4.30
N ILE A 81 -98.48 72.64 4.85
CA ILE A 81 -99.30 71.95 5.85
C ILE A 81 -99.40 72.82 7.10
N ALA A 82 -98.25 73.17 7.68
CA ALA A 82 -98.16 73.77 8.99
C ALA A 82 -98.95 75.08 9.11
N ARG A 83 -98.87 75.93 8.08
CA ARG A 83 -99.52 77.25 8.09
C ARG A 83 -101.04 77.12 8.19
N ASP A 84 -101.62 76.16 7.49
CA ASP A 84 -103.07 75.94 7.50
C ASP A 84 -103.52 75.07 8.68
N ARG A 85 -102.63 74.19 9.18
CA ARG A 85 -102.81 73.50 10.46
C ARG A 85 -102.75 74.47 11.66
N GLY A 86 -102.15 75.64 11.47
CA GLY A 86 -101.97 76.63 12.53
C GLY A 86 -100.91 76.25 13.56
N ASN A 87 -99.91 75.44 13.17
CA ASN A 87 -98.90 74.90 14.08
C ASN A 87 -97.51 75.50 13.82
N GLU A 88 -96.91 76.14 14.83
CA GLU A 88 -95.58 76.72 14.67
C GLU A 88 -94.45 75.69 14.81
N GLU A 89 -94.62 74.62 15.56
CA GLU A 89 -93.55 73.63 15.77
C GLU A 89 -93.13 73.00 14.44
N LEU A 90 -94.10 72.66 13.59
CA LEU A 90 -93.82 72.21 12.24
C LEU A 90 -93.08 73.28 11.43
N LEU A 91 -93.47 74.57 11.52
CA LEU A 91 -92.72 75.63 10.86
C LEU A 91 -91.29 75.72 11.39
N GLU A 92 -91.11 75.57 12.69
CA GLU A 92 -89.81 75.60 13.33
C GLU A 92 -88.93 74.45 12.82
N TYR A 93 -89.48 73.24 12.72
CA TYR A 93 -88.77 72.10 12.13
C TYR A 93 -88.39 72.41 10.69
N ALA A 94 -89.34 72.86 9.89
CA ALA A 94 -89.12 73.13 8.47
C ALA A 94 -88.04 74.20 8.27
N ALA A 95 -88.10 75.30 9.03
CA ALA A 95 -87.10 76.36 8.94
C ALA A 95 -85.72 75.86 9.33
N ARG A 96 -85.60 75.14 10.45
CA ARG A 96 -84.32 74.61 10.92
C ARG A 96 -83.74 73.60 9.94
N LEU A 97 -84.57 72.70 9.43
CA LEU A 97 -84.18 71.79 8.37
C LEU A 97 -83.67 72.56 7.15
N ALA A 98 -84.43 73.54 6.66
CA ALA A 98 -84.06 74.31 5.48
C ALA A 98 -82.78 75.13 5.69
N GLU A 99 -82.57 75.68 6.88
CA GLU A 99 -81.33 76.37 7.21
C GLU A 99 -80.13 75.41 7.21
N GLU A 100 -80.24 74.27 7.89
CA GLU A 100 -79.17 73.26 7.91
C GLU A 100 -78.91 72.68 6.52
N ALA A 101 -79.97 72.52 5.72
CA ALA A 101 -79.84 72.13 4.33
C ALA A 101 -79.08 73.20 3.55
N ALA A 102 -79.46 74.47 3.68
CA ALA A 102 -78.79 75.56 2.98
C ALA A 102 -77.31 75.60 3.36
N ARG A 103 -76.99 75.44 4.64
CA ARG A 103 -75.61 75.35 5.13
C ARG A 103 -74.87 74.25 4.39
N GLN A 104 -75.41 73.03 4.40
CA GLN A 104 -74.77 71.93 3.72
C GLN A 104 -74.64 72.18 2.22
N ALA A 105 -75.63 72.80 1.59
CA ALA A 105 -75.57 73.13 0.17
C ALA A 105 -74.46 74.16 -0.12
N ILE A 106 -74.26 75.15 0.76
CA ILE A 106 -73.12 76.05 0.65
C ILE A 106 -71.82 75.26 0.82
N GLU A 107 -71.73 74.36 1.79
CA GLU A 107 -70.52 73.53 1.96
C GLU A 107 -70.22 72.69 0.70
N ILE A 108 -71.25 72.12 0.09
CA ILE A 108 -71.13 71.44 -1.19
C ILE A 108 -70.62 72.42 -2.26
N TRP A 109 -71.19 73.62 -2.35
CA TRP A 109 -70.78 74.63 -3.34
C TRP A 109 -69.32 75.03 -3.16
N ALA A 110 -68.88 75.20 -1.92
CA ALA A 110 -67.49 75.51 -1.59
C ALA A 110 -66.55 74.39 -2.06
N GLN A 111 -66.89 73.12 -1.79
CA GLN A 111 -66.11 72.00 -2.30
C GLN A 111 -66.08 72.00 -3.82
N ALA A 112 -67.23 72.25 -4.47
CA ALA A 112 -67.31 72.28 -5.93
C ALA A 112 -66.43 73.39 -6.53
N MET A 113 -66.40 74.59 -5.94
CA MET A 113 -65.53 75.67 -6.41
C MET A 113 -64.05 75.35 -6.16
N GLU A 114 -63.72 74.75 -5.02
CA GLU A 114 -62.35 74.33 -4.74
C GLU A 114 -61.88 73.26 -5.75
N GLU A 115 -62.72 72.26 -6.04
CA GLU A 115 -62.43 71.25 -7.07
C GLU A 115 -62.56 71.80 -8.51
N GLY A 116 -63.18 72.97 -8.69
CA GLY A 116 -63.38 73.62 -9.99
C GLY A 116 -64.49 73.02 -10.87
N ASN A 117 -65.32 72.11 -10.34
CA ASN A 117 -66.38 71.45 -11.11
C ASN A 117 -67.58 72.39 -11.36
N GLN A 118 -67.66 72.93 -12.56
CA GLN A 118 -68.68 73.91 -12.91
C GLN A 118 -70.09 73.33 -12.86
N GLN A 119 -70.25 72.06 -13.23
CA GLN A 119 -71.53 71.39 -13.25
C GLN A 119 -72.10 71.29 -11.84
N LEU A 120 -71.27 70.88 -10.88
CA LEU A 120 -71.69 70.89 -9.48
C LEU A 120 -71.96 72.32 -9.03
N ARG A 121 -71.14 73.30 -9.42
CA ARG A 121 -71.35 74.71 -9.06
C ARG A 121 -72.74 75.19 -9.43
N THR A 122 -73.13 75.02 -10.69
CA THR A 122 -74.45 75.45 -11.15
C THR A 122 -75.55 74.71 -10.39
N LYS A 123 -75.42 73.38 -10.24
CA LYS A 123 -76.45 72.57 -9.59
C LYS A 123 -76.63 72.98 -8.13
N ALA A 124 -75.55 73.01 -7.37
CA ALA A 124 -75.61 73.37 -5.96
C ALA A 124 -76.22 74.77 -5.78
N ALA A 125 -75.83 75.73 -6.62
CA ALA A 125 -76.40 77.07 -6.56
C ALA A 125 -77.92 77.06 -6.68
N HIS A 126 -78.47 76.27 -7.60
CA HIS A 126 -79.92 76.15 -7.74
C HIS A 126 -80.56 75.65 -6.45
N ILE A 127 -80.00 74.60 -5.84
CA ILE A 127 -80.51 74.05 -4.58
C ILE A 127 -80.53 75.14 -3.50
N ILE A 128 -79.45 75.91 -3.35
CA ILE A 128 -79.40 76.97 -2.35
C ILE A 128 -80.52 77.98 -2.65
N LEU A 129 -80.66 78.39 -3.90
CA LEU A 129 -81.67 79.38 -4.29
C LEU A 129 -83.07 78.89 -3.93
N ARG A 130 -83.40 77.64 -4.23
CA ARG A 130 -84.71 77.11 -3.84
C ARG A 130 -84.87 77.06 -2.32
N ALA A 131 -83.82 76.70 -1.57
CA ALA A 131 -83.89 76.70 -0.12
C ALA A 131 -84.21 78.10 0.41
N ALA A 132 -83.51 79.12 -0.08
CA ALA A 132 -83.79 80.50 0.30
C ALA A 132 -85.21 80.94 -0.09
N GLU A 133 -85.73 80.45 -1.22
CA GLU A 133 -87.12 80.71 -1.61
C GLU A 133 -88.10 80.15 -0.57
N VAL A 134 -87.90 78.90 -0.13
CA VAL A 134 -88.77 78.30 0.89
C VAL A 134 -88.65 79.04 2.22
N LEU A 135 -87.45 79.44 2.63
CA LEU A 135 -87.31 80.26 3.82
C LEU A 135 -88.10 81.57 3.71
N LEU A 136 -88.10 82.20 2.53
CA LEU A 136 -88.89 83.40 2.29
C LEU A 136 -90.39 83.11 2.41
N GLU A 137 -90.88 82.03 1.82
CA GLU A 137 -92.28 81.66 1.98
C GLU A 137 -92.67 81.50 3.46
N ILE A 138 -91.81 80.87 4.26
CA ILE A 138 -92.06 80.72 5.69
C ILE A 138 -92.13 82.09 6.35
N ALA A 139 -91.13 82.93 6.11
CA ALA A 139 -91.03 84.27 6.69
C ALA A 139 -92.22 85.17 6.30
N ARG A 140 -92.72 85.04 5.06
CA ARG A 140 -93.76 85.89 4.49
C ARG A 140 -95.01 85.92 5.35
N ASP A 141 -95.47 84.76 5.79
CA ASP A 141 -96.62 84.68 6.71
C ASP A 141 -96.21 84.78 8.17
N ARG A 142 -95.11 84.14 8.59
CA ARG A 142 -94.71 84.05 10.01
C ARG A 142 -94.30 85.38 10.63
N GLY A 143 -93.83 86.34 9.83
CA GLY A 143 -93.53 87.72 10.26
C GLY A 143 -92.16 87.94 10.91
N ASN A 144 -91.32 86.90 11.04
CA ASN A 144 -89.93 87.07 11.49
C ASN A 144 -89.12 87.88 10.46
N GLN A 145 -88.64 89.06 10.85
CA GLN A 145 -87.95 89.96 9.93
C GLN A 145 -86.55 89.46 9.60
N GLU A 146 -85.85 88.88 10.57
CA GLU A 146 -84.46 88.42 10.41
C GLU A 146 -84.35 87.38 9.28
N LEU A 147 -85.32 86.48 9.18
CA LEU A 147 -85.35 85.49 8.12
C LEU A 147 -85.47 86.15 6.73
N LEU A 148 -86.10 87.32 6.61
CA LEU A 148 -86.15 88.06 5.35
C LEU A 148 -84.75 88.50 4.94
N GLU A 149 -83.97 89.02 5.89
CA GLU A 149 -82.59 89.38 5.60
C GLU A 149 -81.78 88.14 5.24
N LYS A 150 -81.93 87.04 5.99
CA LYS A 150 -81.25 85.78 5.67
C LYS A 150 -81.55 85.34 4.25
N ALA A 151 -82.82 85.34 3.86
CA ALA A 151 -83.20 84.98 2.49
C ALA A 151 -82.59 85.95 1.48
N ALA A 152 -82.79 87.26 1.65
CA ALA A 152 -82.34 88.24 0.68
C ALA A 152 -80.84 88.11 0.45
N SER A 153 -80.09 88.05 1.55
CA SER A 153 -78.65 87.87 1.52
C SER A 153 -78.26 86.53 0.92
N LEU A 154 -78.87 85.41 1.31
CA LEU A 154 -78.56 84.11 0.70
C LEU A 154 -78.68 84.21 -0.81
N VAL A 155 -79.80 84.74 -1.30
CA VAL A 155 -80.07 84.84 -2.73
C VAL A 155 -79.06 85.76 -3.40
N ASP A 156 -78.94 87.01 -2.96
CA ASP A 156 -78.12 87.98 -3.67
C ASP A 156 -76.64 87.59 -3.59
N ALA A 157 -76.21 86.98 -2.48
CA ALA A 157 -74.85 86.46 -2.37
C ALA A 157 -74.62 85.31 -3.34
N VAL A 158 -75.52 84.35 -3.46
CA VAL A 158 -75.37 83.33 -4.50
C VAL A 158 -75.32 84.00 -5.88
N ALA A 159 -76.14 85.01 -6.15
CA ALA A 159 -76.12 85.70 -7.43
C ALA A 159 -74.75 86.36 -7.68
N ALA A 160 -74.15 86.97 -6.65
CA ALA A 160 -72.78 87.42 -6.74
C ALA A 160 -71.81 86.26 -6.99
N LEU A 161 -71.91 85.14 -6.27
CA LEU A 161 -71.00 83.98 -6.46
C LEU A 161 -71.05 83.50 -7.90
N GLN A 162 -72.26 83.31 -8.40
CA GLN A 162 -72.51 82.92 -9.78
C GLN A 162 -71.95 83.96 -10.75
N GLN A 163 -72.22 85.25 -10.51
CA GLN A 163 -71.72 86.31 -11.38
C GLN A 163 -70.20 86.30 -11.41
N ALA A 164 -69.57 86.11 -10.25
CA ALA A 164 -68.12 86.07 -10.13
C ALA A 164 -67.56 84.89 -10.92
N ALA A 165 -68.13 83.70 -10.77
CA ALA A 165 -67.69 82.56 -11.55
C ALA A 165 -67.83 82.82 -13.07
N ALA A 166 -68.92 83.46 -13.50
CA ALA A 166 -69.10 83.82 -14.89
C ALA A 166 -68.01 84.80 -15.33
N ALA A 167 -67.75 85.84 -14.55
CA ALA A 167 -66.66 86.77 -14.81
C ALA A 167 -65.31 86.05 -14.88
N ILE A 168 -65.06 85.05 -14.04
CA ILE A 168 -63.83 84.26 -14.07
C ILE A 168 -63.71 83.54 -15.41
N LEU A 169 -64.76 82.84 -15.83
CA LEU A 169 -64.75 82.14 -17.12
C LEU A 169 -64.63 83.12 -18.29
N GLU A 170 -65.22 84.31 -18.20
CA GLU A 170 -65.09 85.38 -19.20
C GLU A 170 -63.73 86.08 -19.18
N GLY A 171 -62.96 85.99 -18.09
CA GLY A 171 -61.78 86.81 -17.85
C GLY A 171 -62.07 88.29 -17.54
N ASP A 172 -63.34 88.66 -17.35
CA ASP A 172 -63.80 90.02 -17.08
C ASP A 172 -63.60 90.42 -15.60
N VAL A 173 -62.38 90.24 -15.10
CA VAL A 173 -62.11 90.11 -13.66
C VAL A 173 -62.48 91.32 -12.81
N GLU A 174 -62.61 92.51 -13.39
CA GLU A 174 -63.20 93.66 -12.68
C GLU A 174 -64.57 93.33 -12.11
N LYS A 175 -65.41 92.66 -12.90
CA LYS A 175 -66.74 92.22 -12.48
C LYS A 175 -66.66 91.20 -11.34
N ALA A 176 -65.63 90.35 -11.32
CA ALA A 176 -65.38 89.45 -10.19
C ALA A 176 -65.02 90.23 -8.93
N VAL A 177 -64.17 91.27 -9.04
CA VAL A 177 -63.85 92.13 -7.89
C VAL A 177 -65.11 92.83 -7.39
N ARG A 178 -65.89 93.43 -8.29
CA ARG A 178 -67.14 94.13 -7.93
C ARG A 178 -68.08 93.19 -7.19
N ALA A 179 -68.34 92.02 -7.78
CA ALA A 179 -69.20 91.01 -7.18
C ALA A 179 -68.70 90.60 -5.80
N ALA A 180 -67.41 90.33 -5.64
CA ALA A 180 -66.86 89.93 -4.35
C ALA A 180 -67.12 90.98 -3.27
N GLN A 181 -66.96 92.26 -3.60
CA GLN A 181 -67.24 93.35 -2.66
C GLN A 181 -68.71 93.32 -2.22
N GLU A 182 -69.64 93.19 -3.16
CA GLU A 182 -71.05 93.06 -2.77
C GLU A 182 -71.32 91.76 -2.01
N ALA A 183 -70.62 90.68 -2.33
CA ALA A 183 -70.80 89.40 -1.67
C ALA A 183 -70.43 89.50 -0.19
N VAL A 184 -69.28 90.08 0.10
CA VAL A 184 -68.93 90.31 1.50
C VAL A 184 -69.88 91.33 2.13
N LYS A 185 -70.35 92.35 1.40
CA LYS A 185 -71.35 93.29 1.94
C LYS A 185 -72.58 92.53 2.43
N ALA A 186 -73.14 91.69 1.59
CA ALA A 186 -74.28 90.87 1.96
C ALA A 186 -73.95 89.96 3.15
N ALA A 187 -72.84 89.23 3.10
CA ALA A 187 -72.48 88.28 4.14
C ALA A 187 -72.35 88.96 5.50
N LYS A 188 -71.71 90.13 5.52
CA LYS A 188 -71.47 90.92 6.73
C LYS A 188 -72.75 91.56 7.26
N GLU A 189 -73.59 92.10 6.39
CA GLU A 189 -74.89 92.68 6.81
C GLU A 189 -75.84 91.61 7.35
N ALA A 190 -75.74 90.37 6.86
CA ALA A 190 -76.49 89.24 7.40
C ALA A 190 -75.84 88.62 8.64
N GLY A 191 -74.53 88.75 8.83
CA GLY A 191 -73.78 87.95 9.79
C GLY A 191 -73.78 86.46 9.40
N ASP A 192 -73.58 86.17 8.11
CA ASP A 192 -73.62 84.81 7.57
C ASP A 192 -72.52 83.91 8.15
N ASN A 193 -72.88 82.69 8.55
CA ASN A 193 -71.98 81.78 9.24
C ASN A 193 -70.91 81.13 8.35
N ASP A 194 -71.06 81.09 7.03
CA ASP A 194 -70.19 80.29 6.16
C ASP A 194 -69.92 80.90 4.78
N MET A 195 -70.71 81.85 4.29
CA MET A 195 -70.54 82.48 2.97
C MET A 195 -69.11 83.01 2.77
N LEU A 196 -68.53 83.47 3.87
CA LEU A 196 -67.14 83.86 4.02
C LEU A 196 -66.17 82.84 3.39
N ARG A 197 -66.38 81.54 3.64
CA ARG A 197 -65.56 80.45 3.13
C ARG A 197 -65.63 80.38 1.62
N ALA A 198 -66.83 80.45 1.08
CA ALA A 198 -67.04 80.44 -0.37
C ALA A 198 -66.35 81.65 -1.00
N VAL A 199 -66.58 82.84 -0.44
CA VAL A 199 -65.99 84.07 -0.95
C VAL A 199 -64.47 83.95 -0.97
N ALA A 200 -63.86 83.47 0.10
CA ALA A 200 -62.40 83.30 0.16
C ALA A 200 -61.91 82.26 -0.87
N ILE A 201 -62.58 81.12 -0.99
CA ILE A 201 -62.20 80.11 -1.98
C ILE A 201 -62.30 80.69 -3.40
N ALA A 202 -63.34 81.46 -3.67
CA ALA A 202 -63.47 82.15 -4.95
C ALA A 202 -62.33 83.15 -5.14
N ALA A 203 -61.97 83.93 -4.11
CA ALA A 203 -60.85 84.85 -4.20
C ALA A 203 -59.54 84.12 -4.53
N LEU A 204 -59.31 82.92 -4.00
CA LEU A 204 -58.13 82.12 -4.37
C LEU A 204 -58.14 81.80 -5.87
N ARG A 205 -59.28 81.35 -6.40
CA ARG A 205 -59.44 81.13 -7.85
C ARG A 205 -59.18 82.42 -8.63
N ILE A 206 -59.77 83.54 -8.20
CA ILE A 206 -59.60 84.85 -8.85
C ILE A 206 -58.14 85.23 -8.89
N ALA A 207 -57.42 85.09 -7.77
CA ALA A 207 -56.00 85.39 -7.74
C ALA A 207 -55.21 84.50 -8.70
N LYS A 208 -55.45 83.18 -8.70
CA LYS A 208 -54.78 82.24 -9.61
C LYS A 208 -54.92 82.68 -11.06
N GLU A 209 -56.13 83.02 -11.47
CA GLU A 209 -56.34 83.54 -12.82
C GLU A 209 -55.72 84.92 -13.01
N ALA A 210 -55.83 85.82 -12.04
CA ALA A 210 -55.26 87.16 -12.16
C ALA A 210 -53.73 87.13 -12.34
N GLU A 211 -53.05 86.15 -11.75
CA GLU A 211 -51.65 85.89 -12.02
C GLU A 211 -51.42 85.47 -13.47
N LYS A 212 -52.24 84.57 -14.01
CA LYS A 212 -52.15 84.16 -15.42
C LYS A 212 -52.43 85.34 -16.36
N GLN A 213 -53.36 86.21 -15.98
CA GLN A 213 -53.65 87.48 -16.64
C GLN A 213 -52.58 88.56 -16.38
N GLY A 214 -51.63 88.30 -15.50
CA GLY A 214 -50.57 89.22 -15.09
C GLY A 214 -51.02 90.36 -14.17
N ASN A 215 -52.29 90.78 -14.17
CA ASN A 215 -52.70 91.94 -13.39
C ASN A 215 -52.87 91.63 -11.89
N VAL A 216 -51.77 91.76 -11.17
CA VAL A 216 -51.71 91.69 -9.71
C VAL A 216 -52.57 92.74 -9.00
N GLU A 217 -52.90 93.89 -9.60
CA GLU A 217 -53.68 94.93 -8.93
C GLU A 217 -55.14 94.49 -8.70
N VAL A 218 -55.71 93.76 -9.65
CA VAL A 218 -56.94 93.00 -9.42
C VAL A 218 -56.72 91.97 -8.31
N ALA A 219 -55.63 91.20 -8.38
CA ALA A 219 -55.39 90.13 -7.41
C ALA A 219 -55.38 90.66 -5.97
N VAL A 220 -54.70 91.78 -5.73
CA VAL A 220 -54.68 92.42 -4.41
C VAL A 220 -56.07 92.91 -4.01
N LYS A 221 -56.83 93.54 -4.91
CA LYS A 221 -58.20 93.97 -4.58
C LYS A 221 -59.10 92.79 -4.22
N ALA A 222 -58.95 91.66 -4.89
CA ALA A 222 -59.63 90.43 -4.50
C ALA A 222 -59.14 89.92 -3.14
N ALA A 223 -57.83 89.90 -2.90
CA ALA A 223 -57.27 89.50 -1.61
C ALA A 223 -57.77 90.41 -0.47
N ARG A 224 -58.02 91.69 -0.75
CA ARG A 224 -58.65 92.64 0.18
C ARG A 224 -59.98 92.11 0.68
N VAL A 225 -60.83 91.64 -0.21
CA VAL A 225 -62.07 90.96 0.21
C VAL A 225 -61.72 89.65 0.94
N ALA A 226 -60.74 88.90 0.46
CA ALA A 226 -60.40 87.61 1.05
C ALA A 226 -60.07 87.72 2.54
N VAL A 227 -59.22 88.67 2.93
CA VAL A 227 -58.92 88.85 4.35
C VAL A 227 -60.11 89.41 5.11
N GLU A 228 -60.88 90.34 4.52
CA GLU A 228 -62.08 90.90 5.17
C GLU A 228 -63.03 89.79 5.62
N ALA A 229 -63.21 88.79 4.77
CA ALA A 229 -63.97 87.60 5.10
C ALA A 229 -63.21 86.68 6.07
N ALA A 230 -61.97 86.32 5.73
CA ALA A 230 -61.26 85.26 6.43
C ALA A 230 -61.05 85.60 7.91
N LYS A 231 -60.89 86.88 8.23
CA LYS A 231 -60.77 87.39 9.60
C LYS A 231 -62.04 87.17 10.43
N GLN A 232 -63.21 87.06 9.80
CA GLN A 232 -64.42 86.62 10.47
C GLN A 232 -64.41 85.10 10.70
N ALA A 233 -63.94 84.34 9.70
CA ALA A 233 -64.14 82.90 9.60
C ALA A 233 -63.16 82.05 10.42
N GLY A 234 -61.87 82.37 10.39
CA GLY A 234 -60.84 81.59 11.09
C GLY A 234 -60.53 80.21 10.49
N ASP A 235 -60.85 79.97 9.21
CA ASP A 235 -60.46 78.75 8.51
C ASP A 235 -58.95 78.71 8.25
N ASN A 236 -58.20 77.97 9.07
CA ASN A 236 -56.73 78.04 9.09
C ASN A 236 -56.08 77.65 7.76
N ASP A 237 -56.55 76.58 7.12
CA ASP A 237 -56.01 76.16 5.82
C ASP A 237 -56.28 77.24 4.76
N VAL A 238 -57.46 77.86 4.80
CA VAL A 238 -57.80 78.94 3.87
C VAL A 238 -56.89 80.14 4.12
N LEU A 239 -56.70 80.56 5.37
CA LEU A 239 -55.75 81.63 5.70
C LEU A 239 -54.35 81.30 5.16
N ARG A 240 -53.88 80.07 5.34
CA ARG A 240 -52.57 79.63 4.85
C ARG A 240 -52.48 79.72 3.33
N LYS A 241 -53.49 79.20 2.62
CA LYS A 241 -53.59 79.34 1.16
C LYS A 241 -53.59 80.81 0.74
N VAL A 242 -54.37 81.65 1.41
CA VAL A 242 -54.47 83.09 1.11
C VAL A 242 -53.12 83.76 1.28
N ALA A 243 -52.41 83.47 2.37
CA ALA A 243 -51.08 84.01 2.56
C ALA A 243 -50.11 83.53 1.46
N GLU A 244 -50.13 82.24 1.12
CA GLU A 244 -49.33 81.73 0.01
C GLU A 244 -49.62 82.46 -1.30
N GLN A 245 -50.90 82.69 -1.59
CA GLN A 245 -51.26 83.45 -2.76
C GLN A 245 -50.76 84.89 -2.67
N ALA A 246 -50.89 85.56 -1.52
CA ALA A 246 -50.40 86.93 -1.36
C ALA A 246 -48.88 87.03 -1.58
N LEU A 247 -48.13 86.02 -1.15
CA LEU A 247 -46.71 85.91 -1.44
C LEU A 247 -46.47 85.74 -2.93
N ARG A 248 -47.17 84.80 -3.59
CA ARG A 248 -47.05 84.60 -5.03
C ARG A 248 -47.36 85.89 -5.79
N ILE A 249 -48.41 86.61 -5.37
CA ILE A 249 -48.79 87.91 -5.90
C ILE A 249 -47.64 88.89 -5.73
N ALA A 250 -47.02 88.95 -4.56
CA ALA A 250 -45.86 89.80 -4.37
C ALA A 250 -44.72 89.44 -5.34
N LYS A 251 -44.40 88.14 -5.48
CA LYS A 251 -43.37 87.69 -6.42
C LYS A 251 -43.65 88.17 -7.85
N GLU A 252 -44.88 87.99 -8.31
CA GLU A 252 -45.25 88.50 -9.63
C GLU A 252 -45.17 90.03 -9.69
N ALA A 253 -45.64 90.74 -8.66
CA ALA A 253 -45.60 92.20 -8.64
C ALA A 253 -44.16 92.74 -8.70
N GLU A 254 -43.22 92.05 -8.06
CA GLU A 254 -41.79 92.34 -8.18
C GLU A 254 -41.28 92.07 -9.58
N LYS A 255 -41.65 90.95 -10.21
CA LYS A 255 -41.28 90.67 -11.60
C LYS A 255 -41.82 91.73 -12.55
N GLN A 256 -43.02 92.24 -12.28
CA GLN A 256 -43.62 93.38 -12.98
C GLN A 256 -43.05 94.74 -12.54
N GLY A 257 -42.17 94.77 -11.53
CA GLY A 257 -41.63 96.01 -10.98
C GLY A 257 -42.63 96.89 -10.25
N ASN A 258 -43.87 96.42 -10.04
CA ASN A 258 -44.87 97.15 -9.28
C ASN A 258 -44.71 96.88 -7.79
N VAL A 259 -43.68 97.48 -7.20
CA VAL A 259 -43.41 97.36 -5.76
C VAL A 259 -44.55 97.91 -4.91
N GLU A 260 -45.31 98.90 -5.38
CA GLU A 260 -46.45 99.42 -4.63
C GLU A 260 -47.53 98.36 -4.43
N VAL A 261 -47.88 97.65 -5.50
CA VAL A 261 -48.80 96.52 -5.38
C VAL A 261 -48.17 95.41 -4.56
N ALA A 262 -46.87 95.15 -4.72
CA ALA A 262 -46.19 94.13 -3.93
C ALA A 262 -46.31 94.40 -2.42
N VAL A 263 -46.07 95.63 -1.97
CA VAL A 263 -46.15 95.94 -0.54
C VAL A 263 -47.59 95.86 -0.04
N LYS A 264 -48.57 96.26 -0.85
CA LYS A 264 -49.98 96.11 -0.47
C LYS A 264 -50.38 94.64 -0.40
N ALA A 265 -49.85 93.79 -1.28
CA ALA A 265 -50.03 92.34 -1.19
C ALA A 265 -49.48 91.81 0.15
N ALA A 266 -48.28 92.26 0.53
CA ALA A 266 -47.72 91.93 1.84
C ALA A 266 -48.57 92.51 2.99
N ARG A 267 -49.17 93.69 2.84
CA ARG A 267 -50.03 94.29 3.88
C ARG A 267 -51.23 93.40 4.17
N VAL A 268 -51.82 92.82 3.14
CA VAL A 268 -52.85 91.79 3.29
C VAL A 268 -52.25 90.52 3.90
N ALA A 269 -51.10 90.06 3.39
CA ALA A 269 -50.49 88.81 3.85
C ALA A 269 -50.28 88.82 5.37
N VAL A 270 -49.70 89.89 5.90
CA VAL A 270 -49.44 89.98 7.35
C VAL A 270 -50.74 90.12 8.13
N GLU A 271 -51.74 90.83 7.63
CA GLU A 271 -53.04 90.93 8.29
C GLU A 271 -53.64 89.54 8.53
N ALA A 272 -53.59 88.68 7.51
CA ALA A 272 -54.09 87.31 7.59
C ALA A 272 -53.18 86.43 8.46
N ALA A 273 -51.86 86.47 8.25
CA ALA A 273 -50.92 85.64 8.99
C ALA A 273 -50.99 85.92 10.50
N LYS A 274 -51.26 87.16 10.89
CA LYS A 274 -51.47 87.58 12.29
C LYS A 274 -52.65 86.86 12.94
N GLN A 275 -53.66 86.47 12.17
CA GLN A 275 -54.76 85.65 12.68
C GLN A 275 -54.32 84.18 12.78
N ALA A 276 -53.64 83.68 11.75
CA ALA A 276 -53.26 82.28 11.63
C ALA A 276 -52.17 81.84 12.63
N GLY A 277 -51.22 82.72 12.93
CA GLY A 277 -50.06 82.41 13.78
C GLY A 277 -48.97 81.55 13.11
N ASP A 278 -48.97 81.45 11.77
CA ASP A 278 -47.94 80.72 11.02
C ASP A 278 -46.61 81.48 11.00
N ASN A 279 -45.74 81.19 11.96
CA ASN A 279 -44.46 81.89 12.08
C ASN A 279 -43.58 81.74 10.84
N ASP A 280 -43.57 80.57 10.21
CA ASP A 280 -42.81 80.38 8.96
C ASP A 280 -43.38 81.22 7.81
N VAL A 281 -44.69 81.46 7.79
CA VAL A 281 -45.27 82.43 6.86
C VAL A 281 -44.79 83.83 7.21
N LEU A 282 -44.83 84.24 8.48
CA LEU A 282 -44.33 85.57 8.87
C LEU A 282 -42.86 85.76 8.46
N ARG A 283 -42.03 84.73 8.65
CA ARG A 283 -40.63 84.71 8.20
C ARG A 283 -40.55 84.90 6.68
N LYS A 284 -41.31 84.12 5.91
CA LYS A 284 -41.32 84.23 4.45
C LYS A 284 -41.83 85.59 3.99
N VAL A 285 -42.82 86.16 4.67
CA VAL A 285 -43.31 87.52 4.42
C VAL A 285 -42.19 88.53 4.64
N ALA A 286 -41.45 88.44 5.75
CA ALA A 286 -40.31 89.31 5.97
C ALA A 286 -39.23 89.15 4.87
N ASP A 287 -38.90 87.91 4.50
CA ASP A 287 -37.96 87.67 3.39
C ASP A 287 -38.45 88.37 2.12
N GLN A 288 -39.71 88.16 1.75
CA GLN A 288 -40.29 88.81 0.60
C GLN A 288 -40.26 90.33 0.74
N ALA A 289 -40.55 90.87 1.93
CA ALA A 289 -40.50 92.30 2.17
C ALA A 289 -39.09 92.85 1.93
N LEU A 290 -38.05 92.07 2.20
CA LEU A 290 -36.68 92.46 1.90
C LEU A 290 -36.46 92.49 0.38
N GLU A 291 -36.96 91.52 -0.36
CA GLU A 291 -36.92 91.58 -1.82
C GLU A 291 -37.63 92.83 -2.34
N ILE A 292 -38.80 93.15 -1.77
CA ILE A 292 -39.54 94.38 -2.12
C ILE A 292 -38.70 95.60 -1.79
N ALA A 293 -38.09 95.67 -0.62
CA ALA A 293 -37.24 96.79 -0.25
C ALA A 293 -36.05 96.94 -1.22
N LYS A 294 -35.44 95.83 -1.65
CA LYS A 294 -34.35 95.84 -2.63
C LYS A 294 -34.80 96.45 -3.95
N ALA A 295 -35.94 96.01 -4.46
CA ALA A 295 -36.52 96.62 -5.64
C ALA A 295 -36.86 98.11 -5.41
N ALA A 296 -37.43 98.47 -4.25
CA ALA A 296 -37.80 99.85 -3.95
C ALA A 296 -36.58 100.77 -3.91
N LEU A 297 -35.48 100.31 -3.33
CA LEU A 297 -34.19 100.97 -3.41
C LEU A 297 -33.74 101.12 -4.88
N GLU A 298 -33.77 100.04 -5.65
CA GLU A 298 -33.35 100.06 -7.05
C GLU A 298 -34.18 101.03 -7.91
N GLN A 299 -35.46 101.18 -7.61
CA GLN A 299 -36.33 102.17 -8.24
C GLN A 299 -36.19 103.58 -7.64
N GLY A 300 -35.65 103.72 -6.43
CA GLY A 300 -35.72 104.95 -5.65
C GLY A 300 -37.13 105.25 -5.11
N ASP A 301 -38.01 104.26 -5.05
CA ASP A 301 -39.36 104.35 -4.48
C ASP A 301 -39.28 104.25 -2.95
N ILE A 302 -38.61 105.20 -2.31
CA ILE A 302 -38.25 105.06 -0.91
C ILE A 302 -39.46 105.18 0.02
N ASP A 303 -40.55 105.83 -0.39
CA ASP A 303 -41.82 105.72 0.35
C ASP A 303 -42.32 104.28 0.37
N VAL A 304 -42.19 103.55 -0.74
CA VAL A 304 -42.54 102.12 -0.78
C VAL A 304 -41.58 101.31 0.06
N ALA A 305 -40.29 101.65 0.08
CA ALA A 305 -39.37 101.05 1.05
C ALA A 305 -39.87 101.30 2.48
N GLN A 306 -40.30 102.52 2.81
CA GLN A 306 -40.84 102.85 4.14
C GLN A 306 -42.02 101.93 4.48
N LYS A 307 -42.96 101.79 3.54
CA LYS A 307 -44.11 100.90 3.71
C LYS A 307 -43.64 99.45 3.89
N ALA A 308 -42.69 98.99 3.09
CA ALA A 308 -42.16 97.64 3.19
C ALA A 308 -41.53 97.41 4.56
N MET A 309 -40.82 98.41 5.07
CA MET A 309 -40.25 98.40 6.40
C MET A 309 -41.36 98.34 7.48
N ASP A 310 -42.42 99.15 7.38
CA ASP A 310 -43.54 99.04 8.31
C ASP A 310 -44.17 97.64 8.30
N VAL A 311 -44.40 97.08 7.11
CA VAL A 311 -44.96 95.73 6.98
C VAL A 311 -44.00 94.70 7.56
N ALA A 312 -42.70 94.83 7.32
CA ALA A 312 -41.71 93.96 7.94
C ALA A 312 -41.75 94.11 9.46
N VAL A 313 -41.91 95.31 10.00
CA VAL A 313 -42.03 95.50 11.45
C VAL A 313 -43.23 94.75 11.97
N GLU A 314 -44.37 94.80 11.29
CA GLU A 314 -45.48 93.93 11.67
C GLU A 314 -45.05 92.46 11.62
N ALA A 315 -44.45 92.01 10.51
CA ALA A 315 -44.06 90.61 10.32
C ALA A 315 -43.10 90.10 11.40
N LEU A 316 -42.16 90.93 11.83
CA LEU A 316 -41.25 90.63 12.93
C LEU A 316 -42.01 90.67 14.26
N THR A 317 -42.75 91.75 14.54
CA THR A 317 -43.35 91.95 15.87
C THR A 317 -44.37 90.88 16.23
N GLN A 318 -45.06 90.32 15.23
CA GLN A 318 -46.03 89.26 15.48
C GLN A 318 -45.41 87.86 15.60
N ALA A 319 -44.11 87.69 15.34
CA ALA A 319 -43.39 86.43 15.56
C ALA A 319 -43.13 86.12 17.04
N LEU B 4 -79.61 -41.70 30.43
CA LEU B 4 -80.67 -40.76 30.89
C LEU B 4 -82.07 -41.36 30.73
N GLU B 5 -82.44 -41.70 29.50
CA GLU B 5 -83.79 -42.05 29.03
C GLU B 5 -84.49 -43.09 29.91
N LEU B 6 -83.78 -44.16 30.25
CA LEU B 6 -84.33 -45.27 31.01
C LEU B 6 -84.84 -44.85 32.39
N ALA B 7 -84.27 -43.80 32.98
CA ALA B 7 -84.64 -43.37 34.32
C ALA B 7 -86.13 -43.10 34.40
N LEU B 8 -86.67 -42.38 33.42
CA LEU B 8 -88.10 -42.12 33.37
C LEU B 8 -88.89 -43.42 33.26
N LYS B 9 -88.44 -44.39 32.48
CA LYS B 9 -89.11 -45.69 32.38
C LYS B 9 -89.14 -46.36 33.75
N ALA B 10 -88.03 -46.33 34.46
CA ALA B 10 -87.99 -46.80 35.83
C ALA B 10 -88.97 -46.03 36.72
N LEU B 11 -89.03 -44.69 36.62
CA LEU B 11 -90.00 -43.94 37.41
C LEU B 11 -91.42 -44.40 37.12
N GLN B 12 -91.78 -44.62 35.85
CA GLN B 12 -93.12 -45.10 35.54
C GLN B 12 -93.33 -46.48 36.15
N ILE B 13 -92.32 -47.34 36.10
CA ILE B 13 -92.41 -48.65 36.74
C ILE B 13 -92.56 -48.50 38.25
N LEU B 14 -91.88 -47.54 38.87
CA LEU B 14 -92.03 -47.27 40.30
C LEU B 14 -93.46 -46.86 40.61
N VAL B 15 -94.00 -45.94 39.82
CA VAL B 15 -95.40 -45.53 39.97
C VAL B 15 -96.31 -46.74 39.76
N ASN B 16 -96.04 -47.58 38.77
CA ASN B 16 -96.86 -48.76 38.52
C ASN B 16 -96.81 -49.71 39.72
N ALA B 17 -95.63 -49.95 40.26
CA ALA B 17 -95.49 -50.78 41.44
C ALA B 17 -96.26 -50.18 42.62
N ALA B 18 -96.09 -48.87 42.85
CA ALA B 18 -96.85 -48.18 43.90
C ALA B 18 -98.35 -48.29 43.67
N TYR B 19 -98.81 -48.19 42.42
CA TYR B 19 -100.22 -48.33 42.08
C TYR B 19 -100.73 -49.73 42.42
N VAL B 20 -99.98 -50.75 42.02
CA VAL B 20 -100.36 -52.12 42.35
C VAL B 20 -100.35 -52.34 43.86
N LEU B 21 -99.35 -51.81 44.57
CA LEU B 21 -99.33 -51.87 46.04
C LEU B 21 -100.56 -51.21 46.64
N ALA B 22 -100.95 -50.05 46.14
CA ALA B 22 -102.15 -49.36 46.61
C ALA B 22 -103.41 -50.20 46.35
N GLU B 23 -103.54 -50.79 45.17
CA GLU B 23 -104.65 -51.68 44.88
C GLU B 23 -104.64 -52.93 45.79
N ILE B 24 -103.47 -53.48 46.07
CA ILE B 24 -103.33 -54.62 47.00
C ILE B 24 -103.79 -54.21 48.39
N ALA B 25 -103.39 -53.04 48.85
CA ALA B 25 -103.81 -52.51 50.15
C ALA B 25 -105.30 -52.13 50.20
N ARG B 26 -105.95 -51.87 49.05
CA ARG B 26 -107.25 -51.20 48.96
C ARG B 26 -108.32 -51.84 49.86
N ASP B 27 -108.47 -53.15 49.79
CA ASP B 27 -109.48 -53.90 50.55
C ASP B 27 -109.03 -54.31 51.97
N ARG B 28 -107.88 -53.85 52.45
CA ARG B 28 -107.18 -54.34 53.66
C ARG B 28 -106.87 -53.23 54.67
N GLY B 29 -106.86 -53.56 55.95
CA GLY B 29 -106.46 -52.64 57.03
C GLY B 29 -104.94 -52.49 57.16
N ASN B 30 -104.31 -51.82 56.19
CA ASN B 30 -102.85 -51.66 56.16
C ASN B 30 -102.44 -50.31 55.55
N GLU B 31 -102.67 -49.23 56.29
CA GLU B 31 -102.22 -47.89 55.92
C GLU B 31 -100.70 -47.78 55.80
N GLU B 32 -99.94 -48.72 56.36
CA GLU B 32 -98.49 -48.78 56.22
C GLU B 32 -98.08 -49.09 54.78
N LEU B 33 -98.80 -49.97 54.09
CA LEU B 33 -98.62 -50.16 52.66
C LEU B 33 -98.96 -48.88 51.91
N LEU B 34 -100.05 -48.20 52.28
CA LEU B 34 -100.41 -46.94 51.63
C LEU B 34 -99.33 -45.89 51.83
N GLU B 35 -98.79 -45.80 53.04
CA GLU B 35 -97.67 -44.93 53.37
C GLU B 35 -96.46 -45.28 52.51
N LYS B 36 -96.10 -46.56 52.40
CA LYS B 36 -94.98 -46.96 51.55
C LYS B 36 -95.22 -46.62 50.09
N ALA B 37 -96.43 -46.84 49.58
CA ALA B 37 -96.78 -46.46 48.22
C ALA B 37 -96.65 -44.95 48.02
N ALA B 38 -97.12 -44.15 48.97
CA ALA B 38 -96.96 -42.71 48.93
C ALA B 38 -95.47 -42.33 48.93
N ARG B 39 -94.64 -42.98 49.75
CA ARG B 39 -93.20 -42.73 49.76
C ARG B 39 -92.56 -43.05 48.41
N LEU B 40 -92.94 -44.16 47.79
CA LEU B 40 -92.48 -44.51 46.45
C LEU B 40 -92.88 -43.42 45.44
N ALA B 41 -94.15 -43.01 45.46
CA ALA B 41 -94.63 -41.96 44.57
C ALA B 41 -93.87 -40.65 44.80
N GLU B 42 -93.66 -40.26 46.06
CA GLU B 42 -92.96 -39.02 46.39
C GLU B 42 -91.51 -39.05 45.87
N GLU B 43 -90.78 -40.14 46.08
CA GLU B 43 -89.42 -40.26 45.56
C GLU B 43 -89.41 -40.14 44.04
N ALA B 44 -90.32 -40.84 43.35
CA ALA B 44 -90.43 -40.72 41.91
C ALA B 44 -90.74 -39.26 41.50
N ALA B 45 -91.61 -38.57 42.24
CA ALA B 45 -91.93 -37.17 41.94
C ALA B 45 -90.71 -36.26 42.13
N ARG B 46 -89.96 -36.45 43.22
CA ARG B 46 -88.72 -35.71 43.49
C ARG B 46 -87.70 -35.92 42.38
N GLN B 47 -87.51 -37.16 41.92
CA GLN B 47 -86.66 -37.45 40.78
C GLN B 47 -87.17 -36.74 39.52
N ALA B 48 -88.45 -36.88 39.19
CA ALA B 48 -89.03 -36.33 37.97
C ALA B 48 -88.92 -34.81 37.90
N GLU B 49 -89.17 -34.09 39.00
CA GLU B 49 -89.04 -32.63 39.02
C GLU B 49 -87.60 -32.20 38.70
N ARG B 50 -86.61 -32.81 39.36
CA ARG B 50 -85.19 -32.51 39.13
C ARG B 50 -84.80 -32.79 37.69
N ILE B 51 -85.24 -33.93 37.15
CA ILE B 51 -85.02 -34.26 35.74
C ILE B 51 -85.66 -33.20 34.85
N ALA B 52 -86.92 -32.82 35.08
CA ALA B 52 -87.62 -31.84 34.25
C ALA B 52 -86.89 -30.49 34.24
N ARG B 53 -86.43 -30.02 35.40
CA ARG B 53 -85.62 -28.80 35.51
C ARG B 53 -84.39 -28.87 34.62
N GLN B 54 -83.62 -29.95 34.73
CA GLN B 54 -82.42 -30.14 33.90
C GLN B 54 -82.76 -30.29 32.41
N ALA B 55 -83.80 -31.05 32.08
CA ALA B 55 -84.20 -31.31 30.70
C ALA B 55 -84.59 -30.02 29.98
N ARG B 56 -85.20 -29.06 30.70
CA ARG B 56 -85.46 -27.73 30.17
C ARG B 56 -84.16 -27.01 29.82
N LYS B 57 -83.15 -27.06 30.69
CA LYS B 57 -81.82 -26.48 30.41
C LYS B 57 -81.16 -27.12 29.20
N GLU B 58 -81.24 -28.44 29.10
CA GLU B 58 -80.71 -29.19 27.96
C GLU B 58 -81.54 -29.02 26.67
N GLY B 59 -82.77 -28.52 26.77
CA GLY B 59 -83.66 -28.36 25.63
C GLY B 59 -84.25 -29.68 25.10
N ASN B 60 -84.30 -30.75 25.91
CA ASN B 60 -85.02 -31.97 25.52
C ASN B 60 -86.47 -31.91 26.05
N LEU B 61 -87.33 -31.30 25.26
CA LEU B 61 -88.75 -31.13 25.59
C LEU B 61 -89.48 -32.48 25.69
N GLU B 62 -89.06 -33.51 24.96
CA GLU B 62 -89.74 -34.80 24.99
C GLU B 62 -89.50 -35.55 26.30
N LEU B 63 -88.26 -35.58 26.79
CA LEU B 63 -87.99 -36.13 28.11
C LEU B 63 -88.77 -35.35 29.17
N ALA B 64 -88.81 -34.02 29.06
CA ALA B 64 -89.56 -33.19 30.01
C ALA B 64 -91.05 -33.57 30.01
N LEU B 65 -91.72 -33.55 28.86
CA LEU B 65 -93.16 -33.87 28.84
C LEU B 65 -93.41 -35.32 29.24
N LYS B 66 -92.47 -36.25 28.98
CA LYS B 66 -92.59 -37.61 29.50
C LYS B 66 -92.54 -37.62 31.03
N ALA B 67 -91.61 -36.90 31.63
CA ALA B 67 -91.55 -36.75 33.08
C ALA B 67 -92.86 -36.16 33.63
N LEU B 68 -93.41 -35.15 32.95
CA LEU B 68 -94.71 -34.62 33.35
C LEU B 68 -95.79 -35.68 33.25
N GLN B 69 -95.83 -36.50 32.19
CA GLN B 69 -96.80 -37.58 32.09
C GLN B 69 -96.70 -38.51 33.30
N ILE B 70 -95.48 -38.86 33.68
CA ILE B 70 -95.24 -39.69 34.85
C ILE B 70 -95.76 -38.99 36.10
N LEU B 71 -95.43 -37.71 36.30
CA LEU B 71 -95.93 -36.96 37.43
C LEU B 71 -97.46 -36.94 37.47
N VAL B 72 -98.11 -36.73 36.33
CA VAL B 72 -99.58 -36.71 36.26
C VAL B 72 -100.14 -38.09 36.61
N ASN B 73 -99.51 -39.15 36.14
CA ASN B 73 -99.90 -40.48 36.55
C ASN B 73 -99.75 -40.64 38.07
N ALA B 74 -98.63 -40.18 38.63
CA ALA B 74 -98.40 -40.23 40.06
C ALA B 74 -99.47 -39.44 40.81
N ALA B 75 -99.89 -38.28 40.29
CA ALA B 75 -100.94 -37.51 40.91
C ALA B 75 -102.24 -38.33 40.98
N TYR B 76 -102.58 -39.07 39.92
CA TYR B 76 -103.75 -39.95 39.96
C TYR B 76 -103.60 -40.98 41.08
N VAL B 77 -102.47 -41.66 41.13
CA VAL B 77 -102.23 -42.67 42.16
C VAL B 77 -102.33 -42.04 43.56
N LEU B 78 -101.70 -40.89 43.76
CA LEU B 78 -101.70 -40.20 45.05
C LEU B 78 -103.13 -39.88 45.47
N ALA B 79 -103.95 -39.39 44.55
CA ALA B 79 -105.36 -39.10 44.83
C ALA B 79 -106.11 -40.36 45.24
N GLU B 80 -105.93 -41.46 44.50
CA GLU B 80 -106.59 -42.71 44.83
C GLU B 80 -106.18 -43.24 46.21
N ILE B 81 -104.91 -43.05 46.60
CA ILE B 81 -104.46 -43.37 47.95
C ILE B 81 -105.16 -42.45 48.95
N ALA B 82 -105.07 -41.14 48.69
CA ALA B 82 -105.51 -40.11 49.61
C ALA B 82 -106.99 -40.22 49.96
N ARG B 83 -107.85 -40.60 49.01
CA ARG B 83 -109.29 -40.70 49.27
C ARG B 83 -109.62 -41.71 50.36
N ASP B 84 -109.10 -42.92 50.25
CA ASP B 84 -109.40 -43.95 51.25
C ASP B 84 -108.69 -43.66 52.57
N ARG B 85 -107.51 -43.01 52.50
CA ARG B 85 -106.81 -42.50 53.68
C ARG B 85 -107.53 -41.32 54.36
N GLY B 86 -108.47 -40.67 53.67
CA GLY B 86 -109.17 -39.50 54.17
C GLY B 86 -108.26 -38.29 54.40
N ASN B 87 -107.16 -38.16 53.64
CA ASN B 87 -106.15 -37.12 53.87
C ASN B 87 -106.19 -36.05 52.76
N GLU B 88 -106.49 -34.80 53.11
CA GLU B 88 -106.51 -33.72 52.13
C GLU B 88 -105.12 -33.19 51.80
N GLU B 89 -104.15 -33.30 52.70
CA GLU B 89 -102.81 -32.75 52.47
C GLU B 89 -102.14 -33.39 51.26
N LEU B 90 -102.29 -34.71 51.12
CA LEU B 90 -101.89 -35.41 49.90
C LEU B 90 -102.57 -34.81 48.66
N LEU B 91 -103.89 -34.58 48.72
CA LEU B 91 -104.61 -33.98 47.59
C LEU B 91 -104.08 -32.59 47.29
N GLU B 92 -103.80 -31.81 48.32
CA GLU B 92 -103.27 -30.46 48.18
C GLU B 92 -101.91 -30.47 47.50
N TYR B 93 -101.01 -31.39 47.88
CA TYR B 93 -99.74 -31.58 47.18
C TYR B 93 -99.99 -31.89 45.71
N ALA B 94 -100.82 -32.89 45.44
CA ALA B 94 -101.08 -33.36 44.09
C ALA B 94 -101.69 -32.26 43.22
N ALA B 95 -102.64 -31.48 43.73
CA ALA B 95 -103.27 -30.41 42.98
C ALA B 95 -102.26 -29.31 42.62
N ARG B 96 -101.45 -28.89 43.60
CA ARG B 96 -100.44 -27.85 43.39
C ARG B 96 -99.38 -28.32 42.40
N LEU B 97 -98.93 -29.57 42.54
CA LEU B 97 -98.05 -30.20 41.56
C LEU B 97 -98.71 -30.21 40.17
N ALA B 98 -99.97 -30.61 40.06
CA ALA B 98 -100.65 -30.70 38.78
C ALA B 98 -100.80 -29.32 38.11
N GLU B 99 -101.10 -28.28 38.88
CA GLU B 99 -101.10 -26.93 38.32
C GLU B 99 -99.71 -26.56 37.82
N GLU B 100 -98.66 -26.76 38.62
CA GLU B 100 -97.28 -26.48 38.17
C GLU B 100 -96.94 -27.29 36.91
N ALA B 101 -97.37 -28.54 36.85
CA ALA B 101 -97.15 -29.37 35.67
C ALA B 101 -97.87 -28.74 34.46
N ALA B 102 -99.10 -28.26 34.62
CA ALA B 102 -99.77 -27.57 33.54
C ALA B 102 -98.98 -26.32 33.13
N ARG B 103 -98.46 -25.53 34.09
CA ARG B 103 -97.63 -24.35 33.79
C ARG B 103 -96.43 -24.76 32.94
N GLN B 104 -95.69 -25.76 33.39
CA GLN B 104 -94.55 -26.24 32.63
C GLN B 104 -94.97 -26.75 31.25
N ALA B 105 -96.07 -27.50 31.16
CA ALA B 105 -96.56 -28.00 29.88
C ALA B 105 -96.99 -26.86 28.95
N ILE B 106 -97.53 -25.77 29.49
CA ILE B 106 -97.77 -24.57 28.72
C ILE B 106 -96.45 -23.99 28.22
N GLU B 107 -95.40 -23.92 29.04
CA GLU B 107 -94.10 -23.45 28.55
C GLU B 107 -93.56 -24.33 27.43
N ILE B 108 -93.70 -25.65 27.56
CA ILE B 108 -93.37 -26.58 26.47
C ILE B 108 -94.18 -26.22 25.23
N TRP B 109 -95.51 -26.08 25.36
CA TRP B 109 -96.42 -25.83 24.25
C TRP B 109 -96.09 -24.52 23.54
N ALA B 110 -95.78 -23.48 24.30
CA ALA B 110 -95.42 -22.18 23.78
C ALA B 110 -94.09 -22.23 23.02
N GLN B 111 -93.06 -22.85 23.60
CA GLN B 111 -91.79 -23.00 22.90
C GLN B 111 -91.98 -23.78 21.60
N ALA B 112 -92.71 -24.89 21.66
CA ALA B 112 -93.01 -25.70 20.49
C ALA B 112 -93.81 -24.93 19.43
N MET B 113 -94.77 -24.08 19.82
CA MET B 113 -95.53 -23.26 18.89
C MET B 113 -94.66 -22.21 18.21
N GLU B 114 -93.72 -21.58 18.93
CA GLU B 114 -92.77 -20.66 18.30
C GLU B 114 -91.80 -21.41 17.37
N GLU B 115 -91.27 -22.56 17.80
CA GLU B 115 -90.37 -23.39 16.98
C GLU B 115 -91.08 -24.11 15.82
N GLY B 116 -92.41 -24.21 15.84
CA GLY B 116 -93.21 -24.92 14.83
C GLY B 116 -93.24 -26.45 14.96
N ASN B 117 -92.76 -27.01 16.07
CA ASN B 117 -92.77 -28.46 16.30
C ASN B 117 -94.18 -28.93 16.73
N GLN B 118 -95.05 -29.13 15.75
CA GLN B 118 -96.42 -29.57 15.96
C GLN B 118 -96.50 -30.87 16.78
N GLN B 119 -95.47 -31.71 16.68
CA GLN B 119 -95.38 -32.99 17.36
C GLN B 119 -95.34 -32.78 18.88
N LEU B 120 -94.34 -32.05 19.37
CA LEU B 120 -94.25 -31.69 20.77
C LEU B 120 -95.50 -30.92 21.20
N ARG B 121 -95.98 -30.00 20.36
CA ARG B 121 -97.16 -29.18 20.64
C ARG B 121 -98.37 -30.06 20.98
N THR B 122 -98.67 -31.05 20.14
CA THR B 122 -99.79 -31.94 20.45
C THR B 122 -99.49 -32.87 21.62
N LYS B 123 -98.26 -33.38 21.73
CA LYS B 123 -97.86 -34.26 22.84
C LYS B 123 -98.08 -33.58 24.19
N ALA B 124 -97.56 -32.38 24.36
CA ALA B 124 -97.72 -31.63 25.60
C ALA B 124 -99.19 -31.39 25.93
N ALA B 125 -100.02 -31.11 24.92
CA ALA B 125 -101.45 -30.92 25.14
C ALA B 125 -102.08 -32.18 25.77
N HIS B 126 -101.69 -33.38 25.34
CA HIS B 126 -102.20 -34.60 25.97
C HIS B 126 -101.90 -34.60 27.47
N ILE B 127 -100.70 -34.17 27.87
CA ILE B 127 -100.34 -34.08 29.28
C ILE B 127 -101.28 -33.11 30.00
N ILE B 128 -101.50 -31.92 29.44
CA ILE B 128 -102.39 -30.94 30.09
C ILE B 128 -103.78 -31.55 30.24
N LEU B 129 -104.29 -32.21 29.21
CA LEU B 129 -105.61 -32.82 29.25
C LEU B 129 -105.69 -33.86 30.38
N ARG B 130 -104.70 -34.74 30.47
CA ARG B 130 -104.66 -35.72 31.57
C ARG B 130 -104.61 -35.01 32.93
N ALA B 131 -103.82 -33.94 33.05
CA ALA B 131 -103.69 -33.23 34.32
C ALA B 131 -105.05 -32.68 34.77
N ALA B 132 -105.76 -32.02 33.86
CA ALA B 132 -107.09 -31.50 34.17
C ALA B 132 -108.06 -32.64 34.52
N GLU B 133 -107.99 -33.78 33.83
CA GLU B 133 -108.83 -34.94 34.19
C GLU B 133 -108.56 -35.37 35.63
N VAL B 134 -107.29 -35.50 36.01
CA VAL B 134 -106.93 -35.88 37.38
C VAL B 134 -107.43 -34.83 38.38
N LEU B 135 -107.28 -33.55 38.07
CA LEU B 135 -107.80 -32.51 38.95
C LEU B 135 -109.32 -32.65 39.13
N LEU B 136 -110.05 -32.96 38.06
CA LEU B 136 -111.50 -33.16 38.14
C LEU B 136 -111.83 -34.33 39.06
N GLU B 137 -111.16 -35.47 38.92
CA GLU B 137 -111.38 -36.59 39.82
C GLU B 137 -111.08 -36.17 41.28
N ILE B 138 -110.00 -35.42 41.51
CA ILE B 138 -109.66 -34.90 42.84
C ILE B 138 -110.81 -34.05 43.37
N ALA B 139 -111.29 -33.13 42.55
CA ALA B 139 -112.37 -32.22 42.91
C ALA B 139 -113.69 -32.95 43.17
N ARG B 140 -113.91 -34.12 42.55
CA ARG B 140 -115.23 -34.75 42.42
C ARG B 140 -115.94 -34.88 43.76
N ASP B 141 -115.30 -35.46 44.76
CA ASP B 141 -115.84 -35.53 46.11
C ASP B 141 -115.42 -34.36 47.00
N ARG B 142 -114.27 -33.72 46.73
CA ARG B 142 -113.74 -32.61 47.55
C ARG B 142 -114.59 -31.33 47.48
N GLY B 143 -115.32 -31.11 46.37
CA GLY B 143 -116.34 -30.06 46.23
C GLY B 143 -115.82 -28.64 45.90
N ASN B 144 -114.52 -28.47 45.64
CA ASN B 144 -113.94 -27.18 45.26
C ASN B 144 -114.43 -26.74 43.87
N GLN B 145 -115.42 -25.85 43.84
CA GLN B 145 -116.05 -25.41 42.60
C GLN B 145 -115.08 -24.66 41.69
N GLU B 146 -114.17 -23.87 42.27
CA GLU B 146 -113.15 -23.15 41.53
C GLU B 146 -112.24 -24.12 40.79
N LEU B 147 -111.88 -25.24 41.41
CA LEU B 147 -111.12 -26.27 40.73
C LEU B 147 -111.93 -26.89 39.59
N LEU B 148 -113.25 -27.10 39.75
CA LEU B 148 -114.09 -27.56 38.63
C LEU B 148 -114.00 -26.59 37.46
N GLU B 149 -114.08 -25.29 37.75
CA GLU B 149 -113.92 -24.29 36.72
C GLU B 149 -112.52 -24.35 36.11
N LYS B 150 -111.45 -24.43 36.91
CA LYS B 150 -110.10 -24.52 36.37
C LYS B 150 -109.97 -25.69 35.42
N ALA B 151 -110.44 -26.86 35.81
CA ALA B 151 -110.38 -28.03 34.94
C ALA B 151 -111.17 -27.79 33.65
N ALA B 152 -112.46 -27.44 33.76
CA ALA B 152 -113.31 -27.29 32.59
C ALA B 152 -112.72 -26.28 31.61
N SER B 153 -112.37 -25.11 32.12
CA SER B 153 -111.82 -24.03 31.32
C SER B 153 -110.49 -24.45 30.70
N LEU B 154 -109.56 -25.05 31.45
CA LEU B 154 -108.30 -25.48 30.89
C LEU B 154 -108.53 -26.47 29.75
N VAL B 155 -109.45 -27.42 29.93
CA VAL B 155 -109.72 -28.43 28.91
C VAL B 155 -110.27 -27.79 27.64
N ASP B 156 -111.36 -27.03 27.73
CA ASP B 156 -111.92 -26.45 26.51
C ASP B 156 -110.96 -25.46 25.87
N ALA B 157 -110.21 -24.68 26.67
CA ALA B 157 -109.18 -23.79 26.15
C ALA B 157 -108.10 -24.56 25.40
N VAL B 158 -107.59 -25.66 25.95
CA VAL B 158 -106.65 -26.50 25.20
C VAL B 158 -107.31 -27.03 23.93
N ALA B 159 -108.59 -27.43 23.96
CA ALA B 159 -109.28 -27.88 22.76
C ALA B 159 -109.37 -26.77 21.70
N ALA B 160 -109.56 -25.52 22.12
CA ALA B 160 -109.39 -24.40 21.22
C ALA B 160 -107.93 -24.27 20.74
N LEU B 161 -106.91 -24.38 21.60
CA LEU B 161 -105.51 -24.27 21.18
C LEU B 161 -105.19 -25.30 20.10
N GLN B 162 -105.63 -26.52 20.31
CA GLN B 162 -105.50 -27.60 19.34
C GLN B 162 -106.30 -27.28 18.08
N GLN B 163 -107.55 -26.83 18.19
CA GLN B 163 -108.37 -26.53 17.03
C GLN B 163 -107.78 -25.40 16.20
N ALA B 164 -107.23 -24.39 16.85
CA ALA B 164 -106.55 -23.27 16.21
C ALA B 164 -105.28 -23.77 15.50
N ALA B 165 -104.48 -24.60 16.14
CA ALA B 165 -103.33 -25.21 15.46
C ALA B 165 -103.77 -26.01 14.23
N ALA B 166 -104.86 -26.77 14.30
CA ALA B 166 -105.41 -27.47 13.15
C ALA B 166 -105.84 -26.47 12.06
N ALA B 167 -106.53 -25.40 12.43
CA ALA B 167 -106.91 -24.35 11.50
C ALA B 167 -105.67 -23.73 10.84
N ILE B 168 -104.57 -23.56 11.58
CA ILE B 168 -103.31 -23.07 11.06
C ILE B 168 -102.75 -24.04 10.01
N LEU B 169 -102.78 -25.34 10.27
CA LEU B 169 -102.39 -26.33 9.27
C LEU B 169 -103.32 -26.29 8.04
N GLU B 170 -104.63 -26.10 8.24
CA GLU B 170 -105.58 -25.94 7.15
C GLU B 170 -105.42 -24.62 6.39
N GLY B 171 -104.78 -23.61 6.98
CA GLY B 171 -104.80 -22.22 6.50
C GLY B 171 -106.14 -21.50 6.69
N ASP B 172 -107.08 -22.07 7.46
CA ASP B 172 -108.42 -21.51 7.68
C ASP B 172 -108.42 -20.44 8.79
N VAL B 173 -107.97 -19.23 8.43
CA VAL B 173 -107.88 -18.11 9.37
C VAL B 173 -109.25 -17.76 9.99
N GLU B 174 -110.36 -17.97 9.28
CA GLU B 174 -111.69 -17.74 9.86
C GLU B 174 -111.96 -18.69 11.03
N LYS B 175 -111.70 -19.98 10.85
CA LYS B 175 -111.76 -20.93 11.96
C LYS B 175 -110.80 -20.51 13.08
N ALA B 176 -109.61 -20.04 12.75
CA ALA B 176 -108.65 -19.59 13.77
C ALA B 176 -109.24 -18.45 14.62
N VAL B 177 -109.87 -17.45 13.99
CA VAL B 177 -110.53 -16.38 14.74
C VAL B 177 -111.67 -16.94 15.57
N ARG B 178 -112.55 -17.76 14.99
CA ARG B 178 -113.71 -18.31 15.70
C ARG B 178 -113.28 -19.06 16.96
N ALA B 179 -112.23 -19.86 16.85
CA ALA B 179 -111.64 -20.56 17.98
C ALA B 179 -111.00 -19.58 18.98
N ALA B 180 -110.22 -18.61 18.52
CA ALA B 180 -109.52 -17.69 19.40
C ALA B 180 -110.51 -16.91 20.28
N GLN B 181 -111.66 -16.54 19.75
CA GLN B 181 -112.70 -15.85 20.50
C GLN B 181 -113.21 -16.69 21.68
N GLU B 182 -113.55 -17.95 21.45
CA GLU B 182 -113.85 -18.85 22.57
C GLU B 182 -112.64 -19.01 23.50
N ALA B 183 -111.42 -19.08 22.95
CA ALA B 183 -110.21 -19.32 23.74
C ALA B 183 -109.97 -18.21 24.75
N VAL B 184 -110.01 -16.96 24.30
CA VAL B 184 -109.85 -15.84 25.23
C VAL B 184 -111.03 -15.78 26.19
N LYS B 185 -112.26 -16.06 25.74
CA LYS B 185 -113.45 -16.10 26.59
C LYS B 185 -113.27 -17.06 27.76
N ALA B 186 -112.85 -18.28 27.47
CA ALA B 186 -112.52 -19.24 28.51
C ALA B 186 -111.37 -18.73 29.40
N ALA B 187 -110.26 -18.30 28.79
CA ALA B 187 -109.06 -17.91 29.53
C ALA B 187 -109.35 -16.77 30.52
N LYS B 188 -110.17 -15.81 30.10
CA LYS B 188 -110.57 -14.64 30.90
C LYS B 188 -111.51 -15.03 32.05
N GLU B 189 -112.45 -15.95 31.82
CA GLU B 189 -113.28 -16.48 32.90
C GLU B 189 -112.46 -17.29 33.91
N ALA B 190 -111.41 -17.97 33.45
CA ALA B 190 -110.50 -18.71 34.32
C ALA B 190 -109.53 -17.81 35.09
N GLY B 191 -109.04 -16.73 34.48
CA GLY B 191 -107.99 -15.88 35.06
C GLY B 191 -106.62 -16.56 35.17
N ASP B 192 -106.33 -17.58 34.37
CA ASP B 192 -105.02 -18.23 34.36
C ASP B 192 -103.98 -17.43 33.55
N ASN B 193 -102.98 -16.92 34.25
CA ASN B 193 -101.94 -16.05 33.69
C ASN B 193 -101.13 -16.73 32.57
N ASP B 194 -100.78 -18.00 32.77
CA ASP B 194 -100.06 -18.72 31.73
C ASP B 194 -100.98 -19.08 30.56
N MET B 195 -102.27 -19.35 30.79
CA MET B 195 -103.18 -19.61 29.67
C MET B 195 -103.31 -18.38 28.78
N LEU B 196 -103.47 -17.21 29.39
CA LEU B 196 -103.48 -15.94 28.66
C LEU B 196 -102.15 -15.75 27.92
N ARG B 197 -101.01 -16.08 28.53
CA ARG B 197 -99.69 -16.05 27.89
C ARG B 197 -99.63 -16.99 26.70
N ALA B 198 -100.16 -18.19 26.81
CA ALA B 198 -100.20 -19.15 25.72
C ALA B 198 -101.00 -18.58 24.55
N VAL B 199 -102.21 -18.09 24.81
CA VAL B 199 -103.08 -17.54 23.77
C VAL B 199 -102.36 -16.39 23.06
N ALA B 200 -101.78 -15.45 23.83
CA ALA B 200 -101.06 -14.31 23.26
C ALA B 200 -99.89 -14.77 22.37
N ILE B 201 -99.11 -15.77 22.80
CA ILE B 201 -98.03 -16.31 21.99
C ILE B 201 -98.60 -16.95 20.72
N ALA B 202 -99.68 -17.70 20.82
CA ALA B 202 -100.31 -18.35 19.68
C ALA B 202 -100.81 -17.34 18.64
N ALA B 203 -101.31 -16.20 19.09
CA ALA B 203 -101.75 -15.16 18.18
C ALA B 203 -100.62 -14.68 17.26
N LEU B 204 -99.36 -14.73 17.71
CA LEU B 204 -98.22 -14.42 16.85
C LEU B 204 -98.16 -15.38 15.67
N ARG B 205 -98.37 -16.68 15.89
CA ARG B 205 -98.43 -17.67 14.81
C ARG B 205 -99.56 -17.34 13.84
N ILE B 206 -100.74 -16.99 14.37
CA ILE B 206 -101.90 -16.61 13.54
C ILE B 206 -101.52 -15.43 12.64
N ALA B 207 -100.89 -14.40 13.21
CA ALA B 207 -100.42 -13.27 12.43
C ALA B 207 -99.36 -13.66 11.40
N LYS B 208 -98.36 -14.46 11.78
CA LYS B 208 -97.28 -14.94 10.89
C LYS B 208 -97.84 -15.61 9.63
N GLU B 209 -98.88 -16.42 9.78
CA GLU B 209 -99.57 -17.02 8.63
C GLU B 209 -100.47 -16.02 7.90
N ALA B 210 -101.22 -15.18 8.63
CA ALA B 210 -102.11 -14.23 8.00
C ALA B 210 -101.38 -13.26 7.06
N GLU B 211 -100.13 -12.90 7.36
CA GLU B 211 -99.27 -12.12 6.46
C GLU B 211 -99.08 -12.81 5.11
N LYS B 212 -98.95 -14.14 5.10
CA LYS B 212 -98.78 -14.93 3.88
C LYS B 212 -100.10 -15.00 3.10
N GLN B 213 -101.21 -15.17 3.82
CA GLN B 213 -102.55 -15.22 3.24
C GLN B 213 -102.99 -13.87 2.66
N GLY B 214 -102.52 -12.76 3.25
CA GLY B 214 -102.88 -11.41 2.84
C GLY B 214 -104.29 -10.96 3.24
N ASN B 215 -105.08 -11.82 3.90
CA ASN B 215 -106.40 -11.43 4.40
C ASN B 215 -106.27 -10.57 5.67
N VAL B 216 -105.99 -9.29 5.47
CA VAL B 216 -105.82 -8.33 6.57
C VAL B 216 -107.08 -8.16 7.43
N GLU B 217 -108.28 -8.36 6.88
CA GLU B 217 -109.51 -8.24 7.67
C GLU B 217 -109.56 -9.28 8.78
N VAL B 218 -109.38 -10.55 8.42
CA VAL B 218 -109.33 -11.61 9.40
C VAL B 218 -108.10 -11.44 10.30
N ALA B 219 -106.97 -10.95 9.76
CA ALA B 219 -105.79 -10.68 10.58
C ALA B 219 -106.09 -9.67 11.70
N VAL B 220 -106.80 -8.58 11.39
CA VAL B 220 -107.17 -7.59 12.41
C VAL B 220 -108.19 -8.17 13.39
N LYS B 221 -109.16 -8.95 12.93
CA LYS B 221 -110.09 -9.64 13.83
C LYS B 221 -109.34 -10.52 14.83
N ALA B 222 -108.29 -11.22 14.39
CA ALA B 222 -107.39 -11.96 15.29
C ALA B 222 -106.56 -11.02 16.19
N ALA B 223 -105.99 -9.95 15.65
CA ALA B 223 -105.20 -9.00 16.44
C ALA B 223 -106.01 -8.40 17.60
N ARG B 224 -107.33 -8.22 17.43
CA ARG B 224 -108.21 -7.76 18.52
C ARG B 224 -108.22 -8.73 19.70
N VAL B 225 -108.18 -10.03 19.45
CA VAL B 225 -107.94 -11.02 20.52
C VAL B 225 -106.50 -10.92 21.02
N ALA B 226 -105.54 -10.73 20.13
CA ALA B 226 -104.12 -10.70 20.51
C ALA B 226 -103.86 -9.69 21.63
N VAL B 227 -104.36 -8.46 21.47
CA VAL B 227 -104.25 -7.47 22.54
C VAL B 227 -105.06 -7.84 23.78
N GLU B 228 -106.25 -8.43 23.63
CA GLU B 228 -107.12 -8.77 24.76
C GLU B 228 -106.38 -9.67 25.76
N ALA B 229 -105.64 -10.65 25.24
CA ALA B 229 -104.76 -11.45 26.07
C ALA B 229 -103.49 -10.67 26.47
N ALA B 230 -102.80 -10.04 25.51
CA ALA B 230 -101.49 -9.45 25.78
C ALA B 230 -101.54 -8.40 26.89
N LYS B 231 -102.64 -7.65 26.97
CA LYS B 231 -102.89 -6.64 28.00
C LYS B 231 -102.98 -7.24 29.41
N GLN B 232 -103.43 -8.49 29.54
CA GLN B 232 -103.32 -9.22 30.81
C GLN B 232 -101.89 -9.72 31.05
N ALA B 233 -101.26 -10.28 30.01
CA ALA B 233 -100.00 -11.01 30.15
C ALA B 233 -98.80 -10.10 30.49
N GLY B 234 -98.66 -8.97 29.80
CA GLY B 234 -97.62 -7.97 30.10
C GLY B 234 -96.17 -8.35 29.75
N ASP B 235 -95.92 -9.44 29.01
CA ASP B 235 -94.58 -9.79 28.56
C ASP B 235 -94.09 -8.83 27.46
N ASN B 236 -93.08 -8.01 27.77
CA ASN B 236 -92.69 -6.87 26.93
C ASN B 236 -92.26 -7.29 25.51
N ASP B 237 -91.43 -8.33 25.40
CA ASP B 237 -90.98 -8.80 24.09
C ASP B 237 -92.12 -9.42 23.29
N VAL B 238 -93.07 -10.08 23.95
CA VAL B 238 -94.29 -10.57 23.29
C VAL B 238 -95.10 -9.39 22.77
N LEU B 239 -95.30 -8.35 23.58
CA LEU B 239 -95.95 -7.13 23.11
C LEU B 239 -95.20 -6.51 21.92
N ARG B 240 -93.86 -6.51 21.92
CA ARG B 240 -93.09 -5.99 20.78
C ARG B 240 -93.30 -6.84 19.52
N LYS B 241 -93.35 -8.16 19.65
CA LYS B 241 -93.73 -9.04 18.54
C LYS B 241 -95.14 -8.72 18.05
N VAL B 242 -96.11 -8.52 18.97
CA VAL B 242 -97.48 -8.10 18.59
C VAL B 242 -97.43 -6.80 17.81
N ALA B 243 -96.66 -5.81 18.27
CA ALA B 243 -96.54 -4.55 17.56
C ALA B 243 -95.90 -4.73 16.17
N GLU B 244 -94.82 -5.51 16.07
CA GLU B 244 -94.17 -5.81 14.78
C GLU B 244 -95.17 -6.38 13.79
N GLN B 245 -95.93 -7.40 14.19
CA GLN B 245 -96.98 -7.95 13.35
C GLN B 245 -98.06 -6.90 13.05
N ALA B 246 -98.52 -6.10 14.01
CA ALA B 246 -99.56 -5.10 13.76
C ALA B 246 -99.10 -4.04 12.74
N LEU B 247 -97.85 -3.59 12.84
CA LEU B 247 -97.24 -2.70 11.87
C LEU B 247 -97.14 -3.36 10.49
N ARG B 248 -96.71 -4.62 10.42
CA ARG B 248 -96.64 -5.36 9.16
C ARG B 248 -98.02 -5.54 8.54
N ILE B 249 -99.03 -5.85 9.36
CA ILE B 249 -100.43 -5.93 8.93
C ILE B 249 -100.89 -4.57 8.37
N ALA B 250 -100.53 -3.46 9.02
CA ALA B 250 -100.80 -2.15 8.46
C ALA B 250 -100.09 -1.95 7.11
N LYS B 251 -98.80 -2.30 6.98
CA LYS B 251 -98.06 -2.21 5.70
C LYS B 251 -98.76 -2.99 4.59
N GLU B 252 -99.20 -4.21 4.86
CA GLU B 252 -99.96 -4.99 3.89
C GLU B 252 -101.31 -4.33 3.56
N ALA B 253 -102.04 -3.83 4.56
CA ALA B 253 -103.31 -3.14 4.32
C ALA B 253 -103.12 -1.89 3.44
N GLU B 254 -102.03 -1.15 3.63
CA GLU B 254 -101.65 -0.03 2.76
C GLU B 254 -101.34 -0.49 1.33
N LYS B 255 -100.59 -1.60 1.15
CA LYS B 255 -100.35 -2.17 -0.18
C LYS B 255 -101.64 -2.59 -0.87
N GLN B 256 -102.59 -3.12 -0.10
CA GLN B 256 -103.95 -3.43 -0.56
C GLN B 256 -104.84 -2.19 -0.71
N GLY B 257 -104.38 -1.02 -0.28
CA GLY B 257 -105.19 0.20 -0.23
C GLY B 257 -106.38 0.13 0.75
N ASN B 258 -106.44 -0.88 1.61
CA ASN B 258 -107.49 -1.02 2.61
C ASN B 258 -107.15 -0.22 3.87
N VAL B 259 -107.18 1.10 3.74
CA VAL B 259 -106.90 2.01 4.86
C VAL B 259 -107.91 1.85 6.00
N GLU B 260 -109.15 1.43 5.73
CA GLU B 260 -110.14 1.19 6.78
C GLU B 260 -109.68 0.05 7.70
N VAL B 261 -109.21 -1.05 7.13
CA VAL B 261 -108.63 -2.13 7.94
C VAL B 261 -107.33 -1.64 8.59
N ALA B 262 -106.53 -0.83 7.89
CA ALA B 262 -105.30 -0.30 8.46
C ALA B 262 -105.57 0.50 9.75
N VAL B 263 -106.58 1.38 9.79
CA VAL B 263 -106.86 2.15 11.01
C VAL B 263 -107.37 1.25 12.13
N LYS B 264 -108.19 0.24 11.80
CA LYS B 264 -108.62 -0.74 12.80
C LYS B 264 -107.42 -1.50 13.37
N ALA B 265 -106.44 -1.85 12.53
CA ALA B 265 -105.15 -2.40 12.97
C ALA B 265 -104.40 -1.41 13.87
N ALA B 266 -104.34 -0.15 13.47
CA ALA B 266 -103.64 0.87 14.24
C ALA B 266 -104.25 1.04 15.64
N ARG B 267 -105.59 0.98 15.79
CA ARG B 267 -106.22 1.12 17.11
C ARG B 267 -105.77 0.02 18.08
N VAL B 268 -105.56 -1.18 17.57
CA VAL B 268 -104.94 -2.28 18.32
C VAL B 268 -103.46 -2.00 18.54
N ALA B 269 -102.73 -1.57 17.52
CA ALA B 269 -101.29 -1.37 17.59
C ALA B 269 -100.93 -0.34 18.67
N VAL B 270 -101.62 0.80 18.70
CA VAL B 270 -101.38 1.84 19.70
C VAL B 270 -101.72 1.35 21.11
N GLU B 271 -102.77 0.53 21.25
CA GLU B 271 -103.09 -0.04 22.55
C GLU B 271 -101.91 -0.87 23.08
N ALA B 272 -101.42 -1.81 22.27
CA ALA B 272 -100.31 -2.66 22.65
C ALA B 272 -99.04 -1.84 22.93
N ALA B 273 -98.73 -0.87 22.08
CA ALA B 273 -97.58 0.00 22.27
C ALA B 273 -97.68 0.78 23.59
N LYS B 274 -98.88 1.29 23.92
CA LYS B 274 -99.16 2.02 25.15
C LYS B 274 -99.00 1.13 26.38
N GLN B 275 -99.51 -0.10 26.35
CA GLN B 275 -99.31 -1.04 27.45
C GLN B 275 -97.84 -1.44 27.61
N ALA B 276 -97.10 -1.60 26.51
CA ALA B 276 -95.68 -1.88 26.55
C ALA B 276 -94.85 -0.69 27.05
N GLY B 277 -95.27 0.54 26.73
CA GLY B 277 -94.51 1.76 26.99
C GLY B 277 -93.23 1.89 26.13
N ASP B 278 -93.12 1.14 25.03
CA ASP B 278 -91.94 1.17 24.15
C ASP B 278 -91.97 2.40 23.22
N ASN B 279 -91.12 3.38 23.52
CA ASN B 279 -91.09 4.64 22.80
C ASN B 279 -90.73 4.45 21.32
N ASP B 280 -89.80 3.55 20.98
CA ASP B 280 -89.42 3.35 19.59
C ASP B 280 -90.55 2.71 18.80
N VAL B 281 -91.32 1.81 19.42
CA VAL B 281 -92.57 1.35 18.81
C VAL B 281 -93.52 2.53 18.62
N LEU B 282 -93.79 3.34 19.65
CA LEU B 282 -94.71 4.48 19.51
C LEU B 282 -94.28 5.44 18.39
N ARG B 283 -92.98 5.71 18.28
CA ARG B 283 -92.39 6.52 17.19
C ARG B 283 -92.66 5.87 15.83
N LYS B 284 -92.34 4.59 15.67
CA LYS B 284 -92.57 3.85 14.43
C LYS B 284 -94.06 3.77 14.09
N VAL B 285 -94.92 3.66 15.08
CA VAL B 285 -96.38 3.71 14.92
C VAL B 285 -96.79 5.07 14.38
N ALA B 286 -96.30 6.17 14.96
CA ALA B 286 -96.60 7.50 14.41
C ALA B 286 -96.10 7.63 12.97
N ASP B 287 -94.90 7.14 12.65
CA ASP B 287 -94.39 7.13 11.28
C ASP B 287 -95.34 6.38 10.34
N GLN B 288 -95.72 5.15 10.72
CA GLN B 288 -96.65 4.37 9.93
C GLN B 288 -98.00 5.09 9.81
N ALA B 289 -98.47 5.74 10.88
CA ALA B 289 -99.72 6.46 10.84
C ALA B 289 -99.67 7.61 9.83
N LEU B 290 -98.51 8.25 9.65
CA LEU B 290 -98.35 9.27 8.62
C LEU B 290 -98.43 8.63 7.23
N GLU B 291 -97.84 7.47 7.02
CA GLU B 291 -98.04 6.73 5.78
C GLU B 291 -99.53 6.40 5.55
N ILE B 292 -100.24 5.96 6.59
CA ILE B 292 -101.69 5.69 6.50
C ILE B 292 -102.43 6.98 6.14
N ALA B 293 -102.11 8.10 6.77
CA ALA B 293 -102.73 9.38 6.44
C ALA B 293 -102.48 9.74 4.97
N LYS B 294 -101.26 9.55 4.47
CA LYS B 294 -100.93 9.80 3.06
C LYS B 294 -101.74 8.91 2.12
N ALA B 295 -101.85 7.63 2.43
CA ALA B 295 -102.70 6.73 1.66
C ALA B 295 -104.17 7.17 1.67
N ALA B 296 -104.73 7.46 2.86
CA ALA B 296 -106.13 7.86 2.98
C ALA B 296 -106.42 9.20 2.28
N LEU B 297 -105.47 10.13 2.32
CA LEU B 297 -105.51 11.36 1.53
C LEU B 297 -105.53 11.04 0.04
N GLU B 298 -104.62 10.21 -0.46
CA GLU B 298 -104.57 9.83 -1.87
C GLU B 298 -105.85 9.13 -2.33
N GLN B 299 -106.47 8.33 -1.48
CA GLN B 299 -107.76 7.71 -1.74
C GLN B 299 -108.96 8.66 -1.58
N GLY B 300 -108.78 9.81 -0.91
CA GLY B 300 -109.87 10.71 -0.54
C GLY B 300 -110.77 10.15 0.57
N ASP B 301 -110.32 9.12 1.30
CA ASP B 301 -111.03 8.52 2.44
C ASP B 301 -110.81 9.36 3.71
N ILE B 302 -111.23 10.61 3.70
CA ILE B 302 -110.80 11.58 4.71
C ILE B 302 -111.39 11.28 6.10
N ASP B 303 -112.55 10.62 6.20
CA ASP B 303 -113.03 10.10 7.48
C ASP B 303 -112.06 9.09 8.07
N VAL B 304 -111.53 8.19 7.24
CA VAL B 304 -110.50 7.23 7.67
C VAL B 304 -109.21 7.96 8.00
N ALA B 305 -108.81 8.95 7.19
CA ALA B 305 -107.62 9.77 7.48
C ALA B 305 -107.75 10.44 8.86
N GLN B 306 -108.90 11.01 9.18
CA GLN B 306 -109.20 11.61 10.47
C GLN B 306 -109.05 10.57 11.58
N LYS B 307 -109.77 9.45 11.47
CA LYS B 307 -109.71 8.38 12.47
C LYS B 307 -108.27 7.89 12.66
N ALA B 308 -107.51 7.74 11.59
CA ALA B 308 -106.10 7.36 11.64
C ALA B 308 -105.26 8.41 12.36
N MET B 309 -105.48 9.69 12.07
CA MET B 309 -104.73 10.73 12.73
C MET B 309 -105.14 10.90 14.19
N ASP B 310 -106.38 10.61 14.57
CA ASP B 310 -106.78 10.53 15.97
C ASP B 310 -105.96 9.47 16.72
N VAL B 311 -105.79 8.29 16.10
CA VAL B 311 -104.89 7.25 16.62
C VAL B 311 -103.44 7.75 16.64
N ALA B 312 -103.00 8.48 15.62
CA ALA B 312 -101.67 9.07 15.64
C ALA B 312 -101.50 10.02 16.83
N VAL B 313 -102.52 10.82 17.15
CA VAL B 313 -102.49 11.70 18.32
C VAL B 313 -102.32 10.87 19.59
N GLU B 314 -103.08 9.80 19.75
CA GLU B 314 -102.85 8.91 20.89
C GLU B 314 -101.40 8.42 20.93
N ALA B 315 -100.86 7.93 19.81
CA ALA B 315 -99.50 7.40 19.77
C ALA B 315 -98.47 8.47 20.12
N LEU B 316 -98.54 9.62 19.48
CA LEU B 316 -97.58 10.70 19.68
C LEU B 316 -97.71 11.28 21.10
N THR B 317 -98.93 11.37 21.65
CA THR B 317 -99.11 11.85 23.03
C THR B 317 -98.57 10.88 24.07
N GLN B 318 -98.48 9.59 23.76
CA GLN B 318 -97.79 8.63 24.63
C GLN B 318 -96.25 8.63 24.44
N ALA B 319 -95.75 9.12 23.30
CA ALA B 319 -94.31 9.17 22.99
C ALA B 319 -93.51 10.21 23.79
N LEU C 4 8.14 -58.52 73.99
CA LEU C 4 7.41 -59.28 75.05
C LEU C 4 8.00 -60.67 75.33
N GLU C 5 8.48 -61.39 74.33
CA GLU C 5 8.78 -62.83 74.32
C GLU C 5 9.48 -63.35 75.59
N LEU C 6 10.57 -62.70 75.98
CA LEU C 6 11.35 -63.09 77.15
C LEU C 6 10.58 -62.90 78.46
N ALA C 7 9.78 -61.85 78.55
CA ALA C 7 9.28 -61.35 79.83
C ALA C 7 8.47 -62.41 80.56
N LEU C 8 7.59 -63.10 79.85
CA LEU C 8 6.79 -64.17 80.46
C LEU C 8 7.71 -65.25 81.05
N LYS C 9 8.77 -65.62 80.33
CA LYS C 9 9.72 -66.62 80.80
C LYS C 9 10.43 -66.12 82.06
N ALA C 10 10.89 -64.88 82.05
CA ALA C 10 11.51 -64.27 83.23
C ALA C 10 10.54 -64.26 84.42
N LEU C 11 9.28 -63.91 84.18
CA LEU C 11 8.27 -63.91 85.22
C LEU C 11 8.09 -65.31 85.80
N GLN C 12 7.98 -66.33 84.95
CA GLN C 12 7.85 -67.68 85.46
C GLN C 12 9.08 -68.08 86.29
N ILE C 13 10.26 -67.68 85.84
CA ILE C 13 11.48 -67.91 86.64
C ILE C 13 11.35 -67.22 87.98
N LEU C 14 10.85 -65.98 88.04
CA LEU C 14 10.65 -65.29 89.30
C LEU C 14 9.70 -66.05 90.20
N VAL C 15 8.57 -66.50 89.68
CA VAL C 15 7.62 -67.30 90.46
C VAL C 15 8.29 -68.57 90.95
N ASN C 16 9.05 -69.25 90.10
CA ASN C 16 9.76 -70.45 90.51
C ASN C 16 10.77 -70.14 91.62
N ALA C 17 11.52 -69.06 91.51
CA ALA C 17 12.48 -68.68 92.53
C ALA C 17 11.75 -68.41 93.86
N ALA C 18 10.63 -67.69 93.80
CA ALA C 18 9.84 -67.43 94.98
C ALA C 18 9.35 -68.75 95.60
N TYR C 19 8.93 -69.72 94.79
CA TYR C 19 8.50 -71.01 95.28
C TYR C 19 9.62 -71.70 96.07
N VAL C 20 10.85 -71.69 95.55
CA VAL C 20 11.97 -72.31 96.28
C VAL C 20 12.19 -71.61 97.62
N LEU C 21 12.20 -70.27 97.63
CA LEU C 21 12.38 -69.52 98.86
C LEU C 21 11.30 -69.89 99.89
N ALA C 22 10.05 -69.99 99.44
CA ALA C 22 8.95 -70.34 100.31
C ALA C 22 9.17 -71.74 100.92
N GLU C 23 9.51 -72.74 100.11
CA GLU C 23 9.72 -74.09 100.64
C GLU C 23 10.88 -74.14 101.64
N ILE C 24 11.93 -73.33 101.46
CA ILE C 24 13.00 -73.21 102.46
C ILE C 24 12.40 -72.68 103.77
N ALA C 25 11.69 -71.55 103.67
CA ALA C 25 11.12 -70.90 104.84
C ALA C 25 10.12 -71.78 105.59
N ARG C 26 9.36 -72.64 104.90
CA ARG C 26 8.33 -73.48 105.52
C ARG C 26 8.85 -74.55 106.48
N ASP C 27 10.15 -74.83 106.46
CA ASP C 27 10.80 -75.49 107.60
C ASP C 27 11.63 -74.53 108.46
N ARG C 28 12.37 -73.60 107.84
CA ARG C 28 13.34 -72.75 108.55
C ARG C 28 12.71 -71.75 109.55
N GLY C 29 11.48 -71.30 109.30
CA GLY C 29 10.76 -70.40 110.21
C GLY C 29 11.33 -68.98 110.27
N ASN C 30 11.34 -68.28 109.15
CA ASN C 30 11.65 -66.84 109.11
C ASN C 30 10.66 -66.06 108.22
N GLU C 31 10.11 -64.98 108.77
CA GLU C 31 9.10 -64.16 108.10
C GLU C 31 9.67 -63.30 106.98
N GLU C 32 10.90 -62.80 107.09
CA GLU C 32 11.48 -61.96 106.03
C GLU C 32 11.66 -62.73 104.72
N LEU C 33 12.00 -64.02 104.78
CA LEU C 33 12.00 -64.87 103.60
C LEU C 33 10.61 -64.88 102.96
N LEU C 34 9.58 -65.14 103.76
CA LEU C 34 8.21 -65.18 103.24
C LEU C 34 7.81 -63.82 102.66
N GLU C 35 8.11 -62.76 103.37
CA GLU C 35 7.81 -61.40 102.92
C GLU C 35 8.48 -61.12 101.58
N LYS C 36 9.77 -61.43 101.45
CA LYS C 36 10.46 -61.21 100.18
C LYS C 36 9.87 -62.08 99.07
N ALA C 37 9.60 -63.35 99.34
CA ALA C 37 8.97 -64.23 98.36
C ALA C 37 7.63 -63.65 97.91
N ALA C 38 6.82 -63.18 98.85
CA ALA C 38 5.55 -62.56 98.53
C ALA C 38 5.76 -61.31 97.67
N ARG C 39 6.72 -60.44 98.03
CA ARG C 39 7.02 -59.23 97.25
C ARG C 39 7.46 -59.57 95.83
N LEU C 40 8.27 -60.61 95.67
CA LEU C 40 8.68 -61.10 94.36
C LEU C 40 7.45 -61.52 93.56
N ALA C 41 6.59 -62.34 94.14
CA ALA C 41 5.38 -62.78 93.47
C ALA C 41 4.47 -61.60 93.13
N GLU C 42 4.30 -60.64 94.03
CA GLU C 42 3.44 -59.48 93.81
C GLU C 42 3.93 -58.65 92.63
N GLU C 43 5.22 -58.32 92.58
CA GLU C 43 5.77 -57.57 91.45
C GLU C 43 5.56 -58.34 90.15
N ALA C 44 5.81 -59.65 90.16
CA ALA C 44 5.57 -60.47 89.00
C ALA C 44 4.09 -60.43 88.58
N ALA C 45 3.16 -60.50 89.53
CA ALA C 45 1.73 -60.40 89.24
C ALA C 45 1.38 -59.04 88.62
N ARG C 46 1.92 -57.95 89.17
CA ARG C 46 1.72 -56.60 88.64
C ARG C 46 2.22 -56.50 87.20
N GLN C 47 3.41 -57.00 86.93
CA GLN C 47 3.94 -57.06 85.56
C GLN C 47 3.04 -57.89 84.64
N ALA C 48 2.68 -59.10 85.06
CA ALA C 48 1.87 -60.00 84.25
C ALA C 48 0.49 -59.43 83.92
N GLU C 49 -0.18 -58.78 84.88
CA GLU C 49 -1.48 -58.15 84.61
C GLU C 49 -1.35 -57.06 83.54
N ARG C 50 -0.36 -56.17 83.68
CA ARG C 50 -0.11 -55.10 82.71
C ARG C 50 0.14 -55.68 81.31
N ILE C 51 0.97 -56.73 81.23
CA ILE C 51 1.22 -57.43 79.97
C ILE C 51 -0.08 -58.00 79.41
N ALA C 52 -0.89 -58.67 80.22
CA ALA C 52 -2.15 -59.27 79.77
C ALA C 52 -3.11 -58.21 79.20
N ARG C 53 -3.23 -57.07 79.88
CA ARG C 53 -4.03 -55.94 79.40
C ARG C 53 -3.58 -55.47 78.02
N GLN C 54 -2.29 -55.26 77.84
CA GLN C 54 -1.74 -54.85 76.54
C GLN C 54 -1.88 -55.95 75.47
N ALA C 55 -1.60 -57.20 75.82
CA ALA C 55 -1.67 -58.32 74.89
C ALA C 55 -3.08 -58.48 74.31
N ARG C 56 -4.11 -58.23 75.12
CA ARG C 56 -5.48 -58.21 74.62
C ARG C 56 -5.70 -57.09 73.60
N LYS C 57 -5.13 -55.91 73.82
CA LYS C 57 -5.19 -54.80 72.83
C LYS C 57 -4.49 -55.17 71.53
N GLU C 58 -3.34 -55.82 71.63
CA GLU C 58 -2.60 -56.30 70.46
C GLU C 58 -3.22 -57.54 69.80
N GLY C 59 -4.11 -58.24 70.51
CA GLY C 59 -4.79 -59.42 70.02
C GLY C 59 -3.96 -60.71 70.03
N ASN C 60 -2.87 -60.78 70.81
CA ASN C 60 -2.13 -62.04 70.99
C ASN C 60 -2.66 -62.81 72.22
N LEU C 61 -3.68 -63.61 71.99
CA LEU C 61 -4.32 -64.41 73.03
C LEU C 61 -3.37 -65.47 73.61
N GLU C 62 -2.39 -65.97 72.86
CA GLU C 62 -1.46 -66.96 73.39
C GLU C 62 -0.53 -66.38 74.45
N LEU C 63 0.00 -65.18 74.22
CA LEU C 63 0.74 -64.47 75.25
C LEU C 63 -0.16 -64.22 76.45
N ALA C 64 -1.39 -63.76 76.23
CA ALA C 64 -2.32 -63.50 77.32
C ALA C 64 -2.57 -64.76 78.16
N LEU C 65 -2.89 -65.90 77.54
CA LEU C 65 -3.16 -67.12 78.31
C LEU C 65 -1.88 -67.60 79.00
N LYS C 66 -0.70 -67.43 78.39
CA LYS C 66 0.54 -67.77 79.07
C LYS C 66 0.74 -66.88 80.31
N ALA C 67 0.48 -65.59 80.20
CA ALA C 67 0.49 -64.69 81.35
C ALA C 67 -0.52 -65.14 82.41
N LEU C 68 -1.71 -65.56 82.01
CA LEU C 68 -2.68 -66.11 82.94
C LEU C 68 -2.14 -67.38 83.60
N GLN C 69 -1.46 -68.26 82.87
CA GLN C 69 -0.83 -69.43 83.45
C GLN C 69 0.15 -69.02 84.55
N ILE C 70 0.99 -68.04 84.25
CA ILE C 70 1.91 -67.48 85.23
C ILE C 70 1.11 -66.94 86.42
N LEU C 71 0.06 -66.18 86.19
CA LEU C 71 -0.72 -65.62 87.28
C LEU C 71 -1.30 -66.72 88.16
N VAL C 72 -1.81 -67.79 87.57
CA VAL C 72 -2.35 -68.92 88.32
C VAL C 72 -1.25 -69.55 89.17
N ASN C 73 -0.07 -69.74 88.59
CA ASN C 73 1.06 -70.24 89.35
C ASN C 73 1.41 -69.29 90.49
N ALA C 74 1.47 -67.98 90.22
CA ALA C 74 1.78 -66.98 91.23
C ALA C 74 0.75 -67.00 92.36
N ALA C 75 -0.53 -67.12 92.01
CA ALA C 75 -1.57 -67.25 92.99
C ALA C 75 -1.34 -68.51 93.83
N TYR C 76 -1.00 -69.63 93.20
CA TYR C 76 -0.74 -70.87 93.93
C TYR C 76 0.39 -70.69 94.93
N VAL C 77 1.49 -70.07 94.51
CA VAL C 77 2.60 -69.78 95.43
C VAL C 77 2.13 -68.86 96.55
N LEU C 78 1.44 -67.76 96.22
CA LEU C 78 0.99 -66.80 97.23
C LEU C 78 0.10 -67.50 98.26
N ALA C 79 -0.81 -68.34 97.81
CA ALA C 79 -1.68 -69.11 98.68
C ALA C 79 -0.86 -70.06 99.55
N GLU C 80 0.06 -70.82 98.96
CA GLU C 80 0.91 -71.76 99.69
C GLU C 80 1.75 -71.04 100.76
N ILE C 81 2.20 -69.81 100.50
CA ILE C 81 2.82 -68.98 101.53
C ILE C 81 1.78 -68.66 102.60
N ALA C 82 0.69 -68.03 102.17
CA ALA C 82 -0.23 -67.36 103.08
C ALA C 82 -0.89 -68.33 104.06
N ARG C 83 -1.19 -69.56 103.63
CA ARG C 83 -1.80 -70.59 104.49
C ARG C 83 -0.92 -70.93 105.70
N ASP C 84 0.39 -70.92 105.52
CA ASP C 84 1.34 -71.19 106.60
C ASP C 84 1.66 -69.91 107.38
N ARG C 85 1.71 -68.76 106.70
CA ARG C 85 1.86 -67.45 107.35
C ARG C 85 0.68 -67.08 108.25
N GLY C 86 -0.48 -67.68 108.00
CA GLY C 86 -1.73 -67.36 108.71
C GLY C 86 -2.34 -66.02 108.31
N ASN C 87 -1.91 -65.43 107.19
CA ASN C 87 -2.38 -64.13 106.75
C ASN C 87 -3.58 -64.24 105.80
N GLU C 88 -4.79 -64.08 106.33
CA GLU C 88 -6.00 -64.18 105.51
C GLU C 88 -6.12 -63.04 104.49
N GLU C 89 -5.49 -61.89 104.71
CA GLU C 89 -5.53 -60.78 103.76
C GLU C 89 -4.84 -61.17 102.44
N LEU C 90 -3.70 -61.85 102.53
CA LEU C 90 -3.05 -62.42 101.35
C LEU C 90 -3.92 -63.53 100.75
N LEU C 91 -4.56 -64.39 101.55
CA LEU C 91 -5.47 -65.40 101.02
C LEU C 91 -6.61 -64.74 100.24
N GLU C 92 -7.21 -63.68 100.78
CA GLU C 92 -8.24 -62.93 100.10
C GLU C 92 -7.70 -62.27 98.83
N TYR C 93 -6.54 -61.63 98.89
CA TYR C 93 -5.93 -61.00 97.73
C TYR C 93 -5.67 -62.03 96.62
N ALA C 94 -5.14 -63.20 96.97
CA ALA C 94 -4.96 -64.31 96.05
C ALA C 94 -6.29 -64.81 95.50
N ALA C 95 -7.33 -64.97 96.33
CA ALA C 95 -8.63 -65.41 95.85
C ALA C 95 -9.23 -64.42 94.86
N ARG C 96 -9.15 -63.12 95.16
CA ARG C 96 -9.60 -62.03 94.28
C ARG C 96 -8.86 -62.10 92.94
N LEU C 97 -7.53 -62.18 92.99
CA LEU C 97 -6.72 -62.35 91.80
C LEU C 97 -7.15 -63.59 91.00
N ALA C 98 -7.30 -64.73 91.66
CA ALA C 98 -7.60 -65.99 90.99
C ALA C 98 -8.98 -65.97 90.34
N GLU C 99 -10.00 -65.44 91.03
CA GLU C 99 -11.31 -65.29 90.41
C GLU C 99 -11.23 -64.34 89.21
N GLU C 100 -10.59 -63.19 89.35
CA GLU C 100 -10.45 -62.25 88.23
C GLU C 100 -9.72 -62.89 87.06
N ALA C 101 -8.65 -63.62 87.33
CA ALA C 101 -7.93 -64.35 86.30
C ALA C 101 -8.85 -65.36 85.62
N ALA C 102 -9.67 -66.09 86.39
CA ALA C 102 -10.63 -67.01 85.80
C ALA C 102 -11.59 -66.26 84.86
N ARG C 103 -12.12 -65.10 85.29
CA ARG C 103 -12.98 -64.26 84.45
C ARG C 103 -12.27 -63.90 83.16
N GLN C 104 -11.07 -63.35 83.25
CA GLN C 104 -10.31 -62.96 82.09
C GLN C 104 -10.03 -64.16 81.18
N ALA C 105 -9.70 -65.31 81.74
CA ALA C 105 -9.45 -66.51 80.97
C ALA C 105 -10.73 -67.00 80.26
N ILE C 106 -11.88 -66.86 80.90
CA ILE C 106 -13.15 -67.15 80.23
C ILE C 106 -13.38 -66.15 79.09
N GLU C 107 -13.07 -64.86 79.27
CA GLU C 107 -13.16 -63.90 78.17
C GLU C 107 -12.29 -64.31 76.99
N ILE C 108 -11.05 -64.75 77.26
CA ILE C 108 -10.16 -65.28 76.23
C ILE C 108 -10.84 -66.48 75.56
N TRP C 109 -11.34 -67.44 76.34
CA TRP C 109 -11.96 -68.65 75.81
C TRP C 109 -13.16 -68.32 74.92
N ALA C 110 -13.98 -67.36 75.33
CA ALA C 110 -15.12 -66.91 74.56
C ALA C 110 -14.69 -66.30 73.23
N GLN C 111 -13.70 -65.41 73.23
CA GLN C 111 -13.21 -64.83 71.97
C GLN C 111 -12.64 -65.92 71.06
N ALA C 112 -11.85 -66.84 71.62
CA ALA C 112 -11.28 -67.95 70.87
C ALA C 112 -12.38 -68.85 70.26
N MET C 113 -13.47 -69.11 70.99
CA MET C 113 -14.61 -69.85 70.47
C MET C 113 -15.31 -69.08 69.34
N GLU C 114 -15.52 -67.78 69.50
CA GLU C 114 -16.18 -66.96 68.49
C GLU C 114 -15.32 -66.84 67.21
N GLU C 115 -14.00 -66.82 67.33
CA GLU C 115 -13.10 -66.81 66.17
C GLU C 115 -12.94 -68.19 65.53
N GLY C 116 -12.60 -69.22 66.30
CA GLY C 116 -12.50 -70.62 65.85
C GLY C 116 -11.14 -71.31 66.05
N ASN C 117 -10.16 -70.63 66.65
CA ASN C 117 -8.84 -71.21 66.92
C ASN C 117 -8.91 -72.25 68.06
N GLN C 118 -9.01 -73.52 67.69
CA GLN C 118 -9.19 -74.60 68.65
C GLN C 118 -7.98 -74.75 69.58
N GLN C 119 -6.80 -74.39 69.10
CA GLN C 119 -5.58 -74.47 69.88
C GLN C 119 -5.66 -73.50 71.06
N LEU C 120 -6.14 -72.28 70.83
CA LEU C 120 -6.43 -71.36 71.92
C LEU C 120 -7.50 -71.95 72.84
N ARG C 121 -8.56 -72.57 72.30
CA ARG C 121 -9.62 -73.17 73.11
C ARG C 121 -9.04 -74.15 74.13
N THR C 122 -8.26 -75.13 73.66
CA THR C 122 -7.69 -76.13 74.56
C THR C 122 -6.76 -75.47 75.57
N LYS C 123 -5.86 -74.59 75.12
CA LYS C 123 -4.89 -73.94 75.99
C LYS C 123 -5.59 -73.13 77.08
N ALA C 124 -6.54 -72.29 76.69
CA ALA C 124 -7.31 -71.50 77.64
C ALA C 124 -8.03 -72.41 78.63
N ALA C 125 -8.65 -73.50 78.16
CA ALA C 125 -9.31 -74.43 79.06
C ALA C 125 -8.34 -75.00 80.09
N HIS C 126 -7.13 -75.40 79.70
CA HIS C 126 -6.14 -75.87 80.66
C HIS C 126 -5.86 -74.80 81.71
N ILE C 127 -5.66 -73.56 81.27
CA ILE C 127 -5.41 -72.43 82.18
C ILE C 127 -6.58 -72.26 83.14
N ILE C 128 -7.81 -72.27 82.63
CA ILE C 128 -8.99 -72.10 83.49
C ILE C 128 -9.06 -73.23 84.50
N LEU C 129 -8.87 -74.48 84.05
CA LEU C 129 -8.91 -75.64 84.92
C LEU C 129 -7.88 -75.53 86.03
N ARG C 130 -6.65 -75.11 85.72
CA ARG C 130 -5.66 -74.83 86.76
C ARG C 130 -6.13 -73.75 87.72
N ALA C 131 -6.71 -72.65 87.20
CA ALA C 131 -7.21 -71.59 88.07
C ALA C 131 -8.25 -72.12 89.05
N ALA C 132 -9.21 -72.89 88.53
CA ALA C 132 -10.24 -73.49 89.36
C ALA C 132 -9.63 -74.46 90.40
N GLU C 133 -8.60 -75.22 90.02
CA GLU C 133 -7.89 -76.06 90.98
C GLU C 133 -7.24 -75.22 92.08
N VAL C 134 -6.61 -74.10 91.74
CA VAL C 134 -6.02 -73.20 92.73
C VAL C 134 -7.09 -72.61 93.64
N LEU C 135 -8.25 -72.24 93.11
CA LEU C 135 -9.35 -71.79 93.96
C LEU C 135 -9.73 -72.88 94.96
N LEU C 136 -9.81 -74.14 94.50
CA LEU C 136 -10.11 -75.27 95.38
C LEU C 136 -9.05 -75.40 96.48
N GLU C 137 -7.77 -75.32 96.13
CA GLU C 137 -6.72 -75.35 97.15
C GLU C 137 -6.89 -74.21 98.16
N ILE C 138 -7.18 -72.99 97.69
CA ILE C 138 -7.41 -71.83 98.57
C ILE C 138 -8.55 -72.12 99.53
N ALA C 139 -9.63 -72.70 99.02
CA ALA C 139 -10.77 -73.09 99.84
C ALA C 139 -10.47 -74.23 100.81
N ARG C 140 -9.62 -75.20 100.43
CA ARG C 140 -9.57 -76.54 101.02
C ARG C 140 -9.38 -76.51 102.53
N ASP C 141 -8.37 -75.80 103.01
CA ASP C 141 -8.12 -75.68 104.45
C ASP C 141 -9.04 -74.63 105.11
N ARG C 142 -9.36 -73.55 104.39
CA ARG C 142 -10.14 -72.42 104.92
C ARG C 142 -11.62 -72.74 105.17
N GLY C 143 -12.18 -73.72 104.47
CA GLY C 143 -13.49 -74.32 104.75
C GLY C 143 -14.72 -73.51 104.31
N ASN C 144 -14.56 -72.40 103.58
CA ASN C 144 -15.69 -71.62 103.11
C ASN C 144 -16.48 -72.35 102.00
N GLN C 145 -17.72 -72.75 102.30
CA GLN C 145 -18.52 -73.51 101.35
C GLN C 145 -18.95 -72.71 100.12
N GLU C 146 -19.15 -71.40 100.19
CA GLU C 146 -19.50 -70.63 98.99
C GLU C 146 -18.40 -70.68 97.95
N LEU C 147 -17.14 -70.53 98.37
CA LEU C 147 -16.02 -70.71 97.48
C LEU C 147 -15.94 -72.16 96.99
N LEU C 148 -16.18 -73.16 97.84
CA LEU C 148 -16.20 -74.55 97.38
C LEU C 148 -17.27 -74.79 96.32
N GLU C 149 -18.42 -74.15 96.47
CA GLU C 149 -19.45 -74.17 95.44
C GLU C 149 -18.94 -73.50 94.16
N LYS C 150 -18.36 -72.30 94.25
CA LYS C 150 -17.80 -71.62 93.07
C LYS C 150 -16.82 -72.51 92.36
N ALA C 151 -15.88 -73.10 93.09
CA ALA C 151 -14.89 -73.99 92.52
C ALA C 151 -15.58 -75.17 91.84
N ALA C 152 -16.41 -75.93 92.56
CA ALA C 152 -17.04 -77.13 92.01
C ALA C 152 -17.81 -76.80 90.73
N SER C 153 -18.69 -75.80 90.81
CA SER C 153 -19.53 -75.39 89.70
C SER C 153 -18.68 -74.92 88.51
N LEU C 154 -17.69 -74.06 88.73
CA LEU C 154 -16.82 -73.61 87.64
C LEU C 154 -16.08 -74.80 87.02
N VAL C 155 -15.54 -75.71 87.84
CA VAL C 155 -14.81 -76.87 87.32
C VAL C 155 -15.70 -77.67 86.39
N ASP C 156 -16.85 -78.10 86.88
CA ASP C 156 -17.69 -78.97 86.06
C ASP C 156 -18.23 -78.22 84.84
N ALA C 157 -18.56 -76.93 84.99
CA ALA C 157 -19.03 -76.12 83.88
C ALA C 157 -17.97 -76.00 82.79
N VAL C 158 -16.72 -75.68 83.16
CA VAL C 158 -15.63 -75.63 82.18
C VAL C 158 -15.45 -76.99 81.53
N ALA C 159 -15.55 -78.07 82.29
CA ALA C 159 -15.50 -79.41 81.72
C ALA C 159 -16.63 -79.61 80.70
N ALA C 160 -17.84 -79.15 80.99
CA ALA C 160 -18.90 -79.17 80.01
C ALA C 160 -18.54 -78.32 78.78
N LEU C 161 -17.94 -77.13 78.94
CA LEU C 161 -17.54 -76.30 77.80
C LEU C 161 -16.63 -77.08 76.85
N GLN C 162 -15.63 -77.75 77.40
CA GLN C 162 -14.77 -78.64 76.63
C GLN C 162 -15.57 -79.79 76.00
N GLN C 163 -16.36 -80.49 76.81
CA GLN C 163 -17.09 -81.69 76.41
C GLN C 163 -18.03 -81.40 75.23
N ALA C 164 -18.75 -80.28 75.33
CA ALA C 164 -19.62 -79.78 74.27
C ALA C 164 -18.82 -79.36 73.04
N ALA C 165 -17.72 -78.64 73.20
CA ALA C 165 -16.91 -78.24 72.06
C ALA C 165 -16.43 -79.47 71.28
N ALA C 166 -15.97 -80.50 71.99
CA ALA C 166 -15.59 -81.76 71.36
C ALA C 166 -16.77 -82.37 70.60
N ALA C 167 -17.94 -82.44 71.24
CA ALA C 167 -19.15 -82.93 70.58
C ALA C 167 -19.47 -82.16 69.29
N ILE C 168 -19.30 -80.84 69.30
CA ILE C 168 -19.55 -80.01 68.11
C ILE C 168 -18.62 -80.45 66.97
N LEU C 169 -17.33 -80.59 67.23
CA LEU C 169 -16.40 -81.04 66.19
C LEU C 169 -16.71 -82.47 65.74
N GLU C 170 -17.11 -83.33 66.67
CA GLU C 170 -17.53 -84.70 66.35
C GLU C 170 -18.82 -84.76 65.52
N GLY C 171 -19.67 -83.75 65.65
CA GLY C 171 -20.99 -83.68 64.99
C GLY C 171 -22.12 -84.39 65.74
N ASP C 172 -21.88 -84.98 66.91
CA ASP C 172 -22.96 -85.55 67.74
C ASP C 172 -23.71 -84.44 68.48
N VAL C 173 -24.73 -83.90 67.81
CA VAL C 173 -25.56 -82.85 68.37
C VAL C 173 -26.35 -83.32 69.59
N GLU C 174 -26.70 -84.60 69.70
CA GLU C 174 -27.39 -85.10 70.89
C GLU C 174 -26.49 -85.00 72.12
N LYS C 175 -25.22 -85.41 71.97
CA LYS C 175 -24.21 -85.17 72.99
C LYS C 175 -24.11 -83.68 73.30
N ALA C 176 -24.13 -82.81 72.28
CA ALA C 176 -24.06 -81.36 72.49
C ALA C 176 -25.23 -80.85 73.33
N VAL C 177 -26.45 -81.33 73.08
CA VAL C 177 -27.60 -81.03 73.94
C VAL C 177 -27.36 -81.54 75.36
N ARG C 178 -27.03 -82.83 75.49
CA ARG C 178 -26.89 -83.48 76.80
C ARG C 178 -25.93 -82.73 77.70
N ALA C 179 -24.78 -82.36 77.15
CA ALA C 179 -23.80 -81.53 77.83
C ALA C 179 -24.37 -80.15 78.14
N ALA C 180 -24.95 -79.45 77.16
CA ALA C 180 -25.39 -78.08 77.32
C ALA C 180 -26.37 -77.94 78.49
N GLN C 181 -27.25 -78.92 78.67
CA GLN C 181 -28.22 -78.91 79.76
C GLN C 181 -27.52 -78.83 81.12
N GLU C 182 -26.56 -79.69 81.37
CA GLU C 182 -25.80 -79.59 82.62
C GLU C 182 -24.99 -78.29 82.65
N ALA C 183 -24.46 -77.85 81.51
CA ALA C 183 -23.63 -76.66 81.45
C ALA C 183 -24.42 -75.46 81.96
N VAL C 184 -25.62 -75.26 81.42
CA VAL C 184 -26.47 -74.19 81.94
C VAL C 184 -26.87 -74.47 83.39
N LYS C 185 -27.14 -75.73 83.78
CA LYS C 185 -27.49 -76.05 85.17
C LYS C 185 -26.45 -75.50 86.13
N ALA C 186 -25.18 -75.81 85.86
CA ALA C 186 -24.09 -75.26 86.64
C ALA C 186 -24.02 -73.74 86.51
N ALA C 187 -24.00 -73.20 85.29
CA ALA C 187 -23.78 -71.77 85.07
C ALA C 187 -24.84 -70.91 85.78
N LYS C 188 -26.09 -71.37 85.77
CA LYS C 188 -27.22 -70.73 86.43
C LYS C 188 -27.12 -70.81 87.95
N GLU C 189 -26.69 -71.95 88.49
CA GLU C 189 -26.43 -72.09 89.92
C GLU C 189 -25.27 -71.20 90.37
N ALA C 190 -24.26 -71.02 89.52
CA ALA C 190 -23.09 -70.20 89.81
C ALA C 190 -23.39 -68.70 89.73
N GLY C 191 -24.19 -68.28 88.76
CA GLY C 191 -24.49 -66.86 88.55
C GLY C 191 -23.28 -66.02 88.10
N ASP C 192 -22.23 -66.64 87.56
CA ASP C 192 -21.16 -65.90 86.89
C ASP C 192 -21.60 -65.48 85.49
N ASN C 193 -21.79 -64.18 85.30
CA ASN C 193 -22.25 -63.61 84.03
C ASN C 193 -21.33 -64.00 82.86
N ASP C 194 -20.03 -64.10 83.09
CA ASP C 194 -19.14 -64.52 82.02
C ASP C 194 -19.28 -66.02 81.72
N MET C 195 -19.58 -66.86 82.72
CA MET C 195 -19.81 -68.28 82.47
C MET C 195 -21.05 -68.46 81.59
N LEU C 196 -22.11 -67.74 81.96
CA LEU C 196 -23.33 -67.72 81.17
C LEU C 196 -23.06 -67.16 79.75
N ARG C 197 -22.28 -66.09 79.64
CA ARG C 197 -21.86 -65.50 78.36
C ARG C 197 -21.13 -66.51 77.50
N ALA C 198 -20.18 -67.26 78.07
CA ALA C 198 -19.43 -68.26 77.34
C ALA C 198 -20.36 -69.37 76.83
N VAL C 199 -21.20 -69.92 77.71
CA VAL C 199 -22.17 -70.95 77.31
C VAL C 199 -23.02 -70.44 76.15
N ALA C 200 -23.52 -69.21 76.26
CA ALA C 200 -24.35 -68.61 75.23
C ALA C 200 -23.59 -68.47 73.89
N ILE C 201 -22.35 -68.00 73.93
CA ILE C 201 -21.54 -67.86 72.72
C ILE C 201 -21.34 -69.22 72.06
N ALA C 202 -21.12 -70.28 72.83
CA ALA C 202 -20.98 -71.62 72.27
C ALA C 202 -22.24 -72.05 71.52
N ALA C 203 -23.43 -71.72 72.03
CA ALA C 203 -24.67 -72.09 71.36
C ALA C 203 -24.76 -71.53 69.93
N LEU C 204 -24.14 -70.39 69.66
CA LEU C 204 -24.11 -69.83 68.30
C LEU C 204 -23.46 -70.80 67.32
N ARG C 205 -22.32 -71.40 67.70
CA ARG C 205 -21.68 -72.43 66.89
C ARG C 205 -22.62 -73.62 66.70
N ILE C 206 -23.32 -74.05 67.76
CA ILE C 206 -24.24 -75.19 67.67
C ILE C 206 -25.28 -74.93 66.59
N ALA C 207 -25.87 -73.74 66.57
CA ALA C 207 -26.79 -73.38 65.51
C ALA C 207 -26.09 -73.41 64.13
N LYS C 208 -24.96 -72.71 63.99
CA LYS C 208 -24.23 -72.59 62.71
C LYS C 208 -23.92 -73.95 62.11
N GLU C 209 -23.53 -74.92 62.94
CA GLU C 209 -23.29 -76.28 62.46
C GLU C 209 -24.59 -77.06 62.26
N ALA C 210 -25.54 -76.98 63.18
CA ALA C 210 -26.78 -77.74 63.05
C ALA C 210 -27.56 -77.35 61.79
N GLU C 211 -27.43 -76.10 61.34
CA GLU C 211 -27.91 -75.67 60.03
C GLU C 211 -27.30 -76.51 58.91
N LYS C 212 -25.98 -76.67 58.91
CA LYS C 212 -25.27 -77.47 57.90
C LYS C 212 -25.68 -78.94 57.99
N GLN C 213 -25.89 -79.44 59.20
CA GLN C 213 -26.41 -80.79 59.42
C GLN C 213 -27.86 -80.93 58.95
N GLY C 214 -28.62 -79.84 58.92
CA GLY C 214 -30.03 -79.83 58.57
C GLY C 214 -30.94 -80.44 59.65
N ASN C 215 -30.41 -80.96 60.77
CA ASN C 215 -31.23 -81.48 61.86
C ASN C 215 -31.77 -80.33 62.72
N VAL C 216 -32.79 -79.67 62.21
CA VAL C 216 -33.48 -78.57 62.89
C VAL C 216 -34.09 -79.00 64.23
N GLU C 217 -34.51 -80.25 64.39
CA GLU C 217 -35.13 -80.72 65.63
C GLU C 217 -34.14 -80.61 66.79
N VAL C 218 -32.96 -81.21 66.61
CA VAL C 218 -31.94 -81.11 67.64
C VAL C 218 -31.42 -79.68 67.73
N ALA C 219 -31.37 -78.93 66.61
CA ALA C 219 -30.99 -77.53 66.64
C ALA C 219 -31.89 -76.72 67.58
N VAL C 220 -33.20 -76.89 67.50
CA VAL C 220 -34.14 -76.22 68.42
C VAL C 220 -33.95 -76.74 69.84
N LYS C 221 -33.85 -78.05 70.04
CA LYS C 221 -33.63 -78.62 71.38
C LYS C 221 -32.41 -78.00 72.05
N ALA C 222 -31.35 -77.74 71.29
CA ALA C 222 -30.17 -77.01 71.78
C ALA C 222 -30.47 -75.52 71.98
N ALA C 223 -31.01 -74.84 70.97
CA ALA C 223 -31.26 -73.40 71.01
C ALA C 223 -32.15 -73.01 72.19
N ARG C 224 -32.98 -73.94 72.69
CA ARG C 224 -33.79 -73.78 73.90
C ARG C 224 -33.01 -73.26 75.10
N VAL C 225 -31.72 -73.59 75.20
CA VAL C 225 -30.84 -73.08 76.25
C VAL C 225 -30.46 -71.62 76.01
N ALA C 226 -30.27 -71.22 74.75
CA ALA C 226 -29.56 -70.00 74.39
C ALA C 226 -30.17 -68.76 75.06
N VAL C 227 -31.49 -68.62 74.99
CA VAL C 227 -32.15 -67.48 75.60
C VAL C 227 -32.07 -67.53 77.13
N GLU C 228 -32.12 -68.71 77.74
CA GLU C 228 -32.05 -68.82 79.21
C GLU C 228 -30.75 -68.23 79.74
N ALA C 229 -29.65 -68.52 79.06
CA ALA C 229 -28.38 -67.90 79.37
C ALA C 229 -28.39 -66.42 78.99
N ALA C 230 -28.81 -66.09 77.78
CA ALA C 230 -28.71 -64.72 77.27
C ALA C 230 -29.51 -63.73 78.14
N LYS C 231 -30.63 -64.18 78.71
CA LYS C 231 -31.45 -63.39 79.63
C LYS C 231 -30.68 -62.97 80.89
N GLN C 232 -29.71 -63.76 81.31
CA GLN C 232 -28.81 -63.34 82.39
C GLN C 232 -27.80 -62.29 81.89
N ALA C 233 -27.15 -62.57 80.75
CA ALA C 233 -25.97 -61.83 80.29
C ALA C 233 -26.27 -60.46 79.65
N GLY C 234 -27.35 -60.36 78.89
CA GLY C 234 -27.78 -59.09 78.26
C GLY C 234 -26.96 -58.62 77.05
N ASP C 235 -26.19 -59.50 76.40
CA ASP C 235 -25.46 -59.13 75.18
C ASP C 235 -26.39 -59.03 73.97
N ASN C 236 -26.72 -57.80 73.57
CA ASN C 236 -27.67 -57.55 72.50
C ASN C 236 -27.24 -58.18 71.18
N ASP C 237 -25.95 -58.13 70.85
CA ASP C 237 -25.44 -58.74 69.63
C ASP C 237 -25.68 -60.25 69.63
N VAL C 238 -25.47 -60.90 70.76
CA VAL C 238 -25.71 -62.34 70.91
C VAL C 238 -27.19 -62.62 70.72
N LEU C 239 -28.07 -61.87 71.39
CA LEU C 239 -29.51 -62.03 71.19
C LEU C 239 -29.90 -61.85 69.71
N ARG C 240 -29.31 -60.87 69.03
CA ARG C 240 -29.59 -60.59 67.62
C ARG C 240 -29.15 -61.74 66.72
N LYS C 241 -27.94 -62.25 66.93
CA LYS C 241 -27.45 -63.45 66.26
C LYS C 241 -28.38 -64.64 66.53
N VAL C 242 -28.78 -64.85 67.78
CA VAL C 242 -29.68 -65.95 68.15
C VAL C 242 -30.99 -65.86 67.40
N ALA C 243 -31.62 -64.69 67.38
CA ALA C 243 -32.88 -64.52 66.66
C ALA C 243 -32.70 -64.81 65.16
N GLU C 244 -31.65 -64.27 64.54
CA GLU C 244 -31.35 -64.55 63.14
C GLU C 244 -31.24 -66.05 62.87
N GLN C 245 -30.46 -66.76 63.67
CA GLN C 245 -30.34 -68.20 63.52
C GLN C 245 -31.68 -68.90 63.76
N ALA C 246 -32.47 -68.51 64.76
CA ALA C 246 -33.75 -69.15 65.02
C ALA C 246 -34.69 -69.01 63.82
N LEU C 247 -34.70 -67.84 63.18
CA LEU C 247 -35.47 -67.61 61.98
C LEU C 247 -34.90 -68.37 60.78
N ARG C 248 -33.58 -68.42 60.62
CA ARG C 248 -32.97 -69.26 59.58
C ARG C 248 -33.40 -70.71 59.77
N ILE C 249 -33.35 -71.19 61.01
CA ILE C 249 -33.79 -72.53 61.37
C ILE C 249 -35.25 -72.71 60.99
N ALA C 250 -36.11 -71.72 61.26
CA ALA C 250 -37.48 -71.78 60.80
C ALA C 250 -37.58 -71.85 59.26
N LYS C 251 -36.81 -71.04 58.51
CA LYS C 251 -36.81 -71.09 57.04
C LYS C 251 -36.48 -72.49 56.55
N GLU C 252 -35.48 -73.11 57.14
CA GLU C 252 -35.14 -74.47 56.78
C GLU C 252 -36.24 -75.44 57.20
N ALA C 253 -36.79 -75.31 58.40
CA ALA C 253 -37.86 -76.18 58.87
C ALA C 253 -39.10 -76.11 57.97
N GLU C 254 -39.42 -74.92 57.46
CA GLU C 254 -40.44 -74.75 56.42
C GLU C 254 -40.06 -75.46 55.13
N LYS C 255 -38.81 -75.34 54.68
CA LYS C 255 -38.35 -76.04 53.48
C LYS C 255 -38.40 -77.56 53.66
N GLN C 256 -38.18 -78.02 54.88
CA GLN C 256 -38.36 -79.41 55.30
C GLN C 256 -39.82 -79.74 55.65
N GLY C 257 -40.74 -78.78 55.55
CA GLY C 257 -42.15 -78.95 55.90
C GLY C 257 -42.42 -79.20 57.38
N ASN C 258 -41.41 -79.20 58.25
CA ASN C 258 -41.59 -79.37 59.68
C ASN C 258 -41.98 -78.04 60.33
N VAL C 259 -43.20 -77.61 60.06
CA VAL C 259 -43.78 -76.42 60.68
C VAL C 259 -43.85 -76.53 62.21
N GLU C 260 -43.93 -77.74 62.76
CA GLU C 260 -44.01 -77.95 64.20
C GLU C 260 -42.71 -77.53 64.88
N VAL C 261 -41.58 -77.96 64.33
CA VAL C 261 -40.27 -77.45 64.73
C VAL C 261 -40.17 -75.97 64.40
N ALA C 262 -40.63 -75.54 63.23
CA ALA C 262 -40.52 -74.13 62.84
C ALA C 262 -41.18 -73.21 63.86
N VAL C 263 -42.40 -73.51 64.31
CA VAL C 263 -43.11 -72.64 65.27
C VAL C 263 -42.44 -72.67 66.63
N LYS C 264 -41.88 -73.80 67.04
CA LYS C 264 -41.08 -73.84 68.26
C LYS C 264 -39.80 -73.01 68.11
N ALA C 265 -39.16 -73.02 66.95
CA ALA C 265 -38.03 -72.12 66.67
C ALA C 265 -38.45 -70.65 66.80
N ALA C 266 -39.63 -70.30 66.30
CA ALA C 266 -40.20 -68.98 66.52
C ALA C 266 -40.49 -68.71 68.01
N ARG C 267 -40.97 -69.70 68.79
CA ARG C 267 -41.19 -69.52 70.23
C ARG C 267 -39.92 -69.14 70.97
N VAL C 268 -38.78 -69.69 70.56
CA VAL C 268 -37.48 -69.24 71.05
C VAL C 268 -37.20 -67.83 70.54
N ALA C 269 -37.32 -67.60 69.23
CA ALA C 269 -36.97 -66.32 68.61
C ALA C 269 -37.69 -65.15 69.26
N VAL C 270 -38.99 -65.29 69.53
CA VAL C 270 -39.78 -64.23 70.16
C VAL C 270 -39.30 -63.97 71.58
N GLU C 271 -38.94 -65.00 72.34
CA GLU C 271 -38.43 -64.77 73.69
C GLU C 271 -37.18 -63.89 73.64
N ALA C 272 -36.22 -64.26 72.79
CA ALA C 272 -34.96 -63.53 72.66
C ALA C 272 -35.20 -62.09 72.20
N ALA C 273 -36.03 -61.91 71.17
CA ALA C 273 -36.39 -60.60 70.67
C ALA C 273 -37.05 -59.75 71.77
N LYS C 274 -37.91 -60.37 72.59
CA LYS C 274 -38.62 -59.69 73.69
C LYS C 274 -37.65 -59.21 74.76
N GLN C 275 -36.68 -60.04 75.15
CA GLN C 275 -35.65 -59.60 76.08
C GLN C 275 -34.77 -58.49 75.47
N ALA C 276 -34.42 -58.62 74.19
CA ALA C 276 -33.57 -57.67 73.49
C ALA C 276 -34.24 -56.30 73.27
N GLY C 277 -35.52 -56.29 72.93
CA GLY C 277 -36.24 -55.09 72.48
C GLY C 277 -35.89 -54.64 71.06
N ASP C 278 -35.27 -55.49 70.24
CA ASP C 278 -34.95 -55.16 68.83
C ASP C 278 -36.22 -55.13 67.97
N ASN C 279 -36.76 -53.94 67.71
CA ASN C 279 -37.98 -53.78 66.92
C ASN C 279 -37.86 -54.40 65.53
N ASP C 280 -36.73 -54.21 64.84
CA ASP C 280 -36.55 -54.78 63.51
C ASP C 280 -36.58 -56.31 63.52
N VAL C 281 -36.01 -56.92 64.56
CA VAL C 281 -36.10 -58.35 64.77
C VAL C 281 -37.55 -58.73 65.03
N LEU C 282 -38.25 -58.03 65.92
CA LEU C 282 -39.67 -58.31 66.19
C LEU C 282 -40.51 -58.26 64.91
N ARG C 283 -40.24 -57.28 64.03
CA ARG C 283 -40.86 -57.23 62.70
C ARG C 283 -40.52 -58.47 61.89
N LYS C 284 -39.24 -58.79 61.75
CA LYS C 284 -38.81 -59.97 60.97
C LYS C 284 -39.38 -61.27 61.53
N VAL C 285 -39.56 -61.37 62.85
CA VAL C 285 -40.22 -62.51 63.49
C VAL C 285 -41.65 -62.62 62.99
N ALA C 286 -42.43 -61.53 63.07
CA ALA C 286 -43.79 -61.53 62.57
C ALA C 286 -43.84 -61.81 61.05
N ASP C 287 -42.92 -61.26 60.28
CA ASP C 287 -42.83 -61.51 58.83
C ASP C 287 -42.70 -63.00 58.57
N GLN C 288 -41.73 -63.64 59.21
CA GLN C 288 -41.55 -65.06 59.06
C GLN C 288 -42.75 -65.83 59.62
N ALA C 289 -43.35 -65.38 60.72
CA ALA C 289 -44.49 -66.05 61.31
C ALA C 289 -45.64 -66.17 60.31
N LEU C 290 -45.81 -65.17 59.43
CA LEU C 290 -46.79 -65.26 58.35
C LEU C 290 -46.41 -66.39 57.38
N GLU C 291 -45.14 -66.51 57.01
CA GLU C 291 -44.69 -67.65 56.21
C GLU C 291 -44.97 -68.98 56.92
N ILE C 292 -44.75 -69.05 58.23
CA ILE C 292 -45.06 -70.26 59.02
C ILE C 292 -46.56 -70.56 58.94
N ALA C 293 -47.41 -69.56 59.14
CA ALA C 293 -48.84 -69.74 59.01
C ALA C 293 -49.21 -70.20 57.59
N LYS C 294 -48.58 -69.64 56.56
CA LYS C 294 -48.80 -70.02 55.16
C LYS C 294 -48.46 -71.49 54.93
N ALA C 295 -47.32 -71.93 55.44
CA ALA C 295 -46.98 -73.34 55.40
C ALA C 295 -48.00 -74.19 56.18
N ALA C 296 -48.39 -73.79 57.38
CA ALA C 296 -49.35 -74.54 58.18
C ALA C 296 -50.71 -74.67 57.48
N LEU C 297 -51.16 -73.62 56.81
CA LEU C 297 -52.32 -73.65 55.94
C LEU C 297 -52.11 -74.64 54.80
N GLU C 298 -51.01 -74.53 54.08
CA GLU C 298 -50.71 -75.42 52.94
C GLU C 298 -50.64 -76.89 53.35
N GLN C 299 -50.16 -77.17 54.56
CA GLN C 299 -50.16 -78.50 55.14
C GLN C 299 -51.51 -78.92 55.74
N GLY C 300 -52.42 -77.97 55.98
CA GLY C 300 -53.63 -78.21 56.77
C GLY C 300 -53.35 -78.44 58.26
N ASP C 301 -52.15 -78.11 58.72
CA ASP C 301 -51.74 -78.19 60.13
C ASP C 301 -52.26 -76.98 60.91
N ILE C 302 -53.57 -76.80 60.92
CA ILE C 302 -54.14 -75.55 61.42
C ILE C 302 -53.99 -75.41 62.95
N ASP C 303 -53.82 -76.50 63.69
CA ASP C 303 -53.40 -76.39 65.09
C ASP C 303 -52.03 -75.71 65.19
N VAL C 304 -51.09 -76.07 64.32
CA VAL C 304 -49.79 -75.41 64.25
C VAL C 304 -49.95 -73.95 63.81
N ALA C 305 -50.87 -73.66 62.90
CA ALA C 305 -51.22 -72.28 62.61
C ALA C 305 -51.71 -71.57 63.89
N GLN C 306 -52.54 -72.20 64.72
CA GLN C 306 -52.98 -71.62 65.99
C GLN C 306 -51.78 -71.23 66.86
N LYS C 307 -50.80 -72.13 66.98
CA LYS C 307 -49.56 -71.80 67.68
C LYS C 307 -48.88 -70.61 67.01
N ALA C 308 -48.75 -70.62 65.69
CA ALA C 308 -48.08 -69.55 64.96
C ALA C 308 -48.77 -68.21 65.20
N MET C 309 -50.09 -68.20 65.30
CA MET C 309 -50.85 -67.02 65.68
C MET C 309 -50.52 -66.57 67.09
N ASP C 310 -50.53 -67.47 68.08
CA ASP C 310 -50.13 -67.10 69.44
C ASP C 310 -48.73 -66.48 69.49
N VAL C 311 -47.79 -67.08 68.78
CA VAL C 311 -46.41 -66.57 68.71
C VAL C 311 -46.36 -65.23 67.99
N ALA C 312 -47.08 -65.09 66.88
CA ALA C 312 -47.15 -63.82 66.18
C ALA C 312 -47.69 -62.73 67.08
N VAL C 313 -48.75 -63.01 67.86
CA VAL C 313 -49.28 -62.05 68.83
C VAL C 313 -48.21 -61.69 69.84
N GLU C 314 -47.60 -62.69 70.46
CA GLU C 314 -46.58 -62.45 71.48
C GLU C 314 -45.47 -61.55 70.94
N ALA C 315 -45.07 -61.71 69.67
CA ALA C 315 -44.08 -60.87 69.02
C ALA C 315 -44.62 -59.47 68.70
N LEU C 316 -45.71 -59.41 67.94
CA LEU C 316 -46.24 -58.16 67.40
C LEU C 316 -46.60 -57.20 68.52
N THR C 317 -47.19 -57.72 69.60
CA THR C 317 -47.61 -56.92 70.76
C THR C 317 -46.48 -56.17 71.46
N GLN C 318 -45.21 -56.52 71.24
CA GLN C 318 -44.09 -55.79 71.84
C GLN C 318 -43.79 -54.45 71.15
N ALA C 319 -44.31 -54.22 69.94
CA ALA C 319 -44.02 -53.02 69.15
C ALA C 319 -44.48 -51.73 69.84
N LEU D 4 64.97 24.17 64.30
CA LEU D 4 64.69 23.38 65.53
C LEU D 4 65.93 23.25 66.41
N GLU D 5 66.92 22.48 65.97
CA GLU D 5 68.05 22.05 66.82
C GLU D 5 68.83 23.18 67.49
N LEU D 6 68.99 24.30 66.80
CA LEU D 6 69.87 25.40 67.23
C LEU D 6 69.48 25.97 68.59
N ALA D 7 68.19 25.90 68.93
CA ALA D 7 67.69 26.43 70.19
C ALA D 7 68.43 25.80 71.38
N LEU D 8 68.63 24.49 71.35
CA LEU D 8 69.35 23.83 72.43
C LEU D 8 70.79 24.37 72.51
N LYS D 9 71.44 24.58 71.37
CA LYS D 9 72.81 25.08 71.31
C LYS D 9 72.87 26.47 71.95
N ALA D 10 71.95 27.34 71.58
CA ALA D 10 71.82 28.65 72.18
C ALA D 10 71.56 28.55 73.69
N LEU D 11 70.67 27.67 74.11
CA LEU D 11 70.35 27.52 75.53
C LEU D 11 71.57 27.06 76.29
N GLN D 12 72.35 26.13 75.74
CA GLN D 12 73.59 25.68 76.37
C GLN D 12 74.54 26.87 76.54
N ILE D 13 74.65 27.71 75.51
CA ILE D 13 75.44 28.92 75.60
C ILE D 13 74.89 29.85 76.67
N LEU D 14 73.58 30.01 76.77
CA LEU D 14 72.97 30.84 77.81
C LEU D 14 73.30 30.31 79.19
N VAL D 15 73.18 29.01 79.41
CA VAL D 15 73.56 28.41 80.70
C VAL D 15 75.04 28.63 80.96
N ASN D 16 75.90 28.46 79.96
CA ASN D 16 77.32 28.71 80.13
C ASN D 16 77.59 30.19 80.45
N ALA D 17 76.87 31.10 79.80
CA ALA D 17 76.99 32.52 80.11
C ALA D 17 76.55 32.78 81.55
N ALA D 18 75.44 32.19 81.98
CA ALA D 18 74.99 32.32 83.35
C ALA D 18 76.06 31.80 84.32
N TYR D 19 76.68 30.66 84.02
CA TYR D 19 77.75 30.10 84.83
C TYR D 19 78.89 31.10 84.97
N VAL D 20 79.36 31.64 83.86
CA VAL D 20 80.44 32.63 83.91
C VAL D 20 79.99 33.87 84.69
N LEU D 21 78.78 34.38 84.45
CA LEU D 21 78.31 35.55 85.19
C LEU D 21 78.31 35.29 86.69
N ALA D 22 77.81 34.13 87.11
CA ALA D 22 77.78 33.75 88.51
C ALA D 22 79.20 33.66 89.08
N GLU D 23 80.12 32.98 88.39
CA GLU D 23 81.50 32.91 88.84
C GLU D 23 82.14 34.29 88.95
N ILE D 24 81.91 35.17 87.97
CA ILE D 24 82.43 36.54 87.99
C ILE D 24 81.88 37.29 89.21
N ALA D 25 80.58 37.17 89.45
CA ALA D 25 79.95 37.83 90.58
C ALA D 25 80.41 37.26 91.94
N ARG D 26 80.91 36.02 91.99
CA ARG D 26 81.00 35.23 93.23
C ARG D 26 81.79 35.91 94.35
N ASP D 27 82.89 36.57 94.01
CA ASP D 27 83.77 37.20 95.00
C ASP D 27 83.39 38.65 95.37
N ARG D 28 82.26 39.16 94.84
CA ARG D 28 81.87 40.58 94.87
C ARG D 28 80.51 40.80 95.55
N GLY D 29 80.34 41.94 96.22
CA GLY D 29 79.09 42.35 96.85
C GLY D 29 78.05 42.86 95.86
N ASN D 30 77.51 41.99 95.01
CA ASN D 30 76.54 42.34 93.97
C ASN D 30 75.56 41.18 93.72
N GLU D 31 74.61 40.99 94.63
CA GLU D 31 73.55 40.00 94.48
C GLU D 31 72.63 40.32 93.29
N GLU D 32 72.64 41.55 92.78
CA GLU D 32 71.88 41.93 91.60
C GLU D 32 72.37 41.20 90.35
N LEU D 33 73.69 41.04 90.19
CA LEU D 33 74.25 40.19 89.14
C LEU D 33 73.79 38.74 89.33
N LEU D 34 73.82 38.23 90.55
CA LEU D 34 73.36 36.86 90.82
C LEU D 34 71.88 36.72 90.47
N GLU D 35 71.06 37.69 90.86
CA GLU D 35 69.65 37.73 90.52
C GLU D 35 69.46 37.73 89.01
N LYS D 36 70.21 38.57 88.28
CA LYS D 36 70.13 38.58 86.82
C LYS D 36 70.53 37.23 86.23
N ALA D 37 71.60 36.63 86.73
CA ALA D 37 72.03 35.30 86.27
C ALA D 37 70.92 34.27 86.51
N ALA D 38 70.29 34.32 87.68
CA ALA D 38 69.19 33.43 87.99
C ALA D 38 68.03 33.65 87.04
N ARG D 39 67.70 34.91 86.71
CA ARG D 39 66.64 35.21 85.74
C ARG D 39 66.97 34.66 84.35
N LEU D 40 68.22 34.83 83.91
CA LEU D 40 68.69 34.22 82.66
C LEU D 40 68.52 32.69 82.71
N ALA D 41 68.99 32.07 83.79
CA ALA D 41 68.88 30.64 83.95
C ALA D 41 67.41 30.18 83.95
N GLU D 42 66.54 30.86 84.67
CA GLU D 42 65.13 30.47 84.77
C GLU D 42 64.45 30.52 83.40
N GLU D 43 64.65 31.60 82.64
CA GLU D 43 64.09 31.69 81.30
C GLU D 43 64.62 30.54 80.42
N ALA D 44 65.92 30.28 80.45
CA ALA D 44 66.50 29.17 79.72
C ALA D 44 65.87 27.84 80.14
N ALA D 45 65.66 27.63 81.44
CA ALA D 45 65.06 26.41 81.95
C ALA D 45 63.62 26.27 81.47
N ARG D 46 62.83 27.35 81.51
CA ARG D 46 61.45 27.35 81.03
C ARG D 46 61.40 27.04 79.53
N GLN D 47 62.29 27.62 78.73
CA GLN D 47 62.42 27.28 77.32
C GLN D 47 62.75 25.79 77.14
N ALA D 48 63.76 25.28 77.85
CA ALA D 48 64.20 23.90 77.71
C ALA D 48 63.11 22.90 78.10
N GLU D 49 62.35 23.15 79.16
CA GLU D 49 61.22 22.29 79.53
C GLU D 49 60.14 22.26 78.44
N ARG D 50 59.75 23.43 77.92
CA ARG D 50 58.76 23.54 76.84
C ARG D 50 59.22 22.77 75.59
N ILE D 51 60.48 22.94 75.22
CA ILE D 51 61.08 22.20 74.11
C ILE D 51 61.04 20.70 74.41
N ALA D 52 61.43 20.27 75.61
CA ALA D 52 61.44 18.84 75.96
C ALA D 52 60.04 18.22 75.86
N ARG D 53 59.01 18.92 76.36
CA ARG D 53 57.61 18.48 76.23
C ARG D 53 57.24 18.28 74.77
N GLN D 54 57.50 19.26 73.92
CA GLN D 54 57.19 19.16 72.49
C GLN D 54 58.01 18.06 71.79
N ALA D 55 59.31 17.99 72.05
CA ALA D 55 60.20 17.00 71.44
C ALA D 55 59.77 15.57 71.80
N ARG D 56 59.30 15.37 73.04
CA ARG D 56 58.75 14.08 73.46
C ARG D 56 57.49 13.73 72.67
N LYS D 57 56.60 14.71 72.41
CA LYS D 57 55.43 14.50 71.53
C LYS D 57 55.84 14.16 70.10
N GLU D 58 56.81 14.87 69.56
CA GLU D 58 57.33 14.62 68.20
C GLU D 58 58.13 13.32 68.08
N GLY D 59 58.66 12.79 69.20
CA GLY D 59 59.41 11.54 69.25
C GLY D 59 60.90 11.66 68.92
N ASN D 60 61.49 12.86 68.97
CA ASN D 60 62.96 12.97 68.92
C ASN D 60 63.55 12.97 70.34
N LEU D 61 63.88 11.78 70.81
CA LEU D 61 64.40 11.58 72.16
C LEU D 61 65.78 12.20 72.35
N GLU D 62 66.60 12.34 71.31
CA GLU D 62 67.92 12.95 71.44
C GLU D 62 67.83 14.44 71.75
N LEU D 63 66.96 15.17 71.05
CA LEU D 63 66.70 16.57 71.38
C LEU D 63 66.20 16.67 72.82
N ALA D 64 65.26 15.81 73.21
CA ALA D 64 64.72 15.83 74.57
C ALA D 64 65.83 15.60 75.61
N LEU D 65 66.63 14.54 75.49
CA LEU D 65 67.65 14.27 76.49
C LEU D 65 68.74 15.34 76.49
N LYS D 66 69.08 15.93 75.34
CA LYS D 66 70.00 17.06 75.32
C LYS D 66 69.41 18.24 76.11
N ALA D 67 68.13 18.52 75.96
CA ALA D 67 67.48 19.55 76.77
C ALA D 67 67.61 19.22 78.27
N LEU D 68 67.42 17.96 78.65
CA LEU D 68 67.62 17.55 80.04
C LEU D 68 69.08 17.77 80.46
N GLN D 69 70.05 17.47 79.61
CA GLN D 69 71.46 17.72 79.92
C GLN D 69 71.69 19.19 80.25
N ILE D 70 71.14 20.06 79.42
CA ILE D 70 71.20 21.51 79.64
C ILE D 70 70.54 21.85 80.98
N LEU D 71 69.34 21.34 81.23
CA LEU D 71 68.62 21.61 82.46
C LEU D 71 69.44 21.18 83.67
N VAL D 72 70.12 20.04 83.61
CA VAL D 72 70.96 19.57 84.70
C VAL D 72 72.10 20.55 84.93
N ASN D 73 72.75 21.01 83.86
CA ASN D 73 73.77 22.03 84.02
C ASN D 73 73.17 23.30 84.65
N ALA D 74 71.96 23.68 84.24
CA ALA D 74 71.30 24.84 84.82
C ALA D 74 71.06 24.64 86.31
N ALA D 75 70.61 23.46 86.73
CA ALA D 75 70.44 23.18 88.13
C ALA D 75 71.78 23.32 88.87
N TYR D 76 72.86 22.81 88.30
CA TYR D 76 74.19 22.98 88.87
C TYR D 76 74.52 24.45 89.07
N VAL D 77 74.29 25.28 88.06
CA VAL D 77 74.50 26.73 88.18
C VAL D 77 73.59 27.31 89.26
N LEU D 78 72.32 26.93 89.32
CA LEU D 78 71.39 27.50 90.30
C LEU D 78 71.87 27.21 91.71
N ALA D 79 72.37 26.00 91.97
CA ALA D 79 72.94 25.68 93.25
C ALA D 79 74.19 26.53 93.53
N GLU D 80 75.10 26.63 92.56
CA GLU D 80 76.30 27.45 92.71
C GLU D 80 75.95 28.91 93.01
N ILE D 81 74.86 29.44 92.46
CA ILE D 81 74.36 30.76 92.82
C ILE D 81 73.85 30.74 94.27
N ALA D 82 72.97 29.78 94.57
CA ALA D 82 72.24 29.76 95.82
C ALA D 82 73.14 29.71 97.05
N ARG D 83 74.29 29.03 96.97
CA ARG D 83 75.16 28.80 98.13
C ARG D 83 75.62 30.07 98.81
N ASP D 84 76.34 30.94 98.11
CA ASP D 84 76.81 32.20 98.68
C ASP D 84 75.64 33.17 98.93
N ARG D 85 74.55 33.05 98.17
CA ARG D 85 73.31 33.80 98.42
C ARG D 85 72.62 33.38 99.72
N GLY D 86 72.95 32.22 100.28
CA GLY D 86 72.32 31.71 101.50
C GLY D 86 70.81 31.44 101.33
N ASN D 87 70.38 31.10 100.11
CA ASN D 87 68.97 30.96 99.79
C ASN D 87 68.58 29.49 99.62
N GLU D 88 67.56 29.02 100.33
CA GLU D 88 67.10 27.63 100.17
C GLU D 88 66.08 27.50 99.04
N GLU D 89 65.29 28.52 98.77
CA GLU D 89 64.18 28.43 97.82
C GLU D 89 64.68 28.11 96.41
N LEU D 90 65.81 28.70 96.01
CA LEU D 90 66.49 28.32 94.78
C LEU D 90 66.81 26.81 94.78
N LEU D 91 67.35 26.29 95.88
CA LEU D 91 67.63 24.86 95.99
C LEU D 91 66.33 24.06 95.91
N GLU D 92 65.28 24.54 96.56
CA GLU D 92 63.98 23.89 96.55
C GLU D 92 63.43 23.80 95.12
N TYR D 93 63.55 24.85 94.32
CA TYR D 93 63.20 24.79 92.90
C TYR D 93 64.10 23.77 92.21
N ALA D 94 65.42 23.93 92.34
CA ALA D 94 66.40 23.16 91.59
C ALA D 94 66.28 21.67 91.86
N ALA D 95 66.16 21.24 93.11
CA ALA D 95 66.06 19.84 93.46
C ALA D 95 64.78 19.23 92.87
N ARG D 96 63.65 19.92 93.00
CA ARG D 96 62.36 19.43 92.46
C ARG D 96 62.41 19.34 90.95
N LEU D 97 62.95 20.37 90.30
CA LEU D 97 63.17 20.37 88.85
C LEU D 97 64.09 19.20 88.46
N ALA D 98 65.19 18.99 89.18
CA ALA D 98 66.13 17.91 88.89
C ALA D 98 65.50 16.53 89.12
N GLU D 99 64.66 16.37 90.13
CA GLU D 99 63.93 15.13 90.34
C GLU D 99 62.97 14.86 89.18
N GLU D 100 62.18 15.84 88.78
CA GLU D 100 61.27 15.71 87.63
C GLU D 100 62.04 15.46 86.33
N ALA D 101 63.20 16.09 86.18
CA ALA D 101 64.07 15.84 85.04
C ALA D 101 64.55 14.39 85.09
N ALA D 102 65.03 13.92 86.24
CA ALA D 102 65.51 12.56 86.39
C ALA D 102 64.38 11.58 86.06
N ARG D 103 63.16 11.83 86.56
CA ARG D 103 61.99 11.02 86.21
C ARG D 103 61.82 10.95 84.70
N GLN D 104 61.79 12.10 84.04
CA GLN D 104 61.64 12.12 82.59
C GLN D 104 62.80 11.38 81.90
N ALA D 105 64.02 11.55 82.37
CA ALA D 105 65.17 10.84 81.82
C ALA D 105 65.04 9.32 82.01
N ILE D 106 64.55 8.88 83.16
CA ILE D 106 64.28 7.48 83.41
C ILE D 106 63.18 7.00 82.46
N GLU D 107 62.13 7.78 82.25
CA GLU D 107 61.08 7.41 81.28
C GLU D 107 61.65 7.30 79.86
N ILE D 108 62.52 8.22 79.47
CA ILE D 108 63.26 8.15 78.22
C ILE D 108 64.08 6.86 78.19
N TRP D 109 64.81 6.54 79.27
CA TRP D 109 65.66 5.36 79.36
C TRP D 109 64.83 4.09 79.18
N ALA D 110 63.64 4.06 79.79
CA ALA D 110 62.73 2.95 79.64
C ALA D 110 62.25 2.82 78.18
N GLN D 111 61.83 3.91 77.54
CA GLN D 111 61.43 3.85 76.14
C GLN D 111 62.58 3.38 75.24
N ALA D 112 63.79 3.89 75.49
CA ALA D 112 64.99 3.48 74.76
C ALA D 112 65.29 1.98 74.95
N MET D 113 65.19 1.47 76.18
CA MET D 113 65.34 0.05 76.47
C MET D 113 64.25 -0.80 75.78
N GLU D 114 62.99 -0.35 75.84
CA GLU D 114 61.89 -1.02 75.16
C GLU D 114 62.13 -1.13 73.65
N GLU D 115 62.53 -0.03 73.02
CA GLU D 115 62.84 0.02 71.59
C GLU D 115 64.18 -0.62 71.21
N GLY D 116 65.01 -1.01 72.19
CA GLY D 116 66.35 -1.57 71.97
C GLY D 116 67.41 -0.55 71.53
N ASN D 117 67.15 0.75 71.66
CA ASN D 117 68.05 1.81 71.23
C ASN D 117 69.17 2.05 72.26
N GLN D 118 70.21 1.22 72.18
CA GLN D 118 71.42 1.33 72.97
C GLN D 118 72.01 2.74 72.91
N GLN D 119 71.88 3.38 71.75
CA GLN D 119 72.49 4.65 71.42
C GLN D 119 71.90 5.78 72.26
N LEU D 120 70.60 5.74 72.50
CA LEU D 120 69.95 6.60 73.49
C LEU D 120 70.31 6.15 74.90
N ARG D 121 70.31 4.84 75.16
CA ARG D 121 70.49 4.28 76.51
C ARG D 121 71.74 4.84 77.17
N THR D 122 72.87 4.83 76.48
CA THR D 122 74.13 5.37 77.02
C THR D 122 73.96 6.84 77.39
N LYS D 123 73.42 7.64 76.46
CA LYS D 123 73.24 9.09 76.65
C LYS D 123 72.36 9.36 77.85
N ALA D 124 71.21 8.71 77.91
CA ALA D 124 70.28 8.85 79.02
C ALA D 124 70.95 8.50 80.35
N ALA D 125 71.71 7.40 80.39
CA ALA D 125 72.43 7.02 81.60
C ALA D 125 73.38 8.14 82.05
N HIS D 126 74.20 8.69 81.15
CA HIS D 126 75.08 9.80 81.48
C HIS D 126 74.28 10.98 82.05
N ILE D 127 73.14 11.30 81.44
CA ILE D 127 72.29 12.39 81.92
C ILE D 127 71.81 12.09 83.34
N ILE D 128 71.29 10.90 83.61
CA ILE D 128 70.77 10.58 84.94
C ILE D 128 71.91 10.66 85.96
N LEU D 129 73.09 10.13 85.59
CA LEU D 129 74.26 10.18 86.46
C LEU D 129 74.63 11.62 86.79
N ARG D 130 74.64 12.53 85.81
CA ARG D 130 74.86 13.94 86.08
C ARG D 130 73.77 14.52 86.97
N ALA D 131 72.51 14.17 86.75
CA ALA D 131 71.41 14.66 87.58
C ALA D 131 71.64 14.29 89.04
N ALA D 132 72.01 13.03 89.30
CA ALA D 132 72.34 12.60 90.63
C ALA D 132 73.54 13.38 91.19
N GLU D 133 74.56 13.66 90.38
CA GLU D 133 75.70 14.44 90.86
C GLU D 133 75.26 15.82 91.36
N VAL D 134 74.38 16.49 90.62
CA VAL D 134 73.84 17.80 91.05
C VAL D 134 73.01 17.66 92.33
N LEU D 135 72.16 16.64 92.41
CA LEU D 135 71.44 16.39 93.66
C LEU D 135 72.43 16.16 94.81
N LEU D 136 73.55 15.46 94.56
CA LEU D 136 74.56 15.19 95.58
C LEU D 136 75.26 16.48 96.01
N GLU D 137 75.61 17.38 95.09
CA GLU D 137 76.12 18.69 95.49
C GLU D 137 75.12 19.42 96.39
N ILE D 138 73.85 19.38 96.03
CA ILE D 138 72.80 20.01 96.84
C ILE D 138 72.78 19.39 98.23
N ALA D 139 72.79 18.05 98.31
CA ALA D 139 72.81 17.34 99.58
C ALA D 139 74.07 17.62 100.41
N ARG D 140 75.25 17.72 99.76
CA ARG D 140 76.53 18.02 100.40
C ARG D 140 76.46 19.34 101.15
N ASP D 141 75.80 20.33 100.57
CA ASP D 141 75.53 21.59 101.28
C ASP D 141 74.41 21.43 102.31
N ARG D 142 73.22 21.03 101.88
CA ARG D 142 71.97 21.17 102.63
C ARG D 142 71.80 20.17 103.79
N GLY D 143 72.52 19.05 103.78
CA GLY D 143 72.51 18.05 104.85
C GLY D 143 71.31 17.10 104.88
N ASN D 144 70.43 17.12 103.87
CA ASN D 144 69.30 16.19 103.79
C ASN D 144 69.77 14.75 103.51
N GLN D 145 69.67 13.88 104.50
CA GLN D 145 70.16 12.50 104.39
C GLN D 145 69.36 11.69 103.39
N GLU D 146 68.06 11.94 103.27
CA GLU D 146 67.18 11.23 102.35
C GLU D 146 67.63 11.46 100.90
N LEU D 147 68.09 12.66 100.58
CA LEU D 147 68.61 12.95 99.26
C LEU D 147 69.90 12.16 99.00
N LEU D 148 70.73 11.89 100.02
CA LEU D 148 71.89 11.01 99.86
C LEU D 148 71.44 9.59 99.50
N GLU D 149 70.42 9.10 100.19
CA GLU D 149 69.86 7.79 99.90
C GLU D 149 69.30 7.75 98.47
N LYS D 150 68.49 8.73 98.08
CA LYS D 150 67.95 8.85 96.73
C LYS D 150 69.08 8.85 95.70
N ALA D 151 70.06 9.72 95.86
CA ALA D 151 71.14 9.83 94.90
C ALA D 151 71.92 8.51 94.80
N ALA D 152 72.37 7.97 95.93
CA ALA D 152 73.20 6.77 95.92
C ALA D 152 72.44 5.62 95.26
N SER D 153 71.20 5.40 95.69
CA SER D 153 70.37 4.33 95.15
C SER D 153 70.07 4.55 93.67
N LEU D 154 69.73 5.77 93.24
CA LEU D 154 69.55 6.06 91.83
C LEU D 154 70.80 5.70 91.03
N VAL D 155 71.97 6.09 91.53
CA VAL D 155 73.24 5.88 90.84
C VAL D 155 73.55 4.39 90.76
N ASP D 156 73.54 3.67 91.87
CA ASP D 156 73.88 2.25 91.85
C ASP D 156 72.83 1.47 91.04
N ALA D 157 71.56 1.92 91.04
CA ALA D 157 70.53 1.33 90.18
C ALA D 157 70.83 1.58 88.71
N VAL D 158 71.22 2.79 88.32
CA VAL D 158 71.69 3.01 86.95
C VAL D 158 72.88 2.11 86.64
N ALA D 159 73.85 1.97 87.56
CA ALA D 159 75.00 1.09 87.34
C ALA D 159 74.57 -0.37 87.14
N ALA D 160 73.61 -0.85 87.90
CA ALA D 160 73.02 -2.14 87.65
C ALA D 160 72.32 -2.19 86.28
N LEU D 161 71.51 -1.19 85.94
CA LEU D 161 70.80 -1.15 84.66
C LEU D 161 71.76 -1.21 83.49
N GLN D 162 72.84 -0.45 83.57
CA GLN D 162 73.93 -0.51 82.62
C GLN D 162 74.58 -1.89 82.61
N GLN D 163 74.90 -2.46 83.78
CA GLN D 163 75.51 -3.78 83.85
C GLN D 163 74.61 -4.83 83.21
N ALA D 164 73.31 -4.75 83.45
CA ALA D 164 72.34 -5.65 82.86
C ALA D 164 72.31 -5.49 81.34
N ALA D 165 72.31 -4.26 80.83
CA ALA D 165 72.38 -4.06 79.40
C ALA D 165 73.67 -4.67 78.80
N ALA D 166 74.81 -4.51 79.49
CA ALA D 166 76.06 -5.13 79.07
C ALA D 166 75.94 -6.66 79.07
N ALA D 167 75.36 -7.24 80.12
CA ALA D 167 75.09 -8.67 80.19
C ALA D 167 74.17 -9.13 79.04
N ILE D 168 73.17 -8.33 78.66
CA ILE D 168 72.30 -8.64 77.53
C ILE D 168 73.12 -8.69 76.24
N LEU D 169 73.95 -7.68 75.99
CA LEU D 169 74.79 -7.67 74.80
C LEU D 169 75.79 -8.85 74.81
N GLU D 170 76.31 -9.23 75.97
CA GLU D 170 77.19 -10.39 76.12
C GLU D 170 76.44 -11.74 76.08
N GLY D 171 75.11 -11.74 76.22
CA GLY D 171 74.29 -12.95 76.31
C GLY D 171 74.39 -13.73 77.63
N ASP D 172 75.07 -13.21 78.66
CA ASP D 172 75.25 -13.90 79.94
C ASP D 172 74.05 -13.72 80.87
N VAL D 173 73.09 -14.64 80.78
CA VAL D 173 71.88 -14.60 81.60
C VAL D 173 72.18 -14.72 83.10
N GLU D 174 73.26 -15.39 83.50
CA GLU D 174 73.61 -15.49 84.92
C GLU D 174 74.08 -14.15 85.46
N LYS D 175 74.96 -13.47 84.71
CA LYS D 175 75.31 -12.08 85.01
C LYS D 175 74.05 -11.21 85.03
N ALA D 176 73.14 -11.40 84.08
CA ALA D 176 71.91 -10.62 84.03
C ALA D 176 71.08 -10.79 85.30
N VAL D 177 70.90 -12.02 85.77
CA VAL D 177 70.19 -12.27 87.03
C VAL D 177 70.95 -11.65 88.20
N ARG D 178 72.27 -11.89 88.30
CA ARG D 178 73.10 -11.36 89.38
C ARG D 178 72.92 -9.86 89.51
N ALA D 179 73.00 -9.15 88.39
CA ALA D 179 72.77 -7.71 88.34
C ALA D 179 71.33 -7.36 88.75
N ALA D 180 70.33 -8.03 88.16
CA ALA D 180 68.94 -7.70 88.37
C ALA D 180 68.54 -7.81 89.85
N GLN D 181 69.04 -8.82 90.56
CA GLN D 181 68.78 -8.98 91.98
C GLN D 181 69.25 -7.77 92.78
N GLU D 182 70.47 -7.30 92.51
CA GLU D 182 70.93 -6.05 93.12
C GLU D 182 70.10 -4.86 92.64
N ALA D 183 69.65 -4.85 91.38
CA ALA D 183 68.87 -3.75 90.83
C ALA D 183 67.56 -3.57 91.59
N VAL D 184 66.81 -4.65 91.79
CA VAL D 184 65.62 -4.55 92.62
C VAL D 184 65.99 -4.20 94.05
N LYS D 185 67.10 -4.72 94.61
CA LYS D 185 67.53 -4.39 95.97
C LYS D 185 67.69 -2.88 96.15
N ALA D 186 68.42 -2.24 95.25
CA ALA D 186 68.56 -0.80 95.27
C ALA D 186 67.20 -0.12 95.11
N ALA D 187 66.45 -0.45 94.05
CA ALA D 187 65.24 0.28 93.70
C ALA D 187 64.17 0.17 94.81
N LYS D 188 64.06 -0.99 95.45
CA LYS D 188 63.14 -1.24 96.56
C LYS D 188 63.57 -0.50 97.84
N GLU D 189 64.86 -0.36 98.10
CA GLU D 189 65.36 0.48 99.18
C GLU D 189 65.12 1.96 98.91
N ALA D 190 65.14 2.38 97.65
CA ALA D 190 64.77 3.74 97.24
C ALA D 190 63.27 4.01 97.36
N GLY D 191 62.43 3.00 97.08
CA GLY D 191 60.98 3.15 97.04
C GLY D 191 60.45 3.99 95.86
N ASP D 192 61.26 4.21 94.82
CA ASP D 192 60.84 4.92 93.62
C ASP D 192 60.13 3.99 92.62
N ASN D 193 58.80 4.11 92.54
CA ASN D 193 57.97 3.30 91.64
C ASN D 193 58.30 3.52 90.15
N ASP D 194 58.78 4.69 89.76
CA ASP D 194 59.16 4.93 88.38
C ASP D 194 60.50 4.26 88.07
N MET D 195 61.45 4.28 89.03
CA MET D 195 62.68 3.51 88.87
C MET D 195 62.36 2.03 88.76
N LEU D 196 61.48 1.53 89.62
CA LEU D 196 61.01 0.15 89.53
C LEU D 196 60.34 -0.13 88.16
N ARG D 197 59.58 0.81 87.59
CA ARG D 197 58.99 0.64 86.25
C ARG D 197 60.07 0.44 85.20
N ALA D 198 61.09 1.30 85.22
CA ALA D 198 62.20 1.18 84.28
C ALA D 198 62.93 -0.16 84.46
N VAL D 199 63.17 -0.58 85.69
CA VAL D 199 63.75 -1.90 85.97
C VAL D 199 62.87 -2.99 85.37
N ALA D 200 61.56 -2.95 85.57
CA ALA D 200 60.65 -3.98 85.06
C ALA D 200 60.66 -4.03 83.53
N ILE D 201 60.65 -2.88 82.87
CA ILE D 201 60.74 -2.83 81.40
C ILE D 201 62.05 -3.47 80.94
N ALA D 202 63.17 -3.19 81.61
CA ALA D 202 64.42 -3.89 81.31
C ALA D 202 64.29 -5.41 81.55
N ALA D 203 63.63 -5.83 82.62
CA ALA D 203 63.48 -7.25 82.92
C ALA D 203 62.71 -7.98 81.81
N LEU D 204 61.74 -7.33 81.16
CA LEU D 204 61.09 -7.90 79.98
C LEU D 204 62.10 -8.19 78.88
N ARG D 205 62.97 -7.22 78.55
CA ARG D 205 64.03 -7.43 77.55
C ARG D 205 64.95 -8.58 77.96
N ILE D 206 65.30 -8.70 79.25
CA ILE D 206 66.10 -9.83 79.75
C ILE D 206 65.39 -11.14 79.45
N ALA D 207 64.11 -11.25 79.78
CA ALA D 207 63.34 -12.45 79.52
C ALA D 207 63.29 -12.79 78.01
N LYS D 208 63.04 -11.79 77.15
CA LYS D 208 62.96 -11.99 75.69
C LYS D 208 64.22 -12.62 75.14
N GLU D 209 65.38 -12.15 75.56
CA GLU D 209 66.65 -12.76 75.15
C GLU D 209 66.88 -14.12 75.85
N ALA D 210 66.51 -14.26 77.12
CA ALA D 210 66.70 -15.52 77.84
C ALA D 210 65.96 -16.69 77.16
N GLU D 211 64.79 -16.44 76.57
CA GLU D 211 64.11 -17.45 75.74
C GLU D 211 64.93 -17.87 74.54
N LYS D 212 65.58 -16.92 73.84
CA LYS D 212 66.43 -17.24 72.70
C LYS D 212 67.64 -18.08 73.12
N GLN D 213 68.19 -17.80 74.31
CA GLN D 213 69.24 -18.62 74.91
C GLN D 213 68.73 -20.00 75.36
N GLY D 214 67.44 -20.11 75.70
CA GLY D 214 66.79 -21.35 76.07
C GLY D 214 67.05 -21.83 77.50
N ASN D 215 67.87 -21.14 78.28
CA ASN D 215 68.10 -21.49 79.69
C ASN D 215 66.94 -21.01 80.58
N VAL D 216 65.84 -21.76 80.55
CA VAL D 216 64.63 -21.47 81.34
C VAL D 216 64.92 -21.46 82.85
N GLU D 217 65.86 -22.27 83.34
CA GLU D 217 66.18 -22.35 84.76
C GLU D 217 66.71 -21.02 85.30
N VAL D 218 67.57 -20.35 84.53
CA VAL D 218 67.96 -18.97 84.85
C VAL D 218 66.80 -18.02 84.57
N ALA D 219 66.10 -18.16 83.43
CA ALA D 219 65.06 -17.22 83.04
C ALA D 219 63.95 -17.06 84.10
N VAL D 220 63.57 -18.13 84.79
CA VAL D 220 62.58 -18.04 85.88
C VAL D 220 63.10 -17.17 87.04
N LYS D 221 64.39 -17.24 87.38
CA LYS D 221 64.96 -16.37 88.42
C LYS D 221 64.85 -14.91 88.01
N ALA D 222 65.09 -14.60 86.74
CA ALA D 222 64.85 -13.26 86.17
C ALA D 222 63.36 -12.88 86.28
N ALA D 223 62.45 -13.76 85.89
CA ALA D 223 61.02 -13.49 85.99
C ALA D 223 60.59 -13.25 87.45
N ARG D 224 61.16 -13.98 88.41
CA ARG D 224 60.89 -13.79 89.84
C ARG D 224 61.30 -12.40 90.32
N VAL D 225 62.41 -11.87 89.81
CA VAL D 225 62.74 -10.45 90.01
C VAL D 225 61.72 -9.56 89.31
N ALA D 226 61.34 -9.86 88.07
CA ALA D 226 60.44 -9.03 87.28
C ALA D 226 59.11 -8.77 88.02
N VAL D 227 58.49 -9.82 88.55
CA VAL D 227 57.27 -9.63 89.35
C VAL D 227 57.52 -8.84 90.64
N GLU D 228 58.69 -8.98 91.28
CA GLU D 228 59.01 -8.28 92.53
C GLU D 228 58.91 -6.77 92.33
N ALA D 229 59.41 -6.28 91.20
CA ALA D 229 59.22 -4.88 90.81
C ALA D 229 57.78 -4.63 90.35
N ALA D 230 57.24 -5.45 89.44
CA ALA D 230 55.95 -5.15 88.80
C ALA D 230 54.81 -5.04 89.82
N LYS D 231 54.88 -5.83 90.89
CA LYS D 231 53.93 -5.80 92.00
C LYS D 231 53.90 -4.46 92.73
N GLN D 232 55.01 -3.72 92.75
CA GLN D 232 55.03 -2.36 93.27
C GLN D 232 54.37 -1.40 92.28
N ALA D 233 54.75 -1.50 91.01
CA ALA D 233 54.43 -0.51 89.98
C ALA D 233 52.95 -0.55 89.54
N GLY D 234 52.37 -1.74 89.39
CA GLY D 234 50.94 -1.93 89.12
C GLY D 234 50.46 -1.51 87.73
N ASP D 235 51.34 -1.26 86.77
CA ASP D 235 50.95 -0.87 85.40
C ASP D 235 50.35 -2.06 84.64
N ASN D 236 49.04 -2.06 84.42
CA ASN D 236 48.30 -3.24 84.01
C ASN D 236 48.76 -3.84 82.67
N ASP D 237 49.03 -3.01 81.67
CA ASP D 237 49.52 -3.50 80.38
C ASP D 237 50.93 -4.10 80.49
N VAL D 238 51.77 -3.53 81.36
CA VAL D 238 53.08 -4.09 81.65
C VAL D 238 52.93 -5.44 82.34
N LEU D 239 52.05 -5.55 83.34
CA LEU D 239 51.75 -6.82 83.99
C LEU D 239 51.26 -7.87 82.98
N ARG D 240 50.37 -7.51 82.04
CA ARG D 240 49.90 -8.45 81.02
C ARG D 240 51.04 -8.89 80.11
N LYS D 241 51.90 -7.95 79.71
CA LYS D 241 53.11 -8.24 78.93
C LYS D 241 54.04 -9.21 79.68
N VAL D 242 54.24 -8.98 80.98
CA VAL D 242 55.00 -9.89 81.87
C VAL D 242 54.34 -11.27 81.92
N ALA D 243 53.03 -11.34 82.10
CA ALA D 243 52.31 -12.61 82.14
C ALA D 243 52.46 -13.39 80.82
N GLU D 244 52.37 -12.71 79.68
CA GLU D 244 52.60 -13.34 78.38
C GLU D 244 54.00 -13.96 78.31
N GLN D 245 55.01 -13.21 78.76
CA GLN D 245 56.36 -13.73 78.83
C GLN D 245 56.45 -14.94 79.77
N ALA D 246 55.81 -14.91 80.94
CA ALA D 246 55.84 -16.05 81.87
C ALA D 246 55.21 -17.31 81.26
N LEU D 247 54.11 -17.16 80.53
CA LEU D 247 53.48 -18.25 79.79
C LEU D 247 54.40 -18.77 78.69
N ARG D 248 55.03 -17.89 77.91
CA ARG D 248 56.00 -18.29 76.89
C ARG D 248 57.16 -19.08 77.53
N ILE D 249 57.68 -18.61 78.67
CA ILE D 249 58.71 -19.32 79.43
C ILE D 249 58.20 -20.71 79.84
N ALA D 250 56.97 -20.83 80.31
CA ALA D 250 56.39 -22.12 80.62
C ALA D 250 56.33 -23.03 79.37
N LYS D 251 55.90 -22.52 78.21
CA LYS D 251 55.88 -23.30 76.95
C LYS D 251 57.27 -23.81 76.59
N GLU D 252 58.29 -22.97 76.71
CA GLU D 252 59.67 -23.43 76.50
C GLU D 252 60.07 -24.50 77.52
N ALA D 253 59.73 -24.32 78.81
CA ALA D 253 60.07 -25.32 79.83
C ALA D 253 59.41 -26.69 79.54
N GLU D 254 58.20 -26.69 79.00
CA GLU D 254 57.55 -27.91 78.53
C GLU D 254 58.29 -28.54 77.35
N LYS D 255 58.73 -27.73 76.36
CA LYS D 255 59.53 -28.25 75.25
C LYS D 255 60.83 -28.89 75.74
N GLN D 256 61.44 -28.30 76.76
CA GLN D 256 62.61 -28.85 77.46
C GLN D 256 62.26 -30.03 78.39
N GLY D 257 60.98 -30.29 78.64
CA GLY D 257 60.51 -31.28 79.61
C GLY D 257 60.83 -30.94 81.06
N ASN D 258 61.32 -29.73 81.35
CA ASN D 258 61.63 -29.32 82.72
C ASN D 258 60.38 -28.80 83.43
N VAL D 259 59.53 -29.73 83.86
CA VAL D 259 58.30 -29.38 84.58
C VAL D 259 58.57 -28.67 85.90
N GLU D 260 59.69 -28.93 86.59
CA GLU D 260 59.97 -28.23 87.85
C GLU D 260 60.16 -26.74 87.62
N VAL D 261 60.95 -26.39 86.60
CA VAL D 261 61.10 -24.98 86.19
C VAL D 261 59.76 -24.44 85.67
N ALA D 262 58.99 -25.22 84.92
CA ALA D 262 57.68 -24.78 84.45
C ALA D 262 56.75 -24.43 85.62
N VAL D 263 56.71 -25.24 86.68
CA VAL D 263 55.87 -24.97 87.86
C VAL D 263 56.35 -23.72 88.58
N LYS D 264 57.65 -23.53 88.72
CA LYS D 264 58.17 -22.27 89.29
C LYS D 264 57.81 -21.09 88.39
N ALA D 265 57.83 -21.25 87.06
CA ALA D 265 57.38 -20.21 86.13
C ALA D 265 55.90 -19.87 86.34
N ALA D 266 55.05 -20.88 86.54
CA ALA D 266 53.66 -20.66 86.90
C ALA D 266 53.54 -19.94 88.27
N ARG D 267 54.37 -20.29 89.26
CA ARG D 267 54.32 -19.65 90.59
C ARG D 267 54.63 -18.15 90.48
N VAL D 268 55.54 -17.78 89.60
CA VAL D 268 55.75 -16.37 89.23
C VAL D 268 54.54 -15.81 88.50
N ALA D 269 54.01 -16.53 87.50
CA ALA D 269 52.91 -16.05 86.68
C ALA D 269 51.67 -15.72 87.51
N VAL D 270 51.30 -16.57 88.47
CA VAL D 270 50.13 -16.33 89.33
C VAL D 270 50.37 -15.12 90.24
N GLU D 271 51.58 -14.94 90.77
CA GLU D 271 51.89 -13.79 91.62
C GLU D 271 51.55 -12.47 90.90
N ALA D 272 51.90 -12.38 89.61
CA ALA D 272 51.56 -11.24 88.76
C ALA D 272 50.07 -11.21 88.36
N ALA D 273 49.52 -12.34 87.90
CA ALA D 273 48.14 -12.40 87.43
C ALA D 273 47.14 -12.02 88.53
N LYS D 274 47.46 -12.35 89.79
CA LYS D 274 46.67 -11.99 90.96
C LYS D 274 46.61 -10.47 91.21
N GLN D 275 47.58 -9.71 90.69
CA GLN D 275 47.50 -8.24 90.67
C GLN D 275 46.70 -7.74 89.46
N ALA D 276 46.96 -8.32 88.29
CA ALA D 276 46.36 -7.87 87.02
C ALA D 276 44.85 -8.13 86.95
N GLY D 277 44.40 -9.27 87.48
CA GLY D 277 43.00 -9.69 87.46
C GLY D 277 42.45 -10.06 86.06
N ASP D 278 43.31 -10.19 85.05
CA ASP D 278 42.85 -10.47 83.68
C ASP D 278 42.41 -11.94 83.53
N ASN D 279 41.10 -12.15 83.41
CA ASN D 279 40.52 -13.48 83.31
C ASN D 279 41.08 -14.28 82.13
N ASP D 280 41.46 -13.63 81.02
CA ASP D 280 42.04 -14.37 79.90
C ASP D 280 43.40 -14.96 80.25
N VAL D 281 44.19 -14.22 81.04
CA VAL D 281 45.42 -14.76 81.62
C VAL D 281 45.07 -15.91 82.55
N LEU D 282 44.08 -15.78 83.42
CA LEU D 282 43.69 -16.88 84.30
C LEU D 282 43.33 -18.15 83.50
N ARG D 283 42.53 -18.01 82.43
CA ARG D 283 42.18 -19.14 81.54
C ARG D 283 43.43 -19.75 80.92
N LYS D 284 44.28 -18.93 80.32
CA LYS D 284 45.51 -19.40 79.70
C LYS D 284 46.44 -20.08 80.70
N VAL D 285 46.56 -19.54 81.91
CA VAL D 285 47.34 -20.15 83.00
C VAL D 285 46.78 -21.52 83.35
N ALA D 286 45.47 -21.67 83.53
CA ALA D 286 44.89 -22.97 83.82
C ALA D 286 45.15 -23.96 82.67
N ASP D 287 44.97 -23.54 81.41
CA ASP D 287 45.25 -24.39 80.25
C ASP D 287 46.72 -24.84 80.25
N GLN D 288 47.64 -23.90 80.40
CA GLN D 288 49.06 -24.22 80.44
C GLN D 288 49.37 -25.16 81.61
N ALA D 289 48.81 -24.89 82.79
CA ALA D 289 49.03 -25.73 83.96
C ALA D 289 48.55 -27.16 83.72
N LEU D 290 47.47 -27.35 82.98
CA LEU D 290 47.00 -28.69 82.63
C LEU D 290 48.01 -29.39 81.71
N GLU D 291 48.54 -28.69 80.72
CA GLU D 291 49.63 -29.26 79.91
C GLU D 291 50.85 -29.61 80.79
N ILE D 292 51.19 -28.76 81.76
CA ILE D 292 52.28 -29.04 82.70
C ILE D 292 51.96 -30.29 83.53
N ALA D 293 50.73 -30.41 84.05
CA ALA D 293 50.31 -31.59 84.78
C ALA D 293 50.39 -32.85 83.90
N LYS D 294 50.00 -32.75 82.63
CA LYS D 294 50.10 -33.86 81.67
C LYS D 294 51.54 -34.28 81.46
N ALA D 295 52.45 -33.34 81.28
CA ALA D 295 53.88 -33.64 81.22
C ALA D 295 54.38 -34.27 82.54
N ALA D 296 53.97 -33.75 83.70
CA ALA D 296 54.41 -34.27 84.98
C ALA D 296 53.90 -35.70 85.24
N LEU D 297 52.66 -35.99 84.83
CA LEU D 297 52.12 -37.35 84.77
C LEU D 297 52.98 -38.23 83.86
N GLU D 298 53.24 -37.80 82.63
CA GLU D 298 54.01 -38.58 81.66
C GLU D 298 55.43 -38.88 82.16
N GLN D 299 56.05 -37.96 82.89
CA GLN D 299 57.34 -38.17 83.55
C GLN D 299 57.25 -38.97 84.86
N GLY D 300 56.06 -39.09 85.46
CA GLY D 300 55.90 -39.61 86.82
C GLY D 300 56.42 -38.68 87.91
N ASP D 301 56.62 -37.39 87.61
CA ASP D 301 57.05 -36.35 88.55
C ASP D 301 55.88 -35.83 89.37
N ILE D 302 55.24 -36.71 90.14
CA ILE D 302 53.92 -36.42 90.69
C ILE D 302 53.94 -35.38 91.82
N ASP D 303 55.05 -35.24 92.55
CA ASP D 303 55.22 -34.08 93.44
C ASP D 303 55.17 -32.77 92.65
N VAL D 304 55.78 -32.73 91.47
CA VAL D 304 55.70 -31.57 90.59
C VAL D 304 54.27 -31.43 90.05
N ALA D 305 53.61 -32.53 89.68
CA ALA D 305 52.21 -32.48 89.24
C ALA D 305 51.30 -31.85 90.30
N GLN D 306 51.41 -32.27 91.56
CA GLN D 306 50.57 -31.72 92.62
C GLN D 306 50.91 -30.25 92.87
N LYS D 307 52.19 -29.88 92.88
CA LYS D 307 52.60 -28.48 92.98
C LYS D 307 52.05 -27.65 91.82
N ALA D 308 52.08 -28.18 90.60
CA ALA D 308 51.50 -27.54 89.43
C ALA D 308 50.01 -27.25 89.66
N MET D 309 49.27 -28.25 90.12
CA MET D 309 47.84 -28.10 90.27
C MET D 309 47.47 -27.24 91.49
N ASP D 310 48.27 -27.22 92.55
CA ASP D 310 48.13 -26.24 93.62
C ASP D 310 48.13 -24.82 93.07
N VAL D 311 49.13 -24.51 92.23
CA VAL D 311 49.26 -23.22 91.55
C VAL D 311 48.09 -23.01 90.59
N ALA D 312 47.65 -24.05 89.87
CA ALA D 312 46.53 -23.93 88.95
C ALA D 312 45.25 -23.53 89.71
N VAL D 313 44.98 -24.18 90.84
CA VAL D 313 43.83 -23.83 91.68
C VAL D 313 44.00 -22.42 92.23
N GLU D 314 45.16 -22.09 92.79
CA GLU D 314 45.43 -20.74 93.29
C GLU D 314 45.15 -19.68 92.21
N ALA D 315 45.51 -19.95 90.95
CA ALA D 315 45.22 -19.05 89.84
C ALA D 315 43.73 -19.03 89.46
N LEU D 316 43.15 -20.21 89.20
CA LEU D 316 41.79 -20.33 88.70
C LEU D 316 40.78 -19.75 89.71
N THR D 317 41.06 -19.92 91.01
CA THR D 317 40.22 -19.36 92.08
C THR D 317 40.18 -17.83 92.14
N GLN D 318 41.02 -17.11 91.40
CA GLN D 318 40.92 -15.65 91.31
C GLN D 318 39.77 -15.17 90.39
N ALA D 319 39.21 -16.06 89.55
CA ALA D 319 38.11 -15.73 88.66
C ALA D 319 36.81 -15.37 89.41
N LEU E 4 10.87 92.83 15.43
CA LEU E 4 11.39 93.10 16.79
C LEU E 4 12.02 94.49 16.89
N GLU E 5 13.14 94.73 16.21
CA GLU E 5 14.01 95.90 16.38
C GLU E 5 13.28 97.26 16.28
N LEU E 6 12.28 97.33 15.40
CA LEU E 6 11.46 98.51 15.18
C LEU E 6 10.91 99.10 16.47
N ALA E 7 10.57 98.26 17.46
CA ALA E 7 10.01 98.73 18.72
C ALA E 7 10.94 99.69 19.42
N LEU E 8 12.24 99.39 19.44
CA LEU E 8 13.21 100.28 20.06
C LEU E 8 13.24 101.62 19.33
N LYS E 9 13.13 101.61 18.00
CA LYS E 9 13.11 102.86 17.22
C LYS E 9 11.87 103.68 17.58
N ALA E 10 10.72 103.03 17.68
CA ALA E 10 9.52 103.69 18.16
C ALA E 10 9.73 104.28 19.56
N LEU E 11 10.29 103.51 20.47
CA LEU E 11 10.51 103.98 21.83
C LEU E 11 11.43 105.20 21.83
N GLN E 12 12.51 105.15 21.05
CA GLN E 12 13.41 106.29 20.88
C GLN E 12 12.65 107.51 20.39
N ILE E 13 11.81 107.32 19.37
CA ILE E 13 10.98 108.41 18.87
C ILE E 13 10.08 108.94 19.98
N LEU E 14 9.46 108.07 20.77
CA LEU E 14 8.57 108.48 21.84
C LEU E 14 9.32 109.32 22.87
N VAL E 15 10.50 108.88 23.27
CA VAL E 15 11.34 109.69 24.17
C VAL E 15 11.64 111.04 23.52
N ASN E 16 12.01 111.04 22.24
CA ASN E 16 12.33 112.28 21.56
C ASN E 16 11.12 113.21 21.49
N ALA E 17 9.93 112.67 21.22
CA ALA E 17 8.71 113.47 21.23
C ALA E 17 8.48 114.05 22.63
N ALA E 18 8.63 113.23 23.66
CA ALA E 18 8.48 113.68 25.03
C ALA E 18 9.48 114.81 25.32
N TYR E 19 10.71 114.70 24.82
CA TYR E 19 11.72 115.73 25.00
C TYR E 19 11.27 117.06 24.40
N VAL E 20 10.74 117.04 23.17
CA VAL E 20 10.26 118.28 22.55
C VAL E 20 9.14 118.90 23.39
N LEU E 21 8.18 118.08 23.82
CA LEU E 21 7.08 118.56 24.66
C LEU E 21 7.64 119.18 25.95
N ALA E 22 8.62 118.53 26.58
CA ALA E 22 9.21 119.01 27.81
C ALA E 22 9.88 120.38 27.61
N GLU E 23 10.66 120.56 26.55
CA GLU E 23 11.30 121.85 26.30
C GLU E 23 10.27 122.96 26.08
N ILE E 24 9.21 122.66 25.31
CA ILE E 24 8.11 123.60 25.10
C ILE E 24 7.53 124.00 26.46
N ALA E 25 7.12 123.01 27.23
CA ALA E 25 6.44 123.23 28.50
C ALA E 25 7.29 124.00 29.50
N ARG E 26 8.60 123.75 29.57
CA ARG E 26 9.49 124.44 30.52
C ARG E 26 9.67 125.92 30.18
N ASP E 27 9.72 126.26 28.90
CA ASP E 27 9.78 127.66 28.50
C ASP E 27 8.42 128.35 28.65
N ARG E 28 7.33 127.66 28.31
CA ARG E 28 5.96 128.22 28.29
C ARG E 28 5.32 128.34 29.68
N GLY E 29 5.54 127.37 30.56
CA GLY E 29 4.85 127.22 31.85
C GLY E 29 3.47 126.56 31.73
N ASN E 30 3.43 125.23 31.61
CA ASN E 30 2.20 124.43 31.72
C ASN E 30 2.45 123.00 32.23
N GLU E 31 1.94 122.70 33.41
CA GLU E 31 2.16 121.43 34.09
C GLU E 31 1.47 120.26 33.42
N GLU E 32 0.32 120.47 32.77
CA GLU E 32 -0.38 119.39 32.08
C GLU E 32 0.45 118.84 30.92
N LEU E 33 1.15 119.71 30.18
CA LEU E 33 2.09 119.27 29.18
C LEU E 33 3.20 118.42 29.82
N LEU E 34 3.76 118.86 30.96
CA LEU E 34 4.79 118.09 31.65
C LEU E 34 4.24 116.73 32.06
N GLU E 35 3.04 116.70 32.65
CA GLU E 35 2.38 115.47 33.06
C GLU E 35 2.22 114.54 31.86
N LYS E 36 1.73 115.04 30.73
CA LYS E 36 1.56 114.22 29.54
C LYS E 36 2.90 113.69 29.03
N ALA E 37 3.92 114.55 28.96
CA ALA E 37 5.25 114.13 28.54
C ALA E 37 5.79 113.04 29.47
N ALA E 38 5.62 113.22 30.78
CA ALA E 38 6.05 112.25 31.75
C ALA E 38 5.31 110.93 31.55
N ARG E 39 4.00 110.96 31.32
CA ARG E 39 3.22 109.75 31.03
C ARG E 39 3.73 109.03 29.78
N LEU E 40 4.03 109.78 28.72
CA LEU E 40 4.63 109.21 27.51
C LEU E 40 5.96 108.52 27.84
N ALA E 41 6.84 109.22 28.55
CA ALA E 41 8.11 108.64 28.94
C ALA E 41 7.92 107.40 29.83
N GLU E 42 7.00 107.43 30.78
CA GLU E 42 6.78 106.32 31.70
C GLU E 42 6.31 105.07 30.94
N GLU E 43 5.33 105.21 30.03
CA GLU E 43 4.89 104.08 29.21
C GLU E 43 6.05 103.53 28.40
N ALA E 44 6.85 104.41 27.78
CA ALA E 44 8.02 103.96 27.05
C ALA E 44 8.99 103.19 27.97
N ALA E 45 9.20 103.65 29.20
CA ALA E 45 10.07 102.97 30.14
C ALA E 45 9.50 101.60 30.53
N ARG E 46 8.19 101.51 30.78
CA ARG E 46 7.51 100.24 31.10
C ARG E 46 7.67 99.24 29.95
N GLN E 47 7.48 99.69 28.71
CA GLN E 47 7.73 98.86 27.53
C GLN E 47 9.19 98.41 27.47
N ALA E 48 10.13 99.35 27.57
CA ALA E 48 11.55 99.07 27.43
C ALA E 48 12.07 98.09 28.50
N GLU E 49 11.64 98.21 29.75
CA GLU E 49 12.02 97.26 30.80
C GLU E 49 11.56 95.83 30.45
N ARG E 50 10.28 95.67 30.07
CA ARG E 50 9.75 94.36 29.67
C ARG E 50 10.51 93.78 28.49
N ILE E 51 10.80 94.62 27.50
CA ILE E 51 11.60 94.22 26.34
C ILE E 51 13.00 93.78 26.79
N ALA E 52 13.67 94.55 27.66
CA ALA E 52 15.01 94.20 28.13
C ALA E 52 15.02 92.86 28.88
N ARG E 53 14.02 92.61 29.74
CA ARG E 53 13.85 91.33 30.43
C ARG E 53 13.74 90.18 29.42
N GLN E 54 12.87 90.31 28.43
CA GLN E 54 12.73 89.29 27.39
C GLN E 54 14.00 89.13 26.55
N ALA E 55 14.62 90.23 26.13
CA ALA E 55 15.83 90.20 25.30
C ALA E 55 16.98 89.48 26.00
N ARG E 56 17.08 89.59 27.33
CA ARG E 56 18.07 88.85 28.10
C ARG E 56 17.79 87.34 28.09
N LYS E 57 16.51 86.93 28.10
CA LYS E 57 16.13 85.51 27.94
C LYS E 57 16.47 85.00 26.53
N GLU E 58 16.17 85.81 25.52
CA GLU E 58 16.49 85.48 24.12
C GLU E 58 17.99 85.57 23.80
N GLY E 59 18.77 86.24 24.63
CA GLY E 59 20.22 86.39 24.48
C GLY E 59 20.66 87.45 23.47
N ASN E 60 19.76 88.32 22.97
CA ASN E 60 20.16 89.43 22.10
C ASN E 60 20.61 90.65 22.92
N LEU E 61 21.90 90.66 23.27
CA LEU E 61 22.50 91.74 24.05
C LEU E 61 22.41 93.09 23.31
N GLU E 62 22.46 93.12 21.98
CA GLU E 62 22.46 94.41 21.27
C GLU E 62 21.10 95.11 21.37
N LEU E 63 20.00 94.37 21.23
CA LEU E 63 18.68 94.92 21.52
C LEU E 63 18.61 95.38 22.98
N ALA E 64 19.10 94.56 23.92
CA ALA E 64 19.05 94.91 25.32
C ALA E 64 19.82 96.21 25.60
N LEU E 65 21.07 96.34 25.12
CA LEU E 65 21.86 97.53 25.39
C LEU E 65 21.26 98.75 24.69
N LYS E 66 20.66 98.58 23.50
CA LYS E 66 19.94 99.68 22.87
C LYS E 66 18.76 100.11 23.75
N ALA E 67 17.99 99.16 24.28
CA ALA E 67 16.90 99.49 25.20
C ALA E 67 17.41 100.21 26.44
N LEU E 68 18.54 99.76 26.99
CA LEU E 68 19.16 100.45 28.12
C LEU E 68 19.55 101.87 27.73
N GLN E 69 20.11 102.09 26.54
CA GLN E 69 20.42 103.44 26.07
C GLN E 69 19.18 104.31 26.05
N ILE E 70 18.09 103.76 25.51
CA ILE E 70 16.82 104.47 25.47
C ILE E 70 16.37 104.78 26.90
N LEU E 71 16.41 103.81 27.80
CA LEU E 71 16.02 104.02 29.19
C LEU E 71 16.83 105.14 29.82
N VAL E 72 18.15 105.15 29.61
CA VAL E 72 19.01 106.20 30.16
C VAL E 72 18.58 107.55 29.61
N ASN E 73 18.36 107.65 28.30
CA ASN E 73 17.88 108.90 27.74
C ASN E 73 16.53 109.27 28.36
N ALA E 74 15.63 108.31 28.52
CA ALA E 74 14.32 108.56 29.09
C ALA E 74 14.45 109.11 30.52
N ALA E 75 15.33 108.52 31.32
CA ALA E 75 15.60 109.02 32.64
C ALA E 75 16.11 110.45 32.58
N TYR E 76 16.96 110.78 31.60
CA TYR E 76 17.45 112.13 31.47
C TYR E 76 16.31 113.11 31.23
N VAL E 77 15.41 112.79 30.31
CA VAL E 77 14.21 113.60 30.07
C VAL E 77 13.38 113.70 31.35
N LEU E 78 13.12 112.57 32.01
CA LEU E 78 12.30 112.54 33.21
C LEU E 78 12.88 113.44 34.29
N ALA E 79 14.19 113.41 34.47
CA ALA E 79 14.87 114.27 35.43
C ALA E 79 14.74 115.74 35.03
N GLU E 80 15.00 116.06 33.76
CA GLU E 80 14.89 117.42 33.25
C GLU E 80 13.47 117.97 33.46
N ILE E 81 12.45 117.13 33.33
CA ILE E 81 11.09 117.48 33.72
C ILE E 81 11.04 117.70 35.24
N ALA E 82 11.36 116.66 36.00
CA ALA E 82 11.05 116.59 37.41
C ALA E 82 11.72 117.70 38.22
N ARG E 83 12.93 118.11 37.84
CA ARG E 83 13.64 119.22 38.51
C ARG E 83 12.84 120.52 38.41
N ASP E 84 12.36 120.84 37.21
CA ASP E 84 11.61 122.08 37.00
C ASP E 84 10.20 121.99 37.59
N ARG E 85 9.63 120.78 37.59
CA ARG E 85 8.40 120.48 38.34
C ARG E 85 8.58 120.59 39.87
N GLY E 86 9.82 120.58 40.35
CA GLY E 86 10.14 120.53 41.77
C GLY E 86 9.75 119.20 42.45
N ASN E 87 9.59 118.13 41.67
CA ASN E 87 9.11 116.85 42.19
C ASN E 87 10.26 115.88 42.47
N GLU E 88 10.68 115.80 43.73
CA GLU E 88 11.72 114.86 44.11
C GLU E 88 11.30 113.40 43.95
N GLU E 89 10.01 113.07 44.04
CA GLU E 89 9.57 111.68 43.95
C GLU E 89 9.87 111.08 42.58
N LEU E 90 9.61 111.85 41.52
CA LEU E 90 10.01 111.50 40.17
C LEU E 90 11.52 111.49 40.01
N LEU E 91 12.26 112.43 40.63
CA LEU E 91 13.72 112.39 40.59
C LEU E 91 14.24 111.10 41.23
N GLU E 92 13.70 110.72 42.38
CA GLU E 92 14.05 109.50 43.08
C GLU E 92 13.72 108.27 42.24
N TYR E 93 12.52 108.23 41.64
CA TYR E 93 12.11 107.18 40.72
C TYR E 93 13.08 107.05 39.54
N ALA E 94 13.42 108.18 38.91
CA ALA E 94 14.38 108.20 37.81
C ALA E 94 15.77 107.73 38.26
N ALA E 95 16.26 108.19 39.42
CA ALA E 95 17.57 107.79 39.92
C ALA E 95 17.62 106.28 40.18
N ARG E 96 16.57 105.74 40.82
CA ARG E 96 16.47 104.30 41.10
C ARG E 96 16.42 103.50 39.80
N LEU E 97 15.66 103.96 38.82
CA LEU E 97 15.67 103.35 37.49
C LEU E 97 17.07 103.38 36.90
N ALA E 98 17.76 104.52 36.90
CA ALA E 98 19.07 104.66 36.28
C ALA E 98 20.14 103.82 37.00
N GLU E 99 20.11 103.73 38.32
CA GLU E 99 20.97 102.81 39.03
C GLU E 99 20.66 101.36 38.63
N GLU E 100 19.39 100.94 38.65
CA GLU E 100 19.02 99.57 38.27
C GLU E 100 19.44 99.24 36.83
N ALA E 101 19.24 100.18 35.91
CA ALA E 101 19.71 100.03 34.56
C ALA E 101 21.24 99.86 34.55
N ALA E 102 21.97 100.67 35.31
CA ALA E 102 23.41 100.54 35.38
C ALA E 102 23.79 99.15 35.90
N ARG E 103 23.12 98.64 36.93
CA ARG E 103 23.35 97.28 37.45
C ARG E 103 23.19 96.26 36.33
N GLN E 104 22.06 96.30 35.63
CA GLN E 104 21.82 95.39 34.52
C GLN E 104 22.90 95.51 33.45
N ALA E 105 23.26 96.72 33.07
CA ALA E 105 24.26 96.97 32.04
C ALA E 105 25.64 96.46 32.46
N ILE E 106 26.03 96.67 33.71
CA ILE E 106 27.26 96.12 34.25
C ILE E 106 27.23 94.59 34.13
N GLU E 107 26.13 93.94 34.52
CA GLU E 107 26.04 92.48 34.39
C GLU E 107 26.11 92.03 32.92
N ILE E 108 25.48 92.77 32.01
CA ILE E 108 25.63 92.52 30.58
C ILE E 108 27.10 92.63 30.17
N TRP E 109 27.81 93.67 30.62
CA TRP E 109 29.23 93.85 30.31
C TRP E 109 30.06 92.67 30.83
N ALA E 110 29.76 92.19 32.02
CA ALA E 110 30.45 91.03 32.58
C ALA E 110 30.18 89.76 31.76
N GLN E 111 28.94 89.54 31.34
CA GLN E 111 28.62 88.42 30.45
C GLN E 111 29.42 88.51 29.15
N ALA E 112 29.44 89.70 28.53
CA ALA E 112 30.20 89.94 27.31
C ALA E 112 31.72 89.73 27.52
N MET E 113 32.26 90.09 28.69
CA MET E 113 33.67 89.87 29.02
C MET E 113 34.01 88.39 29.12
N GLU E 114 33.16 87.57 29.75
CA GLU E 114 33.38 86.12 29.78
C GLU E 114 33.18 85.49 28.38
N GLU E 115 32.16 85.91 27.63
CA GLU E 115 31.93 85.42 26.26
C GLU E 115 33.01 85.86 25.26
N GLY E 116 33.72 86.96 25.53
CA GLY E 116 34.81 87.48 24.70
C GLY E 116 34.40 88.34 23.50
N ASN E 117 33.13 88.72 23.37
CA ASN E 117 32.68 89.62 22.30
C ASN E 117 33.09 91.07 22.61
N GLN E 118 34.27 91.46 22.13
CA GLN E 118 34.84 92.77 22.43
C GLN E 118 33.93 93.91 21.98
N GLN E 119 33.19 93.73 20.90
CA GLN E 119 32.29 94.72 20.33
C GLN E 119 31.17 95.02 21.30
N LEU E 120 30.44 93.99 21.75
CA LEU E 120 29.40 94.17 22.76
C LEU E 120 30.01 94.75 24.04
N ARG E 121 31.18 94.26 24.44
CA ARG E 121 31.87 94.72 25.65
C ARG E 121 32.12 96.22 25.60
N THR E 122 32.71 96.72 24.52
CA THR E 122 32.90 98.17 24.40
C THR E 122 31.57 98.90 24.31
N LYS E 123 30.60 98.38 23.55
CA LYS E 123 29.28 99.01 23.40
C LYS E 123 28.62 99.23 24.77
N ALA E 124 28.55 98.20 25.58
CA ALA E 124 27.93 98.27 26.89
C ALA E 124 28.58 99.33 27.79
N ALA E 125 29.90 99.52 27.69
CA ALA E 125 30.59 100.51 28.51
C ALA E 125 30.03 101.92 28.27
N HIS E 126 29.75 102.29 27.02
CA HIS E 126 29.14 103.58 26.72
C HIS E 126 27.80 103.73 27.45
N ILE E 127 26.98 102.69 27.45
CA ILE E 127 25.70 102.70 28.15
C ILE E 127 25.92 102.92 29.65
N ILE E 128 26.83 102.16 30.26
CA ILE E 128 27.07 102.28 31.70
C ILE E 128 27.55 103.70 32.03
N LEU E 129 28.48 104.22 31.23
CA LEU E 129 29.00 105.56 31.40
C LEU E 129 27.87 106.60 31.32
N ARG E 130 27.02 106.53 30.30
CA ARG E 130 25.89 107.46 30.20
C ARG E 130 24.94 107.33 31.39
N ALA E 131 24.69 106.12 31.88
CA ALA E 131 23.80 105.93 33.02
C ALA E 131 24.31 106.72 34.24
N ALA E 132 25.61 106.63 34.52
CA ALA E 132 26.22 107.44 35.57
C ALA E 132 26.09 108.95 35.26
N GLU E 133 26.27 109.37 34.00
CA GLU E 133 26.14 110.78 33.65
C GLU E 133 24.78 111.34 34.04
N VAL E 134 23.71 110.57 33.83
CA VAL E 134 22.36 110.97 34.24
C VAL E 134 22.25 111.07 35.76
N LEU E 135 22.81 110.11 36.51
CA LEU E 135 22.80 110.23 37.96
C LEU E 135 23.53 111.51 38.39
N LEU E 136 24.68 111.80 37.78
CA LEU E 136 25.46 113.01 38.05
C LEU E 136 24.61 114.25 37.80
N GLU E 137 23.90 114.33 36.68
CA GLU E 137 23.02 115.46 36.44
C GLU E 137 21.98 115.64 37.55
N ILE E 138 21.37 114.55 38.04
CA ILE E 138 20.42 114.63 39.14
C ILE E 138 21.11 115.19 40.38
N ALA E 139 22.26 114.60 40.72
CA ALA E 139 23.03 115.00 41.89
C ALA E 139 23.50 116.47 41.81
N ARG E 140 23.82 116.97 40.62
CA ARG E 140 24.39 118.30 40.39
C ARG E 140 23.54 119.39 41.02
N ASP E 141 22.22 119.33 40.81
CA ASP E 141 21.31 120.27 41.44
C ASP E 141 20.85 119.80 42.83
N ARG E 142 20.59 118.49 43.00
CA ARG E 142 19.99 117.95 44.24
C ARG E 142 20.92 118.02 45.46
N GLY E 143 22.23 118.03 45.26
CA GLY E 143 23.24 118.20 46.32
C GLY E 143 23.56 116.94 47.15
N ASN E 144 22.97 115.79 46.84
CA ASN E 144 23.27 114.54 47.54
C ASN E 144 24.69 114.05 47.24
N GLN E 145 25.57 114.10 48.23
CA GLN E 145 26.99 113.78 48.05
C GLN E 145 27.21 112.30 47.76
N GLU E 146 26.39 111.42 48.34
CA GLU E 146 26.47 109.99 48.12
C GLU E 146 26.26 109.66 46.65
N LEU E 147 25.29 110.32 46.01
CA LEU E 147 25.04 110.13 44.59
C LEU E 147 26.20 110.68 43.75
N LEU E 148 26.84 111.79 44.15
CA LEU E 148 28.05 112.26 43.49
C LEU E 148 29.17 111.23 43.58
N GLU E 149 29.38 110.66 44.77
CA GLU E 149 30.37 109.63 44.96
C GLU E 149 30.05 108.40 44.12
N LYS E 150 28.81 107.91 44.15
CA LYS E 150 28.37 106.78 43.35
C LYS E 150 28.71 107.01 41.89
N ALA E 151 28.28 108.13 41.33
CA ALA E 151 28.51 108.41 39.92
C ALA E 151 30.00 108.46 39.59
N ALA E 152 30.78 109.21 40.38
CA ALA E 152 32.22 109.33 40.16
C ALA E 152 32.88 107.96 40.16
N SER E 153 32.61 107.21 41.22
CA SER E 153 33.24 105.91 41.44
C SER E 153 32.80 104.89 40.39
N LEU E 154 31.53 104.88 40.00
CA LEU E 154 31.06 104.02 38.91
C LEU E 154 31.87 104.32 37.64
N VAL E 155 32.01 105.60 37.31
CA VAL E 155 32.76 106.00 36.11
C VAL E 155 34.21 105.55 36.21
N ASP E 156 34.93 105.95 37.24
CA ASP E 156 36.36 105.69 37.28
C ASP E 156 36.64 104.18 37.36
N ALA E 157 35.78 103.41 38.04
CA ALA E 157 35.84 101.95 38.02
C ALA E 157 35.66 101.39 36.60
N VAL E 158 34.66 101.86 35.85
CA VAL E 158 34.54 101.47 34.46
C VAL E 158 35.78 101.89 33.67
N ALA E 159 36.38 103.04 33.97
CA ALA E 159 37.57 103.49 33.25
C ALA E 159 38.73 102.52 33.45
N ALA E 160 38.89 101.98 34.66
CA ALA E 160 39.79 100.87 34.87
C ALA E 160 39.35 99.64 34.04
N LEU E 161 38.06 99.26 34.02
CA LEU E 161 37.61 98.08 33.27
C LEU E 161 37.94 98.21 31.79
N GLN E 162 37.64 99.35 31.20
CA GLN E 162 37.96 99.65 29.82
C GLN E 162 39.47 99.72 29.60
N GLN E 163 40.22 100.38 30.48
CA GLN E 163 41.66 100.47 30.33
C GLN E 163 42.30 99.09 30.38
N ALA E 164 41.82 98.23 31.28
CA ALA E 164 42.27 96.85 31.39
C ALA E 164 41.92 96.07 30.13
N ALA E 165 40.72 96.25 29.57
CA ALA E 165 40.40 95.62 28.30
C ALA E 165 41.38 96.05 27.20
N ALA E 166 41.81 97.32 27.18
CA ALA E 166 42.84 97.76 26.24
C ALA E 166 44.17 97.07 26.51
N ALA E 167 44.59 96.99 27.78
CA ALA E 167 45.79 96.24 28.14
C ALA E 167 45.70 94.77 27.71
N ILE E 168 44.53 94.15 27.80
CA ILE E 168 44.29 92.77 27.35
C ILE E 168 44.47 92.66 25.84
N LEU E 169 43.91 93.58 25.05
CA LEU E 169 44.15 93.59 23.61
C LEU E 169 45.63 93.81 23.29
N GLU E 170 46.29 94.70 24.01
CA GLU E 170 47.72 95.00 23.82
C GLU E 170 48.65 93.88 24.31
N GLY E 171 48.19 93.01 25.21
CA GLY E 171 49.01 92.02 25.91
C GLY E 171 49.94 92.62 26.98
N ASP E 172 49.79 93.88 27.35
CA ASP E 172 50.62 94.52 28.37
C ASP E 172 50.16 94.15 29.79
N VAL E 173 50.71 93.06 30.31
CA VAL E 173 50.38 92.58 31.65
C VAL E 173 50.80 93.57 32.74
N GLU E 174 51.79 94.42 32.53
CA GLU E 174 52.24 95.38 33.55
C GLU E 174 51.22 96.50 33.72
N LYS E 175 50.74 97.01 32.58
CA LYS E 175 49.57 97.89 32.55
C LYS E 175 48.35 97.19 33.15
N ALA E 176 48.16 95.89 32.88
CA ALA E 176 47.04 95.15 33.44
C ALA E 176 47.07 95.15 34.98
N VAL E 177 48.23 94.97 35.58
CA VAL E 177 48.39 95.10 37.04
C VAL E 177 47.94 96.48 37.49
N ARG E 178 48.48 97.54 36.88
CA ARG E 178 48.19 98.91 37.31
C ARG E 178 46.70 99.18 37.27
N ALA E 179 46.06 98.84 36.16
CA ALA E 179 44.62 98.99 36.00
C ALA E 179 43.85 98.19 37.06
N ALA E 180 44.24 96.94 37.32
CA ALA E 180 43.57 96.12 38.31
C ALA E 180 43.64 96.76 39.71
N GLN E 181 44.80 97.33 40.07
CA GLN E 181 44.98 97.98 41.37
C GLN E 181 44.04 99.19 41.51
N GLU E 182 43.95 100.02 40.49
CA GLU E 182 42.97 101.10 40.51
C GLU E 182 41.53 100.57 40.54
N ALA E 183 41.24 99.47 39.83
CA ALA E 183 39.89 98.93 39.74
C ALA E 183 39.39 98.51 41.11
N VAL E 184 40.19 97.74 41.85
CA VAL E 184 39.82 97.41 43.22
C VAL E 184 39.78 98.67 44.08
N LYS E 185 40.70 99.64 43.90
CA LYS E 185 40.68 100.88 44.68
C LYS E 185 39.34 101.59 44.56
N ALA E 186 38.86 101.76 43.33
CA ALA E 186 37.55 102.35 43.10
C ALA E 186 36.44 101.48 43.69
N ALA E 187 36.37 100.21 43.31
CA ALA E 187 35.24 99.35 43.68
C ALA E 187 35.12 99.21 45.21
N LYS E 188 36.24 99.14 45.91
CA LYS E 188 36.31 99.04 47.38
C LYS E 188 35.85 100.33 48.07
N GLU E 189 36.17 101.49 47.50
CA GLU E 189 35.62 102.76 47.99
C GLU E 189 34.12 102.88 47.69
N ALA E 190 33.65 102.28 46.59
CA ALA E 190 32.26 102.33 46.18
C ALA E 190 31.34 101.40 46.98
N GLY E 191 31.77 100.18 47.26
CA GLY E 191 30.95 99.18 47.94
C GLY E 191 29.79 98.61 47.11
N ASP E 192 29.76 98.79 45.79
CA ASP E 192 28.76 98.19 44.92
C ASP E 192 29.10 96.72 44.60
N ASN E 193 28.31 95.78 45.13
CA ASN E 193 28.52 94.35 44.94
C ASN E 193 28.44 93.94 43.46
N ASP E 194 27.64 94.61 42.64
CA ASP E 194 27.58 94.29 41.23
C ASP E 194 28.82 94.78 40.50
N MET E 195 29.39 95.93 40.92
CA MET E 195 30.67 96.38 40.37
C MET E 195 31.76 95.37 40.72
N LEU E 196 31.80 94.94 41.97
CA LEU E 196 32.75 93.92 42.40
C LEU E 196 32.55 92.61 41.61
N ARG E 197 31.31 92.18 41.35
CA ARG E 197 31.02 91.00 40.50
C ARG E 197 31.66 91.17 39.13
N ALA E 198 31.43 92.30 38.48
CA ALA E 198 32.03 92.55 37.17
C ALA E 198 33.56 92.55 37.24
N VAL E 199 34.15 93.25 38.19
CA VAL E 199 35.60 93.33 38.35
C VAL E 199 36.17 91.92 38.50
N ALA E 200 35.58 91.11 39.36
CA ALA E 200 36.04 89.74 39.60
C ALA E 200 35.95 88.90 38.31
N ILE E 201 34.85 89.00 37.57
CA ILE E 201 34.72 88.30 36.30
C ILE E 201 35.82 88.76 35.33
N ALA E 202 36.15 90.06 35.30
CA ALA E 202 37.23 90.55 34.45
C ALA E 202 38.59 89.98 34.84
N ALA E 203 38.85 89.79 36.14
CA ALA E 203 40.11 89.21 36.59
C ALA E 203 40.34 87.81 36.00
N LEU E 204 39.27 87.04 35.77
CA LEU E 204 39.39 85.74 35.11
C LEU E 204 40.05 85.87 33.75
N ARG E 205 39.63 86.87 32.95
CA ARG E 205 40.23 87.14 31.64
C ARG E 205 41.71 87.44 31.78
N ILE E 206 42.07 88.28 32.75
CA ILE E 206 43.47 88.66 33.00
C ILE E 206 44.29 87.39 33.26
N ALA E 207 43.79 86.51 34.12
CA ALA E 207 44.47 85.25 34.38
C ALA E 207 44.59 84.39 33.10
N LYS E 208 43.49 84.21 32.37
CA LYS E 208 43.44 83.38 31.15
C LYS E 208 44.52 83.80 30.16
N GLU E 209 44.70 85.10 29.95
CA GLU E 209 45.76 85.61 29.08
C GLU E 209 47.14 85.53 29.72
N ALA E 210 47.27 85.84 31.01
CA ALA E 210 48.58 85.81 31.68
C ALA E 210 49.21 84.42 31.61
N GLU E 211 48.40 83.36 31.66
CA GLU E 211 48.88 81.99 31.41
C GLU E 211 49.53 81.86 30.03
N LYS E 212 48.88 82.37 28.98
CA LYS E 212 49.39 82.31 27.61
C LYS E 212 50.67 83.11 27.46
N GLN E 213 50.73 84.26 28.13
CA GLN E 213 51.95 85.07 28.19
C GLN E 213 53.08 84.36 28.94
N GLY E 214 52.74 83.50 29.89
CA GLY E 214 53.69 82.69 30.64
C GLY E 214 54.54 83.47 31.66
N ASN E 215 54.38 84.79 31.77
CA ASN E 215 55.04 85.58 32.80
C ASN E 215 54.32 85.36 34.14
N VAL E 216 54.68 84.28 34.83
CA VAL E 216 54.06 83.90 36.11
C VAL E 216 54.26 84.96 37.19
N GLU E 217 55.39 85.69 37.18
CA GLU E 217 55.64 86.72 38.18
C GLU E 217 54.59 87.83 38.10
N VAL E 218 54.38 88.36 36.90
CA VAL E 218 53.34 89.35 36.71
C VAL E 218 51.95 88.73 36.88
N ALA E 219 51.76 87.48 36.44
CA ALA E 219 50.48 86.80 36.60
C ALA E 219 50.06 86.74 38.08
N VAL E 220 50.98 86.38 38.97
CA VAL E 220 50.70 86.39 40.41
C VAL E 220 50.52 87.81 40.92
N LYS E 221 51.40 88.75 40.55
CA LYS E 221 51.25 90.16 40.98
C LYS E 221 49.89 90.72 40.61
N ALA E 222 49.33 90.33 39.46
CA ALA E 222 47.97 90.65 39.05
C ALA E 222 46.92 89.88 39.86
N ALA E 223 47.03 88.54 39.91
CA ALA E 223 46.09 87.69 40.59
C ALA E 223 45.94 88.05 42.08
N ARG E 224 46.93 88.72 42.67
CA ARG E 224 46.89 89.31 44.01
C ARG E 224 45.62 90.13 44.25
N VAL E 225 45.07 90.77 43.23
CA VAL E 225 43.80 91.51 43.33
C VAL E 225 42.61 90.56 43.42
N ALA E 226 42.63 89.44 42.70
CA ALA E 226 41.43 88.65 42.41
C ALA E 226 40.66 88.25 43.67
N VAL E 227 41.40 87.77 44.68
CA VAL E 227 40.84 87.39 45.97
C VAL E 227 40.13 88.56 46.67
N GLU E 228 40.68 89.77 46.59
CA GLU E 228 40.17 90.91 47.34
C GLU E 228 38.77 91.30 46.88
N ALA E 229 38.54 91.20 45.57
CA ALA E 229 37.19 91.29 45.03
C ALA E 229 36.39 90.03 45.37
N ALA E 230 36.92 88.85 45.07
CA ALA E 230 36.14 87.62 45.12
C ALA E 230 35.53 87.36 46.51
N LYS E 231 36.26 87.69 47.56
CA LYS E 231 35.82 87.56 48.95
C LYS E 231 34.63 88.47 49.28
N GLN E 232 34.54 89.65 48.66
CA GLN E 232 33.31 90.44 48.74
C GLN E 232 32.19 89.81 47.92
N ALA E 233 32.51 89.38 46.68
CA ALA E 233 31.50 88.97 45.71
C ALA E 233 30.76 87.67 46.09
N GLY E 234 31.48 86.65 46.55
CA GLY E 234 30.90 85.38 46.99
C GLY E 234 30.32 84.49 45.88
N ASP E 235 30.55 84.79 44.61
CA ASP E 235 30.12 83.94 43.50
C ASP E 235 30.96 82.65 43.43
N ASN E 236 30.35 81.53 43.76
CA ASN E 236 31.07 80.26 43.94
C ASN E 236 31.78 79.80 42.67
N ASP E 237 31.15 79.95 41.50
CA ASP E 237 31.78 79.58 40.24
C ASP E 237 33.03 80.44 39.99
N VAL E 238 32.95 81.73 40.29
CA VAL E 238 34.10 82.63 40.14
C VAL E 238 35.22 82.19 41.07
N LEU E 239 34.91 81.93 42.35
CA LEU E 239 35.89 81.41 43.29
C LEU E 239 36.53 80.11 42.78
N ARG E 240 35.73 79.18 42.24
CA ARG E 240 36.20 77.90 41.74
C ARG E 240 37.11 78.06 40.51
N LYS E 241 36.73 78.93 39.58
CA LYS E 241 37.58 79.31 38.46
C LYS E 241 38.89 79.94 38.96
N VAL E 242 38.82 80.91 39.89
CA VAL E 242 40.01 81.55 40.47
C VAL E 242 40.96 80.51 41.06
N ALA E 243 40.43 79.53 41.79
CA ALA E 243 41.25 78.44 42.29
C ALA E 243 41.89 77.63 41.15
N GLU E 244 41.13 77.25 40.13
CA GLU E 244 41.68 76.52 38.98
C GLU E 244 42.83 77.30 38.32
N GLN E 245 42.63 78.59 38.10
CA GLN E 245 43.70 79.45 37.61
C GLN E 245 44.88 79.47 38.57
N ALA E 246 44.70 79.61 39.88
CA ALA E 246 45.80 79.65 40.82
C ALA E 246 46.62 78.35 40.79
N LEU E 247 45.94 77.22 40.68
CA LEU E 247 46.58 75.91 40.52
C LEU E 247 47.35 75.84 39.20
N ARG E 248 46.75 76.25 38.09
CA ARG E 248 47.43 76.27 36.80
C ARG E 248 48.66 77.17 36.87
N ILE E 249 48.53 78.34 37.47
CA ILE E 249 49.63 79.28 37.67
C ILE E 249 50.73 78.63 38.49
N ALA E 250 50.40 77.91 39.55
CA ALA E 250 51.38 77.16 40.30
C ALA E 250 52.09 76.11 39.41
N LYS E 251 51.34 75.31 38.64
CA LYS E 251 51.91 74.31 37.72
C LYS E 251 52.90 74.95 36.76
N GLU E 252 52.53 76.06 36.16
CA GLU E 252 53.45 76.77 35.28
C GLU E 252 54.66 77.32 36.06
N ALA E 253 54.47 77.90 37.24
CA ALA E 253 55.58 78.44 38.01
C ALA E 253 56.57 77.35 38.45
N GLU E 254 56.09 76.15 38.74
CA GLU E 254 56.93 74.98 38.93
C GLU E 254 57.70 74.63 37.65
N LYS E 255 57.03 74.60 36.50
CA LYS E 255 57.69 74.31 35.21
C LYS E 255 58.75 75.34 34.87
N GLN E 256 58.49 76.60 35.21
CA GLN E 256 59.43 77.72 35.12
C GLN E 256 60.48 77.68 36.24
N GLY E 257 60.36 76.76 37.20
CA GLY E 257 61.26 76.65 38.34
C GLY E 257 61.16 77.80 39.34
N ASN E 258 60.25 78.75 39.14
CA ASN E 258 60.04 79.85 40.08
C ASN E 258 59.10 79.41 41.21
N VAL E 259 59.62 78.54 42.06
CA VAL E 259 58.90 78.05 43.24
C VAL E 259 58.53 79.17 44.20
N GLU E 260 59.29 80.27 44.27
CA GLU E 260 58.94 81.39 45.13
C GLU E 260 57.64 82.07 44.66
N VAL E 261 57.50 82.27 43.36
CA VAL E 261 56.24 82.76 42.80
C VAL E 261 55.15 81.71 43.01
N ALA E 262 55.46 80.44 42.74
CA ALA E 262 54.49 79.36 42.88
C ALA E 262 53.88 79.33 44.28
N VAL E 263 54.71 79.41 45.32
CA VAL E 263 54.22 79.29 46.70
C VAL E 263 53.36 80.48 47.09
N LYS E 264 53.73 81.69 46.67
CA LYS E 264 52.92 82.87 46.98
C LYS E 264 51.54 82.76 46.34
N ALA E 265 51.45 82.17 45.14
CA ALA E 265 50.18 81.96 44.44
C ALA E 265 49.17 81.13 45.25
N ALA E 266 49.63 80.25 46.13
CA ALA E 266 48.73 79.47 46.96
C ALA E 266 47.92 80.34 47.94
N ARG E 267 48.40 81.54 48.33
CA ARG E 267 47.69 82.38 49.32
C ARG E 267 46.29 82.75 48.85
N VAL E 268 46.15 83.02 47.55
CA VAL E 268 44.86 83.24 46.87
C VAL E 268 44.05 81.95 46.91
N ALA E 269 44.64 80.83 46.49
CA ALA E 269 43.93 79.57 46.36
C ALA E 269 43.30 79.14 47.69
N VAL E 270 44.08 79.19 48.78
CA VAL E 270 43.58 78.77 50.10
C VAL E 270 42.45 79.69 50.56
N GLU E 271 42.56 81.00 50.36
CA GLU E 271 41.47 81.90 50.75
C GLU E 271 40.19 81.55 50.00
N ALA E 272 40.28 81.44 48.66
CA ALA E 272 39.12 81.20 47.82
C ALA E 272 38.44 79.88 48.19
N ALA E 273 39.21 78.81 48.33
CA ALA E 273 38.68 77.51 48.73
C ALA E 273 38.02 77.58 50.11
N LYS E 274 38.67 78.26 51.08
CA LYS E 274 38.18 78.42 52.46
C LYS E 274 36.86 79.18 52.49
N GLN E 275 36.72 80.24 51.70
CA GLN E 275 35.43 80.94 51.58
C GLN E 275 34.39 80.11 50.83
N ALA E 276 34.79 79.40 49.78
CA ALA E 276 33.88 78.61 48.94
C ALA E 276 33.39 77.33 49.62
N GLY E 277 34.17 76.75 50.52
CA GLY E 277 33.95 75.42 51.08
C GLY E 277 34.31 74.26 50.13
N ASP E 278 35.08 74.53 49.08
CA ASP E 278 35.49 73.50 48.10
C ASP E 278 36.61 72.61 48.67
N ASN E 279 36.23 71.59 49.44
CA ASN E 279 37.19 70.66 50.04
C ASN E 279 38.01 69.93 48.98
N ASP E 280 37.43 69.62 47.82
CA ASP E 280 38.21 69.03 46.72
C ASP E 280 39.28 69.98 46.20
N VAL E 281 39.02 71.28 46.20
CA VAL E 281 40.07 72.26 45.92
C VAL E 281 41.13 72.23 47.03
N LEU E 282 40.74 72.21 48.31
CA LEU E 282 41.72 72.11 49.41
C LEU E 282 42.63 70.89 49.23
N ARG E 283 42.05 69.75 48.86
CA ARG E 283 42.78 68.51 48.57
C ARG E 283 43.74 68.69 47.41
N LYS E 284 43.26 69.19 46.27
CA LYS E 284 44.08 69.42 45.08
C LYS E 284 45.19 70.43 45.36
N VAL E 285 44.90 71.46 46.15
CA VAL E 285 45.88 72.46 46.61
C VAL E 285 46.95 71.80 47.45
N ALA E 286 46.59 70.97 48.44
CA ALA E 286 47.59 70.26 49.22
C ALA E 286 48.47 69.36 48.33
N ASP E 287 47.86 68.62 47.40
CA ASP E 287 48.62 67.81 46.44
C ASP E 287 49.61 68.67 45.67
N GLN E 288 49.14 69.75 45.07
CA GLN E 288 50.02 70.64 44.33
C GLN E 288 51.10 71.25 45.23
N ALA E 289 50.76 71.62 46.47
CA ALA E 289 51.72 72.17 47.41
C ALA E 289 52.83 71.17 47.69
N LEU E 290 52.54 69.87 47.71
CA LEU E 290 53.56 68.84 47.85
C LEU E 290 54.47 68.83 46.62
N GLU E 291 53.92 68.99 45.42
CA GLU E 291 54.77 69.16 44.24
C GLU E 291 55.67 70.39 44.37
N ILE E 292 55.14 71.51 44.87
CA ILE E 292 55.95 72.71 45.13
C ILE E 292 57.05 72.40 46.13
N ALA E 293 56.72 71.71 47.22
CA ALA E 293 57.71 71.33 48.21
C ALA E 293 58.80 70.42 47.59
N LYS E 294 58.42 69.49 46.71
CA LYS E 294 59.36 68.61 46.02
C LYS E 294 60.33 69.42 45.17
N ALA E 295 59.82 70.37 44.39
CA ALA E 295 60.68 71.28 43.66
C ALA E 295 61.56 72.13 44.60
N ALA E 296 61.02 72.63 45.71
CA ALA E 296 61.76 73.45 46.66
C ALA E 296 62.90 72.66 47.32
N LEU E 297 62.65 71.39 47.66
CA LEU E 297 63.67 70.45 48.08
C LEU E 297 64.72 70.27 46.98
N GLU E 298 64.31 70.02 45.74
CA GLU E 298 65.23 69.82 44.63
C GLU E 298 66.10 71.05 44.34
N GLN E 299 65.57 72.26 44.56
CA GLN E 299 66.34 73.51 44.48
C GLN E 299 67.16 73.79 45.74
N GLY E 300 66.84 73.17 46.88
CA GLY E 300 67.38 73.55 48.19
C GLY E 300 66.77 74.86 48.74
N ASP E 301 65.68 75.34 48.16
CA ASP E 301 64.93 76.52 48.62
C ASP E 301 64.05 76.17 49.83
N ILE E 302 64.67 75.77 50.93
CA ILE E 302 63.91 75.19 52.05
C ILE E 302 63.03 76.22 52.76
N ASP E 303 63.34 77.52 52.68
CA ASP E 303 62.39 78.55 53.12
C ASP E 303 61.10 78.51 52.29
N VAL E 304 61.21 78.26 50.98
CA VAL E 304 60.04 78.10 50.12
C VAL E 304 59.30 76.80 50.46
N ALA E 305 60.03 75.71 50.72
CA ALA E 305 59.39 74.49 51.19
C ALA E 305 58.62 74.74 52.50
N GLN E 306 59.22 75.49 53.43
CA GLN E 306 58.59 75.92 54.68
C GLN E 306 57.31 76.68 54.39
N LYS E 307 57.36 77.74 53.58
CA LYS E 307 56.17 78.48 53.18
C LYS E 307 55.12 77.55 52.59
N ALA E 308 55.52 76.61 51.73
CA ALA E 308 54.60 75.70 51.06
C ALA E 308 53.87 74.85 52.09
N MET E 309 54.58 74.29 53.04
CA MET E 309 53.99 73.55 54.13
C MET E 309 53.12 74.43 55.01
N ASP E 310 53.54 75.65 55.34
CA ASP E 310 52.75 76.57 56.16
C ASP E 310 51.35 76.76 55.59
N VAL E 311 51.29 77.07 54.29
CA VAL E 311 50.03 77.25 53.57
C VAL E 311 49.30 75.92 53.47
N ALA E 312 49.99 74.83 53.12
CA ALA E 312 49.34 73.53 52.96
C ALA E 312 48.64 73.12 54.26
N VAL E 313 49.28 73.33 55.41
CA VAL E 313 48.69 73.06 56.72
C VAL E 313 47.47 73.94 56.91
N GLU E 314 47.61 75.25 56.74
CA GLU E 314 46.49 76.17 56.87
C GLU E 314 45.31 75.73 55.98
N ALA E 315 45.56 75.25 54.77
CA ALA E 315 44.55 74.76 53.85
C ALA E 315 43.92 73.45 54.35
N LEU E 316 44.74 72.42 54.52
CA LEU E 316 44.27 71.07 54.83
C LEU E 316 43.47 71.08 56.13
N THR E 317 43.90 71.87 57.11
CA THR E 317 43.22 71.99 58.40
C THR E 317 41.78 72.52 58.33
N GLN E 318 41.32 73.07 57.20
CA GLN E 318 39.94 73.49 57.05
C GLN E 318 39.00 72.37 56.55
N ALA E 319 39.56 71.29 55.99
CA ALA E 319 38.78 70.21 55.37
C ALA E 319 37.99 69.37 56.39
N LEU F 4 -40.52 34.87 -78.93
CA LEU F 4 -41.48 34.43 -79.99
C LEU F 4 -42.56 35.49 -80.29
N GLU F 5 -43.23 35.97 -79.24
CA GLU F 5 -44.44 36.79 -79.25
C GLU F 5 -44.40 37.93 -80.28
N LEU F 6 -43.37 38.76 -80.20
CA LEU F 6 -43.12 39.83 -81.15
C LEU F 6 -42.88 39.29 -82.55
N ALA F 7 -41.91 38.39 -82.71
CA ALA F 7 -41.41 37.99 -84.03
C ALA F 7 -42.53 37.39 -84.89
N LEU F 8 -43.45 36.64 -84.29
CA LEU F 8 -44.62 36.15 -84.99
C LEU F 8 -45.41 37.31 -85.59
N LYS F 9 -45.70 38.34 -84.80
CA LYS F 9 -46.41 39.54 -85.25
C LYS F 9 -45.63 40.26 -86.35
N ALA F 10 -44.32 40.38 -86.18
CA ALA F 10 -43.45 41.00 -87.19
C ALA F 10 -43.52 40.25 -88.52
N LEU F 11 -43.49 38.92 -88.49
CA LEU F 11 -43.56 38.12 -89.71
C LEU F 11 -44.88 38.40 -90.42
N GLN F 12 -46.00 38.40 -89.70
CA GLN F 12 -47.31 38.69 -90.29
C GLN F 12 -47.30 40.06 -90.97
N ILE F 13 -46.76 41.07 -90.31
CA ILE F 13 -46.60 42.40 -90.89
C ILE F 13 -45.74 42.33 -92.16
N LEU F 14 -44.63 41.58 -92.13
CA LEU F 14 -43.75 41.40 -93.28
C LEU F 14 -44.52 40.80 -94.46
N VAL F 15 -45.34 39.77 -94.22
CA VAL F 15 -46.12 39.16 -95.29
C VAL F 15 -47.07 40.19 -95.91
N ASN F 16 -47.72 41.02 -95.10
CA ASN F 16 -48.61 42.05 -95.63
C ASN F 16 -47.85 42.99 -96.57
N ALA F 17 -46.66 43.42 -96.15
CA ALA F 17 -45.81 44.26 -97.00
C ALA F 17 -45.37 43.53 -98.27
N ALA F 18 -44.99 42.26 -98.17
CA ALA F 18 -44.56 41.49 -99.33
C ALA F 18 -45.67 41.45 -100.36
N TYR F 19 -46.90 41.19 -99.92
CA TYR F 19 -48.07 41.22 -100.77
C TYR F 19 -48.18 42.55 -101.51
N VAL F 20 -48.23 43.65 -100.76
CA VAL F 20 -48.37 44.97 -101.38
C VAL F 20 -47.24 45.22 -102.38
N LEU F 21 -46.00 44.90 -102.00
CA LEU F 21 -44.85 45.14 -102.87
C LEU F 21 -44.98 44.32 -104.14
N ALA F 22 -45.50 43.11 -104.07
CA ALA F 22 -45.77 42.32 -105.25
C ALA F 22 -46.79 43.03 -106.15
N GLU F 23 -47.90 43.51 -105.58
CA GLU F 23 -48.91 44.23 -106.38
C GLU F 23 -48.29 45.42 -107.09
N ILE F 24 -47.49 46.21 -106.36
CA ILE F 24 -46.81 47.38 -106.91
C ILE F 24 -45.87 46.96 -108.03
N ALA F 25 -45.01 45.96 -107.78
CA ALA F 25 -44.01 45.53 -108.73
C ALA F 25 -44.64 45.05 -110.04
N ARG F 26 -45.70 44.25 -109.91
CA ARG F 26 -46.47 43.71 -111.03
C ARG F 26 -47.07 44.83 -111.87
N ASP F 27 -47.71 45.81 -111.23
CA ASP F 27 -48.27 46.98 -111.93
C ASP F 27 -47.18 47.80 -112.64
N ARG F 28 -46.00 47.91 -112.01
CA ARG F 28 -44.83 48.63 -112.55
C ARG F 28 -44.11 47.89 -113.67
N GLY F 29 -44.30 46.57 -113.77
CA GLY F 29 -43.46 45.71 -114.60
C GLY F 29 -42.06 45.46 -114.01
N ASN F 30 -41.86 45.75 -112.72
CA ASN F 30 -40.66 45.35 -111.99
C ASN F 30 -40.73 43.85 -111.65
N GLU F 31 -39.61 43.13 -111.73
CA GLU F 31 -39.54 41.72 -111.35
C GLU F 31 -38.62 41.47 -110.15
N GLU F 32 -37.70 42.38 -109.89
CA GLU F 32 -36.69 42.29 -108.83
C GLU F 32 -37.34 42.20 -107.46
N LEU F 33 -38.38 43.00 -107.25
CA LEU F 33 -39.22 42.92 -106.06
C LEU F 33 -39.96 41.59 -105.98
N LEU F 34 -40.38 40.99 -107.11
CA LEU F 34 -41.05 39.69 -107.07
C LEU F 34 -40.07 38.60 -106.63
N GLU F 35 -38.87 38.60 -107.21
CA GLU F 35 -37.81 37.69 -106.81
C GLU F 35 -37.49 37.87 -105.33
N LYS F 36 -37.29 39.12 -104.90
CA LYS F 36 -37.02 39.44 -103.50
C LYS F 36 -38.16 38.99 -102.59
N ALA F 37 -39.40 39.24 -102.97
CA ALA F 37 -40.57 38.85 -102.17
C ALA F 37 -40.68 37.33 -102.05
N ALA F 38 -40.39 36.58 -103.11
CA ALA F 38 -40.34 35.14 -103.01
C ALA F 38 -39.28 34.73 -101.98
N ARG F 39 -38.06 35.30 -102.08
CA ARG F 39 -36.98 35.00 -101.13
C ARG F 39 -37.34 35.38 -99.70
N LEU F 40 -37.98 36.53 -99.51
CA LEU F 40 -38.48 36.95 -98.20
C LEU F 40 -39.49 35.93 -97.68
N ALA F 41 -40.46 35.54 -98.51
CA ALA F 41 -41.47 34.58 -98.10
C ALA F 41 -40.82 33.26 -97.73
N GLU F 42 -39.85 32.80 -98.52
CA GLU F 42 -39.10 31.59 -98.19
C GLU F 42 -38.37 31.73 -96.85
N GLU F 43 -37.68 32.85 -96.61
CA GLU F 43 -37.00 33.04 -95.34
C GLU F 43 -38.00 33.07 -94.18
N ALA F 44 -39.15 33.71 -94.38
CA ALA F 44 -40.22 33.71 -93.40
C ALA F 44 -40.70 32.28 -93.13
N ALA F 45 -40.81 31.45 -94.16
CA ALA F 45 -41.14 30.04 -93.98
C ALA F 45 -40.05 29.31 -93.19
N ARG F 46 -38.77 29.56 -93.49
CA ARG F 46 -37.65 28.96 -92.75
C ARG F 46 -37.65 29.39 -91.29
N GLN F 47 -37.88 30.66 -91.01
CA GLN F 47 -38.02 31.15 -89.64
C GLN F 47 -39.23 30.50 -88.95
N ALA F 48 -40.39 30.43 -89.61
CA ALA F 48 -41.56 29.76 -89.05
C ALA F 48 -41.29 28.26 -88.80
N GLU F 49 -40.53 27.59 -89.66
CA GLU F 49 -40.15 26.20 -89.48
C GLU F 49 -39.26 26.02 -88.23
N ARG F 50 -38.31 26.93 -87.97
CA ARG F 50 -37.55 26.94 -86.71
C ARG F 50 -38.50 26.95 -85.52
N ILE F 51 -39.46 27.86 -85.54
CA ILE F 51 -40.44 28.03 -84.46
C ILE F 51 -41.26 26.75 -84.31
N ALA F 52 -41.76 26.17 -85.40
CA ALA F 52 -42.56 24.95 -85.36
C ALA F 52 -41.78 23.75 -84.82
N ARG F 53 -40.56 23.52 -85.31
CA ARG F 53 -39.69 22.45 -84.80
C ARG F 53 -39.36 22.63 -83.33
N GLN F 54 -39.08 23.86 -82.90
CA GLN F 54 -38.80 24.17 -81.50
C GLN F 54 -40.05 23.98 -80.62
N ALA F 55 -41.20 24.46 -81.07
CA ALA F 55 -42.47 24.32 -80.34
C ALA F 55 -42.89 22.86 -80.17
N ARG F 56 -42.50 21.95 -81.09
CA ARG F 56 -42.69 20.51 -80.91
C ARG F 56 -41.88 19.91 -79.76
N LYS F 57 -40.84 20.61 -79.29
CA LYS F 57 -40.18 20.35 -78.00
C LYS F 57 -40.85 21.11 -76.85
N GLU F 58 -41.07 22.41 -77.00
CA GLU F 58 -41.50 23.30 -75.90
C GLU F 58 -43.00 23.22 -75.52
N GLY F 59 -43.85 22.70 -76.39
CA GLY F 59 -45.25 22.36 -76.09
C GLY F 59 -46.30 23.47 -76.28
N ASN F 60 -45.95 24.70 -76.69
CA ASN F 60 -46.95 25.73 -76.95
C ASN F 60 -47.57 25.60 -78.35
N LEU F 61 -48.64 24.82 -78.42
CA LEU F 61 -49.38 24.58 -79.66
C LEU F 61 -49.98 25.87 -80.24
N GLU F 62 -50.37 26.84 -79.42
CA GLU F 62 -50.93 28.09 -79.95
C GLU F 62 -49.87 28.87 -80.74
N LEU F 63 -48.66 28.97 -80.19
CA LEU F 63 -47.57 29.61 -80.93
C LEU F 63 -47.20 28.79 -82.16
N ALA F 64 -47.24 27.47 -82.08
CA ALA F 64 -47.03 26.64 -83.25
C ALA F 64 -48.09 26.91 -84.33
N LEU F 65 -49.38 26.93 -83.99
CA LEU F 65 -50.41 27.14 -84.99
C LEU F 65 -50.38 28.58 -85.51
N LYS F 66 -49.93 29.56 -84.73
CA LYS F 66 -49.67 30.89 -85.31
C LYS F 66 -48.50 30.84 -86.30
N ALA F 67 -47.46 30.07 -86.04
CA ALA F 67 -46.41 29.85 -87.04
C ALA F 67 -47.00 29.23 -88.31
N LEU F 68 -47.96 28.29 -88.17
CA LEU F 68 -48.70 27.79 -89.32
C LEU F 68 -49.48 28.92 -90.00
N GLN F 69 -50.15 29.80 -89.27
CA GLN F 69 -50.87 30.93 -89.88
C GLN F 69 -49.95 31.79 -90.74
N ILE F 70 -48.74 32.04 -90.25
CA ILE F 70 -47.70 32.77 -90.99
C ILE F 70 -47.33 32.00 -92.26
N LEU F 71 -47.03 30.71 -92.13
CA LEU F 71 -46.73 29.87 -93.28
C LEU F 71 -47.87 29.91 -94.30
N VAL F 72 -49.11 29.76 -93.86
CA VAL F 72 -50.27 29.70 -94.74
C VAL F 72 -50.41 31.01 -95.50
N ASN F 73 -50.33 32.16 -94.83
CA ASN F 73 -50.42 33.42 -95.54
C ASN F 73 -49.20 33.64 -96.45
N ALA F 74 -48.00 33.22 -96.04
CA ALA F 74 -46.83 33.30 -96.89
C ALA F 74 -47.02 32.47 -98.16
N ALA F 75 -47.52 31.25 -98.03
CA ALA F 75 -47.80 30.38 -99.18
C ALA F 75 -48.82 31.04 -100.12
N TYR F 76 -49.83 31.72 -99.57
CA TYR F 76 -50.76 32.51 -100.36
C TYR F 76 -50.02 33.60 -101.17
N VAL F 77 -49.13 34.37 -100.54
CA VAL F 77 -48.38 35.40 -101.28
C VAL F 77 -47.50 34.78 -102.35
N LEU F 78 -46.77 33.71 -102.02
CA LEU F 78 -45.93 33.01 -102.99
C LEU F 78 -46.74 32.60 -104.22
N ALA F 79 -47.91 32.01 -104.01
CA ALA F 79 -48.79 31.60 -105.10
C ALA F 79 -49.20 32.80 -105.96
N GLU F 80 -49.66 33.88 -105.33
CA GLU F 80 -50.08 35.10 -106.03
C GLU F 80 -48.97 35.64 -106.94
N ILE F 81 -47.73 35.55 -106.49
CA ILE F 81 -46.56 35.91 -107.32
C ILE F 81 -46.41 34.89 -108.44
N ALA F 82 -46.33 33.62 -108.07
CA ALA F 82 -45.90 32.57 -108.96
C ALA F 82 -46.88 32.33 -110.11
N ARG F 83 -48.17 32.61 -109.93
CA ARG F 83 -49.18 32.46 -110.99
C ARG F 83 -48.84 33.29 -112.23
N ASP F 84 -48.63 34.59 -112.09
CA ASP F 84 -48.36 35.45 -113.23
C ASP F 84 -46.95 35.25 -113.77
N ARG F 85 -46.01 34.91 -112.88
CA ARG F 85 -44.66 34.48 -113.26
C ARG F 85 -44.65 33.15 -114.02
N GLY F 86 -45.76 32.40 -113.99
CA GLY F 86 -45.88 31.06 -114.59
C GLY F 86 -44.95 30.01 -113.98
N ASN F 87 -44.46 30.24 -112.76
CA ASN F 87 -43.34 29.49 -112.21
C ASN F 87 -43.81 28.26 -111.44
N GLU F 88 -43.88 27.12 -112.12
CA GLU F 88 -44.28 25.86 -111.52
C GLU F 88 -43.35 25.43 -110.38
N GLU F 89 -42.08 25.83 -110.43
CA GLU F 89 -41.10 25.48 -109.41
C GLU F 89 -41.46 26.10 -108.06
N LEU F 90 -41.74 27.39 -108.05
CA LEU F 90 -42.24 28.07 -106.86
C LEU F 90 -43.59 27.52 -106.44
N LEU F 91 -44.51 27.26 -107.38
CA LEU F 91 -45.82 26.71 -107.02
C LEU F 91 -45.66 25.35 -106.33
N GLU F 92 -44.83 24.47 -106.88
CA GLU F 92 -44.55 23.18 -106.27
C GLU F 92 -43.80 23.33 -104.94
N TYR F 93 -42.86 24.27 -104.83
CA TYR F 93 -42.19 24.54 -103.56
C TYR F 93 -43.21 24.96 -102.51
N ALA F 94 -44.12 25.88 -102.86
CA ALA F 94 -45.19 26.32 -101.98
C ALA F 94 -46.10 25.15 -101.60
N ALA F 95 -46.44 24.29 -102.55
CA ALA F 95 -47.24 23.11 -102.28
C ALA F 95 -46.52 22.15 -101.32
N ARG F 96 -45.23 21.85 -101.55
CA ARG F 96 -44.46 20.94 -100.70
C ARG F 96 -44.29 21.51 -99.29
N LEU F 97 -44.04 22.80 -99.16
CA LEU F 97 -44.06 23.49 -97.87
C LEU F 97 -45.42 23.34 -97.21
N ALA F 98 -46.50 23.63 -97.93
CA ALA F 98 -47.84 23.50 -97.41
C ALA F 98 -48.17 22.05 -97.01
N GLU F 99 -47.59 21.05 -97.68
CA GLU F 99 -47.83 19.65 -97.36
C GLU F 99 -47.21 19.24 -96.01
N GLU F 100 -45.92 19.52 -95.80
CA GLU F 100 -45.31 19.31 -94.48
C GLU F 100 -45.98 20.18 -93.41
N ALA F 101 -46.38 21.39 -93.77
CA ALA F 101 -47.16 22.22 -92.86
C ALA F 101 -48.46 21.51 -92.50
N ALA F 102 -49.19 20.97 -93.47
CA ALA F 102 -50.44 20.25 -93.22
C ALA F 102 -50.20 19.03 -92.34
N ARG F 103 -49.11 18.29 -92.60
CA ARG F 103 -48.73 17.17 -91.75
C ARG F 103 -48.57 17.64 -90.31
N GLN F 104 -47.86 18.74 -90.11
CA GLN F 104 -47.68 19.32 -88.80
C GLN F 104 -48.99 19.89 -88.22
N ALA F 105 -49.89 20.40 -89.04
CA ALA F 105 -51.19 20.90 -88.59
C ALA F 105 -52.06 19.77 -88.00
N ILE F 106 -51.94 18.56 -88.54
CA ILE F 106 -52.54 17.39 -87.91
C ILE F 106 -51.92 17.15 -86.53
N GLU F 107 -50.60 17.33 -86.34
CA GLU F 107 -49.96 17.15 -85.02
C GLU F 107 -50.65 18.01 -83.95
N ILE F 108 -50.93 19.27 -84.29
CA ILE F 108 -51.69 20.18 -83.44
C ILE F 108 -53.09 19.61 -83.17
N TRP F 109 -53.88 19.31 -84.20
CA TRP F 109 -55.28 18.94 -84.02
C TRP F 109 -55.43 17.62 -83.29
N ALA F 110 -54.61 16.64 -83.64
CA ALA F 110 -54.60 15.33 -83.02
C ALA F 110 -54.19 15.43 -81.55
N GLN F 111 -53.11 16.15 -81.22
CA GLN F 111 -52.69 16.30 -79.83
C GLN F 111 -53.75 17.04 -79.02
N ALA F 112 -54.30 18.13 -79.55
CA ALA F 112 -55.37 18.88 -78.89
C ALA F 112 -56.63 18.02 -78.66
N MET F 113 -57.06 17.22 -79.64
CA MET F 113 -58.20 16.34 -79.47
C MET F 113 -57.92 15.21 -78.47
N GLU F 114 -56.72 14.62 -78.50
CA GLU F 114 -56.32 13.56 -77.57
C GLU F 114 -56.33 14.07 -76.13
N GLU F 115 -55.70 15.22 -75.87
CA GLU F 115 -55.71 15.87 -74.56
C GLU F 115 -57.08 16.46 -74.20
N GLY F 116 -57.98 16.61 -75.18
CA GLY F 116 -59.30 17.23 -74.99
C GLY F 116 -59.29 18.76 -74.88
N ASN F 117 -58.21 19.43 -75.29
CA ASN F 117 -58.12 20.89 -75.33
C ASN F 117 -58.90 21.44 -76.53
N GLN F 118 -60.20 21.59 -76.33
CA GLN F 118 -61.10 22.09 -77.35
C GLN F 118 -60.69 23.49 -77.84
N GLN F 119 -60.20 24.34 -76.93
CA GLN F 119 -59.80 25.72 -77.23
C GLN F 119 -58.62 25.79 -78.20
N LEU F 120 -57.72 24.81 -78.19
CA LEU F 120 -56.75 24.64 -79.27
C LEU F 120 -57.41 24.03 -80.50
N ARG F 121 -58.22 22.98 -80.33
CA ARG F 121 -58.81 22.21 -81.44
C ARG F 121 -59.52 23.12 -82.45
N THR F 122 -60.33 24.07 -81.97
CA THR F 122 -61.06 25.02 -82.84
C THR F 122 -60.11 25.82 -83.72
N LYS F 123 -59.04 26.36 -83.13
CA LYS F 123 -58.01 27.14 -83.83
C LYS F 123 -57.29 26.27 -84.85
N ALA F 124 -56.82 25.10 -84.43
CA ALA F 124 -56.14 24.16 -85.31
C ALA F 124 -57.00 23.81 -86.53
N ALA F 125 -58.28 23.47 -86.32
CA ALA F 125 -59.17 23.14 -87.42
C ALA F 125 -59.35 24.32 -88.38
N HIS F 126 -59.57 25.52 -87.85
CA HIS F 126 -59.66 26.69 -88.70
C HIS F 126 -58.39 26.87 -89.54
N ILE F 127 -57.22 26.66 -88.94
CA ILE F 127 -55.94 26.69 -89.66
C ILE F 127 -55.91 25.59 -90.73
N ILE F 128 -56.34 24.38 -90.42
CA ILE F 128 -56.39 23.31 -91.42
C ILE F 128 -57.27 23.74 -92.57
N LEU F 129 -58.47 24.27 -92.30
CA LEU F 129 -59.39 24.73 -93.33
C LEU F 129 -58.79 25.86 -94.15
N ARG F 130 -58.19 26.86 -93.52
CA ARG F 130 -57.45 27.90 -94.24
C ARG F 130 -56.39 27.29 -95.14
N ALA F 131 -55.58 26.36 -94.62
CA ALA F 131 -54.53 25.75 -95.40
C ALA F 131 -55.10 25.02 -96.62
N ALA F 132 -56.16 24.24 -96.41
CA ALA F 132 -56.85 23.54 -97.49
C ALA F 132 -57.41 24.52 -98.53
N GLU F 133 -57.91 25.69 -98.11
CA GLU F 133 -58.26 26.74 -99.05
C GLU F 133 -57.02 27.27 -99.78
N VAL F 134 -55.91 27.45 -99.08
CA VAL F 134 -54.67 27.92 -99.71
C VAL F 134 -54.13 26.92 -100.71
N LEU F 135 -54.46 25.63 -100.60
CA LEU F 135 -54.18 24.74 -101.72
C LEU F 135 -54.93 25.19 -102.98
N LEU F 136 -56.18 25.65 -102.88
CA LEU F 136 -56.87 26.24 -104.03
C LEU F 136 -56.18 27.51 -104.46
N GLU F 137 -55.81 28.38 -103.53
CA GLU F 137 -55.10 29.62 -103.90
C GLU F 137 -53.77 29.36 -104.61
N ILE F 138 -53.10 28.22 -104.36
CA ILE F 138 -51.98 27.73 -105.18
C ILE F 138 -52.49 27.20 -106.53
N ALA F 139 -53.54 26.37 -106.50
CA ALA F 139 -53.94 25.56 -107.64
C ALA F 139 -54.83 26.27 -108.69
N ARG F 140 -55.47 27.39 -108.35
CA ARG F 140 -56.70 27.89 -109.01
C ARG F 140 -56.70 27.79 -110.55
N ASP F 141 -55.71 28.36 -111.22
CA ASP F 141 -55.61 28.33 -112.69
C ASP F 141 -54.94 27.05 -113.27
N ARG F 142 -54.15 26.33 -112.47
CA ARG F 142 -53.19 25.32 -112.94
C ARG F 142 -53.84 24.03 -113.48
N GLY F 143 -55.02 23.67 -113.01
CA GLY F 143 -55.73 22.46 -113.47
C GLY F 143 -55.12 21.12 -113.01
N ASN F 144 -54.20 21.13 -112.05
CA ASN F 144 -53.73 19.91 -111.37
C ASN F 144 -54.82 19.46 -110.38
N GLN F 145 -55.84 18.79 -110.91
CA GLN F 145 -57.02 18.41 -110.13
C GLN F 145 -56.66 17.44 -109.00
N GLU F 146 -55.49 16.81 -109.08
CA GLU F 146 -54.92 15.91 -108.09
C GLU F 146 -54.55 16.66 -106.82
N LEU F 147 -53.90 17.82 -106.93
CA LEU F 147 -53.71 18.72 -105.80
C LEU F 147 -55.07 19.19 -105.27
N LEU F 148 -56.05 19.44 -106.14
CA LEU F 148 -57.41 19.72 -105.66
C LEU F 148 -58.01 18.53 -104.92
N GLU F 149 -57.66 17.30 -105.26
CA GLU F 149 -58.07 16.15 -104.45
C GLU F 149 -57.38 16.18 -103.08
N LYS F 150 -56.09 16.52 -103.04
CA LYS F 150 -55.36 16.68 -101.77
C LYS F 150 -56.03 17.69 -100.85
N ALA F 151 -56.69 18.69 -101.42
CA ALA F 151 -57.54 19.59 -100.66
C ALA F 151 -58.90 18.96 -100.33
N ALA F 152 -59.70 18.68 -101.35
CA ALA F 152 -61.14 18.47 -101.22
C ALA F 152 -61.46 17.38 -100.21
N SER F 153 -60.69 16.29 -100.29
CA SER F 153 -60.79 15.11 -99.43
C SER F 153 -60.65 15.45 -97.94
N LEU F 154 -60.00 16.55 -97.60
CA LEU F 154 -59.92 17.03 -96.22
C LEU F 154 -61.24 17.63 -95.78
N VAL F 155 -61.91 18.39 -96.64
CA VAL F 155 -62.78 19.45 -96.14
C VAL F 155 -64.05 18.91 -95.49
N ASP F 156 -64.81 18.08 -96.21
CA ASP F 156 -66.04 17.54 -95.64
C ASP F 156 -65.71 16.63 -94.42
N ALA F 157 -64.59 15.91 -94.48
CA ALA F 157 -64.14 15.06 -93.37
C ALA F 157 -63.73 15.89 -92.14
N VAL F 158 -63.00 16.99 -92.34
CA VAL F 158 -62.67 17.90 -91.24
C VAL F 158 -63.95 18.49 -90.67
N ALA F 159 -64.90 18.88 -91.52
CA ALA F 159 -66.19 19.37 -91.05
C ALA F 159 -66.90 18.31 -90.20
N ALA F 160 -66.88 17.06 -90.63
CA ALA F 160 -67.40 15.96 -89.85
C ALA F 160 -66.64 15.80 -88.52
N LEU F 161 -65.31 15.84 -88.52
CA LEU F 161 -64.53 15.70 -87.29
C LEU F 161 -64.81 16.85 -86.32
N GLN F 162 -64.94 18.06 -86.85
CA GLN F 162 -65.34 19.21 -86.06
C GLN F 162 -66.73 18.99 -85.47
N GLN F 163 -67.71 18.61 -86.30
CA GLN F 163 -69.05 18.36 -85.80
C GLN F 163 -69.06 17.24 -84.76
N ALA F 164 -68.28 16.19 -84.96
CA ALA F 164 -68.19 15.08 -84.03
C ALA F 164 -67.61 15.55 -82.69
N ALA F 165 -66.64 16.47 -82.68
CA ALA F 165 -66.16 17.04 -81.43
C ALA F 165 -67.27 17.75 -80.67
N ALA F 166 -68.12 18.52 -81.35
CA ALA F 166 -69.29 19.10 -80.73
C ALA F 166 -70.24 18.03 -80.20
N ALA F 167 -70.51 17.00 -80.99
CA ALA F 167 -71.37 15.89 -80.57
C ALA F 167 -70.81 15.17 -79.34
N ILE F 168 -69.49 15.03 -79.22
CA ILE F 168 -68.84 14.45 -78.03
C ILE F 168 -69.08 15.35 -76.81
N LEU F 169 -68.98 16.67 -76.96
CA LEU F 169 -69.30 17.60 -75.88
C LEU F 169 -70.80 17.61 -75.54
N GLU F 170 -71.69 17.39 -76.51
CA GLU F 170 -73.14 17.28 -76.30
C GLU F 170 -73.59 15.94 -75.72
N GLY F 171 -72.81 14.87 -75.92
CA GLY F 171 -73.12 13.50 -75.50
C GLY F 171 -74.03 12.69 -76.44
N ASP F 172 -74.51 13.28 -77.54
CA ASP F 172 -75.31 12.57 -78.55
C ASP F 172 -74.43 11.74 -79.49
N VAL F 173 -74.06 10.55 -79.03
CA VAL F 173 -73.25 9.61 -79.81
C VAL F 173 -73.96 9.15 -81.09
N GLU F 174 -75.30 9.18 -81.16
CA GLU F 174 -75.99 8.85 -82.41
C GLU F 174 -75.76 9.94 -83.45
N LYS F 175 -75.90 11.21 -83.06
CA LYS F 175 -75.48 12.33 -83.93
C LYS F 175 -74.02 12.17 -84.32
N ALA F 176 -73.14 11.83 -83.37
CA ALA F 176 -71.72 11.67 -83.65
C ALA F 176 -71.48 10.63 -84.75
N VAL F 177 -72.14 9.47 -84.67
CA VAL F 177 -72.02 8.42 -85.70
C VAL F 177 -72.71 8.81 -87.01
N ARG F 178 -73.88 9.47 -86.96
CA ARG F 178 -74.58 9.95 -88.15
C ARG F 178 -73.68 10.80 -89.05
N ALA F 179 -72.78 11.58 -88.45
CA ALA F 179 -71.68 12.21 -89.17
C ALA F 179 -70.53 11.21 -89.44
N ALA F 180 -69.97 10.60 -88.39
CA ALA F 180 -68.69 9.89 -88.45
C ALA F 180 -68.67 8.67 -89.38
N GLN F 181 -69.83 8.14 -89.79
CA GLN F 181 -69.90 7.14 -90.87
C GLN F 181 -69.18 7.57 -92.15
N GLU F 182 -69.10 8.87 -92.44
CA GLU F 182 -68.37 9.39 -93.60
C GLU F 182 -66.85 9.51 -93.36
N ALA F 183 -66.40 9.67 -92.11
CA ALA F 183 -65.15 10.36 -91.79
C ALA F 183 -63.88 9.70 -92.33
N VAL F 184 -63.84 8.37 -92.39
CA VAL F 184 -62.72 7.62 -92.97
C VAL F 184 -62.65 7.78 -94.48
N LYS F 185 -63.79 7.92 -95.16
CA LYS F 185 -63.94 7.62 -96.59
C LYS F 185 -62.94 8.38 -97.43
N ALA F 186 -63.06 9.70 -97.42
CA ALA F 186 -62.22 10.56 -98.25
C ALA F 186 -60.73 10.47 -97.84
N ALA F 187 -60.42 10.40 -96.54
CA ALA F 187 -59.03 10.31 -96.08
C ALA F 187 -58.36 9.04 -96.58
N LYS F 188 -59.07 7.91 -96.48
CA LYS F 188 -58.62 6.62 -97.02
C LYS F 188 -58.49 6.67 -98.54
N GLU F 189 -59.46 7.27 -99.24
CA GLU F 189 -59.40 7.43 -100.70
C GLU F 189 -58.22 8.30 -101.16
N ALA F 190 -57.88 9.34 -100.39
CA ALA F 190 -56.72 10.20 -100.67
C ALA F 190 -55.38 9.56 -100.28
N GLY F 191 -55.39 8.58 -99.38
CA GLY F 191 -54.18 8.05 -98.76
C GLY F 191 -53.63 8.91 -97.63
N ASP F 192 -54.45 9.77 -97.01
CA ASP F 192 -54.05 10.56 -95.85
C ASP F 192 -54.15 9.75 -94.55
N ASN F 193 -53.24 8.80 -94.40
CA ASN F 193 -53.21 7.92 -93.22
C ASN F 193 -52.96 8.70 -91.93
N ASP F 194 -52.20 9.80 -92.00
CA ASP F 194 -52.06 10.67 -90.86
C ASP F 194 -53.41 11.29 -90.46
N MET F 195 -54.27 11.68 -91.41
CA MET F 195 -55.62 12.13 -91.04
C MET F 195 -56.42 11.00 -90.36
N LEU F 196 -56.23 9.76 -90.80
CA LEU F 196 -56.83 8.64 -90.08
C LEU F 196 -56.37 8.57 -88.61
N ARG F 197 -55.17 9.04 -88.25
CA ARG F 197 -54.75 9.13 -86.84
C ARG F 197 -55.69 10.00 -86.03
N ALA F 198 -56.07 11.13 -86.60
CA ALA F 198 -57.04 12.03 -85.99
C ALA F 198 -58.41 11.35 -85.89
N VAL F 199 -58.86 10.69 -86.97
CA VAL F 199 -60.15 9.97 -86.96
C VAL F 199 -60.16 8.94 -85.84
N ALA F 200 -59.09 8.16 -85.68
CA ALA F 200 -58.97 7.16 -84.64
C ALA F 200 -59.02 7.79 -83.24
N ILE F 201 -58.21 8.83 -83.00
CA ILE F 201 -58.19 9.51 -81.70
C ILE F 201 -59.59 10.04 -81.35
N ALA F 202 -60.29 10.61 -82.34
CA ALA F 202 -61.65 11.08 -82.16
C ALA F 202 -62.62 9.93 -81.86
N ALA F 203 -62.53 8.81 -82.55
CA ALA F 203 -63.34 7.65 -82.23
C ALA F 203 -63.08 7.13 -80.80
N LEU F 204 -61.84 7.17 -80.31
CA LEU F 204 -61.54 6.81 -78.92
C LEU F 204 -62.22 7.77 -77.93
N ARG F 205 -62.22 9.07 -78.21
CA ARG F 205 -63.02 10.03 -77.44
C ARG F 205 -64.51 9.68 -77.47
N ILE F 206 -65.08 9.34 -78.64
CA ILE F 206 -66.48 8.92 -78.74
C ILE F 206 -66.72 7.72 -77.81
N ALA F 207 -65.89 6.69 -77.90
CA ALA F 207 -66.05 5.47 -77.11
C ALA F 207 -66.04 5.75 -75.60
N LYS F 208 -65.09 6.57 -75.12
CA LYS F 208 -64.97 6.91 -73.70
C LYS F 208 -66.28 7.49 -73.13
N GLU F 209 -66.93 8.38 -73.88
CA GLU F 209 -68.23 8.91 -73.48
C GLU F 209 -69.36 7.91 -73.70
N ALA F 210 -69.34 7.16 -74.80
CA ALA F 210 -70.36 6.15 -75.10
C ALA F 210 -70.47 5.08 -73.99
N GLU F 211 -69.36 4.76 -73.32
CA GLU F 211 -69.37 3.93 -72.12
C GLU F 211 -70.21 4.56 -71.00
N LYS F 212 -69.99 5.84 -70.69
CA LYS F 212 -70.76 6.56 -69.66
C LYS F 212 -72.24 6.65 -70.06
N GLN F 213 -72.51 6.80 -71.34
CA GLN F 213 -73.86 6.77 -71.92
C GLN F 213 -74.45 5.34 -72.03
N GLY F 214 -73.65 4.30 -71.81
CA GLY F 214 -74.08 2.90 -71.80
C GLY F 214 -74.43 2.30 -73.17
N ASN F 215 -74.56 3.09 -74.25
CA ASN F 215 -74.87 2.56 -75.57
C ASN F 215 -73.62 1.96 -76.24
N VAL F 216 -73.24 0.78 -75.76
CA VAL F 216 -72.13 0.01 -76.33
C VAL F 216 -72.38 -0.33 -77.80
N GLU F 217 -73.62 -0.45 -78.26
CA GLU F 217 -73.90 -0.76 -79.67
C GLU F 217 -73.41 0.37 -80.58
N VAL F 218 -73.80 1.60 -80.27
CA VAL F 218 -73.28 2.76 -80.99
C VAL F 218 -71.76 2.88 -80.79
N ALA F 219 -71.25 2.60 -79.59
CA ALA F 219 -69.81 2.61 -79.35
C ALA F 219 -69.08 1.67 -80.32
N VAL F 220 -69.59 0.46 -80.51
CA VAL F 220 -69.00 -0.53 -81.42
C VAL F 220 -69.18 -0.12 -82.88
N LYS F 221 -70.32 0.49 -83.25
CA LYS F 221 -70.48 1.03 -84.60
C LYS F 221 -69.38 2.03 -84.90
N ALA F 222 -69.06 2.92 -83.96
CA ALA F 222 -67.92 3.81 -84.08
C ALA F 222 -66.59 3.03 -84.09
N ALA F 223 -66.44 2.02 -83.24
CA ALA F 223 -65.22 1.24 -83.16
C ALA F 223 -64.87 0.54 -84.50
N ARG F 224 -65.86 0.19 -85.34
CA ARG F 224 -65.57 -0.38 -86.66
C ARG F 224 -64.76 0.58 -87.52
N VAL F 225 -65.04 1.87 -87.43
CA VAL F 225 -64.19 2.90 -88.04
C VAL F 225 -62.86 2.98 -87.32
N ALA F 226 -62.85 2.93 -85.98
CA ALA F 226 -61.61 3.06 -85.20
C ALA F 226 -60.55 2.04 -85.61
N VAL F 227 -60.94 0.78 -85.76
CA VAL F 227 -60.01 -0.27 -86.23
C VAL F 227 -59.63 -0.09 -87.69
N GLU F 228 -60.54 0.38 -88.55
CA GLU F 228 -60.19 0.68 -89.94
C GLU F 228 -59.01 1.65 -89.99
N ALA F 229 -59.15 2.77 -89.30
CA ALA F 229 -58.13 3.80 -89.23
C ALA F 229 -56.81 3.27 -88.64
N ALA F 230 -56.86 2.60 -87.49
CA ALA F 230 -55.64 2.08 -86.87
C ALA F 230 -54.94 1.07 -87.79
N LYS F 231 -55.70 0.23 -88.49
CA LYS F 231 -55.19 -0.78 -89.43
C LYS F 231 -54.56 -0.15 -90.67
N GLN F 232 -55.16 0.88 -91.25
CA GLN F 232 -54.53 1.61 -92.34
C GLN F 232 -53.24 2.30 -91.88
N ALA F 233 -53.22 2.83 -90.66
CA ALA F 233 -52.09 3.57 -90.13
C ALA F 233 -50.90 2.68 -89.75
N GLY F 234 -51.16 1.61 -88.98
CA GLY F 234 -50.11 0.77 -88.42
C GLY F 234 -49.30 1.44 -87.30
N ASP F 235 -49.79 2.53 -86.71
CA ASP F 235 -49.14 3.13 -85.55
C ASP F 235 -49.30 2.25 -84.30
N ASN F 236 -48.17 1.82 -83.74
CA ASN F 236 -48.12 0.79 -82.71
C ASN F 236 -48.94 1.17 -81.47
N ASP F 237 -48.68 2.33 -80.90
CA ASP F 237 -49.40 2.76 -79.71
C ASP F 237 -50.87 3.03 -80.01
N VAL F 238 -51.25 3.39 -81.24
CA VAL F 238 -52.65 3.59 -81.60
C VAL F 238 -53.38 2.26 -81.56
N LEU F 239 -52.78 1.21 -82.12
CA LEU F 239 -53.29 -0.14 -81.94
C LEU F 239 -53.35 -0.50 -80.45
N ARG F 240 -52.32 -0.16 -79.66
CA ARG F 240 -52.27 -0.46 -78.21
C ARG F 240 -53.41 0.18 -77.44
N LYS F 241 -53.67 1.47 -77.70
CA LYS F 241 -54.80 2.19 -77.14
C LYS F 241 -56.13 1.57 -77.57
N VAL F 242 -56.29 1.29 -78.87
CA VAL F 242 -57.51 0.69 -79.40
C VAL F 242 -57.82 -0.62 -78.70
N ALA F 243 -56.83 -1.51 -78.56
CA ALA F 243 -57.03 -2.77 -77.87
C ALA F 243 -57.40 -2.58 -76.39
N GLU F 244 -56.73 -1.67 -75.67
CA GLU F 244 -57.08 -1.38 -74.28
C GLU F 244 -58.53 -0.91 -74.16
N GLN F 245 -58.93 0.03 -75.01
CA GLN F 245 -60.31 0.52 -74.99
C GLN F 245 -61.27 -0.62 -75.33
N ALA F 246 -60.94 -1.49 -76.28
CA ALA F 246 -61.79 -2.62 -76.62
C ALA F 246 -61.98 -3.58 -75.44
N LEU F 247 -60.93 -3.84 -74.65
CA LEU F 247 -61.06 -4.63 -73.42
C LEU F 247 -61.98 -3.94 -72.41
N ARG F 248 -61.84 -2.63 -72.23
CA ARG F 248 -62.75 -1.84 -71.37
C ARG F 248 -64.19 -1.98 -71.85
N ILE F 249 -64.43 -1.77 -73.15
CA ILE F 249 -65.76 -1.90 -73.77
C ILE F 249 -66.31 -3.31 -73.53
N ALA F 250 -65.51 -4.35 -73.74
CA ALA F 250 -65.97 -5.72 -73.52
C ALA F 250 -66.46 -5.93 -72.08
N LYS F 251 -65.69 -5.46 -71.08
CA LYS F 251 -66.10 -5.57 -69.68
C LYS F 251 -67.43 -4.85 -69.42
N GLU F 252 -67.64 -3.69 -70.01
CA GLU F 252 -68.94 -3.02 -69.92
C GLU F 252 -70.05 -3.80 -70.63
N ALA F 253 -69.80 -4.35 -71.82
CA ALA F 253 -70.80 -5.13 -72.55
C ALA F 253 -71.21 -6.40 -71.77
N GLU F 254 -70.28 -6.99 -71.03
CA GLU F 254 -70.59 -8.07 -70.08
C GLU F 254 -71.45 -7.58 -68.91
N LYS F 255 -71.15 -6.42 -68.32
CA LYS F 255 -72.02 -5.84 -67.27
C LYS F 255 -73.43 -5.57 -67.80
N GLN F 256 -73.53 -5.11 -69.04
CA GLN F 256 -74.80 -4.94 -69.76
C GLN F 256 -75.42 -6.27 -70.19
N GLY F 257 -74.69 -7.38 -70.11
CA GLY F 257 -75.13 -8.69 -70.58
C GLY F 257 -75.31 -8.79 -72.11
N ASN F 258 -74.87 -7.79 -72.87
CA ASN F 258 -75.00 -7.82 -74.33
C ASN F 258 -73.83 -8.58 -74.94
N VAL F 259 -73.91 -9.90 -74.87
CA VAL F 259 -72.87 -10.78 -75.40
C VAL F 259 -72.68 -10.63 -76.91
N GLU F 260 -73.74 -10.31 -77.67
CA GLU F 260 -73.59 -10.11 -79.12
C GLU F 260 -72.69 -8.92 -79.41
N VAL F 261 -72.98 -7.77 -78.80
CA VAL F 261 -72.13 -6.58 -78.95
C VAL F 261 -70.75 -6.83 -78.36
N ALA F 262 -70.65 -7.55 -77.24
CA ALA F 262 -69.36 -7.93 -76.69
C ALA F 262 -68.55 -8.72 -77.73
N VAL F 263 -69.16 -9.68 -78.43
CA VAL F 263 -68.48 -10.45 -79.47
C VAL F 263 -68.08 -9.55 -80.63
N LYS F 264 -68.94 -8.62 -81.06
CA LYS F 264 -68.55 -7.66 -82.10
C LYS F 264 -67.33 -6.85 -81.65
N ALA F 265 -67.33 -6.39 -80.40
CA ALA F 265 -66.21 -5.67 -79.82
C ALA F 265 -64.94 -6.52 -79.80
N ALA F 266 -65.04 -7.77 -79.37
CA ALA F 266 -63.91 -8.68 -79.40
C ALA F 266 -63.42 -8.93 -80.83
N ARG F 267 -64.34 -9.07 -81.80
CA ARG F 267 -63.98 -9.31 -83.20
C ARG F 267 -63.17 -8.15 -83.75
N VAL F 268 -63.57 -6.93 -83.39
CA VAL F 268 -62.77 -5.73 -83.64
C VAL F 268 -61.44 -5.80 -82.89
N ALA F 269 -61.46 -6.19 -81.61
CA ALA F 269 -60.26 -6.20 -80.79
C ALA F 269 -59.18 -7.10 -81.38
N VAL F 270 -59.53 -8.33 -81.78
CA VAL F 270 -58.57 -9.25 -82.37
C VAL F 270 -58.10 -8.77 -83.74
N GLU F 271 -59.00 -8.14 -84.52
CA GLU F 271 -58.61 -7.57 -85.82
C GLU F 271 -57.42 -6.62 -85.65
N ALA F 272 -57.50 -5.73 -84.66
CA ALA F 272 -56.41 -4.83 -84.30
C ALA F 272 -55.21 -5.60 -83.72
N ALA F 273 -55.43 -6.41 -82.69
CA ALA F 273 -54.34 -7.02 -81.93
C ALA F 273 -53.45 -7.91 -82.81
N LYS F 274 -54.05 -8.55 -83.83
CA LYS F 274 -53.34 -9.37 -84.80
C LYS F 274 -52.31 -8.56 -85.60
N GLN F 275 -52.58 -7.28 -85.85
CA GLN F 275 -51.61 -6.40 -86.48
C GLN F 275 -50.50 -6.02 -85.50
N ALA F 276 -50.86 -5.77 -84.25
CA ALA F 276 -49.94 -5.28 -83.24
C ALA F 276 -48.90 -6.32 -82.82
N GLY F 277 -49.35 -7.55 -82.56
CA GLY F 277 -48.48 -8.58 -81.97
C GLY F 277 -48.08 -8.30 -80.51
N ASP F 278 -48.80 -7.43 -79.80
CA ASP F 278 -48.58 -7.23 -78.35
C ASP F 278 -49.01 -8.48 -77.58
N ASN F 279 -48.05 -9.32 -77.21
CA ASN F 279 -48.33 -10.67 -76.74
C ASN F 279 -49.20 -10.69 -75.48
N ASP F 280 -48.87 -9.89 -74.48
CA ASP F 280 -49.67 -9.86 -73.24
C ASP F 280 -51.07 -9.28 -73.49
N VAL F 281 -51.21 -8.36 -74.44
CA VAL F 281 -52.53 -7.88 -74.85
C VAL F 281 -53.29 -9.00 -75.54
N LEU F 282 -52.67 -9.75 -76.44
CA LEU F 282 -53.29 -10.92 -77.07
C LEU F 282 -53.72 -11.95 -76.03
N ARG F 283 -52.89 -12.18 -74.99
CA ARG F 283 -53.24 -13.06 -73.88
C ARG F 283 -54.48 -12.56 -73.14
N LYS F 284 -54.50 -11.27 -72.78
CA LYS F 284 -55.68 -10.65 -72.15
C LYS F 284 -56.93 -10.75 -73.03
N VAL F 285 -56.79 -10.53 -74.34
CA VAL F 285 -57.87 -10.69 -75.31
C VAL F 285 -58.38 -12.13 -75.32
N ALA F 286 -57.51 -13.13 -75.36
CA ALA F 286 -57.93 -14.52 -75.31
C ALA F 286 -58.65 -14.85 -73.99
N ASP F 287 -58.12 -14.39 -72.85
CA ASP F 287 -58.78 -14.54 -71.55
C ASP F 287 -60.18 -13.92 -71.56
N GLN F 288 -60.31 -12.69 -72.03
CA GLN F 288 -61.62 -12.07 -72.15
C GLN F 288 -62.52 -12.82 -73.13
N ALA F 289 -61.99 -13.33 -74.25
CA ALA F 289 -62.80 -14.02 -75.25
C ALA F 289 -63.36 -15.35 -74.73
N LEU F 290 -62.61 -16.06 -73.89
CA LEU F 290 -63.11 -17.19 -73.11
C LEU F 290 -64.21 -16.70 -72.16
N GLU F 291 -64.00 -15.63 -71.41
CA GLU F 291 -65.02 -15.11 -70.50
C GLU F 291 -66.30 -14.71 -71.25
N ILE F 292 -66.19 -14.14 -72.45
CA ILE F 292 -67.35 -13.82 -73.29
C ILE F 292 -68.01 -15.12 -73.77
N ALA F 293 -67.25 -16.13 -74.17
CA ALA F 293 -67.83 -17.42 -74.51
C ALA F 293 -68.60 -17.99 -73.31
N LYS F 294 -68.06 -17.85 -72.09
CA LYS F 294 -68.72 -18.26 -70.85
C LYS F 294 -70.00 -17.46 -70.60
N ALA F 295 -69.98 -16.15 -70.79
CA ALA F 295 -71.20 -15.35 -70.72
C ALA F 295 -72.22 -15.84 -71.77
N ALA F 296 -71.79 -16.17 -72.98
CA ALA F 296 -72.69 -16.65 -74.02
C ALA F 296 -73.27 -18.02 -73.69
N LEU F 297 -72.48 -18.93 -73.10
CA LEU F 297 -72.99 -20.14 -72.48
C LEU F 297 -74.04 -19.81 -71.41
N GLU F 298 -73.78 -18.84 -70.53
CA GLU F 298 -74.71 -18.47 -69.46
C GLU F 298 -76.03 -17.92 -70.02
N GLN F 299 -76.00 -17.26 -71.18
CA GLN F 299 -77.20 -16.87 -71.92
C GLN F 299 -77.81 -18.03 -72.75
N GLY F 300 -77.08 -19.13 -72.96
CA GLY F 300 -77.44 -20.20 -73.88
C GLY F 300 -77.30 -19.84 -75.36
N ASP F 301 -76.59 -18.75 -75.68
CA ASP F 301 -76.38 -18.26 -77.04
C ASP F 301 -75.19 -19.00 -77.71
N ILE F 302 -75.46 -20.21 -78.20
CA ILE F 302 -74.42 -21.12 -78.70
C ILE F 302 -73.63 -20.52 -79.86
N ASP F 303 -74.29 -19.87 -80.83
CA ASP F 303 -73.59 -19.21 -81.95
C ASP F 303 -72.70 -18.06 -81.48
N VAL F 304 -73.10 -17.37 -80.40
CA VAL F 304 -72.28 -16.31 -79.81
C VAL F 304 -71.10 -16.92 -79.06
N ALA F 305 -71.31 -17.99 -78.30
CA ALA F 305 -70.22 -18.69 -77.62
C ALA F 305 -69.21 -19.25 -78.64
N GLN F 306 -69.71 -19.82 -79.74
CA GLN F 306 -68.94 -20.27 -80.89
C GLN F 306 -68.05 -19.14 -81.38
N LYS F 307 -68.64 -18.00 -81.76
CA LYS F 307 -67.88 -16.86 -82.26
C LYS F 307 -66.90 -16.35 -81.21
N ALA F 308 -67.30 -16.29 -79.94
CA ALA F 308 -66.46 -15.80 -78.86
C ALA F 308 -65.21 -16.67 -78.71
N MET F 309 -65.38 -17.97 -78.69
CA MET F 309 -64.24 -18.85 -78.60
C MET F 309 -63.48 -18.92 -79.94
N ASP F 310 -64.13 -18.74 -81.09
CA ASP F 310 -63.42 -18.59 -82.36
C ASP F 310 -62.49 -17.39 -82.33
N VAL F 311 -62.93 -16.27 -81.75
CA VAL F 311 -62.08 -15.12 -81.51
C VAL F 311 -60.97 -15.48 -80.52
N ALA F 312 -61.29 -16.19 -79.43
CA ALA F 312 -60.26 -16.62 -78.50
C ALA F 312 -59.18 -17.44 -79.21
N VAL F 313 -59.59 -18.38 -80.07
CA VAL F 313 -58.70 -19.22 -80.87
C VAL F 313 -57.89 -18.35 -81.82
N GLU F 314 -58.56 -17.51 -82.59
CA GLU F 314 -57.91 -16.62 -83.54
C GLU F 314 -56.83 -15.79 -82.84
N ALA F 315 -57.07 -15.32 -81.61
CA ALA F 315 -56.07 -14.61 -80.83
C ALA F 315 -54.94 -15.55 -80.37
N LEU F 316 -55.30 -16.62 -79.66
CA LEU F 316 -54.34 -17.50 -79.00
C LEU F 316 -53.41 -18.15 -80.03
N THR F 317 -53.93 -18.48 -81.21
CA THR F 317 -53.16 -19.05 -82.32
C THR F 317 -52.02 -18.15 -82.82
N GLN F 318 -51.98 -16.87 -82.44
CA GLN F 318 -50.85 -16.00 -82.78
C GLN F 318 -49.66 -16.10 -81.82
N ALA F 319 -49.83 -16.75 -80.66
CA ALA F 319 -48.81 -16.81 -79.61
C ALA F 319 -47.51 -17.50 -80.04
N LEU G 4 -57.81 -57.38 -46.18
CA LEU G 4 -56.89 -57.96 -47.18
C LEU G 4 -57.34 -59.35 -47.63
N GLU G 5 -57.21 -60.36 -46.77
CA GLU G 5 -57.23 -61.77 -47.17
C GLU G 5 -58.48 -62.19 -47.96
N LEU G 6 -59.62 -61.57 -47.65
CA LEU G 6 -60.92 -61.89 -48.23
C LEU G 6 -60.91 -61.84 -49.76
N ALA G 7 -59.97 -61.11 -50.36
CA ALA G 7 -59.71 -61.11 -51.80
C ALA G 7 -59.65 -62.53 -52.38
N LEU G 8 -59.08 -63.49 -51.64
CA LEU G 8 -59.02 -64.87 -52.07
C LEU G 8 -60.40 -65.42 -52.46
N LYS G 9 -61.46 -65.04 -51.73
CA LYS G 9 -62.81 -65.59 -51.93
C LYS G 9 -63.32 -65.36 -53.34
N ALA G 10 -62.94 -64.24 -53.95
CA ALA G 10 -63.29 -63.94 -55.32
C ALA G 10 -62.82 -65.04 -56.28
N LEU G 11 -61.62 -65.58 -56.07
CA LEU G 11 -61.09 -66.61 -56.94
C LEU G 11 -61.96 -67.86 -56.85
N GLN G 12 -62.36 -68.26 -55.64
CA GLN G 12 -63.21 -69.43 -55.47
C GLN G 12 -64.54 -69.25 -56.21
N ILE G 13 -65.12 -68.07 -56.08
CA ILE G 13 -66.34 -67.74 -56.80
C ILE G 13 -66.10 -67.83 -58.31
N LEU G 14 -64.97 -67.29 -58.79
CA LEU G 14 -64.61 -67.30 -60.20
C LEU G 14 -64.50 -68.74 -60.70
N VAL G 15 -63.83 -69.59 -59.94
CA VAL G 15 -63.71 -71.01 -60.25
C VAL G 15 -65.08 -71.65 -60.35
N ASN G 16 -65.96 -71.38 -59.39
CA ASN G 16 -67.32 -71.94 -59.41
C ASN G 16 -68.01 -71.58 -60.72
N ALA G 17 -67.92 -70.30 -61.10
CA ALA G 17 -68.48 -69.84 -62.37
C ALA G 17 -67.81 -70.53 -63.55
N ALA G 18 -66.48 -70.61 -63.57
CA ALA G 18 -65.76 -71.14 -64.70
C ALA G 18 -66.24 -72.54 -65.04
N TYR G 19 -66.47 -73.37 -64.02
CA TYR G 19 -67.03 -74.70 -64.20
C TYR G 19 -68.32 -74.64 -65.02
N VAL G 20 -69.27 -73.86 -64.54
CA VAL G 20 -70.56 -73.72 -65.20
C VAL G 20 -70.36 -73.18 -66.62
N LEU G 21 -69.48 -72.21 -66.81
CA LEU G 21 -69.24 -71.64 -68.13
C LEU G 21 -68.76 -72.73 -69.08
N ALA G 22 -67.87 -73.59 -68.58
CA ALA G 22 -67.45 -74.73 -69.36
C ALA G 22 -68.63 -75.66 -69.65
N GLU G 23 -69.47 -75.97 -68.67
CA GLU G 23 -70.63 -76.84 -68.91
C GLU G 23 -71.52 -76.26 -70.01
N ILE G 24 -71.82 -74.97 -69.93
CA ILE G 24 -72.62 -74.29 -70.94
C ILE G 24 -71.95 -74.38 -72.31
N ALA G 25 -70.65 -74.08 -72.37
CA ALA G 25 -69.92 -74.11 -73.63
C ALA G 25 -69.94 -75.51 -74.26
N ARG G 26 -69.67 -76.52 -73.44
CA ARG G 26 -69.63 -77.93 -73.81
C ARG G 26 -71.00 -78.41 -74.28
N ASP G 27 -72.07 -77.97 -73.63
CA ASP G 27 -73.43 -78.25 -74.08
C ASP G 27 -73.73 -77.61 -75.44
N ARG G 28 -73.30 -76.37 -75.66
CA ARG G 28 -73.44 -75.67 -76.95
C ARG G 28 -72.56 -76.23 -78.05
N GLY G 29 -71.48 -76.92 -77.71
CA GLY G 29 -70.37 -77.13 -78.62
C GLY G 29 -69.59 -75.84 -78.93
N ASN G 30 -69.70 -74.83 -78.06
CA ASN G 30 -68.88 -73.63 -78.16
C ASN G 30 -67.45 -73.88 -77.65
N GLU G 31 -66.43 -73.38 -78.37
CA GLU G 31 -65.03 -73.52 -77.96
C GLU G 31 -64.46 -72.28 -77.26
N GLU G 32 -64.86 -71.08 -77.64
CA GLU G 32 -64.24 -69.83 -77.15
C GLU G 32 -64.33 -69.72 -75.64
N LEU G 33 -65.47 -70.07 -75.07
CA LEU G 33 -65.65 -70.11 -73.63
C LEU G 33 -64.71 -71.12 -72.98
N LEU G 34 -64.48 -72.29 -73.58
CA LEU G 34 -63.57 -73.28 -73.02
C LEU G 34 -62.14 -72.74 -73.02
N GLU G 35 -61.72 -72.16 -74.14
CA GLU G 35 -60.40 -71.56 -74.23
C GLU G 35 -60.25 -70.44 -73.20
N LYS G 36 -61.23 -69.54 -73.13
CA LYS G 36 -61.22 -68.43 -72.18
C LYS G 36 -61.19 -68.93 -70.74
N ALA G 37 -61.98 -69.95 -70.40
CA ALA G 37 -61.99 -70.52 -69.07
C ALA G 37 -60.64 -71.10 -68.69
N ALA G 38 -59.95 -71.77 -69.61
CA ALA G 38 -58.62 -72.27 -69.32
C ALA G 38 -57.69 -71.10 -68.99
N ARG G 39 -57.71 -70.04 -69.80
CA ARG G 39 -56.88 -68.84 -69.58
C ARG G 39 -57.23 -68.16 -68.26
N LEU G 40 -58.51 -68.06 -67.93
CA LEU G 40 -58.94 -67.56 -66.63
C LEU G 40 -58.37 -68.42 -65.51
N ALA G 41 -58.51 -69.73 -65.60
CA ALA G 41 -58.02 -70.63 -64.57
C ALA G 41 -56.52 -70.46 -64.40
N GLU G 42 -55.77 -70.41 -65.51
CA GLU G 42 -54.33 -70.15 -65.45
C GLU G 42 -54.04 -68.82 -64.76
N GLU G 43 -54.74 -67.76 -65.11
CA GLU G 43 -54.51 -66.46 -64.48
C GLU G 43 -54.80 -66.53 -62.99
N ALA G 44 -55.86 -67.24 -62.59
CA ALA G 44 -56.16 -67.44 -61.18
C ALA G 44 -55.02 -68.19 -60.48
N ALA G 45 -54.40 -69.16 -61.14
CA ALA G 45 -53.24 -69.83 -60.57
C ALA G 45 -52.05 -68.86 -60.45
N ARG G 46 -51.78 -68.09 -61.49
CA ARG G 46 -50.70 -67.11 -61.50
C ARG G 46 -50.90 -66.02 -60.46
N GLN G 47 -52.14 -65.60 -60.21
CA GLN G 47 -52.48 -64.75 -59.07
C GLN G 47 -52.21 -65.48 -57.75
N ALA G 48 -52.74 -66.68 -57.56
CA ALA G 48 -52.63 -67.41 -56.30
C ALA G 48 -51.16 -67.66 -55.91
N GLU G 49 -50.29 -67.93 -56.89
CA GLU G 49 -48.87 -68.09 -56.66
C GLU G 49 -48.23 -66.87 -56.00
N ARG G 50 -48.69 -65.66 -56.30
CA ARG G 50 -48.23 -64.42 -55.64
C ARG G 50 -48.41 -64.55 -54.13
N ILE G 51 -49.62 -64.87 -53.72
CA ILE G 51 -50.01 -64.96 -52.32
C ILE G 51 -49.25 -66.09 -51.66
N ALA G 52 -49.11 -67.24 -52.32
CA ALA G 52 -48.35 -68.37 -51.78
C ALA G 52 -46.87 -68.00 -51.52
N ARG G 53 -46.19 -67.40 -52.50
CA ARG G 53 -44.79 -66.97 -52.34
C ARG G 53 -44.65 -65.87 -51.29
N GLN G 54 -45.57 -64.90 -51.27
CA GLN G 54 -45.55 -63.79 -50.31
C GLN G 54 -45.82 -64.27 -48.88
N ALA G 55 -46.78 -65.17 -48.68
CA ALA G 55 -47.08 -65.76 -47.38
C ALA G 55 -45.88 -66.56 -46.82
N ARG G 56 -45.04 -67.14 -47.68
CA ARG G 56 -43.77 -67.78 -47.26
C ARG G 56 -42.74 -66.77 -46.73
N LYS G 57 -42.90 -65.49 -47.02
CA LYS G 57 -42.22 -64.39 -46.33
C LYS G 57 -42.96 -63.96 -45.06
N GLU G 58 -44.26 -63.69 -45.18
CA GLU G 58 -45.05 -62.99 -44.15
C GLU G 58 -45.57 -63.86 -42.99
N GLY G 59 -45.65 -65.19 -43.17
CA GLY G 59 -45.87 -66.16 -42.09
C GLY G 59 -47.31 -66.60 -41.82
N ASN G 60 -48.34 -66.05 -42.46
CA ASN G 60 -49.70 -66.57 -42.29
C ASN G 60 -49.99 -67.76 -43.23
N LEU G 61 -49.71 -68.96 -42.73
CA LEU G 61 -49.91 -70.20 -43.49
C LEU G 61 -51.38 -70.44 -43.86
N GLU G 62 -52.35 -69.84 -43.16
CA GLU G 62 -53.74 -69.99 -43.57
C GLU G 62 -54.00 -69.34 -44.93
N LEU G 63 -53.29 -68.25 -45.25
CA LEU G 63 -53.34 -67.69 -46.60
C LEU G 63 -52.86 -68.72 -47.61
N ALA G 64 -51.73 -69.36 -47.31
CA ALA G 64 -51.15 -70.32 -48.23
C ALA G 64 -52.11 -71.49 -48.45
N LEU G 65 -52.63 -72.10 -47.39
CA LEU G 65 -53.50 -73.25 -47.57
C LEU G 65 -54.79 -72.86 -48.28
N LYS G 66 -55.33 -71.67 -48.04
CA LYS G 66 -56.49 -71.20 -48.79
C LYS G 66 -56.13 -71.03 -50.27
N ALA G 67 -54.98 -70.43 -50.56
CA ALA G 67 -54.51 -70.29 -51.93
C ALA G 67 -54.34 -71.66 -52.59
N LEU G 68 -53.83 -72.65 -51.85
CA LEU G 68 -53.75 -74.02 -52.34
C LEU G 68 -55.15 -74.57 -52.63
N GLN G 69 -56.12 -74.37 -51.75
CA GLN G 69 -57.48 -74.82 -52.00
C GLN G 69 -58.02 -74.24 -53.30
N ILE G 70 -57.77 -72.95 -53.50
CA ILE G 70 -58.11 -72.24 -54.74
C ILE G 70 -57.41 -72.89 -55.92
N LEU G 71 -56.10 -73.09 -55.84
CA LEU G 71 -55.36 -73.73 -56.91
C LEU G 71 -55.97 -75.10 -57.26
N VAL G 72 -56.21 -75.93 -56.26
CA VAL G 72 -56.72 -77.29 -56.49
C VAL G 72 -58.10 -77.22 -57.12
N ASN G 73 -59.01 -76.45 -56.55
CA ASN G 73 -60.34 -76.40 -57.10
C ASN G 73 -60.33 -75.76 -58.49
N ALA G 74 -59.44 -74.80 -58.76
CA ALA G 74 -59.24 -74.27 -60.11
C ALA G 74 -58.76 -75.37 -61.06
N ALA G 75 -57.85 -76.23 -60.60
CA ALA G 75 -57.36 -77.32 -61.43
C ALA G 75 -58.51 -78.25 -61.83
N TYR G 76 -59.51 -78.45 -60.97
CA TYR G 76 -60.62 -79.33 -61.32
C TYR G 76 -61.34 -78.88 -62.59
N VAL G 77 -61.51 -77.57 -62.77
CA VAL G 77 -62.10 -77.02 -63.99
C VAL G 77 -61.20 -77.33 -65.19
N LEU G 78 -59.89 -77.04 -65.06
CA LEU G 78 -58.96 -77.30 -66.15
C LEU G 78 -59.01 -78.78 -66.56
N ALA G 79 -59.04 -79.66 -65.56
CA ALA G 79 -59.04 -81.08 -65.79
C ALA G 79 -60.23 -81.48 -66.67
N GLU G 80 -61.45 -81.15 -66.26
CA GLU G 80 -62.64 -81.58 -67.00
C GLU G 80 -62.62 -81.05 -68.42
N ILE G 81 -62.23 -79.78 -68.59
CA ILE G 81 -62.14 -79.16 -69.91
C ILE G 81 -61.14 -79.95 -70.74
N ALA G 82 -59.91 -80.05 -70.26
CA ALA G 82 -58.83 -80.62 -71.02
C ALA G 82 -59.06 -82.10 -71.32
N ARG G 83 -59.71 -82.82 -70.40
CA ARG G 83 -60.11 -84.21 -70.56
C ARG G 83 -61.11 -84.37 -71.70
N ASP G 84 -62.21 -83.60 -71.69
CA ASP G 84 -63.17 -83.69 -72.79
C ASP G 84 -62.61 -83.16 -74.12
N ARG G 85 -61.75 -82.14 -74.06
CA ARG G 85 -61.06 -81.57 -75.23
C ARG G 85 -59.96 -82.51 -75.77
N GLY G 86 -59.57 -83.54 -75.01
CA GLY G 86 -58.43 -84.40 -75.35
C GLY G 86 -57.07 -83.69 -75.34
N ASN G 87 -56.96 -82.58 -74.60
CA ASN G 87 -55.76 -81.73 -74.62
C ASN G 87 -54.74 -82.18 -73.56
N GLU G 88 -53.82 -83.03 -73.96
CA GLU G 88 -52.74 -83.50 -73.09
C GLU G 88 -51.87 -82.36 -72.55
N GLU G 89 -51.72 -81.27 -73.30
CA GLU G 89 -50.86 -80.15 -72.93
C GLU G 89 -51.36 -79.48 -71.66
N LEU G 90 -52.66 -79.16 -71.62
CA LEU G 90 -53.30 -78.61 -70.44
C LEU G 90 -53.32 -79.63 -69.30
N LEU G 91 -53.60 -80.91 -69.58
CA LEU G 91 -53.60 -81.92 -68.52
C LEU G 91 -52.21 -81.99 -67.85
N GLU G 92 -51.17 -82.02 -68.67
CA GLU G 92 -49.78 -81.99 -68.21
C GLU G 92 -49.49 -80.71 -67.44
N TYR G 93 -49.93 -79.56 -67.96
CA TYR G 93 -49.70 -78.29 -67.30
C TYR G 93 -50.37 -78.26 -65.92
N ALA G 94 -51.63 -78.69 -65.83
CA ALA G 94 -52.37 -78.77 -64.58
C ALA G 94 -51.66 -79.69 -63.58
N ALA G 95 -51.21 -80.86 -64.04
CA ALA G 95 -50.46 -81.77 -63.20
C ALA G 95 -49.16 -81.12 -62.69
N ARG G 96 -48.37 -80.49 -63.56
CA ARG G 96 -47.10 -79.88 -63.16
C ARG G 96 -47.30 -78.68 -62.23
N LEU G 97 -48.33 -77.87 -62.47
CA LEU G 97 -48.74 -76.81 -61.55
C LEU G 97 -49.07 -77.41 -60.19
N ALA G 98 -49.91 -78.44 -60.19
CA ALA G 98 -50.28 -79.12 -58.97
C ALA G 98 -49.07 -79.73 -58.27
N GLU G 99 -48.03 -80.16 -58.98
CA GLU G 99 -46.86 -80.76 -58.35
C GLU G 99 -46.08 -79.76 -57.50
N GLU G 100 -45.76 -78.58 -58.04
CA GLU G 100 -45.16 -77.51 -57.22
C GLU G 100 -46.09 -77.07 -56.10
N ALA G 101 -47.39 -77.06 -56.35
CA ALA G 101 -48.35 -76.77 -55.30
C ALA G 101 -48.25 -77.82 -54.20
N ALA G 102 -48.22 -79.10 -54.57
CA ALA G 102 -48.14 -80.21 -53.62
C ALA G 102 -46.83 -80.16 -52.85
N ARG G 103 -45.73 -79.82 -53.52
CA ARG G 103 -44.47 -79.56 -52.84
C ARG G 103 -44.66 -78.51 -51.77
N GLN G 104 -45.30 -77.40 -52.11
CA GLN G 104 -45.56 -76.35 -51.15
C GLN G 104 -46.52 -76.79 -50.04
N ALA G 105 -47.48 -77.68 -50.33
CA ALA G 105 -48.41 -78.19 -49.32
C ALA G 105 -47.71 -78.99 -48.21
N ILE G 106 -46.63 -79.70 -48.54
CA ILE G 106 -45.82 -80.34 -47.52
C ILE G 106 -45.24 -79.29 -46.56
N GLU G 107 -44.83 -78.12 -47.07
CA GLU G 107 -44.25 -77.04 -46.23
C GLU G 107 -45.19 -76.69 -45.09
N ILE G 108 -46.46 -76.54 -45.42
CA ILE G 108 -47.51 -76.28 -44.43
C ILE G 108 -47.57 -77.43 -43.42
N TRP G 109 -47.72 -78.67 -43.89
CA TRP G 109 -47.98 -79.81 -43.01
C TRP G 109 -46.82 -80.03 -42.05
N ALA G 110 -45.60 -79.98 -42.59
CA ALA G 110 -44.37 -80.11 -41.84
C ALA G 110 -44.19 -78.94 -40.86
N GLN G 111 -44.29 -77.69 -41.32
CA GLN G 111 -44.03 -76.55 -40.46
C GLN G 111 -45.02 -76.50 -39.30
N ALA G 112 -46.30 -76.69 -39.60
CA ALA G 112 -47.36 -76.73 -38.60
C ALA G 112 -47.13 -77.87 -37.59
N MET G 113 -46.69 -79.04 -38.04
CA MET G 113 -46.38 -80.14 -37.15
C MET G 113 -45.18 -79.82 -36.25
N GLU G 114 -44.09 -79.28 -36.81
CA GLU G 114 -42.89 -78.95 -36.05
C GLU G 114 -43.11 -77.83 -35.05
N GLU G 115 -43.92 -76.83 -35.39
CA GLU G 115 -44.28 -75.74 -34.49
C GLU G 115 -45.35 -76.15 -33.47
N GLY G 116 -46.34 -76.95 -33.89
CA GLY G 116 -47.45 -77.43 -33.06
C GLY G 116 -48.82 -76.82 -33.34
N ASN G 117 -48.93 -75.91 -34.32
CA ASN G 117 -50.19 -75.30 -34.75
C ASN G 117 -51.01 -76.27 -35.63
N GLN G 118 -51.40 -77.40 -35.05
CA GLN G 118 -52.03 -78.49 -35.78
C GLN G 118 -53.33 -78.08 -36.49
N GLN G 119 -53.94 -76.99 -36.05
CA GLN G 119 -55.11 -76.38 -36.66
C GLN G 119 -54.86 -76.01 -38.13
N LEU G 120 -53.61 -75.79 -38.53
CA LEU G 120 -53.22 -75.72 -39.94
C LEU G 120 -53.08 -77.13 -40.54
N ARG G 121 -52.37 -78.03 -39.85
CA ARG G 121 -52.01 -79.37 -40.34
C ARG G 121 -53.23 -80.15 -40.83
N THR G 122 -54.32 -80.10 -40.08
CA THR G 122 -55.58 -80.77 -40.43
C THR G 122 -56.09 -80.30 -41.79
N LYS G 123 -56.07 -78.99 -42.03
CA LYS G 123 -56.49 -78.38 -43.29
C LYS G 123 -55.52 -78.78 -44.40
N ALA G 124 -54.23 -78.65 -44.16
CA ALA G 124 -53.20 -78.99 -45.14
C ALA G 124 -53.36 -80.44 -45.64
N ALA G 125 -53.59 -81.39 -44.73
CA ALA G 125 -53.84 -82.77 -45.11
C ALA G 125 -55.06 -82.88 -46.03
N HIS G 126 -56.19 -82.30 -45.65
CA HIS G 126 -57.36 -82.30 -46.52
C HIS G 126 -57.05 -81.70 -47.89
N ILE G 127 -56.27 -80.61 -47.95
CA ILE G 127 -55.82 -80.03 -49.21
C ILE G 127 -55.01 -81.07 -50.00
N ILE G 128 -54.09 -81.79 -49.36
CA ILE G 128 -53.33 -82.81 -50.05
C ILE G 128 -54.28 -83.88 -50.57
N LEU G 129 -55.24 -84.31 -49.77
CA LEU G 129 -56.18 -85.36 -50.14
C LEU G 129 -56.96 -84.94 -51.38
N ARG G 130 -57.55 -83.74 -51.36
CA ARG G 130 -58.22 -83.21 -52.54
C ARG G 130 -57.24 -83.11 -53.70
N ALA G 131 -56.02 -82.62 -53.48
CA ALA G 131 -55.08 -82.41 -54.57
C ALA G 131 -54.80 -83.72 -55.28
N ALA G 132 -54.42 -84.73 -54.51
CA ALA G 132 -54.15 -86.05 -55.04
C ALA G 132 -55.41 -86.65 -55.67
N GLU G 133 -56.59 -86.39 -55.12
CA GLU G 133 -57.82 -86.84 -55.76
C GLU G 133 -58.01 -86.16 -57.11
N VAL G 134 -57.71 -84.87 -57.21
CA VAL G 134 -57.73 -84.15 -58.48
C VAL G 134 -56.68 -84.71 -59.43
N LEU G 135 -55.49 -85.06 -58.94
CA LEU G 135 -54.56 -85.80 -59.77
C LEU G 135 -55.20 -87.10 -60.28
N LEU G 136 -55.92 -87.82 -59.41
CA LEU G 136 -56.54 -89.09 -59.78
C LEU G 136 -57.64 -88.87 -60.81
N GLU G 137 -58.44 -87.82 -60.68
CA GLU G 137 -59.40 -87.49 -61.72
C GLU G 137 -58.72 -87.05 -63.02
N ILE G 138 -57.63 -86.28 -62.98
CA ILE G 138 -56.85 -85.98 -64.19
C ILE G 138 -56.40 -87.29 -64.83
N ALA G 139 -55.92 -88.23 -64.01
CA ALA G 139 -55.43 -89.52 -64.46
C ALA G 139 -56.55 -90.47 -64.95
N ARG G 140 -57.83 -90.17 -64.68
CA ARG G 140 -58.96 -91.11 -64.83
C ARG G 140 -58.99 -91.76 -66.21
N ASP G 141 -58.97 -90.95 -67.27
CA ASP G 141 -58.93 -91.44 -68.66
C ASP G 141 -57.51 -91.61 -69.23
N ARG G 142 -56.53 -90.84 -68.73
CA ARG G 142 -55.23 -90.60 -69.41
C ARG G 142 -54.34 -91.85 -69.56
N GLY G 143 -54.36 -92.75 -68.58
CA GLY G 143 -53.49 -93.94 -68.56
C GLY G 143 -52.01 -93.68 -68.24
N ASN G 144 -51.65 -92.47 -67.81
CA ASN G 144 -50.34 -92.18 -67.21
C ASN G 144 -50.31 -92.75 -65.78
N GLN G 145 -49.94 -94.02 -65.68
CA GLN G 145 -50.02 -94.75 -64.42
C GLN G 145 -49.03 -94.18 -63.38
N GLU G 146 -48.04 -93.43 -63.83
CA GLU G 146 -47.09 -92.71 -63.01
C GLU G 146 -47.80 -91.64 -62.18
N LEU G 147 -48.73 -90.91 -62.79
CA LEU G 147 -49.60 -90.00 -62.05
C LEU G 147 -50.49 -90.78 -61.06
N LEU G 148 -50.95 -92.00 -61.42
CA LEU G 148 -51.66 -92.84 -60.43
C LEU G 148 -50.77 -93.13 -59.24
N GLU G 149 -49.51 -93.48 -59.48
CA GLU G 149 -48.58 -93.75 -58.39
C GLU G 149 -48.37 -92.50 -57.52
N LYS G 150 -48.16 -91.33 -58.14
CA LYS G 150 -48.00 -90.06 -57.43
C LYS G 150 -49.16 -89.83 -56.46
N ALA G 151 -50.38 -90.02 -56.94
CA ALA G 151 -51.55 -89.94 -56.07
C ALA G 151 -51.51 -91.04 -54.98
N ALA G 152 -51.47 -92.31 -55.36
CA ALA G 152 -51.73 -93.42 -54.45
C ALA G 152 -50.79 -93.36 -53.25
N SER G 153 -49.50 -93.17 -53.55
CA SER G 153 -48.45 -93.04 -52.56
C SER G 153 -48.73 -91.87 -51.63
N LEU G 154 -49.05 -90.69 -52.16
CA LEU G 154 -49.35 -89.55 -51.31
C LEU G 154 -50.52 -89.86 -50.40
N VAL G 155 -51.62 -90.38 -50.94
CA VAL G 155 -52.86 -90.56 -50.15
C VAL G 155 -52.65 -91.59 -49.06
N ASP G 156 -51.99 -92.71 -49.39
CA ASP G 156 -51.63 -93.68 -48.38
C ASP G 156 -50.76 -93.02 -47.30
N ALA G 157 -49.73 -92.29 -47.72
CA ALA G 157 -48.79 -91.66 -46.79
C ALA G 157 -49.51 -90.65 -45.88
N VAL G 158 -50.44 -89.89 -46.43
CA VAL G 158 -51.27 -88.99 -45.64
C VAL G 158 -52.07 -89.79 -44.62
N ALA G 159 -52.63 -90.95 -44.95
CA ALA G 159 -53.40 -91.72 -43.98
C ALA G 159 -52.51 -92.08 -42.77
N ALA G 160 -51.30 -92.53 -43.06
CA ALA G 160 -50.31 -92.81 -42.03
C ALA G 160 -49.97 -91.54 -41.24
N LEU G 161 -49.55 -90.47 -41.93
CA LEU G 161 -49.14 -89.23 -41.28
C LEU G 161 -50.24 -88.66 -40.40
N GLN G 162 -51.48 -88.72 -40.87
CA GLN G 162 -52.60 -88.20 -40.12
C GLN G 162 -52.86 -89.05 -38.89
N GLN G 163 -52.89 -90.38 -39.02
CA GLN G 163 -53.02 -91.22 -37.85
C GLN G 163 -51.88 -90.95 -36.86
N ALA G 164 -50.66 -90.87 -37.37
CA ALA G 164 -49.49 -90.59 -36.55
C ALA G 164 -49.63 -89.24 -35.82
N ALA G 165 -50.12 -88.22 -36.50
CA ALA G 165 -50.28 -86.91 -35.88
C ALA G 165 -51.27 -86.95 -34.71
N ALA G 166 -52.34 -87.74 -34.85
CA ALA G 166 -53.26 -87.98 -33.75
C ALA G 166 -52.56 -88.77 -32.62
N ALA G 167 -51.87 -89.85 -32.97
CA ALA G 167 -51.15 -90.66 -32.00
C ALA G 167 -50.12 -89.83 -31.21
N ILE G 168 -49.50 -88.83 -31.85
CA ILE G 168 -48.54 -87.93 -31.20
C ILE G 168 -49.22 -87.04 -30.15
N LEU G 169 -50.48 -86.67 -30.32
CA LEU G 169 -51.23 -86.02 -29.26
C LEU G 169 -51.67 -87.02 -28.18
N GLU G 170 -52.01 -88.25 -28.56
CA GLU G 170 -52.55 -89.26 -27.64
C GLU G 170 -51.51 -90.00 -26.79
N GLY G 171 -50.26 -90.15 -27.27
CA GLY G 171 -49.17 -90.82 -26.55
C GLY G 171 -49.02 -92.34 -26.78
N ASP G 172 -49.86 -92.98 -27.60
CA ASP G 172 -49.67 -94.39 -27.97
C ASP G 172 -48.56 -94.54 -29.02
N VAL G 173 -47.34 -94.72 -28.53
CA VAL G 173 -46.17 -94.91 -29.38
C VAL G 173 -46.28 -96.18 -30.23
N GLU G 174 -47.02 -97.21 -29.81
CA GLU G 174 -47.16 -98.42 -30.62
C GLU G 174 -48.02 -98.13 -31.84
N LYS G 175 -49.15 -97.45 -31.68
CA LYS G 175 -49.95 -96.99 -32.81
C LYS G 175 -49.12 -96.07 -33.72
N ALA G 176 -48.32 -95.16 -33.14
CA ALA G 176 -47.45 -94.29 -33.91
C ALA G 176 -46.46 -95.10 -34.77
N VAL G 177 -45.86 -96.15 -34.20
CA VAL G 177 -44.94 -97.04 -34.93
C VAL G 177 -45.66 -97.91 -35.95
N ARG G 178 -46.84 -98.43 -35.64
CA ARG G 178 -47.66 -99.20 -36.58
C ARG G 178 -47.90 -98.42 -37.87
N ALA G 179 -48.10 -97.10 -37.76
CA ALA G 179 -48.10 -96.22 -38.93
C ALA G 179 -46.69 -96.02 -39.51
N ALA G 180 -45.70 -95.65 -38.69
CA ALA G 180 -44.35 -95.32 -39.17
C ALA G 180 -43.67 -96.46 -39.94
N GLN G 181 -43.96 -97.72 -39.59
CA GLN G 181 -43.47 -98.89 -40.30
C GLN G 181 -43.88 -98.89 -41.78
N GLU G 182 -45.08 -98.41 -42.10
CA GLU G 182 -45.52 -98.23 -43.49
C GLU G 182 -45.01 -96.91 -44.08
N ALA G 183 -44.96 -95.85 -43.28
CA ALA G 183 -44.91 -94.46 -43.77
C ALA G 183 -43.77 -94.16 -44.77
N VAL G 184 -42.58 -94.68 -44.52
CA VAL G 184 -41.43 -94.47 -45.41
C VAL G 184 -41.61 -95.16 -46.76
N LYS G 185 -42.32 -96.30 -46.80
CA LYS G 185 -42.38 -97.18 -47.97
C LYS G 185 -42.91 -96.43 -49.18
N ALA G 186 -44.03 -95.75 -49.01
CA ALA G 186 -44.64 -94.98 -50.08
C ALA G 186 -43.67 -93.91 -50.61
N ALA G 187 -43.14 -93.07 -49.73
CA ALA G 187 -42.22 -91.99 -50.13
C ALA G 187 -41.00 -92.54 -50.88
N LYS G 188 -40.39 -93.58 -50.32
CA LYS G 188 -39.20 -94.24 -50.86
C LYS G 188 -39.47 -94.89 -52.21
N GLU G 189 -40.57 -95.63 -52.35
CA GLU G 189 -40.91 -96.30 -53.62
C GLU G 189 -41.38 -95.31 -54.69
N ALA G 190 -42.03 -94.21 -54.31
CA ALA G 190 -42.53 -93.20 -55.24
C ALA G 190 -41.42 -92.33 -55.84
N GLY G 191 -40.28 -92.20 -55.16
CA GLY G 191 -39.33 -91.13 -55.46
C GLY G 191 -39.82 -89.78 -54.92
N ASP G 192 -40.37 -89.77 -53.70
CA ASP G 192 -40.55 -88.54 -52.93
C ASP G 192 -39.22 -87.80 -52.74
N ASN G 193 -39.28 -86.57 -52.26
CA ASN G 193 -38.16 -85.92 -51.59
C ASN G 193 -38.57 -85.42 -50.19
N ASP G 194 -39.48 -84.46 -50.12
CA ASP G 194 -39.69 -83.73 -48.88
C ASP G 194 -40.71 -84.36 -47.94
N MET G 195 -41.52 -85.34 -48.35
CA MET G 195 -42.44 -85.98 -47.39
C MET G 195 -41.65 -86.76 -46.34
N LEU G 196 -40.48 -87.26 -46.72
CA LEU G 196 -39.49 -87.71 -45.75
C LEU G 196 -39.23 -86.66 -44.67
N ARG G 197 -39.18 -85.36 -44.99
CA ARG G 197 -39.00 -84.31 -43.97
C ARG G 197 -40.13 -84.34 -42.97
N ALA G 198 -41.36 -84.42 -43.45
CA ALA G 198 -42.53 -84.50 -42.58
C ALA G 198 -42.45 -85.75 -41.68
N VAL G 199 -42.13 -86.91 -42.25
CA VAL G 199 -41.98 -88.17 -41.48
C VAL G 199 -40.92 -87.98 -40.41
N ALA G 200 -39.78 -87.40 -40.75
CA ALA G 200 -38.68 -87.17 -39.80
C ALA G 200 -39.10 -86.22 -38.67
N ILE G 201 -39.76 -85.11 -38.99
CA ILE G 201 -40.26 -84.19 -37.98
C ILE G 201 -41.23 -84.90 -37.02
N ALA G 202 -42.09 -85.77 -37.55
CA ALA G 202 -42.99 -86.57 -36.72
C ALA G 202 -42.21 -87.52 -35.80
N ALA G 203 -41.16 -88.16 -36.29
CA ALA G 203 -40.31 -88.98 -35.44
C ALA G 203 -39.66 -88.17 -34.31
N LEU G 204 -39.21 -86.94 -34.58
CA LEU G 204 -38.66 -86.06 -33.55
C LEU G 204 -39.73 -85.72 -32.50
N ARG G 205 -40.95 -85.37 -32.93
CA ARG G 205 -42.07 -85.16 -31.99
C ARG G 205 -42.29 -86.40 -31.13
N ILE G 206 -42.32 -87.60 -31.73
CA ILE G 206 -42.49 -88.85 -30.99
C ILE G 206 -41.39 -88.97 -29.93
N ALA G 207 -40.14 -88.77 -30.30
CA ALA G 207 -39.02 -88.91 -29.39
C ALA G 207 -39.12 -87.97 -28.19
N LYS G 208 -39.46 -86.70 -28.42
CA LYS G 208 -39.57 -85.69 -27.36
C LYS G 208 -40.53 -86.13 -26.27
N GLU G 209 -41.67 -86.71 -26.66
CA GLU G 209 -42.62 -87.26 -25.70
C GLU G 209 -42.14 -88.60 -25.12
N ALA G 210 -41.54 -89.46 -25.94
CA ALA G 210 -41.10 -90.78 -25.50
C ALA G 210 -40.08 -90.70 -24.36
N GLU G 211 -39.27 -89.65 -24.32
CA GLU G 211 -38.41 -89.36 -23.17
C GLU G 211 -39.25 -89.15 -21.90
N LYS G 212 -40.29 -88.33 -21.96
CA LYS G 212 -41.20 -88.10 -20.83
C LYS G 212 -41.92 -89.39 -20.44
N GLN G 213 -42.25 -90.22 -21.42
CA GLN G 213 -42.83 -91.54 -21.21
C GLN G 213 -41.81 -92.61 -20.77
N GLY G 214 -40.52 -92.31 -20.77
CA GLY G 214 -39.43 -93.22 -20.40
C GLY G 214 -39.13 -94.32 -21.43
N ASN G 215 -40.12 -94.84 -22.16
CA ASN G 215 -39.90 -95.83 -23.22
C ASN G 215 -39.37 -95.16 -24.49
N VAL G 216 -38.13 -94.70 -24.42
CA VAL G 216 -37.38 -94.28 -25.60
C VAL G 216 -37.09 -95.46 -26.50
N GLU G 217 -37.15 -96.71 -26.04
CA GLU G 217 -36.85 -97.89 -26.88
C GLU G 217 -37.73 -97.90 -28.13
N VAL G 218 -39.03 -97.69 -27.97
CA VAL G 218 -39.91 -97.60 -29.13
C VAL G 218 -39.55 -96.39 -30.00
N ALA G 219 -39.16 -95.27 -29.41
CA ALA G 219 -38.70 -94.12 -30.20
C ALA G 219 -37.42 -94.42 -30.97
N VAL G 220 -36.52 -95.25 -30.43
CA VAL G 220 -35.33 -95.69 -31.14
C VAL G 220 -35.71 -96.66 -32.27
N LYS G 221 -36.72 -97.51 -32.06
CA LYS G 221 -37.26 -98.33 -33.15
C LYS G 221 -37.79 -97.44 -34.27
N ALA G 222 -38.50 -96.36 -33.93
CA ALA G 222 -38.90 -95.36 -34.90
C ALA G 222 -37.69 -94.63 -35.52
N ALA G 223 -36.67 -94.33 -34.75
CA ALA G 223 -35.51 -93.60 -35.23
C ALA G 223 -34.79 -94.34 -36.37
N ARG G 224 -34.85 -95.68 -36.42
CA ARG G 224 -34.32 -96.43 -37.58
C ARG G 224 -34.99 -96.01 -38.88
N VAL G 225 -36.29 -95.73 -38.84
CA VAL G 225 -37.00 -95.12 -39.96
C VAL G 225 -36.55 -93.67 -40.12
N ALA G 226 -36.40 -92.92 -39.04
CA ALA G 226 -36.00 -91.51 -39.12
C ALA G 226 -34.67 -91.31 -39.88
N VAL G 227 -33.69 -92.17 -39.65
CA VAL G 227 -32.45 -92.14 -40.44
C VAL G 227 -32.67 -92.66 -41.85
N GLU G 228 -33.51 -93.68 -42.07
CA GLU G 228 -33.82 -94.12 -43.43
C GLU G 228 -34.30 -92.93 -44.26
N ALA G 229 -35.28 -92.20 -43.73
CA ALA G 229 -35.79 -91.00 -44.34
C ALA G 229 -34.67 -89.98 -44.58
N ALA G 230 -33.92 -89.59 -43.55
CA ALA G 230 -32.90 -88.57 -43.70
C ALA G 230 -31.85 -88.94 -44.75
N LYS G 231 -31.45 -90.22 -44.76
CA LYS G 231 -30.43 -90.75 -45.67
C LYS G 231 -30.96 -90.83 -47.09
N GLN G 232 -32.17 -91.34 -47.29
CA GLN G 232 -32.79 -91.34 -48.61
C GLN G 232 -32.96 -89.91 -49.13
N ALA G 233 -33.31 -88.97 -48.26
CA ALA G 233 -33.53 -87.58 -48.63
C ALA G 233 -32.24 -86.84 -48.99
N GLY G 234 -31.13 -87.18 -48.35
CA GLY G 234 -30.02 -86.25 -48.29
C GLY G 234 -30.39 -85.07 -47.40
N ASP G 235 -30.75 -85.37 -46.15
CA ASP G 235 -31.04 -84.38 -45.12
C ASP G 235 -29.85 -83.43 -44.87
N ASN G 236 -30.12 -82.26 -44.29
CA ASN G 236 -29.16 -81.20 -44.03
C ASN G 236 -29.21 -80.86 -42.53
N ASP G 237 -29.18 -79.59 -42.18
CA ASP G 237 -29.04 -79.08 -40.82
C ASP G 237 -30.08 -79.61 -39.81
N VAL G 238 -31.22 -80.15 -40.25
CA VAL G 238 -32.16 -80.80 -39.34
C VAL G 238 -31.50 -81.98 -38.63
N LEU G 239 -30.51 -82.61 -39.24
CA LEU G 239 -29.68 -83.58 -38.55
C LEU G 239 -29.05 -83.04 -37.26
N ARG G 240 -28.82 -81.73 -37.16
CA ARG G 240 -28.31 -81.10 -35.94
C ARG G 240 -29.28 -81.24 -34.77
N LYS G 241 -30.57 -81.12 -35.06
CA LYS G 241 -31.63 -81.46 -34.11
C LYS G 241 -31.64 -82.96 -33.82
N VAL G 242 -31.51 -83.80 -34.86
CA VAL G 242 -31.50 -85.27 -34.70
C VAL G 242 -30.40 -85.69 -33.74
N ALA G 243 -29.18 -85.19 -33.94
CA ALA G 243 -28.06 -85.47 -33.08
C ALA G 243 -28.32 -85.03 -31.63
N GLU G 244 -28.85 -83.82 -31.43
CA GLU G 244 -29.21 -83.38 -30.08
C GLU G 244 -30.20 -84.36 -29.42
N GLN G 245 -31.25 -84.75 -30.15
CA GLN G 245 -32.21 -85.71 -29.63
C GLN G 245 -31.55 -87.05 -29.35
N ALA G 246 -30.64 -87.51 -30.21
CA ALA G 246 -29.91 -88.75 -29.97
C ALA G 246 -29.06 -88.68 -28.70
N LEU G 247 -28.40 -87.55 -28.46
CA LEU G 247 -27.63 -87.33 -27.24
C LEU G 247 -28.54 -87.34 -26.01
N ARG G 248 -29.69 -86.65 -26.09
CA ARG G 248 -30.69 -86.68 -25.03
C ARG G 248 -31.14 -88.12 -24.77
N ILE G 249 -31.50 -88.85 -25.82
CA ILE G 249 -31.93 -90.25 -25.72
C ILE G 249 -30.84 -91.09 -25.07
N ALA G 250 -29.58 -90.94 -25.49
CA ALA G 250 -28.47 -91.66 -24.88
C ALA G 250 -28.39 -91.35 -23.38
N LYS G 251 -28.43 -90.07 -22.98
CA LYS G 251 -28.36 -89.69 -21.56
C LYS G 251 -29.49 -90.31 -20.74
N GLU G 252 -30.71 -90.32 -21.27
CA GLU G 252 -31.80 -91.00 -20.59
C GLU G 252 -31.59 -92.52 -20.56
N ALA G 253 -31.19 -93.14 -21.66
CA ALA G 253 -30.93 -94.57 -21.72
C ALA G 253 -29.81 -94.97 -20.75
N GLU G 254 -28.81 -94.12 -20.57
CA GLU G 254 -27.79 -94.26 -19.53
C GLU G 254 -28.40 -94.18 -18.13
N LYS G 255 -29.25 -93.18 -17.84
CA LYS G 255 -29.94 -93.11 -16.53
C LYS G 255 -30.78 -94.35 -16.28
N GLN G 256 -31.40 -94.89 -17.33
CA GLN G 256 -32.16 -96.14 -17.30
C GLN G 256 -31.27 -97.39 -17.32
N GLY G 257 -29.97 -97.26 -17.54
CA GLY G 257 -29.06 -98.39 -17.71
C GLY G 257 -29.30 -99.22 -18.98
N ASN G 258 -30.16 -98.77 -19.89
CA ASN G 258 -30.38 -99.45 -21.17
C ASN G 258 -29.32 -99.04 -22.20
N VAL G 259 -28.09 -99.44 -21.92
CA VAL G 259 -26.95 -99.18 -22.80
C VAL G 259 -27.15 -99.82 -24.17
N GLU G 260 -27.88 -100.93 -24.28
CA GLU G 260 -28.16 -101.54 -25.58
C GLU G 260 -28.93 -100.57 -26.47
N VAL G 261 -30.02 -100.01 -25.95
CA VAL G 261 -30.80 -99.00 -26.68
C VAL G 261 -29.96 -97.76 -26.90
N ALA G 262 -29.17 -97.34 -25.91
CA ALA G 262 -28.29 -96.20 -26.08
C ALA G 262 -27.37 -96.42 -27.28
N VAL G 263 -26.78 -97.60 -27.40
CA VAL G 263 -25.88 -97.92 -28.52
C VAL G 263 -26.63 -97.99 -29.82
N LYS G 264 -27.84 -98.54 -29.85
CA LYS G 264 -28.64 -98.48 -31.07
C LYS G 264 -28.86 -97.02 -31.49
N ALA G 265 -29.18 -96.15 -30.55
CA ALA G 265 -29.37 -94.73 -30.81
C ALA G 265 -28.08 -94.09 -31.34
N ALA G 266 -26.94 -94.38 -30.72
CA ALA G 266 -25.67 -93.87 -31.23
C ALA G 266 -25.39 -94.41 -32.64
N ARG G 267 -25.63 -95.70 -32.88
CA ARG G 267 -25.39 -96.34 -34.17
C ARG G 267 -26.18 -95.66 -35.26
N VAL G 268 -27.42 -95.31 -34.96
CA VAL G 268 -28.24 -94.47 -35.83
C VAL G 268 -27.59 -93.09 -35.96
N ALA G 269 -27.22 -92.45 -34.85
CA ALA G 269 -26.73 -91.08 -34.88
C ALA G 269 -25.52 -90.92 -35.79
N VAL G 270 -24.53 -91.81 -35.66
CA VAL G 270 -23.32 -91.74 -36.48
C VAL G 270 -23.63 -91.98 -37.95
N GLU G 271 -24.57 -92.88 -38.25
CA GLU G 271 -24.92 -93.18 -39.64
C GLU G 271 -25.27 -91.88 -40.38
N ALA G 272 -26.10 -91.06 -39.75
CA ALA G 272 -26.48 -89.76 -40.29
C ALA G 272 -25.33 -88.76 -40.19
N ALA G 273 -24.69 -88.63 -39.03
CA ALA G 273 -23.72 -87.57 -38.79
C ALA G 273 -22.53 -87.66 -39.76
N LYS G 274 -22.18 -88.89 -40.17
CA LYS G 274 -21.16 -89.14 -41.19
C LYS G 274 -21.52 -88.48 -42.52
N GLN G 275 -22.81 -88.48 -42.88
CA GLN G 275 -23.28 -87.78 -44.07
C GLN G 275 -23.21 -86.27 -43.85
N ALA G 276 -23.57 -85.81 -42.66
CA ALA G 276 -23.61 -84.39 -42.35
C ALA G 276 -22.22 -83.75 -42.42
N GLY G 277 -21.21 -84.39 -41.83
CA GLY G 277 -19.89 -83.80 -41.73
C GLY G 277 -19.82 -82.53 -40.86
N ASP G 278 -20.77 -82.32 -39.96
CA ASP G 278 -20.64 -81.29 -38.92
C ASP G 278 -19.60 -81.74 -37.89
N ASN G 279 -18.33 -81.43 -38.15
CA ASN G 279 -17.21 -82.03 -37.43
C ASN G 279 -17.29 -81.81 -35.92
N ASP G 280 -17.66 -80.62 -35.46
CA ASP G 280 -17.78 -80.39 -34.03
C ASP G 280 -18.94 -81.15 -33.41
N VAL G 281 -20.03 -81.35 -34.15
CA VAL G 281 -21.12 -82.23 -33.69
C VAL G 281 -20.62 -83.66 -33.63
N LEU G 282 -19.93 -84.13 -34.67
CA LEU G 282 -19.32 -85.45 -34.68
C LEU G 282 -18.38 -85.63 -33.48
N ARG G 283 -17.56 -84.63 -33.15
CA ARG G 283 -16.66 -84.65 -31.99
C ARG G 283 -17.47 -84.76 -30.69
N LYS G 284 -18.51 -83.94 -30.51
CA LYS G 284 -19.39 -84.00 -29.34
C LYS G 284 -20.08 -85.36 -29.22
N VAL G 285 -20.53 -85.92 -30.34
CA VAL G 285 -21.09 -87.27 -30.40
C VAL G 285 -20.05 -88.30 -29.99
N ALA G 286 -18.82 -88.24 -30.51
CA ALA G 286 -17.77 -89.17 -30.15
C ALA G 286 -17.43 -89.09 -28.64
N ASP G 287 -17.43 -87.89 -28.05
CA ASP G 287 -17.28 -87.74 -26.60
C ASP G 287 -18.37 -88.51 -25.85
N GLN G 288 -19.63 -88.35 -26.23
CA GLN G 288 -20.68 -89.15 -25.62
C GLN G 288 -20.51 -90.65 -25.93
N ALA G 289 -20.00 -91.02 -27.11
CA ALA G 289 -19.82 -92.42 -27.47
C ALA G 289 -18.79 -93.13 -26.57
N LEU G 290 -17.77 -92.40 -26.13
CA LEU G 290 -16.89 -92.85 -25.04
C LEU G 290 -17.69 -93.01 -23.74
N GLU G 291 -18.51 -92.03 -23.35
CA GLU G 291 -19.33 -92.16 -22.15
C GLU G 291 -20.28 -93.37 -22.23
N ILE G 292 -20.85 -93.65 -23.39
CA ILE G 292 -21.70 -94.83 -23.61
C ILE G 292 -20.86 -96.09 -23.48
N ALA G 293 -19.66 -96.11 -24.06
CA ALA G 293 -18.76 -97.24 -23.85
C ALA G 293 -18.46 -97.43 -22.35
N LYS G 294 -18.26 -96.33 -21.61
CA LYS G 294 -18.02 -96.34 -20.17
C LYS G 294 -19.21 -96.89 -19.41
N ALA G 295 -20.42 -96.46 -19.73
CA ALA G 295 -21.62 -97.04 -19.14
C ALA G 295 -21.69 -98.55 -19.42
N ALA G 296 -21.40 -98.97 -20.65
CA ALA G 296 -21.46 -100.38 -21.00
C ALA G 296 -20.38 -101.21 -20.28
N LEU G 297 -19.19 -100.64 -20.11
CA LEU G 297 -18.17 -101.18 -19.22
C LEU G 297 -18.72 -101.31 -17.80
N GLU G 298 -19.37 -100.26 -17.27
CA GLU G 298 -19.90 -100.27 -15.91
C GLU G 298 -20.98 -101.34 -15.72
N GLN G 299 -21.76 -101.62 -16.75
CA GLN G 299 -22.70 -102.74 -16.75
C GLN G 299 -22.02 -104.11 -16.96
N GLY G 300 -20.76 -104.13 -17.41
CA GLY G 300 -20.09 -105.35 -17.84
C GLY G 300 -20.57 -105.86 -19.21
N ASP G 301 -21.31 -105.05 -19.96
CA ASP G 301 -21.77 -105.34 -21.32
C ASP G 301 -20.67 -105.00 -22.33
N ILE G 302 -19.56 -105.74 -22.29
CA ILE G 302 -18.35 -105.33 -23.01
C ILE G 302 -18.53 -105.35 -24.53
N ASP G 303 -19.38 -106.22 -25.08
CA ASP G 303 -19.74 -106.16 -26.51
C ASP G 303 -20.40 -104.82 -26.87
N VAL G 304 -21.24 -104.32 -25.96
CA VAL G 304 -21.90 -103.02 -26.12
C VAL G 304 -20.86 -101.90 -25.98
N ALA G 305 -19.95 -102.00 -25.02
CA ALA G 305 -18.88 -101.02 -24.89
C ALA G 305 -18.01 -100.97 -26.14
N GLN G 306 -17.68 -102.15 -26.67
CA GLN G 306 -16.96 -102.33 -27.92
C GLN G 306 -17.70 -101.62 -29.05
N LYS G 307 -18.97 -101.95 -29.27
CA LYS G 307 -19.78 -101.28 -30.29
C LYS G 307 -19.78 -99.77 -30.08
N ALA G 308 -19.94 -99.30 -28.85
CA ALA G 308 -19.98 -97.88 -28.54
C ALA G 308 -18.68 -97.19 -28.94
N MET G 309 -17.56 -97.79 -28.63
CA MET G 309 -16.29 -97.23 -29.03
C MET G 309 -15.99 -97.44 -30.51
N ASP G 310 -16.46 -98.52 -31.14
CA ASP G 310 -16.36 -98.70 -32.58
C ASP G 310 -17.05 -97.55 -33.31
N VAL G 311 -18.24 -97.19 -32.83
CA VAL G 311 -18.95 -96.01 -33.27
C VAL G 311 -18.11 -94.76 -33.01
N ALA G 312 -17.59 -94.58 -31.79
CA ALA G 312 -16.79 -93.42 -31.45
C ALA G 312 -15.63 -93.24 -32.43
N VAL G 313 -14.90 -94.32 -32.72
CA VAL G 313 -13.79 -94.34 -33.67
C VAL G 313 -14.30 -94.03 -35.06
N GLU G 314 -15.28 -94.78 -35.53
CA GLU G 314 -15.81 -94.63 -36.89
C GLU G 314 -16.27 -93.20 -37.15
N ALA G 315 -16.76 -92.50 -36.13
CA ALA G 315 -16.99 -91.07 -36.20
C ALA G 315 -15.66 -90.28 -36.20
N LEU G 316 -14.92 -90.37 -35.10
CA LEU G 316 -13.84 -89.43 -34.79
C LEU G 316 -12.73 -89.48 -35.85
N THR G 317 -12.52 -90.66 -36.43
CA THR G 317 -11.63 -90.89 -37.58
C THR G 317 -11.85 -89.93 -38.76
N GLN G 318 -13.03 -89.36 -38.90
CA GLN G 318 -13.34 -88.46 -40.00
C GLN G 318 -13.05 -86.98 -39.68
N ALA G 319 -12.84 -86.65 -38.41
CA ALA G 319 -12.78 -85.28 -37.89
C ALA G 319 -11.37 -84.67 -37.94
N LEU H 4 23.94 -90.79 -3.59
CA LEU H 4 24.79 -90.69 -2.41
C LEU H 4 26.06 -91.55 -2.54
N GLU H 5 27.15 -91.09 -1.94
CA GLU H 5 28.43 -91.77 -1.89
C GLU H 5 28.36 -93.19 -1.28
N LEU H 6 27.30 -93.48 -0.53
CA LEU H 6 26.95 -94.82 -0.07
C LEU H 6 26.97 -95.85 -1.20
N ALA H 7 26.78 -95.45 -2.45
CA ALA H 7 26.91 -96.31 -3.63
C ALA H 7 28.24 -97.08 -3.65
N LEU H 8 29.30 -96.53 -3.09
CA LEU H 8 30.57 -97.24 -2.95
C LEU H 8 30.38 -98.60 -2.25
N LYS H 9 29.50 -98.66 -1.25
CA LYS H 9 29.19 -99.90 -0.52
C LYS H 9 28.70 -100.97 -1.47
N ALA H 10 27.76 -100.59 -2.33
CA ALA H 10 27.23 -101.46 -3.37
C ALA H 10 28.35 -101.95 -4.28
N LEU H 11 29.23 -101.05 -4.74
CA LEU H 11 30.31 -101.46 -5.64
C LEU H 11 31.21 -102.51 -5.00
N GLN H 12 31.61 -102.34 -3.74
CA GLN H 12 32.45 -103.34 -3.08
C GLN H 12 31.72 -104.68 -2.99
N ILE H 13 30.44 -104.65 -2.61
CA ILE H 13 29.64 -105.86 -2.57
C ILE H 13 29.61 -106.51 -3.95
N LEU H 14 29.42 -105.73 -5.00
CA LEU H 14 29.36 -106.23 -6.37
C LEU H 14 30.66 -106.92 -6.75
N VAL H 15 31.80 -106.34 -6.39
CA VAL H 15 33.09 -106.99 -6.59
C VAL H 15 33.12 -108.34 -5.87
N ASN H 16 32.63 -108.40 -4.63
CA ASN H 16 32.60 -109.65 -3.88
C ASN H 16 31.79 -110.70 -4.63
N ALA H 17 30.64 -110.31 -5.17
CA ALA H 17 29.83 -111.20 -5.98
C ALA H 17 30.58 -111.65 -7.24
N ALA H 18 31.23 -110.73 -7.94
CA ALA H 18 31.95 -111.07 -9.15
C ALA H 18 33.01 -112.15 -8.88
N TYR H 19 33.74 -112.01 -7.78
CA TYR H 19 34.70 -113.02 -7.36
C TYR H 19 34.05 -114.40 -7.30
N VAL H 20 32.99 -114.54 -6.51
CA VAL H 20 32.32 -115.82 -6.37
C VAL H 20 31.83 -116.32 -7.73
N LEU H 21 31.27 -115.44 -8.55
CA LEU H 21 30.76 -115.83 -9.87
C LEU H 21 31.87 -116.41 -10.74
N ALA H 22 33.07 -115.84 -10.64
CA ALA H 22 34.21 -116.41 -11.34
C ALA H 22 34.51 -117.83 -10.83
N GLU H 23 34.54 -118.03 -9.52
CA GLU H 23 34.80 -119.35 -8.96
C GLU H 23 33.81 -120.37 -9.49
N ILE H 24 32.52 -120.01 -9.49
CA ILE H 24 31.47 -120.88 -10.02
C ILE H 24 31.74 -121.19 -11.48
N ALA H 25 31.95 -120.17 -12.30
CA ALA H 25 32.12 -120.35 -13.73
C ALA H 25 33.31 -121.27 -14.05
N ARG H 26 34.42 -121.09 -13.35
CA ARG H 26 35.64 -121.89 -13.48
C ARG H 26 35.38 -123.33 -13.09
N ASP H 27 34.79 -123.56 -11.93
CA ASP H 27 34.49 -124.91 -11.45
C ASP H 27 33.56 -125.66 -12.42
N ARG H 28 32.59 -124.95 -12.99
CA ARG H 28 31.62 -125.48 -13.97
C ARG H 28 32.25 -125.74 -15.35
N GLY H 29 33.47 -125.28 -15.58
CA GLY H 29 34.08 -125.27 -16.91
C GLY H 29 33.31 -124.40 -17.91
N ASN H 30 32.53 -123.42 -17.42
CA ASN H 30 31.64 -122.63 -18.24
C ASN H 30 32.31 -121.33 -18.71
N GLU H 31 32.85 -121.36 -19.92
CA GLU H 31 33.58 -120.23 -20.50
C GLU H 31 32.68 -119.02 -20.77
N GLU H 32 31.41 -119.21 -21.09
CA GLU H 32 30.48 -118.09 -21.30
C GLU H 32 30.28 -117.30 -20.00
N LEU H 33 30.15 -117.99 -18.87
CA LEU H 33 30.10 -117.33 -17.58
C LEU H 33 31.45 -116.67 -17.25
N LEU H 34 32.59 -117.30 -17.58
CA LEU H 34 33.88 -116.63 -17.38
C LEU H 34 33.95 -115.33 -18.19
N GLU H 35 33.56 -115.36 -19.46
CA GLU H 35 33.48 -114.16 -20.29
C GLU H 35 32.59 -113.11 -19.64
N LYS H 36 31.37 -113.50 -19.24
CA LYS H 36 30.43 -112.56 -18.62
C LYS H 36 31.01 -111.97 -17.35
N ALA H 37 31.64 -112.78 -16.53
CA ALA H 37 32.31 -112.32 -15.32
C ALA H 37 33.43 -111.33 -15.64
N ALA H 38 34.24 -111.61 -16.65
CA ALA H 38 35.30 -110.70 -17.07
C ALA H 38 34.70 -109.34 -17.44
N ARG H 39 33.66 -109.36 -18.27
CA ARG H 39 32.94 -108.14 -18.68
C ARG H 39 32.40 -107.40 -17.46
N LEU H 40 31.74 -108.11 -16.54
CA LEU H 40 31.23 -107.49 -15.32
C LEU H 40 32.36 -106.86 -14.50
N ALA H 41 33.46 -107.56 -14.29
CA ALA H 41 34.56 -107.06 -13.48
C ALA H 41 35.15 -105.80 -14.11
N GLU H 42 35.38 -105.86 -15.42
CA GLU H 42 35.87 -104.71 -16.18
C GLU H 42 34.89 -103.54 -16.06
N GLU H 43 33.61 -103.80 -16.28
CA GLU H 43 32.58 -102.78 -16.20
C GLU H 43 32.54 -102.17 -14.80
N ALA H 44 32.70 -102.98 -13.76
CA ALA H 44 32.74 -102.49 -12.39
C ALA H 44 33.90 -101.52 -12.21
N ALA H 45 35.08 -101.85 -12.71
CA ALA H 45 36.21 -100.93 -12.63
C ALA H 45 35.93 -99.65 -13.42
N ARG H 46 35.46 -99.77 -14.66
CA ARG H 46 35.19 -98.62 -15.52
C ARG H 46 34.07 -97.74 -14.97
N GLN H 47 33.13 -98.29 -14.22
CA GLN H 47 32.18 -97.51 -13.43
C GLN H 47 32.85 -96.87 -12.20
N ALA H 48 33.63 -97.61 -11.43
CA ALA H 48 34.28 -97.09 -10.22
C ALA H 48 35.24 -95.91 -10.52
N GLU H 49 35.85 -95.92 -11.71
CA GLU H 49 36.66 -94.82 -12.21
C GLU H 49 35.93 -93.46 -12.19
N ARG H 50 34.58 -93.46 -12.33
CA ARG H 50 33.75 -92.24 -12.26
C ARG H 50 34.01 -91.48 -10.98
N ILE H 51 33.81 -92.15 -9.84
CA ILE H 51 33.96 -91.54 -8.53
C ILE H 51 35.42 -91.17 -8.31
N ALA H 52 36.35 -92.06 -8.70
CA ALA H 52 37.78 -91.82 -8.53
C ALA H 52 38.26 -90.53 -9.22
N ARG H 53 37.76 -90.22 -10.43
CA ARG H 53 38.08 -88.95 -11.11
C ARG H 53 37.26 -87.78 -10.57
N GLN H 54 36.01 -88.00 -10.19
CA GLN H 54 35.14 -86.95 -9.66
C GLN H 54 35.60 -86.42 -8.30
N ALA H 55 35.97 -87.31 -7.38
CA ALA H 55 36.41 -86.94 -6.04
C ALA H 55 37.65 -86.03 -6.04
N ARG H 56 38.47 -86.07 -7.10
CA ARG H 56 39.63 -85.18 -7.28
C ARG H 56 39.23 -83.71 -7.40
N LYS H 57 38.00 -83.44 -7.86
CA LYS H 57 37.38 -82.12 -7.83
C LYS H 57 36.80 -81.82 -6.44
N GLU H 58 36.01 -82.76 -5.91
CA GLU H 58 35.14 -82.52 -4.74
C GLU H 58 35.84 -82.55 -3.39
N GLY H 59 37.03 -83.14 -3.29
CA GLY H 59 37.95 -82.97 -2.17
C GLY H 59 37.74 -83.87 -0.95
N ASN H 60 36.77 -84.79 -0.94
CA ASN H 60 36.69 -85.80 0.13
C ASN H 60 37.66 -86.96 -0.15
N LEU H 61 38.85 -86.87 0.42
CA LEU H 61 39.90 -87.86 0.23
C LEU H 61 39.50 -89.23 0.75
N GLU H 62 38.66 -89.33 1.77
CA GLU H 62 38.21 -90.65 2.22
C GLU H 62 37.36 -91.33 1.15
N LEU H 63 36.47 -90.59 0.49
CA LEU H 63 35.70 -91.14 -0.63
C LEU H 63 36.62 -91.52 -1.78
N ALA H 64 37.63 -90.71 -2.07
CA ALA H 64 38.61 -91.06 -3.08
C ALA H 64 39.32 -92.37 -2.72
N LEU H 65 39.89 -92.48 -1.53
CA LEU H 65 40.65 -93.68 -1.17
C LEU H 65 39.74 -94.89 -1.08
N LYS H 66 38.47 -94.71 -0.70
CA LYS H 66 37.50 -95.81 -0.73
C LYS H 66 37.26 -96.26 -2.17
N ALA H 67 37.09 -95.33 -3.11
CA ALA H 67 36.99 -95.69 -4.52
C ALA H 67 38.25 -96.44 -4.98
N LEU H 68 39.43 -96.00 -4.54
CA LEU H 68 40.67 -96.72 -4.84
C LEU H 68 40.62 -98.13 -4.25
N GLN H 69 40.17 -98.30 -3.02
CA GLN H 69 40.03 -99.64 -2.41
C GLN H 69 39.14 -100.54 -3.27
N ILE H 70 38.02 -100.01 -3.74
CA ILE H 70 37.11 -100.72 -4.63
C ILE H 70 37.82 -101.09 -5.91
N LEU H 71 38.49 -100.15 -6.56
CA LEU H 71 39.25 -100.44 -7.77
C LEU H 71 40.30 -101.52 -7.52
N VAL H 72 41.04 -101.44 -6.42
CA VAL H 72 42.09 -102.40 -6.12
C VAL H 72 41.49 -103.79 -5.89
N ASN H 73 40.42 -103.88 -5.11
CA ASN H 73 39.78 -105.17 -4.91
C ASN H 73 39.18 -105.68 -6.23
N ALA H 74 38.66 -104.81 -7.09
CA ALA H 74 38.22 -105.21 -8.42
C ALA H 74 39.40 -105.76 -9.21
N ALA H 75 40.56 -105.14 -9.14
CA ALA H 75 41.73 -105.61 -9.84
C ALA H 75 42.16 -107.00 -9.34
N TYR H 76 41.98 -107.30 -8.05
CA TYR H 76 42.19 -108.65 -7.56
C TYR H 76 41.31 -109.66 -8.30
N VAL H 77 40.04 -109.32 -8.51
CA VAL H 77 39.14 -110.18 -9.28
C VAL H 77 39.59 -110.27 -10.73
N LEU H 78 39.98 -109.15 -11.36
CA LEU H 78 40.47 -109.19 -12.74
C LEU H 78 41.64 -110.15 -12.86
N ALA H 79 42.58 -110.11 -11.92
CA ALA H 79 43.72 -111.02 -11.91
C ALA H 79 43.25 -112.48 -11.89
N GLU H 80 42.41 -112.82 -10.91
CA GLU H 80 41.88 -114.17 -10.72
C GLU H 80 41.14 -114.67 -11.97
N ILE H 81 40.45 -113.77 -12.67
CA ILE H 81 39.78 -114.10 -13.91
C ILE H 81 40.81 -114.34 -15.01
N ALA H 82 41.74 -113.41 -15.20
CA ALA H 82 42.58 -113.42 -16.38
C ALA H 82 43.58 -114.58 -16.38
N ARG H 83 44.02 -115.04 -15.21
CA ARG H 83 45.14 -115.99 -15.09
C ARG H 83 45.00 -117.24 -15.94
N ASP H 84 43.97 -118.05 -15.73
CA ASP H 84 43.85 -119.35 -16.42
C ASP H 84 43.57 -119.18 -17.90
N ARG H 85 42.94 -118.06 -18.27
CA ARG H 85 42.69 -117.65 -19.65
C ARG H 85 43.95 -117.13 -20.34
N GLY H 86 45.01 -116.80 -19.59
CA GLY H 86 46.28 -116.30 -20.11
C GLY H 86 46.17 -115.00 -20.89
N ASN H 87 45.11 -114.22 -20.69
CA ASN H 87 44.77 -113.12 -21.58
C ASN H 87 45.60 -111.88 -21.29
N GLU H 88 46.57 -111.60 -22.15
CA GLU H 88 47.45 -110.45 -22.01
C GLU H 88 46.69 -109.13 -22.03
N GLU H 89 45.59 -109.02 -22.77
CA GLU H 89 44.84 -107.78 -22.89
C GLU H 89 44.22 -107.39 -21.56
N LEU H 90 43.56 -108.34 -20.90
CA LEU H 90 43.05 -108.15 -19.55
C LEU H 90 44.19 -107.89 -18.58
N LEU H 91 45.23 -108.74 -18.57
CA LEU H 91 46.33 -108.60 -17.62
C LEU H 91 46.97 -107.22 -17.75
N GLU H 92 47.27 -106.79 -18.97
CA GLU H 92 47.86 -105.50 -19.25
C GLU H 92 46.91 -104.36 -18.88
N TYR H 93 45.61 -104.49 -19.19
CA TYR H 93 44.64 -103.47 -18.81
C TYR H 93 44.57 -103.35 -17.29
N ALA H 94 44.52 -104.47 -16.57
CA ALA H 94 44.50 -104.50 -15.12
C ALA H 94 45.76 -103.88 -14.53
N ALA H 95 46.91 -104.19 -15.09
CA ALA H 95 48.17 -103.58 -14.66
C ALA H 95 48.14 -102.06 -14.88
N ARG H 96 47.74 -101.60 -16.06
CA ARG H 96 47.69 -100.16 -16.36
C ARG H 96 46.65 -99.45 -15.53
N LEU H 97 45.51 -100.10 -15.25
CA LEU H 97 44.52 -99.61 -14.29
C LEU H 97 45.17 -99.43 -12.93
N ALA H 98 45.82 -100.46 -12.42
CA ALA H 98 46.46 -100.37 -11.11
C ALA H 98 47.53 -99.27 -11.08
N GLU H 99 48.31 -99.10 -12.15
CA GLU H 99 49.27 -98.02 -12.22
C GLU H 99 48.60 -96.64 -12.22
N GLU H 100 47.60 -96.42 -13.07
CA GLU H 100 46.84 -95.18 -13.09
C GLU H 100 46.23 -94.90 -11.72
N ALA H 101 45.70 -95.93 -11.07
CA ALA H 101 45.20 -95.81 -9.72
C ALA H 101 46.34 -95.38 -8.80
N ALA H 102 47.53 -95.98 -8.91
CA ALA H 102 48.67 -95.60 -8.09
C ALA H 102 49.04 -94.14 -8.31
N ARG H 103 49.00 -93.65 -9.56
CA ARG H 103 49.23 -92.23 -9.87
C ARG H 103 48.28 -91.36 -9.06
N GLN H 104 47.01 -91.75 -9.00
CA GLN H 104 46.03 -91.04 -8.21
C GLN H 104 46.27 -91.23 -6.71
N ALA H 105 46.69 -92.41 -6.28
CA ALA H 105 46.83 -92.77 -4.87
C ALA H 105 47.90 -91.94 -4.15
N ILE H 106 48.98 -91.58 -4.86
CA ILE H 106 50.01 -90.71 -4.30
C ILE H 106 49.38 -89.42 -3.77
N GLU H 107 48.38 -88.86 -4.48
CA GLU H 107 47.71 -87.61 -4.10
C GLU H 107 47.28 -87.64 -2.65
N ILE H 108 46.63 -88.73 -2.25
CA ILE H 108 46.06 -88.88 -0.93
C ILE H 108 47.19 -88.87 0.10
N TRP H 109 48.25 -89.65 -0.11
CA TRP H 109 49.31 -89.79 0.88
C TRP H 109 50.08 -88.49 1.04
N ALA H 110 50.42 -87.86 -0.09
CA ALA H 110 51.11 -86.59 -0.12
C ALA H 110 50.26 -85.49 0.51
N GLN H 111 49.02 -85.32 0.07
CA GLN H 111 48.17 -84.23 0.54
C GLN H 111 47.87 -84.38 2.03
N ALA H 112 47.52 -85.59 2.48
CA ALA H 112 47.28 -85.86 3.91
C ALA H 112 48.54 -85.62 4.77
N MET H 113 49.71 -86.04 4.27
CA MET H 113 50.97 -85.79 4.97
C MET H 113 51.25 -84.28 5.08
N GLU H 114 51.01 -83.52 4.02
CA GLU H 114 51.21 -82.07 4.03
C GLU H 114 50.20 -81.34 4.92
N GLU H 115 48.92 -81.65 4.79
CA GLU H 115 47.88 -81.02 5.59
C GLU H 115 47.89 -81.47 7.06
N GLY H 116 48.62 -82.54 7.38
CA GLY H 116 48.65 -83.13 8.72
C GLY H 116 47.40 -83.95 9.08
N ASN H 117 46.49 -84.20 8.13
CA ASN H 117 45.31 -85.05 8.29
C ASN H 117 45.70 -86.54 8.20
N GLN H 118 46.63 -86.95 9.05
CA GLN H 118 47.30 -88.25 8.94
C GLN H 118 46.35 -89.43 9.03
N GLN H 119 45.15 -89.22 9.59
CA GLN H 119 44.05 -90.18 9.64
C GLN H 119 43.65 -90.66 8.23
N LEU H 120 43.90 -89.88 7.19
CA LEU H 120 43.83 -90.33 5.81
C LEU H 120 45.10 -91.09 5.39
N ARG H 121 46.29 -90.55 5.73
CA ARG H 121 47.59 -91.09 5.29
C ARG H 121 47.70 -92.58 5.62
N THR H 122 47.31 -92.98 6.82
CA THR H 122 47.35 -94.39 7.26
C THR H 122 46.56 -95.30 6.31
N LYS H 123 45.36 -94.89 5.93
CA LYS H 123 44.49 -95.62 5.02
C LYS H 123 45.12 -95.66 3.62
N ALA H 124 45.56 -94.50 3.12
CA ALA H 124 46.20 -94.40 1.80
C ALA H 124 47.42 -95.33 1.68
N ALA H 125 48.25 -95.41 2.72
CA ALA H 125 49.40 -96.31 2.71
C ALA H 125 48.93 -97.76 2.52
N HIS H 126 47.99 -98.22 3.34
CA HIS H 126 47.44 -99.55 3.15
C HIS H 126 46.87 -99.74 1.74
N ILE H 127 46.22 -98.73 1.16
CA ILE H 127 45.74 -98.79 -0.23
C ILE H 127 46.93 -99.01 -1.17
N ILE H 128 48.01 -98.26 -1.01
CA ILE H 128 49.19 -98.43 -1.85
C ILE H 128 49.74 -99.84 -1.68
N LEU H 129 49.83 -100.32 -0.44
CA LEU H 129 50.34 -101.65 -0.14
C LEU H 129 49.49 -102.72 -0.83
N ARG H 130 48.17 -102.65 -0.67
CA ARG H 130 47.30 -103.59 -1.36
C ARG H 130 47.47 -103.48 -2.86
N ALA H 131 47.55 -102.27 -3.41
CA ALA H 131 47.68 -102.10 -4.85
C ALA H 131 48.93 -102.82 -5.34
N ALA H 132 50.04 -102.59 -4.67
CA ALA H 132 51.29 -103.27 -4.98
C ALA H 132 51.12 -104.78 -4.84
N GLU H 133 50.48 -105.26 -3.79
CA GLU H 133 50.31 -106.70 -3.64
C GLU H 133 49.49 -107.27 -4.79
N VAL H 134 48.44 -106.55 -5.22
CA VAL H 134 47.61 -106.95 -6.33
C VAL H 134 48.42 -106.96 -7.61
N LEU H 135 49.25 -105.96 -7.85
CA LEU H 135 50.18 -106.00 -8.97
C LEU H 135 51.07 -107.25 -8.86
N LEU H 136 51.60 -107.54 -7.67
CA LEU H 136 52.55 -108.63 -7.49
C LEU H 136 51.88 -109.95 -7.80
N GLU H 137 50.68 -110.17 -7.30
CA GLU H 137 49.97 -111.39 -7.62
C GLU H 137 49.46 -111.40 -9.07
N ILE H 138 49.17 -110.26 -9.70
CA ILE H 138 48.92 -110.23 -11.16
C ILE H 138 50.14 -110.79 -11.88
N ALA H 139 51.32 -110.35 -11.46
CA ALA H 139 52.58 -110.72 -12.07
C ALA H 139 53.02 -112.16 -11.78
N ARG H 140 52.36 -112.88 -10.84
CA ARG H 140 52.86 -114.13 -10.23
C ARG H 140 53.36 -115.14 -11.27
N ASP H 141 52.50 -115.56 -12.20
CA ASP H 141 52.90 -116.47 -13.30
C ASP H 141 53.35 -115.74 -14.57
N ARG H 142 52.98 -114.47 -14.77
CA ARG H 142 53.26 -113.70 -16.00
C ARG H 142 54.77 -113.50 -16.24
N GLY H 143 55.56 -113.42 -15.17
CA GLY H 143 57.02 -113.44 -15.23
C GLY H 143 57.69 -112.15 -15.75
N ASN H 144 56.94 -111.07 -15.98
CA ASN H 144 57.50 -109.79 -16.38
C ASN H 144 58.24 -109.12 -15.22
N GLN H 145 59.56 -109.10 -15.29
CA GLN H 145 60.41 -108.62 -14.20
C GLN H 145 60.24 -107.12 -13.96
N GLU H 146 60.00 -106.35 -15.01
CA GLU H 146 59.87 -104.91 -14.96
C GLU H 146 58.63 -104.52 -14.15
N LEU H 147 57.51 -105.20 -14.41
CA LEU H 147 56.31 -105.12 -13.62
C LEU H 147 56.61 -105.54 -12.17
N LEU H 148 57.29 -106.68 -11.98
CA LEU H 148 57.62 -107.16 -10.63
C LEU H 148 58.42 -106.13 -9.83
N GLU H 149 59.29 -105.37 -10.47
CA GLU H 149 60.02 -104.32 -9.76
C GLU H 149 59.10 -103.22 -9.20
N LYS H 150 58.01 -102.89 -9.90
CA LYS H 150 57.10 -101.80 -9.48
C LYS H 150 56.59 -102.02 -8.06
N ALA H 151 56.28 -103.26 -7.73
CA ALA H 151 55.86 -103.61 -6.38
C ALA H 151 56.98 -103.34 -5.36
N ALA H 152 58.16 -103.95 -5.51
CA ALA H 152 59.20 -103.84 -4.48
C ALA H 152 59.58 -102.37 -4.25
N SER H 153 59.79 -101.67 -5.36
CA SER H 153 60.20 -100.28 -5.38
C SER H 153 59.15 -99.38 -4.74
N LEU H 154 57.85 -99.67 -4.89
CA LEU H 154 56.85 -99.04 -4.04
C LEU H 154 57.09 -99.45 -2.58
N VAL H 155 56.99 -100.74 -2.29
CA VAL H 155 56.65 -101.18 -0.94
C VAL H 155 57.77 -100.92 0.05
N ASP H 156 59.02 -101.20 -0.30
CA ASP H 156 60.08 -100.97 0.67
C ASP H 156 60.20 -99.46 0.96
N ALA H 157 60.01 -98.62 -0.06
CA ALA H 157 60.00 -97.18 0.12
C ALA H 157 58.80 -96.77 0.99
N VAL H 158 57.62 -97.32 0.74
CA VAL H 158 56.46 -97.07 1.60
C VAL H 158 56.78 -97.47 3.04
N ALA H 159 57.49 -98.58 3.28
CA ALA H 159 57.81 -98.99 4.65
C ALA H 159 58.63 -97.90 5.35
N ALA H 160 59.67 -97.42 4.66
CA ALA H 160 60.48 -96.33 5.16
C ALA H 160 59.63 -95.05 5.34
N LEU H 161 58.84 -94.65 4.36
CA LEU H 161 58.06 -93.43 4.41
C LEU H 161 57.02 -93.47 5.53
N GLN H 162 56.39 -94.62 5.73
CA GLN H 162 55.49 -94.82 6.83
C GLN H 162 56.23 -94.71 8.16
N GLN H 163 57.36 -95.38 8.31
CA GLN H 163 58.13 -95.26 9.54
C GLN H 163 58.53 -93.80 9.79
N ALA H 164 58.97 -93.11 8.74
CA ALA H 164 59.32 -91.70 8.82
C ALA H 164 58.11 -90.87 9.26
N ALA H 165 56.91 -91.14 8.75
CA ALA H 165 55.74 -90.37 9.13
C ALA H 165 55.46 -90.47 10.64
N ALA H 166 55.59 -91.67 11.20
CA ALA H 166 55.52 -91.86 12.64
C ALA H 166 56.64 -91.09 13.35
N ALA H 167 57.89 -91.25 12.91
CA ALA H 167 59.02 -90.56 13.51
C ALA H 167 58.85 -89.04 13.51
N ILE H 168 58.25 -88.49 12.46
CA ILE H 168 57.95 -87.06 12.33
C ILE H 168 56.95 -86.63 13.40
N LEU H 169 55.90 -87.41 13.64
CA LEU H 169 54.98 -87.15 14.74
C LEU H 169 55.65 -87.30 16.11
N GLU H 170 56.57 -88.25 16.25
CA GLU H 170 57.31 -88.49 17.49
C GLU H 170 58.41 -87.44 17.76
N GLY H 171 58.86 -86.72 16.74
CA GLY H 171 59.88 -85.67 16.83
C GLY H 171 61.34 -86.17 16.84
N ASP H 172 61.60 -87.47 16.77
CA ASP H 172 62.96 -88.01 16.61
C ASP H 172 63.43 -87.89 15.17
N VAL H 173 64.09 -86.77 14.87
CA VAL H 173 64.62 -86.50 13.53
C VAL H 173 65.72 -87.49 13.13
N GLU H 174 66.43 -88.13 14.06
CA GLU H 174 67.43 -89.14 13.69
C GLU H 174 66.73 -90.41 13.22
N LYS H 175 65.70 -90.87 13.93
CA LYS H 175 64.84 -91.95 13.45
C LYS H 175 64.23 -91.63 12.08
N ALA H 176 63.78 -90.39 11.88
CA ALA H 176 63.25 -89.96 10.58
C ALA H 176 64.32 -90.03 9.48
N VAL H 177 65.54 -89.55 9.75
CA VAL H 177 66.62 -89.54 8.75
C VAL H 177 67.21 -90.92 8.51
N ARG H 178 67.26 -91.81 9.51
CA ARG H 178 67.63 -93.22 9.32
C ARG H 178 66.80 -93.88 8.22
N ALA H 179 65.52 -93.52 8.13
CA ALA H 179 64.67 -93.89 7.00
C ALA H 179 64.95 -93.04 5.76
N ALA H 180 64.96 -91.71 5.87
CA ALA H 180 65.09 -90.82 4.71
C ALA H 180 66.39 -91.04 3.90
N GLN H 181 67.46 -91.48 4.55
CA GLN H 181 68.71 -91.85 3.88
C GLN H 181 68.50 -92.94 2.83
N GLU H 182 67.60 -93.89 3.07
CA GLU H 182 67.22 -94.91 2.10
C GLU H 182 66.13 -94.42 1.15
N ALA H 183 65.18 -93.62 1.62
CA ALA H 183 63.83 -93.52 1.03
C ALA H 183 63.79 -93.19 -0.47
N VAL H 184 64.66 -92.30 -0.95
CA VAL H 184 64.70 -91.91 -2.37
C VAL H 184 65.26 -93.01 -3.28
N LYS H 185 66.08 -93.92 -2.73
CA LYS H 185 66.90 -94.86 -3.50
C LYS H 185 66.07 -95.67 -4.47
N ALA H 186 65.07 -96.38 -3.96
CA ALA H 186 64.19 -97.19 -4.79
C ALA H 186 63.41 -96.35 -5.81
N ALA H 187 62.96 -95.15 -5.43
CA ALA H 187 62.20 -94.29 -6.34
C ALA H 187 63.05 -93.85 -7.52
N LYS H 188 64.29 -93.44 -7.24
CA LYS H 188 65.29 -93.06 -8.24
C LYS H 188 65.72 -94.24 -9.10
N GLU H 189 65.83 -95.44 -8.51
CA GLU H 189 66.16 -96.66 -9.25
C GLU H 189 65.05 -97.08 -10.22
N ALA H 190 63.79 -97.03 -9.79
CA ALA H 190 62.66 -97.46 -10.60
C ALA H 190 62.17 -96.40 -11.60
N GLY H 191 62.43 -95.13 -11.34
CA GLY H 191 61.73 -94.03 -12.03
C GLY H 191 60.32 -93.85 -11.47
N ASP H 192 60.16 -93.97 -10.15
CA ASP H 192 58.88 -93.84 -9.45
C ASP H 192 58.47 -92.36 -9.32
N ASN H 193 58.26 -91.74 -10.48
CA ASN H 193 58.43 -90.31 -10.70
C ASN H 193 57.61 -89.45 -9.73
N ASP H 194 56.29 -89.58 -9.76
CA ASP H 194 55.44 -88.78 -8.90
C ASP H 194 55.63 -89.16 -7.43
N MET H 195 56.04 -90.39 -7.11
CA MET H 195 56.21 -90.80 -5.71
C MET H 195 57.32 -90.00 -5.03
N LEU H 196 58.30 -89.52 -5.78
CA LEU H 196 59.26 -88.55 -5.26
C LEU H 196 58.55 -87.37 -4.59
N ARG H 197 57.38 -86.94 -5.07
CA ARG H 197 56.62 -85.82 -4.49
C ARG H 197 56.35 -86.04 -3.02
N ALA H 198 55.90 -87.24 -2.68
CA ALA H 198 55.64 -87.64 -1.31
C ALA H 198 56.94 -87.66 -0.50
N VAL H 199 58.04 -88.17 -1.07
CA VAL H 199 59.34 -88.17 -0.40
C VAL H 199 59.74 -86.74 -0.05
N ALA H 200 59.62 -85.83 -1.01
CA ALA H 200 59.98 -84.43 -0.84
C ALA H 200 59.10 -83.75 0.21
N ILE H 201 57.78 -83.94 0.14
CA ILE H 201 56.86 -83.33 1.09
C ILE H 201 57.19 -83.82 2.51
N ALA H 202 57.47 -85.11 2.68
CA ALA H 202 57.88 -85.65 3.97
C ALA H 202 59.17 -84.98 4.47
N ALA H 203 60.15 -84.78 3.61
CA ALA H 203 61.36 -84.05 4.00
C ALA H 203 61.03 -82.60 4.44
N LEU H 204 60.10 -81.93 3.78
CA LEU H 204 59.66 -80.59 4.22
C LEU H 204 59.01 -80.65 5.61
N ARG H 205 58.22 -81.68 5.91
CA ARG H 205 57.70 -81.86 7.28
C ARG H 205 58.83 -82.04 8.28
N ILE H 206 59.85 -82.84 7.96
CA ILE H 206 61.03 -83.02 8.82
C ILE H 206 61.65 -81.65 9.10
N ALA H 207 61.88 -80.85 8.07
CA ALA H 207 62.50 -79.53 8.22
C ALA H 207 61.69 -78.63 9.16
N LYS H 208 60.37 -78.55 8.97
CA LYS H 208 59.48 -77.71 9.80
C LYS H 208 59.63 -78.03 11.29
N GLU H 209 59.63 -79.31 11.65
CA GLU H 209 59.84 -79.72 13.03
C GLU H 209 61.29 -79.53 13.49
N ALA H 210 62.27 -79.80 12.62
CA ALA H 210 63.67 -79.65 12.96
C ALA H 210 64.04 -78.21 13.32
N GLU H 211 63.35 -77.21 12.78
CA GLU H 211 63.50 -75.83 13.24
C GLU H 211 63.10 -75.66 14.70
N LYS H 212 62.01 -76.29 15.14
CA LYS H 212 61.57 -76.24 16.55
C LYS H 212 62.59 -76.94 17.46
N GLN H 213 63.17 -78.03 16.97
CA GLN H 213 64.21 -78.79 17.70
C GLN H 213 65.60 -78.13 17.65
N GLY H 214 65.87 -77.29 16.65
CA GLY H 214 67.12 -76.56 16.47
C GLY H 214 68.26 -77.34 15.81
N ASN H 215 68.15 -78.66 15.59
CA ASN H 215 69.20 -79.42 14.90
C ASN H 215 69.14 -79.23 13.39
N VAL H 216 69.62 -78.07 12.95
CA VAL H 216 69.75 -77.73 11.53
C VAL H 216 70.65 -78.71 10.78
N GLU H 217 71.61 -79.38 11.43
CA GLU H 217 72.48 -80.33 10.73
C GLU H 217 71.67 -81.52 10.22
N VAL H 218 70.85 -82.12 11.08
CA VAL H 218 69.94 -83.18 10.64
C VAL H 218 68.95 -82.62 9.62
N ALA H 219 68.44 -81.41 9.82
CA ALA H 219 67.53 -80.79 8.86
C ALA H 219 68.14 -80.71 7.46
N VAL H 220 69.41 -80.30 7.36
CA VAL H 220 70.11 -80.18 6.08
C VAL H 220 70.47 -81.56 5.51
N LYS H 221 70.78 -82.55 6.35
CA LYS H 221 70.94 -83.93 5.88
C LYS H 221 69.66 -84.39 5.18
N ALA H 222 68.50 -84.10 5.75
CA ALA H 222 67.22 -84.37 5.07
C ALA H 222 67.05 -83.49 3.82
N ALA H 223 67.40 -82.21 3.89
CA ALA H 223 67.25 -81.32 2.74
C ALA H 223 68.05 -81.79 1.52
N ARG H 224 69.18 -82.49 1.71
CA ARG H 224 69.94 -83.06 0.59
C ARG H 224 69.12 -84.06 -0.20
N VAL H 225 68.29 -84.85 0.47
CA VAL H 225 67.30 -85.71 -0.19
C VAL H 225 66.18 -84.86 -0.79
N ALA H 226 65.74 -83.80 -0.10
CA ALA H 226 64.63 -82.98 -0.55
C ALA H 226 64.88 -82.37 -1.94
N VAL H 227 66.08 -81.83 -2.16
CA VAL H 227 66.45 -81.33 -3.50
C VAL H 227 66.59 -82.48 -4.50
N GLU H 228 67.14 -83.62 -4.10
CA GLU H 228 67.28 -84.76 -5.02
C GLU H 228 65.92 -85.14 -5.61
N ALA H 229 64.93 -85.34 -4.75
CA ALA H 229 63.58 -85.66 -5.17
C ALA H 229 62.97 -84.56 -6.06
N ALA H 230 63.00 -83.30 -5.61
CA ALA H 230 62.41 -82.20 -6.37
C ALA H 230 63.03 -82.07 -7.77
N LYS H 231 64.36 -82.18 -7.85
CA LYS H 231 65.12 -82.07 -9.09
C LYS H 231 64.92 -83.26 -10.01
N GLN H 232 64.97 -84.48 -9.49
CA GLN H 232 64.78 -85.68 -10.32
C GLN H 232 63.36 -85.70 -10.92
N ALA H 233 62.36 -85.27 -10.16
CA ALA H 233 61.00 -85.10 -10.66
C ALA H 233 60.86 -83.91 -11.62
N GLY H 234 61.53 -82.80 -11.34
CA GLY H 234 61.23 -81.53 -11.98
C GLY H 234 59.89 -80.96 -11.51
N ASP H 235 59.57 -81.12 -10.22
CA ASP H 235 58.34 -80.55 -9.66
C ASP H 235 58.48 -79.03 -9.50
N ASN H 236 57.95 -78.29 -10.47
CA ASN H 236 58.13 -76.85 -10.60
C ASN H 236 57.73 -76.09 -9.33
N ASP H 237 56.52 -76.34 -8.82
CA ASP H 237 56.05 -75.64 -7.63
C ASP H 237 56.80 -76.08 -6.38
N VAL H 238 57.33 -77.30 -6.32
CA VAL H 238 58.15 -77.75 -5.20
C VAL H 238 59.48 -77.02 -5.22
N LEU H 239 60.14 -76.98 -6.38
CA LEU H 239 61.37 -76.22 -6.57
C LEU H 239 61.16 -74.72 -6.23
N ARG H 240 59.97 -74.17 -6.51
CA ARG H 240 59.54 -72.83 -6.07
C ARG H 240 59.40 -72.73 -4.54
N LYS H 241 58.67 -73.66 -3.95
CA LYS H 241 58.31 -73.64 -2.52
C LYS H 241 59.50 -73.90 -1.59
N VAL H 242 60.34 -74.88 -1.91
CA VAL H 242 61.41 -75.40 -1.04
C VAL H 242 62.34 -74.29 -0.56
N ALA H 243 62.65 -73.34 -1.42
CA ALA H 243 63.59 -72.27 -1.10
C ALA H 243 63.16 -71.44 0.11
N GLU H 244 61.85 -71.26 0.36
CA GLU H 244 61.41 -70.53 1.55
C GLU H 244 61.86 -71.26 2.82
N GLN H 245 61.68 -72.59 2.86
CA GLN H 245 62.16 -73.36 4.00
C GLN H 245 63.69 -73.31 4.10
N ALA H 246 64.40 -73.34 2.97
CA ALA H 246 65.86 -73.22 2.98
C ALA H 246 66.32 -71.86 3.56
N LEU H 247 65.65 -70.76 3.20
CA LEU H 247 65.93 -69.43 3.75
C LEU H 247 65.63 -69.39 5.25
N ARG H 248 64.51 -69.98 5.68
CA ARG H 248 64.20 -70.11 7.12
C ARG H 248 65.29 -70.90 7.84
N ILE H 249 65.70 -72.05 7.32
CA ILE H 249 66.79 -72.87 7.88
C ILE H 249 68.07 -72.04 7.99
N ALA H 250 68.44 -71.31 6.94
CA ALA H 250 69.63 -70.48 6.96
C ALA H 250 69.57 -69.45 8.10
N LYS H 251 68.45 -68.73 8.25
CA LYS H 251 68.29 -67.74 9.32
C LYS H 251 68.45 -68.37 10.70
N GLU H 252 67.90 -69.56 10.92
CA GLU H 252 68.12 -70.27 12.19
C GLU H 252 69.59 -70.71 12.35
N ALA H 253 70.23 -71.23 11.30
CA ALA H 253 71.64 -71.61 11.36
C ALA H 253 72.55 -70.41 11.65
N GLU H 254 72.19 -69.23 11.15
CA GLU H 254 72.86 -67.97 11.50
C GLU H 254 72.65 -67.60 12.97
N LYS H 255 71.44 -67.73 13.53
CA LYS H 255 71.23 -67.51 14.98
C LYS H 255 72.07 -68.48 15.80
N GLN H 256 72.18 -69.73 15.37
CA GLN H 256 73.07 -70.73 15.96
C GLN H 256 74.55 -70.48 15.66
N GLY H 257 74.89 -69.56 14.77
CA GLY H 257 76.25 -69.29 14.33
C GLY H 257 76.89 -70.41 13.49
N ASN H 258 76.14 -71.45 13.12
CA ASN H 258 76.67 -72.52 12.29
C ASN H 258 76.59 -72.14 10.81
N VAL H 259 77.51 -71.25 10.43
CA VAL H 259 77.62 -70.78 9.05
C VAL H 259 77.97 -71.91 8.08
N GLU H 260 78.67 -72.96 8.51
CA GLU H 260 78.94 -74.09 7.63
C GLU H 260 77.65 -74.78 7.19
N VAL H 261 76.79 -75.10 8.15
CA VAL H 261 75.48 -75.68 7.84
C VAL H 261 74.63 -74.68 7.06
N ALA H 262 74.68 -73.39 7.41
CA ALA H 262 73.99 -72.37 6.64
C ALA H 262 74.44 -72.38 5.17
N VAL H 263 75.75 -72.50 4.91
CA VAL H 263 76.27 -72.61 3.54
C VAL H 263 75.78 -73.88 2.87
N LYS H 264 75.76 -75.02 3.56
CA LYS H 264 75.22 -76.24 2.97
C LYS H 264 73.75 -76.04 2.58
N ALA H 265 72.96 -75.41 3.45
CA ALA H 265 71.57 -75.07 3.15
C ALA H 265 71.47 -74.14 1.94
N ALA H 266 72.28 -73.08 1.88
CA ALA H 266 72.29 -72.17 0.74
C ALA H 266 72.72 -72.88 -0.54
N ARG H 267 73.70 -73.80 -0.46
CA ARG H 267 74.18 -74.58 -1.60
C ARG H 267 73.08 -75.46 -2.16
N VAL H 268 72.27 -76.04 -1.29
CA VAL H 268 71.03 -76.71 -1.67
C VAL H 268 70.03 -75.73 -2.26
N ALA H 269 69.85 -74.56 -1.65
CA ALA H 269 68.86 -73.59 -2.09
C ALA H 269 69.11 -73.14 -3.54
N VAL H 270 70.36 -72.76 -3.85
CA VAL H 270 70.71 -72.31 -5.20
C VAL H 270 70.58 -73.46 -6.21
N GLU H 271 70.93 -74.69 -5.81
CA GLU H 271 70.78 -75.86 -6.68
C GLU H 271 69.36 -75.94 -7.21
N ALA H 272 68.37 -75.81 -6.33
CA ALA H 272 66.96 -75.84 -6.69
C ALA H 272 66.54 -74.56 -7.46
N ALA H 273 66.86 -73.39 -6.94
CA ALA H 273 66.39 -72.12 -7.52
C ALA H 273 66.86 -71.94 -8.97
N LYS H 274 68.06 -72.44 -9.29
CA LYS H 274 68.61 -72.43 -10.65
C LYS H 274 67.73 -73.22 -11.63
N GLN H 275 67.05 -74.27 -11.17
CA GLN H 275 66.11 -75.02 -12.00
C GLN H 275 64.81 -74.24 -12.19
N ALA H 276 64.30 -73.64 -11.12
CA ALA H 276 63.04 -72.91 -11.13
C ALA H 276 63.11 -71.63 -11.98
N GLY H 277 64.22 -70.89 -11.88
CA GLY H 277 64.36 -69.59 -12.54
C GLY H 277 63.47 -68.48 -11.94
N ASP H 278 62.90 -68.68 -10.76
CA ASP H 278 62.07 -67.67 -10.10
C ASP H 278 62.92 -66.48 -9.62
N ASN H 279 62.72 -65.32 -10.24
CA ASN H 279 63.60 -64.16 -10.08
C ASN H 279 63.70 -63.70 -8.62
N ASP H 280 62.57 -63.50 -7.95
CA ASP H 280 62.59 -63.06 -6.56
C ASP H 280 63.19 -64.11 -5.62
N VAL H 281 63.01 -65.40 -5.94
CA VAL H 281 63.68 -66.46 -5.17
C VAL H 281 65.18 -66.34 -5.34
N LEU H 282 65.66 -66.23 -6.56
CA LEU H 282 67.10 -66.05 -6.83
C LEU H 282 67.64 -64.79 -6.13
N ARG H 283 66.89 -63.68 -6.15
CA ARG H 283 67.26 -62.44 -5.45
C ARG H 283 67.39 -62.67 -3.94
N LYS H 284 66.38 -63.27 -3.32
CA LYS H 284 66.38 -63.58 -1.88
C LYS H 284 67.54 -64.51 -1.52
N VAL H 285 67.77 -65.56 -2.32
CA VAL H 285 68.89 -66.49 -2.11
C VAL H 285 70.23 -65.76 -2.20
N ALA H 286 70.45 -64.89 -3.19
CA ALA H 286 71.68 -64.11 -3.28
C ALA H 286 71.86 -63.17 -2.08
N ASP H 287 70.80 -62.46 -1.65
CA ASP H 287 70.83 -61.61 -0.47
C ASP H 287 71.24 -62.41 0.77
N GLN H 288 70.57 -63.54 1.03
CA GLN H 288 70.90 -64.36 2.18
C GLN H 288 72.32 -64.94 2.08
N ALA H 289 72.79 -65.30 0.89
CA ALA H 289 74.14 -65.82 0.70
C ALA H 289 75.23 -64.78 1.01
N LEU H 290 74.99 -63.51 0.67
CA LEU H 290 75.81 -62.40 1.16
C LEU H 290 75.73 -62.30 2.68
N GLU H 291 74.54 -62.35 3.27
CA GLU H 291 74.39 -62.27 4.73
C GLU H 291 75.15 -63.40 5.44
N ILE H 292 75.13 -64.62 4.90
CA ILE H 292 75.92 -65.75 5.42
C ILE H 292 77.41 -65.46 5.26
N ALA H 293 77.86 -64.90 4.13
CA ALA H 293 79.24 -64.50 3.98
C ALA H 293 79.63 -63.48 5.07
N LYS H 294 78.74 -62.52 5.36
CA LYS H 294 78.94 -61.53 6.41
C LYS H 294 79.02 -62.17 7.80
N ALA H 295 78.11 -63.09 8.10
CA ALA H 295 78.20 -63.86 9.35
C ALA H 295 79.53 -64.64 9.43
N ALA H 296 79.96 -65.27 8.35
CA ALA H 296 81.19 -66.05 8.34
C ALA H 296 82.43 -65.16 8.47
N LEU H 297 82.42 -63.96 7.89
CA LEU H 297 83.38 -62.91 8.21
C LEU H 297 83.35 -62.58 9.71
N GLU H 298 82.16 -62.37 10.28
CA GLU H 298 82.03 -62.00 11.70
C GLU H 298 82.54 -63.10 12.64
N GLN H 299 82.43 -64.37 12.24
CA GLN H 299 83.03 -65.49 12.95
C GLN H 299 84.54 -65.65 12.65
N GLY H 300 85.05 -65.02 11.60
CA GLY H 300 86.39 -65.26 11.09
C GLY H 300 86.54 -66.60 10.34
N ASP H 301 85.43 -67.27 10.01
CA ASP H 301 85.39 -68.52 9.24
C ASP H 301 85.52 -68.22 7.74
N ILE H 302 86.65 -67.64 7.32
CA ILE H 302 86.79 -67.08 5.97
C ILE H 302 86.75 -68.15 4.88
N ASP H 303 87.24 -69.37 5.16
CA ASP H 303 87.11 -70.51 4.26
C ASP H 303 85.64 -70.92 4.03
N VAL H 304 84.73 -70.54 4.93
CA VAL H 304 83.28 -70.65 4.71
C VAL H 304 82.75 -69.37 4.05
N ALA H 305 83.20 -68.19 4.48
CA ALA H 305 82.71 -66.91 3.96
C ALA H 305 82.88 -66.82 2.44
N GLN H 306 84.04 -67.26 1.92
CA GLN H 306 84.26 -67.36 0.48
C GLN H 306 83.17 -68.21 -0.17
N LYS H 307 82.92 -69.41 0.34
CA LYS H 307 81.90 -70.32 -0.21
C LYS H 307 80.53 -69.67 -0.19
N ALA H 308 80.18 -68.97 0.88
CA ALA H 308 78.92 -68.25 0.98
C ALA H 308 78.79 -67.20 -0.12
N MET H 309 79.83 -66.41 -0.34
CA MET H 309 79.81 -65.43 -1.42
C MET H 309 79.90 -66.09 -2.81
N ASP H 310 80.60 -67.22 -2.95
CA ASP H 310 80.61 -68.01 -4.18
C ASP H 310 79.20 -68.49 -4.54
N VAL H 311 78.43 -68.92 -3.54
CA VAL H 311 77.01 -69.23 -3.71
C VAL H 311 76.22 -67.97 -4.07
N ALA H 312 76.49 -66.83 -3.43
CA ALA H 312 75.81 -65.59 -3.78
C ALA H 312 76.04 -65.24 -5.27
N VAL H 313 77.27 -65.39 -5.76
CA VAL H 313 77.62 -65.17 -7.17
C VAL H 313 76.94 -66.20 -8.06
N GLU H 314 77.02 -67.47 -7.70
CA GLU H 314 76.35 -68.54 -8.45
C GLU H 314 74.85 -68.26 -8.59
N ALA H 315 74.22 -67.70 -7.56
CA ALA H 315 72.82 -67.29 -7.64
C ALA H 315 72.64 -66.04 -8.52
N LEU H 316 73.37 -64.97 -8.23
CA LEU H 316 73.16 -63.68 -8.89
C LEU H 316 73.45 -63.77 -10.40
N THR H 317 74.42 -64.58 -10.79
CA THR H 317 74.76 -64.84 -12.20
C THR H 317 73.63 -65.47 -13.01
N GLN H 318 72.56 -65.97 -12.39
CA GLN H 318 71.40 -66.49 -13.12
C GLN H 318 70.44 -65.38 -13.59
N ALA H 319 70.61 -64.14 -13.13
CA ALA H 319 69.73 -63.01 -13.46
C ALA H 319 69.68 -62.72 -14.97
N LEU I 4 93.41 -15.77 -3.54
CA LEU I 4 94.61 -16.12 -4.30
C LEU I 4 95.93 -15.98 -3.52
N GLU I 5 95.84 -15.52 -2.27
CA GLU I 5 96.97 -15.17 -1.41
C GLU I 5 97.96 -16.32 -1.28
N LEU I 6 97.44 -17.50 -0.96
CA LEU I 6 98.20 -18.75 -0.88
C LEU I 6 98.82 -19.10 -2.23
N ALA I 7 98.03 -19.16 -3.30
CA ALA I 7 98.51 -19.61 -4.60
C ALA I 7 99.62 -18.70 -5.11
N LEU I 8 99.44 -17.38 -4.95
CA LEU I 8 100.49 -16.41 -5.22
C LEU I 8 101.73 -16.70 -4.37
N LYS I 9 101.57 -16.90 -3.06
CA LYS I 9 102.71 -17.20 -2.19
C LYS I 9 103.46 -18.45 -2.63
N ALA I 10 102.74 -19.49 -3.02
CA ALA I 10 103.34 -20.72 -3.52
C ALA I 10 104.17 -20.46 -4.78
N LEU I 11 103.63 -19.71 -5.74
CA LEU I 11 104.39 -19.40 -6.95
C LEU I 11 105.65 -18.61 -6.58
N GLN I 12 105.53 -17.62 -5.71
CA GLN I 12 106.66 -16.83 -5.21
C GLN I 12 107.74 -17.73 -4.58
N ILE I 13 107.34 -18.76 -3.84
CA ILE I 13 108.26 -19.75 -3.28
C ILE I 13 108.90 -20.57 -4.41
N LEU I 14 108.09 -21.05 -5.35
CA LEU I 14 108.45 -22.15 -6.26
C LEU I 14 109.73 -21.89 -7.03
N VAL I 15 109.90 -20.65 -7.46
CA VAL I 15 111.07 -20.21 -8.22
C VAL I 15 112.35 -20.57 -7.48
N ASN I 16 112.39 -20.40 -6.17
CA ASN I 16 113.63 -20.53 -5.40
C ASN I 16 114.19 -21.93 -5.54
N ALA I 17 113.30 -22.93 -5.40
CA ALA I 17 113.66 -24.32 -5.62
C ALA I 17 114.05 -24.55 -7.07
N ALA I 18 113.28 -24.06 -8.04
CA ALA I 18 113.61 -24.26 -9.44
C ALA I 18 115.04 -23.78 -9.73
N TYR I 19 115.39 -22.60 -9.21
CA TYR I 19 116.72 -22.04 -9.33
C TYR I 19 117.74 -23.00 -8.76
N VAL I 20 117.60 -23.34 -7.48
CA VAL I 20 118.57 -24.21 -6.82
C VAL I 20 118.68 -25.55 -7.55
N LEU I 21 117.58 -26.11 -8.02
CA LEU I 21 117.58 -27.38 -8.73
C LEU I 21 118.36 -27.25 -10.02
N ALA I 22 118.21 -26.14 -10.72
CA ALA I 22 119.06 -25.87 -11.87
C ALA I 22 120.53 -25.81 -11.43
N GLU I 23 120.85 -25.12 -10.35
CA GLU I 23 122.25 -25.06 -9.88
C GLU I 23 122.80 -26.45 -9.61
N ILE I 24 122.03 -27.29 -8.90
CA ILE I 24 122.41 -28.67 -8.63
C ILE I 24 122.60 -29.45 -9.93
N ALA I 25 121.63 -29.37 -10.84
CA ALA I 25 121.67 -30.09 -12.09
C ALA I 25 122.89 -29.67 -12.92
N ARG I 26 123.17 -28.38 -12.98
CA ARG I 26 124.29 -27.77 -13.69
C ARG I 26 125.63 -28.17 -13.07
N ASP I 27 125.71 -28.23 -11.75
CA ASP I 27 126.88 -28.77 -11.05
C ASP I 27 127.11 -30.25 -11.37
N ARG I 28 126.04 -31.05 -11.48
CA ARG I 28 126.10 -32.46 -11.88
C ARG I 28 126.35 -32.68 -13.38
N GLY I 29 126.04 -31.70 -14.22
CA GLY I 29 125.85 -31.92 -15.65
C GLY I 29 124.61 -32.77 -15.97
N ASN I 30 123.62 -32.81 -15.08
CA ASN I 30 122.39 -33.57 -15.27
C ASN I 30 121.39 -32.82 -16.14
N GLU I 31 121.46 -33.05 -17.44
CA GLU I 31 120.60 -32.36 -18.41
C GLU I 31 119.12 -32.70 -18.25
N GLU I 32 118.78 -33.91 -17.80
CA GLU I 32 117.39 -34.32 -17.57
C GLU I 32 116.72 -33.44 -16.50
N LEU I 33 117.44 -33.15 -15.42
CA LEU I 33 116.97 -32.21 -14.42
C LEU I 33 116.89 -30.79 -15.00
N LEU I 34 117.87 -30.34 -15.80
CA LEU I 34 117.78 -29.02 -16.41
C LEU I 34 116.54 -28.91 -17.31
N GLU I 35 116.29 -29.90 -18.16
CA GLU I 35 115.10 -29.94 -18.98
C GLU I 35 113.83 -29.87 -18.12
N LYS I 36 113.75 -30.70 -17.08
CA LYS I 36 112.59 -30.71 -16.18
C LYS I 36 112.40 -29.35 -15.53
N ALA I 37 113.48 -28.74 -15.04
CA ALA I 37 113.44 -27.42 -14.44
C ALA I 37 112.95 -26.37 -15.44
N ALA I 38 113.44 -26.40 -16.68
CA ALA I 38 112.98 -25.47 -17.70
C ALA I 38 111.47 -25.59 -17.92
N ARG I 39 110.99 -26.83 -18.10
CA ARG I 39 109.57 -27.10 -18.28
C ARG I 39 108.75 -26.61 -17.09
N LEU I 40 109.20 -26.88 -15.86
CA LEU I 40 108.53 -26.37 -14.67
C LEU I 40 108.53 -24.84 -14.64
N ALA I 41 109.65 -24.20 -14.96
CA ALA I 41 109.75 -22.75 -14.92
C ALA I 41 108.78 -22.13 -15.92
N GLU I 42 108.69 -22.69 -17.11
CA GLU I 42 107.72 -22.29 -18.11
C GLU I 42 106.29 -22.50 -17.57
N GLU I 43 106.01 -23.66 -16.99
CA GLU I 43 104.69 -23.94 -16.45
C GLU I 43 104.31 -22.95 -15.36
N ALA I 44 105.27 -22.52 -14.54
CA ALA I 44 105.00 -21.51 -13.52
C ALA I 44 104.51 -20.21 -14.16
N ALA I 45 105.10 -19.79 -15.27
CA ALA I 45 104.60 -18.63 -16.00
C ALA I 45 103.21 -18.90 -16.58
N ARG I 46 103.00 -20.09 -17.17
CA ARG I 46 101.70 -20.47 -17.73
C ARG I 46 100.60 -20.49 -16.66
N GLN I 47 100.90 -20.90 -15.44
CA GLN I 47 99.98 -20.75 -14.31
C GLN I 47 99.79 -19.28 -13.94
N ALA I 48 100.87 -18.52 -13.73
CA ALA I 48 100.79 -17.13 -13.27
C ALA I 48 99.99 -16.24 -14.24
N GLU I 49 100.09 -16.51 -15.54
CA GLU I 49 99.34 -15.81 -16.57
C GLU I 49 97.82 -15.83 -16.33
N ARG I 50 97.30 -16.93 -15.74
CA ARG I 50 95.86 -17.08 -15.42
C ARG I 50 95.38 -15.94 -14.55
N ILE I 51 96.06 -15.74 -13.41
CA ILE I 51 95.74 -14.66 -12.48
C ILE I 51 95.96 -13.32 -13.17
N ALA I 52 97.08 -13.16 -13.87
CA ALA I 52 97.46 -11.88 -14.47
C ALA I 52 96.39 -11.36 -15.47
N ARG I 53 95.85 -12.23 -16.33
CA ARG I 53 94.78 -11.84 -17.28
C ARG I 53 93.42 -11.72 -16.61
N GLN I 54 93.13 -12.55 -15.61
CA GLN I 54 91.87 -12.50 -14.87
C GLN I 54 91.74 -11.21 -14.05
N ALA I 55 92.82 -10.78 -13.38
CA ALA I 55 92.82 -9.58 -12.56
C ALA I 55 92.46 -8.30 -13.36
N ARG I 56 92.73 -8.27 -14.67
CA ARG I 56 92.32 -7.16 -15.55
C ARG I 56 90.81 -6.98 -15.58
N LYS I 57 90.06 -8.07 -15.41
CA LYS I 57 88.61 -8.08 -15.24
C LYS I 57 88.22 -7.70 -13.81
N GLU I 58 88.86 -8.32 -12.82
CA GLU I 58 88.43 -8.27 -11.42
C GLU I 58 88.85 -7.02 -10.64
N GLY I 59 89.85 -6.27 -11.12
CA GLY I 59 90.17 -4.92 -10.65
C GLY I 59 91.00 -4.81 -9.36
N ASN I 60 91.47 -5.92 -8.77
CA ASN I 60 92.44 -5.85 -7.67
C ASN I 60 93.87 -5.70 -8.19
N LEU I 61 94.31 -4.46 -8.37
CA LEU I 61 95.62 -4.15 -8.93
C LEU I 61 96.75 -4.64 -8.01
N GLU I 62 96.54 -4.71 -6.70
CA GLU I 62 97.56 -5.25 -5.80
C GLU I 62 97.84 -6.73 -6.11
N LEU I 63 96.79 -7.53 -6.33
CA LEU I 63 96.99 -8.91 -6.76
C LEU I 63 97.66 -8.96 -8.13
N ALA I 64 97.28 -8.06 -9.04
CA ALA I 64 97.90 -8.01 -10.36
C ALA I 64 99.41 -7.73 -10.26
N LEU I 65 99.83 -6.73 -9.49
CA LEU I 65 101.26 -6.45 -9.38
C LEU I 65 102.01 -7.57 -8.67
N LYS I 66 101.37 -8.30 -7.75
CA LYS I 66 101.97 -9.53 -7.20
C LYS I 66 102.16 -10.57 -8.30
N ALA I 67 101.17 -10.78 -9.16
CA ALA I 67 101.33 -11.68 -10.30
C ALA I 67 102.46 -11.21 -11.22
N LEU I 68 102.58 -9.90 -11.47
CA LEU I 68 103.71 -9.38 -12.22
C LEU I 68 105.02 -9.70 -11.51
N GLN I 69 105.10 -9.49 -10.20
CA GLN I 69 106.30 -9.81 -9.42
C GLN I 69 106.68 -11.28 -9.56
N ILE I 70 105.69 -12.17 -9.52
CA ILE I 70 105.87 -13.59 -9.73
C ILE I 70 106.47 -13.83 -11.11
N LEU I 71 105.86 -13.30 -12.17
CA LEU I 71 106.38 -13.49 -13.52
C LEU I 71 107.81 -12.95 -13.63
N VAL I 72 108.04 -11.73 -13.18
CA VAL I 72 109.34 -11.06 -13.32
C VAL I 72 110.40 -11.84 -12.56
N ASN I 73 110.12 -12.28 -11.34
CA ASN I 73 111.05 -13.14 -10.63
C ASN I 73 111.24 -14.47 -11.35
N ALA I 74 110.15 -15.12 -11.76
CA ALA I 74 110.20 -16.44 -12.39
C ALA I 74 111.03 -16.46 -13.67
N ALA I 75 111.01 -15.37 -14.42
CA ALA I 75 111.79 -15.28 -15.65
C ALA I 75 113.28 -15.48 -15.40
N TYR I 76 113.78 -15.12 -14.21
CA TYR I 76 115.19 -15.23 -13.88
C TYR I 76 115.74 -16.65 -14.06
N VAL I 77 114.95 -17.65 -13.67
CA VAL I 77 115.36 -19.05 -13.80
C VAL I 77 115.47 -19.44 -15.27
N LEU I 78 114.47 -19.09 -16.09
CA LEU I 78 114.52 -19.41 -17.50
C LEU I 78 115.80 -18.83 -18.11
N ALA I 79 116.07 -17.57 -17.83
CA ALA I 79 117.26 -16.89 -18.33
C ALA I 79 118.54 -17.65 -17.92
N GLU I 80 118.70 -17.95 -16.63
CA GLU I 80 119.91 -18.60 -16.13
C GLU I 80 120.14 -19.96 -16.79
N ILE I 81 119.08 -20.76 -16.90
CA ILE I 81 119.18 -22.07 -17.56
C ILE I 81 119.56 -21.83 -19.02
N ALA I 82 118.80 -21.00 -19.70
CA ALA I 82 118.90 -20.87 -21.13
C ALA I 82 120.25 -20.27 -21.56
N ARG I 83 120.82 -19.33 -20.80
CA ARG I 83 122.13 -18.77 -21.14
C ARG I 83 123.24 -19.79 -21.01
N ASP I 84 123.26 -20.59 -19.94
CA ASP I 84 124.27 -21.63 -19.79
C ASP I 84 124.08 -22.76 -20.80
N ARG I 85 122.82 -23.10 -21.13
CA ARG I 85 122.48 -24.07 -22.17
C ARG I 85 122.70 -23.55 -23.60
N GLY I 86 122.89 -22.24 -23.76
CA GLY I 86 123.01 -21.57 -25.05
C GLY I 86 121.72 -21.55 -25.89
N ASN I 87 120.55 -21.69 -25.26
CA ASN I 87 119.28 -21.83 -25.97
C ASN I 87 118.62 -20.47 -26.24
N GLU I 88 118.81 -19.96 -27.46
CA GLU I 88 118.27 -18.66 -27.85
C GLU I 88 116.73 -18.66 -27.88
N GLU I 89 116.10 -19.80 -28.13
CA GLU I 89 114.65 -19.91 -28.21
C GLU I 89 114.01 -19.60 -26.86
N LEU I 90 114.51 -20.23 -25.79
CA LEU I 90 114.06 -19.95 -24.44
C LEU I 90 114.42 -18.52 -24.03
N LEU I 91 115.61 -18.03 -24.37
CA LEU I 91 115.97 -16.65 -24.04
C LEU I 91 114.97 -15.69 -24.70
N GLU I 92 114.66 -15.89 -25.98
CA GLU I 92 113.65 -15.10 -26.70
C GLU I 92 112.27 -15.27 -26.08
N TYR I 93 111.90 -16.49 -25.67
CA TYR I 93 110.63 -16.73 -25.00
C TYR I 93 110.56 -15.89 -23.72
N ALA I 94 111.60 -15.91 -22.89
CA ALA I 94 111.67 -15.12 -21.68
C ALA I 94 111.59 -13.61 -21.98
N ALA I 95 112.33 -13.15 -22.99
CA ALA I 95 112.31 -11.74 -23.38
C ALA I 95 110.91 -11.31 -23.85
N ARG I 96 110.24 -12.14 -24.67
CA ARG I 96 108.88 -11.85 -25.14
C ARG I 96 107.87 -11.89 -24.00
N LEU I 97 108.01 -12.84 -23.08
CA LEU I 97 107.20 -12.88 -21.87
C LEU I 97 107.38 -11.59 -21.06
N ALA I 98 108.62 -11.14 -20.87
CA ALA I 98 108.87 -9.90 -20.18
C ALA I 98 108.24 -8.69 -20.90
N GLU I 99 108.28 -8.64 -22.23
CA GLU I 99 107.63 -7.56 -22.98
C GLU I 99 106.11 -7.58 -22.77
N GLU I 100 105.48 -8.74 -22.92
CA GLU I 100 104.05 -8.88 -22.64
C GLU I 100 103.73 -8.47 -21.20
N ALA I 101 104.56 -8.85 -20.25
CA ALA I 101 104.40 -8.41 -18.88
C ALA I 101 104.50 -6.89 -18.80
N ALA I 102 105.42 -6.26 -19.53
CA ALA I 102 105.52 -4.81 -19.56
C ALA I 102 104.25 -4.17 -20.12
N ARG I 103 103.68 -4.75 -21.17
CA ARG I 103 102.39 -4.29 -21.71
C ARG I 103 101.33 -4.31 -20.63
N GLN I 104 101.29 -5.39 -19.85
CA GLN I 104 100.37 -5.50 -18.73
C GLN I 104 100.72 -4.51 -17.61
N ALA I 105 102.00 -4.26 -17.34
CA ALA I 105 102.44 -3.42 -16.24
C ALA I 105 102.01 -1.95 -16.40
N ILE I 106 101.93 -1.47 -17.64
CA ILE I 106 101.43 -0.12 -17.90
C ILE I 106 100.00 0.05 -17.35
N GLU I 107 99.17 -1.00 -17.37
CA GLU I 107 97.80 -0.96 -16.84
C GLU I 107 97.77 -0.45 -15.41
N ILE I 108 98.62 -1.05 -14.59
CA ILE I 108 98.80 -0.67 -13.19
C ILE I 108 99.31 0.77 -13.14
N TRP I 109 100.38 1.07 -13.88
CA TRP I 109 101.12 2.30 -13.72
C TRP I 109 100.25 3.50 -14.04
N ALA I 110 99.60 3.46 -15.20
CA ALA I 110 98.71 4.50 -15.67
C ALA I 110 97.50 4.64 -14.73
N GLN I 111 96.84 3.53 -14.39
CA GLN I 111 95.63 3.60 -13.58
C GLN I 111 95.93 4.15 -12.18
N ALA I 112 97.00 3.67 -11.55
CA ALA I 112 97.42 4.13 -10.23
C ALA I 112 97.81 5.62 -10.23
N MET I 113 98.53 6.06 -11.26
CA MET I 113 98.88 7.47 -11.42
C MET I 113 97.63 8.34 -11.61
N GLU I 114 96.68 7.90 -12.45
CA GLU I 114 95.46 8.65 -12.73
C GLU I 114 94.53 8.72 -11.51
N GLU I 115 94.29 7.59 -10.85
CA GLU I 115 93.44 7.54 -9.65
C GLU I 115 94.13 8.11 -8.40
N GLY I 116 95.46 8.21 -8.39
CA GLY I 116 96.24 8.64 -7.23
C GLY I 116 96.47 7.54 -6.17
N ASN I 117 96.20 6.28 -6.50
CA ASN I 117 96.48 5.12 -5.65
C ASN I 117 97.99 4.75 -5.72
N GLN I 118 98.85 5.72 -5.43
CA GLN I 118 100.28 5.68 -5.72
C GLN I 118 101.02 4.53 -5.02
N GLN I 119 100.44 3.96 -3.97
CA GLN I 119 100.93 2.76 -3.29
C GLN I 119 101.10 1.58 -4.26
N LEU I 120 100.31 1.54 -5.34
CA LEU I 120 100.49 0.58 -6.42
C LEU I 120 101.67 0.99 -7.33
N ARG I 121 101.75 2.28 -7.68
CA ARG I 121 102.75 2.83 -8.62
C ARG I 121 104.16 2.49 -8.17
N THR I 122 104.49 2.66 -6.89
CA THR I 122 105.85 2.41 -6.38
C THR I 122 106.29 0.98 -6.70
N LYS I 123 105.40 0.02 -6.43
CA LYS I 123 105.65 -1.40 -6.69
C LYS I 123 105.76 -1.66 -8.19
N ALA I 124 104.86 -1.12 -9.00
CA ALA I 124 104.93 -1.27 -10.45
C ALA I 124 106.26 -0.74 -11.04
N ALA I 125 106.73 0.42 -10.58
CA ALA I 125 108.01 0.97 -11.02
C ALA I 125 109.17 0.03 -10.68
N HIS I 126 109.26 -0.40 -9.42
CA HIS I 126 110.25 -1.42 -9.05
C HIS I 126 110.11 -2.67 -9.91
N ILE I 127 108.89 -3.11 -10.23
CA ILE I 127 108.67 -4.26 -11.12
C ILE I 127 109.26 -3.98 -12.49
N ILE I 128 109.09 -2.78 -13.05
CA ILE I 128 109.72 -2.45 -14.31
C ILE I 128 111.24 -2.54 -14.15
N LEU I 129 111.79 -2.02 -13.06
CA LEU I 129 113.23 -2.07 -12.81
C LEU I 129 113.72 -3.52 -12.79
N ARG I 130 113.06 -4.38 -12.03
CA ARG I 130 113.42 -5.80 -12.00
C ARG I 130 113.28 -6.42 -13.39
N ALA I 131 112.23 -6.09 -14.14
CA ALA I 131 112.03 -6.65 -15.46
C ALA I 131 113.17 -6.25 -16.40
N ALA I 132 113.54 -4.98 -16.38
CA ALA I 132 114.65 -4.50 -17.17
C ALA I 132 115.94 -5.19 -16.72
N GLU I 133 116.15 -5.36 -15.42
CA GLU I 133 117.33 -6.09 -14.96
C GLU I 133 117.30 -7.53 -15.47
N VAL I 134 116.13 -8.16 -15.53
CA VAL I 134 115.98 -9.49 -16.14
C VAL I 134 116.35 -9.45 -17.61
N LEU I 135 115.93 -8.44 -18.35
CA LEU I 135 116.43 -8.30 -19.71
C LEU I 135 117.95 -8.17 -19.72
N LEU I 136 118.53 -7.42 -18.77
CA LEU I 136 119.98 -7.25 -18.68
C LEU I 136 120.64 -8.62 -18.55
N GLU I 137 120.19 -9.41 -17.60
CA GLU I 137 120.82 -10.71 -17.35
C GLU I 137 120.47 -11.76 -18.40
N ILE I 138 119.37 -11.61 -19.14
CA ILE I 138 119.14 -12.38 -20.38
C ILE I 138 120.22 -12.00 -21.39
N ALA I 139 120.45 -10.71 -21.58
CA ALA I 139 121.31 -10.20 -22.62
C ALA I 139 122.81 -10.23 -22.31
N ARG I 140 123.18 -10.36 -21.02
CA ARG I 140 124.51 -10.00 -20.50
C ARG I 140 125.65 -10.55 -21.34
N ASP I 141 125.72 -11.87 -21.48
CA ASP I 141 126.74 -12.54 -22.30
C ASP I 141 126.43 -12.55 -23.80
N ARG I 142 125.15 -12.44 -24.17
CA ARG I 142 124.65 -12.56 -25.55
C ARG I 142 124.98 -11.35 -26.44
N GLY I 143 125.10 -10.16 -25.86
CA GLY I 143 125.52 -8.93 -26.57
C GLY I 143 124.49 -8.33 -27.55
N ASN I 144 123.24 -8.76 -27.51
CA ASN I 144 122.16 -8.22 -28.36
C ASN I 144 121.73 -6.83 -27.85
N GLN I 145 122.40 -5.78 -28.34
CA GLN I 145 122.10 -4.41 -27.93
C GLN I 145 120.68 -3.98 -28.29
N GLU I 146 120.07 -4.65 -29.26
CA GLU I 146 118.75 -4.36 -29.79
C GLU I 146 117.69 -4.62 -28.72
N LEU I 147 117.82 -5.73 -28.00
CA LEU I 147 117.07 -5.99 -26.79
C LEU I 147 117.46 -5.00 -25.69
N LEU I 148 118.76 -4.75 -25.48
CA LEU I 148 119.22 -3.87 -24.40
C LEU I 148 118.69 -2.45 -24.53
N GLU I 149 118.38 -1.99 -25.74
CA GLU I 149 117.73 -0.70 -25.92
C GLU I 149 116.42 -0.61 -25.12
N LYS I 150 115.67 -1.71 -25.03
CA LYS I 150 114.43 -1.78 -24.24
C LYS I 150 114.75 -1.52 -22.78
N ALA I 151 115.69 -2.27 -22.23
CA ALA I 151 116.11 -2.12 -20.84
C ALA I 151 116.60 -0.69 -20.55
N ALA I 152 117.46 -0.15 -21.41
CA ALA I 152 118.01 1.18 -21.21
C ALA I 152 116.92 2.24 -21.16
N SER I 153 116.12 2.28 -22.23
CA SER I 153 115.10 3.31 -22.39
C SER I 153 114.06 3.22 -21.27
N LEU I 154 113.58 2.02 -20.95
CA LEU I 154 112.63 1.87 -19.88
C LEU I 154 113.20 2.41 -18.57
N VAL I 155 114.42 2.04 -18.17
CA VAL I 155 114.94 2.42 -16.86
C VAL I 155 115.27 3.91 -16.81
N ASP I 156 115.81 4.47 -17.88
CA ASP I 156 115.99 5.91 -17.97
C ASP I 156 114.63 6.61 -17.80
N ALA I 157 113.60 6.13 -18.52
CA ALA I 157 112.27 6.70 -18.43
C ALA I 157 111.71 6.59 -17.02
N VAL I 158 111.87 5.44 -16.38
CA VAL I 158 111.45 5.25 -14.99
C VAL I 158 112.10 6.29 -14.09
N ALA I 159 113.39 6.59 -14.24
CA ALA I 159 114.06 7.52 -13.34
C ALA I 159 113.37 8.90 -13.35
N ALA I 160 113.09 9.40 -14.55
CA ALA I 160 112.32 10.61 -14.74
C ALA I 160 110.88 10.47 -14.25
N LEU I 161 110.17 9.40 -14.61
CA LEU I 161 108.78 9.20 -14.24
C LEU I 161 108.61 9.15 -12.73
N GLN I 162 109.51 8.48 -12.04
CA GLN I 162 109.50 8.42 -10.59
C GLN I 162 109.76 9.80 -9.99
N GLN I 163 110.72 10.56 -10.52
CA GLN I 163 110.94 11.91 -10.04
C GLN I 163 109.68 12.77 -10.26
N ALA I 164 109.08 12.70 -11.44
CA ALA I 164 107.88 13.45 -11.76
C ALA I 164 106.71 13.07 -10.84
N ALA I 165 106.56 11.79 -10.51
CA ALA I 165 105.52 11.34 -9.61
C ALA I 165 105.66 11.96 -8.21
N ALA I 166 106.89 12.10 -7.71
CA ALA I 166 107.14 12.86 -6.50
C ALA I 166 106.83 14.35 -6.70
N ALA I 167 107.29 14.94 -7.80
CA ALA I 167 107.10 16.36 -8.08
C ALA I 167 105.61 16.76 -8.10
N ILE I 168 104.71 15.87 -8.53
CA ILE I 168 103.26 16.11 -8.47
C ILE I 168 102.78 16.33 -7.03
N LEU I 169 103.32 15.59 -6.08
CA LEU I 169 103.00 15.79 -4.66
C LEU I 169 103.71 17.03 -4.10
N GLU I 170 104.93 17.31 -4.55
CA GLU I 170 105.76 18.40 -4.02
C GLU I 170 105.38 19.81 -4.55
N GLY I 171 104.80 19.91 -5.75
CA GLY I 171 104.30 21.17 -6.32
C GLY I 171 105.33 22.04 -7.06
N ASP I 172 106.62 21.67 -7.11
CA ASP I 172 107.59 22.33 -8.00
C ASP I 172 107.37 21.87 -9.45
N VAL I 173 106.51 22.59 -10.16
CA VAL I 173 106.21 22.31 -11.56
C VAL I 173 107.43 22.48 -12.47
N GLU I 174 108.41 23.31 -12.12
CA GLU I 174 109.61 23.44 -12.94
C GLU I 174 110.49 22.20 -12.80
N LYS I 175 110.67 21.68 -11.58
CA LYS I 175 111.29 20.37 -11.36
C LYS I 175 110.55 19.29 -12.15
N ALA I 176 109.21 19.29 -12.12
CA ALA I 176 108.42 18.32 -12.86
C ALA I 176 108.71 18.37 -14.37
N VAL I 177 108.77 19.58 -14.95
CA VAL I 177 109.07 19.76 -16.37
C VAL I 177 110.52 19.40 -16.69
N ARG I 178 111.48 19.79 -15.84
CA ARG I 178 112.90 19.42 -16.00
C ARG I 178 113.07 17.91 -16.14
N ALA I 179 112.27 17.13 -15.40
CA ALA I 179 112.19 15.68 -15.60
C ALA I 179 111.47 15.32 -16.92
N ALA I 180 110.26 15.84 -17.13
CA ALA I 180 109.43 15.44 -18.27
C ALA I 180 110.11 15.66 -19.63
N GLN I 181 110.93 16.72 -19.74
CA GLN I 181 111.71 17.02 -20.95
C GLN I 181 112.59 15.83 -21.38
N GLU I 182 113.24 15.16 -20.42
CA GLU I 182 114.00 13.96 -20.73
C GLU I 182 113.07 12.78 -21.01
N ALA I 183 111.98 12.63 -20.24
CA ALA I 183 111.10 11.47 -20.34
C ALA I 183 110.52 11.32 -21.75
N VAL I 184 110.01 12.40 -22.33
CA VAL I 184 109.50 12.36 -23.70
C VAL I 184 110.62 12.07 -24.69
N LYS I 185 111.83 12.59 -24.50
CA LYS I 185 112.95 12.33 -25.40
C LYS I 185 113.21 10.83 -25.48
N ALA I 186 113.36 10.17 -24.34
CA ALA I 186 113.54 8.73 -24.33
C ALA I 186 112.34 8.02 -24.98
N ALA I 187 111.12 8.38 -24.59
CA ALA I 187 109.90 7.73 -25.08
C ALA I 187 109.82 7.76 -26.61
N LYS I 188 110.10 8.93 -27.18
CA LYS I 188 110.07 9.18 -28.61
C LYS I 188 111.22 8.50 -29.34
N GLU I 189 112.41 8.51 -28.76
CA GLU I 189 113.56 7.79 -29.34
C GLU I 189 113.30 6.27 -29.39
N ALA I 190 112.70 5.72 -28.33
CA ALA I 190 112.43 4.29 -28.25
C ALA I 190 111.28 3.85 -29.17
N GLY I 191 110.24 4.67 -29.28
CA GLY I 191 108.93 4.17 -29.65
C GLY I 191 108.32 3.47 -28.46
N ASP I 192 107.95 4.26 -27.44
CA ASP I 192 107.41 3.83 -26.15
C ASP I 192 106.17 2.92 -26.24
N ASN I 193 105.52 2.87 -27.40
CA ASN I 193 104.19 2.30 -27.53
C ASN I 193 103.26 2.86 -26.43
N ASP I 194 102.43 2.03 -25.80
CA ASP I 194 101.52 2.43 -24.74
C ASP I 194 102.17 3.19 -23.59
N MET I 195 103.49 3.09 -23.38
CA MET I 195 104.16 3.79 -22.29
C MET I 195 104.11 5.32 -22.49
N LEU I 196 103.86 5.78 -23.71
CA LEU I 196 103.47 7.18 -23.94
C LEU I 196 102.32 7.58 -23.02
N ARG I 197 101.35 6.70 -22.74
CA ARG I 197 100.24 6.99 -21.83
C ARG I 197 100.73 7.32 -20.44
N ALA I 198 101.68 6.55 -19.95
CA ALA I 198 102.27 6.73 -18.62
C ALA I 198 103.07 8.04 -18.52
N VAL I 199 103.67 8.51 -19.62
CA VAL I 199 104.20 9.87 -19.69
C VAL I 199 103.04 10.87 -19.71
N ALA I 200 102.05 10.65 -20.56
CA ALA I 200 101.04 11.64 -20.90
C ALA I 200 100.16 12.00 -19.71
N ILE I 201 99.63 11.02 -18.99
CA ILE I 201 98.68 11.27 -17.89
C ILE I 201 99.30 12.20 -16.85
N ALA I 202 100.60 12.09 -16.61
CA ALA I 202 101.30 12.95 -15.66
C ALA I 202 101.16 14.44 -16.04
N ALA I 203 101.28 14.80 -17.31
CA ALA I 203 101.17 16.21 -17.71
C ALA I 203 99.78 16.79 -17.37
N LEU I 204 98.71 16.02 -17.59
CA LEU I 204 97.35 16.46 -17.23
C LEU I 204 97.19 16.57 -15.71
N ARG I 205 97.68 15.57 -14.97
CA ARG I 205 97.64 15.57 -13.51
C ARG I 205 98.41 16.76 -12.94
N ILE I 206 99.58 17.08 -13.52
CA ILE I 206 100.35 18.27 -13.19
C ILE I 206 99.50 19.52 -13.46
N ALA I 207 98.91 19.64 -14.64
CA ALA I 207 98.16 20.83 -15.01
C ALA I 207 97.02 21.15 -14.04
N LYS I 208 96.29 20.14 -13.57
CA LYS I 208 95.20 20.33 -12.60
C LYS I 208 95.66 21.10 -11.36
N GLU I 209 96.82 20.74 -10.83
CA GLU I 209 97.41 21.46 -9.70
C GLU I 209 98.05 22.78 -10.15
N ALA I 210 98.70 22.81 -11.31
CA ALA I 210 99.35 24.02 -11.81
C ALA I 210 98.36 25.16 -12.03
N GLU I 211 97.09 24.86 -12.32
CA GLU I 211 96.01 25.83 -12.31
C GLU I 211 95.81 26.42 -10.90
N LYS I 212 95.79 25.59 -9.86
CA LYS I 212 95.68 26.06 -8.47
C LYS I 212 96.90 26.89 -8.07
N GLN I 213 98.08 26.50 -8.56
CA GLN I 213 99.32 27.27 -8.39
C GLN I 213 99.38 28.53 -9.26
N GLY I 214 98.53 28.64 -10.28
CA GLY I 214 98.43 29.79 -11.18
C GLY I 214 99.51 29.90 -12.24
N ASN I 215 100.59 29.12 -12.21
CA ASN I 215 101.60 29.15 -13.27
C ASN I 215 101.16 28.34 -14.49
N VAL I 216 100.15 28.86 -15.17
CA VAL I 216 99.68 28.30 -16.44
C VAL I 216 100.78 28.27 -17.49
N GLU I 217 101.79 29.14 -17.43
CA GLU I 217 102.89 29.12 -18.40
C GLU I 217 103.65 27.79 -18.33
N VAL I 218 104.06 27.40 -17.13
CA VAL I 218 104.71 26.10 -16.96
C VAL I 218 103.71 24.98 -17.23
N ALA I 219 102.43 25.15 -16.89
CA ALA I 219 101.42 24.16 -17.23
C ALA I 219 101.36 23.92 -18.75
N VAL I 220 101.49 24.98 -19.54
CA VAL I 220 101.52 24.87 -21.00
C VAL I 220 102.84 24.28 -21.49
N LYS I 221 103.97 24.54 -20.81
CA LYS I 221 105.21 23.82 -21.13
C LYS I 221 104.99 22.31 -20.98
N ALA I 222 104.29 21.89 -19.92
CA ALA I 222 103.88 20.50 -19.78
C ALA I 222 102.88 20.07 -20.88
N ALA I 223 101.91 20.90 -21.22
CA ALA I 223 100.97 20.58 -22.29
C ALA I 223 101.67 20.37 -23.65
N ARG I 224 102.77 21.09 -23.93
CA ARG I 224 103.56 20.88 -25.16
C ARG I 224 104.11 19.47 -25.23
N VAL I 225 104.51 18.91 -24.09
CA VAL I 225 104.85 17.49 -24.01
C VAL I 225 103.60 16.63 -24.17
N ALA I 226 102.49 16.97 -23.50
CA ALA I 226 101.27 16.16 -23.54
C ALA I 226 100.79 15.91 -24.98
N VAL I 227 100.79 16.94 -25.83
CA VAL I 227 100.44 16.78 -27.24
C VAL I 227 101.51 16.03 -28.02
N GLU I 228 102.80 16.17 -27.69
CA GLU I 228 103.83 15.35 -28.34
C GLU I 228 103.53 13.87 -28.15
N ALA I 229 103.32 13.46 -26.90
CA ALA I 229 103.06 12.06 -26.57
C ALA I 229 101.77 11.58 -27.25
N ALA I 230 100.69 12.36 -27.14
CA ALA I 230 99.42 12.05 -27.79
C ALA I 230 99.62 11.81 -29.30
N LYS I 231 100.32 12.73 -29.97
CA LYS I 231 100.52 12.71 -31.41
C LYS I 231 101.43 11.58 -31.86
N GLN I 232 102.47 11.25 -31.08
CA GLN I 232 103.23 10.04 -31.33
C GLN I 232 102.37 8.79 -31.16
N ALA I 233 101.49 8.77 -30.16
CA ALA I 233 100.75 7.57 -29.78
C ALA I 233 99.63 7.22 -30.73
N GLY I 234 98.77 8.18 -31.06
CA GLY I 234 97.39 7.85 -31.41
C GLY I 234 96.67 7.39 -30.14
N ASP I 235 96.55 8.29 -29.17
CA ASP I 235 95.95 8.07 -27.85
C ASP I 235 94.42 8.17 -27.82
N ASN I 236 93.77 8.41 -28.96
CA ASN I 236 92.33 8.23 -29.12
C ASN I 236 91.53 9.04 -28.09
N ASP I 237 90.55 8.42 -27.43
CA ASP I 237 89.63 9.08 -26.49
C ASP I 237 90.32 9.82 -25.34
N VAL I 238 91.59 9.56 -25.06
CA VAL I 238 92.36 10.35 -24.09
C VAL I 238 92.42 11.82 -24.51
N LEU I 239 92.42 12.11 -25.80
CA LEU I 239 92.29 13.46 -26.33
C LEU I 239 91.07 14.18 -25.75
N ARG I 240 89.99 13.46 -25.43
CA ARG I 240 88.76 14.03 -24.87
C ARG I 240 89.00 14.60 -23.48
N LYS I 241 89.85 13.95 -22.70
CA LYS I 241 90.36 14.50 -21.44
C LYS I 241 91.25 15.71 -21.71
N VAL I 242 92.18 15.59 -22.67
CA VAL I 242 93.15 16.65 -22.99
C VAL I 242 92.44 17.95 -23.31
N ALA I 243 91.48 17.90 -24.22
CA ALA I 243 90.77 19.08 -24.68
C ALA I 243 90.00 19.76 -23.54
N GLU I 244 89.34 19.00 -22.66
CA GLU I 244 88.65 19.59 -21.52
C GLU I 244 89.64 20.36 -20.65
N GLN I 245 90.78 19.75 -20.32
CA GLN I 245 91.78 20.44 -19.51
C GLN I 245 92.33 21.66 -20.25
N ALA I 246 92.58 21.56 -21.56
CA ALA I 246 93.05 22.70 -22.33
C ALA I 246 92.05 23.87 -22.29
N LEU I 247 90.75 23.58 -22.40
CA LEU I 247 89.70 24.59 -22.28
C LEU I 247 89.69 25.20 -20.88
N ARG I 248 89.83 24.38 -19.83
CA ARG I 248 89.97 24.88 -18.46
C ARG I 248 91.18 25.81 -18.35
N ILE I 249 92.34 25.39 -18.84
CA ILE I 249 93.57 26.19 -18.83
C ILE I 249 93.33 27.52 -19.54
N ALA I 250 92.72 27.50 -20.72
CA ALA I 250 92.43 28.72 -21.45
C ALA I 250 91.51 29.65 -20.64
N LYS I 251 90.43 29.12 -20.04
CA LYS I 251 89.52 29.92 -19.22
C LYS I 251 90.23 30.56 -18.03
N GLU I 252 91.13 29.82 -17.39
CA GLU I 252 91.97 30.42 -16.35
C GLU I 252 92.92 31.48 -16.94
N ALA I 253 93.57 31.21 -18.07
CA ALA I 253 94.48 32.17 -18.69
C ALA I 253 93.76 33.47 -19.07
N GLU I 254 92.49 33.40 -19.46
CA GLU I 254 91.63 34.56 -19.63
C GLU I 254 91.39 35.29 -18.31
N LYS I 255 91.08 34.59 -17.21
CA LYS I 255 90.95 35.25 -15.88
C LYS I 255 92.25 35.93 -15.46
N GLN I 256 93.37 35.30 -15.78
CA GLN I 256 94.70 35.84 -15.57
C GLN I 256 95.10 36.91 -16.59
N GLY I 257 94.30 37.12 -17.64
CA GLY I 257 94.63 38.02 -18.74
C GLY I 257 95.84 37.60 -19.57
N ASN I 258 96.42 36.41 -19.36
CA ASN I 258 97.54 35.94 -20.14
C ASN I 258 97.07 35.32 -21.45
N VAL I 259 96.62 36.19 -22.36
CA VAL I 259 96.14 35.79 -23.69
C VAL I 259 97.24 35.12 -24.50
N GLU I 260 98.52 35.42 -24.28
CA GLU I 260 99.61 34.75 -25.00
C GLU I 260 99.67 33.27 -24.63
N VAL I 261 99.69 32.97 -23.34
CA VAL I 261 99.66 31.58 -22.87
C VAL I 261 98.33 30.93 -23.26
N ALA I 262 97.22 31.66 -23.18
CA ALA I 262 95.95 31.13 -23.66
C ALA I 262 96.07 30.69 -25.11
N VAL I 263 96.68 31.52 -25.97
CA VAL I 263 96.84 31.20 -27.39
C VAL I 263 97.78 30.02 -27.57
N LYS I 264 98.86 29.92 -26.82
CA LYS I 264 99.70 28.73 -26.85
C LYS I 264 98.87 27.49 -26.47
N ALA I 265 98.06 27.58 -25.44
CA ALA I 265 97.20 26.49 -24.99
C ALA I 265 96.23 26.08 -26.09
N ALA I 266 95.58 27.05 -26.73
CA ALA I 266 94.71 26.77 -27.86
C ALA I 266 95.49 26.16 -29.02
N ARG I 267 96.69 26.65 -29.33
CA ARG I 267 97.53 26.12 -30.43
C ARG I 267 97.86 24.66 -30.20
N VAL I 268 98.12 24.30 -28.96
CA VAL I 268 98.23 22.91 -28.54
C VAL I 268 96.88 22.20 -28.72
N ALA I 269 95.81 22.77 -28.19
CA ALA I 269 94.51 22.12 -28.19
C ALA I 269 94.05 21.76 -29.61
N VAL I 270 94.18 22.67 -30.57
CA VAL I 270 93.79 22.41 -31.96
C VAL I 270 94.70 21.36 -32.59
N GLU I 271 96.00 21.39 -32.30
CA GLU I 271 96.91 20.36 -32.82
C GLU I 271 96.39 18.98 -32.43
N ALA I 272 96.02 18.83 -31.17
CA ALA I 272 95.47 17.60 -30.63
C ALA I 272 94.10 17.27 -31.25
N ALA I 273 93.17 18.21 -31.24
CA ALA I 273 91.81 17.98 -31.71
C ALA I 273 91.79 17.59 -33.20
N LYS I 274 92.76 18.10 -33.98
CA LYS I 274 92.92 17.73 -35.40
C LYS I 274 93.26 16.25 -35.56
N GLN I 275 94.01 15.67 -34.62
CA GLN I 275 94.21 14.22 -34.59
C GLN I 275 92.93 13.51 -34.17
N ALA I 276 92.20 14.07 -33.19
CA ALA I 276 91.02 13.46 -32.62
C ALA I 276 89.91 13.25 -33.66
N GLY I 277 89.58 14.32 -34.39
CA GLY I 277 88.41 14.32 -35.26
C GLY I 277 87.06 14.20 -34.51
N ASP I 278 87.03 14.38 -33.19
CA ASP I 278 85.78 14.47 -32.43
C ASP I 278 85.12 15.82 -32.72
N ASN I 279 84.12 15.83 -33.62
CA ASN I 279 83.54 17.06 -34.13
C ASN I 279 82.95 17.93 -33.02
N ASP I 280 82.30 17.33 -32.01
CA ASP I 280 81.76 18.12 -30.91
C ASP I 280 82.84 18.81 -30.10
N VAL I 281 83.98 18.14 -29.92
CA VAL I 281 85.15 18.74 -29.25
C VAL I 281 85.70 19.87 -30.13
N LEU I 282 85.84 19.63 -31.42
CA LEU I 282 86.27 20.67 -32.35
C LEU I 282 85.34 21.89 -32.30
N ARG I 283 84.02 21.69 -32.21
CA ARG I 283 83.06 22.79 -32.03
C ARG I 283 83.34 23.54 -30.72
N LYS I 284 83.46 22.83 -29.60
CA LYS I 284 83.77 23.45 -28.30
C LYS I 284 85.08 24.25 -28.34
N VAL I 285 86.11 23.73 -29.02
CA VAL I 285 87.38 24.42 -29.21
C VAL I 285 87.18 25.69 -30.03
N ALA I 286 86.51 25.61 -31.18
CA ALA I 286 86.26 26.78 -32.03
C ALA I 286 85.42 27.85 -31.30
N ASP I 287 84.44 27.42 -30.49
CA ASP I 287 83.63 28.32 -29.67
C ASP I 287 84.53 29.16 -28.74
N GLN I 288 85.44 28.52 -28.01
CA GLN I 288 86.35 29.25 -27.14
C GLN I 288 87.37 30.06 -27.95
N ALA I 289 87.81 29.60 -29.13
CA ALA I 289 88.86 30.26 -29.90
C ALA I 289 88.47 31.70 -30.30
N LEU I 290 87.19 31.91 -30.62
CA LEU I 290 86.63 33.25 -30.79
C LEU I 290 86.74 34.05 -29.49
N GLU I 291 86.33 33.48 -28.35
CA GLU I 291 86.43 34.18 -27.06
C GLU I 291 87.87 34.59 -26.74
N ILE I 292 88.86 33.73 -27.05
CA ILE I 292 90.28 34.04 -26.86
C ILE I 292 90.69 35.19 -27.79
N ALA I 293 90.28 35.16 -29.05
CA ALA I 293 90.52 36.28 -29.95
C ALA I 293 89.90 37.57 -29.39
N LYS I 294 88.69 37.48 -28.83
CA LYS I 294 88.00 38.61 -28.21
C LYS I 294 88.74 39.13 -26.99
N ALA I 295 89.24 38.27 -26.13
CA ALA I 295 90.09 38.68 -25.03
C ALA I 295 91.34 39.42 -25.55
N ALA I 296 91.99 38.90 -26.59
CA ALA I 296 93.16 39.56 -27.16
C ALA I 296 92.83 40.91 -27.81
N LEU I 297 91.67 41.03 -28.45
CA LEU I 297 91.13 42.32 -28.88
C LEU I 297 90.94 43.26 -27.68
N GLU I 298 90.34 42.78 -26.59
CA GLU I 298 90.11 43.58 -25.39
C GLU I 298 91.42 44.05 -24.75
N GLN I 299 92.48 43.25 -24.85
CA GLN I 299 93.83 43.64 -24.46
C GLN I 299 94.52 44.55 -25.49
N GLY I 300 93.98 44.68 -26.70
CA GLY I 300 94.63 45.36 -27.82
C GLY I 300 95.83 44.58 -28.39
N ASP I 301 95.98 43.31 -28.02
CA ASP I 301 97.03 42.41 -28.52
C ASP I 301 96.58 41.77 -29.84
N ILE I 302 96.53 42.58 -30.90
CA ILE I 302 95.89 42.16 -32.15
C ILE I 302 96.66 41.03 -32.86
N ASP I 303 97.98 40.96 -32.74
CA ASP I 303 98.75 39.80 -33.23
C ASP I 303 98.30 38.49 -32.54
N VAL I 304 98.00 38.59 -31.24
CA VAL I 304 97.50 37.45 -30.46
C VAL I 304 96.05 37.14 -30.85
N ALA I 305 95.21 38.16 -31.05
CA ALA I 305 93.85 37.95 -31.53
C ALA I 305 93.85 37.27 -32.91
N GLN I 306 94.76 37.70 -33.79
CA GLN I 306 94.99 37.12 -35.10
C GLN I 306 95.33 35.64 -34.94
N LYS I 307 96.34 35.30 -34.14
CA LYS I 307 96.68 33.90 -33.87
C LYS I 307 95.47 33.12 -33.34
N ALA I 308 94.74 33.69 -32.39
CA ALA I 308 93.56 33.04 -31.81
C ALA I 308 92.48 32.76 -32.86
N MET I 309 92.25 33.71 -33.76
CA MET I 309 91.28 33.50 -34.82
C MET I 309 91.83 32.58 -35.92
N ASP I 310 93.14 32.58 -36.17
CA ASP I 310 93.77 31.61 -37.05
C ASP I 310 93.54 30.20 -36.53
N VAL I 311 93.71 30.01 -35.22
CA VAL I 311 93.35 28.77 -34.54
C VAL I 311 91.87 28.49 -34.67
N ALA I 312 90.99 29.49 -34.47
CA ALA I 312 89.56 29.28 -34.61
C ALA I 312 89.22 28.74 -36.00
N VAL I 313 89.77 29.34 -37.05
CA VAL I 313 89.60 28.89 -38.43
C VAL I 313 90.20 27.51 -38.62
N GLU I 314 91.44 27.30 -38.21
CA GLU I 314 92.11 26.02 -38.32
C GLU I 314 91.29 24.90 -37.68
N ALA I 315 90.62 25.17 -36.56
CA ALA I 315 89.70 24.24 -35.94
C ALA I 315 88.41 24.08 -36.76
N LEU I 316 87.72 25.18 -37.01
CA LEU I 316 86.39 25.15 -37.60
C LEU I 316 86.42 24.55 -39.00
N THR I 317 87.51 24.78 -39.75
CA THR I 317 87.72 24.20 -41.08
C THR I 317 87.73 22.68 -41.11
N GLN I 318 87.86 22.01 -39.96
CA GLN I 318 87.76 20.56 -39.91
C GLN I 318 86.31 20.06 -39.89
N ALA I 319 85.33 20.93 -39.58
CA ALA I 319 83.92 20.54 -39.44
C ALA I 319 83.30 20.00 -40.73
N LEU J 4 51.82 61.55 -50.98
CA LEU J 4 51.77 62.27 -52.30
C LEU J 4 52.26 63.71 -52.22
N GLU J 5 51.81 64.49 -51.25
CA GLU J 5 52.03 65.94 -51.07
C GLU J 5 53.48 66.36 -51.29
N LEU J 6 54.39 65.70 -50.57
CA LEU J 6 55.83 65.92 -50.71
C LEU J 6 56.32 65.61 -52.12
N ALA J 7 56.00 64.42 -52.64
CA ALA J 7 56.52 63.98 -53.93
C ALA J 7 56.04 64.89 -55.07
N LEU J 8 54.80 65.36 -54.99
CA LEU J 8 54.33 66.39 -55.90
C LEU J 8 55.23 67.63 -55.79
N LYS J 9 55.52 68.11 -54.58
CA LYS J 9 56.37 69.29 -54.42
C LYS J 9 57.77 69.06 -54.97
N ALA J 10 58.33 67.89 -54.72
CA ALA J 10 59.63 67.50 -55.25
C ALA J 10 59.63 67.53 -56.78
N LEU J 11 58.65 66.89 -57.41
CA LEU J 11 58.57 66.86 -58.87
C LEU J 11 58.50 68.29 -59.42
N GLN J 12 57.63 69.13 -58.85
CA GLN J 12 57.50 70.53 -59.22
C GLN J 12 58.85 71.25 -59.13
N ILE J 13 59.61 71.01 -58.06
CA ILE J 13 60.94 71.57 -57.90
C ILE J 13 61.88 71.07 -58.99
N LEU J 14 61.85 69.78 -59.30
CA LEU J 14 62.82 69.18 -60.22
C LEU J 14 62.77 69.80 -61.61
N VAL J 15 61.57 70.18 -62.06
CA VAL J 15 61.44 70.84 -63.36
C VAL J 15 62.29 72.11 -63.41
N ASN J 16 62.28 72.91 -62.34
CA ASN J 16 63.06 74.14 -62.30
C ASN J 16 64.54 73.86 -62.49
N ALA J 17 65.03 72.84 -61.79
CA ALA J 17 66.41 72.41 -61.93
C ALA J 17 66.69 71.95 -63.36
N ALA J 18 65.83 71.11 -63.92
CA ALA J 18 66.06 70.59 -65.26
C ALA J 18 66.21 71.75 -66.25
N TYR J 19 65.34 72.74 -66.15
CA TYR J 19 65.42 73.94 -66.97
C TYR J 19 66.78 74.61 -66.84
N VAL J 20 67.18 74.95 -65.61
CA VAL J 20 68.47 75.62 -65.41
C VAL J 20 69.61 74.75 -65.95
N LEU J 21 69.56 73.43 -65.73
CA LEU J 21 70.61 72.54 -66.20
C LEU J 21 70.70 72.58 -67.72
N ALA J 22 69.57 72.67 -68.40
CA ALA J 22 69.58 72.85 -69.84
C ALA J 22 70.24 74.17 -70.22
N GLU J 23 69.91 75.28 -69.55
CA GLU J 23 70.54 76.57 -69.84
C GLU J 23 72.07 76.46 -69.70
N ILE J 24 72.53 75.87 -68.60
CA ILE J 24 73.96 75.67 -68.34
C ILE J 24 74.58 74.83 -69.46
N ALA J 25 73.94 73.72 -69.81
CA ALA J 25 74.45 72.83 -70.84
C ALA J 25 74.58 73.55 -72.19
N ARG J 26 73.54 74.28 -72.57
CA ARG J 26 73.47 75.02 -73.84
C ARG J 26 74.58 76.07 -73.90
N ASP J 27 74.79 76.81 -72.82
CA ASP J 27 75.85 77.82 -72.76
C ASP J 27 77.25 77.20 -72.93
N ARG J 28 77.47 75.99 -72.41
CA ARG J 28 78.70 75.23 -72.62
C ARG J 28 78.81 74.58 -74.00
N GLY J 29 77.72 74.48 -74.75
CA GLY J 29 77.61 73.54 -75.86
C GLY J 29 77.71 72.07 -75.42
N ASN J 30 77.46 71.78 -74.14
CA ASN J 30 77.46 70.42 -73.62
C ASN J 30 76.21 69.64 -74.05
N GLU J 31 76.38 68.38 -74.45
CA GLU J 31 75.26 67.52 -74.85
C GLU J 31 74.76 66.57 -73.75
N GLU J 32 75.66 66.02 -72.92
CA GLU J 32 75.30 64.99 -71.95
C GLU J 32 74.23 65.46 -70.98
N LEU J 33 74.35 66.70 -70.51
CA LEU J 33 73.37 67.29 -69.61
C LEU J 33 72.01 67.41 -70.31
N LEU J 34 71.95 67.75 -71.60
CA LEU J 34 70.69 67.84 -72.32
C LEU J 34 70.04 66.45 -72.44
N GLU J 35 70.84 65.45 -72.82
CA GLU J 35 70.36 64.08 -72.92
C GLU J 35 69.84 63.61 -71.55
N LYS J 36 70.64 63.79 -70.51
CA LYS J 36 70.29 63.41 -69.15
C LYS J 36 69.03 64.13 -68.70
N ALA J 37 68.93 65.43 -68.92
CA ALA J 37 67.77 66.20 -68.52
C ALA J 37 66.51 65.71 -69.24
N ALA J 38 66.59 65.41 -70.54
CA ALA J 38 65.44 64.87 -71.26
C ALA J 38 64.98 63.57 -70.61
N ARG J 39 65.92 62.64 -70.36
CA ARG J 39 65.61 61.36 -69.72
C ARG J 39 65.04 61.56 -68.32
N LEU J 40 65.60 62.45 -67.53
CA LEU J 40 65.06 62.78 -66.21
C LEU J 40 63.65 63.36 -66.34
N ALA J 41 63.40 64.26 -67.29
CA ALA J 41 62.08 64.82 -67.48
C ALA J 41 61.10 63.72 -67.88
N GLU J 42 61.51 62.79 -68.73
CA GLU J 42 60.69 61.63 -69.08
C GLU J 42 60.38 60.81 -67.82
N GLU J 43 61.37 60.55 -66.96
CA GLU J 43 61.13 59.84 -65.72
C GLU J 43 60.15 60.61 -64.84
N ALA J 44 60.25 61.93 -64.79
CA ALA J 44 59.32 62.75 -64.04
C ALA J 44 57.91 62.62 -64.61
N ALA J 45 57.76 62.58 -65.93
CA ALA J 45 56.48 62.31 -66.56
C ALA J 45 55.97 60.91 -66.18
N ARG J 46 56.82 59.89 -66.20
CA ARG J 46 56.43 58.52 -65.80
C ARG J 46 56.00 58.46 -64.34
N GLN J 47 56.72 59.13 -63.44
CA GLN J 47 56.32 59.26 -62.05
C GLN J 47 54.97 59.99 -61.92
N ALA J 48 54.76 61.08 -62.65
CA ALA J 48 53.48 61.77 -62.64
C ALA J 48 52.35 60.88 -63.18
N GLU J 49 52.61 60.06 -64.20
CA GLU J 49 51.64 59.09 -64.73
C GLU J 49 51.23 58.07 -63.67
N ARG J 50 52.17 57.58 -62.85
CA ARG J 50 51.86 56.69 -61.70
C ARG J 50 50.83 57.36 -60.80
N ILE J 51 51.11 58.59 -60.40
CA ILE J 51 50.24 59.35 -59.50
C ILE J 51 48.87 59.52 -60.15
N ALA J 52 48.84 59.95 -61.41
CA ALA J 52 47.60 60.23 -62.12
C ALA J 52 46.71 58.98 -62.25
N ARG J 53 47.24 57.86 -62.72
CA ARG J 53 46.45 56.64 -62.88
C ARG J 53 46.01 56.06 -61.53
N GLN J 54 46.81 56.22 -60.47
CA GLN J 54 46.39 55.87 -59.12
C GLN J 54 45.27 56.79 -58.62
N ALA J 55 45.39 58.10 -58.82
CA ALA J 55 44.36 59.06 -58.45
C ALA J 55 43.03 58.82 -59.19
N ARG J 56 43.06 58.22 -60.38
CA ARG J 56 41.86 57.77 -61.10
C ARG J 56 41.03 56.75 -60.29
N LYS J 57 41.69 55.99 -59.42
CA LYS J 57 41.05 55.12 -58.42
C LYS J 57 40.66 55.90 -57.17
N GLU J 58 41.61 56.63 -56.59
CA GLU J 58 41.49 57.21 -55.24
C GLU J 58 40.62 58.48 -55.14
N GLY J 59 40.39 59.18 -56.24
CA GLY J 59 39.38 60.23 -56.35
C GLY J 59 39.76 61.64 -55.85
N ASN J 60 41.00 61.89 -55.40
CA ASN J 60 41.42 63.27 -55.11
C ASN J 60 41.84 64.00 -56.38
N LEU J 61 40.87 64.67 -57.00
CA LEU J 61 41.06 65.41 -58.24
C LEU J 61 42.09 66.53 -58.10
N GLU J 62 42.23 67.14 -56.92
CA GLU J 62 43.27 68.16 -56.76
C GLU J 62 44.67 67.53 -56.85
N LEU J 63 44.88 66.38 -56.23
CA LEU J 63 46.17 65.69 -56.37
C LEU J 63 46.40 65.25 -57.82
N ALA J 64 45.35 64.85 -58.53
CA ALA J 64 45.47 64.58 -59.96
C ALA J 64 45.88 65.84 -60.73
N LEU J 65 45.19 66.97 -60.54
CA LEU J 65 45.51 68.15 -61.33
C LEU J 65 46.87 68.74 -60.97
N LYS J 66 47.36 68.52 -59.76
CA LYS J 66 48.78 68.82 -59.44
C LYS J 66 49.72 67.93 -60.25
N ALA J 67 49.42 66.65 -60.44
CA ALA J 67 50.20 65.84 -61.36
C ALA J 67 50.13 66.42 -62.80
N LEU J 68 48.98 66.93 -63.21
CA LEU J 68 48.88 67.63 -64.49
C LEU J 68 49.77 68.88 -64.53
N GLN J 69 49.83 69.66 -63.44
CA GLN J 69 50.74 70.81 -63.36
C GLN J 69 52.19 70.37 -63.57
N ILE J 70 52.58 69.27 -62.94
CA ILE J 70 53.91 68.70 -63.12
C ILE J 70 54.13 68.34 -64.58
N LEU J 71 53.22 67.60 -65.17
CA LEU J 71 53.35 67.18 -66.56
C LEU J 71 53.47 68.39 -67.48
N VAL J 72 52.58 69.36 -67.35
CA VAL J 72 52.57 70.53 -68.22
C VAL J 72 53.89 71.30 -68.08
N ASN J 73 54.35 71.50 -66.86
CA ASN J 73 55.60 72.22 -66.65
C ASN J 73 56.77 71.42 -67.23
N ALA J 74 56.81 70.11 -67.00
CA ALA J 74 57.86 69.25 -67.52
C ALA J 74 57.89 69.29 -69.05
N ALA J 75 56.72 69.26 -69.69
CA ALA J 75 56.65 69.31 -71.14
C ALA J 75 57.24 70.63 -71.66
N TYR J 76 57.05 71.74 -70.95
CA TYR J 76 57.67 73.00 -71.32
C TYR J 76 59.20 72.87 -71.35
N VAL J 77 59.77 72.21 -70.35
CA VAL J 77 61.21 71.96 -70.37
C VAL J 77 61.61 71.02 -71.52
N LEU J 78 60.83 69.98 -71.80
CA LEU J 78 61.16 69.09 -72.92
C LEU J 78 61.27 69.88 -74.23
N ALA J 79 60.33 70.78 -74.48
CA ALA J 79 60.37 71.63 -75.66
C ALA J 79 61.64 72.50 -75.68
N GLU J 80 61.92 73.19 -74.57
CA GLU J 80 63.12 74.01 -74.41
C GLU J 80 64.40 73.21 -74.68
N ILE J 81 64.44 71.94 -74.31
CA ILE J 81 65.58 71.07 -74.62
C ILE J 81 65.59 70.74 -76.12
N ALA J 82 64.46 70.30 -76.64
CA ALA J 82 64.42 69.73 -77.97
C ALA J 82 64.62 70.76 -79.09
N ARG J 83 64.32 72.04 -78.84
CA ARG J 83 64.31 73.08 -79.87
C ARG J 83 65.64 73.23 -80.61
N ASP J 84 66.72 73.58 -79.94
CA ASP J 84 68.00 73.85 -80.60
C ASP J 84 68.61 72.55 -81.15
N ARG J 85 68.30 71.43 -80.51
CA ARG J 85 68.62 70.08 -80.98
C ARG J 85 67.82 69.69 -82.24
N GLY J 86 66.76 70.43 -82.57
CA GLY J 86 65.86 70.16 -83.69
C GLY J 86 65.12 68.82 -83.60
N ASN J 87 64.97 68.28 -82.39
CA ASN J 87 64.57 66.88 -82.22
C ASN J 87 63.05 66.71 -82.27
N GLU J 88 62.53 66.51 -83.49
CA GLU J 88 61.11 66.31 -83.72
C GLU J 88 60.56 65.09 -82.98
N GLU J 89 61.38 64.08 -82.73
CA GLU J 89 60.97 62.88 -81.99
C GLU J 89 60.60 63.23 -80.56
N LEU J 90 61.46 63.96 -79.86
CA LEU J 90 61.18 64.45 -78.51
C LEU J 90 60.01 65.43 -78.54
N LEU J 91 59.97 66.36 -79.51
CA LEU J 91 58.86 67.31 -79.59
C LEU J 91 57.53 66.57 -79.76
N GLU J 92 57.49 65.56 -80.62
CA GLU J 92 56.31 64.72 -80.80
C GLU J 92 56.01 63.89 -79.55
N TYR J 93 57.03 63.33 -78.90
CA TYR J 93 56.82 62.59 -77.66
C TYR J 93 56.20 63.49 -76.59
N ALA J 94 56.74 64.70 -76.41
CA ALA J 94 56.20 65.70 -75.51
C ALA J 94 54.77 66.09 -75.89
N ALA J 95 54.50 66.27 -77.17
CA ALA J 95 53.16 66.57 -77.64
C ALA J 95 52.20 65.42 -77.33
N ARG J 96 52.57 64.18 -77.62
CA ARG J 96 51.72 63.02 -77.36
C ARG J 96 51.50 62.81 -75.86
N LEU J 97 52.53 63.00 -75.05
CA LEU J 97 52.40 63.01 -73.60
C LEU J 97 51.40 64.09 -73.16
N ALA J 98 51.58 65.31 -73.64
CA ALA J 98 50.68 66.40 -73.31
C ALA J 98 49.24 66.09 -73.74
N GLU J 99 49.05 65.52 -74.93
CA GLU J 99 47.75 65.16 -75.46
C GLU J 99 47.07 64.09 -74.60
N GLU J 100 47.79 63.04 -74.26
CA GLU J 100 47.28 61.99 -73.38
C GLU J 100 46.92 62.55 -72.01
N ALA J 101 47.81 63.38 -71.45
CA ALA J 101 47.52 64.08 -70.22
C ALA J 101 46.24 64.92 -70.40
N ALA J 102 46.07 65.60 -71.54
CA ALA J 102 44.88 66.35 -71.81
C ALA J 102 43.64 65.46 -71.87
N ARG J 103 43.74 64.23 -72.39
CA ARG J 103 42.62 63.28 -72.29
C ARG J 103 42.24 63.04 -70.85
N GLN J 104 43.24 62.79 -70.01
CA GLN J 104 43.01 62.57 -68.59
C GLN J 104 42.50 63.85 -67.90
N ALA J 105 42.89 65.02 -68.41
CA ALA J 105 42.54 66.32 -67.82
C ALA J 105 41.05 66.69 -67.98
N ILE J 106 40.39 66.21 -69.03
CA ILE J 106 38.95 66.43 -69.20
C ILE J 106 38.20 65.95 -67.95
N GLU J 107 38.63 64.83 -67.36
CA GLU J 107 38.00 64.21 -66.20
C GLU J 107 37.74 65.21 -65.09
N ILE J 108 38.75 66.05 -64.82
CA ILE J 108 38.73 67.01 -63.73
C ILE J 108 37.65 68.06 -63.96
N TRP J 109 37.65 68.68 -65.15
CA TRP J 109 36.70 69.75 -65.46
C TRP J 109 35.28 69.19 -65.55
N ALA J 110 35.14 68.05 -66.20
CA ALA J 110 33.85 67.39 -66.41
C ALA J 110 33.23 66.94 -65.08
N GLN J 111 33.97 66.16 -64.28
CA GLN J 111 33.42 65.63 -63.04
C GLN J 111 33.08 66.77 -62.06
N ALA J 112 33.98 67.76 -61.94
CA ALA J 112 33.72 68.93 -61.10
C ALA J 112 32.47 69.69 -61.54
N MET J 113 32.29 69.88 -62.84
CA MET J 113 31.08 70.52 -63.36
C MET J 113 29.82 69.70 -63.05
N GLU J 114 29.86 68.37 -63.18
CA GLU J 114 28.71 67.52 -62.87
C GLU J 114 28.34 67.60 -61.38
N GLU J 115 29.33 67.47 -60.50
CA GLU J 115 29.15 67.58 -59.06
C GLU J 115 28.75 69.00 -58.60
N GLY J 116 29.01 70.03 -59.42
CA GLY J 116 29.00 71.42 -58.97
C GLY J 116 30.16 71.76 -58.02
N ASN J 117 31.22 70.94 -58.03
CA ASN J 117 32.42 71.05 -57.19
C ASN J 117 33.41 72.07 -57.80
N GLN J 118 32.91 73.26 -58.13
CA GLN J 118 33.56 74.19 -59.05
C GLN J 118 34.94 74.66 -58.58
N GLN J 119 35.24 74.53 -57.29
CA GLN J 119 36.54 74.83 -56.70
C GLN J 119 37.68 74.06 -57.38
N LEU J 120 37.40 72.88 -57.96
CA LEU J 120 38.35 72.17 -58.81
C LEU J 120 38.37 72.74 -60.23
N ARG J 121 37.20 73.04 -60.80
CA ARG J 121 37.03 73.42 -62.21
C ARG J 121 37.94 74.57 -62.61
N THR J 122 38.04 75.60 -61.77
CA THR J 122 38.87 76.78 -62.04
C THR J 122 40.34 76.39 -62.25
N LYS J 123 40.83 75.44 -61.44
CA LYS J 123 42.21 74.95 -61.51
C LYS J 123 42.40 74.10 -62.77
N ALA J 124 41.46 73.22 -63.07
CA ALA J 124 41.50 72.41 -64.28
C ALA J 124 41.55 73.28 -65.56
N ALA J 125 40.69 74.29 -65.64
CA ALA J 125 40.68 75.19 -66.78
C ALA J 125 42.03 75.88 -66.96
N HIS J 126 42.62 76.38 -65.86
CA HIS J 126 43.95 76.96 -65.92
C HIS J 126 44.95 75.92 -66.45
N ILE J 127 44.94 74.70 -65.90
CA ILE J 127 45.80 73.61 -66.36
C ILE J 127 45.63 73.36 -67.86
N ILE J 128 44.41 73.36 -68.36
CA ILE J 128 44.17 73.17 -69.78
C ILE J 128 44.84 74.31 -70.55
N LEU J 129 44.61 75.55 -70.14
CA LEU J 129 45.17 76.73 -70.80
C LEU J 129 46.71 76.67 -70.80
N ARG J 130 47.31 76.35 -69.67
CA ARG J 130 48.75 76.16 -69.60
C ARG J 130 49.17 75.05 -70.56
N ALA J 131 48.45 73.93 -70.62
CA ALA J 131 48.80 72.85 -71.54
C ALA J 131 48.80 73.34 -72.97
N ALA J 132 47.75 74.04 -73.37
CA ALA J 132 47.66 74.59 -74.72
C ALA J 132 48.81 75.56 -75.00
N GLU J 133 49.15 76.41 -74.04
CA GLU J 133 50.31 77.26 -74.21
C GLU J 133 51.59 76.44 -74.36
N VAL J 134 51.72 75.33 -73.64
CA VAL J 134 52.87 74.44 -73.80
C VAL J 134 52.84 73.74 -75.16
N LEU J 135 51.68 73.55 -75.78
CA LEU J 135 51.70 73.19 -77.19
C LEU J 135 52.31 74.33 -78.02
N LEU J 136 51.99 75.60 -77.73
CA LEU J 136 52.62 76.72 -78.42
C LEU J 136 54.14 76.65 -78.24
N GLU J 137 54.60 76.42 -77.01
CA GLU J 137 56.04 76.32 -76.76
C GLU J 137 56.71 75.12 -77.44
N ILE J 138 55.98 74.04 -77.74
CA ILE J 138 56.45 72.99 -78.65
C ILE J 138 56.47 73.52 -80.09
N ALA J 139 55.42 74.20 -80.51
CA ALA J 139 55.15 74.52 -81.90
C ALA J 139 55.86 75.77 -82.44
N ARG J 140 56.31 76.69 -81.58
CA ARG J 140 56.52 78.12 -81.92
C ARG J 140 57.32 78.32 -83.21
N ASP J 141 58.55 77.82 -83.27
CA ASP J 141 59.39 77.92 -84.48
C ASP J 141 59.04 76.87 -85.55
N ARG J 142 58.55 75.69 -85.12
CA ARG J 142 58.33 74.52 -85.98
C ARG J 142 57.26 74.73 -87.06
N GLY J 143 56.24 75.54 -86.80
CA GLY J 143 55.21 75.89 -87.80
C GLY J 143 54.26 74.74 -88.19
N ASN J 144 54.08 73.73 -87.34
CA ASN J 144 53.07 72.69 -87.52
C ASN J 144 51.69 73.25 -87.14
N GLN J 145 51.06 73.97 -88.06
CA GLN J 145 49.80 74.65 -87.80
C GLN J 145 48.68 73.66 -87.44
N GLU J 146 48.86 72.39 -87.80
CA GLU J 146 47.95 71.29 -87.50
C GLU J 146 47.87 71.05 -85.99
N LEU J 147 49.02 71.06 -85.31
CA LEU J 147 49.07 71.12 -83.86
C LEU J 147 48.48 72.44 -83.36
N LEU J 148 48.76 73.58 -84.01
CA LEU J 148 48.17 74.85 -83.56
C LEU J 148 46.65 74.84 -83.61
N GLU J 149 46.05 74.09 -84.53
CA GLU J 149 44.60 73.95 -84.57
C GLU J 149 44.06 73.29 -83.29
N LYS J 150 44.81 72.36 -82.69
CA LYS J 150 44.46 71.78 -81.39
C LYS J 150 44.40 72.86 -80.33
N ALA J 151 45.48 73.62 -80.22
CA ALA J 151 45.57 74.68 -79.22
C ALA J 151 44.49 75.75 -79.42
N ALA J 152 44.35 76.29 -80.62
CA ALA J 152 43.50 77.46 -80.86
C ALA J 152 42.05 77.15 -80.48
N SER J 153 41.55 76.04 -81.05
CA SER J 153 40.19 75.58 -80.81
C SER J 153 39.98 75.30 -79.32
N LEU J 154 40.92 74.61 -78.66
CA LEU J 154 40.81 74.36 -77.23
C LEU J 154 40.66 75.68 -76.48
N VAL J 155 41.49 76.67 -76.76
CA VAL J 155 41.55 77.88 -75.92
C VAL J 155 40.30 78.75 -76.07
N ASP J 156 39.86 79.05 -77.28
CA ASP J 156 38.64 79.84 -77.39
C ASP J 156 37.45 79.02 -76.84
N ALA J 157 37.47 77.69 -76.99
CA ALA J 157 36.42 76.84 -76.42
C ALA J 157 36.44 76.89 -74.90
N VAL J 158 37.60 76.83 -74.29
CA VAL J 158 37.71 77.03 -72.85
C VAL J 158 37.15 78.40 -72.49
N ALA J 159 37.48 79.46 -73.23
CA ALA J 159 37.00 80.80 -72.88
C ALA J 159 35.47 80.81 -72.83
N ALA J 160 34.83 80.19 -73.83
CA ALA J 160 33.40 79.99 -73.84
C ALA J 160 32.94 79.13 -72.64
N LEU J 161 33.53 77.96 -72.41
CA LEU J 161 33.10 77.08 -71.33
C LEU J 161 33.27 77.73 -69.95
N GLN J 162 34.31 78.53 -69.79
CA GLN J 162 34.52 79.28 -68.57
C GLN J 162 33.47 80.37 -68.42
N GLN J 163 33.21 81.16 -69.47
CA GLN J 163 32.16 82.16 -69.39
C GLN J 163 30.80 81.50 -69.11
N ALA J 164 30.52 80.35 -69.73
CA ALA J 164 29.32 79.58 -69.47
C ALA J 164 29.25 79.13 -68.01
N ALA J 165 30.34 78.59 -67.45
CA ALA J 165 30.35 78.18 -66.05
C ALA J 165 30.07 79.36 -65.10
N ALA J 166 30.65 80.53 -65.39
CA ALA J 166 30.33 81.73 -64.64
C ALA J 166 28.85 82.12 -64.80
N ALA J 167 28.33 82.11 -66.03
CA ALA J 167 26.94 82.41 -66.30
C ALA J 167 25.99 81.44 -65.57
N ILE J 168 26.39 80.17 -65.43
CA ILE J 168 25.62 79.15 -64.72
C ILE J 168 25.60 79.44 -63.22
N LEU J 169 26.72 79.85 -62.63
CA LEU J 169 26.71 80.33 -61.25
C LEU J 169 25.86 81.59 -61.08
N GLU J 170 25.86 82.48 -62.07
CA GLU J 170 25.02 83.68 -62.08
C GLU J 170 23.54 83.42 -62.37
N GLY J 171 23.20 82.27 -62.95
CA GLY J 171 21.84 81.91 -63.38
C GLY J 171 21.37 82.56 -64.70
N ASP J 172 22.23 83.27 -65.43
CA ASP J 172 21.86 83.92 -66.71
C ASP J 172 21.97 82.93 -67.88
N VAL J 173 20.87 82.24 -68.16
CA VAL J 173 20.78 81.27 -69.25
C VAL J 173 20.97 81.90 -70.64
N GLU J 174 20.66 83.19 -70.82
CA GLU J 174 20.88 83.87 -72.10
C GLU J 174 22.38 84.08 -72.33
N LYS J 175 23.09 84.58 -71.31
CA LYS J 175 24.57 84.63 -71.36
C LYS J 175 25.15 83.24 -71.60
N ALA J 176 24.64 82.21 -70.90
CA ALA J 176 25.13 80.85 -71.09
C ALA J 176 24.95 80.35 -72.53
N VAL J 177 23.81 80.62 -73.17
CA VAL J 177 23.58 80.25 -74.58
C VAL J 177 24.45 81.07 -75.53
N ARG J 178 24.67 82.36 -75.27
CA ARG J 178 25.58 83.18 -76.09
C ARG J 178 26.98 82.58 -76.15
N ALA J 179 27.46 82.02 -75.04
CA ALA J 179 28.68 81.23 -75.02
C ALA J 179 28.51 79.88 -75.73
N ALA J 180 27.43 79.13 -75.45
CA ALA J 180 27.24 77.79 -76.00
C ALA J 180 27.22 77.75 -77.53
N GLN J 181 26.68 78.79 -78.18
CA GLN J 181 26.69 78.91 -79.64
C GLN J 181 28.12 78.91 -80.21
N GLU J 182 29.09 79.52 -79.53
CA GLU J 182 30.49 79.43 -79.92
C GLU J 182 31.08 78.07 -79.54
N ALA J 183 30.77 77.55 -78.35
CA ALA J 183 31.37 76.32 -77.83
C ALA J 183 31.11 75.12 -78.76
N VAL J 184 29.86 74.95 -79.23
CA VAL J 184 29.53 73.86 -80.15
C VAL J 184 30.28 74.00 -81.48
N LYS J 185 30.42 75.24 -81.99
CA LYS J 185 31.14 75.51 -83.23
C LYS J 185 32.60 75.08 -83.10
N ALA J 186 33.28 75.54 -82.06
CA ALA J 186 34.66 75.16 -81.81
C ALA J 186 34.80 73.63 -81.65
N ALA J 187 33.92 73.01 -80.88
CA ALA J 187 33.96 71.57 -80.65
C ALA J 187 33.84 70.78 -81.96
N LYS J 188 32.86 71.14 -82.78
CA LYS J 188 32.58 70.46 -84.04
C LYS J 188 33.66 70.73 -85.09
N GLU J 189 34.25 71.92 -85.08
CA GLU J 189 35.43 72.22 -85.90
C GLU J 189 36.64 71.38 -85.48
N ALA J 190 36.87 71.22 -84.18
CA ALA J 190 38.04 70.54 -83.66
C ALA J 190 38.06 69.02 -83.91
N GLY J 191 36.89 68.39 -83.77
CA GLY J 191 36.87 66.99 -83.37
C GLY J 191 37.16 66.89 -81.88
N ASP J 192 36.29 67.51 -81.09
CA ASP J 192 36.40 67.72 -79.64
C ASP J 192 36.60 66.46 -78.80
N ASN J 193 36.33 65.28 -79.38
CA ASN J 193 36.47 63.99 -78.72
C ASN J 193 35.72 63.96 -77.37
N ASP J 194 36.23 63.27 -76.35
CA ASP J 194 35.57 63.14 -75.04
C ASP J 194 35.18 64.49 -74.41
N MET J 195 35.78 65.62 -74.79
CA MET J 195 35.44 66.91 -74.20
C MET J 195 33.98 67.30 -74.47
N LEU J 196 33.35 66.70 -75.48
CA LEU J 196 31.90 66.78 -75.64
C LEU J 196 31.17 66.44 -74.34
N ARG J 197 31.68 65.48 -73.56
CA ARG J 197 31.13 65.04 -72.28
C ARG J 197 30.99 66.21 -71.33
N ALA J 198 32.03 67.03 -71.25
CA ALA J 198 32.03 68.23 -70.43
C ALA J 198 30.96 69.21 -70.93
N VAL J 199 30.90 69.45 -72.25
CA VAL J 199 29.91 70.37 -72.81
C VAL J 199 28.49 69.89 -72.50
N ALA J 200 28.26 68.59 -72.65
CA ALA J 200 26.97 67.96 -72.39
C ALA J 200 26.61 68.05 -70.91
N ILE J 201 27.53 67.74 -70.01
CA ILE J 201 27.31 67.88 -68.57
C ILE J 201 26.97 69.34 -68.24
N ALA J 202 27.66 70.31 -68.84
CA ALA J 202 27.34 71.72 -68.64
C ALA J 202 25.93 72.05 -69.15
N ALA J 203 25.54 71.54 -70.31
CA ALA J 203 24.18 71.72 -70.79
C ALA J 203 23.14 71.11 -69.82
N LEU J 204 23.44 69.96 -69.21
CA LEU J 204 22.57 69.38 -68.18
C LEU J 204 22.48 70.30 -66.94
N ARG J 205 23.61 70.85 -66.46
CA ARG J 205 23.58 71.85 -65.39
C ARG J 205 22.72 73.06 -65.78
N ILE J 206 22.87 73.58 -67.02
CA ILE J 206 22.06 74.69 -67.54
C ILE J 206 20.58 74.32 -67.45
N ALA J 207 20.19 73.15 -67.94
CA ALA J 207 18.80 72.70 -67.92
C ALA J 207 18.24 72.64 -66.48
N LYS J 208 18.99 72.07 -65.53
CA LYS J 208 18.55 71.95 -64.13
C LYS J 208 18.22 73.32 -63.53
N GLU J 209 19.02 74.34 -63.80
CA GLU J 209 18.71 75.71 -63.37
C GLU J 209 17.57 76.33 -64.20
N ALA J 210 17.54 76.12 -65.52
CA ALA J 210 16.51 76.67 -66.38
C ALA J 210 15.11 76.19 -65.99
N GLU J 211 14.97 74.97 -65.46
CA GLU J 211 13.71 74.49 -64.90
C GLU J 211 13.26 75.32 -63.68
N LYS J 212 14.18 75.80 -62.84
CA LYS J 212 13.85 76.70 -61.74
C LYS J 212 13.46 78.09 -62.26
N GLN J 213 14.14 78.55 -63.30
CA GLN J 213 13.87 79.85 -63.95
C GLN J 213 12.60 79.85 -64.81
N GLY J 214 12.16 78.68 -65.28
CA GLY J 214 10.94 78.51 -66.08
C GLY J 214 11.07 78.83 -67.57
N ASN J 215 12.19 79.39 -68.05
CA ASN J 215 12.40 79.59 -69.48
C ASN J 215 12.83 78.30 -70.19
N VAL J 216 11.87 77.38 -70.32
CA VAL J 216 12.06 76.12 -71.04
C VAL J 216 12.44 76.32 -72.50
N GLU J 217 12.09 77.45 -73.13
CA GLU J 217 12.50 77.72 -74.51
C GLU J 217 14.03 77.84 -74.59
N VAL J 218 14.62 78.67 -73.75
CA VAL J 218 16.08 78.78 -73.68
C VAL J 218 16.69 77.46 -73.24
N ALA J 219 16.03 76.70 -72.35
CA ALA J 219 16.51 75.37 -71.98
C ALA J 219 16.64 74.47 -73.23
N VAL J 220 15.64 74.49 -74.12
CA VAL J 220 15.71 73.76 -75.40
C VAL J 220 16.80 74.32 -76.31
N LYS J 221 17.01 75.64 -76.35
CA LYS J 221 18.11 76.22 -77.15
C LYS J 221 19.46 75.64 -76.72
N ALA J 222 19.68 75.49 -75.41
CA ALA J 222 20.83 74.77 -74.89
C ALA J 222 20.77 73.27 -75.21
N ALA J 223 19.60 72.63 -75.07
CA ALA J 223 19.45 71.21 -75.33
C ALA J 223 19.82 70.83 -76.78
N ARG J 224 19.68 71.74 -77.76
CA ARG J 224 20.13 71.50 -79.14
C ARG J 224 21.62 71.17 -79.21
N VAL J 225 22.43 71.81 -78.36
CA VAL J 225 23.84 71.44 -78.19
C VAL J 225 23.96 70.13 -77.42
N ALA J 226 23.15 69.92 -76.37
CA ALA J 226 23.23 68.72 -75.54
C ALA J 226 23.09 67.43 -76.36
N VAL J 227 22.08 67.39 -77.25
CA VAL J 227 21.91 66.24 -78.16
C VAL J 227 23.01 66.16 -79.20
N GLU J 228 23.52 67.30 -79.72
CA GLU J 228 24.65 67.27 -80.65
C GLU J 228 25.82 66.53 -80.02
N ALA J 229 26.20 66.92 -78.81
CA ALA J 229 27.32 66.33 -78.11
C ALA J 229 27.07 64.84 -77.80
N ALA J 230 25.96 64.51 -77.15
CA ALA J 230 25.71 63.13 -76.74
C ALA J 230 25.69 62.18 -77.95
N LYS J 231 25.08 62.62 -79.06
CA LYS J 231 25.04 61.90 -80.35
C LYS J 231 26.41 61.77 -80.98
N GLN J 232 27.17 62.86 -81.07
CA GLN J 232 28.51 62.85 -81.65
C GLN J 232 29.45 61.92 -80.87
N ALA J 233 29.32 61.90 -79.55
CA ALA J 233 30.16 61.08 -78.67
C ALA J 233 29.71 59.62 -78.60
N GLY J 234 28.41 59.36 -78.61
CA GLY J 234 27.87 58.05 -78.25
C GLY J 234 28.03 57.73 -76.77
N ASP J 235 28.04 58.74 -75.90
CA ASP J 235 28.07 58.52 -74.45
C ASP J 235 26.71 57.98 -73.97
N ASN J 236 26.66 56.68 -73.70
CA ASN J 236 25.43 55.94 -73.46
C ASN J 236 24.63 56.49 -72.28
N ASP J 237 25.26 56.58 -71.11
CA ASP J 237 24.59 57.10 -69.92
C ASP J 237 24.28 58.59 -70.06
N VAL J 238 25.05 59.34 -70.86
CA VAL J 238 24.74 60.75 -71.11
C VAL J 238 23.48 60.87 -71.96
N LEU J 239 23.34 60.05 -73.01
CA LEU J 239 22.06 59.95 -73.72
C LEU J 239 20.93 59.60 -72.73
N ARG J 240 21.17 58.68 -71.78
CA ARG J 240 20.18 58.29 -70.76
C ARG J 240 19.78 59.45 -69.85
N LYS J 241 20.76 60.22 -69.38
CA LYS J 241 20.53 61.45 -68.59
C LYS J 241 19.80 62.51 -69.41
N VAL J 242 20.25 62.76 -70.64
CA VAL J 242 19.66 63.75 -71.54
C VAL J 242 18.19 63.47 -71.76
N ALA J 243 17.81 62.21 -72.03
CA ALA J 243 16.41 61.87 -72.24
C ALA J 243 15.56 62.12 -70.98
N GLU J 244 16.04 61.77 -69.78
CA GLU J 244 15.32 62.09 -68.55
C GLU J 244 15.15 63.61 -68.38
N GLN J 245 16.22 64.37 -68.59
CA GLN J 245 16.15 65.82 -68.47
C GLN J 245 15.21 66.43 -69.52
N ALA J 246 15.18 65.89 -70.74
CA ALA J 246 14.23 66.32 -71.77
C ALA J 246 12.79 66.03 -71.37
N LEU J 247 12.50 64.86 -70.79
CA LEU J 247 11.17 64.55 -70.26
C LEU J 247 10.78 65.52 -69.13
N ARG J 248 11.72 65.84 -68.24
CA ARG J 248 11.50 66.85 -67.19
C ARG J 248 11.17 68.22 -67.81
N ILE J 249 11.96 68.68 -68.78
CA ILE J 249 11.69 69.93 -69.52
C ILE J 249 10.29 69.88 -70.14
N ALA J 250 9.91 68.79 -70.79
CA ALA J 250 8.60 68.66 -71.41
C ALA J 250 7.48 68.78 -70.36
N LYS J 251 7.60 68.10 -69.22
CA LYS J 251 6.61 68.19 -68.13
C LYS J 251 6.45 69.62 -67.62
N GLU J 252 7.54 70.36 -67.48
CA GLU J 252 7.45 71.78 -67.14
C GLU J 252 6.80 72.60 -68.27
N ALA J 253 7.14 72.35 -69.52
CA ALA J 253 6.53 73.04 -70.65
C ALA J 253 5.01 72.76 -70.74
N GLU J 254 4.56 71.57 -70.39
CA GLU J 254 3.15 71.24 -70.25
C GLU J 254 2.49 72.03 -69.11
N LYS J 255 3.12 72.12 -67.93
CA LYS J 255 2.60 72.96 -66.83
C LYS J 255 2.48 74.42 -67.25
N GLN J 256 3.46 74.90 -68.01
CA GLN J 256 3.46 76.25 -68.62
C GLN J 256 2.51 76.37 -69.83
N GLY J 257 1.94 75.27 -70.31
CA GLY J 257 1.10 75.24 -71.50
C GLY J 257 1.83 75.54 -72.81
N ASN J 258 3.16 75.61 -72.81
CA ASN J 258 3.93 75.79 -74.03
C ASN J 258 4.16 74.45 -74.73
N VAL J 259 3.09 73.95 -75.35
CA VAL J 259 3.12 72.69 -76.10
C VAL J 259 4.11 72.72 -77.27
N GLU J 260 4.39 73.90 -77.85
CA GLU J 260 5.39 73.99 -78.93
C GLU J 260 6.78 73.64 -78.40
N VAL J 261 7.19 74.26 -77.30
CA VAL J 261 8.47 73.91 -76.67
C VAL J 261 8.44 72.46 -76.18
N ALA J 262 7.32 71.99 -75.64
CA ALA J 262 7.21 70.59 -75.25
C ALA J 262 7.48 69.66 -76.44
N VAL J 263 6.90 69.93 -77.61
CA VAL J 263 7.17 69.16 -78.84
C VAL J 263 8.63 69.27 -79.23
N LYS J 264 9.23 70.45 -79.19
CA LYS J 264 10.65 70.58 -79.51
C LYS J 264 11.51 69.75 -78.55
N ALA J 265 11.21 69.78 -77.26
CA ALA J 265 11.91 68.98 -76.26
C ALA J 265 11.74 67.48 -76.56
N ALA J 266 10.55 67.04 -76.92
CA ALA J 266 10.35 65.66 -77.35
C ALA J 266 11.12 65.36 -78.65
N ARG J 267 11.21 66.30 -79.58
CA ARG J 267 11.93 66.13 -80.85
C ARG J 267 13.41 65.91 -80.58
N VAL J 268 13.96 66.67 -79.64
CA VAL J 268 15.30 66.43 -79.09
C VAL J 268 15.35 65.07 -78.41
N ALA J 269 14.37 64.74 -77.56
CA ALA J 269 14.38 63.50 -76.82
C ALA J 269 14.47 62.29 -77.75
N VAL J 270 13.67 62.26 -78.80
CA VAL J 270 13.73 61.14 -79.77
C VAL J 270 15.01 61.20 -80.59
N GLU J 271 15.50 62.40 -80.96
CA GLU J 271 16.75 62.53 -81.69
C GLU J 271 17.88 61.83 -80.93
N ALA J 272 17.90 61.97 -79.60
CA ALA J 272 18.82 61.25 -78.74
C ALA J 272 18.45 59.76 -78.60
N ALA J 273 17.22 59.46 -78.17
CA ALA J 273 16.85 58.11 -77.76
C ALA J 273 16.96 57.09 -78.90
N LYS J 274 16.75 57.54 -80.14
CA LYS J 274 16.90 56.72 -81.34
C LYS J 274 18.34 56.19 -81.50
N GLN J 275 19.32 56.94 -81.02
CA GLN J 275 20.72 56.49 -81.00
C GLN J 275 20.96 55.51 -79.85
N ALA J 276 20.37 55.80 -78.69
CA ALA J 276 20.61 55.03 -77.47
C ALA J 276 20.05 53.61 -77.55
N GLY J 277 18.83 53.46 -78.05
CA GLY J 277 18.11 52.18 -78.02
C GLY J 277 17.70 51.70 -76.62
N ASP J 278 17.69 52.59 -75.61
CA ASP J 278 17.16 52.27 -74.29
C ASP J 278 15.63 52.08 -74.36
N ASN J 279 15.18 50.84 -74.23
CA ASN J 279 13.79 50.47 -74.52
C ASN J 279 12.79 51.22 -73.65
N ASP J 280 13.00 51.24 -72.33
CA ASP J 280 12.09 51.97 -71.43
C ASP J 280 12.14 53.48 -71.66
N VAL J 281 13.29 54.02 -72.07
CA VAL J 281 13.37 55.44 -72.43
C VAL J 281 12.53 55.71 -73.67
N LEU J 282 12.65 54.88 -74.71
CA LEU J 282 11.81 55.01 -75.90
C LEU J 282 10.31 54.90 -75.54
N ARG J 283 9.95 53.96 -74.67
CA ARG J 283 8.56 53.79 -74.19
C ARG J 283 8.07 55.06 -73.47
N LYS J 284 8.86 55.61 -72.56
CA LYS J 284 8.53 56.85 -71.83
C LYS J 284 8.40 58.03 -72.80
N VAL J 285 9.32 58.16 -73.76
CA VAL J 285 9.25 59.22 -74.79
C VAL J 285 7.98 59.09 -75.63
N ALA J 286 7.60 57.89 -76.06
CA ALA J 286 6.36 57.69 -76.82
C ALA J 286 5.12 58.04 -75.97
N ASP J 287 5.06 57.58 -74.72
CA ASP J 287 3.97 57.92 -73.80
C ASP J 287 3.86 59.44 -73.61
N GLN J 288 4.97 60.12 -73.33
CA GLN J 288 4.94 61.57 -73.20
C GLN J 288 4.53 62.25 -74.52
N ALA J 289 4.97 61.75 -75.67
CA ALA J 289 4.63 62.32 -76.96
C ALA J 289 3.12 62.24 -77.26
N LEU J 290 2.46 61.16 -76.85
CA LEU J 290 0.99 61.09 -76.83
C LEU J 290 0.41 62.12 -75.86
N GLU J 291 0.91 62.23 -74.63
CA GLU J 291 0.42 63.22 -73.66
C GLU J 291 0.56 64.65 -74.19
N ILE J 292 1.66 64.95 -74.89
CA ILE J 292 1.88 66.25 -75.53
C ILE J 292 0.90 66.43 -76.69
N ALA J 293 0.63 65.39 -77.49
CA ALA J 293 -0.41 65.48 -78.50
C ALA J 293 -1.78 65.76 -77.86
N LYS J 294 -2.07 65.16 -76.71
CA LYS J 294 -3.30 65.40 -75.94
C LYS J 294 -3.36 66.84 -75.42
N ALA J 295 -2.26 67.35 -74.88
CA ALA J 295 -2.19 68.76 -74.52
C ALA J 295 -2.45 69.64 -75.76
N ALA J 296 -1.89 69.30 -76.91
CA ALA J 296 -2.11 70.06 -78.14
C ALA J 296 -3.56 69.99 -78.63
N LEU J 297 -4.23 68.84 -78.50
CA LEU J 297 -5.68 68.75 -78.68
C LEU J 297 -6.42 69.68 -77.70
N GLU J 298 -6.05 69.66 -76.42
CA GLU J 298 -6.69 70.49 -75.39
C GLU J 298 -6.49 72.00 -75.66
N GLN J 299 -5.38 72.39 -76.28
CA GLN J 299 -5.15 73.74 -76.77
C GLN J 299 -5.82 74.02 -78.13
N GLY J 300 -6.21 73.00 -78.88
CA GLY J 300 -6.67 73.11 -80.26
C GLY J 300 -5.55 73.36 -81.29
N ASP J 301 -4.29 73.13 -80.91
CA ASP J 301 -3.12 73.33 -81.77
C ASP J 301 -2.84 72.08 -82.64
N ILE J 302 -3.60 71.93 -83.71
CA ILE J 302 -3.60 70.71 -84.54
C ILE J 302 -2.22 70.42 -85.16
N ASP J 303 -1.50 71.44 -85.64
CA ASP J 303 -0.14 71.24 -86.17
C ASP J 303 0.83 70.75 -85.09
N VAL J 304 0.63 71.18 -83.85
CA VAL J 304 1.44 70.71 -82.72
C VAL J 304 1.04 69.29 -82.35
N ALA J 305 -0.26 68.96 -82.33
CA ALA J 305 -0.71 67.59 -82.08
C ALA J 305 -0.15 66.63 -83.15
N GLN J 306 -0.19 67.04 -84.42
CA GLN J 306 0.44 66.36 -85.56
C GLN J 306 1.90 66.07 -85.24
N LYS J 307 2.68 67.12 -84.98
CA LYS J 307 4.12 66.96 -84.71
C LYS J 307 4.39 66.11 -83.48
N ALA J 308 3.58 66.27 -82.42
CA ALA J 308 3.70 65.50 -81.20
C ALA J 308 3.52 64.01 -81.48
N MET J 309 2.46 63.66 -82.19
CA MET J 309 2.23 62.27 -82.50
C MET J 309 3.19 61.76 -83.58
N ASP J 310 3.69 62.61 -84.49
CA ASP J 310 4.78 62.24 -85.39
C ASP J 310 6.02 61.82 -84.61
N VAL J 311 6.33 62.53 -83.51
CA VAL J 311 7.39 62.12 -82.59
C VAL J 311 7.01 60.83 -81.88
N ALA J 312 5.77 60.68 -81.41
CA ALA J 312 5.36 59.43 -80.77
C ALA J 312 5.59 58.24 -81.70
N VAL J 313 5.18 58.36 -82.97
CA VAL J 313 5.38 57.34 -84.00
C VAL J 313 6.86 57.15 -84.28
N GLU J 314 7.60 58.22 -84.54
CA GLU J 314 9.03 58.15 -84.81
C GLU J 314 9.76 57.41 -83.68
N ALA J 315 9.34 57.60 -82.43
CA ALA J 315 9.88 56.86 -81.29
C ALA J 315 9.39 55.40 -81.28
N LEU J 316 8.08 55.19 -81.28
CA LEU J 316 7.48 53.88 -81.09
C LEU J 316 7.90 52.91 -82.21
N THR J 317 8.07 53.42 -83.43
CA THR J 317 8.58 52.65 -84.57
C THR J 317 9.96 52.06 -84.38
N GLN J 318 10.71 52.46 -83.35
CA GLN J 318 12.00 51.85 -83.03
C GLN J 318 11.88 50.59 -82.15
N ALA J 319 10.70 50.30 -81.58
CA ALA J 319 10.50 49.18 -80.65
C ALA J 319 10.80 47.80 -81.27
N PRO K 4 -92.66 56.66 -33.40
CA PRO K 4 -93.00 56.45 -31.97
C PRO K 4 -92.66 57.65 -31.07
N ARG K 5 -91.39 57.84 -30.69
CA ARG K 5 -90.94 58.84 -29.71
C ARG K 5 -91.48 60.23 -30.01
N LEU K 6 -91.30 60.66 -31.25
CA LEU K 6 -91.76 61.95 -31.74
C LEU K 6 -93.26 62.12 -31.48
N VAL K 7 -94.07 61.13 -31.79
CA VAL K 7 -95.54 61.27 -31.67
C VAL K 7 -95.92 61.56 -30.23
N LEU K 8 -95.28 60.90 -29.26
CA LEU K 8 -95.53 61.24 -27.87
C LEU K 8 -95.18 62.71 -27.62
N ARG K 9 -93.97 63.15 -28.00
CA ARG K 9 -93.56 64.53 -27.78
C ARG K 9 -94.52 65.51 -28.43
N ALA K 10 -94.94 65.22 -29.65
CA ALA K 10 -95.86 66.06 -30.39
C ALA K 10 -97.20 66.13 -29.67
N LEU K 11 -97.79 65.00 -29.30
CA LEU K 11 -99.08 64.99 -28.64
C LEU K 11 -98.99 65.74 -27.31
N GLU K 12 -97.94 65.51 -26.53
CA GLU K 12 -97.72 66.25 -25.30
C GLU K 12 -97.71 67.75 -25.59
N ASN K 13 -96.95 68.17 -26.58
CA ASN K 13 -96.88 69.56 -26.94
C ASN K 13 -98.24 70.07 -27.43
N MET K 14 -99.05 69.27 -28.12
CA MET K 14 -100.40 69.66 -28.48
C MET K 14 -101.25 69.88 -27.23
N VAL K 15 -101.13 69.03 -26.22
CA VAL K 15 -101.82 69.24 -24.94
C VAL K 15 -101.34 70.53 -24.30
N ARG K 16 -100.02 70.76 -24.25
CA ARG K 16 -99.45 72.00 -23.69
C ARG K 16 -100.01 73.20 -24.42
N ALA K 17 -100.12 73.13 -25.74
CA ALA K 17 -100.71 74.19 -26.54
C ALA K 17 -102.16 74.43 -26.14
N ALA K 18 -102.95 73.37 -25.96
CA ALA K 18 -104.32 73.51 -25.50
C ALA K 18 -104.36 74.19 -24.13
N HIS K 19 -103.47 73.83 -23.22
CA HIS K 19 -103.31 74.49 -21.93
C HIS K 19 -103.09 76.00 -22.12
N THR K 20 -102.17 76.40 -23.00
CA THR K 20 -101.95 77.84 -23.24
C THR K 20 -103.20 78.53 -23.75
N LEU K 21 -103.95 77.87 -24.66
CA LEU K 21 -105.16 78.47 -25.21
C LEU K 21 -106.22 78.61 -24.10
N ALA K 22 -106.34 77.62 -23.23
CA ALA K 22 -107.21 77.68 -22.08
C ALA K 22 -106.79 78.81 -21.13
N GLU K 23 -105.49 79.00 -20.88
CA GLU K 23 -105.01 80.10 -20.05
C GLU K 23 -105.44 81.45 -20.62
N ILE K 24 -105.24 81.66 -21.92
CA ILE K 24 -105.65 82.91 -22.59
C ILE K 24 -107.17 83.07 -22.48
N ALA K 25 -107.90 82.01 -22.81
CA ALA K 25 -109.35 82.03 -22.80
C ALA K 25 -109.92 82.35 -21.41
N ARG K 26 -109.30 81.86 -20.33
CA ARG K 26 -109.79 82.12 -18.96
C ARG K 26 -109.60 83.55 -18.51
N ASP K 27 -108.75 84.32 -19.17
CA ASP K 27 -108.81 85.78 -19.04
C ASP K 27 -109.95 86.37 -19.88
N ASN K 28 -109.97 86.06 -21.18
CA ASN K 28 -110.75 86.85 -22.14
C ASN K 28 -112.25 86.45 -22.27
N GLY K 29 -112.60 85.21 -21.93
CA GLY K 29 -113.99 84.72 -21.88
C GLY K 29 -114.59 84.11 -23.15
N ASN K 30 -113.84 83.96 -24.25
CA ASN K 30 -114.38 83.34 -25.46
C ASN K 30 -114.55 81.82 -25.33
N GLU K 31 -115.79 81.34 -25.41
CA GLU K 31 -116.06 79.91 -25.38
C GLU K 31 -115.47 79.15 -26.57
N GLU K 32 -115.39 79.74 -27.77
CA GLU K 32 -114.94 78.97 -28.94
C GLU K 32 -113.50 78.48 -28.76
N TRP K 33 -112.64 79.29 -28.14
CA TRP K 33 -111.28 78.87 -27.83
C TRP K 33 -111.28 77.65 -26.90
N LEU K 34 -112.14 77.66 -25.88
CA LEU K 34 -112.29 76.49 -25.01
C LEU K 34 -112.80 75.30 -25.83
N GLU K 35 -113.81 75.50 -26.66
CA GLU K 35 -114.44 74.42 -27.43
C GLU K 35 -113.42 73.78 -28.38
N ARG K 36 -112.66 74.61 -29.10
CA ARG K 36 -111.57 74.13 -29.96
C ARG K 36 -110.56 73.32 -29.15
N ALA K 37 -110.12 73.86 -28.01
CA ALA K 37 -109.19 73.15 -27.16
C ALA K 37 -109.76 71.79 -26.74
N ALA K 38 -111.01 71.75 -26.31
CA ALA K 38 -111.66 70.51 -25.88
C ALA K 38 -111.74 69.51 -27.04
N ARG K 39 -112.13 69.96 -28.24
CA ARG K 39 -112.17 69.09 -29.41
C ARG K 39 -110.79 68.53 -29.73
N LEU K 40 -109.74 69.37 -29.67
CA LEU K 40 -108.37 68.90 -29.82
C LEU K 40 -108.03 67.87 -28.75
N ALA K 41 -108.38 68.14 -27.49
CA ALA K 41 -108.06 67.25 -26.40
C ALA K 41 -108.77 65.90 -26.57
N GLU K 42 -110.02 65.87 -26.99
CA GLU K 42 -110.72 64.62 -27.24
C GLU K 42 -110.01 63.80 -28.32
N GLU K 43 -109.64 64.45 -29.42
CA GLU K 43 -108.92 63.80 -30.50
C GLU K 43 -107.59 63.24 -30.01
N VAL K 44 -106.85 64.01 -29.22
CA VAL K 44 -105.64 63.51 -28.56
C VAL K 44 -105.98 62.32 -27.66
N ALA K 45 -107.02 62.40 -26.84
CA ALA K 45 -107.34 61.35 -25.89
C ALA K 45 -107.63 60.03 -26.61
N ARG K 46 -108.43 60.09 -27.68
CA ARG K 46 -108.72 58.92 -28.51
C ARG K 46 -107.44 58.35 -29.12
N ARG K 47 -106.62 59.20 -29.75
CA ARG K 47 -105.31 58.79 -30.32
C ARG K 47 -104.42 58.18 -29.25
N ALA K 48 -104.39 58.77 -28.07
CA ALA K 48 -103.52 58.35 -26.97
C ALA K 48 -103.99 57.04 -26.36
N GLU K 49 -105.30 56.79 -26.27
CA GLU K 49 -105.79 55.50 -25.82
C GLU K 49 -105.31 54.39 -26.76
N ARG K 50 -105.48 54.58 -28.07
CA ARG K 50 -104.89 53.70 -29.08
C ARG K 50 -103.41 53.54 -28.82
N LEU K 51 -102.68 54.65 -28.69
CA LEU K 51 -101.24 54.60 -28.48
C LEU K 51 -100.89 53.76 -27.26
N ALA K 52 -101.59 53.94 -26.14
CA ALA K 52 -101.36 53.16 -24.93
C ALA K 52 -101.59 51.67 -25.19
N ARG K 53 -102.70 51.32 -25.85
CA ARG K 53 -103.00 49.93 -26.22
C ARG K 53 -101.88 49.35 -27.09
N GLU K 54 -101.44 50.08 -28.11
CA GLU K 54 -100.34 49.64 -28.97
C GLU K 54 -99.04 49.49 -28.19
N ALA K 55 -98.66 50.46 -27.38
CA ALA K 55 -97.41 50.41 -26.61
C ALA K 55 -97.39 49.21 -25.64
N ARG K 56 -98.54 48.89 -25.05
CA ARG K 56 -98.71 47.70 -24.22
C ARG K 56 -98.59 46.42 -25.04
N LYS K 57 -99.18 46.35 -26.25
CA LYS K 57 -98.98 45.22 -27.16
C LYS K 57 -97.53 45.07 -27.63
N GLU K 58 -96.82 46.19 -27.83
CA GLU K 58 -95.38 46.22 -28.08
C GLU K 58 -94.55 45.89 -26.82
N GLY K 59 -95.18 45.80 -25.64
CA GLY K 59 -94.50 45.54 -24.37
C GLY K 59 -93.63 46.70 -23.88
N ASN K 60 -93.70 47.87 -24.49
CA ASN K 60 -92.96 49.03 -24.00
C ASN K 60 -93.79 49.83 -22.99
N LEU K 61 -93.70 49.36 -21.75
CA LEU K 61 -94.38 50.00 -20.62
C LEU K 61 -93.94 51.46 -20.44
N GLU K 62 -92.71 51.83 -20.78
CA GLU K 62 -92.28 53.23 -20.60
C GLU K 62 -93.04 54.15 -21.55
N LEU K 63 -93.08 53.79 -22.83
CA LEU K 63 -93.85 54.55 -23.82
C LEU K 63 -95.32 54.58 -23.40
N ALA K 64 -95.85 53.43 -22.95
CA ALA K 64 -97.22 53.37 -22.48
C ALA K 64 -97.45 54.34 -21.32
N LEU K 65 -96.63 54.32 -20.26
CA LEU K 65 -96.87 55.21 -19.14
C LEU K 65 -96.64 56.67 -19.53
N LYS K 66 -95.75 56.98 -20.47
CA LYS K 66 -95.66 58.34 -20.98
C LYS K 66 -96.98 58.73 -21.64
N ALA K 67 -97.55 57.87 -22.46
CA ALA K 67 -98.86 58.11 -23.05
C ALA K 67 -99.91 58.31 -21.96
N LEU K 68 -99.87 57.52 -20.90
CA LEU K 68 -100.77 57.74 -19.77
C LEU K 68 -100.54 59.13 -19.17
N GLN K 69 -99.30 59.58 -19.01
CA GLN K 69 -99.06 60.93 -18.50
C GLN K 69 -99.62 61.99 -19.44
N ILE K 70 -99.56 61.76 -20.75
CA ILE K 70 -100.21 62.63 -21.72
C ILE K 70 -101.70 62.62 -21.46
N LEU K 71 -102.30 61.44 -21.30
CA LEU K 71 -103.72 61.34 -20.99
C LEU K 71 -104.04 62.08 -19.68
N VAL K 72 -103.21 61.99 -18.67
CA VAL K 72 -103.44 62.68 -17.40
C VAL K 72 -103.32 64.20 -17.61
N ASN K 73 -102.34 64.66 -18.37
CA ASN K 73 -102.28 66.07 -18.71
C ASN K 73 -103.57 66.49 -19.44
N ALA K 74 -104.01 65.70 -20.42
CA ALA K 74 -105.21 66.01 -21.18
C ALA K 74 -106.42 66.06 -20.24
N ALA K 75 -106.55 65.09 -19.35
CA ALA K 75 -107.61 65.07 -18.36
C ALA K 75 -107.53 66.31 -17.47
N TYR K 76 -106.32 66.75 -17.10
CA TYR K 76 -106.16 67.95 -16.30
C TYR K 76 -106.67 69.17 -17.06
N VAL K 77 -106.28 69.31 -18.34
CA VAL K 77 -106.77 70.42 -19.17
C VAL K 77 -108.28 70.35 -19.29
N LEU K 78 -108.83 69.18 -19.58
CA LEU K 78 -110.27 69.01 -19.73
C LEU K 78 -110.98 69.41 -18.44
N ALA K 79 -110.49 68.96 -17.29
CA ALA K 79 -111.05 69.30 -15.99
C ALA K 79 -110.94 70.81 -15.70
N GLU K 80 -109.78 71.41 -15.97
CA GLU K 80 -109.56 72.84 -15.80
C GLU K 80 -110.55 73.64 -16.64
N ILE K 81 -110.80 73.21 -17.88
CA ILE K 81 -111.82 73.81 -18.72
C ILE K 81 -113.19 73.57 -18.08
N ALA K 82 -113.53 72.32 -17.83
CA ALA K 82 -114.87 71.91 -17.40
C ALA K 82 -115.32 72.60 -16.11
N ARG K 83 -114.47 72.65 -15.08
CA ARG K 83 -114.82 73.22 -13.77
C ARG K 83 -115.02 74.74 -13.80
N ASP K 84 -114.45 75.41 -14.80
CA ASP K 84 -114.71 76.82 -15.07
C ASP K 84 -115.85 77.03 -16.07
N ARG K 85 -116.05 76.09 -17.02
CA ARG K 85 -117.17 76.08 -17.97
C ARG K 85 -118.51 75.84 -17.27
N GLY K 86 -118.53 75.04 -16.20
CA GLY K 86 -119.69 74.80 -15.35
C GLY K 86 -120.67 73.73 -15.83
N ASN K 87 -120.23 72.75 -16.63
CA ASN K 87 -121.08 71.66 -17.15
C ASN K 87 -120.78 70.29 -16.51
N GLU K 88 -121.81 69.59 -16.06
CA GLU K 88 -121.66 68.30 -15.38
C GLU K 88 -121.20 67.16 -16.29
N GLU K 89 -121.67 67.08 -17.54
CA GLU K 89 -121.25 66.00 -18.43
C GLU K 89 -119.76 66.08 -18.75
N GLU K 90 -119.23 67.27 -18.97
CA GLU K 90 -117.79 67.48 -19.13
C GLU K 90 -117.02 66.96 -17.90
N LEU K 91 -117.50 67.27 -16.69
CA LEU K 91 -116.87 66.80 -15.45
C LEU K 91 -116.93 65.28 -15.33
N GLU K 92 -118.05 64.67 -15.72
CA GLU K 92 -118.18 63.21 -15.79
C GLU K 92 -117.16 62.62 -16.77
N TYR K 93 -117.03 63.19 -17.97
CA TYR K 93 -116.08 62.70 -18.96
C TYR K 93 -114.65 62.81 -18.44
N ALA K 94 -114.27 63.95 -17.88
CA ALA K 94 -112.95 64.13 -17.29
C ALA K 94 -112.69 63.11 -16.17
N ALA K 95 -113.67 62.90 -15.28
CA ALA K 95 -113.53 61.93 -14.21
C ALA K 95 -113.29 60.54 -14.78
N ARG K 96 -114.13 60.11 -15.72
CA ARG K 96 -114.01 58.80 -16.36
C ARG K 96 -112.63 58.66 -16.99
N LEU K 97 -112.19 59.65 -17.75
CA LEU K 97 -110.87 59.62 -18.39
C LEU K 97 -109.78 59.40 -17.35
N ALA K 98 -109.75 60.22 -16.30
CA ALA K 98 -108.74 60.11 -15.27
C ALA K 98 -108.80 58.75 -14.56
N GLU K 99 -109.99 58.30 -14.18
CA GLU K 99 -110.13 57.03 -13.47
C GLU K 99 -109.67 55.86 -14.35
N GLU K 100 -110.08 55.82 -15.60
CA GLU K 100 -109.67 54.77 -16.53
C GLU K 100 -108.16 54.83 -16.79
N ALA K 101 -107.59 56.03 -16.94
CA ALA K 101 -106.16 56.16 -17.09
C ALA K 101 -105.46 55.61 -15.84
N ALA K 102 -105.96 55.96 -14.66
CA ALA K 102 -105.39 55.49 -13.42
C ALA K 102 -105.45 53.96 -13.36
N ARG K 103 -106.57 53.36 -13.77
CA ARG K 103 -106.69 51.90 -13.87
C ARG K 103 -105.58 51.35 -14.74
N GLN K 104 -105.42 51.89 -15.95
CA GLN K 104 -104.36 51.43 -16.83
C GLN K 104 -102.99 51.62 -16.19
N ALA K 105 -102.76 52.73 -15.49
CA ALA K 105 -101.50 52.98 -14.81
C ALA K 105 -101.24 51.95 -13.71
N ILE K 106 -102.26 51.56 -12.95
CA ILE K 106 -102.11 50.52 -11.95
C ILE K 106 -101.84 49.19 -12.66
N GLU K 107 -102.54 48.87 -13.74
CA GLU K 107 -102.30 47.64 -14.50
C GLU K 107 -100.86 47.56 -15.00
N ILE K 108 -100.33 48.67 -15.51
CA ILE K 108 -98.90 48.79 -15.82
C ILE K 108 -98.09 48.49 -14.55
N ALA K 109 -98.38 49.18 -13.44
CA ALA K 109 -97.60 49.05 -12.21
C ALA K 109 -97.57 47.61 -11.70
N ALA K 110 -98.69 46.89 -11.81
CA ALA K 110 -98.78 45.49 -11.45
C ALA K 110 -97.78 44.66 -12.25
N GLN K 111 -97.79 44.80 -13.59
CA GLN K 111 -96.82 44.11 -14.42
C GLN K 111 -95.39 44.54 -14.07
N ALA K 112 -95.16 45.84 -13.87
CA ALA K 112 -93.82 46.35 -13.57
C ALA K 112 -93.26 45.76 -12.28
N MET K 113 -94.06 45.69 -11.22
CA MET K 113 -93.63 45.10 -9.96
C MET K 113 -93.45 43.58 -10.10
N GLU K 114 -94.32 42.91 -10.87
CA GLU K 114 -94.17 41.48 -11.14
C GLU K 114 -92.83 41.23 -11.85
N GLU K 115 -92.48 42.02 -12.86
CA GLU K 115 -91.19 41.95 -13.53
C GLU K 115 -90.02 42.47 -12.67
N GLY K 116 -90.32 43.26 -11.64
CA GLY K 116 -89.32 43.85 -10.74
C GLY K 116 -88.63 45.10 -11.28
N ASN K 117 -89.15 45.73 -12.35
CA ASN K 117 -88.64 46.99 -12.86
C ASN K 117 -89.20 48.17 -12.04
N LEU K 118 -88.57 48.41 -10.89
CA LEU K 118 -89.03 49.44 -9.97
C LEU K 118 -88.95 50.82 -10.61
N GLU K 119 -88.01 51.04 -11.53
CA GLU K 119 -87.87 52.29 -12.26
C GLU K 119 -89.18 52.66 -12.98
N LEU K 120 -89.79 51.69 -13.68
CA LEU K 120 -91.12 51.89 -14.24
C LEU K 120 -92.14 52.09 -13.13
N ALA K 121 -92.15 51.22 -12.12
CA ALA K 121 -93.20 51.22 -11.10
C ALA K 121 -93.28 52.58 -10.38
N LEU K 122 -92.13 53.18 -10.08
CA LEU K 122 -92.05 54.51 -9.50
C LEU K 122 -92.79 55.50 -10.40
N LYS K 123 -92.46 55.54 -11.69
CA LYS K 123 -93.12 56.46 -12.62
C LYS K 123 -94.62 56.20 -12.62
N ALA K 124 -95.03 54.95 -12.67
CA ALA K 124 -96.46 54.61 -12.63
C ALA K 124 -97.12 55.16 -11.36
N LEU K 125 -96.48 55.03 -10.19
CA LEU K 125 -97.01 55.66 -8.98
C LEU K 125 -97.10 57.17 -9.14
N GLN K 126 -96.10 57.83 -9.72
CA GLN K 126 -96.20 59.27 -9.94
C GLN K 126 -97.40 59.61 -10.82
N ILE K 127 -97.62 58.84 -11.88
CA ILE K 127 -98.82 59.01 -12.72
C ILE K 127 -100.06 58.86 -11.84
N ILE K 128 -100.13 57.81 -11.02
CA ILE K 128 -101.30 57.56 -10.18
C ILE K 128 -101.52 58.74 -9.23
N VAL K 129 -100.46 59.26 -8.64
CA VAL K 129 -100.53 60.41 -7.75
C VAL K 129 -101.09 61.61 -8.50
N ASN K 130 -100.58 61.87 -9.70
CA ASN K 130 -101.09 62.96 -10.52
C ASN K 130 -102.58 62.76 -10.80
N ALA K 131 -102.99 61.54 -11.14
CA ALA K 131 -104.39 61.25 -11.41
C ALA K 131 -105.26 61.51 -10.17
N ALA K 132 -104.80 61.11 -8.99
CA ALA K 132 -105.53 61.38 -7.77
C ALA K 132 -105.75 62.88 -7.59
N TYR K 133 -104.71 63.69 -7.83
CA TYR K 133 -104.85 65.13 -7.79
C TYR K 133 -105.92 65.63 -8.77
N VAL K 134 -105.87 65.18 -10.02
CA VAL K 134 -106.86 65.60 -11.01
C VAL K 134 -108.28 65.20 -10.55
N LEU K 135 -108.44 63.97 -10.08
CA LEU K 135 -109.73 63.51 -9.62
C LEU K 135 -110.23 64.37 -8.47
N ALA K 136 -109.35 64.76 -7.55
CA ALA K 136 -109.75 65.60 -6.43
C ALA K 136 -110.23 66.98 -6.89
N GLU K 137 -109.52 67.61 -7.82
CA GLU K 137 -109.93 68.91 -8.38
C GLU K 137 -111.36 68.81 -8.93
N ILE K 138 -111.63 67.75 -9.69
CA ILE K 138 -112.98 67.50 -10.23
C ILE K 138 -113.96 67.33 -9.08
N ALA K 139 -113.66 66.42 -8.16
CA ALA K 139 -114.57 66.01 -7.09
C ALA K 139 -115.01 67.18 -6.22
N ARG K 140 -114.07 68.05 -5.83
CA ARG K 140 -114.36 69.23 -5.01
C ARG K 140 -115.35 70.14 -5.71
N ASP K 141 -115.06 70.51 -6.95
CA ASP K 141 -115.88 71.48 -7.67
C ASP K 141 -117.22 70.91 -8.12
N ARG K 142 -117.28 69.59 -8.36
CA ARG K 142 -118.55 68.86 -8.55
C ARG K 142 -119.38 68.75 -7.27
N GLY K 143 -118.72 68.77 -6.10
CA GLY K 143 -119.36 68.62 -4.79
C GLY K 143 -119.59 67.16 -4.36
N ASN K 144 -118.69 66.23 -4.73
CA ASN K 144 -118.81 64.80 -4.40
C ASN K 144 -117.79 64.35 -3.35
N GLU K 145 -118.25 63.74 -2.25
CA GLU K 145 -117.36 63.31 -1.16
C GLU K 145 -116.75 61.93 -1.43
N GLU K 146 -117.47 61.08 -2.15
CA GLU K 146 -117.08 59.70 -2.40
C GLU K 146 -115.84 59.63 -3.30
N LEU K 147 -115.80 60.46 -4.33
CA LEU K 147 -114.63 60.58 -5.18
C LEU K 147 -113.47 61.26 -4.42
N LEU K 148 -113.73 62.15 -3.46
CA LEU K 148 -112.67 62.63 -2.58
C LEU K 148 -112.14 61.49 -1.70
N GLU K 149 -113.02 60.66 -1.15
CA GLU K 149 -112.60 59.50 -0.38
C GLU K 149 -111.76 58.55 -1.23
N LYS K 150 -112.13 58.32 -2.50
CA LYS K 150 -111.28 57.61 -3.44
C LYS K 150 -109.93 58.30 -3.56
N ALA K 151 -109.90 59.57 -3.94
CA ALA K 151 -108.64 60.26 -4.22
C ALA K 151 -107.68 60.21 -3.01
N ALA K 152 -108.19 60.48 -1.81
CA ALA K 152 -107.40 60.41 -0.60
C ALA K 152 -106.90 58.98 -0.34
N SER K 153 -107.80 58.01 -0.30
CA SER K 153 -107.41 56.63 0.03
C SER K 153 -106.46 56.05 -1.01
N LEU K 154 -106.69 56.37 -2.29
CA LEU K 154 -105.80 55.94 -3.36
C LEU K 154 -104.43 56.60 -3.19
N ALA K 155 -104.37 57.90 -2.94
CA ALA K 155 -103.10 58.59 -2.75
C ALA K 155 -102.36 58.05 -1.51
N GLU K 156 -103.10 57.76 -0.44
CA GLU K 156 -102.54 57.14 0.75
C GLU K 156 -101.94 55.79 0.38
N ALA K 157 -102.68 54.97 -0.37
CA ALA K 157 -102.21 53.67 -0.79
C ALA K 157 -100.99 53.80 -1.70
N ALA K 158 -101.00 54.72 -2.64
CA ALA K 158 -99.84 54.98 -3.47
C ALA K 158 -98.64 55.33 -2.61
N ALA K 159 -98.80 56.19 -1.61
CA ALA K 159 -97.70 56.56 -0.72
C ALA K 159 -97.21 55.34 0.05
N ALA K 160 -98.13 54.52 0.57
CA ALA K 160 -97.75 53.30 1.22
C ALA K 160 -96.99 52.37 0.25
N LEU K 161 -97.46 52.21 -0.98
CA LEU K 161 -96.79 51.37 -1.96
C LEU K 161 -95.39 51.90 -2.27
N ALA K 162 -95.25 53.22 -2.40
CA ALA K 162 -93.94 53.82 -2.58
C ALA K 162 -93.04 53.47 -1.39
N GLU K 163 -93.54 53.63 -0.17
CA GLU K 163 -92.77 53.26 1.01
C GLU K 163 -92.42 51.77 0.98
N ALA K 164 -93.35 50.91 0.58
CA ALA K 164 -93.09 49.49 0.47
C ALA K 164 -92.00 49.22 -0.56
N ILE K 165 -92.00 49.91 -1.70
CA ILE K 165 -90.93 49.79 -2.67
C ILE K 165 -89.60 50.23 -2.06
N ALA K 166 -89.60 51.34 -1.32
CA ALA K 166 -88.40 51.80 -0.64
C ALA K 166 -87.91 50.75 0.36
N ALA K 167 -88.81 50.13 1.12
CA ALA K 167 -88.45 49.08 2.05
C ALA K 167 -87.93 47.83 1.33
N ILE K 168 -88.49 47.47 0.18
CA ILE K 168 -87.99 46.37 -0.68
C ILE K 168 -86.55 46.69 -1.13
N LEU K 169 -86.27 47.94 -1.49
CA LEU K 169 -84.93 48.38 -1.84
C LEU K 169 -83.98 48.34 -0.63
N GLU K 170 -84.42 48.81 0.54
CA GLU K 170 -83.58 48.89 1.75
C GLU K 170 -83.31 47.53 2.41
N GLY K 171 -84.26 46.60 2.35
CA GLY K 171 -84.16 45.27 2.96
C GLY K 171 -84.73 45.14 4.39
N ASP K 172 -85.27 46.21 4.98
CA ASP K 172 -86.01 46.11 6.24
C ASP K 172 -87.42 45.55 5.99
N VAL K 173 -87.51 44.21 5.92
CA VAL K 173 -88.77 43.53 5.64
C VAL K 173 -89.79 43.72 6.76
N GLU K 174 -89.38 43.96 8.00
CA GLU K 174 -90.31 44.30 9.08
C GLU K 174 -90.98 45.65 8.78
N LYS K 175 -90.19 46.66 8.42
CA LYS K 175 -90.74 47.95 7.97
C LYS K 175 -91.62 47.76 6.73
N ALA K 176 -91.21 46.90 5.79
CA ALA K 176 -92.01 46.60 4.60
C ALA K 176 -93.39 46.05 4.98
N VAL K 177 -93.44 45.10 5.91
CA VAL K 177 -94.71 44.57 6.41
C VAL K 177 -95.52 45.66 7.08
N ARG K 178 -94.91 46.55 7.87
CA ARG K 178 -95.65 47.67 8.48
C ARG K 178 -96.30 48.55 7.42
N ALA K 179 -95.55 48.92 6.38
CA ALA K 179 -96.12 49.62 5.25
C ALA K 179 -97.24 48.82 4.59
N ALA K 180 -97.01 47.54 4.32
CA ALA K 180 -98.01 46.69 3.67
C ALA K 180 -99.29 46.59 4.49
N GLN K 181 -99.19 46.54 5.82
CA GLN K 181 -100.36 46.49 6.69
C GLN K 181 -101.20 47.74 6.51
N GLU K 182 -100.58 48.92 6.49
CA GLU K 182 -101.31 50.15 6.18
C GLU K 182 -101.89 50.09 4.76
N ALA K 183 -101.14 49.54 3.81
CA ALA K 183 -101.58 49.48 2.43
C ALA K 183 -102.83 48.62 2.29
N VAL K 184 -102.86 47.42 2.88
CA VAL K 184 -104.08 46.62 2.85
C VAL K 184 -105.20 47.33 3.60
N LYS K 185 -104.92 48.04 4.70
CA LYS K 185 -105.92 48.86 5.40
C LYS K 185 -106.57 49.84 4.44
N ALA K 186 -105.76 50.60 3.71
CA ALA K 186 -106.29 51.54 2.73
C ALA K 186 -107.07 50.81 1.64
N ALA K 187 -106.49 49.76 1.05
CA ALA K 187 -107.10 49.07 -0.08
C ALA K 187 -108.44 48.43 0.30
N LYS K 188 -108.52 47.84 1.50
CA LYS K 188 -109.72 47.23 2.06
C LYS K 188 -110.81 48.26 2.35
N GLU K 189 -110.42 49.47 2.77
CA GLU K 189 -111.34 50.60 2.92
C GLU K 189 -111.83 51.12 1.55
N ALA K 190 -110.94 51.20 0.57
CA ALA K 190 -111.25 51.71 -0.76
C ALA K 190 -112.10 50.74 -1.61
N GLY K 191 -111.83 49.44 -1.51
CA GLY K 191 -112.45 48.39 -2.33
C GLY K 191 -111.90 48.29 -3.77
N ASP K 192 -110.79 48.97 -4.09
CA ASP K 192 -110.19 48.94 -5.42
C ASP K 192 -109.44 47.61 -5.70
N ASN K 193 -109.97 46.83 -6.64
CA ASN K 193 -109.44 45.50 -6.97
C ASN K 193 -107.99 45.54 -7.46
N ASP K 194 -107.67 46.53 -8.28
CA ASP K 194 -106.32 46.67 -8.82
C ASP K 194 -105.36 47.14 -7.72
N MET K 195 -105.82 47.98 -6.79
CA MET K 195 -105.00 48.34 -5.65
C MET K 195 -104.69 47.10 -4.80
N LEU K 196 -105.70 46.26 -4.56
CA LEU K 196 -105.47 44.98 -3.88
C LEU K 196 -104.48 44.11 -4.66
N ARG K 197 -104.60 44.06 -5.99
CA ARG K 197 -103.66 43.32 -6.83
C ARG K 197 -102.24 43.85 -6.65
N ALA K 198 -102.08 45.17 -6.68
CA ALA K 198 -100.79 45.82 -6.51
C ALA K 198 -100.19 45.47 -5.15
N VAL K 199 -100.98 45.57 -4.08
CA VAL K 199 -100.55 45.18 -2.74
C VAL K 199 -100.09 43.72 -2.74
N ALA K 200 -100.85 42.82 -3.35
CA ALA K 200 -100.47 41.41 -3.38
C ALA K 200 -99.12 41.22 -4.10
N ILE K 201 -98.95 41.84 -5.26
CA ILE K 201 -97.72 41.69 -6.01
C ILE K 201 -96.54 42.25 -5.21
N ALA K 202 -96.75 43.37 -4.51
CA ALA K 202 -95.74 43.92 -3.63
C ALA K 202 -95.41 42.92 -2.50
N ALA K 203 -96.41 42.33 -1.87
CA ALA K 203 -96.18 41.31 -0.86
C ALA K 203 -95.38 40.14 -1.42
N LEU K 204 -95.67 39.70 -2.65
CA LEU K 204 -94.90 38.64 -3.29
C LEU K 204 -93.44 39.06 -3.47
N ARG K 205 -93.19 40.28 -3.94
CA ARG K 205 -91.82 40.80 -4.05
C ARG K 205 -91.14 40.83 -2.68
N ILE K 206 -91.82 41.31 -1.64
CA ILE K 206 -91.30 41.31 -0.27
C ILE K 206 -90.91 39.90 0.11
N ALA K 207 -91.80 38.93 -0.10
CA ALA K 207 -91.55 37.55 0.23
C ALA K 207 -90.31 37.01 -0.50
N LYS K 208 -90.17 37.27 -1.80
CA LYS K 208 -89.00 36.83 -2.58
C LYS K 208 -87.69 37.35 -1.96
N GLU K 209 -87.66 38.61 -1.56
CA GLU K 209 -86.48 39.14 -0.86
C GLU K 209 -86.30 38.50 0.52
N ALA K 210 -87.37 38.32 1.28
CA ALA K 210 -87.30 37.66 2.58
C ALA K 210 -86.78 36.22 2.46
N GLU K 211 -87.14 35.50 1.40
CA GLU K 211 -86.61 34.18 1.10
C GLU K 211 -85.12 34.21 0.76
N LYS K 212 -84.65 35.18 -0.04
CA LYS K 212 -83.21 35.35 -0.30
C LYS K 212 -82.43 35.60 0.99
N GLN K 213 -83.01 36.37 1.90
CA GLN K 213 -82.47 36.60 3.25
C GLN K 213 -82.62 35.39 4.19
N GLY K 214 -83.42 34.39 3.84
CA GLY K 214 -83.78 33.28 4.73
C GLY K 214 -84.71 33.67 5.89
N ASN K 215 -85.32 34.86 5.85
CA ASN K 215 -86.22 35.35 6.90
C ASN K 215 -87.63 34.76 6.72
N VAL K 216 -87.76 33.48 7.01
CA VAL K 216 -89.05 32.77 6.87
C VAL K 216 -90.13 33.39 7.75
N GLU K 217 -89.80 33.88 8.94
CA GLU K 217 -90.81 34.48 9.82
C GLU K 217 -91.46 35.70 9.17
N VAL K 218 -90.67 36.68 8.76
CA VAL K 218 -91.25 37.87 8.15
C VAL K 218 -91.85 37.55 6.79
N ALA K 219 -91.30 36.56 6.06
CA ALA K 219 -91.97 36.09 4.85
C ALA K 219 -93.38 35.61 5.14
N VAL K 220 -93.59 34.81 6.20
CA VAL K 220 -94.95 34.38 6.59
C VAL K 220 -95.80 35.57 7.00
N LYS K 221 -95.26 36.56 7.71
CA LYS K 221 -96.03 37.77 8.05
C LYS K 221 -96.50 38.47 6.77
N ALA K 222 -95.64 38.59 5.77
CA ALA K 222 -96.03 39.12 4.47
C ALA K 222 -97.11 38.26 3.80
N ALA K 223 -96.96 36.94 3.81
CA ALA K 223 -97.99 36.05 3.27
C ALA K 223 -99.34 36.24 3.98
N ARG K 224 -99.35 36.47 5.30
CA ARG K 224 -100.58 36.73 6.05
C ARG K 224 -101.29 37.98 5.54
N VAL K 225 -100.55 39.04 5.24
CA VAL K 225 -101.10 40.22 4.56
C VAL K 225 -101.57 39.84 3.16
N ALA K 226 -100.80 39.05 2.41
CA ALA K 226 -101.15 38.71 1.04
C ALA K 226 -102.51 38.02 0.97
N VAL K 227 -102.76 37.03 1.82
CA VAL K 227 -104.09 36.41 1.86
C VAL K 227 -105.13 37.39 2.35
N GLU K 228 -104.81 38.29 3.30
CA GLU K 228 -105.78 39.28 3.77
C GLU K 228 -106.31 40.11 2.58
N ALA K 229 -105.41 40.58 1.73
CA ALA K 229 -105.77 41.33 0.55
C ALA K 229 -106.50 40.44 -0.47
N ALA K 230 -105.91 39.29 -0.82
CA ALA K 230 -106.42 38.44 -1.88
C ALA K 230 -107.83 37.95 -1.57
N LYS K 231 -108.13 37.71 -0.30
CA LYS K 231 -109.46 37.28 0.17
C LYS K 231 -110.53 38.34 -0.09
N GLN K 232 -110.17 39.61 -0.19
CA GLN K 232 -111.11 40.63 -0.65
C GLN K 232 -111.27 40.58 -2.18
N ALA K 233 -110.16 40.43 -2.90
CA ALA K 233 -110.10 40.62 -4.35
C ALA K 233 -110.71 39.47 -5.18
N GLY K 234 -110.39 38.21 -4.84
CA GLY K 234 -110.84 37.06 -5.65
C GLY K 234 -110.13 36.88 -7.00
N ASP K 235 -108.96 37.49 -7.21
CA ASP K 235 -108.10 37.21 -8.37
C ASP K 235 -107.55 35.78 -8.28
N ASN K 236 -108.12 34.87 -9.08
CA ASN K 236 -107.85 33.44 -8.95
C ASN K 236 -106.37 33.09 -9.18
N ASP K 237 -105.77 33.67 -10.22
CA ASP K 237 -104.37 33.40 -10.53
C ASP K 237 -103.42 34.02 -9.50
N VAL K 238 -103.78 35.17 -8.93
CA VAL K 238 -103.03 35.76 -7.81
C VAL K 238 -103.11 34.85 -6.59
N LEU K 239 -104.30 34.35 -6.25
CA LEU K 239 -104.42 33.37 -5.18
C LEU K 239 -103.54 32.15 -5.45
N ARG K 240 -103.49 31.64 -6.69
CA ARG K 240 -102.62 30.51 -7.03
C ARG K 240 -101.15 30.85 -6.82
N LYS K 241 -100.69 31.99 -7.32
CA LYS K 241 -99.32 32.47 -7.07
C LYS K 241 -99.03 32.57 -5.58
N VAL K 242 -99.94 33.14 -4.81
CA VAL K 242 -99.80 33.26 -3.36
C VAL K 242 -99.65 31.89 -2.71
N ALA K 243 -100.52 30.94 -3.03
CA ALA K 243 -100.41 29.59 -2.48
C ALA K 243 -99.07 28.93 -2.83
N GLU K 244 -98.64 29.01 -4.11
CA GLU K 244 -97.33 28.48 -4.50
C GLU K 244 -96.21 29.10 -3.69
N GLN K 245 -96.23 30.42 -3.51
CA GLN K 245 -95.22 31.08 -2.72
C GLN K 245 -95.31 30.66 -1.24
N ALA K 246 -96.51 30.50 -0.70
CA ALA K 246 -96.68 30.04 0.67
C ALA K 246 -96.06 28.65 0.87
N LEU K 247 -96.22 27.75 -0.10
CA LEU K 247 -95.54 26.46 -0.07
C LEU K 247 -94.03 26.61 -0.20
N ARG K 248 -93.52 27.50 -1.08
CA ARG K 248 -92.07 27.75 -1.17
C ARG K 248 -91.51 28.22 0.17
N ILE K 249 -92.21 29.15 0.84
CA ILE K 249 -91.85 29.61 2.18
C ILE K 249 -91.91 28.44 3.18
N ALA K 250 -92.97 27.63 3.13
CA ALA K 250 -93.09 26.48 4.03
C ALA K 250 -91.93 25.50 3.85
N LYS K 251 -91.48 25.26 2.61
CA LYS K 251 -90.31 24.41 2.34
C LYS K 251 -89.05 24.95 2.98
N GLU K 252 -88.83 26.26 2.93
CA GLU K 252 -87.72 26.85 3.69
C GLU K 252 -87.91 26.65 5.20
N ALA K 253 -89.12 26.84 5.74
CA ALA K 253 -89.40 26.61 7.15
C ALA K 253 -89.15 25.16 7.58
N GLU K 254 -89.45 24.19 6.72
CA GLU K 254 -89.06 22.79 6.92
C GLU K 254 -87.54 22.61 6.91
N LYS K 255 -86.82 23.22 5.96
CA LYS K 255 -85.35 23.13 5.90
C LYS K 255 -84.72 23.71 7.17
N GLN K 256 -85.27 24.80 7.68
CA GLN K 256 -84.89 25.42 8.95
C GLN K 256 -85.36 24.60 10.18
N GLY K 257 -86.26 23.64 10.00
CA GLY K 257 -86.87 22.88 11.09
C GLY K 257 -87.86 23.69 11.94
N ASN K 258 -88.23 24.92 11.54
CA ASN K 258 -89.24 25.70 12.25
C ASN K 258 -90.64 25.28 11.81
N VAL K 259 -91.07 24.14 12.35
CA VAL K 259 -92.37 23.56 12.04
C VAL K 259 -93.54 24.45 12.46
N GLU K 260 -93.38 25.33 13.46
CA GLU K 260 -94.43 26.29 13.80
C GLU K 260 -94.63 27.30 12.67
N VAL K 261 -93.55 27.88 12.16
CA VAL K 261 -93.63 28.77 10.98
C VAL K 261 -94.14 27.99 9.78
N ALA K 262 -93.70 26.76 9.57
CA ALA K 262 -94.21 25.95 8.45
C ALA K 262 -95.72 25.73 8.57
N VAL K 263 -96.24 25.39 9.76
CA VAL K 263 -97.68 25.21 9.98
C VAL K 263 -98.44 26.51 9.81
N LYS K 264 -97.88 27.65 10.22
CA LYS K 264 -98.48 28.96 9.91
C LYS K 264 -98.51 29.19 8.39
N ALA K 265 -97.44 28.88 7.67
CA ALA K 265 -97.39 29.00 6.21
C ALA K 265 -98.45 28.11 5.55
N ALA K 266 -98.62 26.89 6.04
CA ALA K 266 -99.72 26.03 5.62
C ALA K 266 -101.08 26.65 5.99
N ARG K 267 -101.24 27.24 7.18
CA ARG K 267 -102.48 27.87 7.62
C ARG K 267 -102.91 28.99 6.68
N VAL K 268 -101.95 29.76 6.19
CA VAL K 268 -102.19 30.72 5.10
C VAL K 268 -102.54 29.97 3.81
N ALA K 269 -101.75 28.97 3.42
CA ALA K 269 -101.94 28.30 2.14
C ALA K 269 -103.34 27.70 2.01
N VAL K 270 -103.84 27.03 3.05
CA VAL K 270 -105.19 26.45 3.04
C VAL K 270 -106.26 27.55 2.99
N GLU K 271 -106.06 28.68 3.65
CA GLU K 271 -107.01 29.80 3.57
C GLU K 271 -107.14 30.27 2.12
N ALA K 272 -106.01 30.54 1.47
CA ALA K 272 -105.97 30.99 0.08
C ALA K 272 -106.54 29.91 -0.85
N ALA K 273 -106.14 28.66 -0.66
CA ALA K 273 -106.66 27.55 -1.45
C ALA K 273 -108.18 27.41 -1.29
N LYS K 274 -108.72 27.62 -0.09
CA LYS K 274 -110.17 27.53 0.15
C LYS K 274 -110.92 28.63 -0.59
N GLN K 275 -110.38 29.83 -0.67
CA GLN K 275 -110.96 30.88 -1.51
C GLN K 275 -110.87 30.50 -3.01
N ALA K 276 -109.76 29.91 -3.44
CA ALA K 276 -109.54 29.55 -4.84
C ALA K 276 -110.40 28.37 -5.32
N GLY K 277 -110.56 27.33 -4.50
CA GLY K 277 -111.20 26.07 -4.87
C GLY K 277 -110.41 25.22 -5.87
N ASP K 278 -109.15 25.54 -6.14
CA ASP K 278 -108.30 24.79 -7.09
C ASP K 278 -107.86 23.44 -6.51
N ASN K 279 -108.34 22.35 -7.13
CA ASN K 279 -108.10 20.99 -6.63
C ASN K 279 -106.62 20.62 -6.65
N ASP K 280 -105.86 21.02 -7.67
CA ASP K 280 -104.45 20.69 -7.75
C ASP K 280 -103.67 21.43 -6.67
N VAL K 281 -103.99 22.70 -6.44
CA VAL K 281 -103.43 23.44 -5.31
C VAL K 281 -103.79 22.74 -4.01
N LEU K 282 -105.05 22.43 -3.77
CA LEU K 282 -105.49 21.80 -2.51
C LEU K 282 -104.75 20.47 -2.28
N ARG K 283 -104.62 19.63 -3.30
CA ARG K 283 -103.87 18.37 -3.19
C ARG K 283 -102.38 18.60 -2.94
N LYS K 284 -101.74 19.53 -3.65
CA LYS K 284 -100.33 19.89 -3.41
C LYS K 284 -100.13 20.43 -2.00
N VAL K 285 -101.05 21.26 -1.51
CA VAL K 285 -101.02 21.82 -0.15
C VAL K 285 -101.10 20.70 0.86
N ALA K 286 -102.11 19.83 0.77
CA ALA K 286 -102.23 18.70 1.70
C ALA K 286 -101.01 17.78 1.64
N GLU K 287 -100.49 17.50 0.44
CA GLU K 287 -99.28 16.70 0.25
C GLU K 287 -98.10 17.28 1.02
N GLN K 288 -97.84 18.59 0.87
CA GLN K 288 -96.79 19.24 1.64
C GLN K 288 -97.12 19.25 3.14
N ALA K 289 -98.40 19.41 3.52
CA ALA K 289 -98.81 19.46 4.91
C ALA K 289 -98.48 18.16 5.66
N LEU K 290 -98.56 17.01 4.99
CA LEU K 290 -98.10 15.76 5.59
C LEU K 290 -96.57 15.72 5.77
N GLU K 291 -95.79 16.33 4.87
CA GLU K 291 -94.35 16.45 5.09
C GLU K 291 -94.07 17.32 6.33
N ILE K 292 -94.81 18.41 6.49
CA ILE K 292 -94.75 19.26 7.68
C ILE K 292 -95.13 18.44 8.92
N ALA K 293 -96.21 17.66 8.85
CA ALA K 293 -96.64 16.81 9.96
C ALA K 293 -95.55 15.79 10.32
N LYS K 294 -94.91 15.17 9.33
CA LYS K 294 -93.80 14.22 9.53
C LYS K 294 -92.66 14.90 10.28
N LYS K 295 -92.28 16.10 9.85
CA LYS K 295 -91.26 16.90 10.54
C LYS K 295 -91.69 17.23 11.97
N ALA K 296 -92.95 17.61 12.19
CA ALA K 296 -93.46 17.94 13.53
C ALA K 296 -93.44 16.73 14.47
N ALA K 297 -93.77 15.55 13.98
CA ALA K 297 -93.64 14.30 14.72
C ALA K 297 -92.16 13.98 15.03
N GLU K 298 -91.25 14.16 14.07
CA GLU K 298 -89.81 13.97 14.29
C GLU K 298 -89.24 14.93 15.34
N GLN K 299 -89.75 16.16 15.40
CA GLN K 299 -89.44 17.12 16.46
C GLN K 299 -90.17 16.82 17.79
N GLY K 300 -91.16 15.93 17.80
CA GLY K 300 -91.99 15.65 18.97
C GLY K 300 -92.91 16.79 19.38
N ASP K 301 -93.21 17.73 18.47
CA ASP K 301 -94.07 18.89 18.77
C ASP K 301 -95.55 18.52 18.66
N VAL K 302 -96.14 18.14 19.81
CA VAL K 302 -97.51 17.63 19.91
C VAL K 302 -98.54 18.63 19.35
N GLY K 303 -98.55 19.86 19.86
CA GLY K 303 -99.54 20.87 19.43
C GLY K 303 -99.39 21.24 17.96
N VAL K 304 -98.15 21.32 17.47
CA VAL K 304 -97.88 21.59 16.05
C VAL K 304 -98.38 20.42 15.20
N MET K 305 -98.17 19.17 15.62
CA MET K 305 -98.72 18.00 14.96
C MET K 305 -100.26 18.02 14.98
N GLN K 306 -100.90 18.37 16.09
CA GLN K 306 -102.37 18.50 16.17
C GLN K 306 -102.89 19.54 15.18
N LYS K 307 -102.19 20.67 15.05
CA LYS K 307 -102.51 21.68 14.03
C LYS K 307 -102.25 21.15 12.62
N ALA K 308 -101.16 20.42 12.39
CA ALA K 308 -100.83 19.89 11.07
C ALA K 308 -101.89 18.88 10.61
N MET K 309 -102.36 18.03 11.51
CA MET K 309 -103.54 17.21 11.33
C MET K 309 -104.74 18.08 10.93
N ASP K 310 -105.10 19.05 11.76
CA ASP K 310 -106.28 19.87 11.55
C ASP K 310 -106.26 20.57 10.18
N VAL K 311 -105.14 21.18 9.83
CA VAL K 311 -104.94 21.84 8.54
C VAL K 311 -105.02 20.84 7.40
N ALA K 312 -104.26 19.76 7.45
CA ALA K 312 -104.23 18.81 6.35
C ALA K 312 -105.63 18.21 6.10
N LEU K 313 -106.34 17.86 7.18
CA LEU K 313 -107.71 17.35 7.08
C LEU K 313 -108.67 18.41 6.54
N ARG K 314 -108.60 19.66 6.98
CA ARG K 314 -109.45 20.72 6.41
C ARG K 314 -109.15 20.97 4.94
N ALA K 315 -107.87 20.90 4.54
CA ALA K 315 -107.46 21.04 3.15
C ALA K 315 -108.04 19.89 2.29
N ALA K 316 -107.87 18.66 2.74
CA ALA K 316 -108.47 17.51 2.09
C ALA K 316 -110.02 17.59 2.08
N GLY K 317 -110.62 18.19 3.10
CA GLY K 317 -112.05 18.43 3.24
C GLY K 317 -112.65 19.38 2.19
N GLN K 318 -111.85 19.90 1.26
CA GLN K 318 -112.30 20.70 0.11
C GLN K 318 -111.90 20.11 -1.26
N ALA K 319 -111.24 18.94 -1.30
CA ALA K 319 -110.78 18.27 -2.53
C ALA K 319 -110.90 16.74 -2.46
N PRO L 4 -91.64 -65.18 13.25
CA PRO L 4 -91.59 -64.87 14.70
C PRO L 4 -92.52 -63.74 15.13
N ARG L 5 -92.20 -62.48 14.78
CA ARG L 5 -92.87 -61.26 15.29
C ARG L 5 -94.39 -61.34 15.26
N LEU L 6 -94.93 -61.71 14.10
CA LEU L 6 -96.37 -61.82 13.87
C LEU L 6 -97.04 -62.74 14.89
N VAL L 7 -96.42 -63.85 15.27
CA VAL L 7 -97.09 -64.87 16.09
C VAL L 7 -97.51 -64.27 17.42
N LEU L 8 -96.62 -63.52 18.05
CA LEU L 8 -96.96 -62.81 19.27
C LEU L 8 -98.15 -61.88 19.04
N ARG L 9 -98.10 -61.08 17.97
CA ARG L 9 -99.19 -60.15 17.69
C ARG L 9 -100.51 -60.88 17.52
N ALA L 10 -100.50 -62.00 16.82
CA ALA L 10 -101.69 -62.79 16.61
C ALA L 10 -102.24 -63.30 17.94
N LEU L 11 -101.40 -63.92 18.76
CA LEU L 11 -101.84 -64.45 20.04
C LEU L 11 -102.37 -63.31 20.92
N GLU L 12 -101.67 -62.19 20.96
CA GLU L 12 -102.11 -61.04 21.75
C GLU L 12 -103.49 -60.58 21.27
N ASN L 13 -103.68 -60.46 19.97
CA ASN L 13 -104.97 -60.08 19.43
C ASN L 13 -106.02 -61.14 19.77
N MET L 14 -105.67 -62.43 19.78
CA MET L 14 -106.61 -63.47 20.22
C MET L 14 -107.03 -63.27 21.66
N VAL L 15 -106.10 -62.91 22.55
CA VAL L 15 -106.47 -62.59 23.94
C VAL L 15 -107.37 -61.36 23.97
N ARG L 16 -107.03 -60.29 23.24
CA ARG L 16 -107.87 -59.09 23.20
C ARG L 16 -109.28 -59.44 22.71
N ALA L 17 -109.38 -60.32 21.72
CA ALA L 17 -110.66 -60.83 21.26
C ALA L 17 -111.40 -61.56 22.40
N ALA L 18 -110.71 -62.44 23.12
CA ALA L 18 -111.33 -63.12 24.26
C ALA L 18 -111.83 -62.11 25.30
N HIS L 19 -111.08 -61.03 25.53
CA HIS L 19 -111.49 -59.98 26.46
C HIS L 19 -112.80 -59.33 26.03
N THR L 20 -112.93 -58.97 24.75
CA THR L 20 -114.23 -58.48 24.24
C THR L 20 -115.33 -59.53 24.46
N LEU L 21 -115.06 -60.81 24.17
CA LEU L 21 -116.09 -61.83 24.27
C LEU L 21 -116.54 -61.99 25.72
N ALA L 22 -115.61 -61.98 26.66
CA ALA L 22 -115.91 -62.02 28.08
C ALA L 22 -116.70 -60.80 28.53
N GLU L 23 -116.37 -59.60 28.05
CA GLU L 23 -117.15 -58.40 28.35
C GLU L 23 -118.59 -58.56 27.87
N ILE L 24 -118.76 -58.92 26.59
CA ILE L 24 -120.07 -59.10 25.97
C ILE L 24 -120.87 -60.17 26.73
N ALA L 25 -120.21 -61.29 27.05
CA ALA L 25 -120.85 -62.38 27.77
C ALA L 25 -121.32 -61.94 29.16
N ARG L 26 -120.51 -61.20 29.91
CA ARG L 26 -120.89 -60.76 31.26
C ARG L 26 -121.96 -59.69 31.26
N ASP L 27 -122.00 -58.86 30.22
CA ASP L 27 -123.12 -57.95 30.01
C ASP L 27 -124.42 -58.70 29.69
N ASN L 28 -124.38 -59.68 28.79
CA ASN L 28 -125.57 -60.35 28.27
C ASN L 28 -126.08 -61.49 29.18
N GLY L 29 -125.18 -62.18 29.87
CA GLY L 29 -125.45 -63.34 30.73
C GLY L 29 -125.26 -64.73 30.09
N ASN L 30 -124.79 -64.84 28.84
CA ASN L 30 -124.56 -66.15 28.21
C ASN L 30 -123.32 -66.87 28.77
N GLU L 31 -123.50 -68.13 29.13
CA GLU L 31 -122.46 -68.95 29.75
C GLU L 31 -121.50 -69.54 28.71
N GLU L 32 -122.03 -70.06 27.61
CA GLU L 32 -121.24 -70.78 26.60
C GLU L 32 -120.16 -69.90 25.99
N TRP L 33 -120.44 -68.60 25.81
CA TRP L 33 -119.44 -67.66 25.33
C TRP L 33 -118.23 -67.60 26.27
N LEU L 34 -118.44 -67.72 27.59
CA LEU L 34 -117.33 -67.82 28.53
C LEU L 34 -116.55 -69.10 28.30
N GLU L 35 -117.23 -70.23 28.14
CA GLU L 35 -116.57 -71.52 27.91
C GLU L 35 -115.73 -71.46 26.62
N ARG L 36 -116.28 -70.91 25.54
CA ARG L 36 -115.58 -70.72 24.28
C ARG L 36 -114.34 -69.87 24.50
N ALA L 37 -114.47 -68.75 25.21
CA ALA L 37 -113.33 -67.90 25.50
C ALA L 37 -112.25 -68.67 26.27
N ALA L 38 -112.64 -69.42 27.30
CA ALA L 38 -111.69 -70.20 28.08
C ALA L 38 -110.98 -71.24 27.21
N ARG L 39 -111.71 -71.93 26.34
CA ARG L 39 -111.10 -72.87 25.39
C ARG L 39 -110.09 -72.17 24.48
N LEU L 40 -110.39 -70.97 23.99
CA LEU L 40 -109.40 -70.18 23.26
C LEU L 40 -108.19 -69.84 24.15
N ALA L 41 -108.42 -69.42 25.38
CA ALA L 41 -107.34 -69.03 26.28
C ALA L 41 -106.40 -70.21 26.57
N GLU L 42 -106.93 -71.41 26.76
CA GLU L 42 -106.10 -72.59 26.98
C GLU L 42 -105.15 -72.82 25.80
N GLU L 43 -105.65 -72.73 24.58
CA GLU L 43 -104.80 -72.83 23.38
C GLU L 43 -103.71 -71.78 23.42
N VAL L 44 -104.04 -70.52 23.71
CA VAL L 44 -103.02 -69.47 23.83
C VAL L 44 -101.99 -69.86 24.90
N ALA L 45 -102.41 -70.30 26.06
CA ALA L 45 -101.50 -70.62 27.15
C ALA L 45 -100.52 -71.74 26.73
N ARG L 46 -101.05 -72.81 26.15
CA ARG L 46 -100.25 -73.93 25.66
C ARG L 46 -99.26 -73.49 24.59
N ARG L 47 -99.69 -72.67 23.61
CA ARG L 47 -98.80 -72.09 22.59
C ARG L 47 -97.73 -71.23 23.24
N ALA L 48 -98.12 -70.36 24.15
CA ALA L 48 -97.25 -69.35 24.72
C ALA L 48 -96.15 -69.95 25.59
N GLU L 49 -96.42 -71.02 26.34
CA GLU L 49 -95.38 -71.68 27.12
C GLU L 49 -94.24 -72.14 26.22
N ARG L 50 -94.57 -72.88 25.15
CA ARG L 50 -93.59 -73.29 24.14
C ARG L 50 -92.86 -72.06 23.61
N LEU L 51 -93.61 -71.05 23.17
CA LEU L 51 -93.05 -69.86 22.56
C LEU L 51 -92.02 -69.21 23.51
N ALA L 52 -92.36 -69.03 24.77
CA ALA L 52 -91.46 -68.44 25.76
C ALA L 52 -90.19 -69.29 25.94
N ARG L 53 -90.36 -70.60 26.12
CA ARG L 53 -89.22 -71.51 26.29
C ARG L 53 -88.29 -71.46 25.08
N GLU L 54 -88.84 -71.53 23.88
CA GLU L 54 -88.07 -71.42 22.65
C GLU L 54 -87.38 -70.07 22.55
N ALA L 55 -88.07 -68.97 22.83
CA ALA L 55 -87.52 -67.63 22.70
C ALA L 55 -86.29 -67.42 23.61
N ARG L 56 -86.32 -67.95 24.84
CA ARG L 56 -85.15 -67.88 25.72
C ARG L 56 -84.02 -68.78 25.22
N LYS L 57 -84.32 -69.96 24.66
CA LYS L 57 -83.30 -70.80 24.00
C LYS L 57 -82.69 -70.12 22.77
N GLU L 58 -83.47 -69.36 22.02
CA GLU L 58 -83.00 -68.47 20.97
C GLU L 58 -82.33 -67.20 21.50
N GLY L 59 -82.26 -67.01 22.81
CA GLY L 59 -81.63 -65.87 23.47
C GLY L 59 -82.40 -64.55 23.35
N ASN L 60 -83.58 -64.54 22.74
CA ASN L 60 -84.36 -63.31 22.61
C ASN L 60 -85.30 -63.14 23.80
N LEU L 61 -84.76 -62.51 24.83
CA LEU L 61 -85.51 -62.19 26.05
C LEU L 61 -86.68 -61.25 25.78
N GLU L 62 -86.62 -60.36 24.79
CA GLU L 62 -87.73 -59.45 24.53
C GLU L 62 -88.95 -60.22 24.01
N LEU L 63 -88.75 -61.12 23.05
CA LEU L 63 -89.82 -61.99 22.59
C LEU L 63 -90.34 -62.82 23.77
N ALA L 64 -89.43 -63.38 24.56
CA ALA L 64 -89.82 -64.19 25.71
C ALA L 64 -90.70 -63.39 26.68
N LEU L 65 -90.25 -62.21 27.12
CA LEU L 65 -91.04 -61.42 28.07
C LEU L 65 -92.34 -60.94 27.44
N LYS L 66 -92.37 -60.64 26.14
CA LYS L 66 -93.63 -60.28 25.49
C LYS L 66 -94.59 -61.46 25.54
N ALA L 67 -94.11 -62.68 25.30
CA ALA L 67 -94.94 -63.87 25.46
C ALA L 67 -95.46 -63.98 26.90
N LEU L 68 -94.59 -63.74 27.88
CA LEU L 68 -95.05 -63.71 29.26
C LEU L 68 -96.12 -62.64 29.47
N GLN L 69 -96.00 -61.45 28.87
CA GLN L 69 -97.06 -60.45 28.99
C GLN L 69 -98.36 -60.93 28.38
N ILE L 70 -98.30 -61.63 27.25
CA ILE L 70 -99.49 -62.24 26.66
C ILE L 70 -100.07 -63.23 27.64
N LEU L 71 -99.25 -64.09 28.26
CA LEU L 71 -99.72 -64.98 29.29
C LEU L 71 -100.37 -64.22 30.44
N VAL L 72 -99.79 -63.10 30.88
CA VAL L 72 -100.38 -62.32 31.98
C VAL L 72 -101.71 -61.71 31.56
N ASN L 73 -101.81 -61.23 30.32
CA ASN L 73 -103.10 -60.80 29.79
C ASN L 73 -104.08 -61.97 29.83
N ALA L 74 -103.68 -63.15 29.37
CA ALA L 74 -104.55 -64.32 29.35
C ALA L 74 -104.98 -64.66 30.78
N ALA L 75 -104.05 -64.63 31.73
CA ALA L 75 -104.37 -64.90 33.12
C ALA L 75 -105.39 -63.89 33.65
N TYR L 76 -105.24 -62.61 33.30
CA TYR L 76 -106.22 -61.59 33.65
C TYR L 76 -107.60 -61.93 33.08
N VAL L 77 -107.68 -62.33 31.81
CA VAL L 77 -108.94 -62.76 31.21
C VAL L 77 -109.48 -64.00 31.93
N LEU L 78 -108.64 -65.00 32.17
CA LEU L 78 -109.07 -66.23 32.84
C LEU L 78 -109.64 -65.91 34.22
N ALA L 79 -108.98 -65.04 34.97
CA ALA L 79 -109.44 -64.60 36.27
C ALA L 79 -110.76 -63.82 36.18
N GLU L 80 -110.86 -62.88 35.24
CA GLU L 80 -112.08 -62.13 35.02
C GLU L 80 -113.26 -63.07 34.73
N ILE L 81 -113.05 -64.08 33.88
CA ILE L 81 -114.06 -65.09 33.64
C ILE L 81 -114.34 -65.84 34.94
N ALA L 82 -113.30 -66.40 35.56
CA ALA L 82 -113.46 -67.29 36.70
C ALA L 82 -114.19 -66.64 37.88
N ARG L 83 -113.91 -65.37 38.21
CA ARG L 83 -114.52 -64.72 39.37
C ARG L 83 -116.01 -64.48 39.22
N ASP L 84 -116.49 -64.37 37.99
CA ASP L 84 -117.92 -64.31 37.66
C ASP L 84 -118.52 -65.69 37.37
N ARG L 85 -117.73 -66.65 36.88
CA ARG L 85 -118.14 -68.05 36.71
C ARG L 85 -118.40 -68.74 38.05
N GLY L 86 -117.61 -68.40 39.07
CA GLY L 86 -117.77 -68.91 40.44
C GLY L 86 -117.31 -70.35 40.62
N ASN L 87 -116.07 -70.68 40.23
CA ASN L 87 -115.45 -71.99 40.50
C ASN L 87 -114.00 -71.89 41.01
N GLU L 88 -113.68 -72.62 42.06
CA GLU L 88 -112.37 -72.59 42.70
C GLU L 88 -111.27 -73.25 41.87
N GLU L 89 -111.54 -74.33 41.14
CA GLU L 89 -110.49 -74.97 40.32
C GLU L 89 -110.04 -74.05 39.18
N GLU L 90 -110.97 -73.33 38.55
CA GLU L 90 -110.63 -72.30 37.56
C GLU L 90 -109.70 -71.24 38.18
N LEU L 91 -110.02 -70.75 39.39
CA LEU L 91 -109.18 -69.78 40.09
C LEU L 91 -107.82 -70.39 40.47
N GLU L 92 -107.79 -71.65 40.90
CA GLU L 92 -106.56 -72.37 41.18
C GLU L 92 -105.66 -72.46 39.95
N TYR L 93 -106.23 -72.86 38.81
CA TYR L 93 -105.48 -72.94 37.55
C TYR L 93 -104.93 -71.56 37.17
N ALA L 94 -105.75 -70.52 37.25
CA ALA L 94 -105.29 -69.17 36.98
C ALA L 94 -104.16 -68.77 37.93
N ALA L 95 -104.28 -69.02 39.23
CA ALA L 95 -103.24 -68.68 40.19
C ALA L 95 -101.93 -69.37 39.83
N ARG L 96 -101.99 -70.68 39.57
CA ARG L 96 -100.82 -71.47 39.17
C ARG L 96 -100.19 -70.90 37.91
N LEU L 97 -100.99 -70.61 36.89
CA LEU L 97 -100.49 -70.04 35.63
C LEU L 97 -99.78 -68.71 35.91
N ALA L 98 -100.45 -67.80 36.60
CA ALA L 98 -99.91 -66.48 36.87
C ALA L 98 -98.62 -66.56 37.68
N GLU L 99 -98.61 -67.38 38.73
CA GLU L 99 -97.43 -67.54 39.58
C GLU L 99 -96.27 -68.12 38.76
N GLU L 100 -96.51 -69.17 37.98
CA GLU L 100 -95.47 -69.79 37.17
C GLU L 100 -94.92 -68.80 36.13
N ALA L 101 -95.81 -68.04 35.48
CA ALA L 101 -95.38 -67.00 34.56
C ALA L 101 -94.50 -65.98 35.30
N ALA L 102 -94.90 -65.58 36.51
CA ALA L 102 -94.13 -64.65 37.29
C ALA L 102 -92.74 -65.22 37.60
N ARG L 103 -92.64 -66.50 37.97
CA ARG L 103 -91.34 -67.17 38.18
C ARG L 103 -90.49 -67.02 36.94
N GLN L 104 -91.03 -67.41 35.79
CA GLN L 104 -90.31 -67.31 34.53
C GLN L 104 -89.90 -65.87 34.24
N ALA L 105 -90.76 -64.90 34.55
CA ALA L 105 -90.43 -63.50 34.40
C ALA L 105 -89.26 -63.10 35.31
N ILE L 106 -89.21 -63.59 36.54
CA ILE L 106 -88.07 -63.33 37.40
C ILE L 106 -86.83 -64.02 36.84
N GLU L 107 -86.94 -65.22 36.25
CA GLU L 107 -85.79 -65.86 35.60
C GLU L 107 -85.24 -64.99 34.47
N ILE L 108 -86.14 -64.45 33.64
CA ILE L 108 -85.76 -63.47 32.63
C ILE L 108 -85.07 -62.28 33.32
N ALA L 109 -85.67 -61.73 34.38
CA ALA L 109 -85.11 -60.56 35.06
C ALA L 109 -83.70 -60.82 35.59
N ALA L 110 -83.49 -61.98 36.19
CA ALA L 110 -82.19 -62.38 36.71
C ALA L 110 -81.17 -62.41 35.56
N GLN L 111 -81.49 -63.11 34.47
CA GLN L 111 -80.60 -63.15 33.33
C GLN L 111 -80.32 -61.74 32.79
N ALA L 112 -81.35 -60.90 32.68
CA ALA L 112 -81.21 -59.55 32.16
C ALA L 112 -80.26 -58.71 33.03
N MET L 113 -80.39 -58.79 34.35
CA MET L 113 -79.48 -58.07 35.24
C MET L 113 -78.07 -58.62 35.17
N GLU L 114 -77.92 -59.94 35.01
CA GLU L 114 -76.61 -60.57 34.86
C GLU L 114 -75.92 -60.14 33.56
N GLU L 115 -76.66 -60.04 32.46
CA GLU L 115 -76.14 -59.48 31.22
C GLU L 115 -75.94 -57.95 31.33
N GLY L 116 -76.70 -57.29 32.19
CA GLY L 116 -76.63 -55.84 32.41
C GLY L 116 -77.50 -55.00 31.48
N ASN L 117 -78.53 -55.58 30.85
CA ASN L 117 -79.47 -54.81 30.04
C ASN L 117 -80.65 -54.31 30.90
N LEU L 118 -80.57 -53.08 31.38
CA LEU L 118 -81.60 -52.54 32.27
C LEU L 118 -82.95 -52.46 31.56
N GLU L 119 -82.99 -52.32 30.24
CA GLU L 119 -84.25 -52.21 29.51
C GLU L 119 -85.07 -53.49 29.66
N LEU L 120 -84.45 -54.64 29.43
CA LEU L 120 -85.09 -55.93 29.63
C LEU L 120 -85.45 -56.11 31.10
N ALA L 121 -84.56 -55.76 32.03
CA ALA L 121 -84.86 -55.91 33.45
C ALA L 121 -86.08 -55.08 33.86
N LEU L 122 -86.13 -53.82 33.45
CA LEU L 122 -87.26 -52.94 33.70
C LEU L 122 -88.53 -53.53 33.09
N LYS L 123 -88.47 -53.98 31.83
CA LYS L 123 -89.61 -54.61 31.17
C LYS L 123 -90.08 -55.82 31.99
N ALA L 124 -89.16 -56.66 32.44
CA ALA L 124 -89.51 -57.80 33.27
C ALA L 124 -90.19 -57.35 34.56
N LEU L 125 -89.67 -56.33 35.24
CA LEU L 125 -90.36 -55.78 36.42
C LEU L 125 -91.78 -55.33 36.09
N GLN L 126 -91.98 -54.66 34.96
CA GLN L 126 -93.32 -54.27 34.54
C GLN L 126 -94.24 -55.49 34.43
N ILE L 127 -93.76 -56.56 33.80
CA ILE L 127 -94.52 -57.81 33.72
C ILE L 127 -94.80 -58.32 35.15
N ILE L 128 -93.79 -58.37 36.00
CA ILE L 128 -93.93 -58.91 37.35
C ILE L 128 -94.96 -58.11 38.14
N VAL L 129 -94.94 -56.79 38.00
CA VAL L 129 -95.90 -55.90 38.63
C VAL L 129 -97.31 -56.22 38.15
N ASN L 130 -97.49 -56.37 36.84
CA ASN L 130 -98.79 -56.77 36.32
C ASN L 130 -99.24 -58.10 36.91
N ALA L 131 -98.33 -59.08 36.98
CA ALA L 131 -98.67 -60.38 37.55
C ALA L 131 -99.09 -60.25 39.01
N ALA L 132 -98.43 -59.39 39.78
CA ALA L 132 -98.80 -59.17 41.16
C ALA L 132 -100.25 -58.70 41.26
N TYR L 133 -100.67 -57.75 40.42
CA TYR L 133 -102.05 -57.28 40.41
C TYR L 133 -103.03 -58.43 40.14
N VAL L 134 -102.75 -59.21 39.10
CA VAL L 134 -103.61 -60.34 38.75
C VAL L 134 -103.68 -61.34 39.91
N LEU L 135 -102.52 -61.69 40.46
CA LEU L 135 -102.45 -62.63 41.57
C LEU L 135 -103.27 -62.13 42.75
N ALA L 136 -103.16 -60.85 43.08
CA ALA L 136 -103.88 -60.27 44.19
C ALA L 136 -105.40 -60.32 43.99
N GLU L 137 -105.87 -59.97 42.79
CA GLU L 137 -107.30 -60.05 42.49
C GLU L 137 -107.80 -61.49 42.67
N ILE L 138 -107.08 -62.46 42.12
CA ILE L 138 -107.43 -63.87 42.30
C ILE L 138 -107.45 -64.22 43.79
N ALA L 139 -106.40 -63.84 44.52
CA ALA L 139 -106.21 -64.21 45.91
C ALA L 139 -107.32 -63.66 46.82
N ARG L 140 -107.73 -62.40 46.63
CA ARG L 140 -108.84 -61.82 47.39
C ARG L 140 -110.12 -62.57 47.09
N ASP L 141 -110.40 -62.80 45.82
CA ASP L 141 -111.63 -63.46 45.39
C ASP L 141 -111.70 -64.90 45.92
N ARG L 142 -110.56 -65.60 45.98
CA ARG L 142 -110.44 -66.93 46.61
C ARG L 142 -110.59 -66.86 48.14
N GLY L 143 -110.05 -65.82 48.77
CA GLY L 143 -110.01 -65.61 50.22
C GLY L 143 -108.69 -66.01 50.92
N ASN L 144 -107.60 -66.22 50.18
CA ASN L 144 -106.32 -66.71 50.72
C ASN L 144 -105.37 -65.54 51.08
N GLU L 145 -105.41 -65.08 52.33
CA GLU L 145 -104.56 -64.00 52.83
C GLU L 145 -103.07 -64.28 52.66
N GLU L 146 -102.69 -65.55 52.62
CA GLU L 146 -101.32 -66.00 52.36
C GLU L 146 -100.85 -65.52 50.99
N LEU L 147 -101.69 -65.69 49.97
CA LEU L 147 -101.38 -65.25 48.63
C LEU L 147 -101.45 -63.72 48.54
N LEU L 148 -102.31 -63.06 49.33
CA LEU L 148 -102.27 -61.60 49.41
C LEU L 148 -100.93 -61.14 49.99
N GLU L 149 -100.47 -61.78 51.05
CA GLU L 149 -99.18 -61.43 51.64
C GLU L 149 -98.04 -61.70 50.64
N LYS L 150 -98.11 -62.80 49.87
CA LYS L 150 -97.17 -63.03 48.76
C LYS L 150 -97.20 -61.84 47.81
N ALA L 151 -98.36 -61.49 47.29
CA ALA L 151 -98.46 -60.43 46.31
C ALA L 151 -97.87 -59.13 46.85
N ALA L 152 -98.26 -58.74 48.07
CA ALA L 152 -97.82 -57.49 48.67
C ALA L 152 -96.29 -57.45 48.77
N SER L 153 -95.72 -58.47 49.41
CA SER L 153 -94.28 -58.52 49.63
C SER L 153 -93.53 -58.62 48.30
N LEU L 154 -94.03 -59.40 47.34
CA LEU L 154 -93.41 -59.49 46.03
C LEU L 154 -93.42 -58.12 45.36
N ALA L 155 -94.55 -57.44 45.39
CA ALA L 155 -94.66 -56.11 44.80
C ALA L 155 -93.71 -55.14 45.50
N GLU L 156 -93.61 -55.17 46.82
CA GLU L 156 -92.65 -54.32 47.52
C GLU L 156 -91.23 -54.61 47.05
N ALA L 157 -90.89 -55.88 46.88
CA ALA L 157 -89.57 -56.24 46.39
C ALA L 157 -89.36 -55.72 44.95
N ALA L 158 -90.34 -55.89 44.08
CA ALA L 158 -90.28 -55.31 42.76
C ALA L 158 -90.10 -53.78 42.83
N ALA L 159 -90.80 -53.10 43.74
CA ALA L 159 -90.68 -51.66 43.89
C ALA L 159 -89.26 -51.30 44.30
N ALA L 160 -88.73 -52.00 45.30
CA ALA L 160 -87.35 -51.79 45.71
C ALA L 160 -86.41 -52.05 44.54
N LEU L 161 -86.62 -53.11 43.76
CA LEU L 161 -85.74 -53.43 42.64
C LEU L 161 -85.77 -52.34 41.59
N ALA L 162 -86.93 -51.75 41.33
CA ALA L 162 -87.00 -50.63 40.42
C ALA L 162 -86.19 -49.45 40.97
N GLU L 163 -86.30 -49.15 42.26
CA GLU L 163 -85.45 -48.14 42.89
C GLU L 163 -83.97 -48.52 42.79
N ALA L 164 -83.65 -49.80 42.96
CA ALA L 164 -82.28 -50.28 42.87
C ALA L 164 -81.75 -50.08 41.46
N ILE L 165 -82.54 -50.35 40.43
CA ILE L 165 -82.14 -50.07 39.07
C ILE L 165 -81.92 -48.58 38.91
N ALA L 166 -82.82 -47.75 39.44
CA ALA L 166 -82.64 -46.31 39.36
C ALA L 166 -81.32 -45.91 40.03
N ALA L 167 -81.00 -46.45 41.20
CA ALA L 167 -79.74 -46.19 41.86
C ALA L 167 -78.54 -46.65 41.00
N ILE L 168 -78.65 -47.79 40.30
CA ILE L 168 -77.61 -48.28 39.38
C ILE L 168 -77.41 -47.27 38.24
N LEU L 169 -78.47 -46.65 37.74
CA LEU L 169 -78.34 -45.58 36.76
C LEU L 169 -77.74 -44.31 37.39
N GLU L 170 -78.22 -43.91 38.57
CA GLU L 170 -77.90 -42.62 39.19
C GLU L 170 -76.49 -42.53 39.80
N GLY L 171 -75.94 -43.65 40.27
CA GLY L 171 -74.60 -43.70 40.86
C GLY L 171 -74.47 -43.27 42.32
N ASP L 172 -75.57 -42.93 43.01
CA ASP L 172 -75.55 -42.78 44.47
C ASP L 172 -75.53 -44.16 45.14
N VAL L 173 -74.33 -44.62 45.49
CA VAL L 173 -74.16 -45.92 46.10
C VAL L 173 -74.77 -46.00 47.50
N GLU L 174 -74.87 -44.90 48.25
CA GLU L 174 -75.54 -44.94 49.55
C GLU L 174 -77.04 -45.17 49.36
N LYS L 175 -77.64 -44.46 48.41
CA LYS L 175 -79.02 -44.72 47.99
C LYS L 175 -79.19 -46.16 47.55
N ALA L 176 -78.25 -46.70 46.77
CA ALA L 176 -78.29 -48.10 46.37
C ALA L 176 -78.32 -49.04 47.59
N VAL L 177 -77.47 -48.80 48.59
CA VAL L 177 -77.47 -49.61 49.81
C VAL L 177 -78.79 -49.45 50.58
N ARG L 178 -79.30 -48.22 50.71
CA ARG L 178 -80.60 -47.97 51.36
C ARG L 178 -81.70 -48.77 50.70
N ALA L 179 -81.75 -48.77 49.37
CA ALA L 179 -82.67 -49.60 48.61
C ALA L 179 -82.40 -51.09 48.89
N ALA L 180 -81.16 -51.54 48.80
CA ALA L 180 -80.82 -52.94 48.96
C ALA L 180 -81.21 -53.49 50.34
N GLN L 181 -81.07 -52.68 51.40
CA GLN L 181 -81.50 -53.07 52.73
C GLN L 181 -83.00 -53.35 52.76
N GLU L 182 -83.81 -52.46 52.19
CA GLU L 182 -85.24 -52.72 52.09
C GLU L 182 -85.53 -53.90 51.16
N ALA L 183 -84.76 -54.06 50.09
CA ALA L 183 -84.96 -55.15 49.14
C ALA L 183 -84.78 -56.49 49.83
N VAL L 184 -83.69 -56.68 50.57
CA VAL L 184 -83.53 -57.91 51.34
C VAL L 184 -84.61 -58.02 52.40
N LYS L 185 -85.00 -56.92 53.07
CA LYS L 185 -86.07 -56.98 54.08
C LYS L 185 -87.33 -57.59 53.50
N ALA L 186 -87.78 -57.09 52.35
CA ALA L 186 -88.93 -57.67 51.67
C ALA L 186 -88.67 -59.13 51.26
N ALA L 187 -87.55 -59.39 50.58
CA ALA L 187 -87.27 -60.72 50.04
C ALA L 187 -87.19 -61.78 51.14
N LYS L 188 -86.57 -61.44 52.28
CA LYS L 188 -86.40 -62.32 53.44
C LYS L 188 -87.74 -62.58 54.13
N GLU L 189 -88.63 -61.59 54.18
CA GLU L 189 -89.99 -61.79 54.66
C GLU L 189 -90.80 -62.70 53.74
N ALA L 190 -90.68 -62.51 52.42
CA ALA L 190 -91.36 -63.34 51.43
C ALA L 190 -90.83 -64.78 51.40
N GLY L 191 -89.51 -64.97 51.49
CA GLY L 191 -88.84 -66.25 51.33
C GLY L 191 -88.75 -66.76 49.89
N ASP L 192 -89.01 -65.93 48.88
CA ASP L 192 -88.97 -66.34 47.47
C ASP L 192 -87.54 -66.49 46.94
N ASN L 193 -87.20 -67.71 46.52
CA ASN L 193 -85.85 -68.08 46.10
C ASN L 193 -85.33 -67.23 44.95
N ASP L 194 -86.18 -66.99 43.94
CA ASP L 194 -85.79 -66.24 42.77
C ASP L 194 -85.66 -64.76 43.13
N MET L 195 -86.53 -64.23 43.98
CA MET L 195 -86.41 -62.85 44.43
C MET L 195 -85.09 -62.65 45.16
N LEU L 196 -84.73 -63.58 46.05
CA LEU L 196 -83.42 -63.55 46.71
C LEU L 196 -82.29 -63.62 45.68
N ARG L 197 -82.38 -64.52 44.71
CA ARG L 197 -81.39 -64.65 43.63
C ARG L 197 -81.20 -63.33 42.92
N ALA L 198 -82.30 -62.71 42.52
CA ALA L 198 -82.30 -61.44 41.83
C ALA L 198 -81.62 -60.37 42.67
N VAL L 199 -82.00 -60.25 43.95
CA VAL L 199 -81.41 -59.25 44.84
C VAL L 199 -79.90 -59.45 44.92
N ALA L 200 -79.43 -60.69 45.06
CA ALA L 200 -78.01 -60.96 45.10
C ALA L 200 -77.33 -60.51 43.81
N ILE L 201 -77.89 -60.84 42.65
CA ILE L 201 -77.33 -60.45 41.35
C ILE L 201 -77.22 -58.93 41.29
N ALA L 202 -78.31 -58.23 41.62
CA ALA L 202 -78.34 -56.77 41.60
C ALA L 202 -77.28 -56.19 42.54
N ALA L 203 -77.17 -56.73 43.75
CA ALA L 203 -76.20 -56.27 44.72
C ALA L 203 -74.78 -56.42 44.17
N LEU L 204 -74.48 -57.55 43.52
CA LEU L 204 -73.17 -57.73 42.91
C LEU L 204 -72.92 -56.70 41.82
N ARG L 205 -73.89 -56.40 40.97
CA ARG L 205 -73.67 -55.37 39.95
C ARG L 205 -73.48 -53.99 40.60
N ILE L 206 -74.19 -53.70 41.67
CA ILE L 206 -73.96 -52.48 42.46
C ILE L 206 -72.51 -52.46 42.94
N ALA L 207 -72.02 -53.56 43.50
CA ALA L 207 -70.64 -53.65 43.95
C ALA L 207 -69.65 -53.43 42.79
N LYS L 208 -69.92 -53.99 41.60
CA LYS L 208 -69.08 -53.74 40.41
C LYS L 208 -68.99 -52.26 40.09
N GLU L 209 -70.10 -51.54 40.16
CA GLU L 209 -70.06 -50.08 39.98
C GLU L 209 -69.28 -49.40 41.11
N ALA L 210 -69.47 -49.82 42.36
CA ALA L 210 -68.71 -49.27 43.48
C ALA L 210 -67.19 -49.49 43.33
N GLU L 211 -66.77 -50.60 42.73
CA GLU L 211 -65.36 -50.82 42.35
C GLU L 211 -64.91 -49.86 41.24
N LYS L 212 -65.72 -49.61 40.22
CA LYS L 212 -65.37 -48.61 39.18
C LYS L 212 -65.19 -47.22 39.78
N GLN L 213 -66.05 -46.87 40.74
CA GLN L 213 -65.92 -45.66 41.55
C GLN L 213 -64.76 -45.71 42.56
N GLY L 214 -64.19 -46.89 42.82
CA GLY L 214 -63.16 -47.10 43.84
C GLY L 214 -63.67 -47.07 45.28
N ASN L 215 -64.98 -46.98 45.53
CA ASN L 215 -65.52 -46.98 46.89
C ASN L 215 -65.69 -48.41 47.41
N VAL L 216 -64.56 -49.02 47.78
CA VAL L 216 -64.55 -50.36 48.39
C VAL L 216 -65.37 -50.39 49.68
N GLU L 217 -65.41 -49.31 50.46
CA GLU L 217 -66.12 -49.32 51.74
C GLU L 217 -67.60 -49.59 51.53
N VAL L 218 -68.24 -48.81 50.68
CA VAL L 218 -69.65 -49.04 50.37
C VAL L 218 -69.82 -50.35 49.62
N ALA L 219 -68.86 -50.76 48.78
CA ALA L 219 -68.94 -52.06 48.14
C ALA L 219 -69.08 -53.18 49.19
N VAL L 220 -68.30 -53.13 50.28
CA VAL L 220 -68.45 -54.11 51.37
C VAL L 220 -69.82 -53.99 52.04
N LYS L 221 -70.34 -52.79 52.26
CA LYS L 221 -71.70 -52.64 52.80
C LYS L 221 -72.72 -53.36 51.92
N ALA L 222 -72.60 -53.21 50.60
CA ALA L 222 -73.44 -53.94 49.66
C ALA L 222 -73.20 -55.45 49.75
N ALA L 223 -71.95 -55.88 49.80
CA ALA L 223 -71.64 -57.30 49.97
C ALA L 223 -72.28 -57.88 51.24
N ARG L 224 -72.33 -57.10 52.33
CA ARG L 224 -72.95 -57.57 53.59
C ARG L 224 -74.42 -57.90 53.39
N VAL L 225 -75.14 -57.09 52.61
CA VAL L 225 -76.50 -57.43 52.20
C VAL L 225 -76.48 -58.66 51.28
N ALA L 226 -75.56 -58.72 50.32
CA ALA L 226 -75.54 -59.82 49.38
C ALA L 226 -75.40 -61.17 50.09
N VAL L 227 -74.49 -61.28 51.06
CA VAL L 227 -74.38 -62.52 51.83
C VAL L 227 -75.62 -62.74 52.68
N GLU L 228 -76.24 -61.69 53.23
CA GLU L 228 -77.46 -61.85 54.03
C GLU L 228 -78.53 -62.58 53.22
N ALA L 229 -78.76 -62.13 51.99
CA ALA L 229 -79.69 -62.77 51.09
C ALA L 229 -79.22 -64.18 50.72
N ALA L 230 -77.95 -64.32 50.29
CA ALA L 230 -77.46 -65.59 49.78
C ALA L 230 -77.53 -66.69 50.83
N LYS L 231 -77.32 -66.34 52.11
CA LYS L 231 -77.42 -67.25 53.25
C LYS L 231 -78.82 -67.83 53.41
N GLN L 232 -79.86 -67.14 52.95
CA GLN L 232 -81.21 -67.71 52.92
C GLN L 232 -81.35 -68.71 51.76
N ALA L 233 -80.76 -68.40 50.61
CA ALA L 233 -81.10 -69.02 49.33
C ALA L 233 -80.34 -70.31 49.02
N GLY L 234 -79.02 -70.36 49.30
CA GLY L 234 -78.20 -71.54 49.00
C GLY L 234 -77.93 -71.78 47.51
N ASP L 235 -78.06 -70.76 46.65
CA ASP L 235 -77.63 -70.83 45.25
C ASP L 235 -76.09 -70.90 45.18
N ASN L 236 -75.58 -72.08 44.88
CA ASN L 236 -74.16 -72.39 45.03
C ASN L 236 -73.29 -71.53 44.12
N ASP L 237 -73.67 -71.39 42.86
CA ASP L 237 -72.90 -70.61 41.90
C ASP L 237 -72.99 -69.11 42.21
N VAL L 238 -74.14 -68.65 42.70
CA VAL L 238 -74.27 -67.26 43.17
C VAL L 238 -73.34 -67.04 44.35
N LEU L 239 -73.33 -67.94 45.34
CA LEU L 239 -72.36 -67.86 46.43
C LEU L 239 -70.93 -67.78 45.89
N ARG L 240 -70.59 -68.57 44.86
CA ARG L 240 -69.26 -68.51 44.24
C ARG L 240 -68.97 -67.15 43.62
N LYS L 241 -69.93 -66.59 42.88
CA LYS L 241 -69.81 -65.23 42.32
C LYS L 241 -69.66 -64.19 43.43
N VAL L 242 -70.42 -64.31 44.51
CA VAL L 242 -70.30 -63.46 45.69
C VAL L 242 -68.88 -63.52 46.23
N ALA L 243 -68.37 -64.72 46.47
CA ALA L 243 -67.03 -64.89 47.00
C ALA L 243 -65.99 -64.27 46.06
N GLU L 244 -66.06 -64.52 44.75
CA GLU L 244 -65.13 -63.93 43.80
C GLU L 244 -65.14 -62.41 43.90
N GLN L 245 -66.32 -61.82 43.96
CA GLN L 245 -66.44 -60.38 44.13
C GLN L 245 -65.83 -59.94 45.46
N ALA L 246 -66.08 -60.66 46.55
CA ALA L 246 -65.53 -60.32 47.86
C ALA L 246 -64.00 -60.29 47.82
N LEU L 247 -63.39 -61.25 47.13
CA LEU L 247 -61.96 -61.28 46.94
C LEU L 247 -61.48 -60.13 46.06
N ARG L 248 -62.16 -59.84 44.95
CA ARG L 248 -61.85 -58.67 44.13
C ARG L 248 -61.86 -57.40 44.97
N ILE L 249 -62.90 -57.20 45.77
CA ILE L 249 -63.04 -56.04 46.65
C ILE L 249 -61.89 -56.00 47.65
N ALA L 250 -61.57 -57.13 48.29
CA ALA L 250 -60.46 -57.17 49.23
C ALA L 250 -59.13 -56.80 48.56
N LYS L 251 -58.88 -57.26 47.32
CA LYS L 251 -57.68 -56.90 46.56
C LYS L 251 -57.60 -55.40 46.30
N GLU L 252 -58.72 -54.78 45.95
CA GLU L 252 -58.73 -53.32 45.85
C GLU L 252 -58.47 -52.67 47.21
N ALA L 253 -59.04 -53.18 48.30
CA ALA L 253 -58.80 -52.64 49.63
C ALA L 253 -57.33 -52.75 50.04
N GLU L 254 -56.66 -53.84 49.67
CA GLU L 254 -55.20 -53.95 49.79
C GLU L 254 -54.48 -52.89 48.96
N LYS L 255 -54.86 -52.69 47.69
CA LYS L 255 -54.24 -51.67 46.83
C LYS L 255 -54.41 -50.26 47.40
N GLN L 256 -55.54 -50.00 48.01
CA GLN L 256 -55.82 -48.76 48.74
C GLN L 256 -55.09 -48.67 50.09
N GLY L 257 -54.53 -49.79 50.59
CA GLY L 257 -53.99 -49.87 51.94
C GLY L 257 -55.07 -49.80 53.04
N ASN L 258 -56.35 -49.89 52.68
CA ASN L 258 -57.44 -49.93 53.65
C ASN L 258 -57.61 -51.35 54.20
N VAL L 259 -56.70 -51.71 55.09
CA VAL L 259 -56.70 -53.03 55.73
C VAL L 259 -57.98 -53.26 56.54
N GLU L 260 -58.58 -52.23 57.13
CA GLU L 260 -59.84 -52.39 57.88
C GLU L 260 -60.95 -52.91 56.97
N VAL L 261 -61.13 -52.30 55.80
CA VAL L 261 -62.09 -52.78 54.81
C VAL L 261 -61.68 -54.16 54.31
N ALA L 262 -60.40 -54.40 54.03
CA ALA L 262 -59.96 -55.71 53.57
C ALA L 262 -60.29 -56.82 54.59
N VAL L 263 -60.09 -56.58 55.88
CA VAL L 263 -60.41 -57.55 56.94
C VAL L 263 -61.93 -57.76 57.05
N LYS L 264 -62.72 -56.70 56.93
CA LYS L 264 -64.18 -56.87 56.86
C LYS L 264 -64.56 -57.69 55.63
N ALA L 265 -63.92 -57.47 54.48
CA ALA L 265 -64.19 -58.21 53.25
C ALA L 265 -63.89 -59.69 53.44
N ALA L 266 -62.79 -60.03 54.11
CA ALA L 266 -62.53 -61.41 54.49
C ALA L 266 -63.62 -61.95 55.43
N ARG L 267 -64.05 -61.17 56.44
CA ARG L 267 -65.10 -61.59 57.38
C ARG L 267 -66.40 -61.91 56.65
N VAL L 268 -66.73 -61.15 55.63
CA VAL L 268 -67.85 -61.47 54.73
C VAL L 268 -67.54 -62.74 53.92
N ALA L 269 -66.38 -62.82 53.28
CA ALA L 269 -66.08 -63.91 52.35
C ALA L 269 -66.21 -65.28 53.03
N VAL L 270 -65.70 -65.43 54.25
CA VAL L 270 -65.86 -66.70 55.00
C VAL L 270 -67.32 -66.99 55.33
N GLU L 271 -68.11 -65.98 55.70
CA GLU L 271 -69.52 -66.18 56.00
C GLU L 271 -70.24 -66.85 54.82
N ALA L 272 -69.97 -66.39 53.60
CA ALA L 272 -70.51 -66.97 52.38
C ALA L 272 -69.91 -68.37 52.11
N ALA L 273 -68.58 -68.48 52.16
CA ALA L 273 -67.91 -69.73 51.85
C ALA L 273 -68.39 -70.87 52.76
N LYS L 274 -68.68 -70.57 54.03
CA LYS L 274 -69.17 -71.55 55.00
C LYS L 274 -70.50 -72.18 54.59
N GLN L 275 -71.35 -71.44 53.89
CA GLN L 275 -72.60 -71.99 53.37
C GLN L 275 -72.32 -72.93 52.19
N ALA L 276 -71.47 -72.49 51.27
CA ALA L 276 -71.17 -73.21 50.04
C ALA L 276 -70.37 -74.49 50.28
N GLY L 277 -69.38 -74.47 51.17
CA GLY L 277 -68.45 -75.57 51.41
C GLY L 277 -67.52 -75.89 50.23
N ASP L 278 -67.40 -75.02 49.23
CA ASP L 278 -66.53 -75.23 48.07
C ASP L 278 -65.05 -75.14 48.49
N ASN L 279 -64.35 -76.27 48.42
CA ASN L 279 -62.99 -76.37 48.93
C ASN L 279 -62.03 -75.47 48.15
N ASP L 280 -62.13 -75.40 46.83
CA ASP L 280 -61.23 -74.55 46.04
C ASP L 280 -61.45 -73.09 46.38
N VAL L 281 -62.72 -72.68 46.51
CA VAL L 281 -63.02 -71.35 47.01
C VAL L 281 -62.41 -71.18 48.38
N LEU L 282 -62.66 -72.08 49.33
CA LEU L 282 -62.14 -71.96 50.68
C LEU L 282 -60.63 -71.77 50.67
N ARG L 283 -59.90 -72.55 49.88
CA ARG L 283 -58.44 -72.43 49.78
C ARG L 283 -58.03 -71.11 49.14
N LYS L 284 -58.66 -70.70 48.05
CA LYS L 284 -58.39 -69.40 47.41
C LYS L 284 -58.69 -68.23 48.36
N VAL L 285 -59.75 -68.35 49.14
CA VAL L 285 -60.13 -67.37 50.15
C VAL L 285 -59.07 -67.33 51.25
N ALA L 286 -58.73 -68.47 51.84
CA ALA L 286 -57.73 -68.52 52.89
C ALA L 286 -56.38 -67.99 52.40
N GLU L 287 -55.99 -68.31 51.17
CA GLU L 287 -54.80 -67.79 50.51
C GLU L 287 -54.82 -66.26 50.54
N GLN L 288 -55.89 -65.66 50.04
CA GLN L 288 -55.98 -64.21 50.11
C GLN L 288 -56.08 -63.72 51.55
N ALA L 289 -56.68 -64.47 52.47
CA ALA L 289 -56.80 -64.06 53.86
C ALA L 289 -55.42 -63.87 54.50
N LEU L 290 -54.45 -64.72 54.16
CA LEU L 290 -53.08 -64.51 54.58
C LEU L 290 -52.44 -63.32 53.86
N GLU L 291 -52.74 -63.06 52.60
CA GLU L 291 -52.27 -61.81 51.97
C GLU L 291 -52.82 -60.58 52.71
N ILE L 292 -54.10 -60.60 53.07
CA ILE L 292 -54.72 -59.54 53.84
C ILE L 292 -54.02 -59.42 55.20
N ALA L 293 -53.80 -60.53 55.90
CA ALA L 293 -53.07 -60.52 57.15
C ALA L 293 -51.66 -59.95 56.95
N LYS L 294 -50.97 -60.28 55.86
CA LYS L 294 -49.65 -59.73 55.54
C LYS L 294 -49.70 -58.22 55.41
N LYS L 295 -50.68 -57.66 54.70
CA LYS L 295 -50.81 -56.21 54.62
C LYS L 295 -51.18 -55.58 55.96
N ALA L 296 -52.05 -56.22 56.74
CA ALA L 296 -52.35 -55.78 58.10
C ALA L 296 -51.10 -55.82 59.00
N ALA L 297 -50.17 -56.74 58.75
CA ALA L 297 -48.89 -56.80 59.45
C ALA L 297 -47.94 -55.71 58.95
N GLU L 298 -47.95 -55.37 57.66
CA GLU L 298 -47.17 -54.25 57.12
C GLU L 298 -47.61 -52.92 57.72
N GLN L 299 -48.89 -52.75 58.03
CA GLN L 299 -49.37 -51.64 58.85
C GLN L 299 -49.02 -51.86 60.34
N GLY L 300 -49.13 -53.09 60.83
CA GLY L 300 -48.76 -53.48 62.18
C GLY L 300 -49.78 -53.09 63.25
N ASP L 301 -50.99 -52.68 62.87
CA ASP L 301 -52.03 -52.32 63.83
C ASP L 301 -52.55 -53.54 64.59
N VAL L 302 -52.49 -53.50 65.93
CA VAL L 302 -52.61 -54.70 66.78
C VAL L 302 -54.00 -55.33 66.70
N GLY L 303 -55.04 -54.59 67.05
CA GLY L 303 -56.41 -55.12 67.04
C GLY L 303 -56.85 -55.54 65.63
N VAL L 304 -56.42 -54.78 64.61
CA VAL L 304 -56.64 -55.14 63.22
C VAL L 304 -55.96 -56.47 62.90
N MET L 305 -54.70 -56.64 63.31
CA MET L 305 -54.00 -57.90 63.12
C MET L 305 -54.64 -59.06 63.86
N GLN L 306 -55.11 -58.86 65.10
CA GLN L 306 -55.86 -59.88 65.83
C GLN L 306 -57.07 -60.31 65.01
N LYS L 307 -57.89 -59.36 64.57
CA LYS L 307 -59.04 -59.65 63.72
C LYS L 307 -58.61 -60.35 62.42
N ALA L 308 -57.56 -59.89 61.77
CA ALA L 308 -57.08 -60.44 60.50
C ALA L 308 -56.68 -61.91 60.67
N MET L 309 -55.86 -62.20 61.65
CA MET L 309 -55.46 -63.57 61.92
C MET L 309 -56.65 -64.40 62.40
N ASP L 310 -57.53 -63.84 63.24
CA ASP L 310 -58.71 -64.55 63.72
C ASP L 310 -59.57 -65.01 62.55
N VAL L 311 -59.90 -64.10 61.64
CA VAL L 311 -60.69 -64.44 60.45
C VAL L 311 -59.95 -65.47 59.61
N ALA L 312 -58.68 -65.22 59.28
CA ALA L 312 -57.94 -66.12 58.40
C ALA L 312 -57.88 -67.53 58.99
N LEU L 313 -57.54 -67.64 60.26
CA LEU L 313 -57.44 -68.90 60.99
C LEU L 313 -58.81 -69.57 61.10
N ARG L 314 -59.83 -68.85 61.56
CA ARG L 314 -61.16 -69.43 61.78
C ARG L 314 -61.77 -69.89 60.48
N ALA L 315 -61.44 -69.25 59.36
CA ALA L 315 -61.79 -69.75 58.03
C ALA L 315 -61.01 -71.03 57.71
N ALA L 316 -59.68 -70.96 57.76
CA ALA L 316 -58.81 -72.08 57.44
C ALA L 316 -59.14 -73.34 58.24
N GLY L 317 -59.53 -73.19 59.52
CA GLY L 317 -59.85 -74.30 60.42
C GLY L 317 -61.02 -75.17 59.98
N GLN L 318 -61.77 -74.74 58.97
CA GLN L 318 -62.89 -75.49 58.41
C GLN L 318 -62.59 -76.02 57.00
N ALA L 319 -61.48 -75.59 56.39
CA ALA L 319 -61.11 -75.86 55.00
C ALA L 319 -60.31 -77.17 54.80
N PRO M 4 23.85 -86.35 68.42
CA PRO M 4 24.00 -85.63 69.70
C PRO M 4 22.74 -85.66 70.57
N ARG M 5 21.63 -85.05 70.11
CA ARG M 5 20.43 -84.81 70.93
C ARG M 5 19.86 -86.06 71.59
N LEU M 6 19.92 -87.18 70.88
CA LEU M 6 19.50 -88.50 71.39
C LEU M 6 20.18 -88.83 72.72
N VAL M 7 21.45 -88.52 72.89
CA VAL M 7 22.18 -88.88 74.12
C VAL M 7 21.55 -88.18 75.30
N LEU M 8 21.23 -86.89 75.16
CA LEU M 8 20.54 -86.16 76.23
C LEU M 8 19.18 -86.79 76.50
N ARG M 9 18.38 -87.09 75.47
CA ARG M 9 17.10 -87.76 75.65
C ARG M 9 17.27 -89.06 76.44
N ALA M 10 18.22 -89.88 76.04
CA ALA M 10 18.45 -91.17 76.67
C ALA M 10 18.89 -91.02 78.12
N LEU M 11 19.86 -90.16 78.40
CA LEU M 11 20.33 -89.96 79.75
C LEU M 11 19.20 -89.44 80.63
N GLU M 12 18.42 -88.48 80.14
CA GLU M 12 17.26 -87.99 80.89
C GLU M 12 16.30 -89.14 81.19
N ASN M 13 16.00 -89.97 80.21
CA ASN M 13 15.14 -91.11 80.42
C ASN M 13 15.76 -92.09 81.42
N MET M 14 17.08 -92.29 81.41
CA MET M 14 17.75 -93.12 82.40
C MET M 14 17.56 -92.54 83.80
N VAL M 15 17.73 -91.23 83.97
CA VAL M 15 17.47 -90.60 85.28
C VAL M 15 16.01 -90.79 85.67
N ARG M 16 15.07 -90.54 84.75
CA ARG M 16 13.64 -90.73 85.03
C ARG M 16 13.37 -92.15 85.46
N ALA M 17 13.98 -93.12 84.80
CA ALA M 17 13.89 -94.52 85.17
C ALA M 17 14.44 -94.74 86.58
N ALA M 18 15.60 -94.19 86.91
CA ALA M 18 16.15 -94.31 88.25
C ALA M 18 15.17 -93.74 89.29
N HIS M 19 14.54 -92.60 88.98
CA HIS M 19 13.50 -92.03 89.81
C HIS M 19 12.34 -93.02 90.04
N THR M 20 11.89 -93.73 89.00
CA THR M 20 10.86 -94.75 89.20
C THR M 20 11.38 -95.88 90.10
N LEU M 21 12.62 -96.31 89.94
CA LEU M 21 13.13 -97.44 90.69
C LEU M 21 13.21 -97.08 92.18
N ALA M 22 13.66 -95.86 92.48
CA ALA M 22 13.64 -95.32 93.84
C ALA M 22 12.19 -95.20 94.37
N GLU M 23 11.26 -94.70 93.57
CA GLU M 23 9.85 -94.61 93.96
C GLU M 23 9.30 -95.98 94.34
N ILE M 24 9.47 -96.96 93.46
CA ILE M 24 9.01 -98.33 93.66
C ILE M 24 9.67 -98.92 94.92
N ALA M 25 10.96 -98.69 95.09
CA ALA M 25 11.68 -99.15 96.28
C ALA M 25 11.10 -98.54 97.56
N ARG M 26 10.87 -97.22 97.60
CA ARG M 26 10.34 -96.57 98.81
C ARG M 26 8.90 -96.98 99.10
N ASP M 27 8.15 -97.34 98.07
CA ASP M 27 6.83 -97.97 98.20
C ASP M 27 6.87 -99.44 98.67
N ASN M 28 8.04 -100.03 98.95
CA ASN M 28 8.13 -101.46 99.28
C ASN M 28 9.19 -101.81 100.34
N GLY M 29 10.46 -101.45 100.12
CA GLY M 29 11.58 -101.65 101.06
C GLY M 29 12.88 -102.26 100.48
N ASN M 30 12.92 -102.73 99.23
CA ASN M 30 14.10 -103.42 98.69
C ASN M 30 15.33 -102.51 98.52
N GLU M 31 16.46 -102.95 99.06
CA GLU M 31 17.71 -102.21 99.09
C GLU M 31 18.50 -102.29 97.78
N GLU M 32 18.53 -103.44 97.12
CA GLU M 32 19.27 -103.59 95.87
C GLU M 32 18.72 -102.68 94.78
N TRP M 33 17.41 -102.46 94.76
CA TRP M 33 16.80 -101.51 93.83
C TRP M 33 17.36 -100.10 94.04
N LEU M 34 17.57 -99.68 95.29
CA LEU M 34 18.26 -98.42 95.56
C LEU M 34 19.72 -98.49 95.10
N GLU M 35 20.42 -99.58 95.39
CA GLU M 35 21.83 -99.71 95.01
C GLU M 35 22.02 -99.62 93.49
N ARG M 36 21.17 -100.32 92.74
CA ARG M 36 21.17 -100.25 91.27
C ARG M 36 20.85 -98.84 90.81
N ALA M 37 19.83 -98.20 91.39
CA ALA M 37 19.50 -96.83 91.04
C ALA M 37 20.72 -95.91 91.26
N ALA M 38 21.40 -96.04 92.40
CA ALA M 38 22.58 -95.26 92.70
C ALA M 38 23.71 -95.52 91.69
N ARG M 39 23.97 -96.79 91.36
CA ARG M 39 24.97 -97.13 90.35
C ARG M 39 24.63 -96.51 89.00
N LEU M 40 23.37 -96.59 88.58
CA LEU M 40 22.91 -95.92 87.36
C LEU M 40 23.16 -94.41 87.44
N ALA M 41 22.74 -93.78 88.54
CA ALA M 41 22.92 -92.34 88.70
C ALA M 41 24.39 -91.93 88.68
N GLU M 42 25.28 -92.67 89.34
CA GLU M 42 26.71 -92.38 89.31
C GLU M 42 27.25 -92.46 87.89
N GLU M 43 26.92 -93.53 87.18
CA GLU M 43 27.37 -93.72 85.79
C GLU M 43 26.87 -92.59 84.89
N VAL M 44 25.60 -92.19 85.06
CA VAL M 44 25.06 -91.03 84.37
C VAL M 44 25.86 -89.79 84.75
N ALA M 45 26.09 -89.53 86.03
CA ALA M 45 26.78 -88.31 86.46
C ALA M 45 28.17 -88.22 85.85
N ARG M 46 28.93 -89.31 85.87
CA ARG M 46 30.25 -89.40 85.24
C ARG M 46 30.17 -89.08 83.74
N ARG M 47 29.26 -89.72 83.02
CA ARG M 47 29.06 -89.48 81.57
C ARG M 47 28.61 -88.04 81.31
N ALA M 48 27.71 -87.53 82.12
CA ALA M 48 27.11 -86.22 81.93
C ALA M 48 28.12 -85.11 82.20
N GLU M 49 29.02 -85.26 83.18
CA GLU M 49 30.08 -84.28 83.40
C GLU M 49 30.96 -84.13 82.15
N ARG M 50 31.43 -85.25 81.59
CA ARG M 50 32.13 -85.27 80.30
C ARG M 50 31.29 -84.57 79.24
N LEU M 51 30.03 -84.94 79.11
CA LEU M 51 29.14 -84.36 78.10
C LEU M 51 29.07 -82.84 78.26
N ALA M 52 28.86 -82.34 79.47
CA ALA M 52 28.79 -80.91 79.73
C ALA M 52 30.10 -80.20 79.36
N ARG M 53 31.25 -80.76 79.75
CA ARG M 53 32.56 -80.22 79.39
C ARG M 53 32.73 -80.14 77.87
N GLU M 54 32.45 -81.24 77.17
CA GLU M 54 32.53 -81.26 75.71
C GLU M 54 31.56 -80.26 75.06
N ALA M 55 30.30 -80.21 75.48
CA ALA M 55 29.31 -79.30 74.93
C ALA M 55 29.74 -77.83 75.09
N ARG M 56 30.32 -77.48 76.25
CA ARG M 56 30.85 -76.13 76.48
C ARG M 56 32.07 -75.86 75.59
N LYS M 57 32.97 -76.83 75.40
CA LYS M 57 34.09 -76.69 74.45
C LYS M 57 33.62 -76.55 73.00
N GLU M 58 32.52 -77.21 72.63
CA GLU M 58 31.84 -77.00 71.35
C GLU M 58 31.07 -75.68 71.27
N GLY M 59 31.05 -74.87 72.34
CA GLY M 59 30.31 -73.62 72.40
C GLY M 59 28.79 -73.81 72.41
N ASN M 60 28.29 -75.03 72.55
CA ASN M 60 26.87 -75.31 72.54
C ASN M 60 26.29 -75.21 73.95
N LEU M 61 26.02 -73.98 74.36
CA LEU M 61 25.44 -73.69 75.67
C LEU M 61 24.06 -74.34 75.85
N GLU M 62 23.28 -74.52 74.79
CA GLU M 62 21.98 -75.21 74.89
C GLU M 62 22.17 -76.65 75.34
N LEU M 63 23.01 -77.41 74.65
CA LEU M 63 23.28 -78.79 75.02
C LEU M 63 23.88 -78.82 76.43
N ALA M 64 24.83 -77.93 76.71
CA ALA M 64 25.47 -77.88 78.01
C ALA M 64 24.44 -77.65 79.12
N LEU M 65 23.56 -76.66 79.00
CA LEU M 65 22.60 -76.39 80.06
C LEU M 65 21.57 -77.52 80.17
N LYS M 66 21.21 -78.18 79.08
CA LYS M 66 20.34 -79.35 79.20
C LYS M 66 21.06 -80.47 79.95
N ALA M 67 22.33 -80.71 79.66
CA ALA M 67 23.11 -81.69 80.41
C ALA M 67 23.16 -81.32 81.89
N LEU M 68 23.34 -80.05 82.22
CA LEU M 68 23.28 -79.61 83.60
C LEU M 68 21.90 -79.91 84.18
N GLN M 69 20.81 -79.68 83.46
CA GLN M 69 19.48 -80.04 83.97
C GLN M 69 19.38 -81.53 84.25
N ILE M 70 19.94 -82.36 83.38
CA ILE M 70 19.98 -83.81 83.59
C ILE M 70 20.75 -84.10 84.88
N LEU M 71 21.90 -83.47 85.07
CA LEU M 71 22.66 -83.61 86.30
C LEU M 71 21.83 -83.17 87.51
N VAL M 72 21.07 -82.08 87.41
CA VAL M 72 20.23 -81.62 88.52
C VAL M 72 19.12 -82.62 88.82
N ASN M 73 18.49 -83.20 87.79
CA ASN M 73 17.57 -84.29 88.02
C ASN M 73 18.29 -85.46 88.72
N ALA M 74 19.49 -85.83 88.28
CA ALA M 74 20.22 -86.91 88.90
C ALA M 74 20.52 -86.58 90.36
N ALA M 75 20.93 -85.35 90.66
CA ALA M 75 21.17 -84.91 92.02
C ALA M 75 19.89 -85.01 92.85
N TYR M 76 18.74 -84.63 92.30
CA TYR M 76 17.46 -84.79 92.98
C TYR M 76 17.22 -86.27 93.31
N VAL M 77 17.40 -87.16 92.33
CA VAL M 77 17.24 -88.60 92.56
C VAL M 77 18.20 -89.09 93.63
N LEU M 78 19.48 -88.70 93.56
CA LEU M 78 20.46 -89.11 94.55
C LEU M 78 20.03 -88.66 95.94
N ALA M 79 19.60 -87.42 96.10
CA ALA M 79 19.13 -86.89 97.36
C ALA M 79 17.90 -87.67 97.86
N GLU M 80 16.93 -87.93 96.98
CA GLU M 80 15.75 -88.71 97.32
C GLU M 80 16.12 -90.14 97.77
N ILE M 81 17.15 -90.75 97.17
CA ILE M 81 17.66 -92.03 97.66
C ILE M 81 18.29 -91.82 99.03
N ALA M 82 19.27 -90.93 99.12
CA ALA M 82 20.11 -90.75 100.28
C ALA M 82 19.31 -90.41 101.55
N ARG M 83 18.28 -89.57 101.45
CA ARG M 83 17.51 -89.12 102.61
C ARG M 83 16.73 -90.25 103.29
N ASP M 84 16.35 -91.25 102.52
CA ASP M 84 15.77 -92.48 103.05
C ASP M 84 16.84 -93.55 103.36
N ARG M 85 17.96 -93.56 102.62
CA ARG M 85 19.08 -94.49 102.87
C ARG M 85 19.79 -94.23 104.21
N GLY M 86 19.87 -92.97 104.63
CA GLY M 86 20.43 -92.57 105.93
C GLY M 86 21.96 -92.65 106.04
N ASN M 87 22.68 -92.05 105.07
CA ASN M 87 24.15 -91.99 105.09
C ASN M 87 24.69 -90.58 104.75
N GLU M 88 25.72 -90.12 105.47
CA GLU M 88 26.27 -88.77 105.30
C GLU M 88 27.15 -88.63 104.06
N GLU M 89 27.96 -89.62 103.69
CA GLU M 89 28.80 -89.53 102.50
C GLU M 89 27.97 -89.41 101.23
N GLU M 90 26.86 -90.14 101.14
CA GLU M 90 25.91 -89.98 100.04
C GLU M 90 25.42 -88.53 99.95
N LEU M 91 25.01 -87.94 101.08
CA LEU M 91 24.55 -86.55 101.11
C LEU M 91 25.67 -85.58 100.74
N GLU M 92 26.89 -85.84 101.20
CA GLU M 92 28.07 -85.05 100.83
C GLU M 92 28.32 -85.10 99.32
N TYR M 93 28.31 -86.30 98.72
CA TYR M 93 28.49 -86.45 97.29
C TYR M 93 27.39 -85.72 96.51
N ALA M 94 26.13 -85.89 96.93
CA ALA M 94 25.02 -85.18 96.31
C ALA M 94 25.21 -83.66 96.41
N ALA M 95 25.57 -83.15 97.59
CA ALA M 95 25.79 -81.72 97.77
C ALA M 95 26.89 -81.22 96.85
N ARG M 96 28.04 -81.92 96.82
CA ARG M 96 29.16 -81.58 95.95
C ARG M 96 28.72 -81.53 94.50
N LEU M 97 27.99 -82.55 94.04
CA LEU M 97 27.48 -82.59 92.67
C LEU M 97 26.60 -81.38 92.39
N ALA M 98 25.63 -81.10 93.25
CA ALA M 98 24.70 -80.01 93.03
C ALA M 98 25.41 -78.65 93.04
N GLU M 99 26.27 -78.43 94.02
CA GLU M 99 27.01 -77.19 94.12
C GLU M 99 27.90 -76.98 92.89
N GLU M 100 28.66 -78.00 92.49
CA GLU M 100 29.50 -77.91 91.30
C GLU M 100 28.67 -77.66 90.03
N ALA M 101 27.54 -78.36 89.89
CA ALA M 101 26.65 -78.12 88.77
C ALA M 101 26.17 -76.67 88.77
N ALA M 102 25.80 -76.15 89.94
CA ALA M 102 25.38 -74.77 90.05
C ALA M 102 26.51 -73.83 89.64
N ARG M 103 27.75 -74.08 90.06
CA ARG M 103 28.91 -73.27 89.63
C ARG M 103 28.99 -73.23 88.11
N GLN M 104 28.97 -74.41 87.49
CA GLN M 104 29.04 -74.51 86.04
C GLN M 104 27.87 -73.79 85.39
N ALA M 105 26.67 -73.91 85.94
CA ALA M 105 25.51 -73.19 85.43
C ALA M 105 25.71 -71.67 85.55
N ILE M 106 26.31 -71.18 86.63
CA ILE M 106 26.59 -69.76 86.76
C ILE M 106 27.65 -69.35 85.73
N GLU M 107 28.66 -70.18 85.47
CA GLU M 107 29.64 -69.89 84.41
C GLU M 107 28.98 -69.78 83.04
N ILE M 108 28.06 -70.69 82.73
CA ILE M 108 27.21 -70.58 81.55
C ILE M 108 26.46 -69.24 81.60
N ALA M 109 25.82 -68.91 82.71
CA ALA M 109 25.00 -67.70 82.83
C ALA M 109 25.82 -66.45 82.58
N ALA M 110 27.02 -66.39 83.15
CA ALA M 110 27.97 -65.31 82.94
C ALA M 110 28.28 -65.17 81.44
N GLN M 111 28.67 -66.26 80.78
CA GLN M 111 28.97 -66.20 79.36
C GLN M 111 27.74 -65.76 78.56
N ALA M 112 26.56 -66.29 78.88
CA ALA M 112 25.33 -65.95 78.16
C ALA M 112 25.00 -64.46 78.29
N MET M 113 25.11 -63.89 79.49
CA MET M 113 24.87 -62.46 79.69
C MET M 113 25.92 -61.63 78.96
N GLU M 114 27.19 -62.05 78.99
CA GLU M 114 28.24 -61.37 78.25
C GLU M 114 27.95 -61.37 76.75
N GLU M 115 27.56 -62.51 76.19
CA GLU M 115 27.16 -62.60 74.78
C GLU M 115 25.82 -61.88 74.50
N GLY M 116 25.01 -61.65 75.52
CA GLY M 116 23.69 -61.01 75.41
C GLY M 116 22.55 -61.94 74.98
N ASN M 117 22.77 -63.25 74.93
CA ASN M 117 21.71 -64.23 74.67
C ASN M 117 20.89 -64.48 75.95
N LEU M 118 19.98 -63.55 76.23
CA LEU M 118 19.22 -63.59 77.47
C LEU M 118 18.35 -64.85 77.56
N GLU M 119 17.95 -65.43 76.44
CA GLU M 119 17.22 -66.70 76.43
C GLU M 119 18.04 -67.79 77.15
N LEU M 120 19.31 -67.96 76.78
CA LEU M 120 20.17 -68.89 77.48
C LEU M 120 20.33 -68.48 78.95
N ALA M 121 20.50 -67.19 79.22
CA ALA M 121 20.69 -66.73 80.60
C ALA M 121 19.48 -67.07 81.49
N LEU M 122 18.26 -66.85 81.00
CA LEU M 122 17.05 -67.25 81.67
C LEU M 122 17.06 -68.76 81.93
N LYS M 123 17.35 -69.54 80.90
CA LYS M 123 17.40 -71.00 81.05
C LYS M 123 18.39 -71.38 82.16
N ALA M 124 19.58 -70.78 82.14
CA ALA M 124 20.57 -71.03 83.17
C ALA M 124 20.05 -70.65 84.56
N LEU M 125 19.38 -69.50 84.71
CA LEU M 125 18.78 -69.15 85.99
C LEU M 125 17.79 -70.23 86.42
N GLN M 126 16.96 -70.77 85.52
CA GLN M 126 16.07 -71.83 85.92
C GLN M 126 16.83 -73.05 86.43
N ILE M 127 17.91 -73.44 85.74
CA ILE M 127 18.76 -74.53 86.23
C ILE M 127 19.26 -74.17 87.62
N ILE M 128 19.73 -72.94 87.84
CA ILE M 128 20.29 -72.52 89.12
C ILE M 128 19.21 -72.60 90.20
N VAL M 129 17.99 -72.15 89.91
CA VAL M 129 16.86 -72.25 90.84
C VAL M 129 16.61 -73.71 91.19
N ASN M 130 16.58 -74.57 90.17
CA ASN M 130 16.37 -75.99 90.40
C ASN M 130 17.48 -76.55 91.31
N ALA M 131 18.74 -76.18 91.07
CA ALA M 131 19.85 -76.63 91.90
C ALA M 131 19.68 -76.14 93.34
N ALA M 132 19.27 -74.88 93.52
CA ALA M 132 19.01 -74.35 94.85
C ALA M 132 17.95 -75.19 95.56
N TYR M 133 16.88 -75.59 94.86
CA TYR M 133 15.88 -76.46 95.46
C TYR M 133 16.47 -77.80 95.89
N VAL M 134 17.27 -78.42 95.04
CA VAL M 134 17.90 -79.70 95.40
C VAL M 134 18.80 -79.52 96.62
N LEU M 135 19.60 -78.45 96.64
CA LEU M 135 20.46 -78.16 97.77
C LEU M 135 19.61 -77.99 99.03
N ALA M 136 18.49 -77.28 98.94
CA ALA M 136 17.62 -77.06 100.08
C ALA M 136 17.13 -78.40 100.66
N GLU M 137 16.65 -79.30 99.80
CA GLU M 137 16.19 -80.61 100.26
C GLU M 137 17.31 -81.40 100.95
N ILE M 138 18.53 -81.36 100.40
CA ILE M 138 19.68 -82.00 101.05
C ILE M 138 19.92 -81.35 102.42
N ALA M 139 20.03 -80.03 102.43
CA ALA M 139 20.39 -79.27 103.61
C ALA M 139 19.39 -79.47 104.74
N ARG M 140 18.09 -79.52 104.41
CA ARG M 140 17.00 -79.72 105.36
C ARG M 140 17.25 -80.94 106.22
N ASP M 141 17.45 -82.08 105.58
CA ASP M 141 17.56 -83.36 106.30
C ASP M 141 18.97 -83.58 106.86
N ARG M 142 20.00 -83.00 106.24
CA ARG M 142 21.36 -82.98 106.80
C ARG M 142 21.44 -82.15 108.09
N GLY M 143 20.65 -81.08 108.18
CA GLY M 143 20.55 -80.24 109.38
C GLY M 143 21.69 -79.23 109.55
N ASN M 144 22.29 -78.73 108.46
CA ASN M 144 23.41 -77.78 108.51
C ASN M 144 22.97 -76.35 108.15
N GLU M 145 23.17 -75.40 109.06
CA GLU M 145 22.67 -74.04 108.88
C GLU M 145 23.43 -73.28 107.80
N GLU M 146 24.72 -73.53 107.64
CA GLU M 146 25.53 -72.87 106.62
C GLU M 146 25.06 -73.24 105.21
N LEU M 147 24.79 -74.53 105.00
CA LEU M 147 24.25 -74.99 103.73
C LEU M 147 22.81 -74.50 103.53
N LEU M 148 22.01 -74.39 104.59
CA LEU M 148 20.69 -73.74 104.49
C LEU M 148 20.84 -72.27 104.09
N GLU M 149 21.79 -71.56 104.67
CA GLU M 149 22.05 -70.19 104.28
C GLU M 149 22.47 -70.12 102.81
N LYS M 150 23.37 -71.00 102.36
CA LYS M 150 23.72 -71.07 100.93
C LYS M 150 22.49 -71.31 100.06
N ALA M 151 21.64 -72.26 100.42
CA ALA M 151 20.45 -72.58 99.63
C ALA M 151 19.53 -71.36 99.53
N ALA M 152 19.38 -70.61 100.63
CA ALA M 152 18.65 -69.36 100.61
C ALA M 152 19.35 -68.32 99.74
N SER M 153 20.67 -68.15 99.88
CA SER M 153 21.39 -67.11 99.16
C SER M 153 21.30 -67.34 97.67
N LEU M 154 21.59 -68.57 97.22
CA LEU M 154 21.48 -68.92 95.81
C LEU M 154 20.09 -68.58 95.29
N ALA M 155 19.03 -69.05 95.98
CA ALA M 155 17.66 -68.81 95.53
C ALA M 155 17.32 -67.31 95.51
N GLU M 156 17.76 -66.56 96.51
CA GLU M 156 17.54 -65.12 96.56
C GLU M 156 18.27 -64.43 95.43
N ALA M 157 19.52 -64.83 95.19
CA ALA M 157 20.35 -64.24 94.16
C ALA M 157 19.76 -64.52 92.79
N ALA M 158 19.32 -65.75 92.55
CA ALA M 158 18.62 -66.08 91.33
C ALA M 158 17.39 -65.17 91.15
N ALA M 159 16.60 -64.97 92.22
CA ALA M 159 15.45 -64.07 92.12
C ALA M 159 15.88 -62.64 91.76
N ALA M 160 16.91 -62.14 92.43
CA ALA M 160 17.41 -60.82 92.13
C ALA M 160 17.88 -60.74 90.68
N LEU M 161 18.67 -61.70 90.21
CA LEU M 161 19.16 -61.71 88.83
C LEU M 161 18.02 -61.81 87.83
N ALA M 162 17.00 -62.60 88.13
CA ALA M 162 15.85 -62.69 87.26
C ALA M 162 15.18 -61.32 87.17
N GLU M 163 14.96 -60.66 88.30
CA GLU M 163 14.39 -59.32 88.30
C GLU M 163 15.28 -58.38 87.49
N ALA M 164 16.59 -58.47 87.67
CA ALA M 164 17.53 -57.63 86.96
C ALA M 164 17.41 -57.84 85.46
N ILE M 165 17.37 -59.09 84.98
CA ILE M 165 17.24 -59.33 83.54
C ILE M 165 15.88 -58.81 83.06
N ALA M 166 14.81 -59.01 83.83
CA ALA M 166 13.52 -58.46 83.48
C ALA M 166 13.61 -56.94 83.34
N ALA M 167 14.24 -56.26 84.28
CA ALA M 167 14.42 -54.82 84.18
C ALA M 167 15.28 -54.43 82.97
N ILE M 168 16.32 -55.22 82.63
CA ILE M 168 17.14 -54.98 81.43
C ILE M 168 16.27 -55.04 80.18
N LEU M 169 15.34 -55.99 80.12
CA LEU M 169 14.40 -56.08 79.01
C LEU M 169 13.41 -54.90 79.01
N GLU M 170 12.89 -54.52 80.18
CA GLU M 170 11.91 -53.43 80.31
C GLU M 170 12.50 -52.05 80.01
N GLY M 171 13.79 -51.84 80.25
CA GLY M 171 14.51 -50.59 79.96
C GLY M 171 14.37 -49.48 81.01
N ASP M 172 13.67 -49.70 82.13
CA ASP M 172 13.73 -48.79 83.27
C ASP M 172 15.05 -49.01 84.03
N VAL M 173 16.04 -48.21 83.68
CA VAL M 173 17.38 -48.32 84.28
C VAL M 173 17.38 -47.99 85.78
N GLU M 174 16.44 -47.18 86.29
CA GLU M 174 16.35 -46.97 87.74
C GLU M 174 15.83 -48.24 88.42
N LYS M 175 14.79 -48.85 87.87
CA LYS M 175 14.31 -50.15 88.35
C LYS M 175 15.42 -51.19 88.30
N ALA M 176 16.17 -51.22 87.20
CA ALA M 176 17.29 -52.15 87.06
C ALA M 176 18.33 -51.93 88.16
N VAL M 177 18.72 -50.68 88.41
CA VAL M 177 19.65 -50.37 89.49
C VAL M 177 19.06 -50.75 90.85
N ARG M 178 17.79 -50.46 91.11
CA ARG M 178 17.13 -50.84 92.36
C ARG M 178 17.23 -52.35 92.59
N ALA M 179 16.93 -53.14 91.57
CA ALA M 179 17.11 -54.59 91.64
C ALA M 179 18.59 -54.93 91.88
N ALA M 180 19.50 -54.34 91.12
CA ALA M 180 20.92 -54.64 91.22
C ALA M 180 21.48 -54.32 92.61
N GLN M 181 21.01 -53.24 93.23
CA GLN M 181 21.42 -52.88 94.59
C GLN M 181 21.06 -54.01 95.55
N GLU M 182 19.85 -54.56 95.46
CA GLU M 182 19.49 -55.71 96.27
C GLU M 182 20.35 -56.92 95.89
N ALA M 183 20.65 -57.10 94.60
CA ALA M 183 21.48 -58.21 94.15
C ALA M 183 22.87 -58.15 94.79
N VAL M 184 23.55 -57.00 94.73
CA VAL M 184 24.85 -56.89 95.39
C VAL M 184 24.69 -57.04 96.90
N LYS M 185 23.61 -56.53 97.50
CA LYS M 185 23.37 -56.69 98.94
C LYS M 185 23.35 -58.17 99.31
N ALA M 186 22.56 -58.96 98.61
CA ALA M 186 22.52 -60.39 98.81
C ALA M 186 23.90 -61.02 98.57
N ALA M 187 24.53 -60.70 97.44
CA ALA M 187 25.76 -61.34 97.04
C ALA M 187 26.91 -61.07 98.03
N LYS M 188 26.99 -59.82 98.53
CA LYS M 188 27.99 -59.38 99.50
C LYS M 188 27.77 -60.02 100.87
N GLU M 189 26.52 -60.18 101.30
CA GLU M 189 26.21 -60.92 102.52
C GLU M 189 26.52 -62.42 102.37
N ALA M 190 26.32 -62.98 101.18
CA ALA M 190 26.53 -64.40 100.94
C ALA M 190 28.01 -64.78 100.77
N GLY M 191 28.76 -64.05 99.94
CA GLY M 191 30.11 -64.42 99.53
C GLY M 191 30.18 -65.43 98.37
N ASP M 192 29.10 -65.59 97.59
CA ASP M 192 29.05 -66.48 96.43
C ASP M 192 29.84 -65.90 95.24
N ASN M 193 31.07 -66.37 95.04
CA ASN M 193 32.08 -65.70 94.21
C ASN M 193 31.67 -65.51 92.74
N ASP M 194 31.23 -66.59 92.12
CA ASP M 194 30.71 -66.53 90.75
C ASP M 194 29.38 -65.77 90.69
N MET M 195 28.60 -65.74 91.76
CA MET M 195 27.39 -64.91 91.78
C MET M 195 27.76 -63.43 91.72
N LEU M 196 28.81 -63.02 92.45
CA LEU M 196 29.34 -61.65 92.33
C LEU M 196 29.79 -61.40 90.88
N ARG M 197 30.50 -62.36 90.26
CA ARG M 197 30.91 -62.24 88.86
C ARG M 197 29.70 -62.01 87.96
N ALA M 198 28.66 -62.80 88.14
CA ALA M 198 27.43 -62.66 87.38
C ALA M 198 26.82 -61.28 87.58
N VAL M 199 26.72 -60.81 88.82
CA VAL M 199 26.18 -59.47 89.11
C VAL M 199 26.99 -58.42 88.36
N ALA M 200 28.31 -58.49 88.40
CA ALA M 200 29.13 -57.51 87.70
C ALA M 200 28.84 -57.54 86.19
N ILE M 201 28.76 -58.73 85.60
CA ILE M 201 28.47 -58.84 84.17
C ILE M 201 27.10 -58.27 83.87
N ALA M 202 26.11 -58.53 84.71
CA ALA M 202 24.79 -57.96 84.56
C ALA M 202 24.85 -56.43 84.65
N ALA M 203 25.60 -55.89 85.60
CA ALA M 203 25.78 -54.45 85.72
C ALA M 203 26.41 -53.87 84.45
N LEU M 204 27.38 -54.56 83.84
CA LEU M 204 27.94 -54.12 82.57
C LEU M 204 26.85 -54.09 81.48
N ARG M 205 26.00 -55.11 81.39
CA ARG M 205 24.87 -55.09 80.44
C ARG M 205 23.94 -53.92 80.74
N ILE M 206 23.61 -53.66 82.00
CA ILE M 206 22.79 -52.50 82.38
C ILE M 206 23.46 -51.22 81.87
N ALA M 207 24.75 -51.05 82.15
CA ALA M 207 25.49 -49.87 81.76
C ALA M 207 25.47 -49.68 80.24
N LYS M 208 25.68 -50.76 79.47
CA LYS M 208 25.65 -50.70 78.00
C LYS M 208 24.29 -50.21 77.50
N GLU M 209 23.19 -50.69 78.08
CA GLU M 209 21.88 -50.17 77.72
C GLU M 209 21.73 -48.71 78.13
N ALA M 210 22.15 -48.33 79.33
CA ALA M 210 22.09 -46.94 79.78
C ALA M 210 22.88 -46.01 78.85
N GLU M 211 24.01 -46.45 78.31
CA GLU M 211 24.75 -45.71 77.29
C GLU M 211 23.98 -45.60 75.98
N LYS M 212 23.34 -46.67 75.50
CA LYS M 212 22.50 -46.59 74.29
C LYS M 212 21.37 -45.58 74.48
N GLN M 213 20.80 -45.54 75.68
CA GLN M 213 19.80 -44.55 76.08
C GLN M 213 20.38 -43.15 76.31
N GLY M 214 21.70 -43.00 76.39
CA GLY M 214 22.37 -41.74 76.74
C GLY M 214 22.25 -41.34 78.21
N ASN M 215 21.74 -42.21 79.08
CA ASN M 215 21.58 -41.93 80.51
C ASN M 215 22.89 -42.14 81.28
N VAL M 216 23.82 -41.22 81.09
CA VAL M 216 25.13 -41.26 81.77
C VAL M 216 24.97 -41.25 83.29
N GLU M 217 23.97 -40.55 83.84
CA GLU M 217 23.81 -40.48 85.29
C GLU M 217 23.50 -41.86 85.86
N VAL M 218 22.47 -42.53 85.35
CA VAL M 218 22.13 -43.85 85.88
C VAL M 218 23.21 -44.86 85.50
N ALA M 219 23.88 -44.71 84.36
CA ALA M 219 25.03 -45.55 84.05
C ALA M 219 26.09 -45.46 85.16
N VAL M 220 26.41 -44.26 85.64
CA VAL M 220 27.35 -44.11 86.77
C VAL M 220 26.81 -44.76 88.04
N LYS M 221 25.50 -44.64 88.33
CA LYS M 221 24.91 -45.34 89.48
C LYS M 221 25.11 -46.85 89.36
N ALA M 222 24.91 -47.40 88.16
CA ALA M 222 25.19 -48.81 87.89
C ALA M 222 26.67 -49.13 88.09
N ALA M 223 27.57 -48.29 87.57
CA ALA M 223 29.00 -48.49 87.77
C ALA M 223 29.38 -48.51 89.26
N ARG M 224 28.70 -47.71 90.10
CA ARG M 224 28.94 -47.72 91.55
C ARG M 224 28.63 -49.09 92.16
N VAL M 225 27.54 -49.71 91.74
CA VAL M 225 27.23 -51.10 92.10
C VAL M 225 28.28 -52.05 91.53
N ALA M 226 28.69 -51.84 90.29
CA ALA M 226 29.63 -52.74 89.62
C ALA M 226 30.94 -52.84 90.40
N VAL M 227 31.52 -51.69 90.78
CA VAL M 227 32.74 -51.72 91.59
C VAL M 227 32.46 -52.30 92.97
N GLU M 228 31.30 -52.01 93.58
CA GLU M 228 30.98 -52.53 94.91
C GLU M 228 31.09 -54.06 94.92
N ALA M 229 30.52 -54.71 93.91
CA ALA M 229 30.62 -56.15 93.76
C ALA M 229 32.06 -56.56 93.44
N ALA M 230 32.67 -55.93 92.43
CA ALA M 230 33.98 -56.36 91.94
C ALA M 230 35.05 -56.30 93.03
N LYS M 231 34.97 -55.30 93.91
CA LYS M 231 35.87 -55.11 95.05
C LYS M 231 35.84 -56.28 96.03
N GLN M 232 34.76 -57.04 96.09
CA GLN M 232 34.70 -58.28 96.87
C GLN M 232 35.40 -59.43 96.14
N ALA M 233 35.20 -59.53 94.82
CA ALA M 233 35.55 -60.71 94.03
C ALA M 233 37.00 -60.76 93.53
N GLY M 234 37.56 -59.62 93.11
CA GLY M 234 38.94 -59.56 92.57
C GLY M 234 39.12 -60.18 91.18
N ASP M 235 38.07 -60.24 90.36
CA ASP M 235 38.16 -60.67 88.96
C ASP M 235 38.84 -59.59 88.10
N ASN M 236 40.09 -59.85 87.73
CA ASN M 236 40.97 -58.86 87.12
C ASN M 236 40.44 -58.33 85.78
N ASP M 237 40.04 -59.23 84.88
CA ASP M 237 39.52 -58.83 83.57
C ASP M 237 38.17 -58.13 83.68
N VAL M 238 37.34 -58.54 84.65
CA VAL M 238 36.07 -57.86 84.90
C VAL M 238 36.33 -56.44 85.38
N LEU M 239 37.26 -56.25 86.32
CA LEU M 239 37.68 -54.91 86.74
C LEU M 239 38.14 -54.09 85.52
N ARG M 240 38.92 -54.67 84.59
CA ARG M 240 39.35 -53.97 83.38
C ARG M 240 38.16 -53.56 82.51
N LYS M 241 37.21 -54.46 82.29
CA LYS M 241 35.99 -54.14 81.55
C LYS M 241 35.21 -53.03 82.24
N VAL M 242 35.08 -53.08 83.57
CA VAL M 242 34.44 -52.03 84.36
C VAL M 242 35.14 -50.70 84.14
N ALA M 243 36.46 -50.66 84.25
CA ALA M 243 37.21 -49.43 84.01
C ALA M 243 36.97 -48.91 82.59
N GLU M 244 37.02 -49.78 81.57
CA GLU M 244 36.77 -49.37 80.18
C GLU M 244 35.39 -48.74 80.05
N GLN M 245 34.38 -49.36 80.65
CA GLN M 245 33.04 -48.81 80.69
C GLN M 245 33.04 -47.45 81.40
N ALA M 246 33.70 -47.33 82.55
CA ALA M 246 33.72 -46.09 83.31
C ALA M 246 34.32 -44.95 82.48
N LEU M 247 35.39 -45.22 81.73
CA LEU M 247 35.98 -44.23 80.84
C LEU M 247 35.07 -43.92 79.66
N ARG M 248 34.43 -44.91 79.04
CA ARG M 248 33.42 -44.67 78.00
C ARG M 248 32.32 -43.74 78.52
N ILE M 249 31.79 -44.04 79.70
CA ILE M 249 30.76 -43.23 80.35
C ILE M 249 31.27 -41.81 80.62
N ALA M 250 32.49 -41.67 81.14
CA ALA M 250 33.07 -40.36 81.36
C ALA M 250 33.16 -39.56 80.06
N LYS M 251 33.60 -40.18 78.96
CA LYS M 251 33.67 -39.52 77.64
C LYS M 251 32.29 -39.04 77.18
N GLU M 252 31.25 -39.83 77.38
CA GLU M 252 29.90 -39.35 77.10
C GLU M 252 29.52 -38.20 78.05
N ALA M 253 29.84 -38.27 79.34
CA ALA M 253 29.54 -37.20 80.28
C ALA M 253 30.26 -35.89 79.91
N GLU M 254 31.49 -35.97 79.39
CA GLU M 254 32.17 -34.83 78.80
C GLU M 254 31.41 -34.29 77.57
N LYS M 255 30.95 -35.16 76.68
CA LYS M 255 30.18 -34.74 75.49
C LYS M 255 28.87 -34.08 75.88
N GLN M 256 28.24 -34.57 76.94
CA GLN M 256 27.06 -33.95 77.58
C GLN M 256 27.41 -32.70 78.39
N GLY M 257 28.69 -32.42 78.64
CA GLY M 257 29.15 -31.32 79.50
C GLY M 257 28.88 -31.53 81.00
N ASN M 258 28.38 -32.69 81.43
CA ASN M 258 28.19 -32.97 82.84
C ASN M 258 29.49 -33.46 83.48
N VAL M 259 30.35 -32.50 83.77
CA VAL M 259 31.66 -32.75 84.40
C VAL M 259 31.52 -33.34 85.81
N GLU M 260 30.43 -33.10 86.53
CA GLU M 260 30.21 -33.76 87.82
C GLU M 260 30.02 -35.27 87.65
N VAL M 261 29.18 -35.68 86.70
CA VAL M 261 29.01 -37.10 86.39
C VAL M 261 30.32 -37.69 85.86
N ALA M 262 31.04 -36.96 85.01
CA ALA M 262 32.35 -37.42 84.55
C ALA M 262 33.31 -37.65 85.74
N VAL M 263 33.37 -36.73 86.70
CA VAL M 263 34.21 -36.89 87.91
C VAL M 263 33.76 -38.07 88.76
N LYS M 264 32.45 -38.30 88.92
CA LYS M 264 31.99 -39.50 89.62
C LYS M 264 32.45 -40.77 88.89
N ALA M 265 32.36 -40.80 87.56
CA ALA M 265 32.87 -41.91 86.76
C ALA M 265 34.38 -42.11 86.95
N ALA M 266 35.16 -41.04 86.95
CA ALA M 266 36.58 -41.12 87.25
C ALA M 266 36.84 -41.61 88.69
N ARG M 267 36.07 -41.15 89.67
CA ARG M 267 36.18 -41.57 91.07
C ARG M 267 35.95 -43.07 91.22
N VAL M 268 34.98 -43.62 90.48
CA VAL M 268 34.79 -45.07 90.37
C VAL M 268 35.99 -45.71 89.68
N ALA M 269 36.42 -45.17 88.53
CA ALA M 269 37.47 -45.79 87.73
C ALA M 269 38.75 -45.98 88.55
N VAL M 270 39.19 -44.95 89.27
CA VAL M 270 40.40 -45.04 90.10
C VAL M 270 40.23 -46.02 91.25
N GLU M 271 39.04 -46.14 91.83
CA GLU M 271 38.79 -47.13 92.88
C GLU M 271 39.10 -48.53 92.35
N ALA M 272 38.51 -48.87 91.19
CA ALA M 272 38.68 -50.17 90.57
C ALA M 272 40.14 -50.39 90.15
N ALA M 273 40.74 -49.38 89.52
CA ALA M 273 42.13 -49.47 89.09
C ALA M 273 43.07 -49.74 90.28
N LYS M 274 42.83 -49.09 91.42
CA LYS M 274 43.69 -49.24 92.62
C LYS M 274 43.66 -50.66 93.17
N GLN M 275 42.53 -51.35 93.07
CA GLN M 275 42.49 -52.78 93.38
C GLN M 275 43.22 -53.60 92.31
N ALA M 276 42.97 -53.31 91.03
CA ALA M 276 43.46 -54.11 89.91
C ALA M 276 44.98 -54.05 89.72
N GLY M 277 45.58 -52.86 89.88
CA GLY M 277 47.01 -52.64 89.66
C GLY M 277 47.47 -52.67 88.18
N ASP M 278 46.54 -52.65 87.22
CA ASP M 278 46.87 -52.64 85.79
C ASP M 278 47.43 -51.28 85.35
N ASN M 279 48.70 -51.27 84.93
CA ASN M 279 49.41 -50.03 84.59
C ASN M 279 48.81 -49.30 83.38
N ASP M 280 48.41 -50.02 82.34
CA ASP M 280 47.82 -49.39 81.16
C ASP M 280 46.48 -48.76 81.53
N VAL M 281 45.68 -49.45 82.35
CA VAL M 281 44.45 -48.85 82.89
C VAL M 281 44.81 -47.61 83.69
N LEU M 282 45.74 -47.68 84.64
CA LEU M 282 46.12 -46.53 85.45
C LEU M 282 46.52 -45.33 84.58
N ARG M 283 47.34 -45.54 83.54
CA ARG M 283 47.74 -44.47 82.62
C ARG M 283 46.54 -43.93 81.84
N LYS M 284 45.71 -44.79 81.25
CA LYS M 284 44.51 -44.36 80.52
C LYS M 284 43.53 -43.62 81.43
N VAL M 285 43.41 -44.04 82.68
CA VAL M 285 42.56 -43.39 83.67
C VAL M 285 43.11 -42.01 83.99
N ALA M 286 44.38 -41.91 84.37
CA ALA M 286 44.97 -40.61 84.68
C ALA M 286 44.89 -39.65 83.48
N GLU M 287 45.14 -40.16 82.27
CA GLU M 287 44.97 -39.43 81.01
C GLU M 287 43.57 -38.82 80.93
N GLN M 288 42.54 -39.64 81.05
CA GLN M 288 41.19 -39.12 80.99
C GLN M 288 40.90 -38.20 82.18
N ALA M 289 41.48 -38.45 83.36
CA ALA M 289 41.25 -37.61 84.52
C ALA M 289 41.74 -36.17 84.29
N LEU M 290 42.86 -36.00 83.59
CA LEU M 290 43.29 -34.68 83.15
C LEU M 290 42.37 -34.11 82.07
N GLU M 291 41.87 -34.92 81.14
CA GLU M 291 40.87 -34.44 80.18
C GLU M 291 39.60 -33.95 80.89
N ILE M 292 39.15 -34.66 81.92
CA ILE M 292 38.02 -34.28 82.74
C ILE M 292 38.34 -32.99 83.50
N ALA M 293 39.54 -32.88 84.09
CA ALA M 293 39.95 -31.64 84.75
C ALA M 293 39.97 -30.47 83.76
N LYS M 294 40.44 -30.69 82.52
CA LYS M 294 40.42 -29.70 81.43
C LYS M 294 38.98 -29.26 81.15
N LYS M 295 38.05 -30.19 81.02
CA LYS M 295 36.64 -29.83 80.84
C LYS M 295 36.05 -29.11 82.06
N ALA M 296 36.38 -29.52 83.29
CA ALA M 296 35.93 -28.83 84.49
C ALA M 296 36.43 -27.38 84.54
N ALA M 297 37.69 -27.15 84.16
CA ALA M 297 38.23 -25.81 83.99
C ALA M 297 37.54 -25.04 82.86
N GLU M 298 37.26 -25.66 81.72
CA GLU M 298 36.53 -25.02 80.62
C GLU M 298 35.10 -24.61 81.01
N GLN M 299 34.44 -25.41 81.85
CA GLN M 299 33.16 -25.05 82.46
C GLN M 299 33.30 -24.04 83.59
N GLY M 300 34.51 -23.78 84.09
CA GLY M 300 34.76 -22.91 85.24
C GLY M 300 34.28 -23.47 86.58
N ASP M 301 33.97 -24.77 86.65
CA ASP M 301 33.47 -25.42 87.86
C ASP M 301 34.62 -25.71 88.83
N VAL M 302 34.89 -24.75 89.72
CA VAL M 302 36.06 -24.75 90.62
C VAL M 302 36.11 -26.02 91.48
N GLY M 303 35.05 -26.32 92.25
CA GLY M 303 35.04 -27.46 93.15
C GLY M 303 35.13 -28.80 92.40
N VAL M 304 34.45 -28.91 91.26
CA VAL M 304 34.55 -30.10 90.41
C VAL M 304 35.98 -30.24 89.87
N MET M 305 36.63 -29.15 89.47
CA MET M 305 38.02 -29.18 89.04
C MET M 305 38.96 -29.56 90.19
N GLN M 306 38.74 -29.06 91.41
CA GLN M 306 39.50 -29.47 92.61
C GLN M 306 39.37 -30.97 92.87
N LYS M 307 38.17 -31.53 92.69
CA LYS M 307 37.96 -32.98 92.77
C LYS M 307 38.67 -33.70 91.61
N ALA M 308 38.59 -33.18 90.39
CA ALA M 308 39.24 -33.81 89.23
C ALA M 308 40.76 -33.85 89.38
N MET M 309 41.34 -32.75 89.88
CA MET M 309 42.72 -32.69 90.36
C MET M 309 42.98 -33.82 91.37
N ASP M 310 42.18 -33.90 92.44
CA ASP M 310 42.42 -34.88 93.50
C ASP M 310 42.36 -36.33 92.97
N VAL M 311 41.38 -36.64 92.14
CA VAL M 311 41.25 -37.96 91.50
C VAL M 311 42.45 -38.23 90.60
N ALA M 312 42.77 -37.31 89.69
CA ALA M 312 43.91 -37.48 88.80
C ALA M 312 45.20 -37.71 89.60
N LEU M 313 45.40 -36.95 90.67
CA LEU M 313 46.55 -37.05 91.56
C LEU M 313 46.60 -38.40 92.27
N ARG M 314 45.48 -38.84 92.86
CA ARG M 314 45.41 -40.14 93.52
C ARG M 314 45.78 -41.27 92.57
N ALA M 315 45.32 -41.21 91.32
CA ALA M 315 45.71 -42.18 90.30
C ALA M 315 47.20 -42.07 89.95
N ALA M 316 47.62 -40.88 89.53
CA ALA M 316 48.96 -40.62 89.02
C ALA M 316 50.07 -41.01 90.01
N GLY M 317 49.85 -40.76 91.31
CA GLY M 317 50.83 -41.07 92.35
C GLY M 317 51.20 -42.56 92.49
N GLN M 318 50.43 -43.47 91.87
CA GLN M 318 50.66 -44.91 91.91
C GLN M 318 50.90 -45.52 90.51
N ALA M 319 50.83 -44.69 89.45
CA ALA M 319 50.95 -45.11 88.04
C ALA M 319 52.41 -45.24 87.54
N PRO N 4 95.75 22.62 57.29
CA PRO N 4 94.90 23.37 58.24
C PRO N 4 94.48 22.56 59.48
N ARG N 5 93.56 21.59 59.32
CA ARG N 5 92.88 20.87 60.42
C ARG N 5 93.85 20.33 61.47
N LEU N 6 94.87 19.62 61.00
CA LEU N 6 95.90 19.03 61.83
C LEU N 6 96.63 20.09 62.67
N VAL N 7 96.96 21.24 62.08
CA VAL N 7 97.74 22.27 62.80
C VAL N 7 96.94 22.80 63.97
N LEU N 8 95.64 23.02 63.78
CA LEU N 8 94.77 23.37 64.89
C LEU N 8 94.83 22.31 65.98
N ARG N 9 94.63 21.03 65.63
CA ARG N 9 94.74 19.94 66.60
C ARG N 9 96.07 19.97 67.33
N ALA N 10 97.16 20.13 66.61
CA ALA N 10 98.49 20.10 67.18
C ALA N 10 98.69 21.26 68.15
N LEU N 11 98.36 22.48 67.74
CA LEU N 11 98.54 23.64 68.62
C LEU N 11 97.67 23.46 69.85
N GLU N 12 96.44 23.02 69.70
CA GLU N 12 95.56 22.74 70.84
C GLU N 12 96.23 21.74 71.77
N ASN N 13 96.77 20.66 71.22
CA ASN N 13 97.47 19.68 72.03
C ASN N 13 98.69 20.30 72.71
N MET N 14 99.41 21.21 72.06
CA MET N 14 100.52 21.90 72.70
C MET N 14 100.05 22.75 73.88
N VAL N 15 98.91 23.42 73.75
CA VAL N 15 98.32 24.11 74.89
C VAL N 15 97.94 23.11 75.98
N ARG N 16 97.26 22.02 75.63
CA ARG N 16 96.88 21.00 76.62
C ARG N 16 98.11 20.45 77.33
N ALA N 17 99.20 20.26 76.60
CA ALA N 17 100.47 19.88 77.20
C ALA N 17 100.95 20.95 78.17
N ALA N 18 100.94 22.22 77.79
CA ALA N 18 101.29 23.29 78.70
C ALA N 18 100.40 23.26 79.96
N HIS N 19 99.09 23.00 79.81
CA HIS N 19 98.17 22.89 80.94
C HIS N 19 98.60 21.78 81.91
N THR N 20 98.88 20.58 81.39
CA THR N 20 99.44 19.52 82.24
C THR N 20 100.75 19.97 82.89
N LEU N 21 101.65 20.60 82.14
CA LEU N 21 102.96 20.97 82.66
C LEU N 21 102.80 21.97 83.80
N ALA N 22 101.93 22.94 83.64
CA ALA N 22 101.62 23.92 84.66
C ALA N 22 101.02 23.25 85.91
N GLU N 23 100.10 22.30 85.75
CA GLU N 23 99.58 21.54 86.88
C GLU N 23 100.70 20.83 87.61
N ILE N 24 101.55 20.10 86.89
CA ILE N 24 102.65 19.34 87.46
C ILE N 24 103.62 20.28 88.18
N ALA N 25 103.97 21.40 87.54
CA ALA N 25 104.88 22.37 88.12
C ALA N 25 104.32 22.97 89.41
N ARG N 26 103.04 23.34 89.43
CA ARG N 26 102.40 23.91 90.63
C ARG N 26 102.25 22.89 91.75
N ASP N 27 101.96 21.64 91.41
CA ASP N 27 101.97 20.55 92.39
C ASP N 27 103.36 20.36 93.01
N ASN N 28 104.43 20.38 92.20
CA ASN N 28 105.79 20.21 92.70
C ASN N 28 106.36 21.50 93.35
N GLY N 29 105.82 22.66 93.00
CA GLY N 29 106.38 23.97 93.36
C GLY N 29 107.62 24.37 92.55
N ASN N 30 107.84 23.81 91.36
CA ASN N 30 109.03 24.07 90.54
C ASN N 30 108.90 25.33 89.64
N GLU N 31 109.99 26.08 89.49
CA GLU N 31 110.02 27.27 88.63
C GLU N 31 110.36 26.97 87.17
N GLU N 32 111.40 26.17 86.93
CA GLU N 32 111.93 25.95 85.58
C GLU N 32 110.89 25.39 84.62
N TRP N 33 110.05 24.47 85.10
CA TRP N 33 108.98 23.91 84.30
C TRP N 33 107.95 24.97 83.91
N LEU N 34 107.67 25.94 84.79
CA LEU N 34 106.83 27.08 84.40
C LEU N 34 107.54 27.91 83.32
N GLU N 35 108.83 28.17 83.45
CA GLU N 35 109.56 28.94 82.44
C GLU N 35 109.50 28.25 81.08
N ARG N 36 109.73 26.94 81.04
CA ARG N 36 109.56 26.13 79.82
C ARG N 36 108.14 26.28 79.29
N ALA N 37 107.15 26.08 80.14
CA ALA N 37 105.75 26.15 79.75
C ALA N 37 105.45 27.51 79.14
N ALA N 38 105.89 28.59 79.77
CA ALA N 38 105.65 29.95 79.31
C ALA N 38 106.27 30.15 77.93
N ARG N 39 107.51 29.71 77.72
CA ARG N 39 108.14 29.79 76.40
C ARG N 39 107.33 29.05 75.35
N LEU N 40 106.88 27.83 75.65
CA LEU N 40 106.02 27.07 74.75
C LEU N 40 104.72 27.82 74.48
N ALA N 41 104.05 28.31 75.52
CA ALA N 41 102.78 28.99 75.38
C ALA N 41 102.91 30.26 74.55
N GLU N 42 103.94 31.07 74.78
CA GLU N 42 104.15 32.28 73.98
C GLU N 42 104.36 31.93 72.52
N GLU N 43 105.16 30.90 72.23
CA GLU N 43 105.38 30.48 70.85
C GLU N 43 104.07 30.06 70.19
N VAL N 44 103.24 29.29 70.91
CA VAL N 44 101.90 28.95 70.43
C VAL N 44 101.08 30.21 70.22
N ALA N 45 101.09 31.17 71.14
CA ALA N 45 100.29 32.38 70.99
C ALA N 45 100.68 33.13 69.71
N ARG N 46 101.98 33.31 69.48
CA ARG N 46 102.48 33.97 68.27
C ARG N 46 102.04 33.23 67.02
N ARG N 47 102.20 31.91 66.99
CA ARG N 47 101.77 31.06 65.86
C ARG N 47 100.26 31.14 65.65
N ALA N 48 99.49 31.07 66.72
CA ALA N 48 98.04 31.06 66.65
C ALA N 48 97.49 32.41 66.22
N GLU N 49 98.11 33.53 66.59
CA GLU N 49 97.70 34.83 66.08
C GLU N 49 97.82 34.86 64.56
N ARG N 50 98.96 34.43 64.02
CA ARG N 50 99.14 34.30 62.57
C ARG N 50 98.05 33.41 61.98
N LEU N 51 97.86 32.22 62.53
CA LEU N 51 96.88 31.26 62.01
C LEU N 51 95.49 31.90 61.97
N ALA N 52 95.05 32.50 63.07
CA ALA N 52 93.74 33.14 63.15
C ALA N 52 93.60 34.25 62.11
N ARG N 53 94.61 35.13 61.98
CA ARG N 53 94.60 36.20 60.99
C ARG N 53 94.49 35.64 59.58
N GLU N 54 95.26 34.62 59.26
CA GLU N 54 95.19 33.97 57.95
C GLU N 54 93.83 33.32 57.72
N ALA N 55 93.27 32.63 58.72
CA ALA N 55 92.02 31.90 58.55
C ALA N 55 90.85 32.82 58.16
N ARG N 56 90.78 34.03 58.73
CA ARG N 56 89.75 35.00 58.32
C ARG N 56 90.00 35.49 56.89
N LYS N 57 91.26 35.69 56.48
CA LYS N 57 91.59 36.05 55.09
C LYS N 57 91.24 34.94 54.10
N GLU N 58 91.36 33.68 54.51
CA GLU N 58 90.85 32.52 53.76
C GLU N 58 89.31 32.43 53.76
N GLY N 59 88.62 33.24 54.56
CA GLY N 59 87.17 33.30 54.63
C GLY N 59 86.50 32.20 55.45
N ASN N 60 87.26 31.25 56.00
CA ASN N 60 86.69 30.21 56.86
C ASN N 60 86.63 30.66 58.32
N LEU N 61 85.47 31.21 58.69
CA LEU N 61 85.24 31.68 60.05
C LEU N 61 85.28 30.56 61.10
N GLU N 62 84.94 29.31 60.76
CA GLU N 62 84.97 28.24 61.75
C GLU N 62 86.40 27.90 62.15
N LEU N 63 87.29 27.76 61.17
CA LEU N 63 88.70 27.55 61.45
C LEU N 63 89.23 28.72 62.27
N ALA N 64 88.87 29.95 61.89
CA ALA N 64 89.28 31.12 62.64
C ALA N 64 88.80 31.05 64.10
N LEU N 65 87.51 30.79 64.34
CA LEU N 65 87.02 30.81 65.71
C LEU N 65 87.60 29.65 66.51
N LYS N 66 87.88 28.50 65.90
CA LYS N 66 88.61 27.44 66.60
C LYS N 66 90.00 27.94 67.00
N ALA N 67 90.71 28.61 66.11
CA ALA N 67 92.00 29.20 66.44
C ALA N 67 91.87 30.20 67.59
N LEU N 68 90.81 31.01 67.60
CA LEU N 68 90.56 31.87 68.74
C LEU N 68 90.36 31.03 70.00
N GLN N 69 89.62 29.94 69.96
CA GLN N 69 89.47 29.10 71.14
C GLN N 69 90.81 28.55 71.61
N ILE N 70 91.70 28.21 70.68
CA ILE N 70 93.07 27.84 71.04
C ILE N 70 93.74 29.01 71.75
N LEU N 71 93.67 30.21 71.20
CA LEU N 71 94.22 31.39 71.87
C LEU N 71 93.61 31.57 73.26
N VAL N 72 92.31 31.31 73.44
CA VAL N 72 91.68 31.45 74.75
C VAL N 72 92.14 30.37 75.70
N ASN N 73 92.30 29.13 75.23
CA ASN N 73 92.93 28.11 76.05
C ASN N 73 94.34 28.58 76.45
N ALA N 74 95.11 29.11 75.50
CA ALA N 74 96.45 29.57 75.78
C ALA N 74 96.40 30.68 76.83
N ALA N 75 95.48 31.63 76.69
CA ALA N 75 95.31 32.71 77.65
C ALA N 75 94.97 32.13 79.03
N TYR N 76 94.08 31.15 79.10
CA TYR N 76 93.75 30.49 80.36
C TYR N 76 95.00 29.90 81.00
N VAL N 77 95.81 29.17 80.24
CA VAL N 77 97.05 28.59 80.75
C VAL N 77 98.02 29.70 81.18
N LEU N 78 98.22 30.71 80.34
CA LEU N 78 99.13 31.81 80.63
C LEU N 78 98.70 32.49 81.93
N ALA N 79 97.41 32.71 82.12
CA ALA N 79 96.87 33.31 83.33
C ALA N 79 97.12 32.41 84.54
N GLU N 80 96.82 31.11 84.44
CA GLU N 80 97.08 30.18 85.52
C GLU N 80 98.56 30.22 85.94
N ILE N 81 99.47 30.25 84.96
CA ILE N 81 100.89 30.40 85.24
C ILE N 81 101.12 31.75 85.92
N ALA N 82 100.74 32.83 85.25
CA ALA N 82 101.09 34.18 85.66
C ALA N 82 100.57 34.54 87.06
N ARG N 83 99.33 34.18 87.39
CA ARG N 83 98.70 34.59 88.65
C ARG N 83 99.30 33.87 89.85
N ASP N 84 99.88 32.70 89.64
CA ASP N 84 100.69 32.02 90.64
C ASP N 84 102.17 32.44 90.59
N ARG N 85 102.70 32.82 89.42
CA ARG N 85 104.06 33.35 89.25
C ARG N 85 104.24 34.71 89.94
N GLY N 86 103.22 35.56 89.90
CA GLY N 86 103.23 36.88 90.52
C GLY N 86 104.04 37.94 89.76
N ASN N 87 103.68 38.23 88.50
CA ASN N 87 104.23 39.36 87.75
C ASN N 87 103.16 40.14 86.95
N GLU N 88 103.21 41.46 87.02
CA GLU N 88 102.23 42.34 86.37
C GLU N 88 102.33 42.34 84.85
N GLU N 89 103.53 42.35 84.26
CA GLU N 89 103.65 42.37 82.80
C GLU N 89 103.07 41.11 82.18
N GLU N 90 103.31 39.94 82.77
CA GLU N 90 102.66 38.70 82.32
C GLU N 90 101.14 38.84 82.33
N LEU N 91 100.56 39.37 83.42
CA LEU N 91 99.11 39.54 83.54
C LEU N 91 98.60 40.57 82.52
N GLU N 92 99.33 41.64 82.30
CA GLU N 92 99.04 42.63 81.27
C GLU N 92 99.02 41.98 79.89
N TYR N 93 100.06 41.21 79.54
CA TYR N 93 100.13 40.54 78.25
C TYR N 93 98.97 39.55 78.08
N ALA N 94 98.66 38.76 79.11
CA ALA N 94 97.54 37.84 79.06
C ALA N 94 96.23 38.61 78.84
N ALA N 95 95.99 39.67 79.60
CA ALA N 95 94.79 40.47 79.45
C ALA N 95 94.68 41.02 78.02
N ARG N 96 95.77 41.60 77.51
CA ARG N 96 95.81 42.09 76.12
C ARG N 96 95.47 40.99 75.14
N LEU N 97 96.08 39.82 75.28
CA LEU N 97 95.82 38.69 74.40
C LEU N 97 94.33 38.32 74.44
N ALA N 98 93.78 38.13 75.62
CA ALA N 98 92.39 37.72 75.76
C ALA N 98 91.44 38.78 75.21
N GLU N 99 91.68 40.05 75.53
CA GLU N 99 90.86 41.13 75.03
C GLU N 99 90.92 41.19 73.51
N GLU N 100 92.11 41.16 72.92
CA GLU N 100 92.27 41.19 71.47
C GLU N 100 91.58 40.00 70.82
N ALA N 101 91.73 38.81 71.40
CA ALA N 101 91.03 37.64 70.89
C ALA N 101 89.52 37.88 70.94
N ALA N 102 89.02 38.44 72.03
CA ALA N 102 87.60 38.74 72.14
C ALA N 102 87.19 39.75 71.07
N ARG N 103 88.00 40.78 70.77
CA ARG N 103 87.72 41.71 69.68
C ARG N 103 87.54 40.94 68.39
N GLN N 104 88.52 40.13 68.04
CA GLN N 104 88.46 39.33 66.83
C GLN N 104 87.24 38.41 66.83
N ALA N 105 86.91 37.84 67.99
CA ALA N 105 85.73 37.00 68.11
C ALA N 105 84.45 37.79 67.84
N ILE N 106 84.34 39.01 68.35
CA ILE N 106 83.19 39.85 68.06
C ILE N 106 83.20 40.22 66.58
N GLU N 107 84.35 40.48 65.97
CA GLU N 107 84.42 40.76 64.52
C GLU N 107 83.88 39.58 63.71
N ILE N 108 84.25 38.37 64.08
CA ILE N 108 83.64 37.17 63.52
C ILE N 108 82.14 37.20 63.78
N ALA N 109 81.70 37.43 65.01
CA ALA N 109 80.27 37.36 65.35
C ALA N 109 79.44 38.35 64.53
N ALA N 110 79.95 39.57 64.39
CA ALA N 110 79.35 40.60 63.55
C ALA N 110 79.23 40.09 62.11
N GLN N 111 80.32 39.61 61.52
CA GLN N 111 80.27 39.09 60.16
C GLN N 111 79.28 37.93 60.05
N ALA N 112 79.27 37.02 61.01
CA ALA N 112 78.42 35.85 61.00
C ALA N 112 76.94 36.24 61.04
N MET N 113 76.56 37.16 61.92
CA MET N 113 75.18 37.65 61.96
C MET N 113 74.82 38.41 60.70
N GLU N 114 75.76 39.15 60.12
CA GLU N 114 75.56 39.87 58.87
C GLU N 114 75.35 38.91 57.70
N GLU N 115 76.08 37.80 57.65
CA GLU N 115 75.82 36.74 56.67
C GLU N 115 74.52 35.98 56.99
N GLY N 116 74.18 35.86 58.28
CA GLY N 116 73.00 35.15 58.77
C GLY N 116 73.24 33.73 59.25
N ASN N 117 74.49 33.33 59.48
CA ASN N 117 74.82 32.04 60.12
C ASN N 117 74.89 32.22 61.64
N LEU N 118 73.76 32.07 62.31
CA LEU N 118 73.70 32.20 63.77
C LEU N 118 74.55 31.11 64.46
N GLU N 119 74.80 29.99 63.81
CA GLU N 119 75.54 28.89 64.40
C GLU N 119 76.98 29.31 64.71
N LEU N 120 77.65 29.94 63.75
CA LEU N 120 78.95 30.54 63.96
C LEU N 120 78.88 31.62 65.03
N ALA N 121 77.87 32.49 64.98
CA ALA N 121 77.75 33.57 65.95
C ALA N 121 77.63 33.01 67.38
N LEU N 122 76.81 31.99 67.56
CA LEU N 122 76.66 31.29 68.82
C LEU N 122 78.00 30.73 69.27
N LYS N 123 78.73 30.06 68.38
CA LYS N 123 80.07 29.56 68.70
C LYS N 123 80.96 30.70 69.18
N ALA N 124 80.98 31.82 68.45
CA ALA N 124 81.76 32.98 68.84
C ALA N 124 81.33 33.51 70.21
N LEU N 125 80.04 33.53 70.53
CA LEU N 125 79.59 33.95 71.84
C LEU N 125 80.15 33.04 72.92
N GLN N 126 80.23 31.74 72.69
CA GLN N 126 80.89 30.87 73.66
C GLN N 126 82.35 31.28 73.85
N ILE N 127 83.06 31.56 72.76
CA ILE N 127 84.46 32.05 72.86
C ILE N 127 84.47 33.32 73.72
N ILE N 128 83.57 34.27 73.46
CA ILE N 128 83.54 35.54 74.18
C ILE N 128 83.31 35.27 75.66
N VAL N 129 82.34 34.42 75.98
CA VAL N 129 82.03 34.04 77.34
C VAL N 129 83.27 33.47 78.02
N ASN N 130 83.99 32.58 77.33
CA ASN N 130 85.22 32.01 77.87
C ASN N 130 86.23 33.12 78.16
N ALA N 131 86.40 34.05 77.23
CA ALA N 131 87.36 35.14 77.42
C ALA N 131 86.99 35.98 78.64
N ALA N 132 85.70 36.25 78.83
CA ALA N 132 85.26 36.99 80.00
C ALA N 132 85.69 36.29 81.28
N TYR N 133 85.49 34.98 81.37
CA TYR N 133 85.92 34.23 82.54
C TYR N 133 87.42 34.41 82.79
N VAL N 134 88.24 34.21 81.75
CA VAL N 134 89.69 34.34 81.88
C VAL N 134 90.06 35.76 82.31
N LEU N 135 89.49 36.77 81.66
CA LEU N 135 89.77 38.15 81.95
C LEU N 135 89.44 38.45 83.41
N ALA N 136 88.29 37.99 83.89
CA ALA N 136 87.89 38.27 85.26
C ALA N 136 88.84 37.63 86.27
N GLU N 137 89.25 36.38 86.04
CA GLU N 137 90.20 35.71 86.91
C GLU N 137 91.53 36.48 86.98
N ILE N 138 92.01 36.99 85.84
CA ILE N 138 93.17 37.87 85.80
C ILE N 138 92.88 39.12 86.63
N ALA N 139 91.78 39.79 86.33
CA ALA N 139 91.49 41.10 86.87
C ALA N 139 91.32 41.08 88.39
N ARG N 140 90.67 40.05 88.94
CA ARG N 140 90.53 39.89 90.39
C ARG N 140 91.89 39.75 91.04
N ASP N 141 92.70 38.81 90.54
CA ASP N 141 93.98 38.52 91.17
C ASP N 141 94.95 39.69 91.03
N ARG N 142 94.88 40.44 89.92
CA ARG N 142 95.62 41.70 89.71
C ARG N 142 95.13 42.83 90.61
N GLY N 143 93.82 42.90 90.82
CA GLY N 143 93.12 44.02 91.45
C GLY N 143 92.86 45.19 90.49
N ASN N 144 91.84 45.08 89.63
CA ASN N 144 91.34 46.18 88.81
C ASN N 144 89.82 46.13 88.61
N GLU N 145 89.09 46.96 89.34
CA GLU N 145 87.63 47.00 89.29
C GLU N 145 87.10 47.41 87.93
N GLU N 146 87.82 48.26 87.20
CA GLU N 146 87.38 48.74 85.90
C GLU N 146 87.29 47.59 84.92
N LEU N 147 88.34 46.79 84.83
CA LEU N 147 88.36 45.61 83.99
C LEU N 147 87.34 44.58 84.49
N LEU N 148 87.18 44.41 85.81
CA LEU N 148 86.15 43.50 86.33
C LEU N 148 84.76 43.93 85.87
N GLU N 149 84.44 45.20 86.03
CA GLU N 149 83.18 45.75 85.56
C GLU N 149 83.05 45.57 84.05
N LYS N 150 84.13 45.80 83.29
CA LYS N 150 84.14 45.61 81.85
C LYS N 150 83.81 44.17 81.50
N ALA N 151 84.44 43.21 82.15
CA ALA N 151 84.17 41.80 81.90
C ALA N 151 82.69 41.50 82.19
N ALA N 152 82.19 41.90 83.36
CA ALA N 152 80.82 41.60 83.74
C ALA N 152 79.82 42.20 82.75
N SER N 153 79.98 43.49 82.45
CA SER N 153 79.09 44.16 81.51
C SER N 153 79.19 43.55 80.11
N LEU N 154 80.39 43.20 79.65
CA LEU N 154 80.53 42.50 78.38
C LEU N 154 79.79 41.17 78.42
N ALA N 155 79.96 40.41 79.49
CA ALA N 155 79.30 39.13 79.62
C ALA N 155 77.78 39.30 79.64
N GLU N 156 77.27 40.31 80.34
CA GLU N 156 75.83 40.56 80.34
C GLU N 156 75.36 40.86 78.92
N ALA N 157 76.07 41.72 78.21
CA ALA N 157 75.73 42.07 76.83
C ALA N 157 75.78 40.83 75.93
N ALA N 158 76.80 39.99 76.10
CA ALA N 158 76.85 38.73 75.39
C ALA N 158 75.62 37.89 75.73
N ALA N 159 75.24 37.80 77.01
CA ALA N 159 74.09 36.99 77.41
C ALA N 159 72.82 37.53 76.76
N ALA N 160 72.64 38.83 76.76
CA ALA N 160 71.51 39.43 76.07
C ALA N 160 71.58 39.09 74.57
N LEU N 161 72.74 39.16 73.92
CA LEU N 161 72.85 38.82 72.51
C LEU N 161 72.48 37.36 72.28
N ALA N 162 72.92 36.47 73.15
CA ALA N 162 72.53 35.07 73.04
C ALA N 162 71.01 34.96 73.18
N GLU N 163 70.42 35.65 74.14
CA GLU N 163 68.97 35.63 74.31
C GLU N 163 68.30 36.15 73.05
N ALA N 164 68.82 37.22 72.47
CA ALA N 164 68.29 37.78 71.25
C ALA N 164 68.42 36.77 70.11
N ILE N 165 69.52 36.04 70.00
CA ILE N 165 69.65 35.02 68.98
C ILE N 165 68.61 33.93 69.21
N ALA N 166 68.39 33.53 70.46
CA ALA N 166 67.33 32.57 70.76
C ALA N 166 65.97 33.13 70.33
N ALA N 167 65.69 34.40 70.62
CA ALA N 167 64.46 35.03 70.16
C ALA N 167 64.38 35.07 68.62
N ILE N 168 65.50 35.27 67.91
CA ILE N 168 65.54 35.26 66.45
C ILE N 168 65.17 33.87 65.93
N LEU N 169 65.63 32.80 66.59
CA LEU N 169 65.20 31.46 66.25
C LEU N 169 63.69 31.29 66.53
N GLU N 170 63.21 31.76 67.68
CA GLU N 170 61.83 31.56 68.13
C GLU N 170 60.78 32.37 67.37
N GLY N 171 61.11 33.58 66.91
CA GLY N 171 60.20 34.48 66.19
C GLY N 171 59.32 35.39 67.06
N ASP N 172 59.45 35.39 68.38
CA ASP N 172 58.80 36.41 69.23
C ASP N 172 59.60 37.72 69.18
N VAL N 173 59.15 38.62 68.32
CA VAL N 173 59.81 39.92 68.13
C VAL N 173 59.69 40.82 69.36
N GLU N 174 58.65 40.67 70.20
CA GLU N 174 58.58 41.48 71.42
C GLU N 174 59.64 41.03 72.41
N LYS N 175 59.78 39.71 72.59
CA LYS N 175 60.87 39.12 73.36
C LYS N 175 62.21 39.58 72.82
N ALA N 176 62.39 39.58 71.49
CA ALA N 176 63.62 40.05 70.88
C ALA N 176 63.91 41.51 71.24
N VAL N 177 62.91 42.39 71.14
CA VAL N 177 63.10 43.79 71.54
C VAL N 177 63.42 43.89 73.03
N ARG N 178 62.70 43.16 73.89
CA ARG N 178 62.97 43.16 75.33
C ARG N 178 64.42 42.80 75.62
N ALA N 179 64.92 41.75 74.99
CA ALA N 179 66.33 41.40 75.08
C ALA N 179 67.22 42.54 74.55
N ALA N 180 66.90 43.08 73.37
CA ALA N 180 67.71 44.12 72.76
C ALA N 180 67.79 45.37 73.64
N GLN N 181 66.73 45.72 74.36
CA GLN N 181 66.75 46.85 75.28
C GLN N 181 67.80 46.64 76.36
N GLU N 182 67.82 45.46 76.97
CA GLU N 182 68.88 45.15 77.93
C GLU N 182 70.24 45.13 77.26
N ALA N 183 70.32 44.62 76.04
CA ALA N 183 71.58 44.57 75.30
C ALA N 183 72.15 45.97 75.10
N VAL N 184 71.35 46.93 74.62
CA VAL N 184 71.84 48.30 74.49
C VAL N 184 72.15 48.88 75.87
N LYS N 185 71.37 48.56 76.92
CA LYS N 185 71.66 49.05 78.27
C LYS N 185 73.07 48.66 78.70
N ALA N 186 73.38 47.37 78.61
CA ALA N 186 74.72 46.90 78.93
C ALA N 186 75.76 47.53 77.99
N ALA N 187 75.51 47.52 76.69
CA ALA N 187 76.50 47.98 75.71
C ALA N 187 76.84 49.45 75.91
N LYS N 188 75.83 50.28 76.19
CA LYS N 188 75.98 51.71 76.43
C LYS N 188 76.72 51.97 77.74
N GLU N 189 76.50 51.16 78.76
CA GLU N 189 77.28 51.22 80.00
C GLU N 189 78.73 50.81 79.77
N ALA N 190 78.99 49.81 78.93
CA ALA N 190 80.33 49.34 78.63
C ALA N 190 81.11 50.30 77.72
N GLY N 191 80.46 50.90 76.72
CA GLY N 191 81.11 51.72 75.70
C GLY N 191 81.96 50.94 74.69
N ASP N 192 81.79 49.62 74.57
CA ASP N 192 82.52 48.81 73.58
C ASP N 192 81.92 48.95 72.18
N ASN N 193 82.72 49.50 71.27
CA ASN N 193 82.31 49.81 69.91
C ASN N 193 81.82 48.57 69.14
N ASP N 194 82.53 47.45 69.29
CA ASP N 194 82.18 46.23 68.59
C ASP N 194 80.92 45.63 69.19
N MET N 195 80.74 45.70 70.50
CA MET N 195 79.51 45.23 71.13
C MET N 195 78.31 46.02 70.60
N LEU N 196 78.45 47.33 70.51
CA LEU N 196 77.41 48.18 69.92
C LEU N 196 77.16 47.78 68.46
N ARG N 197 78.23 47.56 67.69
CA ARG N 197 78.12 47.12 66.29
C ARG N 197 77.31 45.83 66.20
N ALA N 198 77.65 44.87 67.06
CA ALA N 198 76.97 43.58 67.09
C ALA N 198 75.48 43.76 67.38
N VAL N 199 75.14 44.56 68.38
CA VAL N 199 73.74 44.84 68.71
C VAL N 199 73.02 45.40 67.49
N ALA N 200 73.63 46.38 66.81
CA ALA N 200 73.00 46.97 65.64
C ALA N 200 72.78 45.92 64.55
N ILE N 201 73.77 45.09 64.27
CA ILE N 201 73.64 44.06 63.24
C ILE N 201 72.50 43.11 63.62
N ALA N 202 72.42 42.71 64.89
CA ALA N 202 71.33 41.86 65.34
C ALA N 202 69.98 42.55 65.14
N ALA N 203 69.87 43.81 65.53
CA ALA N 203 68.65 44.57 65.35
C ALA N 203 68.24 44.62 63.88
N LEU N 204 69.20 44.78 62.96
CA LEU N 204 68.89 44.76 61.54
C LEU N 204 68.25 43.43 61.15
N ARG N 205 68.83 42.30 61.55
CA ARG N 205 68.24 41.01 61.17
C ARG N 205 66.90 40.76 61.86
N ILE N 206 66.73 41.25 63.08
CA ILE N 206 65.43 41.24 63.76
C ILE N 206 64.42 41.99 62.90
N ALA N 207 64.76 43.19 62.45
CA ALA N 207 63.86 43.97 61.60
C ALA N 207 63.54 43.23 60.30
N LYS N 208 64.53 42.59 59.66
CA LYS N 208 64.29 41.81 58.44
C LYS N 208 63.26 40.70 58.67
N GLU N 209 63.35 39.98 59.78
CA GLU N 209 62.33 38.99 60.12
C GLU N 209 60.97 39.64 60.40
N ALA N 210 60.95 40.76 61.13
CA ALA N 210 59.72 41.49 61.40
C ALA N 210 59.02 41.96 60.10
N GLU N 211 59.79 42.36 59.09
CA GLU N 211 59.26 42.68 57.77
C GLU N 211 58.66 41.46 57.07
N LYS N 212 59.30 40.28 57.14
CA LYS N 212 58.71 39.06 56.58
C LYS N 212 57.36 38.75 57.23
N GLN N 213 57.28 38.95 58.55
CA GLN N 213 56.05 38.84 59.32
C GLN N 213 55.04 39.98 59.06
N GLY N 214 55.47 41.07 58.40
CA GLY N 214 54.65 42.27 58.21
C GLY N 214 54.47 43.13 59.46
N ASN N 215 55.19 42.86 60.56
CA ASN N 215 55.13 43.65 61.78
C ASN N 215 56.09 44.86 61.72
N VAL N 216 55.73 45.83 60.89
CA VAL N 216 56.49 47.08 60.78
C VAL N 216 56.56 47.81 62.13
N GLU N 217 55.53 47.73 62.96
CA GLU N 217 55.49 48.47 64.22
C GLU N 217 56.65 48.06 65.13
N VAL N 218 56.79 46.76 65.39
CA VAL N 218 57.90 46.28 66.21
C VAL N 218 59.23 46.49 65.48
N ALA N 219 59.27 46.40 64.15
CA ALA N 219 60.50 46.68 63.43
C ALA N 219 61.01 48.09 63.75
N VAL N 220 60.13 49.09 63.80
CA VAL N 220 60.52 50.46 64.19
C VAL N 220 61.03 50.48 65.63
N LYS N 221 60.39 49.77 66.56
CA LYS N 221 60.87 49.70 67.94
C LYS N 221 62.31 49.17 67.97
N ALA N 222 62.60 48.13 67.21
CA ALA N 222 63.95 47.60 67.08
C ALA N 222 64.89 48.66 66.48
N ALA N 223 64.48 49.34 65.41
CA ALA N 223 65.29 50.38 64.81
C ALA N 223 65.58 51.53 65.80
N ARG N 224 64.66 51.83 66.73
CA ARG N 224 64.88 52.87 67.73
C ARG N 224 66.05 52.52 68.64
N VAL N 225 66.15 51.26 69.03
CA VAL N 225 67.34 50.75 69.72
C VAL N 225 68.55 50.83 68.79
N ALA N 226 68.40 50.44 67.52
CA ALA N 226 69.54 50.41 66.61
C ALA N 226 70.19 51.79 66.49
N VAL N 227 69.40 52.84 66.28
CA VAL N 227 69.96 54.19 66.25
C VAL N 227 70.51 54.58 67.61
N GLU N 228 69.86 54.20 68.72
CA GLU N 228 70.36 54.53 70.06
C GLU N 228 71.81 54.05 70.23
N ALA N 229 72.06 52.81 69.83
CA ALA N 229 73.40 52.25 69.86
C ALA N 229 74.30 52.98 68.85
N ALA N 230 73.85 53.09 67.59
CA ALA N 230 74.70 53.60 66.53
C ALA N 230 75.20 55.02 66.83
N LYS N 231 74.35 55.82 67.49
CA LYS N 231 74.65 57.20 67.89
C LYS N 231 75.83 57.29 68.87
N GLN N 232 76.13 56.22 69.60
CA GLN N 232 77.31 56.19 70.47
C GLN N 232 78.60 55.94 69.69
N ALA N 233 78.52 55.30 68.51
CA ALA N 233 79.66 54.61 67.90
C ALA N 233 80.11 55.15 66.52
N GLY N 234 79.19 55.68 65.70
CA GLY N 234 79.56 56.30 64.43
C GLY N 234 80.04 55.34 63.33
N ASP N 235 79.59 54.08 63.35
CA ASP N 235 79.80 53.15 62.24
C ASP N 235 78.98 53.59 61.02
N ASN N 236 79.65 54.28 60.10
CA ASN N 236 79.00 54.99 59.00
C ASN N 236 78.19 54.06 58.09
N ASP N 237 78.76 52.91 57.72
CA ASP N 237 78.07 51.96 56.86
C ASP N 237 76.90 51.28 57.59
N VAL N 238 77.04 51.03 58.90
CA VAL N 238 75.93 50.49 59.69
C VAL N 238 74.80 51.52 59.77
N LEU N 239 75.12 52.79 60.02
CA LEU N 239 74.13 53.86 59.95
C LEU N 239 73.45 53.86 58.58
N ARG N 240 74.20 53.72 57.48
CA ARG N 240 73.62 53.66 56.12
C ARG N 240 72.66 52.49 55.97
N LYS N 241 73.06 51.30 56.42
CA LYS N 241 72.19 50.12 56.40
C LYS N 241 70.94 50.35 57.23
N VAL N 242 71.08 50.94 58.43
CA VAL N 242 69.95 51.30 59.28
C VAL N 242 69.00 52.24 58.56
N ALA N 243 69.52 53.30 57.93
CA ALA N 243 68.67 54.20 57.17
C ALA N 243 67.96 53.48 56.02
N GLU N 244 68.66 52.64 55.25
CA GLU N 244 68.03 51.88 54.17
C GLU N 244 66.90 51.00 54.71
N GLN N 245 67.15 50.31 55.81
CA GLN N 245 66.13 49.53 56.47
C GLN N 245 64.96 50.42 56.89
N ALA N 246 65.22 51.59 57.48
CA ALA N 246 64.17 52.51 57.90
C ALA N 246 63.30 52.92 56.72
N LEU N 247 63.91 53.15 55.56
CA LEU N 247 63.15 53.46 54.34
C LEU N 247 62.37 52.24 53.85
N ARG N 248 62.96 51.05 53.84
CA ARG N 248 62.22 49.82 53.49
C ARG N 248 61.01 49.66 54.39
N ILE N 249 61.20 49.82 55.70
CA ILE N 249 60.14 49.76 56.70
C ILE N 249 59.10 50.84 56.41
N ALA N 250 59.51 52.07 56.14
CA ALA N 250 58.58 53.14 55.82
C ALA N 250 57.76 52.80 54.56
N LYS N 251 58.37 52.23 53.53
CA LYS N 251 57.66 51.80 52.31
C LYS N 251 56.62 50.74 52.62
N GLU N 252 56.95 49.77 53.46
CA GLU N 252 55.93 48.82 53.91
C GLU N 252 54.84 49.51 54.76
N ALA N 253 55.20 50.44 55.64
CA ALA N 253 54.23 51.18 56.44
C ALA N 253 53.29 52.03 55.57
N GLU N 254 53.79 52.62 54.50
CA GLU N 254 52.97 53.25 53.47
C GLU N 254 52.04 52.24 52.79
N LYS N 255 52.54 51.06 52.42
CA LYS N 255 51.70 50.01 51.81
C LYS N 255 50.59 49.55 52.75
N GLN N 256 50.90 49.47 54.05
CA GLN N 256 49.94 49.22 55.11
C GLN N 256 49.05 50.43 55.44
N GLY N 257 49.35 51.60 54.91
CA GLY N 257 48.66 52.85 55.24
C GLY N 257 48.92 53.38 56.65
N ASN N 258 49.84 52.78 57.42
CA ASN N 258 50.20 53.26 58.74
C ASN N 258 51.23 54.40 58.65
N VAL N 259 50.71 55.57 58.30
CA VAL N 259 51.53 56.78 58.17
C VAL N 259 52.19 57.18 59.50
N GLU N 260 51.60 56.85 60.65
CA GLU N 260 52.25 57.12 61.93
C GLU N 260 53.54 56.33 62.08
N VAL N 261 53.48 55.02 61.81
CA VAL N 261 54.68 54.17 61.82
C VAL N 261 55.66 54.64 60.75
N ALA N 262 55.19 55.00 59.56
CA ALA N 262 56.07 55.53 58.53
C ALA N 262 56.80 56.79 59.01
N VAL N 263 56.11 57.73 59.64
CA VAL N 263 56.72 58.97 60.17
C VAL N 263 57.70 58.64 61.29
N LYS N 264 57.38 57.69 62.18
CA LYS N 264 58.36 57.25 63.17
C LYS N 264 59.60 56.65 62.49
N ALA N 265 59.43 55.87 61.42
CA ALA N 265 60.56 55.32 60.67
C ALA N 265 61.43 56.43 60.05
N ALA N 266 60.80 57.47 59.51
CA ALA N 266 61.53 58.65 59.09
C ALA N 266 62.24 59.34 60.27
N ARG N 267 61.58 59.44 61.43
CA ARG N 267 62.16 60.10 62.62
C ARG N 267 63.44 59.42 63.05
N VAL N 268 63.46 58.10 63.00
CA VAL N 268 64.69 57.30 63.18
C VAL N 268 65.68 57.60 62.05
N ALA N 269 65.24 57.57 60.79
CA ALA N 269 66.15 57.73 59.66
C ALA N 269 66.91 59.05 59.74
N VAL N 270 66.24 60.16 60.04
CA VAL N 270 66.91 61.46 60.16
C VAL N 270 67.83 61.50 61.37
N GLU N 271 67.45 60.89 62.49
CA GLU N 271 68.32 60.86 63.66
C GLU N 271 69.69 60.24 63.31
N ALA N 272 69.65 59.12 62.58
CA ALA N 272 70.85 58.45 62.09
C ALA N 272 71.57 59.31 61.05
N ALA N 273 70.86 59.83 60.06
CA ALA N 273 71.46 60.62 59.00
C ALA N 273 72.16 61.87 59.55
N LYS N 274 71.64 62.46 60.62
CA LYS N 274 72.24 63.62 61.29
C LYS N 274 73.64 63.32 61.84
N GLN N 275 73.88 62.09 62.26
CA GLN N 275 75.24 61.67 62.63
C GLN N 275 76.09 61.47 61.37
N ALA N 276 75.52 60.77 60.38
CA ALA N 276 76.27 60.28 59.23
C ALA N 276 76.70 61.38 58.25
N GLY N 277 75.85 62.38 58.01
CA GLY N 277 76.09 63.46 57.05
C GLY N 277 76.15 63.02 55.57
N ASP N 278 75.76 61.79 55.25
CA ASP N 278 75.80 61.24 53.89
C ASP N 278 74.73 61.92 53.01
N ASN N 279 75.16 62.72 52.05
CA ASN N 279 74.27 63.53 51.24
C ASN N 279 73.32 62.68 50.37
N ASP N 280 73.80 61.58 49.80
CA ASP N 280 72.94 60.70 49.00
C ASP N 280 71.87 60.08 49.89
N VAL N 281 72.25 59.61 51.09
CA VAL N 281 71.27 59.12 52.05
C VAL N 281 70.29 60.24 52.39
N LEU N 282 70.78 61.42 52.77
CA LEU N 282 69.93 62.53 53.15
C LEU N 282 68.91 62.86 52.06
N ARG N 283 69.34 62.95 50.81
CA ARG N 283 68.43 63.23 49.68
C ARG N 283 67.46 62.08 49.44
N LYS N 284 67.90 60.83 49.48
CA LYS N 284 67.01 59.67 49.35
C LYS N 284 65.98 59.60 50.48
N VAL N 285 66.40 59.94 51.70
CA VAL N 285 65.52 60.01 52.87
C VAL N 285 64.50 61.11 52.68
N ALA N 286 64.92 62.33 52.36
CA ALA N 286 64.01 63.44 52.14
C ALA N 286 63.04 63.14 50.99
N GLU N 287 63.51 62.50 49.92
CA GLU N 287 62.67 62.05 48.81
C GLU N 287 61.53 61.17 49.30
N GLN N 288 61.85 60.13 50.05
CA GLN N 288 60.80 59.30 50.64
C GLN N 288 59.97 60.09 51.66
N ALA N 289 60.56 61.02 52.40
CA ALA N 289 59.85 61.79 53.41
C ALA N 289 58.71 62.62 52.80
N LEU N 290 58.87 63.09 51.56
CA LEU N 290 57.77 63.71 50.84
C LEU N 290 56.71 62.69 50.40
N GLU N 291 57.08 61.46 50.04
CA GLU N 291 56.07 60.42 49.82
C GLU N 291 55.27 60.16 51.11
N ILE N 292 55.95 60.11 52.25
CA ILE N 292 55.29 59.96 53.55
C ILE N 292 54.37 61.16 53.80
N ALA N 293 54.84 62.39 53.60
CA ALA N 293 54.01 63.56 53.75
C ALA N 293 52.78 63.53 52.81
N LYS N 294 52.98 63.09 51.56
CA LYS N 294 51.91 62.91 50.57
C LYS N 294 50.86 61.95 51.09
N LYS N 295 51.27 60.79 51.61
CA LYS N 295 50.31 59.85 52.18
C LYS N 295 49.66 60.38 53.46
N ALA N 296 50.38 61.12 54.31
CA ALA N 296 49.78 61.76 55.49
C ALA N 296 48.68 62.75 55.09
N ALA N 297 48.89 63.51 54.02
CA ALA N 297 47.86 64.35 53.43
C ALA N 297 46.70 63.54 52.84
N GLU N 298 46.97 62.43 52.15
CA GLU N 298 45.91 61.55 51.61
C GLU N 298 45.03 60.95 52.71
N GLN N 299 45.62 60.62 53.86
CA GLN N 299 44.90 60.19 55.05
C GLN N 299 44.23 61.36 55.80
N GLY N 300 44.62 62.61 55.50
CA GLY N 300 44.12 63.80 56.20
C GLY N 300 44.59 63.92 57.65
N ASP N 301 45.67 63.22 58.03
CA ASP N 301 46.18 63.23 59.40
C ASP N 301 47.03 64.49 59.65
N VAL N 302 46.43 65.51 60.25
CA VAL N 302 47.05 66.83 60.45
C VAL N 302 48.36 66.73 61.22
N GLY N 303 48.33 66.18 62.43
CA GLY N 303 49.53 66.11 63.27
C GLY N 303 50.63 65.26 62.63
N VAL N 304 50.26 64.16 61.99
CA VAL N 304 51.22 63.32 61.26
C VAL N 304 51.82 64.09 60.09
N MET N 305 51.02 64.84 59.34
CA MET N 305 51.53 65.65 58.24
C MET N 305 52.42 66.79 58.76
N GLN N 306 52.07 67.41 59.89
CA GLN N 306 52.94 68.40 60.56
C GLN N 306 54.28 67.79 60.99
N LYS N 307 54.28 66.55 61.47
CA LYS N 307 55.53 65.84 61.76
C LYS N 307 56.29 65.53 60.47
N ALA N 308 55.61 65.08 59.42
CA ALA N 308 56.25 64.78 58.13
C ALA N 308 56.92 66.03 57.54
N MET N 309 56.22 67.16 57.61
CA MET N 309 56.76 68.49 57.37
C MET N 309 58.02 68.71 58.21
N ASP N 310 57.90 68.67 59.53
CA ASP N 310 58.97 69.04 60.44
C ASP N 310 60.23 68.19 60.19
N VAL N 311 60.06 66.89 60.06
CA VAL N 311 61.14 65.94 59.74
C VAL N 311 61.75 66.27 58.38
N ALA N 312 60.96 66.30 57.31
CA ALA N 312 61.49 66.50 55.98
C ALA N 312 62.24 67.83 55.89
N LEU N 313 61.67 68.90 56.44
CA LEU N 313 62.29 70.22 56.44
C LEU N 313 63.59 70.23 57.24
N ARG N 314 63.62 69.67 58.46
CA ARG N 314 64.86 69.63 59.24
C ARG N 314 65.92 68.76 58.56
N ALA N 315 65.52 67.68 57.91
CA ALA N 315 66.44 66.83 57.15
C ALA N 315 67.06 67.61 56.00
N ALA N 316 66.24 68.27 55.20
CA ALA N 316 66.70 69.04 54.05
C ALA N 316 67.49 70.30 54.46
N GLY N 317 67.15 70.93 55.58
CA GLY N 317 67.51 72.32 55.90
C GLY N 317 69.00 72.62 56.05
N GLN N 318 69.83 71.58 56.09
CA GLN N 318 71.29 71.66 56.16
C GLN N 318 71.97 70.56 55.32
N ALA N 319 71.23 69.96 54.37
CA ALA N 319 71.70 68.89 53.47
C ALA N 319 71.92 69.41 52.03
N PRO O 4 23.36 111.17 -6.38
CA PRO O 4 22.37 111.30 -5.28
C PRO O 4 23.01 111.41 -3.88
N ARG O 5 23.50 110.30 -3.31
CA ARG O 5 23.98 110.19 -1.92
C ARG O 5 24.99 111.27 -1.56
N LEU O 6 25.98 111.43 -2.43
CA LEU O 6 27.02 112.44 -2.29
C LEU O 6 26.41 113.83 -2.14
N VAL O 7 25.47 114.22 -3.02
CA VAL O 7 24.92 115.57 -3.01
C VAL O 7 24.18 115.82 -1.70
N LEU O 8 23.43 114.84 -1.22
CA LEU O 8 22.81 114.94 0.10
C LEU O 8 23.88 115.17 1.17
N ARG O 9 24.92 114.33 1.20
CA ARG O 9 26.01 114.45 2.17
C ARG O 9 26.64 115.84 2.10
N ALA O 10 26.93 116.32 0.89
CA ALA O 10 27.56 117.60 0.70
C ALA O 10 26.67 118.73 1.22
N LEU O 11 25.38 118.72 0.90
CA LEU O 11 24.48 119.74 1.40
C LEU O 11 24.47 119.70 2.92
N GLU O 12 24.34 118.52 3.52
CA GLU O 12 24.37 118.40 4.97
C GLU O 12 25.65 119.01 5.53
N ASN O 13 26.78 118.72 4.90
CA ASN O 13 28.05 119.28 5.33
C ASN O 13 28.04 120.79 5.17
N MET O 14 27.46 121.35 4.12
CA MET O 14 27.34 122.79 3.99
C MET O 14 26.50 123.35 5.13
N VAL O 15 25.40 122.69 5.51
CA VAL O 15 24.59 123.14 6.64
C VAL O 15 25.44 123.11 7.91
N ARG O 16 26.18 122.03 8.14
CA ARG O 16 27.08 121.93 9.30
C ARG O 16 28.11 123.05 9.29
N ALA O 17 28.62 123.41 8.11
CA ALA O 17 29.53 124.54 7.99
C ALA O 17 28.81 125.83 8.40
N ALA O 18 27.61 126.07 7.88
CA ALA O 18 26.84 127.24 8.28
C ALA O 18 26.64 127.29 9.79
N HIS O 19 26.37 126.14 10.42
CA HIS O 19 26.26 126.03 11.87
C HIS O 19 27.53 126.47 12.57
N THR O 20 28.69 125.93 12.17
CA THR O 20 29.96 126.38 12.75
C THR O 20 30.16 127.88 12.55
N LEU O 21 29.86 128.40 11.35
CA LEU O 21 30.15 129.79 11.07
C LEU O 21 29.28 130.68 11.94
N ALA O 22 28.00 130.33 12.09
CA ALA O 22 27.09 131.04 12.95
C ALA O 22 27.54 130.98 14.43
N GLU O 23 28.06 129.85 14.90
CA GLU O 23 28.65 129.78 16.23
C GLU O 23 29.81 130.78 16.36
N ILE O 24 30.75 130.72 15.42
CA ILE O 24 31.96 131.57 15.45
C ILE O 24 31.56 133.03 15.44
N ALA O 25 30.65 133.40 14.53
CA ALA O 25 30.19 134.76 14.38
C ALA O 25 29.53 135.26 15.67
N ARG O 26 28.66 134.45 16.28
CA ARG O 26 27.92 134.86 17.49
C ARG O 26 28.84 134.98 18.70
N ASP O 27 29.86 134.15 18.80
CA ASP O 27 30.88 134.33 19.82
C ASP O 27 31.63 135.66 19.60
N ASN O 28 32.10 135.92 18.39
CA ASN O 28 32.96 137.10 18.14
C ASN O 28 32.18 138.42 18.09
N GLY O 29 30.90 138.38 17.70
CA GLY O 29 30.06 139.55 17.49
C GLY O 29 30.26 140.27 16.15
N ASN O 30 30.96 139.67 15.18
CA ASN O 30 31.21 140.28 13.87
C ASN O 30 29.98 140.24 12.95
N GLU O 31 29.50 141.41 12.54
CA GLU O 31 28.30 141.50 11.71
C GLU O 31 28.51 140.95 10.30
N GLU O 32 29.67 141.19 9.69
CA GLU O 32 29.99 140.70 8.36
C GLU O 32 29.93 139.18 8.31
N TRP O 33 30.47 138.50 9.33
CA TRP O 33 30.44 137.04 9.41
C TRP O 33 29.01 136.53 9.56
N LEU O 34 28.16 137.23 10.30
CA LEU O 34 26.73 136.89 10.34
C LEU O 34 26.12 137.02 8.95
N GLU O 35 26.35 138.14 8.26
CA GLU O 35 25.79 138.35 6.93
C GLU O 35 26.27 137.29 5.94
N ARG O 36 27.56 136.96 5.97
CA ARG O 36 28.12 135.89 5.15
C ARG O 36 27.42 134.58 5.44
N ALA O 37 27.27 134.24 6.72
CA ALA O 37 26.58 133.02 7.11
C ALA O 37 25.16 133.01 6.56
N ALA O 38 24.43 134.11 6.71
CA ALA O 38 23.06 134.21 6.24
C ALA O 38 22.99 133.99 4.73
N ARG O 39 23.86 134.66 3.97
CA ARG O 39 23.92 134.49 2.51
C ARG O 39 24.19 133.04 2.13
N LEU O 40 25.18 132.43 2.78
CA LEU O 40 25.53 131.04 2.55
C LEU O 40 24.33 130.13 2.83
N ALA O 41 23.69 130.31 3.99
CA ALA O 41 22.59 129.47 4.41
C ALA O 41 21.41 129.59 3.45
N GLU O 42 21.06 130.79 3.01
CA GLU O 42 19.92 130.99 2.13
C GLU O 42 20.11 130.23 0.82
N GLU O 43 21.27 130.37 0.17
CA GLU O 43 21.53 129.70 -1.09
C GLU O 43 21.43 128.18 -0.91
N VAL O 44 22.00 127.65 0.17
CA VAL O 44 21.90 126.22 0.49
C VAL O 44 20.44 125.83 0.67
N ALA O 45 19.65 126.63 1.38
CA ALA O 45 18.24 126.33 1.58
C ALA O 45 17.49 126.25 0.25
N ARG O 46 17.71 127.23 -0.63
CA ARG O 46 17.10 127.22 -1.97
C ARG O 46 17.46 125.96 -2.74
N ARG O 47 18.74 125.56 -2.69
CA ARG O 47 19.21 124.30 -3.30
C ARG O 47 18.47 123.11 -2.71
N ALA O 48 18.43 123.02 -1.39
CA ALA O 48 17.85 121.89 -0.69
C ALA O 48 16.36 121.73 -0.99
N GLU O 49 15.62 122.85 -1.05
CA GLU O 49 14.21 122.79 -1.35
C GLU O 49 13.98 122.13 -2.71
N ARG O 50 14.71 122.58 -3.74
CA ARG O 50 14.60 122.01 -5.08
C ARG O 50 14.94 120.52 -5.05
N LEU O 51 16.03 120.16 -4.38
CA LEU O 51 16.44 118.76 -4.27
C LEU O 51 15.31 117.93 -3.67
N ALA O 52 14.72 118.37 -2.57
CA ALA O 52 13.63 117.65 -1.94
C ALA O 52 12.43 117.46 -2.87
N ARG O 53 12.04 118.52 -3.59
CA ARG O 53 10.96 118.44 -4.57
C ARG O 53 11.27 117.38 -5.63
N GLU O 54 12.49 117.36 -6.15
CA GLU O 54 12.91 116.34 -7.11
C GLU O 54 12.92 114.94 -6.49
N ALA O 55 13.47 114.78 -5.29
CA ALA O 55 13.55 113.47 -4.64
C ALA O 55 12.17 112.84 -4.45
N ARG O 56 11.15 113.66 -4.12
CA ARG O 56 9.78 113.20 -4.04
C ARG O 56 9.28 112.68 -5.38
N LYS O 57 9.55 113.42 -6.46
CA LYS O 57 9.17 112.99 -7.82
C LYS O 57 9.90 111.73 -8.27
N GLU O 58 11.13 111.51 -7.82
CA GLU O 58 11.85 110.25 -8.04
C GLU O 58 11.21 109.05 -7.31
N GLY O 59 10.32 109.29 -6.34
CA GLY O 59 9.60 108.24 -5.64
C GLY O 59 10.45 107.46 -4.63
N ASN O 60 11.71 107.83 -4.39
CA ASN O 60 12.48 107.27 -3.29
C ASN O 60 12.19 108.04 -2.01
N LEU O 61 11.25 107.52 -1.23
CA LEU O 61 10.84 108.12 0.04
C LEU O 61 12.01 108.24 1.02
N GLU O 62 12.94 107.29 1.06
CA GLU O 62 14.04 107.34 2.02
C GLU O 62 14.97 108.53 1.75
N LEU O 63 15.38 108.68 0.49
CA LEU O 63 16.19 109.80 0.09
C LEU O 63 15.43 111.11 0.33
N ALA O 64 14.14 111.13 -0.01
CA ALA O 64 13.32 112.29 0.26
C ALA O 64 13.34 112.64 1.75
N LEU O 65 13.13 111.70 2.66
CA LEU O 65 13.14 112.04 4.08
C LEU O 65 14.53 112.48 4.56
N LYS O 66 15.62 111.98 3.97
CA LYS O 66 16.93 112.56 4.28
C LYS O 66 16.99 114.01 3.82
N ALA O 67 16.52 114.31 2.62
CA ALA O 67 16.48 115.69 2.14
C ALA O 67 15.64 116.55 3.08
N LEU O 68 14.50 116.05 3.53
CA LEU O 68 13.70 116.76 4.52
C LEU O 68 14.51 116.98 5.79
N GLN O 69 15.24 115.98 6.29
CA GLN O 69 16.06 116.18 7.47
C GLN O 69 17.11 117.26 7.25
N ILE O 70 17.71 117.30 6.06
CA ILE O 70 18.65 118.35 5.71
C ILE O 70 17.94 119.69 5.76
N LEU O 71 16.75 119.80 5.18
CA LEU O 71 15.97 121.03 5.26
C LEU O 71 15.68 121.40 6.71
N VAL O 72 15.35 120.45 7.57
CA VAL O 72 15.08 120.72 8.98
C VAL O 72 16.34 121.22 9.66
N ASN O 73 17.49 120.62 9.37
CA ASN O 73 18.74 121.11 9.90
C ASN O 73 18.98 122.54 9.40
N ALA O 74 18.75 122.80 8.12
CA ALA O 74 18.94 124.13 7.57
C ALA O 74 18.03 125.11 8.30
N ALA O 75 16.76 124.77 8.49
CA ALA O 75 15.83 125.60 9.21
C ALA O 75 16.34 125.85 10.64
N TYR O 76 16.90 124.86 11.32
CA TYR O 76 17.48 125.06 12.65
C TYR O 76 18.59 126.11 12.62
N VAL O 77 19.52 125.99 11.67
CA VAL O 77 20.58 126.98 11.52
C VAL O 77 20.00 128.36 11.19
N LEU O 78 19.06 128.43 10.26
CA LEU O 78 18.44 129.68 9.87
C LEU O 78 17.80 130.34 11.09
N ALA O 79 17.04 129.57 11.88
CA ALA O 79 16.41 130.05 13.09
C ALA O 79 17.45 130.50 14.11
N GLU O 80 18.53 129.75 14.30
CA GLU O 80 19.62 130.16 15.17
C GLU O 80 20.18 131.53 14.76
N ILE O 81 20.43 131.73 13.47
CA ILE O 81 20.90 133.01 12.98
C ILE O 81 19.82 134.07 13.26
N ALA O 82 18.60 133.81 12.80
CA ALA O 82 17.51 134.76 12.84
C ALA O 82 17.18 135.24 14.25
N ARG O 83 17.09 134.34 15.22
CA ARG O 83 16.66 134.66 16.58
C ARG O 83 17.69 135.51 17.33
N ASP O 84 18.95 135.46 16.91
CA ASP O 84 20.00 136.33 17.39
C ASP O 84 20.17 137.59 16.52
N ARG O 85 19.84 137.53 15.23
CA ARG O 85 19.85 138.67 14.30
C ARG O 85 18.77 139.71 14.65
N GLY O 86 17.57 139.26 14.99
CA GLY O 86 16.44 140.13 15.32
C GLY O 86 15.70 140.70 14.10
N ASN O 87 15.18 139.83 13.23
CA ASN O 87 14.22 140.21 12.18
C ASN O 87 13.08 139.18 12.00
N GLU O 88 11.87 139.67 11.84
CA GLU O 88 10.66 138.85 11.73
C GLU O 88 10.58 138.07 10.43
N GLU O 89 10.94 138.65 9.28
CA GLU O 89 10.86 137.93 8.00
C GLU O 89 11.79 136.71 7.98
N GLU O 90 12.98 136.81 8.55
CA GLU O 90 13.87 135.66 8.69
C GLU O 90 13.19 134.53 9.47
N LEU O 91 12.54 134.85 10.59
CA LEU O 91 11.80 133.87 11.40
C LEU O 91 10.59 133.34 10.63
N GLU O 92 9.89 134.19 9.90
CA GLU O 92 8.78 133.78 9.04
C GLU O 92 9.26 132.78 7.98
N TYR O 93 10.38 133.06 7.31
CA TYR O 93 10.92 132.13 6.32
C TYR O 93 11.26 130.79 6.95
N ALA O 94 11.92 130.80 8.10
CA ALA O 94 12.21 129.57 8.82
C ALA O 94 10.92 128.82 9.20
N ALA O 95 9.89 129.53 9.66
CA ALA O 95 8.63 128.93 10.02
C ALA O 95 7.98 128.28 8.79
N ARG O 96 7.94 129.02 7.68
CA ARG O 96 7.40 128.52 6.41
C ARG O 96 8.13 127.26 5.99
N LEU O 97 9.46 127.28 6.01
CA LEU O 97 10.28 126.12 5.68
C LEU O 97 9.90 124.94 6.57
N ALA O 98 9.85 125.17 7.88
CA ALA O 98 9.54 124.11 8.83
C ALA O 98 8.15 123.53 8.57
N GLU O 99 7.14 124.37 8.49
CA GLU O 99 5.78 123.87 8.28
C GLU O 99 5.67 123.17 6.94
N GLU O 100 6.18 123.75 5.86
CA GLU O 100 6.10 123.12 4.53
C GLU O 100 6.83 121.78 4.52
N ALA O 101 8.01 121.71 5.13
CA ALA O 101 8.71 120.45 5.27
C ALA O 101 7.84 119.47 6.04
N ALA O 102 7.22 119.91 7.14
CA ALA O 102 6.36 119.05 7.91
C ALA O 102 5.19 118.54 7.08
N ARG O 103 4.56 119.39 6.25
CA ARG O 103 3.49 118.96 5.35
C ARG O 103 3.97 117.83 4.45
N GLN O 104 5.09 118.06 3.77
CA GLN O 104 5.65 117.06 2.88
C GLN O 104 5.99 115.78 3.65
N ALA O 105 6.59 115.93 4.83
CA ALA O 105 6.93 114.81 5.68
C ALA O 105 5.70 114.00 6.08
N ILE O 106 4.61 114.66 6.47
CA ILE O 106 3.40 113.95 6.82
C ILE O 106 2.85 113.24 5.58
N GLU O 107 2.91 113.84 4.40
CA GLU O 107 2.48 113.15 3.17
C GLU O 107 3.32 111.91 2.89
N ILE O 108 4.64 112.00 3.11
CA ILE O 108 5.50 110.82 3.05
C ILE O 108 5.00 109.79 4.08
N ALA O 109 4.78 110.21 5.33
CA ALA O 109 4.39 109.29 6.40
C ALA O 109 3.07 108.59 6.07
N ALA O 110 2.10 109.33 5.54
CA ALA O 110 0.83 108.79 5.11
C ALA O 110 1.05 107.70 4.05
N GLN O 111 1.84 107.99 3.03
CA GLN O 111 2.11 107.00 1.99
C GLN O 111 2.77 105.76 2.61
N ALA O 112 3.80 105.97 3.42
CA ALA O 112 4.52 104.88 4.06
C ALA O 112 3.59 104.01 4.91
N MET O 113 2.68 104.63 5.67
CA MET O 113 1.73 103.88 6.48
C MET O 113 0.79 103.05 5.62
N GLU O 114 0.29 103.56 4.51
CA GLU O 114 -0.57 102.77 3.63
C GLU O 114 0.21 101.67 2.90
N GLU O 115 1.47 101.92 2.56
CA GLU O 115 2.34 100.85 2.05
C GLU O 115 2.71 99.84 3.16
N GLY O 116 2.65 100.24 4.42
CA GLY O 116 3.08 99.43 5.56
C GLY O 116 4.60 99.39 5.79
N ASN O 117 5.36 100.36 5.26
CA ASN O 117 6.80 100.45 5.50
C ASN O 117 7.10 101.13 6.84
N LEU O 118 7.19 100.31 7.89
CA LEU O 118 7.39 100.80 9.25
C LEU O 118 8.67 101.64 9.35
N GLU O 119 9.76 101.21 8.74
CA GLU O 119 11.03 101.91 8.82
C GLU O 119 10.91 103.35 8.31
N LEU O 120 10.35 103.53 7.12
CA LEU O 120 10.09 104.86 6.62
C LEU O 120 9.21 105.62 7.60
N ALA O 121 8.11 105.02 8.05
CA ALA O 121 7.16 105.72 8.90
C ALA O 121 7.82 106.21 10.20
N LEU O 122 8.60 105.35 10.83
CA LEU O 122 9.33 105.70 12.04
C LEU O 122 10.29 106.85 11.75
N LYS O 123 11.11 106.75 10.71
CA LYS O 123 12.02 107.83 10.33
C LYS O 123 11.24 109.12 10.09
N ALA O 124 10.12 109.04 9.39
CA ALA O 124 9.30 110.20 9.10
C ALA O 124 8.80 110.85 10.39
N LEU O 125 8.29 110.07 11.34
CA LEU O 125 7.92 110.65 12.63
C LEU O 125 9.11 111.31 13.29
N GLN O 126 10.30 110.73 13.24
CA GLN O 126 11.46 111.40 13.81
C GLN O 126 11.72 112.74 13.13
N ILE O 127 11.66 112.78 11.80
CA ILE O 127 11.76 114.04 11.06
C ILE O 127 10.70 115.00 11.60
N ILE O 128 9.46 114.55 11.75
CA ILE O 128 8.37 115.41 12.20
C ILE O 128 8.67 115.93 13.62
N VAL O 129 9.15 115.07 14.51
CA VAL O 129 9.53 115.49 15.86
C VAL O 129 10.62 116.55 15.78
N ASN O 130 11.61 116.35 14.93
CA ASN O 130 12.66 117.35 14.76
C ASN O 130 12.06 118.67 14.26
N ALA O 131 11.13 118.62 13.31
CA ALA O 131 10.44 119.81 12.85
C ALA O 131 9.68 120.48 13.99
N ALA O 132 9.05 119.70 14.87
CA ALA O 132 8.38 120.25 16.02
C ALA O 132 9.36 121.02 16.90
N TYR O 133 10.56 120.47 17.13
CA TYR O 133 11.57 121.19 17.89
C TYR O 133 11.90 122.53 17.23
N VAL O 134 12.17 122.52 15.92
CA VAL O 134 12.51 123.76 15.21
C VAL O 134 11.36 124.76 15.31
N LEU O 135 10.14 124.31 15.09
CA LEU O 135 8.96 125.15 15.20
C LEU O 135 8.91 125.78 16.59
N ALA O 136 9.12 124.98 17.63
CA ALA O 136 9.06 125.47 19.01
C ALA O 136 10.10 126.56 19.24
N GLU O 137 11.35 126.33 18.84
CA GLU O 137 12.42 127.31 19.01
C GLU O 137 12.05 128.63 18.32
N ILE O 138 11.56 128.55 17.09
CA ILE O 138 11.12 129.74 16.35
C ILE O 138 10.00 130.43 17.12
N ALA O 139 8.96 129.69 17.48
CA ALA O 139 7.75 130.22 18.06
C ALA O 139 8.01 130.96 19.36
N ARG O 140 8.83 130.37 20.24
CA ARG O 140 9.19 130.99 21.52
C ARG O 140 9.85 132.33 21.29
N ASP O 141 10.90 132.35 20.46
CA ASP O 141 11.71 133.54 20.32
C ASP O 141 11.06 134.60 19.42
N ARG O 142 10.15 134.19 18.52
CA ARG O 142 9.27 135.12 17.80
C ARG O 142 8.24 135.76 18.73
N GLY O 143 7.74 135.01 19.70
CA GLY O 143 6.65 135.42 20.58
C GLY O 143 5.28 135.35 19.89
N ASN O 144 4.74 134.14 19.70
CA ASN O 144 3.39 133.92 19.16
C ASN O 144 2.72 132.67 19.77
N GLU O 145 1.68 132.88 20.57
CA GLU O 145 1.02 131.81 21.31
C GLU O 145 0.33 130.81 20.38
N GLU O 146 -0.19 131.27 19.25
CA GLU O 146 -0.89 130.42 18.30
C GLU O 146 0.07 129.40 17.68
N LEU O 147 1.25 129.84 17.27
CA LEU O 147 2.27 128.95 16.75
C LEU O 147 2.79 128.03 17.84
N LEU O 148 2.93 128.50 19.09
CA LEU O 148 3.25 127.61 20.21
C LEU O 148 2.18 126.54 20.36
N GLU O 149 0.92 126.92 20.27
CA GLU O 149 -0.17 125.95 20.34
C GLU O 149 -0.11 124.97 19.17
N LYS O 150 0.20 125.43 17.95
CA LYS O 150 0.44 124.50 16.83
C LYS O 150 1.51 123.50 17.21
N ALA O 151 2.68 123.97 17.63
CA ALA O 151 3.81 123.11 17.90
C ALA O 151 3.41 122.06 18.96
N ALA O 152 2.82 122.50 20.07
CA ALA O 152 2.46 121.60 21.14
C ALA O 152 1.46 120.55 20.66
N SER O 153 0.36 121.00 20.05
CA SER O 153 -0.69 120.09 19.62
C SER O 153 -0.18 119.12 18.55
N LEU O 154 0.62 119.60 17.61
CA LEU O 154 1.23 118.76 16.60
C LEU O 154 2.13 117.73 17.28
N ALA O 155 2.96 118.15 18.23
CA ALA O 155 3.85 117.25 18.91
C ALA O 155 3.07 116.18 19.67
N GLU O 156 2.03 116.56 20.39
CA GLU O 156 1.23 115.58 21.10
C GLU O 156 0.62 114.58 20.12
N ALA O 157 0.06 115.08 19.02
CA ALA O 157 -0.54 114.21 18.02
C ALA O 157 0.52 113.27 17.41
N ALA O 158 1.71 113.79 17.13
CA ALA O 158 2.79 112.94 16.68
C ALA O 158 3.08 111.88 17.73
N ALA O 159 3.14 112.23 19.01
CA ALA O 159 3.43 111.26 20.06
C ALA O 159 2.37 110.17 20.07
N ALA O 160 1.11 110.56 19.96
CA ALA O 160 0.05 109.58 19.85
C ALA O 160 0.25 108.69 18.60
N LEU O 161 0.63 109.26 17.45
CA LEU O 161 0.90 108.45 16.27
C LEU O 161 2.04 107.49 16.51
N ALA O 162 3.09 107.92 17.19
CA ALA O 162 4.18 107.03 17.53
C ALA O 162 3.65 105.90 18.43
N GLU O 163 2.84 106.24 19.43
CA GLU O 163 2.28 105.23 20.32
C GLU O 163 1.44 104.24 19.52
N ALA O 164 0.64 104.74 18.59
CA ALA O 164 -0.16 103.91 17.72
C ALA O 164 0.72 103.02 16.85
N ILE O 165 1.81 103.54 16.28
CA ILE O 165 2.72 102.71 15.51
C ILE O 165 3.31 101.62 16.39
N ALA O 166 3.68 101.96 17.63
CA ALA O 166 4.15 100.95 18.56
C ALA O 166 3.04 99.91 18.81
N ALA O 167 1.81 100.32 18.99
CA ALA O 167 0.71 99.38 19.14
C ALA O 167 0.53 98.51 17.88
N ILE O 168 0.79 99.03 16.68
CA ILE O 168 0.74 98.26 15.44
C ILE O 168 1.82 97.17 15.45
N LEU O 169 3.00 97.45 16.01
CA LEU O 169 3.97 96.40 16.26
C LEU O 169 3.46 95.41 17.31
N GLU O 170 2.96 95.89 18.44
CA GLU O 170 2.61 95.06 19.62
C GLU O 170 1.38 94.17 19.44
N GLY O 171 0.39 94.60 18.65
CA GLY O 171 -0.85 93.86 18.38
C GLY O 171 -1.97 94.04 19.42
N ASP O 172 -1.79 94.83 20.48
CA ASP O 172 -2.90 95.20 21.37
C ASP O 172 -3.78 96.28 20.73
N VAL O 173 -4.85 95.84 20.08
CA VAL O 173 -5.76 96.75 19.39
C VAL O 173 -6.54 97.65 20.36
N GLU O 174 -6.77 97.24 21.61
CA GLU O 174 -7.44 98.13 22.57
C GLU O 174 -6.52 99.29 22.93
N LYS O 175 -5.25 98.98 23.22
CA LYS O 175 -4.23 100.00 23.40
C LYS O 175 -4.13 100.89 22.17
N ALA O 176 -4.17 100.33 20.97
CA ALA O 176 -4.14 101.11 19.73
C ALA O 176 -5.31 102.10 19.69
N VAL O 177 -6.52 101.65 19.95
CA VAL O 177 -7.68 102.55 19.97
C VAL O 177 -7.55 103.60 21.07
N ARG O 178 -7.09 103.22 22.27
CA ARG O 178 -6.86 104.17 23.37
C ARG O 178 -5.93 105.29 22.91
N ALA O 179 -4.83 104.95 22.25
CA ALA O 179 -3.95 105.94 21.65
C ALA O 179 -4.70 106.75 20.58
N ALA O 180 -5.39 106.09 19.66
CA ALA O 180 -6.06 106.77 18.56
C ALA O 180 -7.09 107.79 19.05
N GLN O 181 -7.80 107.50 20.14
CA GLN O 181 -8.75 108.45 20.72
C GLN O 181 -8.04 109.75 21.12
N GLU O 182 -6.91 109.63 21.80
CA GLU O 182 -6.11 110.82 22.10
C GLU O 182 -5.59 111.47 20.82
N ALA O 183 -5.22 110.68 19.82
CA ALA O 183 -4.70 111.21 18.57
C ALA O 183 -5.74 112.11 17.89
N VAL O 184 -6.98 111.63 17.74
CA VAL O 184 -8.02 112.48 17.18
C VAL O 184 -8.28 113.66 18.10
N LYS O 185 -8.24 113.50 19.43
CA LYS O 185 -8.43 114.62 20.36
C LYS O 185 -7.44 115.74 20.06
N ALA O 186 -6.16 115.42 19.99
CA ALA O 186 -5.15 116.42 19.63
C ALA O 186 -5.40 116.96 18.22
N ALA O 187 -5.61 116.08 17.24
CA ALA O 187 -5.73 116.51 15.84
C ALA O 187 -6.92 117.46 15.64
N LYS O 188 -8.04 117.18 16.30
CA LYS O 188 -9.26 117.99 16.26
C LYS O 188 -9.06 119.33 16.95
N GLU O 189 -8.28 119.37 18.04
CA GLU O 189 -7.87 120.63 18.66
C GLU O 189 -6.97 121.46 17.74
N ALA O 190 -6.09 120.80 16.98
CA ALA O 190 -5.21 121.49 16.04
C ALA O 190 -5.93 122.00 14.79
N GLY O 191 -6.80 121.17 14.21
CA GLY O 191 -7.41 121.42 12.90
C GLY O 191 -6.45 121.25 11.71
N ASP O 192 -5.31 120.60 11.88
CA ASP O 192 -4.35 120.34 10.79
C ASP O 192 -4.82 119.19 9.89
N ASN O 193 -5.05 119.52 8.61
CA ASN O 193 -5.60 118.59 7.63
C ASN O 193 -4.72 117.35 7.43
N ASP O 194 -3.42 117.54 7.36
CA ASP O 194 -2.49 116.43 7.15
C ASP O 194 -2.42 115.56 8.40
N MET O 195 -2.43 116.16 9.59
CA MET O 195 -2.44 115.39 10.82
C MET O 195 -3.70 114.52 10.89
N LEU O 196 -4.86 115.09 10.56
CA LEU O 196 -6.09 114.31 10.46
C LEU O 196 -5.95 113.20 9.42
N ARG O 197 -5.41 113.50 8.24
CA ARG O 197 -5.20 112.51 7.18
C ARG O 197 -4.37 111.36 7.70
N ALA O 198 -3.29 111.67 8.42
CA ALA O 198 -2.41 110.67 8.99
C ALA O 198 -3.17 109.81 10.00
N VAL O 199 -3.90 110.42 10.93
CA VAL O 199 -4.68 109.69 11.93
C VAL O 199 -5.65 108.73 11.22
N ALA O 200 -6.34 109.20 10.18
CA ALA O 200 -7.28 108.36 9.46
C ALA O 200 -6.57 107.17 8.81
N ILE O 201 -5.45 107.40 8.14
CA ILE O 201 -4.71 106.31 7.50
C ILE O 201 -4.19 105.33 8.54
N ALA O 202 -3.74 105.82 9.69
CA ALA O 202 -3.32 104.96 10.77
C ALA O 202 -4.50 104.09 11.26
N ALA O 203 -5.65 104.71 11.50
CA ALA O 203 -6.85 103.99 11.89
C ALA O 203 -7.19 102.92 10.85
N LEU O 204 -7.08 103.24 9.56
CA LEU O 204 -7.30 102.25 8.51
C LEU O 204 -6.37 101.06 8.69
N ARG O 205 -5.06 101.26 8.87
CA ARG O 205 -4.17 100.11 9.04
C ARG O 205 -4.43 99.36 10.33
N ILE O 206 -4.78 100.05 11.40
CA ILE O 206 -5.19 99.40 12.65
C ILE O 206 -6.37 98.48 12.36
N ALA O 207 -7.38 98.98 11.65
CA ALA O 207 -8.52 98.16 11.28
C ALA O 207 -8.10 96.97 10.41
N LYS O 208 -7.23 97.18 9.41
CA LYS O 208 -6.73 96.09 8.55
C LYS O 208 -6.10 94.98 9.39
N GLU O 209 -5.30 95.34 10.40
CA GLU O 209 -4.73 94.34 11.30
C GLU O 209 -5.79 93.70 12.21
N ALA O 210 -6.72 94.48 12.75
CA ALA O 210 -7.80 93.96 13.57
C ALA O 210 -8.65 92.92 12.80
N GLU O 211 -8.87 93.13 11.50
CA GLU O 211 -9.53 92.14 10.64
C GLU O 211 -8.72 90.86 10.51
N LYS O 212 -7.39 90.93 10.36
CA LYS O 212 -6.54 89.73 10.31
C LYS O 212 -6.64 88.92 11.59
N GLN O 213 -6.71 89.61 12.73
CA GLN O 213 -6.98 89.02 14.04
C GLN O 213 -8.43 88.53 14.21
N GLY O 214 -9.35 88.90 13.30
CA GLY O 214 -10.77 88.61 13.41
C GLY O 214 -11.51 89.45 14.46
N ASN O 215 -10.89 90.49 15.03
CA ASN O 215 -11.53 91.35 16.02
C ASN O 215 -12.33 92.47 15.34
N VAL O 216 -13.47 92.09 14.79
CA VAL O 216 -14.38 93.05 14.14
C VAL O 216 -14.88 94.11 15.13
N GLU O 217 -15.04 93.78 16.41
CA GLU O 217 -15.55 94.75 17.38
C GLU O 217 -14.62 95.96 17.50
N VAL O 218 -13.35 95.70 17.80
CA VAL O 218 -12.39 96.79 17.93
C VAL O 218 -12.16 97.46 16.58
N ALA O 219 -12.23 96.72 15.47
CA ALA O 219 -12.16 97.35 14.16
C ALA O 219 -13.25 98.42 13.99
N VAL O 220 -14.49 98.13 14.38
CA VAL O 220 -15.56 99.14 14.35
C VAL O 220 -15.25 100.31 15.28
N LYS O 221 -14.72 100.05 16.48
CA LYS O 221 -14.33 101.15 17.37
C LYS O 221 -13.30 102.06 16.69
N ALA O 222 -12.32 101.48 16.00
CA ALA O 222 -11.36 102.24 15.21
C ALA O 222 -12.05 103.01 14.09
N ALA O 223 -12.95 102.39 13.35
CA ALA O 223 -13.70 103.08 12.30
C ALA O 223 -14.50 104.27 12.87
N ARG O 224 -15.03 104.16 14.09
CA ARG O 224 -15.75 105.28 14.71
C ARG O 224 -14.85 106.49 14.91
N VAL O 225 -13.60 106.27 15.30
CA VAL O 225 -12.59 107.33 15.31
C VAL O 225 -12.30 107.80 13.88
N ALA O 226 -12.16 106.88 12.93
CA ALA O 226 -11.81 107.25 11.57
C ALA O 226 -12.81 108.24 10.97
N VAL O 227 -14.12 107.97 11.11
CA VAL O 227 -15.13 108.91 10.64
C VAL O 227 -15.09 110.22 11.43
N GLU O 228 -14.83 110.16 12.74
CA GLU O 228 -14.75 111.37 13.57
C GLU O 228 -13.74 112.35 12.98
N ALA O 229 -12.57 111.85 12.60
CA ALA O 229 -11.57 112.66 11.95
C ALA O 229 -12.01 113.05 10.54
N ALA O 230 -12.39 112.08 9.72
CA ALA O 230 -12.61 112.29 8.30
C ALA O 230 -13.69 113.34 8.03
N LYS O 231 -14.71 113.39 8.90
CA LYS O 231 -15.82 114.36 8.83
C LYS O 231 -15.34 115.81 8.98
N GLN O 232 -14.20 116.04 9.62
CA GLN O 232 -13.59 117.37 9.68
C GLN O 232 -12.78 117.69 8.42
N ALA O 233 -12.12 116.67 7.87
CA ALA O 233 -11.05 116.83 6.89
C ALA O 233 -11.52 116.95 5.44
N GLY O 234 -12.54 116.19 5.03
CA GLY O 234 -13.06 116.24 3.66
C GLY O 234 -12.14 115.63 2.58
N ASP O 235 -11.19 114.79 2.96
CA ASP O 235 -10.41 113.98 2.01
C ASP O 235 -11.32 112.91 1.40
N ASN O 236 -11.81 113.16 0.19
CA ASN O 236 -12.84 112.34 -0.45
C ASN O 236 -12.39 110.90 -0.65
N ASP O 237 -11.16 110.70 -1.11
CA ASP O 237 -10.62 109.35 -1.32
C ASP O 237 -10.40 108.62 0.01
N VAL O 238 -10.06 109.33 1.08
CA VAL O 238 -9.96 108.72 2.42
C VAL O 238 -11.35 108.32 2.88
N LEU O 239 -12.36 109.17 2.72
CA LEU O 239 -13.74 108.81 2.99
C LEU O 239 -14.13 107.55 2.20
N ARG O 240 -13.73 107.44 0.93
CA ARG O 240 -13.99 106.23 0.12
C ARG O 240 -13.29 105.01 0.72
N LYS O 241 -12.01 105.10 1.03
CA LYS O 241 -11.25 104.01 1.65
C LYS O 241 -11.92 103.56 2.96
N VAL O 242 -12.31 104.52 3.79
CA VAL O 242 -13.05 104.26 5.04
C VAL O 242 -14.34 103.51 4.75
N ALA O 243 -15.17 104.01 3.84
CA ALA O 243 -16.43 103.35 3.52
C ALA O 243 -16.22 101.93 2.99
N GLU O 244 -15.27 101.73 2.07
CA GLU O 244 -14.94 100.39 1.58
C GLU O 244 -14.54 99.47 2.73
N GLN O 245 -13.67 99.94 3.61
CA GLN O 245 -13.26 99.15 4.75
C GLN O 245 -14.43 98.88 5.70
N ALA O 246 -15.30 99.85 5.93
CA ALA O 246 -16.46 99.66 6.79
C ALA O 246 -17.35 98.53 6.27
N LEU O 247 -17.53 98.44 4.95
CA LEU O 247 -18.25 97.33 4.34
C LEU O 247 -17.48 96.01 4.48
N ARG O 248 -16.16 96.00 4.26
CA ARG O 248 -15.36 94.79 4.49
C ARG O 248 -15.53 94.30 5.93
N ILE O 249 -15.47 95.22 6.90
CA ILE O 249 -15.68 94.91 8.31
C ILE O 249 -17.10 94.37 8.52
N ALA O 250 -18.12 95.02 7.95
CA ALA O 250 -19.47 94.53 8.07
C ALA O 250 -19.62 93.11 7.50
N LYS O 251 -18.99 92.81 6.37
CA LYS O 251 -19.00 91.44 5.78
C LYS O 251 -18.39 90.43 6.72
N GLU O 252 -17.29 90.75 7.38
CA GLU O 252 -16.75 89.86 8.41
C GLU O 252 -17.73 89.73 9.58
N ALA O 253 -18.37 90.81 10.02
CA ALA O 253 -19.36 90.76 11.09
C ALA O 253 -20.57 89.89 10.72
N GLU O 254 -21.01 89.94 9.47
CA GLU O 254 -21.99 88.99 8.94
C GLU O 254 -21.48 87.55 9.01
N LYS O 255 -20.24 87.28 8.56
CA LYS O 255 -19.66 85.92 8.59
C LYS O 255 -19.57 85.37 10.00
N GLN O 256 -19.23 86.23 10.96
CA GLN O 256 -19.24 85.90 12.39
C GLN O 256 -20.65 85.78 12.98
N GLY O 257 -21.69 86.24 12.27
CA GLY O 257 -23.06 86.32 12.78
C GLY O 257 -23.28 87.45 13.77
N ASN O 258 -22.30 88.33 13.99
CA ASN O 258 -22.44 89.49 14.88
C ASN O 258 -23.13 90.64 14.14
N VAL O 259 -24.44 90.49 13.96
CA VAL O 259 -25.26 91.49 13.29
C VAL O 259 -25.27 92.82 14.04
N GLU O 260 -25.10 92.84 15.36
CA GLU O 260 -25.01 94.11 16.10
C GLU O 260 -23.80 94.94 15.65
N VAL O 261 -22.63 94.30 15.59
CA VAL O 261 -21.43 94.94 15.06
C VAL O 261 -21.62 95.30 13.59
N ALA O 262 -22.23 94.43 12.79
CA ALA O 262 -22.48 94.73 11.39
C ALA O 262 -23.35 96.00 11.22
N VAL O 263 -24.43 96.13 12.00
CA VAL O 263 -25.31 97.31 11.96
C VAL O 263 -24.57 98.56 12.40
N LYS O 264 -23.73 98.47 13.45
CA LYS O 264 -22.88 99.61 13.82
C LYS O 264 -21.92 99.97 12.67
N ALA O 265 -21.33 98.98 12.00
CA ALA O 265 -20.46 99.21 10.86
C ALA O 265 -21.20 99.94 9.72
N ALA O 266 -22.44 99.55 9.45
CA ALA O 266 -23.29 100.29 8.52
C ALA O 266 -23.55 101.71 9.01
N ARG O 267 -23.86 101.91 10.30
CA ARG O 267 -24.12 103.24 10.88
C ARG O 267 -22.94 104.18 10.66
N VAL O 268 -21.72 103.68 10.80
CA VAL O 268 -20.51 104.42 10.44
C VAL O 268 -20.45 104.66 8.92
N ALA O 269 -20.61 103.61 8.12
CA ALA O 269 -20.44 103.70 6.67
C ALA O 269 -21.34 104.78 6.07
N VAL O 270 -22.62 104.79 6.46
CA VAL O 270 -23.58 105.79 5.94
C VAL O 270 -23.22 107.20 6.40
N GLU O 271 -22.72 107.37 7.63
CA GLU O 271 -22.30 108.68 8.13
C GLU O 271 -21.26 109.28 7.19
N ALA O 272 -20.24 108.49 6.86
CA ALA O 272 -19.18 108.89 5.95
C ALA O 272 -19.72 109.13 4.53
N ALA O 273 -20.52 108.20 4.03
CA ALA O 273 -21.04 108.29 2.67
C ALA O 273 -21.85 109.58 2.48
N LYS O 274 -22.61 110.02 3.49
CA LYS O 274 -23.37 111.27 3.43
C LYS O 274 -22.50 112.51 3.28
N GLN O 275 -21.27 112.48 3.82
CA GLN O 275 -20.33 113.57 3.58
C GLN O 275 -19.79 113.49 2.15
N ALA O 276 -19.43 112.27 1.72
CA ALA O 276 -18.74 112.04 0.46
C ALA O 276 -19.61 112.30 -0.78
N GLY O 277 -20.88 111.89 -0.76
CA GLY O 277 -21.78 111.98 -1.91
C GLY O 277 -21.42 111.06 -3.08
N ASP O 278 -20.51 110.11 -2.91
CA ASP O 278 -20.13 109.14 -3.94
C ASP O 278 -21.28 108.15 -4.19
N ASN O 279 -21.90 108.24 -5.37
CA ASN O 279 -23.14 107.51 -5.65
C ASN O 279 -22.94 105.99 -5.70
N ASP O 280 -21.85 105.53 -6.30
CA ASP O 280 -21.55 104.09 -6.33
C ASP O 280 -21.32 103.58 -4.91
N VAL O 281 -20.58 104.31 -4.10
CA VAL O 281 -20.42 103.95 -2.68
C VAL O 281 -21.78 103.92 -2.01
N LEU O 282 -22.59 104.97 -2.15
CA LEU O 282 -23.90 105.04 -1.52
C LEU O 282 -24.75 103.81 -1.88
N ARG O 283 -24.80 103.43 -3.15
CA ARG O 283 -25.59 102.27 -3.59
C ARG O 283 -24.98 100.96 -3.10
N LYS O 284 -23.67 100.79 -3.13
CA LYS O 284 -23.00 99.61 -2.55
C LYS O 284 -23.25 99.51 -1.04
N VAL O 285 -23.27 100.64 -0.35
CA VAL O 285 -23.58 100.71 1.08
C VAL O 285 -25.01 100.27 1.32
N ALA O 286 -25.97 100.87 0.63
CA ALA O 286 -27.37 100.47 0.78
C ALA O 286 -27.59 98.99 0.43
N GLU O 287 -26.93 98.50 -0.61
CA GLU O 287 -26.95 97.08 -0.98
C GLU O 287 -26.51 96.20 0.19
N GLN O 288 -25.34 96.48 0.75
CA GLN O 288 -24.90 95.70 1.89
C GLN O 288 -25.80 95.93 3.11
N ALA O 289 -26.40 97.12 3.28
CA ALA O 289 -27.30 97.39 4.40
C ALA O 289 -28.52 96.47 4.37
N LEU O 290 -29.07 96.24 3.18
CA LEU O 290 -30.12 95.25 3.00
C LEU O 290 -29.59 93.83 3.27
N GLU O 291 -28.39 93.48 2.82
CA GLU O 291 -27.80 92.17 3.14
C GLU O 291 -27.67 91.97 4.65
N ILE O 292 -27.19 92.99 5.37
CA ILE O 292 -27.08 92.96 6.82
C ILE O 292 -28.48 92.79 7.43
N ALA O 293 -29.45 93.59 6.99
CA ALA O 293 -30.81 93.47 7.48
C ALA O 293 -31.38 92.07 7.21
N LYS O 294 -31.10 91.46 6.05
CA LYS O 294 -31.52 90.11 5.72
C LYS O 294 -30.97 89.11 6.73
N LYS O 295 -29.68 89.18 7.04
CA LYS O 295 -29.09 88.28 8.03
C LYS O 295 -29.59 88.56 9.45
N ALA O 296 -29.82 89.83 9.80
CA ALA O 296 -30.45 90.16 11.07
C ALA O 296 -31.91 89.65 11.16
N ALA O 297 -32.62 89.57 10.04
CA ALA O 297 -33.94 88.94 9.99
C ALA O 297 -33.84 87.41 10.12
N GLU O 298 -32.78 86.80 9.56
CA GLU O 298 -32.52 85.36 9.75
C GLU O 298 -32.18 85.03 11.21
N GLN O 299 -31.48 85.93 11.91
CA GLN O 299 -31.34 85.85 13.37
C GLN O 299 -32.66 86.13 14.11
N GLY O 300 -33.50 87.02 13.56
CA GLY O 300 -34.84 87.30 14.06
C GLY O 300 -34.90 88.19 15.29
N ASP O 301 -33.82 88.89 15.64
CA ASP O 301 -33.81 89.83 16.76
C ASP O 301 -34.56 91.12 16.41
N VAL O 302 -35.76 91.30 16.97
CA VAL O 302 -36.68 92.39 16.57
C VAL O 302 -36.08 93.78 16.81
N GLY O 303 -35.52 94.04 17.99
CA GLY O 303 -34.91 95.35 18.28
C GLY O 303 -33.73 95.67 17.37
N VAL O 304 -32.89 94.67 17.10
CA VAL O 304 -31.80 94.80 16.10
C VAL O 304 -32.41 95.06 14.72
N MET O 305 -33.47 94.36 14.35
CA MET O 305 -34.14 94.60 13.09
C MET O 305 -34.76 95.99 12.99
N GLN O 306 -35.28 96.57 14.07
CA GLN O 306 -35.74 97.96 14.06
C GLN O 306 -34.58 98.90 13.74
N LYS O 307 -33.39 98.64 14.28
CA LYS O 307 -32.18 99.39 13.92
C LYS O 307 -31.78 99.10 12.47
N ALA O 308 -31.80 97.85 12.03
CA ALA O 308 -31.41 97.46 10.67
C ALA O 308 -32.29 98.15 9.63
N MET O 309 -33.60 98.17 9.89
CA MET O 309 -34.56 99.01 9.20
C MET O 309 -34.09 100.46 9.23
N ASP O 310 -33.96 101.04 10.41
CA ASP O 310 -33.74 102.48 10.55
C ASP O 310 -32.51 102.92 9.76
N VAL O 311 -31.39 102.20 9.91
CA VAL O 311 -30.15 102.48 9.19
C VAL O 311 -30.34 102.27 7.69
N ALA O 312 -30.78 101.09 7.25
CA ALA O 312 -30.85 100.80 5.83
C ALA O 312 -31.81 101.78 5.12
N LEU O 313 -32.95 102.05 5.74
CA LEU O 313 -33.95 102.98 5.22
C LEU O 313 -33.42 104.41 5.19
N ARG O 314 -32.74 104.87 6.24
CA ARG O 314 -32.11 106.20 6.20
C ARG O 314 -31.06 106.26 5.11
N ALA O 315 -30.25 105.22 4.93
CA ALA O 315 -29.26 105.15 3.87
C ALA O 315 -29.92 105.30 2.50
N ALA O 316 -30.96 104.52 2.23
CA ALA O 316 -31.75 104.65 1.01
C ALA O 316 -32.32 106.08 0.87
N GLY O 317 -32.76 106.69 1.97
CA GLY O 317 -33.26 108.07 2.01
C GLY O 317 -32.21 109.14 1.68
N GLN O 318 -30.92 108.81 1.73
CA GLN O 318 -29.85 109.69 1.25
C GLN O 318 -29.44 109.36 -0.20
N ALA O 319 -29.52 108.08 -0.58
CA ALA O 319 -28.98 107.53 -1.84
C ALA O 319 -29.84 107.82 -3.09
N PRO P 4 -62.26 57.94 -74.37
CA PRO P 4 -61.31 57.45 -75.40
C PRO P 4 -61.83 56.25 -76.21
N ARG P 5 -61.83 55.04 -75.64
CA ARG P 5 -62.02 53.77 -76.38
C ARG P 5 -63.23 53.77 -77.29
N LEU P 6 -64.35 54.24 -76.76
CA LEU P 6 -65.61 54.35 -77.49
C LEU P 6 -65.44 55.22 -78.74
N VAL P 7 -64.78 56.36 -78.64
CA VAL P 7 -64.68 57.29 -79.77
C VAL P 7 -63.93 56.63 -80.92
N LEU P 8 -62.86 55.90 -80.62
CA LEU P 8 -62.19 55.12 -81.66
C LEU P 8 -63.14 54.10 -82.28
N ARG P 9 -63.82 53.28 -81.46
CA ARG P 9 -64.76 52.28 -81.99
C ARG P 9 -65.83 52.93 -82.86
N ALA P 10 -66.34 54.06 -82.44
CA ALA P 10 -67.36 54.78 -83.19
C ALA P 10 -66.79 55.26 -84.52
N LEU P 11 -65.64 55.93 -84.53
CA LEU P 11 -65.03 56.37 -85.77
C LEU P 11 -64.75 55.19 -86.69
N GLU P 12 -64.21 54.10 -86.16
CA GLU P 12 -63.96 52.89 -86.92
C GLU P 12 -65.26 52.38 -87.56
N ASN P 13 -66.32 52.27 -86.76
CA ASN P 13 -67.57 51.77 -87.30
C ASN P 13 -68.20 52.78 -88.26
N MET P 14 -67.98 54.07 -88.08
CA MET P 14 -68.38 55.07 -89.06
C MET P 14 -67.66 54.83 -90.38
N VAL P 15 -66.37 54.44 -90.35
CA VAL P 15 -65.68 54.02 -91.57
C VAL P 15 -66.35 52.77 -92.13
N ARG P 16 -66.64 51.76 -91.31
CA ARG P 16 -67.32 50.54 -91.81
C ARG P 16 -68.58 50.92 -92.55
N ALA P 17 -69.38 51.79 -91.95
CA ALA P 17 -70.59 52.28 -92.58
C ALA P 17 -70.28 53.01 -93.89
N ALA P 18 -69.41 54.01 -93.87
CA ALA P 18 -69.09 54.76 -95.08
C ALA P 18 -68.59 53.83 -96.19
N HIS P 19 -67.77 52.83 -95.84
CA HIS P 19 -67.30 51.81 -96.78
C HIS P 19 -68.48 51.06 -97.37
N THR P 20 -69.39 50.55 -96.55
CA THR P 20 -70.59 49.88 -97.09
C THR P 20 -71.40 50.83 -97.96
N LEU P 21 -71.50 52.12 -97.60
CA LEU P 21 -72.31 53.05 -98.36
C LEU P 21 -71.72 53.25 -99.75
N ALA P 22 -70.40 53.45 -99.83
CA ALA P 22 -69.68 53.59 -101.07
C ALA P 22 -69.62 52.28 -101.88
N GLU P 23 -69.64 51.12 -101.22
CA GLU P 23 -69.81 49.84 -101.91
C GLU P 23 -71.19 49.80 -102.57
N ILE P 24 -72.25 49.91 -101.77
CA ILE P 24 -73.62 49.69 -102.23
C ILE P 24 -74.00 50.73 -103.29
N ALA P 25 -73.57 51.98 -103.12
CA ALA P 25 -73.87 53.04 -104.08
C ALA P 25 -73.36 52.73 -105.50
N ARG P 26 -72.22 52.06 -105.65
CA ARG P 26 -71.64 51.74 -106.96
C ARG P 26 -72.42 50.66 -107.72
N ASP P 27 -73.22 49.85 -107.02
CA ASP P 27 -74.15 48.94 -107.69
C ASP P 27 -75.31 49.68 -108.37
N ASN P 28 -75.72 50.83 -107.83
CA ASN P 28 -76.80 51.66 -108.37
C ASN P 28 -76.32 52.79 -109.28
N GLY P 29 -75.16 53.37 -108.99
CA GLY P 29 -74.85 54.73 -109.41
C GLY P 29 -75.54 55.79 -108.54
N ASN P 30 -75.68 55.55 -107.23
CA ASN P 30 -76.33 56.50 -106.32
C ASN P 30 -75.38 57.64 -105.92
N GLU P 31 -75.47 58.77 -106.63
CA GLU P 31 -74.56 59.90 -106.42
C GLU P 31 -74.68 60.50 -105.02
N GLU P 32 -75.89 60.60 -104.46
CA GLU P 32 -76.06 61.19 -103.13
C GLU P 32 -75.47 60.28 -102.04
N TRP P 33 -75.63 58.97 -102.13
CA TRP P 33 -74.98 58.05 -101.19
C TRP P 33 -73.47 58.20 -101.25
N LEU P 34 -72.89 58.33 -102.45
CA LEU P 34 -71.47 58.64 -102.58
C LEU P 34 -71.12 59.99 -101.95
N GLU P 35 -71.91 61.02 -102.20
CA GLU P 35 -71.65 62.35 -101.62
C GLU P 35 -71.69 62.30 -100.10
N ARG P 36 -72.71 61.69 -99.52
CA ARG P 36 -72.83 61.53 -98.07
C ARG P 36 -71.65 60.72 -97.54
N ALA P 37 -71.30 59.62 -98.19
CA ALA P 37 -70.13 58.84 -97.80
C ALA P 37 -68.86 59.69 -97.82
N ALA P 38 -68.64 60.50 -98.86
CA ALA P 38 -67.47 61.34 -98.97
C ALA P 38 -67.41 62.34 -97.83
N ARG P 39 -68.53 63.01 -97.55
CA ARG P 39 -68.65 63.96 -96.44
C ARG P 39 -68.37 63.27 -95.11
N LEU P 40 -68.91 62.07 -94.89
CA LEU P 40 -68.61 61.29 -93.70
C LEU P 40 -67.11 61.00 -93.62
N ALA P 41 -66.50 60.54 -94.70
CA ALA P 41 -65.09 60.20 -94.71
C ALA P 41 -64.22 61.44 -94.41
N GLU P 42 -64.57 62.59 -94.96
CA GLU P 42 -63.90 63.83 -94.65
C GLU P 42 -64.04 64.18 -93.16
N GLU P 43 -65.26 64.16 -92.63
CA GLU P 43 -65.47 64.47 -91.21
C GLU P 43 -64.68 63.50 -90.32
N VAL P 44 -64.70 62.21 -90.67
CA VAL P 44 -63.93 61.20 -89.97
C VAL P 44 -62.45 61.52 -90.04
N ALA P 45 -61.93 61.90 -91.21
CA ALA P 45 -60.53 62.28 -91.31
C ALA P 45 -60.22 63.47 -90.39
N ARG P 46 -61.06 64.52 -90.43
CA ARG P 46 -60.88 65.72 -89.60
C ARG P 46 -60.88 65.38 -88.12
N ARG P 47 -61.86 64.60 -87.68
CA ARG P 47 -61.96 64.13 -86.30
C ARG P 47 -60.76 63.27 -85.94
N ALA P 48 -60.39 62.32 -86.78
CA ALA P 48 -59.27 61.44 -86.55
C ALA P 48 -57.98 62.22 -86.39
N GLU P 49 -57.72 63.22 -87.24
CA GLU P 49 -56.52 64.04 -87.12
C GLU P 49 -56.49 64.75 -85.76
N ARG P 50 -57.59 65.40 -85.37
CA ARG P 50 -57.69 66.06 -84.07
C ARG P 50 -57.39 65.07 -82.96
N LEU P 51 -58.03 63.91 -83.02
CA LEU P 51 -57.84 62.85 -82.03
C LEU P 51 -56.37 62.45 -81.97
N ALA P 52 -55.72 62.23 -83.12
CA ALA P 52 -54.33 61.84 -83.15
C ALA P 52 -53.42 62.91 -82.51
N ARG P 53 -53.62 64.18 -82.85
CA ARG P 53 -52.84 65.26 -82.25
C ARG P 53 -53.04 65.31 -80.73
N GLU P 54 -54.28 65.17 -80.26
CA GLU P 54 -54.55 65.13 -78.82
C GLU P 54 -53.93 63.89 -78.16
N ALA P 55 -54.07 62.72 -78.77
CA ALA P 55 -53.49 61.49 -78.26
C ALA P 55 -51.97 61.60 -78.14
N ARG P 56 -51.31 62.35 -79.04
CA ARG P 56 -49.87 62.61 -78.94
C ARG P 56 -49.51 63.28 -77.62
N LYS P 57 -50.38 64.18 -77.13
CA LYS P 57 -50.23 64.81 -75.81
C LYS P 57 -50.61 63.86 -74.69
N GLU P 58 -51.65 63.05 -74.86
CA GLU P 58 -52.05 62.06 -73.84
C GLU P 58 -51.01 60.96 -73.60
N GLY P 59 -50.17 60.63 -74.59
CA GLY P 59 -49.07 59.67 -74.45
C GLY P 59 -49.47 58.19 -74.50
N ASN P 60 -50.74 57.85 -74.73
CA ASN P 60 -51.11 56.48 -75.10
C ASN P 60 -50.86 56.26 -76.59
N LEU P 61 -49.66 55.79 -76.92
CA LEU P 61 -49.25 55.57 -78.30
C LEU P 61 -50.15 54.55 -79.01
N GLU P 62 -50.74 53.59 -78.29
CA GLU P 62 -51.62 52.60 -78.90
C GLU P 62 -52.91 53.23 -79.39
N LEU P 63 -53.55 54.06 -78.57
CA LEU P 63 -54.73 54.80 -79.01
C LEU P 63 -54.37 55.67 -80.20
N ALA P 64 -53.21 56.34 -80.16
CA ALA P 64 -52.76 57.15 -81.27
C ALA P 64 -52.63 56.32 -82.56
N LEU P 65 -51.81 55.26 -82.56
CA LEU P 65 -51.61 54.52 -83.80
C LEU P 65 -52.90 53.85 -84.26
N LYS P 66 -53.77 53.41 -83.33
CA LYS P 66 -55.06 52.85 -83.73
C LYS P 66 -55.89 53.89 -84.44
N ALA P 67 -55.92 55.13 -83.94
CA ALA P 67 -56.55 56.21 -84.65
C ALA P 67 -55.94 56.35 -86.05
N LEU P 68 -54.62 56.26 -86.18
CA LEU P 68 -53.99 56.35 -87.48
C LEU P 68 -54.41 55.20 -88.40
N GLN P 69 -54.55 53.98 -87.89
CA GLN P 69 -55.06 52.88 -88.72
C GLN P 69 -56.50 53.17 -89.17
N ILE P 70 -57.34 53.66 -88.28
CA ILE P 70 -58.69 54.07 -88.66
C ILE P 70 -58.61 55.13 -89.76
N LEU P 71 -57.72 56.11 -89.61
CA LEU P 71 -57.52 57.16 -90.59
C LEU P 71 -57.12 56.53 -91.93
N VAL P 72 -56.19 55.56 -91.93
CA VAL P 72 -55.81 54.88 -93.15
C VAL P 72 -57.01 54.19 -93.78
N ASN P 73 -57.86 53.54 -92.99
CA ASN P 73 -59.06 52.92 -93.52
C ASN P 73 -59.97 53.98 -94.16
N ALA P 74 -60.12 55.14 -93.52
CA ALA P 74 -60.87 56.25 -94.09
C ALA P 74 -60.22 56.76 -95.39
N ALA P 75 -58.89 56.79 -95.45
CA ALA P 75 -58.19 57.20 -96.65
C ALA P 75 -58.49 56.22 -97.78
N TYR P 76 -58.54 54.93 -97.48
CA TYR P 76 -59.02 53.93 -98.44
C TYR P 76 -60.43 54.26 -98.92
N VAL P 77 -61.36 54.61 -98.02
CA VAL P 77 -62.71 55.00 -98.46
C VAL P 77 -62.66 56.25 -99.35
N LEU P 78 -61.90 57.28 -98.96
CA LEU P 78 -61.78 58.49 -99.77
C LEU P 78 -61.28 58.13 -101.16
N ALA P 79 -60.22 57.34 -101.23
CA ALA P 79 -59.63 56.91 -102.49
C ALA P 79 -60.63 56.09 -103.32
N GLU P 80 -61.33 55.15 -102.69
CA GLU P 80 -62.32 54.31 -103.36
C GLU P 80 -63.40 55.14 -104.02
N ILE P 81 -63.90 56.17 -103.34
CA ILE P 81 -64.86 57.09 -103.93
C ILE P 81 -64.18 57.85 -105.05
N ALA P 82 -63.09 58.54 -104.74
CA ALA P 82 -62.45 59.48 -105.65
C ALA P 82 -62.02 58.84 -106.97
N ARG P 83 -61.39 57.66 -106.94
CA ARG P 83 -60.84 57.03 -108.15
C ARG P 83 -61.92 56.55 -109.12
N ASP P 84 -63.06 56.09 -108.62
CA ASP P 84 -64.22 55.75 -109.47
C ASP P 84 -65.01 57.00 -109.90
N ARG P 85 -65.12 57.99 -109.02
CA ARG P 85 -65.69 59.31 -109.33
C ARG P 85 -64.87 60.05 -110.40
N GLY P 86 -63.59 59.71 -110.54
CA GLY P 86 -62.65 60.27 -111.52
C GLY P 86 -62.04 61.62 -111.12
N ASN P 87 -62.23 62.05 -109.87
CA ASN P 87 -61.77 63.36 -109.39
C ASN P 87 -60.30 63.32 -108.93
N GLU P 88 -59.53 64.38 -109.16
CA GLU P 88 -58.13 64.43 -108.70
C GLU P 88 -57.98 65.11 -107.34
N GLU P 89 -58.81 66.10 -107.05
CA GLU P 89 -58.74 66.91 -105.84
C GLU P 89 -58.99 66.07 -104.59
N GLU P 90 -59.98 65.17 -104.64
CA GLU P 90 -60.20 64.22 -103.55
C GLU P 90 -59.02 63.26 -103.38
N LEU P 91 -58.33 62.89 -104.47
CA LEU P 91 -57.11 62.09 -104.37
C LEU P 91 -55.97 62.93 -103.76
N GLU P 92 -55.88 64.22 -104.09
CA GLU P 92 -54.90 65.12 -103.50
C GLU P 92 -55.13 65.27 -101.99
N TYR P 93 -56.37 65.47 -101.56
CA TYR P 93 -56.68 65.46 -100.12
C TYR P 93 -56.32 64.12 -99.49
N ALA P 94 -56.75 62.99 -100.07
CA ALA P 94 -56.45 61.68 -99.53
C ALA P 94 -54.94 61.42 -99.42
N ALA P 95 -54.17 61.85 -100.42
CA ALA P 95 -52.72 61.75 -100.39
C ALA P 95 -52.14 62.62 -99.28
N ARG P 96 -52.56 63.89 -99.18
CA ARG P 96 -52.08 64.80 -98.13
C ARG P 96 -52.38 64.25 -96.74
N LEU P 97 -53.59 63.77 -96.53
CA LEU P 97 -53.97 63.11 -95.29
C LEU P 97 -53.06 61.90 -95.04
N ALA P 98 -52.90 61.03 -96.02
CA ALA P 98 -52.12 59.81 -95.83
C ALA P 98 -50.65 60.16 -95.52
N GLU P 99 -50.07 61.11 -96.22
CA GLU P 99 -48.70 61.54 -95.97
C GLU P 99 -48.56 62.14 -94.57
N GLU P 100 -49.50 62.96 -94.15
CA GLU P 100 -49.51 63.53 -92.80
C GLU P 100 -49.62 62.41 -91.76
N ALA P 101 -50.52 61.46 -91.97
CA ALA P 101 -50.65 60.32 -91.09
C ALA P 101 -49.35 59.51 -91.07
N ALA P 102 -48.70 59.30 -92.21
CA ALA P 102 -47.43 58.61 -92.26
C ALA P 102 -46.37 59.37 -91.48
N ARG P 103 -46.27 60.69 -91.67
CA ARG P 103 -45.34 61.51 -90.91
C ARG P 103 -45.59 61.41 -89.42
N GLN P 104 -46.85 61.50 -88.99
CA GLN P 104 -47.19 61.31 -87.59
C GLN P 104 -46.78 59.91 -87.11
N ALA P 105 -47.13 58.87 -87.87
CA ALA P 105 -46.80 57.49 -87.53
C ALA P 105 -45.29 57.29 -87.42
N ILE P 106 -44.52 57.94 -88.29
CA ILE P 106 -43.08 57.87 -88.26
C ILE P 106 -42.59 58.47 -86.95
N GLU P 107 -43.07 59.63 -86.55
CA GLU P 107 -42.67 60.20 -85.26
C GLU P 107 -43.08 59.31 -84.09
N ILE P 108 -44.25 58.67 -84.16
CA ILE P 108 -44.64 57.67 -83.16
C ILE P 108 -43.60 56.54 -83.15
N ALA P 109 -43.24 56.02 -84.32
CA ALA P 109 -42.27 54.93 -84.42
C ALA P 109 -40.91 55.36 -83.88
N ALA P 110 -40.49 56.59 -84.14
CA ALA P 110 -39.26 57.13 -83.61
C ALA P 110 -39.29 57.08 -82.08
N GLN P 111 -40.35 57.58 -81.46
CA GLN P 111 -40.49 57.50 -80.01
C GLN P 111 -40.49 56.05 -79.52
N ALA P 112 -41.27 55.19 -80.15
CA ALA P 112 -41.40 53.80 -79.74
C ALA P 112 -40.04 53.07 -79.79
N MET P 113 -39.25 53.28 -80.85
CA MET P 113 -37.95 52.66 -80.98
C MET P 113 -36.91 53.31 -80.05
N GLU P 114 -36.99 54.60 -79.79
CA GLU P 114 -36.15 55.24 -78.77
C GLU P 114 -36.41 54.64 -77.38
N GLU P 115 -37.69 54.44 -77.04
CA GLU P 115 -38.09 53.79 -75.79
C GLU P 115 -37.87 52.26 -75.78
N GLY P 116 -37.58 51.65 -76.93
CA GLY P 116 -37.38 50.20 -77.06
C GLY P 116 -38.67 49.34 -77.01
N ASN P 117 -39.84 49.95 -77.15
CA ASN P 117 -41.12 49.24 -77.23
C ASN P 117 -41.32 48.68 -78.65
N LEU P 118 -40.73 47.52 -78.90
CA LEU P 118 -40.82 46.87 -80.20
C LEU P 118 -42.28 46.61 -80.60
N GLU P 119 -43.15 46.38 -79.63
CA GLU P 119 -44.56 46.08 -79.87
C GLU P 119 -45.21 47.23 -80.63
N LEU P 120 -45.08 48.44 -80.07
CA LEU P 120 -45.57 49.65 -80.71
C LEU P 120 -44.83 49.86 -82.03
N ALA P 121 -43.52 49.64 -82.07
CA ALA P 121 -42.75 49.85 -83.29
C ALA P 121 -43.33 49.00 -84.43
N LEU P 122 -43.55 47.71 -84.21
CA LEU P 122 -44.20 46.82 -85.16
C LEU P 122 -45.51 47.43 -85.64
N LYS P 123 -46.38 47.80 -84.70
CA LYS P 123 -47.69 48.35 -85.04
C LYS P 123 -47.54 49.60 -85.90
N ALA P 124 -46.71 50.55 -85.49
CA ALA P 124 -46.52 51.78 -86.24
C ALA P 124 -46.00 51.49 -87.66
N LEU P 125 -45.02 50.59 -87.78
CA LEU P 125 -44.51 50.20 -89.09
C LEU P 125 -45.63 49.60 -89.93
N GLN P 126 -46.49 48.76 -89.35
CA GLN P 126 -47.63 48.20 -90.07
C GLN P 126 -48.60 49.29 -90.52
N ILE P 127 -48.84 50.29 -89.67
CA ILE P 127 -49.63 51.45 -90.08
C ILE P 127 -48.96 52.07 -91.30
N ILE P 128 -47.66 52.27 -91.27
CA ILE P 128 -46.94 52.87 -92.40
C ILE P 128 -47.12 52.02 -93.65
N VAL P 129 -46.99 50.71 -93.54
CA VAL P 129 -47.22 49.81 -94.69
C VAL P 129 -48.65 49.99 -95.23
N ASN P 130 -49.65 50.03 -94.36
CA ASN P 130 -51.02 50.20 -94.85
C ASN P 130 -51.23 51.58 -95.47
N ALA P 131 -50.73 52.64 -94.85
CA ALA P 131 -50.83 53.99 -95.40
C ALA P 131 -50.18 54.05 -96.78
N ALA P 132 -49.00 53.44 -96.90
CA ALA P 132 -48.32 53.32 -98.17
C ALA P 132 -49.16 52.54 -99.19
N TYR P 133 -49.93 51.53 -98.77
CA TYR P 133 -50.77 50.81 -99.74
C TYR P 133 -51.83 51.72 -100.33
N VAL P 134 -52.44 52.59 -99.51
CA VAL P 134 -53.37 53.59 -100.02
C VAL P 134 -52.66 54.52 -101.00
N LEU P 135 -51.47 55.00 -100.65
CA LEU P 135 -50.69 55.86 -101.55
C LEU P 135 -50.37 55.17 -102.88
N ALA P 136 -50.00 53.89 -102.87
CA ALA P 136 -49.71 53.14 -104.09
C ALA P 136 -50.96 53.00 -104.98
N GLU P 137 -52.10 52.64 -104.39
CA GLU P 137 -53.34 52.46 -105.11
C GLU P 137 -53.81 53.79 -105.72
N ILE P 138 -53.67 54.89 -105.00
CA ILE P 138 -53.88 56.24 -105.54
C ILE P 138 -52.91 56.49 -106.72
N ALA P 139 -51.62 56.27 -106.51
CA ALA P 139 -50.56 56.68 -107.44
C ALA P 139 -50.68 56.07 -108.83
N ARG P 140 -51.01 54.77 -108.92
CA ARG P 140 -51.22 54.09 -110.20
C ARG P 140 -52.43 54.68 -110.93
N ASP P 141 -53.55 54.83 -110.24
CA ASP P 141 -54.78 55.27 -110.87
C ASP P 141 -54.72 56.77 -111.25
N ARG P 142 -53.98 57.58 -110.49
CA ARG P 142 -53.73 59.01 -110.75
C ARG P 142 -52.67 59.26 -111.83
N GLY P 143 -51.72 58.32 -112.03
CA GLY P 143 -50.64 58.44 -113.00
C GLY P 143 -49.42 59.22 -112.49
N ASN P 144 -48.87 58.80 -111.35
CA ASN P 144 -47.68 59.42 -110.74
C ASN P 144 -46.70 58.35 -110.24
N GLU P 145 -45.72 58.02 -111.07
CA GLU P 145 -44.75 56.97 -110.75
C GLU P 145 -43.87 57.33 -109.54
N GLU P 146 -43.56 58.61 -109.35
CA GLU P 146 -42.83 59.03 -108.16
C GLU P 146 -43.64 58.77 -106.89
N LEU P 147 -44.97 58.87 -106.95
CA LEU P 147 -45.81 58.54 -105.80
C LEU P 147 -45.86 57.03 -105.58
N LEU P 148 -45.79 56.22 -106.65
CA LEU P 148 -45.52 54.79 -106.48
C LEU P 148 -44.19 54.58 -105.76
N GLU P 149 -43.14 55.30 -106.17
CA GLU P 149 -41.85 55.18 -105.50
C GLU P 149 -41.96 55.51 -104.01
N LYS P 150 -42.64 56.62 -103.66
CA LYS P 150 -42.89 56.98 -102.25
C LYS P 150 -43.58 55.85 -101.52
N ALA P 151 -44.67 55.33 -102.07
CA ALA P 151 -45.36 54.24 -101.42
C ALA P 151 -44.42 53.04 -101.24
N ALA P 152 -43.78 52.59 -102.31
CA ALA P 152 -42.95 51.41 -102.29
C ALA P 152 -41.84 51.56 -101.26
N SER P 153 -41.10 52.66 -101.32
CA SER P 153 -40.01 52.94 -100.40
C SER P 153 -40.52 52.99 -98.96
N LEU P 154 -41.62 53.68 -98.68
CA LEU P 154 -42.17 53.73 -97.33
C LEU P 154 -42.51 52.33 -96.82
N ALA P 155 -43.22 51.57 -97.65
CA ALA P 155 -43.64 50.24 -97.28
C ALA P 155 -42.42 49.33 -97.07
N GLU P 156 -41.56 49.21 -98.07
CA GLU P 156 -40.42 48.32 -98.01
C GLU P 156 -39.53 48.70 -96.84
N ALA P 157 -39.23 49.97 -96.64
CA ALA P 157 -38.38 50.39 -95.54
C ALA P 157 -39.00 50.03 -94.20
N ALA P 158 -40.28 50.33 -94.02
CA ALA P 158 -40.97 49.93 -92.81
C ALA P 158 -40.87 48.41 -92.59
N ALA P 159 -41.10 47.64 -93.65
CA ALA P 159 -41.09 46.17 -93.59
C ALA P 159 -39.69 45.63 -93.30
N ALA P 160 -38.66 46.25 -93.86
CA ALA P 160 -37.29 45.90 -93.55
C ALA P 160 -36.99 46.19 -92.08
N LEU P 161 -37.55 47.25 -91.50
CA LEU P 161 -37.36 47.48 -90.07
C LEU P 161 -38.06 46.39 -89.25
N ALA P 162 -39.28 46.01 -89.60
CA ALA P 162 -39.96 44.92 -88.91
C ALA P 162 -39.16 43.61 -89.03
N GLU P 163 -38.67 43.29 -90.23
CA GLU P 163 -37.81 42.14 -90.43
C GLU P 163 -36.56 42.23 -89.55
N ALA P 164 -35.90 43.38 -89.53
CA ALA P 164 -34.72 43.59 -88.73
C ALA P 164 -35.05 43.41 -87.24
N ILE P 165 -36.21 43.89 -86.79
CA ILE P 165 -36.63 43.68 -85.40
C ILE P 165 -36.78 42.18 -85.13
N ALA P 166 -37.35 41.41 -86.06
CA ALA P 166 -37.42 39.97 -85.90
C ALA P 166 -36.02 39.36 -85.76
N ALA P 167 -35.06 39.82 -86.56
CA ALA P 167 -33.68 39.37 -86.45
C ALA P 167 -33.02 39.79 -85.12
N ILE P 168 -33.34 40.97 -84.58
CA ILE P 168 -32.88 41.40 -83.25
C ILE P 168 -33.45 40.47 -82.17
N LEU P 169 -34.70 40.05 -82.32
CA LEU P 169 -35.33 39.12 -81.39
C LEU P 169 -34.73 37.71 -81.48
N GLU P 170 -34.35 37.23 -82.67
CA GLU P 170 -33.55 36.01 -82.82
C GLU P 170 -32.10 36.14 -82.33
N GLY P 171 -31.55 37.37 -82.26
CA GLY P 171 -30.21 37.68 -81.75
C GLY P 171 -29.07 37.64 -82.77
N ASP P 172 -29.31 37.26 -84.03
CA ASP P 172 -28.32 37.36 -85.11
C ASP P 172 -28.20 38.80 -85.61
N VAL P 173 -27.33 39.56 -84.96
CA VAL P 173 -27.11 40.96 -85.32
C VAL P 173 -26.63 41.12 -86.77
N GLU P 174 -25.92 40.16 -87.35
CA GLU P 174 -25.48 40.29 -88.75
C GLU P 174 -26.69 40.20 -89.69
N LYS P 175 -27.58 39.24 -89.45
CA LYS P 175 -28.84 39.15 -90.18
C LYS P 175 -29.65 40.44 -90.03
N ALA P 176 -29.69 41.01 -88.83
CA ALA P 176 -30.35 42.30 -88.61
C ALA P 176 -29.70 43.40 -89.44
N VAL P 177 -28.38 43.48 -89.46
CA VAL P 177 -27.66 44.48 -90.26
C VAL P 177 -27.91 44.25 -91.75
N ARG P 178 -27.94 43.02 -92.23
CA ARG P 178 -28.27 42.71 -93.63
C ARG P 178 -29.62 43.31 -94.00
N ALA P 179 -30.64 43.07 -93.17
CA ALA P 179 -31.94 43.70 -93.35
C ALA P 179 -31.82 45.23 -93.29
N ALA P 180 -31.13 45.79 -92.30
CA ALA P 180 -31.01 47.22 -92.16
C ALA P 180 -30.33 47.88 -93.37
N GLN P 181 -29.32 47.23 -93.96
CA GLN P 181 -28.65 47.75 -95.17
C GLN P 181 -29.65 47.86 -96.31
N GLU P 182 -30.48 46.85 -96.50
CA GLU P 182 -31.55 46.93 -97.47
C GLU P 182 -32.57 48.01 -97.09
N ALA P 183 -32.86 48.16 -95.80
CA ALA P 183 -33.79 49.19 -95.34
C ALA P 183 -33.33 50.58 -95.74
N VAL P 184 -32.08 50.93 -95.43
CA VAL P 184 -31.58 52.27 -95.78
C VAL P 184 -31.59 52.44 -97.28
N LYS P 185 -31.18 51.44 -98.06
CA LYS P 185 -31.28 51.51 -99.53
C LYS P 185 -32.70 51.84 -99.96
N ALA P 186 -33.66 51.06 -99.48
CA ALA P 186 -35.05 51.19 -99.88
C ALA P 186 -35.58 52.59 -99.56
N ALA P 187 -35.31 53.08 -98.34
CA ALA P 187 -35.71 54.41 -97.95
C ALA P 187 -35.04 55.47 -98.85
N LYS P 188 -33.73 55.30 -99.11
CA LYS P 188 -32.91 56.25 -99.87
C LYS P 188 -33.39 56.40 -101.32
N GLU P 189 -34.15 55.45 -101.84
CA GLU P 189 -34.76 55.57 -103.16
C GLU P 189 -35.89 56.63 -103.23
N ALA P 190 -36.29 57.22 -102.10
CA ALA P 190 -37.22 58.35 -102.06
C ALA P 190 -36.78 59.44 -101.05
N GLY P 191 -37.45 60.59 -101.08
CA GLY P 191 -36.92 61.84 -100.51
C GLY P 191 -37.23 62.15 -99.03
N ASP P 192 -38.18 61.50 -98.36
CA ASP P 192 -38.60 61.93 -97.01
C ASP P 192 -37.69 61.40 -95.89
N ASN P 193 -36.82 62.28 -95.42
CA ASN P 193 -35.86 62.00 -94.37
C ASN P 193 -36.51 61.53 -93.07
N ASP P 194 -37.78 61.80 -92.79
CA ASP P 194 -38.36 61.37 -91.53
C ASP P 194 -38.35 59.85 -91.43
N MET P 195 -38.58 59.14 -92.54
CA MET P 195 -38.43 57.68 -92.56
C MET P 195 -36.99 57.32 -92.19
N LEU P 196 -36.02 58.01 -92.79
CA LEU P 196 -34.62 57.79 -92.44
C LEU P 196 -34.36 58.12 -90.96
N ARG P 197 -35.03 59.10 -90.34
CA ARG P 197 -34.92 59.33 -88.89
C ARG P 197 -35.31 58.06 -88.15
N ALA P 198 -36.45 57.49 -88.50
CA ALA P 198 -36.85 56.23 -87.91
C ALA P 198 -35.78 55.16 -88.16
N VAL P 199 -35.26 55.04 -89.39
CA VAL P 199 -34.21 54.04 -89.69
C VAL P 199 -33.00 54.28 -88.80
N ALA P 200 -32.55 55.51 -88.64
CA ALA P 200 -31.42 55.82 -87.77
C ALA P 200 -31.70 55.38 -86.34
N ILE P 201 -32.91 55.62 -85.83
CA ILE P 201 -33.29 55.19 -84.50
C ILE P 201 -33.39 53.66 -84.41
N ALA P 202 -33.80 52.99 -85.48
CA ALA P 202 -33.73 51.55 -85.53
C ALA P 202 -32.26 51.08 -85.44
N ALA P 203 -31.35 51.72 -86.16
CA ALA P 203 -29.95 51.40 -86.03
C ALA P 203 -29.44 51.67 -84.60
N LEU P 204 -29.96 52.71 -83.92
CA LEU P 204 -29.68 52.91 -82.51
C LEU P 204 -30.16 51.73 -81.67
N ARG P 205 -31.31 51.12 -81.96
CA ARG P 205 -31.71 49.89 -81.26
C ARG P 205 -30.64 48.82 -81.41
N ILE P 206 -30.14 48.59 -82.63
CA ILE P 206 -29.09 47.60 -82.85
C ILE P 206 -27.86 47.96 -82.03
N ALA P 207 -27.44 49.23 -82.05
CA ALA P 207 -26.29 49.69 -81.29
C ALA P 207 -26.48 49.45 -79.77
N LYS P 208 -27.64 49.81 -79.22
CA LYS P 208 -27.95 49.63 -77.80
C LYS P 208 -27.91 48.16 -77.39
N GLU P 209 -28.54 47.28 -78.17
CA GLU P 209 -28.53 45.84 -77.85
C GLU P 209 -27.14 45.21 -78.01
N ALA P 210 -26.34 45.66 -78.99
CA ALA P 210 -25.07 45.00 -79.32
C ALA P 210 -24.07 44.98 -78.15
N GLU P 211 -24.17 45.92 -77.21
CA GLU P 211 -23.33 45.96 -76.00
C GLU P 211 -23.48 44.72 -75.10
N LYS P 212 -24.62 44.02 -75.16
CA LYS P 212 -24.83 42.76 -74.43
C LYS P 212 -24.04 41.59 -75.02
N GLN P 213 -23.89 41.58 -76.35
CA GLN P 213 -23.27 40.48 -77.11
C GLN P 213 -21.76 40.66 -77.32
N GLY P 214 -21.28 41.91 -77.44
CA GLY P 214 -19.86 42.20 -77.66
C GLY P 214 -19.36 41.97 -79.08
N ASN P 215 -20.22 41.69 -80.06
CA ASN P 215 -19.84 41.68 -81.48
C ASN P 215 -19.69 43.11 -82.00
N VAL P 216 -18.60 43.75 -81.59
CA VAL P 216 -18.30 45.14 -81.93
C VAL P 216 -18.14 45.35 -83.43
N GLU P 217 -17.66 44.36 -84.19
CA GLU P 217 -17.55 44.50 -85.65
C GLU P 217 -18.92 44.69 -86.30
N VAL P 218 -19.88 43.83 -85.97
CA VAL P 218 -21.25 44.01 -86.50
C VAL P 218 -21.87 45.28 -85.93
N ALA P 219 -21.61 45.62 -84.67
CA ALA P 219 -22.10 46.87 -84.10
C ALA P 219 -21.60 48.09 -84.89
N VAL P 220 -20.33 48.10 -85.29
CA VAL P 220 -19.77 49.16 -86.13
C VAL P 220 -20.46 49.18 -87.49
N LYS P 221 -20.71 48.03 -88.10
CA LYS P 221 -21.46 47.98 -89.36
C LYS P 221 -22.86 48.57 -89.20
N ALA P 222 -23.52 48.30 -88.07
CA ALA P 222 -24.80 48.93 -87.75
C ALA P 222 -24.66 50.45 -87.62
N ALA P 223 -23.64 50.93 -86.89
CA ALA P 223 -23.39 52.36 -86.82
C ALA P 223 -23.13 52.95 -88.21
N ARG P 224 -22.43 52.23 -89.09
CA ARG P 224 -22.20 52.66 -90.47
C ARG P 224 -23.51 52.80 -91.23
N VAL P 225 -24.48 51.92 -91.02
CA VAL P 225 -25.84 52.11 -91.52
C VAL P 225 -26.47 53.34 -90.87
N ALA P 226 -26.33 53.50 -89.55
CA ALA P 226 -26.96 54.60 -88.83
C ALA P 226 -26.56 55.95 -89.44
N VAL P 227 -25.27 56.18 -89.61
CA VAL P 227 -24.80 57.44 -90.20
C VAL P 227 -25.21 57.56 -91.66
N GLU P 228 -25.31 56.46 -92.42
CA GLU P 228 -25.78 56.53 -93.81
C GLU P 228 -27.15 57.19 -93.89
N ALA P 229 -28.06 56.78 -93.00
CA ALA P 229 -29.38 57.39 -92.91
C ALA P 229 -29.29 58.82 -92.35
N ALA P 230 -28.65 58.98 -91.19
CA ALA P 230 -28.68 60.24 -90.45
C ALA P 230 -28.04 61.39 -91.23
N LYS P 231 -27.04 61.09 -92.07
CA LYS P 231 -26.36 62.05 -92.94
C LYS P 231 -27.30 62.67 -93.98
N GLN P 232 -28.38 61.99 -94.35
CA GLN P 232 -29.41 62.58 -95.21
C GLN P 232 -30.31 63.54 -94.44
N ALA P 233 -30.59 63.22 -93.18
CA ALA P 233 -31.65 63.83 -92.38
C ALA P 233 -31.23 65.08 -91.58
N GLY P 234 -30.06 65.07 -90.95
CA GLY P 234 -29.58 66.22 -90.17
C GLY P 234 -30.31 66.47 -88.84
N ASP P 235 -30.97 65.47 -88.26
CA ASP P 235 -31.52 65.57 -86.90
C ASP P 235 -30.38 65.54 -85.89
N ASN P 236 -30.01 66.72 -85.38
CA ASN P 236 -28.77 66.89 -84.64
C ASN P 236 -28.70 66.02 -83.39
N ASP P 237 -29.78 65.93 -82.63
CA ASP P 237 -29.78 65.10 -81.42
C ASP P 237 -29.65 63.62 -81.76
N VAL P 238 -30.29 63.17 -82.85
CA VAL P 238 -30.12 61.79 -83.33
C VAL P 238 -28.66 61.57 -83.71
N LEU P 239 -28.06 62.49 -84.47
CA LEU P 239 -26.65 62.40 -84.81
C LEU P 239 -25.77 62.34 -83.55
N ARG P 240 -26.04 63.17 -82.54
CA ARG P 240 -25.31 63.15 -81.27
C ARG P 240 -25.46 61.80 -80.58
N LYS P 241 -26.67 61.27 -80.50
CA LYS P 241 -26.91 59.95 -79.92
C LYS P 241 -26.13 58.88 -80.67
N VAL P 242 -26.12 58.92 -82.01
CA VAL P 242 -25.31 58.00 -82.84
C VAL P 242 -23.83 58.12 -82.51
N ALA P 243 -23.28 59.33 -82.43
CA ALA P 243 -21.89 59.53 -82.05
C ALA P 243 -21.60 58.98 -80.63
N GLU P 244 -22.44 59.30 -79.65
CA GLU P 244 -22.26 58.83 -78.28
C GLU P 244 -22.29 57.30 -78.21
N GLN P 245 -23.26 56.66 -78.86
CA GLN P 245 -23.30 55.20 -78.88
C GLN P 245 -22.11 54.63 -79.65
N ALA P 246 -21.61 55.30 -80.69
CA ALA P 246 -20.41 54.86 -81.38
C ALA P 246 -19.17 54.96 -80.49
N LEU P 247 -19.07 55.98 -79.64
CA LEU P 247 -18.04 56.01 -78.60
C LEU P 247 -18.22 54.87 -77.59
N ARG P 248 -19.45 54.58 -77.17
CA ARG P 248 -19.71 53.46 -76.27
C ARG P 248 -19.27 52.14 -76.91
N ILE P 249 -19.59 51.92 -78.19
CA ILE P 249 -19.10 50.78 -78.98
C ILE P 249 -17.57 50.78 -79.04
N ALA P 250 -16.94 51.94 -79.29
CA ALA P 250 -15.48 52.02 -79.32
C ALA P 250 -14.88 51.63 -77.96
N LYS P 251 -15.47 52.06 -76.85
CA LYS P 251 -15.04 51.66 -75.50
C LYS P 251 -15.17 50.15 -75.28
N GLU P 252 -16.24 49.52 -75.76
CA GLU P 252 -16.34 48.06 -75.74
C GLU P 252 -15.25 47.40 -76.60
N ALA P 253 -14.91 47.95 -77.77
CA ALA P 253 -13.80 47.45 -78.58
C ALA P 253 -12.44 47.60 -77.90
N GLU P 254 -12.22 48.67 -77.12
CA GLU P 254 -11.05 48.80 -76.23
C GLU P 254 -11.02 47.73 -75.13
N LYS P 255 -12.16 47.46 -74.46
CA LYS P 255 -12.26 46.39 -73.45
C LYS P 255 -11.98 45.00 -74.03
N GLN P 256 -12.46 44.74 -75.25
CA GLN P 256 -12.18 43.53 -76.03
C GLN P 256 -10.76 43.51 -76.63
N GLY P 257 -9.99 44.61 -76.53
CA GLY P 257 -8.66 44.74 -77.11
C GLY P 257 -8.64 44.82 -78.65
N ASN P 258 -9.79 44.85 -79.33
CA ASN P 258 -9.86 44.95 -80.78
C ASN P 258 -9.68 46.40 -81.23
N VAL P 259 -8.46 46.89 -81.11
CA VAL P 259 -8.12 48.28 -81.45
C VAL P 259 -8.40 48.60 -82.93
N GLU P 260 -8.27 47.65 -83.86
CA GLU P 260 -8.62 47.90 -85.26
C GLU P 260 -10.10 48.24 -85.43
N VAL P 261 -10.98 47.44 -84.81
CA VAL P 261 -12.41 47.75 -84.80
C VAL P 261 -12.67 49.03 -84.01
N ALA P 262 -11.96 49.30 -82.92
CA ALA P 262 -12.11 50.56 -82.21
C ALA P 262 -11.77 51.76 -83.11
N VAL P 263 -10.69 51.70 -83.89
CA VAL P 263 -10.30 52.77 -84.82
C VAL P 263 -11.38 52.94 -85.89
N LYS P 264 -11.90 51.84 -86.44
CA LYS P 264 -13.02 51.94 -87.37
C LYS P 264 -14.26 52.52 -86.70
N ALA P 265 -14.52 52.18 -85.43
CA ALA P 265 -15.61 52.75 -84.65
C ALA P 265 -15.44 54.25 -84.51
N ALA P 266 -14.23 54.72 -84.25
CA ALA P 266 -13.94 56.14 -84.28
C ALA P 266 -14.21 56.71 -85.67
N ARG P 267 -13.75 56.06 -86.75
CA ARG P 267 -13.97 56.54 -88.13
C ARG P 267 -15.45 56.72 -88.45
N VAL P 268 -16.31 55.85 -87.94
CA VAL P 268 -17.76 56.04 -88.03
C VAL P 268 -18.21 57.16 -87.10
N ALA P 269 -17.81 57.13 -85.83
CA ALA P 269 -18.26 58.10 -84.84
C ALA P 269 -17.99 59.54 -85.29
N VAL P 270 -16.77 59.79 -85.78
CA VAL P 270 -16.35 61.11 -86.22
C VAL P 270 -17.15 61.57 -87.43
N GLU P 271 -17.56 60.67 -88.32
CA GLU P 271 -18.40 61.06 -89.46
C GLU P 271 -19.69 61.69 -88.94
N ALA P 272 -20.41 61.01 -88.05
CA ALA P 272 -21.65 61.52 -87.48
C ALA P 272 -21.41 62.83 -86.72
N ALA P 273 -20.35 62.89 -85.92
CA ALA P 273 -20.00 64.09 -85.19
C ALA P 273 -19.70 65.28 -86.12
N LYS P 274 -19.03 65.03 -87.26
CA LYS P 274 -18.74 66.07 -88.26
C LYS P 274 -20.02 66.56 -88.92
N GLN P 275 -20.91 65.65 -89.33
CA GLN P 275 -22.17 66.07 -89.95
C GLN P 275 -23.02 66.91 -88.99
N ALA P 276 -22.96 66.64 -87.68
CA ALA P 276 -23.59 67.49 -86.67
C ALA P 276 -22.85 68.84 -86.46
N GLY P 277 -21.51 68.82 -86.41
CA GLY P 277 -20.68 70.01 -86.20
C GLY P 277 -20.66 70.56 -84.77
N ASP P 278 -21.14 69.80 -83.78
CA ASP P 278 -21.12 70.20 -82.36
C ASP P 278 -19.71 70.06 -81.77
N ASN P 279 -19.09 71.20 -81.46
CA ASN P 279 -17.70 71.23 -80.99
C ASN P 279 -17.49 70.43 -79.70
N ASP P 280 -18.42 70.47 -78.76
CA ASP P 280 -18.25 69.75 -77.49
C ASP P 280 -18.19 68.24 -77.74
N VAL P 281 -19.07 67.74 -78.60
CA VAL P 281 -19.06 66.35 -79.04
C VAL P 281 -17.74 66.05 -79.72
N LEU P 282 -17.31 66.89 -80.67
CA LEU P 282 -16.10 66.63 -81.44
C LEU P 282 -14.85 66.59 -80.55
N ARG P 283 -14.75 67.46 -79.54
CA ARG P 283 -13.66 67.43 -78.57
C ARG P 283 -13.71 66.17 -77.71
N LYS P 284 -14.89 65.79 -77.21
CA LYS P 284 -15.06 64.55 -76.44
C LYS P 284 -14.67 63.32 -77.27
N VAL P 285 -15.07 63.29 -78.55
CA VAL P 285 -14.71 62.24 -79.51
C VAL P 285 -13.20 62.20 -79.70
N ALA P 286 -12.56 63.33 -80.02
CA ALA P 286 -11.12 63.35 -80.24
C ALA P 286 -10.35 62.91 -78.99
N GLU P 287 -10.81 63.29 -77.80
CA GLU P 287 -10.19 62.87 -76.53
C GLU P 287 -10.19 61.35 -76.39
N GLN P 288 -11.35 60.71 -76.55
CA GLN P 288 -11.40 59.25 -76.52
C GLN P 288 -10.56 58.65 -77.66
N ALA P 289 -10.49 59.30 -78.82
CA ALA P 289 -9.70 58.77 -79.94
C ALA P 289 -8.19 58.76 -79.63
N LEU P 290 -7.69 59.71 -78.83
CA LEU P 290 -6.33 59.60 -78.30
C LEU P 290 -6.20 58.48 -77.27
N GLU P 291 -7.23 58.17 -76.48
CA GLU P 291 -7.20 56.95 -75.67
C GLU P 291 -7.09 55.70 -76.55
N ILE P 292 -7.78 55.67 -77.70
CA ILE P 292 -7.62 54.58 -78.67
C ILE P 292 -6.19 54.54 -79.21
N ALA P 293 -5.59 55.69 -79.56
CA ALA P 293 -4.19 55.73 -79.98
C ALA P 293 -3.23 55.21 -78.90
N LYS P 294 -3.46 55.59 -77.63
CA LYS P 294 -2.71 55.07 -76.47
C LYS P 294 -2.86 53.55 -76.37
N LYS P 295 -4.07 53.02 -76.50
CA LYS P 295 -4.28 51.56 -76.47
C LYS P 295 -3.63 50.85 -77.65
N ALA P 296 -3.64 51.43 -78.85
CA ALA P 296 -2.93 50.84 -80.00
C ALA P 296 -1.40 50.79 -79.79
N ALA P 297 -0.84 51.81 -79.13
CA ALA P 297 0.55 51.76 -78.70
C ALA P 297 0.78 50.67 -77.62
N GLU P 298 -0.10 50.58 -76.62
CA GLU P 298 0.03 49.59 -75.55
C GLU P 298 -0.11 48.14 -76.03
N GLN P 299 -0.94 47.90 -77.05
CA GLN P 299 -1.03 46.62 -77.75
C GLN P 299 0.17 46.36 -78.69
N GLY P 300 0.97 47.38 -79.01
CA GLY P 300 2.15 47.26 -79.87
C GLY P 300 1.82 47.12 -81.38
N ASP P 301 0.58 47.37 -81.78
CA ASP P 301 0.18 47.34 -83.19
C ASP P 301 0.57 48.65 -83.89
N VAL P 302 1.82 48.76 -84.33
CA VAL P 302 2.42 50.01 -84.82
C VAL P 302 1.60 50.66 -85.93
N GLY P 303 1.30 49.95 -87.00
CA GLY P 303 0.52 50.49 -88.12
C GLY P 303 -0.90 50.88 -87.71
N VAL P 304 -1.54 50.08 -86.85
CA VAL P 304 -2.86 50.43 -86.30
C VAL P 304 -2.75 51.67 -85.43
N MET P 305 -1.67 51.85 -84.69
CA MET P 305 -1.41 53.08 -83.96
C MET P 305 -1.21 54.27 -84.91
N GLN P 306 -0.52 54.11 -86.04
CA GLN P 306 -0.44 55.15 -87.06
C GLN P 306 -1.83 55.53 -87.59
N LYS P 307 -2.69 54.55 -87.81
CA LYS P 307 -4.09 54.82 -88.17
C LYS P 307 -4.86 55.45 -87.02
N ALA P 308 -4.62 55.04 -85.78
CA ALA P 308 -5.30 55.58 -84.61
C ALA P 308 -4.93 57.04 -84.37
N MET P 309 -3.64 57.35 -84.51
CA MET P 309 -3.15 58.71 -84.65
C MET P 309 -3.94 59.41 -85.74
N ASP P 310 -3.92 58.88 -86.97
CA ASP P 310 -4.53 59.57 -88.11
C ASP P 310 -6.02 59.89 -87.87
N VAL P 311 -6.80 58.91 -87.41
CA VAL P 311 -8.23 59.11 -87.14
C VAL P 311 -8.44 60.05 -85.95
N ALA P 312 -7.72 59.89 -84.85
CA ALA P 312 -7.86 60.79 -83.72
C ALA P 312 -7.49 62.23 -84.10
N LEU P 313 -6.44 62.38 -84.88
CA LEU P 313 -5.95 63.67 -85.35
C LEU P 313 -6.91 64.29 -86.36
N ARG P 314 -7.49 63.49 -87.27
CA ARG P 314 -8.58 63.96 -88.13
C ARG P 314 -9.72 64.47 -87.27
N ALA P 315 -10.14 63.72 -86.25
CA ALA P 315 -11.22 64.13 -85.36
C ALA P 315 -10.92 65.46 -84.67
N ALA P 316 -9.70 65.62 -84.14
CA ALA P 316 -9.24 66.89 -83.61
C ALA P 316 -9.33 67.99 -84.69
N GLY P 317 -8.89 67.68 -85.90
CA GLY P 317 -8.89 68.58 -87.05
C GLY P 317 -10.26 69.05 -87.52
N GLN P 318 -11.36 68.48 -87.00
CA GLN P 318 -12.72 68.95 -87.31
C GLN P 318 -13.23 70.01 -86.30
N ALA P 319 -12.50 70.30 -85.21
CA ALA P 319 -12.88 71.27 -84.18
C ALA P 319 -11.69 72.09 -83.65
N PRO Q 4 -84.94 -64.62 -37.23
CA PRO Q 4 -84.06 -64.67 -38.42
C PRO Q 4 -83.29 -66.00 -38.57
N ARG Q 5 -82.20 -66.21 -37.81
CA ARG Q 5 -81.25 -67.33 -38.01
C ARG Q 5 -81.94 -68.67 -38.16
N LEU Q 6 -82.81 -68.97 -37.19
CA LEU Q 6 -83.58 -70.20 -37.12
C LEU Q 6 -84.34 -70.41 -38.42
N VAL Q 7 -85.09 -69.39 -38.86
CA VAL Q 7 -85.96 -69.50 -40.03
C VAL Q 7 -85.14 -69.88 -41.24
N LEU Q 8 -84.02 -69.19 -41.47
CA LEU Q 8 -83.17 -69.53 -42.60
C LEU Q 8 -82.69 -70.97 -42.51
N ARG Q 9 -82.12 -71.39 -41.37
CA ARG Q 9 -81.63 -72.78 -41.24
C ARG Q 9 -82.76 -73.78 -41.46
N ALA Q 10 -83.93 -73.50 -40.93
CA ALA Q 10 -85.10 -74.36 -41.13
C ALA Q 10 -85.47 -74.44 -42.61
N LEU Q 11 -85.56 -73.33 -43.30
CA LEU Q 11 -85.91 -73.35 -44.72
C LEU Q 11 -84.86 -74.14 -45.49
N GLU Q 12 -83.58 -73.85 -45.30
CA GLU Q 12 -82.50 -74.59 -45.94
C GLU Q 12 -82.67 -76.09 -45.69
N ASN Q 13 -82.86 -76.46 -44.44
CA ASN Q 13 -82.93 -77.86 -44.09
C ASN Q 13 -84.20 -78.50 -44.64
N MET Q 14 -85.30 -77.75 -44.77
CA MET Q 14 -86.47 -78.25 -45.49
C MET Q 14 -86.16 -78.45 -46.96
N VAL Q 15 -85.34 -77.60 -47.57
CA VAL Q 15 -84.86 -77.88 -48.92
C VAL Q 15 -84.02 -79.15 -48.94
N ARG Q 16 -83.15 -79.39 -47.94
CA ARG Q 16 -82.44 -80.68 -47.85
C ARG Q 16 -83.44 -81.82 -47.87
N ALA Q 17 -84.47 -81.72 -47.05
CA ALA Q 17 -85.48 -82.75 -46.98
C ALA Q 17 -86.15 -82.94 -48.35
N ALA Q 18 -86.58 -81.86 -49.00
CA ALA Q 18 -87.17 -81.96 -50.31
C ALA Q 18 -86.20 -82.64 -51.29
N HIS Q 19 -84.91 -82.27 -51.25
CA HIS Q 19 -83.90 -82.86 -52.11
C HIS Q 19 -83.82 -84.35 -51.89
N THR Q 20 -83.73 -84.78 -50.63
CA THR Q 20 -83.73 -86.21 -50.34
C THR Q 20 -85.01 -86.87 -50.82
N LEU Q 21 -86.17 -86.23 -50.66
CA LEU Q 21 -87.43 -86.86 -51.01
C LEU Q 21 -87.48 -87.14 -52.52
N ALA Q 22 -87.04 -86.16 -53.32
CA ALA Q 22 -86.95 -86.32 -54.77
C ALA Q 22 -85.86 -87.34 -55.16
N GLU Q 23 -84.70 -87.30 -54.49
CA GLU Q 23 -83.65 -88.27 -54.72
C GLU Q 23 -84.18 -89.70 -54.51
N ILE Q 24 -84.87 -89.91 -53.39
CA ILE Q 24 -85.42 -91.21 -53.01
C ILE Q 24 -86.46 -91.65 -54.04
N ALA Q 25 -87.39 -90.76 -54.41
CA ALA Q 25 -88.46 -91.10 -55.33
C ALA Q 25 -87.92 -91.58 -56.70
N ARG Q 26 -86.87 -90.94 -57.23
CA ARG Q 26 -86.32 -91.32 -58.55
C ARG Q 26 -85.73 -92.72 -58.60
N ASP Q 27 -85.30 -93.27 -57.46
CA ASP Q 27 -84.82 -94.65 -57.38
C ASP Q 27 -85.95 -95.70 -57.34
N ASN Q 28 -87.22 -95.28 -57.21
CA ASN Q 28 -88.32 -96.16 -56.82
C ASN Q 28 -89.61 -96.00 -57.64
N GLY Q 29 -89.99 -94.78 -58.01
CA GLY Q 29 -91.21 -94.51 -58.78
C GLY Q 29 -92.43 -94.03 -57.97
N ASN Q 30 -92.34 -93.87 -56.66
CA ASN Q 30 -93.40 -93.24 -55.85
C ASN Q 30 -93.68 -91.80 -56.32
N GLU Q 31 -94.90 -91.54 -56.81
CA GLU Q 31 -95.24 -90.22 -57.34
C GLU Q 31 -95.57 -89.20 -56.24
N GLU Q 32 -96.29 -89.62 -55.19
CA GLU Q 32 -96.72 -88.72 -54.11
C GLU Q 32 -95.53 -88.04 -53.43
N TRP Q 33 -94.40 -88.72 -53.28
CA TRP Q 33 -93.18 -88.12 -52.75
C TRP Q 33 -92.72 -86.95 -53.61
N LEU Q 34 -92.76 -87.07 -54.94
CA LEU Q 34 -92.45 -85.96 -55.84
C LEU Q 34 -93.47 -84.83 -55.67
N GLU Q 35 -94.75 -85.16 -55.59
CA GLU Q 35 -95.80 -84.15 -55.43
C GLU Q 35 -95.61 -83.36 -54.13
N ARG Q 36 -95.39 -84.06 -53.01
CA ARG Q 36 -95.11 -83.40 -51.73
C ARG Q 36 -93.86 -82.54 -51.83
N ALA Q 37 -92.78 -83.06 -52.40
CA ALA Q 37 -91.55 -82.29 -52.57
C ALA Q 37 -91.80 -81.00 -53.38
N ALA Q 38 -92.50 -81.08 -54.50
CA ALA Q 38 -92.78 -79.93 -55.35
C ALA Q 38 -93.56 -78.86 -54.58
N ARG Q 39 -94.64 -79.28 -53.89
CA ARG Q 39 -95.46 -78.38 -53.07
C ARG Q 39 -94.64 -77.72 -51.98
N LEU Q 40 -93.80 -78.49 -51.29
CA LEU Q 40 -92.89 -77.96 -50.28
C LEU Q 40 -91.96 -76.91 -50.88
N ALA Q 41 -91.31 -77.22 -51.99
CA ALA Q 41 -90.34 -76.31 -52.57
C ALA Q 41 -91.01 -75.01 -53.05
N GLU Q 42 -92.21 -75.11 -53.62
CA GLU Q 42 -92.99 -73.92 -53.97
C GLU Q 42 -93.32 -73.10 -52.72
N GLU Q 43 -93.86 -73.72 -51.68
CA GLU Q 43 -94.19 -72.99 -50.45
C GLU Q 43 -92.95 -72.33 -49.85
N VAL Q 44 -91.81 -73.02 -49.88
CA VAL Q 44 -90.53 -72.46 -49.44
C VAL Q 44 -90.17 -71.27 -50.30
N ALA Q 45 -90.29 -71.35 -51.63
CA ALA Q 45 -90.03 -70.20 -52.47
C ALA Q 45 -90.95 -69.03 -52.10
N ARG Q 46 -92.25 -69.29 -51.91
CA ARG Q 46 -93.23 -68.27 -51.53
C ARG Q 46 -92.87 -67.60 -50.21
N ARG Q 47 -92.54 -68.39 -49.19
CA ARG Q 47 -92.04 -67.83 -47.92
C ARG Q 47 -90.73 -67.05 -48.13
N ALA Q 48 -89.81 -67.58 -48.90
CA ALA Q 48 -88.53 -66.94 -49.15
C ALA Q 48 -88.71 -65.58 -49.85
N GLU Q 49 -89.69 -65.44 -50.74
CA GLU Q 49 -90.00 -64.13 -51.31
C GLU Q 49 -90.44 -63.16 -50.23
N ARG Q 50 -91.36 -63.59 -49.34
CA ARG Q 50 -91.77 -62.77 -48.18
C ARG Q 50 -90.55 -62.37 -47.36
N LEU Q 51 -89.66 -63.33 -47.10
CA LEU Q 51 -88.41 -63.10 -46.39
C LEU Q 51 -87.61 -62.03 -47.12
N ALA Q 52 -87.44 -62.13 -48.44
CA ALA Q 52 -86.68 -61.16 -49.20
C ALA Q 52 -87.29 -59.75 -49.09
N ARG Q 53 -88.60 -59.63 -49.27
CA ARG Q 53 -89.29 -58.36 -49.12
C ARG Q 53 -89.06 -57.76 -47.73
N GLU Q 54 -89.21 -58.55 -46.68
CA GLU Q 54 -88.96 -58.08 -45.31
C GLU Q 54 -87.50 -57.72 -45.09
N ALA Q 55 -86.57 -58.57 -45.52
CA ALA Q 55 -85.14 -58.31 -45.37
C ALA Q 55 -84.75 -57.02 -46.09
N ARG Q 56 -85.37 -56.74 -47.23
CA ARG Q 56 -85.15 -55.50 -47.99
C ARG Q 56 -85.56 -54.26 -47.19
N LYS Q 57 -86.48 -54.39 -46.24
CA LYS Q 57 -86.77 -53.35 -45.24
C LYS Q 57 -85.79 -53.41 -44.07
N GLU Q 58 -85.48 -54.60 -43.55
CA GLU Q 58 -84.63 -54.75 -42.36
C GLU Q 58 -83.16 -54.37 -42.58
N GLY Q 59 -82.65 -54.44 -43.81
CA GLY Q 59 -81.33 -53.93 -44.18
C GLY Q 59 -80.13 -54.82 -43.83
N ASN Q 60 -80.33 -56.01 -43.27
CA ASN Q 60 -79.27 -57.02 -43.22
C ASN Q 60 -79.21 -57.77 -44.56
N LEU Q 61 -78.31 -57.34 -45.43
CA LEU Q 61 -78.16 -57.93 -46.75
C LEU Q 61 -77.75 -59.41 -46.68
N GLU Q 62 -77.08 -59.85 -45.60
CA GLU Q 62 -76.68 -61.25 -45.50
C GLU Q 62 -77.89 -62.17 -45.36
N LEU Q 63 -78.89 -61.76 -44.60
CA LEU Q 63 -80.15 -62.50 -44.53
C LEU Q 63 -80.76 -62.61 -45.92
N ALA Q 64 -80.80 -61.48 -46.64
CA ALA Q 64 -81.37 -61.44 -47.97
C ALA Q 64 -80.63 -62.38 -48.92
N LEU Q 65 -79.30 -62.30 -49.00
CA LEU Q 65 -78.58 -63.12 -49.94
C LEU Q 65 -78.65 -64.58 -49.53
N LYS Q 66 -78.65 -64.91 -48.23
CA LYS Q 66 -78.81 -66.31 -47.83
C LYS Q 66 -80.19 -66.81 -48.25
N ALA Q 67 -81.23 -66.00 -48.09
CA ALA Q 67 -82.53 -66.37 -48.60
C ALA Q 67 -82.48 -66.59 -50.12
N LEU Q 68 -81.75 -65.76 -50.86
CA LEU Q 68 -81.57 -65.99 -52.29
C LEU Q 68 -80.85 -67.31 -52.56
N GLN Q 69 -79.82 -67.67 -51.80
CA GLN Q 69 -79.19 -68.98 -51.99
C GLN Q 69 -80.16 -70.11 -51.69
N ILE Q 70 -81.00 -69.96 -50.67
CA ILE Q 70 -82.06 -70.92 -50.39
C ILE Q 70 -82.97 -71.03 -51.61
N LEU Q 71 -83.41 -69.90 -52.17
CA LEU Q 71 -84.23 -69.90 -53.37
C LEU Q 71 -83.53 -70.65 -54.50
N VAL Q 72 -82.24 -70.43 -54.70
CA VAL Q 72 -81.50 -71.14 -55.74
C VAL Q 72 -81.53 -72.64 -55.46
N ASN Q 73 -81.26 -73.05 -54.23
CA ASN Q 73 -81.31 -74.48 -53.88
C ASN Q 73 -82.71 -75.04 -54.16
N ALA Q 74 -83.76 -74.32 -53.76
CA ALA Q 74 -85.13 -74.74 -54.00
C ALA Q 74 -85.42 -74.84 -55.50
N ALA Q 75 -84.94 -73.89 -56.29
CA ALA Q 75 -85.12 -73.90 -57.74
C ALA Q 75 -84.47 -75.16 -58.33
N TYR Q 76 -83.29 -75.54 -57.84
CA TYR Q 76 -82.67 -76.80 -58.24
C TYR Q 76 -83.59 -77.99 -57.95
N VAL Q 77 -84.13 -78.09 -56.74
CA VAL Q 77 -85.05 -79.19 -56.42
C VAL Q 77 -86.29 -79.17 -57.31
N LEU Q 78 -86.89 -78.00 -57.53
CA LEU Q 78 -88.05 -77.88 -58.40
C LEU Q 78 -87.71 -78.38 -59.79
N ALA Q 79 -86.61 -77.87 -60.36
CA ALA Q 79 -86.19 -78.22 -61.69
C ALA Q 79 -85.92 -79.73 -61.82
N GLU Q 80 -85.25 -80.32 -60.83
CA GLU Q 80 -84.98 -81.75 -60.81
C GLU Q 80 -86.26 -82.57 -60.94
N ILE Q 81 -87.27 -82.22 -60.15
CA ILE Q 81 -88.57 -82.89 -60.22
C ILE Q 81 -89.15 -82.67 -61.61
N ALA Q 82 -89.25 -81.42 -62.02
CA ALA Q 82 -89.96 -81.04 -63.24
C ALA Q 82 -89.38 -81.71 -64.50
N ARG Q 83 -88.05 -81.74 -64.64
CA ARG Q 83 -87.42 -82.29 -65.85
C ARG Q 83 -87.65 -83.79 -65.98
N ASP Q 84 -87.56 -84.54 -64.89
CA ASP Q 84 -87.78 -85.99 -64.93
C ASP Q 84 -89.27 -86.35 -64.96
N ARG Q 85 -90.12 -85.50 -64.36
CA ARG Q 85 -91.58 -85.54 -64.55
C ARG Q 85 -91.98 -85.21 -66.00
N GLY Q 86 -91.08 -84.63 -66.78
CA GLY Q 86 -91.27 -84.30 -68.20
C GLY Q 86 -92.12 -83.05 -68.45
N ASN Q 87 -92.18 -82.12 -67.50
CA ASN Q 87 -93.14 -81.01 -67.49
C ASN Q 87 -92.49 -79.65 -67.77
N GLU Q 88 -93.08 -78.83 -68.65
CA GLU Q 88 -92.57 -77.47 -68.87
C GLU Q 88 -93.08 -76.48 -67.83
N GLU Q 89 -94.32 -76.59 -67.41
CA GLU Q 89 -94.99 -75.59 -66.59
C GLU Q 89 -94.27 -75.39 -65.25
N GLU Q 90 -93.86 -76.47 -64.60
CA GLU Q 90 -93.08 -76.38 -63.38
C GLU Q 90 -91.70 -75.75 -63.62
N LEU Q 91 -91.09 -75.97 -64.80
CA LEU Q 91 -89.85 -75.27 -65.18
C LEU Q 91 -90.14 -73.79 -65.42
N GLU Q 92 -91.25 -73.44 -66.05
CA GLU Q 92 -91.67 -72.07 -66.32
C GLU Q 92 -91.89 -71.32 -65.00
N TYR Q 93 -92.63 -71.92 -64.05
CA TYR Q 93 -92.87 -71.31 -62.74
C TYR Q 93 -91.54 -71.01 -62.05
N ALA Q 94 -90.66 -72.02 -61.98
CA ALA Q 94 -89.36 -71.87 -61.36
C ALA Q 94 -88.54 -70.79 -62.08
N ALA Q 95 -88.49 -70.80 -63.41
CA ALA Q 95 -87.74 -69.81 -64.17
C ALA Q 95 -88.25 -68.40 -63.89
N ARG Q 96 -89.56 -68.18 -63.90
CA ARG Q 96 -90.15 -66.87 -63.60
C ARG Q 96 -89.80 -66.40 -62.20
N LEU Q 97 -89.96 -67.27 -61.20
CA LEU Q 97 -89.57 -66.96 -59.83
C LEU Q 97 -88.07 -66.64 -59.77
N ALA Q 98 -87.24 -67.46 -60.38
CA ALA Q 98 -85.79 -67.32 -60.36
C ALA Q 98 -85.35 -66.02 -61.03
N GLU Q 99 -85.99 -65.61 -62.11
CA GLU Q 99 -85.66 -64.36 -62.78
C GLU Q 99 -85.97 -63.17 -61.87
N GLU Q 100 -87.14 -63.12 -61.25
CA GLU Q 100 -87.45 -62.07 -60.26
C GLU Q 100 -86.52 -62.14 -59.05
N ALA Q 101 -86.11 -63.34 -58.64
CA ALA Q 101 -85.09 -63.46 -57.63
C ALA Q 101 -83.79 -62.83 -58.13
N ALA Q 102 -83.34 -63.16 -59.33
CA ALA Q 102 -82.10 -62.63 -59.89
C ALA Q 102 -82.19 -61.11 -60.03
N ARG Q 103 -83.32 -60.59 -60.46
CA ARG Q 103 -83.57 -59.15 -60.51
C ARG Q 103 -83.42 -58.55 -59.12
N GLN Q 104 -84.01 -59.15 -58.10
CA GLN Q 104 -83.83 -58.69 -56.74
C GLN Q 104 -82.38 -58.82 -56.28
N ALA Q 105 -81.68 -59.86 -56.68
CA ALA Q 105 -80.27 -60.04 -56.37
C ALA Q 105 -79.43 -58.92 -56.97
N ILE Q 106 -79.76 -58.50 -58.19
CA ILE Q 106 -79.12 -57.35 -58.80
C ILE Q 106 -79.32 -56.12 -57.91
N GLU Q 107 -80.49 -55.92 -57.31
CA GLU Q 107 -80.67 -54.80 -56.37
C GLU Q 107 -79.69 -54.89 -55.20
N ILE Q 108 -79.48 -56.09 -54.64
CA ILE Q 108 -78.51 -56.28 -53.56
C ILE Q 108 -77.13 -55.89 -54.07
N ALA Q 109 -76.72 -56.42 -55.22
CA ALA Q 109 -75.40 -56.17 -55.78
C ALA Q 109 -75.21 -54.67 -56.05
N ALA Q 110 -76.23 -54.02 -56.60
CA ALA Q 110 -76.22 -52.58 -56.84
C ALA Q 110 -75.97 -51.83 -55.53
N GLN Q 111 -76.76 -52.12 -54.50
CA GLN Q 111 -76.61 -51.44 -53.21
C GLN Q 111 -75.21 -51.66 -52.65
N ALA Q 112 -74.75 -52.91 -52.62
CA ALA Q 112 -73.47 -53.26 -52.03
C ALA Q 112 -72.29 -52.56 -52.74
N MET Q 113 -72.29 -52.56 -54.08
CA MET Q 113 -71.22 -51.93 -54.84
C MET Q 113 -71.28 -50.41 -54.76
N GLU Q 114 -72.47 -49.81 -54.66
CA GLU Q 114 -72.59 -48.38 -54.40
C GLU Q 114 -72.03 -48.01 -53.02
N GLU Q 115 -72.41 -48.77 -51.98
CA GLU Q 115 -71.87 -48.58 -50.63
C GLU Q 115 -70.37 -48.92 -50.53
N GLY Q 116 -69.82 -49.66 -51.49
CA GLY Q 116 -68.39 -50.00 -51.55
C GLY Q 116 -67.99 -51.17 -50.65
N ASN Q 117 -68.93 -52.01 -50.22
CA ASN Q 117 -68.61 -53.26 -49.54
C ASN Q 117 -68.37 -54.37 -50.57
N LEU Q 118 -67.10 -54.73 -50.78
CA LEU Q 118 -66.76 -55.75 -51.76
C LEU Q 118 -67.33 -57.10 -51.35
N GLU Q 119 -67.35 -57.41 -50.06
CA GLU Q 119 -67.71 -58.74 -49.56
C GLU Q 119 -69.14 -59.10 -49.94
N LEU Q 120 -70.08 -58.22 -49.63
CA LEU Q 120 -71.47 -58.41 -49.97
C LEU Q 120 -71.63 -58.50 -51.49
N ALA Q 121 -70.88 -57.70 -52.24
CA ALA Q 121 -70.91 -57.81 -53.69
C ALA Q 121 -70.48 -59.22 -54.12
N LEU Q 122 -69.33 -59.70 -53.67
CA LEU Q 122 -68.86 -61.02 -54.01
C LEU Q 122 -69.91 -62.08 -53.64
N LYS Q 123 -70.50 -61.98 -52.47
CA LYS Q 123 -71.56 -62.91 -52.06
C LYS Q 123 -72.74 -62.84 -53.03
N ALA Q 124 -73.28 -61.66 -53.28
CA ALA Q 124 -74.43 -61.51 -54.18
C ALA Q 124 -74.10 -62.06 -55.58
N LEU Q 125 -72.93 -61.71 -56.10
CA LEU Q 125 -72.50 -62.17 -57.40
C LEU Q 125 -72.39 -63.69 -57.41
N GLN Q 126 -71.89 -64.32 -56.35
CA GLN Q 126 -71.86 -65.77 -56.25
C GLN Q 126 -73.28 -66.35 -56.26
N ILE Q 127 -74.22 -65.70 -55.57
CA ILE Q 127 -75.62 -66.09 -55.66
C ILE Q 127 -76.06 -66.02 -57.11
N ILE Q 128 -75.71 -64.96 -57.83
CA ILE Q 128 -76.06 -64.80 -59.23
C ILE Q 128 -75.48 -65.94 -60.05
N VAL Q 129 -74.22 -66.33 -59.82
CA VAL Q 129 -73.62 -67.48 -60.49
C VAL Q 129 -74.44 -68.75 -60.22
N ASN Q 130 -74.75 -69.02 -58.96
CA ASN Q 130 -75.46 -70.25 -58.64
C ASN Q 130 -76.86 -70.24 -59.26
N ALA Q 131 -77.57 -69.12 -59.18
CA ALA Q 131 -78.88 -68.96 -59.81
C ALA Q 131 -78.79 -69.24 -61.31
N ALA Q 132 -77.79 -68.63 -61.95
CA ALA Q 132 -77.55 -68.84 -63.36
C ALA Q 132 -77.31 -70.31 -63.65
N TYR Q 133 -76.61 -71.06 -62.79
CA TYR Q 133 -76.36 -72.46 -63.07
C TYR Q 133 -77.66 -73.25 -63.13
N VAL Q 134 -78.59 -72.97 -62.21
CA VAL Q 134 -79.91 -73.60 -62.27
C VAL Q 134 -80.62 -73.23 -63.56
N LEU Q 135 -80.63 -71.96 -63.92
CA LEU Q 135 -81.25 -71.53 -65.18
C LEU Q 135 -80.61 -72.22 -66.38
N ALA Q 136 -79.30 -72.38 -66.40
CA ALA Q 136 -78.58 -73.00 -67.51
C ALA Q 136 -78.95 -74.49 -67.65
N GLU Q 137 -79.01 -75.21 -66.54
CA GLU Q 137 -79.40 -76.62 -66.55
C GLU Q 137 -80.83 -76.79 -67.08
N ILE Q 138 -81.74 -75.93 -66.62
CA ILE Q 138 -83.12 -75.90 -67.14
C ILE Q 138 -83.10 -75.65 -68.65
N ALA Q 139 -82.36 -74.63 -69.09
CA ALA Q 139 -82.37 -74.14 -70.46
C ALA Q 139 -81.99 -75.21 -71.50
N ARG Q 140 -80.94 -75.99 -71.24
CA ARG Q 140 -80.54 -77.12 -72.10
C ARG Q 140 -81.62 -78.19 -72.11
N ASP Q 141 -82.08 -78.59 -70.94
CA ASP Q 141 -83.00 -79.72 -70.83
C ASP Q 141 -84.38 -79.39 -71.45
N ARG Q 142 -84.81 -78.13 -71.39
CA ARG Q 142 -86.06 -77.64 -72.00
C ARG Q 142 -85.93 -77.29 -73.49
N GLY Q 143 -84.76 -76.85 -73.95
CA GLY Q 143 -84.53 -76.42 -75.33
C GLY Q 143 -84.74 -74.91 -75.56
N ASN Q 144 -83.96 -74.08 -74.86
CA ASN Q 144 -84.02 -72.62 -74.96
C ASN Q 144 -82.61 -72.02 -74.80
N GLU Q 145 -81.84 -72.03 -75.89
CA GLU Q 145 -80.46 -71.56 -75.90
C GLU Q 145 -80.33 -70.06 -75.54
N GLU Q 146 -81.44 -69.35 -75.59
CA GLU Q 146 -81.56 -67.96 -75.20
C GLU Q 146 -81.44 -67.83 -73.67
N LEU Q 147 -82.10 -68.71 -72.92
CA LEU Q 147 -81.92 -68.74 -71.48
C LEU Q 147 -80.50 -69.18 -71.12
N LEU Q 148 -79.87 -70.04 -71.94
CA LEU Q 148 -78.43 -70.30 -71.79
C LEU Q 148 -77.67 -68.99 -71.93
N GLU Q 149 -77.98 -68.15 -72.91
CA GLU Q 149 -77.29 -66.87 -73.05
C GLU Q 149 -77.44 -66.03 -71.78
N LYS Q 150 -78.66 -65.92 -71.26
CA LYS Q 150 -78.91 -65.19 -70.02
C LYS Q 150 -78.05 -65.74 -68.90
N ALA Q 151 -78.15 -67.03 -68.63
CA ALA Q 151 -77.37 -67.64 -67.60
C ALA Q 151 -75.87 -67.37 -67.80
N ALA Q 152 -75.37 -67.61 -69.01
CA ALA Q 152 -73.97 -67.47 -69.33
C ALA Q 152 -73.49 -66.05 -69.01
N SER Q 153 -74.25 -65.06 -69.46
CA SER Q 153 -73.92 -63.68 -69.19
C SER Q 153 -73.96 -63.40 -67.69
N LEU Q 154 -74.96 -63.89 -66.97
CA LEU Q 154 -75.10 -63.61 -65.56
C LEU Q 154 -73.88 -64.13 -64.82
N ALA Q 155 -73.52 -65.38 -65.07
CA ALA Q 155 -72.38 -66.02 -64.47
C ALA Q 155 -71.07 -65.35 -64.90
N GLU Q 156 -70.89 -65.11 -66.20
CA GLU Q 156 -69.65 -64.53 -66.69
C GLU Q 156 -69.48 -63.12 -66.15
N ALA Q 157 -70.54 -62.32 -66.15
CA ALA Q 157 -70.50 -60.97 -65.61
C ALA Q 157 -70.13 -61.02 -64.15
N ALA Q 158 -70.78 -61.89 -63.38
CA ALA Q 158 -70.42 -62.06 -61.99
C ALA Q 158 -68.93 -62.45 -61.83
N ALA Q 159 -68.40 -63.36 -62.65
CA ALA Q 159 -67.00 -63.79 -62.58
C ALA Q 159 -66.02 -62.66 -62.95
N ALA Q 160 -66.36 -61.90 -63.97
CA ALA Q 160 -65.57 -60.75 -64.35
C ALA Q 160 -65.63 -59.71 -63.26
N LEU Q 161 -66.81 -59.46 -62.69
CA LEU Q 161 -66.96 -58.52 -61.59
C LEU Q 161 -66.11 -58.96 -60.41
N ALA Q 162 -66.14 -60.23 -60.06
CA ALA Q 162 -65.29 -60.77 -59.01
C ALA Q 162 -63.81 -60.56 -59.35
N GLU Q 163 -63.38 -60.89 -60.56
CA GLU Q 163 -62.01 -60.67 -60.97
C GLU Q 163 -61.65 -59.19 -60.84
N ALA Q 164 -62.52 -58.31 -61.30
CA ALA Q 164 -62.34 -56.88 -61.22
C ALA Q 164 -62.25 -56.43 -59.76
N ILE Q 165 -63.08 -56.98 -58.89
CA ILE Q 165 -63.02 -56.68 -57.46
C ILE Q 165 -61.66 -57.11 -56.92
N ALA Q 166 -61.19 -58.29 -57.30
CA ALA Q 166 -59.86 -58.73 -56.89
C ALA Q 166 -58.80 -57.74 -57.38
N ALA Q 167 -58.93 -57.28 -58.62
CA ALA Q 167 -58.02 -56.26 -59.16
C ALA Q 167 -58.11 -54.92 -58.43
N ILE Q 168 -59.27 -54.51 -57.91
CA ILE Q 168 -59.36 -53.33 -57.04
C ILE Q 168 -58.52 -53.56 -55.78
N LEU Q 169 -58.62 -54.75 -55.19
CA LEU Q 169 -57.87 -55.08 -53.99
C LEU Q 169 -56.36 -55.22 -54.25
N GLU Q 170 -55.95 -55.72 -55.43
CA GLU Q 170 -54.53 -55.76 -55.83
C GLU Q 170 -53.94 -54.41 -56.28
N GLY Q 171 -54.75 -53.50 -56.84
CA GLY Q 171 -54.39 -52.11 -57.13
C GLY Q 171 -54.16 -51.74 -58.61
N ASP Q 172 -53.86 -52.68 -59.52
CA ASP Q 172 -53.89 -52.42 -60.97
C ASP Q 172 -55.34 -52.32 -61.45
N VAL Q 173 -55.97 -51.16 -61.25
CA VAL Q 173 -57.35 -50.96 -61.70
C VAL Q 173 -57.50 -51.11 -63.22
N GLU Q 174 -56.44 -51.02 -64.02
CA GLU Q 174 -56.61 -51.30 -65.44
C GLU Q 174 -56.85 -52.78 -65.69
N LYS Q 175 -56.34 -53.67 -64.84
CA LYS Q 175 -56.77 -55.08 -64.87
C LYS Q 175 -58.28 -55.17 -64.66
N ALA Q 176 -58.82 -54.39 -63.74
CA ALA Q 176 -60.26 -54.34 -63.54
C ALA Q 176 -60.94 -53.87 -64.84
N VAL Q 177 -60.37 -52.89 -65.54
CA VAL Q 177 -60.90 -52.46 -66.84
C VAL Q 177 -60.85 -53.61 -67.86
N ARG Q 178 -59.74 -54.33 -67.96
CA ARG Q 178 -59.60 -55.46 -68.88
C ARG Q 178 -60.75 -56.45 -68.68
N ALA Q 179 -61.00 -56.79 -67.43
CA ALA Q 179 -62.15 -57.62 -67.07
C ALA Q 179 -63.48 -56.93 -67.41
N ALA Q 180 -63.67 -55.68 -66.99
CA ALA Q 180 -64.93 -54.98 -67.16
C ALA Q 180 -65.31 -54.85 -68.64
N GLN Q 181 -64.34 -54.68 -69.53
CA GLN Q 181 -64.62 -54.64 -70.97
C GLN Q 181 -65.28 -55.94 -71.41
N GLU Q 182 -64.73 -57.07 -70.98
CA GLU Q 182 -65.34 -58.35 -71.28
C GLU Q 182 -66.70 -58.47 -70.57
N ALA Q 183 -66.83 -57.95 -69.36
CA ALA Q 183 -68.07 -58.00 -68.61
C ALA Q 183 -69.20 -57.32 -69.38
N VAL Q 184 -68.98 -56.08 -69.82
CA VAL Q 184 -70.03 -55.36 -70.56
C VAL Q 184 -70.32 -56.09 -71.86
N LYS Q 185 -69.31 -56.62 -72.55
CA LYS Q 185 -69.51 -57.40 -73.76
C LYS Q 185 -70.46 -58.56 -73.50
N ALA Q 186 -70.19 -59.36 -72.48
CA ALA Q 186 -71.03 -60.51 -72.15
C ALA Q 186 -72.45 -60.08 -71.79
N ALA Q 187 -72.58 -59.09 -70.89
CA ALA Q 187 -73.88 -58.62 -70.45
C ALA Q 187 -74.70 -58.11 -71.65
N LYS Q 188 -74.05 -57.33 -72.52
CA LYS Q 188 -74.66 -56.79 -73.74
C LYS Q 188 -75.06 -57.90 -74.70
N GLU Q 189 -74.29 -58.97 -74.79
CA GLU Q 189 -74.61 -60.10 -75.66
C GLU Q 189 -75.88 -60.83 -75.22
N ALA Q 190 -76.19 -60.90 -73.92
CA ALA Q 190 -77.51 -61.33 -73.50
C ALA Q 190 -78.56 -60.21 -73.65
N GLY Q 191 -78.22 -58.99 -73.23
CA GLY Q 191 -79.02 -57.78 -73.40
C GLY Q 191 -79.78 -57.27 -72.16
N ASP Q 192 -79.53 -57.79 -70.95
CA ASP Q 192 -80.27 -57.35 -69.74
C ASP Q 192 -79.78 -56.03 -69.14
N ASN Q 193 -80.62 -54.99 -69.21
CA ASN Q 193 -80.35 -53.71 -68.58
C ASN Q 193 -80.15 -53.81 -67.05
N ASP Q 194 -80.82 -54.74 -66.37
CA ASP Q 194 -80.72 -54.81 -64.92
C ASP Q 194 -79.32 -55.25 -64.52
N MET Q 195 -78.79 -56.31 -65.12
CA MET Q 195 -77.38 -56.65 -64.92
C MET Q 195 -76.49 -55.47 -65.32
N LEU Q 196 -76.80 -54.80 -66.43
CA LEU Q 196 -76.01 -53.62 -66.78
C LEU Q 196 -76.07 -52.54 -65.70
N ARG Q 197 -77.16 -52.40 -64.93
CA ARG Q 197 -77.19 -51.49 -63.77
C ARG Q 197 -76.09 -51.86 -62.80
N ALA Q 198 -76.03 -53.14 -62.44
CA ALA Q 198 -74.97 -53.61 -61.55
C ALA Q 198 -73.60 -53.31 -62.17
N VAL Q 199 -73.40 -53.63 -63.46
CA VAL Q 199 -72.11 -53.41 -64.11
C VAL Q 199 -71.74 -51.93 -64.05
N ALA Q 200 -72.67 -51.05 -64.36
CA ALA Q 200 -72.41 -49.61 -64.32
C ALA Q 200 -72.00 -49.19 -62.92
N ILE Q 201 -72.69 -49.70 -61.89
CA ILE Q 201 -72.34 -49.36 -60.52
C ILE Q 201 -70.97 -49.91 -60.15
N ALA Q 202 -70.60 -51.08 -60.68
CA ALA Q 202 -69.23 -51.56 -60.51
C ALA Q 202 -68.24 -50.63 -61.19
N ALA Q 203 -68.54 -50.14 -62.38
CA ALA Q 203 -67.65 -49.18 -63.04
C ALA Q 203 -67.54 -47.90 -62.20
N LEU Q 204 -68.64 -47.44 -61.60
CA LEU Q 204 -68.58 -46.35 -60.64
C LEU Q 204 -67.66 -46.70 -59.48
N ARG Q 205 -67.75 -47.89 -58.90
CA ARG Q 205 -66.81 -48.32 -57.84
C ARG Q 205 -65.37 -48.20 -58.34
N ILE Q 206 -65.07 -48.71 -59.53
CA ILE Q 206 -63.72 -48.65 -60.09
C ILE Q 206 -63.25 -47.19 -60.16
N ALA Q 207 -64.10 -46.32 -60.71
CA ALA Q 207 -63.78 -44.89 -60.81
C ALA Q 207 -63.58 -44.26 -59.42
N LYS Q 208 -64.49 -44.54 -58.48
CA LYS Q 208 -64.47 -43.97 -57.13
C LYS Q 208 -63.18 -44.34 -56.40
N GLU Q 209 -62.71 -45.58 -56.55
CA GLU Q 209 -61.40 -45.95 -56.02
C GLU Q 209 -60.26 -45.27 -56.80
N ALA Q 210 -60.35 -45.18 -58.13
CA ALA Q 210 -59.28 -44.60 -58.96
C ALA Q 210 -58.96 -43.14 -58.62
N GLU Q 211 -59.92 -42.38 -58.08
CA GLU Q 211 -59.68 -41.01 -57.58
C GLU Q 211 -58.53 -40.92 -56.56
N LYS Q 212 -58.26 -42.00 -55.81
CA LYS Q 212 -57.24 -42.01 -54.75
C LYS Q 212 -55.80 -42.00 -55.27
N GLN Q 213 -55.57 -42.36 -56.53
CA GLN Q 213 -54.23 -42.62 -57.07
C GLN Q 213 -53.85 -41.75 -58.28
N GLY Q 214 -54.81 -41.02 -58.87
CA GLY Q 214 -54.52 -40.07 -59.95
C GLY Q 214 -54.18 -40.68 -61.32
N ASN Q 215 -54.33 -41.98 -61.53
CA ASN Q 215 -54.28 -42.56 -62.88
C ASN Q 215 -55.58 -42.26 -63.64
N VAL Q 216 -55.74 -41.00 -64.00
CA VAL Q 216 -56.93 -40.49 -64.70
C VAL Q 216 -57.10 -41.17 -66.06
N GLU Q 217 -56.02 -41.57 -66.74
CA GLU Q 217 -56.12 -42.24 -68.03
C GLU Q 217 -56.91 -43.55 -67.89
N VAL Q 218 -56.53 -44.39 -66.94
CA VAL Q 218 -57.26 -45.63 -66.69
C VAL Q 218 -58.67 -45.33 -66.22
N ALA Q 219 -58.85 -44.34 -65.35
CA ALA Q 219 -60.19 -43.98 -64.87
C ALA Q 219 -61.12 -43.61 -66.04
N VAL Q 220 -60.61 -42.90 -67.04
CA VAL Q 220 -61.40 -42.57 -68.24
C VAL Q 220 -61.78 -43.84 -68.99
N LYS Q 221 -60.87 -44.79 -69.17
CA LYS Q 221 -61.21 -46.08 -69.80
C LYS Q 221 -62.35 -46.76 -69.03
N ALA Q 222 -62.30 -46.73 -67.70
CA ALA Q 222 -63.37 -47.28 -66.88
C ALA Q 222 -64.68 -46.53 -67.10
N ALA Q 223 -64.66 -45.21 -67.09
CA ALA Q 223 -65.84 -44.43 -67.36
C ALA Q 223 -66.40 -44.73 -68.76
N ARG Q 224 -65.53 -44.96 -69.75
CA ARG Q 224 -65.96 -45.31 -71.11
C ARG Q 224 -66.73 -46.63 -71.12
N VAL Q 225 -66.29 -47.60 -70.32
CA VAL Q 225 -67.09 -48.81 -70.09
C VAL Q 225 -68.37 -48.45 -69.36
N ALA Q 226 -68.31 -47.59 -68.34
CA ALA Q 226 -69.48 -47.25 -67.53
C ALA Q 226 -70.62 -46.74 -68.43
N VAL Q 227 -70.32 -45.77 -69.28
CA VAL Q 227 -71.35 -45.20 -70.16
C VAL Q 227 -71.82 -46.24 -71.19
N GLU Q 228 -70.97 -47.15 -71.64
CA GLU Q 228 -71.38 -48.20 -72.58
C GLU Q 228 -72.55 -49.00 -72.01
N ALA Q 229 -72.45 -49.35 -70.73
CA ALA Q 229 -73.53 -50.03 -70.02
C ALA Q 229 -74.72 -49.08 -69.79
N ALA Q 230 -74.47 -47.92 -69.20
CA ALA Q 230 -75.56 -47.04 -68.73
C ALA Q 230 -76.45 -46.56 -69.89
N LYS Q 231 -75.86 -46.39 -71.07
CA LYS Q 231 -76.56 -46.01 -72.31
C LYS Q 231 -77.62 -47.02 -72.75
N GLN Q 232 -77.54 -48.28 -72.30
CA GLN Q 232 -78.59 -49.26 -72.56
C GLN Q 232 -79.75 -49.15 -71.57
N ALA Q 233 -79.43 -48.84 -70.30
CA ALA Q 233 -80.37 -48.94 -69.18
C ALA Q 233 -81.18 -47.68 -68.89
N GLY Q 234 -80.60 -46.48 -69.03
CA GLY Q 234 -81.32 -45.22 -68.80
C GLY Q 234 -81.68 -44.91 -67.34
N ASP Q 235 -80.94 -45.45 -66.37
CA ASP Q 235 -81.06 -45.03 -64.98
C ASP Q 235 -80.47 -43.64 -64.79
N ASN Q 236 -81.34 -42.64 -64.72
CA ASN Q 236 -80.91 -41.24 -64.75
C ASN Q 236 -79.96 -40.92 -63.60
N ASP Q 237 -80.25 -41.40 -62.39
CA ASP Q 237 -79.39 -41.11 -61.24
C ASP Q 237 -78.01 -41.74 -61.41
N VAL Q 238 -77.95 -42.95 -61.96
CA VAL Q 238 -76.66 -43.58 -62.27
C VAL Q 238 -75.93 -42.73 -63.31
N LEU Q 239 -76.61 -42.31 -64.38
CA LEU Q 239 -76.00 -41.43 -65.38
C LEU Q 239 -75.49 -40.13 -64.74
N ARG Q 240 -76.23 -39.55 -63.79
CA ARG Q 240 -75.81 -38.35 -63.07
C ARG Q 240 -74.57 -38.60 -62.21
N LYS Q 241 -74.54 -39.74 -61.52
CA LYS Q 241 -73.37 -40.14 -60.75
C LYS Q 241 -72.16 -40.30 -61.67
N VAL Q 242 -72.34 -40.93 -62.84
CA VAL Q 242 -71.28 -41.06 -63.85
C VAL Q 242 -70.79 -39.67 -64.29
N ALA Q 243 -71.69 -38.74 -64.58
CA ALA Q 243 -71.28 -37.38 -64.89
C ALA Q 243 -70.49 -36.74 -63.74
N GLU Q 244 -70.96 -36.85 -62.50
CA GLU Q 244 -70.25 -36.27 -61.35
C GLU Q 244 -68.84 -36.85 -61.20
N GLN Q 245 -68.70 -38.16 -61.26
CA GLN Q 245 -67.38 -38.79 -61.25
C GLN Q 245 -66.54 -38.29 -62.42
N ALA Q 246 -67.10 -38.19 -63.63
CA ALA Q 246 -66.33 -37.75 -64.79
C ALA Q 246 -65.85 -36.30 -64.63
N LEU Q 247 -66.66 -35.43 -64.04
CA LEU Q 247 -66.24 -34.07 -63.71
C LEU Q 247 -65.18 -34.06 -62.62
N ARG Q 248 -65.31 -34.88 -61.57
CA ARG Q 248 -64.27 -35.00 -60.55
C ARG Q 248 -62.95 -35.44 -61.18
N ILE Q 249 -62.99 -36.47 -62.04
CA ILE Q 249 -61.82 -36.95 -62.79
C ILE Q 249 -61.25 -35.83 -63.65
N ALA Q 250 -62.09 -35.10 -64.39
CA ALA Q 250 -61.62 -33.99 -65.19
C ALA Q 250 -60.96 -32.90 -64.34
N LYS Q 251 -61.54 -32.53 -63.18
CA LYS Q 251 -60.97 -31.53 -62.27
C LYS Q 251 -59.59 -31.94 -61.77
N GLU Q 252 -59.40 -33.21 -61.43
CA GLU Q 252 -58.08 -33.70 -61.06
C GLU Q 252 -57.12 -33.73 -62.25
N ALA Q 253 -57.57 -34.11 -63.45
CA ALA Q 253 -56.76 -34.07 -64.67
C ALA Q 253 -56.29 -32.65 -65.02
N GLU Q 254 -57.11 -31.62 -64.77
CA GLU Q 254 -56.68 -30.21 -64.84
C GLU Q 254 -55.54 -29.92 -63.85
N LYS Q 255 -55.69 -30.28 -62.58
CA LYS Q 255 -54.69 -30.02 -61.53
C LYS Q 255 -53.38 -30.76 -61.79
N GLN Q 256 -53.47 -31.98 -62.32
CA GLN Q 256 -52.33 -32.77 -62.81
C GLN Q 256 -51.74 -32.25 -64.13
N GLY Q 257 -52.39 -31.27 -64.78
CA GLY Q 257 -51.95 -30.69 -66.04
C GLY Q 257 -52.18 -31.57 -67.27
N ASN Q 258 -52.73 -32.78 -67.12
CA ASN Q 258 -53.06 -33.63 -68.25
C ASN Q 258 -54.40 -33.22 -68.88
N VAL Q 259 -54.40 -32.04 -69.49
CA VAL Q 259 -55.59 -31.49 -70.14
C VAL Q 259 -56.08 -32.36 -71.30
N GLU Q 260 -55.23 -33.12 -71.97
CA GLU Q 260 -55.69 -34.03 -73.02
C GLU Q 260 -56.60 -35.12 -72.44
N VAL Q 261 -56.16 -35.78 -71.37
CA VAL Q 261 -57.01 -36.74 -70.68
C VAL Q 261 -58.20 -36.03 -70.03
N ALA Q 262 -58.04 -34.81 -69.51
CA ALA Q 262 -59.18 -34.06 -69.00
C ALA Q 262 -60.24 -33.87 -70.10
N VAL Q 263 -59.84 -33.49 -71.31
CA VAL Q 263 -60.77 -33.31 -72.44
C VAL Q 263 -61.42 -34.63 -72.81
N LYS Q 264 -60.68 -35.72 -72.82
CA LYS Q 264 -61.29 -37.03 -73.03
C LYS Q 264 -62.25 -37.39 -71.89
N ALA Q 265 -61.93 -37.03 -70.65
CA ALA Q 265 -62.82 -37.23 -69.50
C ALA Q 265 -64.11 -36.44 -69.70
N ALA Q 266 -64.01 -35.20 -70.17
CA ALA Q 266 -65.17 -34.44 -70.57
C ALA Q 266 -65.91 -35.11 -71.73
N ARG Q 267 -65.20 -35.68 -72.72
CA ARG Q 267 -65.85 -36.35 -73.85
C ARG Q 267 -66.72 -37.51 -73.38
N VAL Q 268 -66.28 -38.24 -72.36
CA VAL Q 268 -67.14 -39.23 -71.70
C VAL Q 268 -68.24 -38.54 -70.90
N ALA Q 269 -67.91 -37.52 -70.11
CA ALA Q 269 -68.89 -36.85 -69.27
C ALA Q 269 -70.08 -36.36 -70.08
N VAL Q 270 -69.82 -35.68 -71.20
CA VAL Q 270 -70.87 -35.17 -72.07
C VAL Q 270 -71.64 -36.32 -72.71
N GLU Q 271 -71.01 -37.46 -73.02
CA GLU Q 271 -71.76 -38.60 -73.53
C GLU Q 271 -72.84 -39.00 -72.54
N ALA Q 272 -72.44 -39.25 -71.28
CA ALA Q 272 -73.37 -39.68 -70.24
C ALA Q 272 -74.45 -38.61 -70.00
N ALA Q 273 -74.04 -37.35 -69.89
CA ALA Q 273 -74.97 -36.26 -69.68
C ALA Q 273 -75.95 -36.10 -70.85
N LYS Q 274 -75.50 -36.33 -72.09
CA LYS Q 274 -76.37 -36.27 -73.28
C LYS Q 274 -77.38 -37.40 -73.27
N GLN Q 275 -76.99 -38.62 -72.89
CA GLN Q 275 -77.95 -39.72 -72.78
C GLN Q 275 -79.02 -39.43 -71.69
N ALA Q 276 -78.63 -38.77 -70.59
CA ALA Q 276 -79.56 -38.37 -69.55
C ALA Q 276 -80.48 -37.21 -69.98
N GLY Q 277 -79.93 -36.17 -70.60
CA GLY Q 277 -80.66 -34.96 -70.98
C GLY Q 277 -80.98 -33.99 -69.83
N ASP Q 278 -80.42 -34.18 -68.64
CA ASP Q 278 -80.64 -33.30 -67.48
C ASP Q 278 -79.95 -31.94 -67.69
N ASN Q 279 -80.75 -30.89 -67.84
CA ASN Q 279 -80.24 -29.55 -68.16
C ASN Q 279 -79.26 -29.03 -67.08
N ASP Q 280 -79.55 -29.26 -65.80
CA ASP Q 280 -78.70 -28.75 -64.73
C ASP Q 280 -77.32 -29.38 -64.80
N VAL Q 281 -77.29 -30.69 -65.03
CA VAL Q 281 -76.03 -31.41 -65.25
C VAL Q 281 -75.34 -30.86 -66.47
N LEU Q 282 -76.02 -30.76 -67.62
CA LEU Q 282 -75.40 -30.31 -68.86
C LEU Q 282 -74.80 -28.91 -68.74
N ARG Q 283 -75.50 -27.99 -68.07
CA ARG Q 283 -74.98 -26.65 -67.79
C ARG Q 283 -73.75 -26.71 -66.87
N LYS Q 284 -73.81 -27.46 -65.77
CA LYS Q 284 -72.67 -27.63 -64.87
C LYS Q 284 -71.46 -28.25 -65.57
N VAL Q 285 -71.70 -29.21 -66.47
CA VAL Q 285 -70.68 -29.86 -67.30
C VAL Q 285 -70.04 -28.83 -68.22
N ALA Q 286 -70.84 -28.13 -69.04
CA ALA Q 286 -70.30 -27.14 -69.97
C ALA Q 286 -69.54 -26.04 -69.22
N GLU Q 287 -70.04 -25.62 -68.06
CA GLU Q 287 -69.38 -24.65 -67.19
C GLU Q 287 -67.97 -25.10 -66.84
N GLN Q 288 -67.82 -26.29 -66.26
CA GLN Q 288 -66.49 -26.80 -65.98
C GLN Q 288 -65.68 -26.98 -67.28
N ALA Q 289 -66.30 -27.35 -68.39
CA ALA Q 289 -65.57 -27.62 -69.63
C ALA Q 289 -64.88 -26.37 -70.17
N LEU Q 290 -65.46 -25.18 -69.96
CA LEU Q 290 -64.74 -23.94 -70.23
C LEU Q 290 -63.58 -23.73 -69.27
N GLU Q 291 -63.66 -24.17 -68.02
CA GLU Q 291 -62.49 -24.16 -67.13
C GLU Q 291 -61.38 -25.07 -67.67
N ILE Q 292 -61.72 -26.21 -68.27
CA ILE Q 292 -60.72 -27.05 -68.95
C ILE Q 292 -60.10 -26.27 -70.10
N ALA Q 293 -60.91 -25.62 -70.93
CA ALA Q 293 -60.39 -24.81 -72.03
C ALA Q 293 -59.47 -23.69 -71.52
N LYS Q 294 -59.84 -23.03 -70.41
CA LYS Q 294 -59.02 -22.00 -69.74
C LYS Q 294 -57.68 -22.59 -69.30
N LYS Q 295 -57.69 -23.76 -68.64
CA LYS Q 295 -56.45 -24.43 -68.22
C LYS Q 295 -55.55 -24.73 -69.44
N ALA Q 296 -56.12 -25.25 -70.52
CA ALA Q 296 -55.37 -25.56 -71.75
C ALA Q 296 -54.78 -24.31 -72.41
N ALA Q 297 -55.55 -23.23 -72.47
CA ALA Q 297 -55.07 -21.94 -72.94
C ALA Q 297 -53.93 -21.40 -72.05
N GLU Q 298 -54.03 -21.58 -70.73
CA GLU Q 298 -52.96 -21.21 -69.80
C GLU Q 298 -51.69 -22.04 -69.98
N GLN Q 299 -51.79 -23.27 -70.51
CA GLN Q 299 -50.61 -24.04 -70.92
C GLN Q 299 -50.08 -23.63 -72.30
N GLY Q 300 -50.86 -22.87 -73.08
CA GLY Q 300 -50.58 -22.62 -74.50
C GLY Q 300 -50.81 -23.86 -75.38
N ASP Q 301 -51.56 -24.86 -74.92
CA ASP Q 301 -51.82 -26.08 -75.67
C ASP Q 301 -52.92 -25.85 -76.70
N VAL Q 302 -52.57 -25.24 -77.83
CA VAL Q 302 -53.52 -24.71 -78.82
C VAL Q 302 -54.52 -25.77 -79.29
N GLY Q 303 -54.04 -26.90 -79.77
CA GLY Q 303 -54.93 -27.96 -80.27
C GLY Q 303 -55.81 -28.53 -79.17
N VAL Q 304 -55.27 -28.73 -77.97
CA VAL Q 304 -56.07 -29.20 -76.83
C VAL Q 304 -57.11 -28.16 -76.45
N MET Q 305 -56.76 -26.87 -76.47
CA MET Q 305 -57.71 -25.80 -76.26
C MET Q 305 -58.79 -25.79 -77.35
N GLN Q 306 -58.45 -26.01 -78.62
CA GLN Q 306 -59.45 -26.14 -79.69
C GLN Q 306 -60.39 -27.31 -79.42
N LYS Q 307 -59.85 -28.46 -79.04
CA LYS Q 307 -60.66 -29.60 -78.65
C LYS Q 307 -61.49 -29.30 -77.41
N ALA Q 308 -60.95 -28.58 -76.44
CA ALA Q 308 -61.64 -28.23 -75.21
C ALA Q 308 -62.81 -27.29 -75.52
N MET Q 309 -62.60 -26.34 -76.42
CA MET Q 309 -63.66 -25.55 -77.02
C MET Q 309 -64.69 -26.48 -77.64
N ASP Q 310 -64.28 -27.38 -78.53
CA ASP Q 310 -65.20 -28.28 -79.22
C ASP Q 310 -66.09 -29.01 -78.23
N VAL Q 311 -65.49 -29.66 -77.23
CA VAL Q 311 -66.24 -30.43 -76.24
C VAL Q 311 -67.11 -29.51 -75.39
N ALA Q 312 -66.56 -28.43 -74.83
CA ALA Q 312 -67.33 -27.54 -73.98
C ALA Q 312 -68.53 -26.98 -74.73
N LEU Q 313 -68.33 -26.55 -75.97
CA LEU Q 313 -69.35 -25.98 -76.82
C LEU Q 313 -70.38 -27.05 -77.23
N ARG Q 314 -69.93 -28.26 -77.56
CA ARG Q 314 -70.85 -29.36 -77.88
C ARG Q 314 -71.69 -29.72 -76.66
N ALA Q 315 -71.11 -29.68 -75.45
CA ALA Q 315 -71.85 -29.85 -74.21
C ALA Q 315 -72.90 -28.75 -74.02
N ALA Q 316 -72.51 -27.50 -74.24
CA ALA Q 316 -73.45 -26.39 -74.22
C ALA Q 316 -74.59 -26.61 -75.23
N GLY Q 317 -74.27 -27.13 -76.42
CA GLY Q 317 -75.21 -27.41 -77.50
C GLY Q 317 -76.30 -28.43 -77.16
N GLN Q 318 -76.21 -29.15 -76.05
CA GLN Q 318 -77.25 -30.08 -75.60
C GLN Q 318 -78.31 -29.45 -74.67
N ALA Q 319 -78.11 -28.22 -74.19
CA ALA Q 319 -79.00 -27.55 -73.23
C ALA Q 319 -79.19 -26.04 -73.54
N PRO R 4 21.56 -108.64 23.27
CA PRO R 4 21.78 -108.86 21.83
C PRO R 4 23.25 -108.95 21.41
N ARG R 5 23.99 -107.83 21.36
CA ARG R 5 25.33 -107.73 20.76
C ARG R 5 26.30 -108.80 21.24
N LEU R 6 26.36 -108.97 22.55
CA LEU R 6 27.23 -109.94 23.21
C LEU R 6 26.95 -111.35 22.68
N VAL R 7 25.67 -111.74 22.63
CA VAL R 7 25.29 -113.09 22.18
C VAL R 7 25.74 -113.29 20.74
N LEU R 8 25.49 -112.31 19.87
CA LEU R 8 25.94 -112.42 18.49
C LEU R 8 27.46 -112.58 18.41
N ARG R 9 28.23 -111.71 19.10
CA ARG R 9 29.69 -111.81 19.06
C ARG R 9 30.17 -113.14 19.60
N ALA R 10 29.57 -113.62 20.68
CA ALA R 10 29.91 -114.91 21.25
C ALA R 10 29.65 -116.02 20.23
N LEU R 11 28.48 -116.04 19.60
CA LEU R 11 28.18 -117.04 18.58
C LEU R 11 29.21 -116.97 17.45
N GLU R 12 29.51 -115.79 16.94
CA GLU R 12 30.53 -115.62 15.89
C GLU R 12 31.85 -116.21 16.35
N ASN R 13 32.29 -115.85 17.55
CA ASN R 13 33.56 -116.29 18.05
C ASN R 13 33.54 -117.78 18.37
N MET R 14 32.41 -118.36 18.73
CA MET R 14 32.28 -119.80 18.82
C MET R 14 32.52 -120.43 17.45
N VAL R 15 32.03 -119.80 16.37
CA VAL R 15 32.39 -120.27 15.02
C VAL R 15 33.89 -120.14 14.80
N ARG R 16 34.53 -119.04 15.21
CA ARG R 16 36.00 -118.95 15.10
C ARG R 16 36.65 -120.13 15.79
N ALA R 17 36.19 -120.45 16.99
CA ALA R 17 36.73 -121.56 17.74
C ALA R 17 36.54 -122.85 16.96
N ALA R 18 35.32 -123.16 16.53
CA ALA R 18 35.06 -124.37 15.78
C ALA R 18 35.94 -124.42 14.53
N HIS R 19 36.11 -123.29 13.84
CA HIS R 19 36.97 -123.18 12.67
C HIS R 19 38.39 -123.58 13.02
N THR R 20 38.98 -122.94 14.03
CA THR R 20 40.33 -123.32 14.47
C THR R 20 40.38 -124.79 14.88
N LEU R 21 39.37 -125.31 15.55
CA LEU R 21 39.41 -126.65 16.07
C LEU R 21 39.44 -127.67 14.94
N ALA R 22 38.59 -127.46 13.93
CA ALA R 22 38.61 -128.26 12.70
C ALA R 22 39.91 -128.05 11.90
N GLU R 23 40.39 -126.81 11.80
CA GLU R 23 41.64 -126.50 11.10
C GLU R 23 42.79 -127.30 11.71
N ILE R 24 42.94 -127.23 13.03
CA ILE R 24 44.02 -127.91 13.73
C ILE R 24 43.83 -129.42 13.62
N ALA R 25 42.60 -129.92 13.71
CA ALA R 25 42.32 -131.34 13.52
C ALA R 25 42.75 -131.85 12.14
N ARG R 26 42.62 -131.06 11.06
CA ARG R 26 43.08 -131.48 9.73
C ARG R 26 44.60 -131.65 9.62
N ASP R 27 45.37 -131.07 10.54
CA ASP R 27 46.82 -131.31 10.63
C ASP R 27 47.19 -132.60 11.41
N ASN R 28 46.22 -133.25 12.08
CA ASN R 28 46.49 -134.36 13.01
C ASN R 28 45.64 -135.62 12.77
N GLY R 29 44.40 -135.49 12.31
CA GLY R 29 43.42 -136.58 12.26
C GLY R 29 42.65 -136.78 13.57
N ASN R 30 42.54 -135.77 14.44
CA ASN R 30 41.78 -135.86 15.68
C ASN R 30 40.26 -135.83 15.43
N GLU R 31 39.63 -136.99 15.41
CA GLU R 31 38.19 -137.12 15.13
C GLU R 31 37.32 -136.45 16.20
N GLU R 32 37.72 -136.50 17.47
CA GLU R 32 36.92 -135.87 18.53
C GLU R 32 36.96 -134.35 18.45
N TRP R 33 38.08 -133.74 18.06
CA TRP R 33 38.13 -132.31 17.76
C TRP R 33 37.16 -131.95 16.64
N LEU R 34 37.09 -132.76 15.58
CA LEU R 34 36.09 -132.56 14.52
C LEU R 34 34.67 -132.69 15.09
N GLU R 35 34.39 -133.72 15.89
CA GLU R 35 33.06 -133.91 16.46
C GLU R 35 32.66 -132.73 17.37
N ARG R 36 33.56 -132.28 18.24
CA ARG R 36 33.37 -131.10 19.08
C ARG R 36 33.11 -129.87 18.24
N ALA R 37 33.92 -129.63 17.21
CA ALA R 37 33.72 -128.51 16.30
C ALA R 37 32.36 -128.58 15.60
N ALA R 38 31.94 -129.76 15.13
CA ALA R 38 30.67 -129.94 14.46
C ALA R 38 29.52 -129.62 15.41
N ARG R 39 29.56 -130.17 16.63
CA ARG R 39 28.57 -129.90 17.67
C ARG R 39 28.49 -128.42 17.98
N LEU R 40 29.63 -127.73 18.09
CA LEU R 40 29.64 -126.28 18.30
C LEU R 40 28.93 -125.56 17.16
N ALA R 41 29.28 -125.85 15.90
CA ALA R 41 28.65 -125.18 14.77
C ALA R 41 27.16 -125.53 14.66
N GLU R 42 26.76 -126.76 14.96
CA GLU R 42 25.36 -127.13 15.02
C GLU R 42 24.62 -126.34 16.09
N GLU R 43 25.18 -126.24 17.29
CA GLU R 43 24.56 -125.46 18.36
C GLU R 43 24.43 -124.00 17.94
N VAL R 44 25.46 -123.43 17.30
CA VAL R 44 25.40 -122.07 16.78
C VAL R 44 24.27 -121.96 15.79
N ALA R 45 24.13 -122.90 14.85
CA ALA R 45 23.03 -122.86 13.91
C ALA R 45 21.69 -122.88 14.65
N ARG R 46 21.51 -123.81 15.58
CA ARG R 46 20.28 -123.97 16.36
C ARG R 46 19.90 -122.70 17.09
N ARG R 47 20.85 -122.08 17.79
CA ARG R 47 20.62 -120.81 18.49
C ARG R 47 20.34 -119.70 17.49
N ALA R 48 21.14 -119.61 16.43
CA ALA R 48 21.01 -118.55 15.44
C ALA R 48 19.67 -118.59 14.71
N GLU R 49 19.10 -119.78 14.47
CA GLU R 49 17.77 -119.87 13.88
C GLU R 49 16.74 -119.16 14.77
N ARG R 50 16.73 -119.49 16.06
CA ARG R 50 15.82 -118.84 17.02
C ARG R 50 16.07 -117.34 17.03
N LEU R 51 17.34 -116.95 17.11
CA LEU R 51 17.73 -115.55 17.09
C LEU R 51 17.17 -114.86 15.84
N ALA R 52 17.29 -115.46 14.66
CA ALA R 52 16.78 -114.88 13.43
C ALA R 52 15.25 -114.75 13.45
N ARG R 53 14.53 -115.81 13.84
CA ARG R 53 13.07 -115.75 13.92
C ARG R 53 12.62 -114.68 14.92
N GLU R 54 13.24 -114.64 16.09
CA GLU R 54 12.91 -113.66 17.12
C GLU R 54 13.32 -112.24 16.71
N ALA R 55 14.45 -112.07 16.03
CA ALA R 55 14.80 -110.77 15.47
C ALA R 55 13.75 -110.31 14.46
N ARG R 56 13.15 -111.23 13.69
CA ARG R 56 12.04 -110.91 12.79
C ARG R 56 10.83 -110.42 13.57
N LYS R 57 10.58 -110.98 14.76
CA LYS R 57 9.55 -110.44 15.68
C LYS R 57 9.94 -109.06 16.21
N GLU R 58 11.19 -108.87 16.60
CA GLU R 58 11.68 -107.61 17.19
C GLU R 58 11.81 -106.46 16.17
N GLY R 59 11.96 -106.76 14.88
CA GLY R 59 12.03 -105.76 13.81
C GLY R 59 13.39 -105.08 13.63
N ASN R 60 14.46 -105.51 14.31
CA ASN R 60 15.81 -105.06 14.01
C ASN R 60 16.43 -105.92 12.91
N LEU R 61 16.32 -105.46 11.66
CA LEU R 61 16.84 -106.18 10.51
C LEU R 61 18.36 -106.36 10.57
N GLU R 62 19.09 -105.45 11.19
CA GLU R 62 20.55 -105.55 11.23
C GLU R 62 21.03 -106.70 12.12
N LEU R 63 20.40 -106.87 13.28
CA LEU R 63 20.70 -108.04 14.11
C LEU R 63 20.40 -109.31 13.32
N ALA R 64 19.29 -109.34 12.61
CA ALA R 64 18.92 -110.49 11.80
C ALA R 64 19.99 -110.78 10.73
N LEU R 65 20.36 -109.78 9.92
CA LEU R 65 21.33 -110.07 8.87
C LEU R 65 22.68 -110.48 9.45
N LYS R 66 23.08 -109.94 10.61
CA LYS R 66 24.30 -110.43 11.25
C LYS R 66 24.14 -111.89 11.66
N ALA R 67 23.02 -112.25 12.25
CA ALA R 67 22.76 -113.66 12.58
C ALA R 67 22.83 -114.53 11.32
N LEU R 68 22.31 -114.06 10.20
CA LEU R 68 22.40 -114.78 8.94
C LEU R 68 23.86 -114.94 8.51
N GLN R 69 24.68 -113.89 8.63
CA GLN R 69 26.10 -114.04 8.33
C GLN R 69 26.76 -115.06 9.25
N ILE R 70 26.40 -115.07 10.53
CA ILE R 70 26.91 -116.09 11.44
C ILE R 70 26.49 -117.47 10.94
N LEU R 71 25.23 -117.65 10.53
CA LEU R 71 24.77 -118.92 9.97
C LEU R 71 25.61 -119.31 8.77
N VAL R 72 25.93 -118.35 7.89
CA VAL R 72 26.78 -118.64 6.74
C VAL R 72 28.15 -119.12 7.21
N ASN R 73 28.75 -118.41 8.16
CA ASN R 73 30.06 -118.80 8.67
C ASN R 73 30.00 -120.22 9.26
N ALA R 74 28.97 -120.52 10.04
CA ALA R 74 28.79 -121.83 10.63
C ALA R 74 28.62 -122.90 9.55
N ALA R 75 27.84 -122.61 8.51
CA ALA R 75 27.65 -123.53 7.41
C ALA R 75 28.99 -123.83 6.73
N TYR R 76 29.84 -122.82 6.56
CA TYR R 76 31.19 -123.03 6.04
C TYR R 76 31.96 -124.02 6.92
N VAL R 77 31.97 -123.84 8.23
CA VAL R 77 32.65 -124.78 9.12
C VAL R 77 32.04 -126.18 9.01
N LEU R 78 30.70 -126.29 8.99
CA LEU R 78 30.05 -127.57 8.89
C LEU R 78 30.47 -128.27 7.61
N ALA R 79 30.45 -127.55 6.49
CA ALA R 79 30.84 -128.09 5.20
C ALA R 79 32.31 -128.54 5.21
N GLU R 80 33.20 -127.72 5.75
CA GLU R 80 34.63 -128.05 5.84
C GLU R 80 34.85 -129.37 6.55
N ILE R 81 34.14 -129.58 7.66
CA ILE R 81 34.19 -130.84 8.39
C ILE R 81 33.63 -131.93 7.51
N ALA R 82 32.40 -131.77 7.03
CA ALA R 82 31.67 -132.82 6.33
C ALA R 82 32.41 -133.37 5.12
N ARG R 83 32.98 -132.51 4.26
CA ARG R 83 33.63 -132.97 3.03
C ARG R 83 34.90 -133.77 3.28
N ASP R 84 35.72 -133.37 4.25
CA ASP R 84 36.94 -134.09 4.59
C ASP R 84 36.70 -135.30 5.50
N ARG R 85 35.69 -135.22 6.37
CA ARG R 85 35.16 -136.36 7.13
C ARG R 85 34.56 -137.41 6.21
N GLY R 86 34.08 -136.99 5.03
CA GLY R 86 33.57 -137.85 3.97
C GLY R 86 32.13 -138.32 4.20
N ASN R 87 31.23 -137.40 4.57
CA ASN R 87 29.81 -137.72 4.78
C ASN R 87 28.85 -136.69 4.14
N GLU R 88 27.76 -137.19 3.58
CA GLU R 88 26.76 -136.37 2.90
C GLU R 88 25.59 -135.92 3.79
N GLU R 89 25.23 -136.65 4.85
CA GLU R 89 24.12 -136.22 5.72
C GLU R 89 24.42 -134.89 6.38
N GLU R 90 25.65 -134.66 6.83
CA GLU R 90 26.05 -133.35 7.36
C GLU R 90 25.96 -132.25 6.28
N LEU R 91 26.24 -132.56 5.01
CA LEU R 91 26.02 -131.63 3.90
C LEU R 91 24.53 -131.37 3.70
N GLU R 92 23.69 -132.40 3.77
CA GLU R 92 22.25 -132.29 3.61
C GLU R 92 21.64 -131.38 4.69
N TYR R 93 21.99 -131.61 5.95
CA TYR R 93 21.51 -130.77 7.05
C TYR R 93 21.91 -129.31 6.82
N ALA R 94 23.19 -129.06 6.50
CA ALA R 94 23.69 -127.72 6.25
C ALA R 94 22.98 -127.07 5.05
N ALA R 95 22.77 -127.80 3.95
CA ALA R 95 22.08 -127.28 2.80
C ALA R 95 20.65 -126.87 3.16
N ARG R 96 19.93 -127.72 3.90
CA ARG R 96 18.56 -127.40 4.34
C ARG R 96 18.54 -126.16 5.20
N LEU R 97 19.44 -126.06 6.17
CA LEU R 97 19.59 -124.86 6.99
C LEU R 97 19.87 -123.63 6.12
N ALA R 98 20.80 -123.75 5.18
CA ALA R 98 21.21 -122.64 4.35
C ALA R 98 20.06 -122.15 3.48
N GLU R 99 19.29 -123.04 2.87
CA GLU R 99 18.16 -122.63 2.04
C GLU R 99 17.08 -121.92 2.88
N GLU R 100 16.80 -122.43 4.08
CA GLU R 100 15.89 -121.76 5.01
C GLU R 100 16.41 -120.37 5.39
N ALA R 101 17.71 -120.26 5.65
CA ALA R 101 18.31 -118.97 5.90
C ALA R 101 18.14 -118.05 4.69
N ALA R 102 18.39 -118.55 3.48
CA ALA R 102 18.23 -117.78 2.27
C ALA R 102 16.77 -117.31 2.12
N ARG R 103 15.80 -118.18 2.39
CA ARG R 103 14.40 -117.78 2.40
C ARG R 103 14.14 -116.66 3.38
N GLN R 104 14.62 -116.80 4.62
CA GLN R 104 14.47 -115.72 5.59
C GLN R 104 15.11 -114.44 5.09
N ALA R 105 16.31 -114.53 4.54
CA ALA R 105 17.05 -113.38 4.03
C ALA R 105 16.25 -112.70 2.92
N ILE R 106 15.69 -113.48 2.00
CA ILE R 106 14.88 -112.96 0.92
C ILE R 106 13.72 -112.16 1.50
N GLU R 107 13.00 -112.69 2.49
CA GLU R 107 11.87 -111.97 3.05
C GLU R 107 12.31 -110.70 3.78
N ILE R 108 13.44 -110.74 4.48
CA ILE R 108 14.02 -109.53 5.07
C ILE R 108 14.29 -108.52 3.94
N ALA R 109 14.93 -108.96 2.86
CA ALA R 109 15.32 -108.09 1.77
C ALA R 109 14.07 -107.47 1.12
N ALA R 110 13.03 -108.26 0.92
CA ALA R 110 11.77 -107.79 0.40
C ALA R 110 11.24 -106.64 1.25
N GLN R 111 11.22 -106.81 2.58
CA GLN R 111 10.77 -105.76 3.47
C GLN R 111 11.63 -104.51 3.32
N ALA R 112 12.94 -104.65 3.36
CA ALA R 112 13.85 -103.52 3.26
C ALA R 112 13.67 -102.75 1.94
N MET R 113 13.51 -103.46 0.82
CA MET R 113 13.32 -102.83 -0.49
C MET R 113 11.95 -102.19 -0.61
N GLU R 114 10.91 -102.77 -0.01
CA GLU R 114 9.61 -102.10 0.09
C GLU R 114 9.69 -100.82 0.91
N GLU R 115 10.37 -100.86 2.06
CA GLU R 115 10.59 -99.67 2.89
C GLU R 115 11.57 -98.65 2.27
N GLY R 116 12.30 -99.01 1.22
CA GLY R 116 13.23 -98.10 0.53
C GLY R 116 14.57 -97.90 1.23
N ASN R 117 14.92 -98.75 2.20
CA ASN R 117 16.26 -98.78 2.79
C ASN R 117 17.15 -99.70 1.95
N LEU R 118 17.68 -99.17 0.85
CA LEU R 118 18.57 -99.95 0.01
C LEU R 118 19.83 -100.37 0.78
N GLU R 119 20.21 -99.66 1.82
CA GLU R 119 21.41 -99.96 2.60
C GLU R 119 21.31 -101.35 3.23
N LEU R 120 20.20 -101.61 3.92
CA LEU R 120 19.90 -102.93 4.46
C LEU R 120 19.77 -103.94 3.33
N ALA R 121 19.16 -103.57 2.21
CA ALA R 121 19.03 -104.49 1.09
C ALA R 121 20.42 -104.93 0.60
N LEU R 122 21.34 -104.00 0.39
CA LEU R 122 22.71 -104.31 0.02
C LEU R 122 23.32 -105.28 1.02
N LYS R 123 23.18 -105.00 2.32
CA LYS R 123 23.70 -105.90 3.35
C LYS R 123 23.10 -107.30 3.20
N ALA R 124 21.78 -107.41 3.13
CA ALA R 124 21.12 -108.71 3.01
C ALA R 124 21.58 -109.44 1.73
N LEU R 125 21.70 -108.71 0.63
CA LEU R 125 22.14 -109.29 -0.62
C LEU R 125 23.58 -109.77 -0.50
N GLN R 126 24.45 -109.05 0.19
CA GLN R 126 25.82 -109.52 0.45
C GLN R 126 25.79 -110.80 1.30
N ILE R 127 24.90 -110.88 2.28
CA ILE R 127 24.68 -112.12 3.03
C ILE R 127 24.30 -113.23 2.05
N ILE R 128 23.41 -112.94 1.13
CA ILE R 128 22.99 -113.90 0.12
C ILE R 128 24.19 -114.34 -0.72
N VAL R 129 25.06 -113.42 -1.13
CA VAL R 129 26.28 -113.77 -1.88
C VAL R 129 27.16 -114.70 -1.05
N ASN R 130 27.37 -114.38 0.21
CA ASN R 130 28.22 -115.22 1.04
C ASN R 130 27.61 -116.61 1.20
N ALA R 131 26.31 -116.68 1.47
CA ALA R 131 25.59 -117.95 1.56
C ALA R 131 25.76 -118.76 0.28
N ALA R 132 25.58 -118.10 -0.86
CA ALA R 132 25.73 -118.72 -2.15
C ALA R 132 27.12 -119.33 -2.31
N TYR R 133 28.18 -118.73 -1.79
CA TYR R 133 29.51 -119.32 -1.97
C TYR R 133 29.60 -120.65 -1.20
N VAL R 134 29.00 -120.73 -0.03
CA VAL R 134 28.94 -122.00 0.72
C VAL R 134 28.16 -123.03 -0.09
N LEU R 135 27.03 -122.65 -0.65
CA LEU R 135 26.25 -123.54 -1.49
C LEU R 135 27.06 -124.01 -2.71
N ALA R 136 27.80 -123.12 -3.36
CA ALA R 136 28.61 -123.44 -4.54
C ALA R 136 29.76 -124.39 -4.23
N GLU R 137 30.43 -124.21 -3.09
CA GLU R 137 31.44 -125.14 -2.61
C GLU R 137 30.84 -126.54 -2.42
N ILE R 138 29.73 -126.62 -1.68
CA ILE R 138 29.02 -127.88 -1.43
C ILE R 138 28.60 -128.53 -2.75
N ALA R 139 28.02 -127.76 -3.68
CA ALA R 139 27.52 -128.25 -4.96
C ALA R 139 28.57 -129.02 -5.77
N ARG R 140 29.76 -128.42 -5.95
CA ARG R 140 30.88 -129.03 -6.67
C ARG R 140 31.38 -130.28 -5.96
N ASP R 141 31.51 -130.22 -4.65
CA ASP R 141 32.05 -131.33 -3.87
C ASP R 141 31.08 -132.51 -3.76
N ARG R 142 29.76 -132.25 -3.77
CA ARG R 142 28.70 -133.27 -3.63
C ARG R 142 28.17 -133.83 -4.96
N GLY R 143 28.21 -133.06 -6.04
CA GLY R 143 27.82 -133.50 -7.39
C GLY R 143 26.41 -133.10 -7.86
N ASN R 144 25.65 -132.33 -7.09
CA ASN R 144 24.44 -131.68 -7.59
C ASN R 144 24.79 -130.38 -8.35
N GLU R 145 24.74 -130.42 -9.66
CA GLU R 145 25.08 -129.25 -10.49
C GLU R 145 24.08 -128.12 -10.34
N GLU R 146 22.80 -128.43 -10.15
CA GLU R 146 21.73 -127.45 -10.09
C GLU R 146 21.90 -126.48 -8.93
N LEU R 147 22.51 -126.92 -7.83
CA LEU R 147 22.82 -126.07 -6.71
C LEU R 147 23.80 -124.95 -7.10
N LEU R 148 24.64 -125.17 -8.12
CA LEU R 148 25.44 -124.10 -8.70
C LEU R 148 24.53 -123.04 -9.30
N GLU R 149 23.49 -123.43 -10.02
CA GLU R 149 22.55 -122.47 -10.57
C GLU R 149 21.92 -121.63 -9.45
N LYS R 150 21.50 -122.28 -8.37
CA LYS R 150 20.97 -121.58 -7.19
C LYS R 150 21.99 -120.58 -6.68
N ALA R 151 23.22 -121.01 -6.43
CA ALA R 151 24.24 -120.08 -5.99
C ALA R 151 24.41 -118.92 -7.01
N ALA R 152 24.55 -119.25 -8.29
CA ALA R 152 24.90 -118.32 -9.33
C ALA R 152 23.85 -117.23 -9.42
N SER R 153 22.60 -117.66 -9.50
CA SER R 153 21.47 -116.75 -9.53
C SER R 153 21.41 -115.91 -8.27
N LEU R 154 21.58 -116.51 -7.09
CA LEU R 154 21.52 -115.74 -5.84
C LEU R 154 22.53 -114.61 -5.87
N ALA R 155 23.77 -114.94 -6.19
CA ALA R 155 24.86 -113.99 -6.22
C ALA R 155 24.71 -112.98 -7.38
N GLU R 156 24.27 -113.42 -8.55
CA GLU R 156 24.14 -112.53 -9.69
C GLU R 156 22.99 -111.57 -9.46
N ALA R 157 21.89 -112.03 -8.87
CA ALA R 157 20.78 -111.18 -8.51
C ALA R 157 21.25 -110.09 -7.57
N ALA R 158 21.96 -110.47 -6.52
CA ALA R 158 22.61 -109.50 -5.65
C ALA R 158 23.49 -108.51 -6.44
N ALA R 159 24.35 -108.97 -7.35
CA ALA R 159 25.23 -108.08 -8.12
C ALA R 159 24.45 -107.09 -8.99
N ALA R 160 23.45 -107.59 -9.70
CA ALA R 160 22.64 -106.75 -10.56
C ALA R 160 21.82 -105.78 -9.73
N LEU R 161 21.25 -106.24 -8.61
CA LEU R 161 20.54 -105.37 -7.70
C LEU R 161 21.47 -104.28 -7.17
N ALA R 162 22.67 -104.64 -6.76
CA ALA R 162 23.66 -103.68 -6.30
C ALA R 162 23.99 -102.67 -7.41
N GLU R 163 24.21 -103.14 -8.63
CA GLU R 163 24.45 -102.23 -9.75
C GLU R 163 23.26 -101.31 -9.94
N ALA R 164 22.04 -101.85 -9.93
CA ALA R 164 20.84 -101.07 -10.08
C ALA R 164 20.71 -100.06 -8.95
N ILE R 165 21.06 -100.43 -7.73
CA ILE R 165 21.02 -99.52 -6.59
C ILE R 165 21.99 -98.38 -6.80
N ALA R 166 23.22 -98.69 -7.22
CA ALA R 166 24.17 -97.65 -7.55
C ALA R 166 23.59 -96.74 -8.65
N ALA R 167 22.98 -97.32 -9.68
CA ALA R 167 22.35 -96.57 -10.75
C ALA R 167 21.12 -95.76 -10.28
N ILE R 168 20.40 -96.18 -9.24
CA ILE R 168 19.34 -95.36 -8.63
C ILE R 168 19.99 -94.13 -7.98
N LEU R 169 21.10 -94.33 -7.27
CA LEU R 169 21.81 -93.23 -6.63
C LEU R 169 22.44 -92.27 -7.66
N GLU R 170 23.00 -92.79 -8.75
CA GLU R 170 23.60 -91.98 -9.83
C GLU R 170 22.57 -91.39 -10.83
N GLY R 171 21.37 -91.96 -10.94
CA GLY R 171 20.24 -91.43 -11.72
C GLY R 171 20.04 -91.99 -13.15
N ASP R 172 20.96 -92.79 -13.71
CA ASP R 172 20.77 -93.47 -15.00
C ASP R 172 19.84 -94.68 -14.86
N VAL R 173 18.55 -94.38 -14.68
CA VAL R 173 17.52 -95.41 -14.53
C VAL R 173 17.45 -96.33 -15.75
N GLU R 174 17.79 -95.86 -16.95
CA GLU R 174 17.82 -96.75 -18.13
C GLU R 174 18.85 -97.84 -17.93
N LYS R 175 20.09 -97.49 -17.59
CA LYS R 175 21.10 -98.51 -17.32
C LYS R 175 20.75 -99.33 -16.08
N ALA R 176 20.05 -98.77 -15.10
CA ALA R 176 19.50 -99.57 -14.00
C ALA R 176 18.57 -100.66 -14.52
N VAL R 177 17.69 -100.33 -15.46
CA VAL R 177 16.83 -101.30 -16.13
C VAL R 177 17.66 -102.30 -16.93
N ARG R 178 18.73 -101.88 -17.62
CA ARG R 178 19.62 -102.82 -18.32
C ARG R 178 20.15 -103.88 -17.35
N ALA R 179 20.59 -103.45 -16.16
CA ALA R 179 20.98 -104.38 -15.12
C ALA R 179 19.79 -105.26 -14.69
N ALA R 180 18.64 -104.66 -14.38
CA ALA R 180 17.49 -105.40 -13.90
C ALA R 180 17.03 -106.48 -14.91
N GLN R 181 17.10 -106.20 -16.21
CA GLN R 181 16.78 -107.17 -17.25
C GLN R 181 17.64 -108.41 -17.09
N GLU R 182 18.95 -108.22 -16.94
CA GLU R 182 19.83 -109.36 -16.69
C GLU R 182 19.51 -110.02 -15.35
N ALA R 183 19.13 -109.24 -14.34
CA ALA R 183 18.78 -109.78 -13.03
C ALA R 183 17.65 -110.79 -13.14
N VAL R 184 16.53 -110.41 -13.77
CA VAL R 184 15.40 -111.33 -13.90
C VAL R 184 15.80 -112.53 -14.76
N LYS R 185 16.59 -112.33 -15.80
CA LYS R 185 17.06 -113.44 -16.64
C LYS R 185 17.80 -114.46 -15.79
N ALA R 186 18.76 -114.02 -14.99
CA ALA R 186 19.52 -114.91 -14.13
C ALA R 186 18.63 -115.63 -13.12
N ALA R 187 17.78 -114.87 -12.43
CA ALA R 187 16.90 -115.46 -11.43
C ALA R 187 16.00 -116.51 -12.07
N LYS R 188 15.46 -116.22 -13.26
CA LYS R 188 14.62 -117.13 -14.03
C LYS R 188 15.38 -118.38 -14.43
N GLU R 189 16.66 -118.25 -14.78
CA GLU R 189 17.47 -119.41 -15.16
C GLU R 189 17.64 -120.42 -14.03
N ALA R 190 17.69 -119.97 -12.77
CA ALA R 190 17.58 -120.92 -11.65
C ALA R 190 16.12 -121.31 -11.38
N GLY R 191 15.20 -120.35 -11.40
CA GLY R 191 13.76 -120.55 -11.33
C GLY R 191 13.07 -120.33 -9.98
N ASP R 192 13.72 -119.69 -8.99
CA ASP R 192 13.14 -119.49 -7.66
C ASP R 192 12.15 -118.30 -7.57
N ASN R 193 10.87 -118.62 -7.39
CA ASN R 193 9.82 -117.64 -7.14
C ASN R 193 10.12 -116.74 -5.91
N ASP R 194 10.75 -117.26 -4.88
CA ASP R 194 10.96 -116.49 -3.65
C ASP R 194 11.93 -115.35 -3.93
N MET R 195 13.09 -115.63 -4.51
CA MET R 195 13.99 -114.58 -4.96
C MET R 195 13.28 -113.69 -5.96
N LEU R 196 12.54 -114.26 -6.90
CA LEU R 196 11.81 -113.43 -7.85
C LEU R 196 10.86 -112.46 -7.14
N ARG R 197 10.28 -112.80 -5.98
CA ARG R 197 9.50 -111.83 -5.19
C ARG R 197 10.37 -110.63 -4.87
N ALA R 198 11.54 -110.86 -4.30
CA ALA R 198 12.45 -109.78 -4.00
C ALA R 198 12.81 -109.00 -5.26
N VAL R 199 13.10 -109.69 -6.37
CA VAL R 199 13.44 -109.01 -7.63
C VAL R 199 12.29 -108.11 -8.06
N ALA R 200 11.06 -108.61 -8.03
CA ALA R 200 9.89 -107.83 -8.39
C ALA R 200 9.75 -106.61 -7.47
N ILE R 201 10.02 -106.77 -6.18
CA ILE R 201 9.96 -105.65 -5.24
C ILE R 201 11.06 -104.64 -5.56
N ALA R 202 12.23 -105.08 -6.00
CA ALA R 202 13.23 -104.14 -6.49
C ALA R 202 12.74 -103.41 -7.74
N ALA R 203 12.10 -104.11 -8.66
CA ALA R 203 11.53 -103.45 -9.83
C ALA R 203 10.47 -102.43 -9.42
N LEU R 204 9.65 -102.76 -8.42
CA LEU R 204 8.72 -101.81 -7.83
C LEU R 204 9.47 -100.61 -7.27
N ARG R 205 10.57 -100.80 -6.52
CA ARG R 205 11.39 -99.67 -6.05
C ARG R 205 11.82 -98.80 -7.23
N ILE R 206 12.36 -99.41 -8.29
CA ILE R 206 12.81 -98.67 -9.48
C ILE R 206 11.65 -97.84 -10.03
N ALA R 207 10.48 -98.45 -10.21
CA ALA R 207 9.30 -97.74 -10.69
C ALA R 207 8.89 -96.60 -9.73
N LYS R 208 8.81 -96.88 -8.43
CA LYS R 208 8.40 -95.92 -7.39
C LYS R 208 9.29 -94.69 -7.41
N GLU R 209 10.61 -94.86 -7.54
CA GLU R 209 11.49 -93.71 -7.68
C GLU R 209 11.31 -93.03 -9.05
N ALA R 210 11.15 -93.79 -10.13
CA ALA R 210 11.05 -93.24 -11.48
C ALA R 210 9.86 -92.29 -11.67
N GLU R 211 8.79 -92.42 -10.89
CA GLU R 211 7.66 -91.48 -10.89
C GLU R 211 8.11 -90.02 -10.63
N LYS R 212 9.20 -89.81 -9.89
CA LYS R 212 9.74 -88.47 -9.56
C LYS R 212 10.43 -87.80 -10.75
N GLN R 213 10.86 -88.58 -11.74
CA GLN R 213 11.86 -88.15 -12.73
C GLN R 213 11.24 -87.66 -14.06
N GLY R 214 9.97 -87.93 -14.30
CA GLY R 214 9.29 -87.60 -15.56
C GLY R 214 9.63 -88.53 -16.74
N ASN R 215 10.72 -89.28 -16.71
CA ASN R 215 11.00 -90.33 -17.71
C ASN R 215 10.16 -91.58 -17.45
N VAL R 216 8.86 -91.47 -17.72
CA VAL R 216 7.93 -92.60 -17.69
C VAL R 216 8.28 -93.69 -18.69
N GLU R 217 8.98 -93.38 -19.79
CA GLU R 217 9.31 -94.39 -20.80
C GLU R 217 10.21 -95.49 -20.23
N VAL R 218 11.27 -95.09 -19.51
CA VAL R 218 12.07 -96.06 -18.78
C VAL R 218 11.23 -96.76 -17.72
N ALA R 219 10.37 -96.04 -17.00
CA ALA R 219 9.56 -96.65 -15.95
C ALA R 219 8.68 -97.78 -16.49
N VAL R 220 8.10 -97.63 -17.69
CA VAL R 220 7.33 -98.70 -18.32
C VAL R 220 8.21 -99.91 -18.60
N LYS R 221 9.44 -99.70 -19.07
CA LYS R 221 10.38 -100.82 -19.29
C LYS R 221 10.70 -101.52 -17.97
N ALA R 222 10.85 -100.76 -16.89
CA ALA R 222 11.02 -101.32 -15.55
C ALA R 222 9.79 -102.13 -15.14
N ALA R 223 8.58 -101.61 -15.37
CA ALA R 223 7.38 -102.38 -15.10
C ALA R 223 7.33 -103.66 -15.95
N ARG R 224 7.77 -103.61 -17.21
CA ARG R 224 7.84 -104.79 -18.07
C ARG R 224 8.77 -105.85 -17.48
N VAL R 225 9.88 -105.43 -16.90
CA VAL R 225 10.71 -106.34 -16.10
C VAL R 225 9.95 -106.83 -14.88
N ALA R 226 9.26 -105.95 -14.16
CA ALA R 226 8.59 -106.31 -12.93
C ALA R 226 7.62 -107.46 -13.15
N VAL R 227 6.76 -107.34 -14.15
CA VAL R 227 5.78 -108.39 -14.45
C VAL R 227 6.46 -109.68 -14.91
N GLU R 228 7.61 -109.61 -15.58
CA GLU R 228 8.32 -110.82 -15.99
C GLU R 228 8.64 -111.70 -14.78
N ALA R 229 9.07 -111.06 -13.68
CA ALA R 229 9.29 -111.74 -12.42
C ALA R 229 7.96 -112.12 -11.75
N ALA R 230 7.07 -111.14 -11.56
CA ALA R 230 5.87 -111.34 -10.74
C ALA R 230 4.97 -112.46 -11.29
N LYS R 231 4.93 -112.61 -12.62
CA LYS R 231 4.18 -113.65 -13.31
C LYS R 231 4.65 -115.07 -12.95
N GLN R 232 5.89 -115.24 -12.51
CA GLN R 232 6.37 -116.53 -12.01
C GLN R 232 5.86 -116.81 -10.59
N ALA R 233 5.87 -115.78 -9.74
CA ALA R 233 5.69 -115.92 -8.29
C ALA R 233 4.23 -115.91 -7.81
N GLY R 234 3.36 -115.08 -8.37
CA GLY R 234 1.92 -115.09 -8.05
C GLY R 234 1.52 -114.52 -6.67
N ASP R 235 2.37 -113.74 -6.01
CA ASP R 235 1.95 -113.01 -4.80
C ASP R 235 0.98 -111.89 -5.17
N ASN R 236 -0.27 -112.01 -4.73
CA ASN R 236 -1.32 -111.08 -5.10
C ASN R 236 -1.00 -109.65 -4.65
N ASP R 237 -0.40 -109.48 -3.48
CA ASP R 237 -0.03 -108.14 -3.01
C ASP R 237 0.95 -107.48 -3.97
N VAL R 238 1.98 -108.23 -4.40
CA VAL R 238 2.94 -107.72 -5.38
C VAL R 238 2.21 -107.37 -6.66
N LEU R 239 1.39 -108.27 -7.18
CA LEU R 239 0.65 -108.02 -8.41
C LEU R 239 -0.24 -106.77 -8.29
N ARG R 240 -0.94 -106.60 -7.16
CA ARG R 240 -1.80 -105.44 -6.89
C ARG R 240 -0.99 -104.15 -6.83
N LYS R 241 0.16 -104.19 -6.16
CA LYS R 241 1.07 -103.06 -6.12
C LYS R 241 1.57 -102.71 -7.52
N VAL R 242 1.92 -103.72 -8.32
CA VAL R 242 2.33 -103.53 -9.73
C VAL R 242 1.22 -102.85 -10.52
N ALA R 243 -0.03 -103.29 -10.37
CA ALA R 243 -1.14 -102.62 -11.02
C ALA R 243 -1.24 -101.15 -10.58
N GLU R 244 -1.18 -100.86 -9.28
CA GLU R 244 -1.27 -99.48 -8.80
C GLU R 244 -0.16 -98.61 -9.39
N GLN R 245 1.09 -99.09 -9.34
CA GLN R 245 2.20 -98.38 -9.97
C GLN R 245 1.94 -98.20 -11.46
N ALA R 246 1.46 -99.22 -12.18
CA ALA R 246 1.25 -99.13 -13.61
C ALA R 246 0.20 -98.05 -13.95
N LEU R 247 -0.86 -97.96 -13.14
CA LEU R 247 -1.85 -96.89 -13.28
C LEU R 247 -1.27 -95.53 -12.94
N ARG R 248 -0.48 -95.42 -11.88
CA ARG R 248 0.22 -94.16 -11.57
C ARG R 248 1.07 -93.72 -12.76
N ILE R 249 1.86 -94.63 -13.31
CA ILE R 249 2.71 -94.36 -14.48
C ILE R 249 1.84 -93.95 -15.67
N ALA R 250 0.74 -94.66 -15.92
CA ALA R 250 -0.17 -94.28 -16.99
C ALA R 250 -0.73 -92.87 -16.80
N LYS R 251 -1.18 -92.51 -15.58
CA LYS R 251 -1.70 -91.18 -15.28
C LYS R 251 -0.69 -90.08 -15.53
N GLU R 252 0.56 -90.29 -15.14
CA GLU R 252 1.62 -89.34 -15.46
C GLU R 252 1.90 -89.27 -16.97
N ALA R 253 1.90 -90.40 -17.69
CA ALA R 253 2.05 -90.40 -19.14
C ALA R 253 0.90 -89.66 -19.86
N GLU R 254 -0.33 -89.71 -19.35
CA GLU R 254 -1.44 -88.87 -19.80
C GLU R 254 -1.17 -87.37 -19.58
N LYS R 255 -0.73 -86.98 -18.37
CA LYS R 255 -0.41 -85.58 -18.05
C LYS R 255 0.74 -85.04 -18.89
N GLN R 256 1.74 -85.87 -19.17
CA GLN R 256 2.83 -85.60 -20.12
C GLN R 256 2.39 -85.65 -21.59
N GLY R 257 1.15 -86.06 -21.88
CA GLY R 257 0.61 -86.20 -23.23
C GLY R 257 1.16 -87.38 -24.03
N ASN R 258 2.08 -88.18 -23.47
CA ASN R 258 2.59 -89.37 -24.14
C ASN R 258 1.63 -90.56 -23.97
N VAL R 259 0.51 -90.48 -24.68
CA VAL R 259 -0.52 -91.52 -24.66
C VAL R 259 0.01 -92.86 -25.16
N GLU R 260 1.00 -92.90 -26.06
CA GLU R 260 1.57 -94.18 -26.50
C GLU R 260 2.26 -94.91 -25.34
N VAL R 261 3.06 -94.18 -24.57
CA VAL R 261 3.64 -94.73 -23.33
C VAL R 261 2.53 -95.06 -22.34
N ALA R 262 1.50 -94.23 -22.19
CA ALA R 262 0.39 -94.58 -21.31
C ALA R 262 -0.28 -95.90 -21.72
N VAL R 263 -0.50 -96.11 -23.03
CA VAL R 263 -1.09 -97.37 -23.55
C VAL R 263 -0.19 -98.54 -23.21
N LYS R 264 1.12 -98.39 -23.41
CA LYS R 264 2.05 -99.44 -23.04
C LYS R 264 2.05 -99.67 -21.52
N ALA R 265 1.91 -98.63 -20.71
CA ALA R 265 1.77 -98.75 -19.25
C ALA R 265 0.52 -99.57 -18.90
N ALA R 266 -0.60 -99.28 -19.54
CA ALA R 266 -1.80 -100.08 -19.41
C ALA R 266 -1.57 -101.52 -19.90
N ARG R 267 -0.85 -101.71 -21.01
CA ARG R 267 -0.58 -103.04 -21.56
C ARG R 267 0.17 -103.91 -20.55
N VAL R 268 1.11 -103.32 -19.82
CA VAL R 268 1.74 -104.00 -18.68
C VAL R 268 0.74 -104.15 -17.54
N ALA R 269 -0.03 -103.12 -17.21
CA ALA R 269 -0.95 -103.17 -16.09
C ALA R 269 -1.89 -104.37 -16.21
N VAL R 270 -2.51 -104.55 -17.37
CA VAL R 270 -3.40 -105.69 -17.59
C VAL R 270 -2.63 -107.00 -17.55
N GLU R 271 -1.42 -107.06 -18.10
CA GLU R 271 -0.62 -108.30 -18.07
C GLU R 271 -0.48 -108.81 -16.64
N ALA R 272 -0.15 -107.90 -15.71
CA ALA R 272 -0.02 -108.23 -14.30
C ALA R 272 -1.40 -108.54 -13.69
N ALA R 273 -2.37 -107.66 -13.87
CA ALA R 273 -3.68 -107.80 -13.23
C ALA R 273 -4.38 -109.10 -13.64
N LYS R 274 -4.17 -109.57 -14.87
CA LYS R 274 -4.73 -110.83 -15.38
C LYS R 274 -4.28 -112.03 -14.55
N GLN R 275 -3.09 -112.00 -13.97
CA GLN R 275 -2.62 -113.11 -13.13
C GLN R 275 -3.39 -113.18 -11.81
N ALA R 276 -3.76 -112.03 -11.24
CA ALA R 276 -4.48 -111.94 -9.99
C ALA R 276 -6.00 -112.14 -10.14
N GLY R 277 -6.61 -111.57 -11.18
CA GLY R 277 -8.05 -111.70 -11.45
C GLY R 277 -8.98 -110.91 -10.52
N ASP R 278 -8.47 -109.95 -9.74
CA ASP R 278 -9.31 -109.09 -8.91
C ASP R 278 -10.11 -108.10 -9.76
N ASN R 279 -11.43 -108.22 -9.75
CA ASN R 279 -12.33 -107.35 -10.48
C ASN R 279 -12.15 -105.88 -10.07
N ASP R 280 -11.92 -105.58 -8.79
CA ASP R 280 -11.84 -104.19 -8.34
C ASP R 280 -10.68 -103.48 -9.03
N VAL R 281 -9.54 -104.14 -9.10
CA VAL R 281 -8.41 -103.67 -9.90
C VAL R 281 -8.84 -103.59 -11.36
N LEU R 282 -9.30 -104.70 -11.95
CA LEU R 282 -9.49 -104.78 -13.40
C LEU R 282 -10.49 -103.74 -13.92
N ARG R 283 -11.53 -103.44 -13.14
CA ARG R 283 -12.50 -102.39 -13.47
C ARG R 283 -11.86 -101.01 -13.35
N LYS R 284 -11.13 -100.72 -12.27
CA LYS R 284 -10.40 -99.44 -12.15
C LYS R 284 -9.41 -99.26 -13.29
N VAL R 285 -8.72 -100.33 -13.67
CA VAL R 285 -7.78 -100.35 -14.79
C VAL R 285 -8.51 -100.01 -16.09
N ALA R 286 -9.56 -100.75 -16.44
CA ALA R 286 -10.29 -100.49 -17.67
C ALA R 286 -10.87 -99.07 -17.68
N GLU R 287 -11.35 -98.58 -16.53
CA GLU R 287 -11.87 -97.21 -16.40
C GLU R 287 -10.80 -96.19 -16.76
N GLN R 288 -9.61 -96.29 -16.16
CA GLN R 288 -8.53 -95.40 -16.55
C GLN R 288 -8.16 -95.60 -18.03
N ALA R 289 -8.19 -96.83 -18.55
CA ALA R 289 -7.84 -97.09 -19.93
C ALA R 289 -8.79 -96.40 -20.92
N LEU R 290 -10.06 -96.23 -20.55
CA LEU R 290 -10.96 -95.36 -21.30
C LEU R 290 -10.56 -93.88 -21.18
N GLU R 291 -10.08 -93.40 -20.03
CA GLU R 291 -9.53 -92.05 -19.96
C GLU R 291 -8.30 -91.88 -20.86
N ILE R 292 -7.46 -92.91 -20.99
CA ILE R 292 -6.35 -92.88 -21.96
C ILE R 292 -6.92 -92.75 -23.38
N ALA R 293 -7.93 -93.54 -23.73
CA ALA R 293 -8.56 -93.41 -25.04
C ALA R 293 -9.14 -92.00 -25.25
N LYS R 294 -9.80 -91.42 -24.23
CA LYS R 294 -10.30 -90.05 -24.25
C LYS R 294 -9.17 -89.06 -24.54
N LYS R 295 -8.06 -89.18 -23.84
CA LYS R 295 -6.89 -88.32 -24.09
C LYS R 295 -6.32 -88.51 -25.49
N ALA R 296 -6.24 -89.75 -25.99
CA ALA R 296 -5.75 -90.00 -27.35
C ALA R 296 -6.67 -89.36 -28.41
N ALA R 297 -7.99 -89.40 -28.20
CA ALA R 297 -8.92 -88.64 -29.04
C ALA R 297 -8.71 -87.13 -28.91
N GLU R 298 -8.55 -86.60 -27.70
CA GLU R 298 -8.33 -85.16 -27.47
C GLU R 298 -7.03 -84.65 -28.09
N GLN R 299 -5.99 -85.48 -28.12
CA GLN R 299 -4.73 -85.21 -28.82
C GLN R 299 -4.85 -85.41 -30.35
N GLY R 300 -5.94 -86.00 -30.85
CA GLY R 300 -6.09 -86.37 -32.26
C GLY R 300 -5.24 -87.57 -32.69
N ASP R 301 -4.67 -88.31 -31.74
CA ASP R 301 -3.90 -89.53 -31.97
C ASP R 301 -4.85 -90.72 -32.15
N VAL R 302 -5.66 -90.69 -33.19
CA VAL R 302 -6.79 -91.61 -33.36
C VAL R 302 -6.33 -93.07 -33.49
N GLY R 303 -5.24 -93.34 -34.21
CA GLY R 303 -4.68 -94.69 -34.27
C GLY R 303 -4.25 -95.20 -32.91
N VAL R 304 -3.63 -94.34 -32.10
CA VAL R 304 -3.31 -94.68 -30.70
C VAL R 304 -4.60 -94.87 -29.91
N MET R 305 -5.62 -94.06 -30.16
CA MET R 305 -6.92 -94.24 -29.53
C MET R 305 -7.53 -95.60 -29.87
N GLN R 306 -7.39 -96.08 -31.11
CA GLN R 306 -7.84 -97.43 -31.49
C GLN R 306 -7.17 -98.49 -30.63
N LYS R 307 -5.85 -98.35 -30.42
CA LYS R 307 -5.13 -99.23 -29.51
C LYS R 307 -5.58 -99.04 -28.07
N ALA R 308 -5.83 -97.81 -27.62
CA ALA R 308 -6.24 -97.51 -26.25
C ALA R 308 -7.60 -98.14 -25.96
N MET R 309 -8.53 -98.01 -26.90
CA MET R 309 -9.79 -98.73 -26.93
C MET R 309 -9.53 -100.23 -26.85
N ASP R 310 -8.73 -100.78 -27.76
CA ASP R 310 -8.47 -102.21 -27.81
C ASP R 310 -7.95 -102.74 -26.47
N VAL R 311 -6.98 -102.05 -25.87
CA VAL R 311 -6.44 -102.39 -24.55
C VAL R 311 -7.51 -102.24 -23.46
N ALA R 312 -8.23 -101.13 -23.42
CA ALA R 312 -9.25 -100.91 -22.39
C ALA R 312 -10.29 -102.03 -22.45
N LEU R 313 -10.74 -102.37 -23.65
CA LEU R 313 -11.69 -103.46 -23.87
C LEU R 313 -11.08 -104.80 -23.45
N ARG R 314 -9.82 -105.09 -23.80
CA ARG R 314 -9.18 -106.34 -23.37
C ARG R 314 -9.02 -106.40 -21.86
N ALA R 315 -8.74 -105.27 -21.21
CA ALA R 315 -8.68 -105.17 -19.75
C ALA R 315 -10.04 -105.49 -19.13
N ALA R 316 -11.10 -104.88 -19.65
CA ALA R 316 -12.45 -105.23 -19.28
C ALA R 316 -12.76 -106.71 -19.57
N GLY R 317 -12.20 -107.25 -20.65
CA GLY R 317 -12.34 -108.65 -21.04
C GLY R 317 -11.80 -109.66 -20.02
N GLN R 318 -11.07 -109.21 -19.00
CA GLN R 318 -10.62 -110.05 -17.90
C GLN R 318 -11.57 -110.03 -16.68
N ALA R 319 -12.61 -109.17 -16.68
CA ALA R 319 -13.54 -108.96 -15.56
C ALA R 319 -14.99 -108.71 -16.03
N PRO S 4 109.79 -13.26 23.03
CA PRO S 4 109.85 -13.94 21.72
C PRO S 4 110.49 -13.10 20.61
N ARG S 5 109.78 -12.10 20.06
CA ARG S 5 110.16 -11.36 18.83
C ARG S 5 111.59 -10.86 18.87
N LEU S 6 111.93 -10.19 19.97
CA LEU S 6 113.25 -9.60 20.21
C LEU S 6 114.34 -10.66 20.07
N VAL S 7 114.16 -11.83 20.68
CA VAL S 7 115.18 -12.88 20.68
C VAL S 7 115.43 -13.35 19.25
N LEU S 8 114.36 -13.62 18.49
CA LEU S 8 114.52 -14.02 17.10
C LEU S 8 115.25 -12.92 16.30
N ARG S 9 114.81 -11.66 16.40
CA ARG S 9 115.47 -10.55 15.70
C ARG S 9 116.95 -10.45 16.07
N ALA S 10 117.26 -10.59 17.35
CA ALA S 10 118.64 -10.52 17.83
C ALA S 10 119.47 -11.67 17.26
N LEU S 11 118.95 -12.90 17.27
CA LEU S 11 119.65 -14.02 16.66
C LEU S 11 119.86 -13.75 15.17
N GLU S 12 118.81 -13.36 14.45
CA GLU S 12 118.92 -13.07 13.02
C GLU S 12 119.99 -12.01 12.76
N ASN S 13 119.97 -10.92 13.51
CA ASN S 13 120.91 -9.85 13.30
C ASN S 13 122.31 -10.24 13.78
N MET S 14 122.45 -11.12 14.76
CA MET S 14 123.76 -11.71 15.06
C MET S 14 124.24 -12.55 13.88
N VAL S 15 123.36 -13.28 13.19
CA VAL S 15 123.77 -13.97 11.97
C VAL S 15 124.21 -12.94 10.93
N ARG S 16 123.51 -11.82 10.76
CA ARG S 16 123.99 -10.75 9.86
C ARG S 16 125.39 -10.33 10.24
N ALA S 17 125.62 -10.10 11.53
CA ALA S 17 126.93 -9.69 12.00
C ALA S 17 127.98 -10.76 11.66
N ALA S 18 127.71 -12.02 11.98
CA ALA S 18 128.64 -13.09 11.65
C ALA S 18 128.90 -13.13 10.14
N HIS S 19 127.85 -13.00 9.32
CA HIS S 19 127.99 -12.97 7.87
C HIS S 19 128.93 -11.86 7.44
N THR S 20 128.71 -10.65 7.93
CA THR S 20 129.62 -9.54 7.63
C THR S 20 131.03 -9.83 8.14
N LEU S 21 131.18 -10.44 9.31
CA LEU S 21 132.49 -10.66 9.90
C LEU S 21 133.30 -11.60 9.00
N ALA S 22 132.68 -12.68 8.53
CA ALA S 22 133.29 -13.58 7.57
C ALA S 22 133.54 -12.90 6.22
N GLU S 23 132.59 -12.11 5.72
CA GLU S 23 132.76 -11.39 4.45
C GLU S 23 133.99 -10.48 4.52
N ILE S 24 134.10 -9.68 5.57
CA ILE S 24 135.20 -8.75 5.77
C ILE S 24 136.51 -9.53 5.98
N ALA S 25 136.48 -10.60 6.77
CA ALA S 25 137.68 -11.38 7.06
C ALA S 25 138.30 -12.00 5.80
N ARG S 26 137.48 -12.51 4.86
CA ARG S 26 137.99 -13.14 3.63
C ARG S 26 138.71 -12.17 2.70
N ASP S 27 138.43 -10.87 2.79
CA ASP S 27 139.19 -9.86 2.04
C ASP S 27 140.61 -9.64 2.60
N ASN S 28 140.89 -10.08 3.82
CA ASN S 28 142.13 -9.77 4.54
C ASN S 28 142.94 -11.02 4.98
N GLY S 29 142.28 -12.13 5.29
CA GLY S 29 142.91 -13.27 5.95
C GLY S 29 142.99 -13.15 7.47
N ASN S 30 142.08 -12.40 8.12
CA ASN S 30 142.01 -12.35 9.58
C ASN S 30 141.39 -13.64 10.16
N GLU S 31 142.24 -14.57 10.58
CA GLU S 31 141.79 -15.87 11.09
C GLU S 31 140.96 -15.74 12.38
N GLU S 32 141.31 -14.82 13.27
CA GLU S 32 140.55 -14.68 14.52
C GLU S 32 139.13 -14.19 14.27
N TRP S 33 138.92 -13.27 13.31
CA TRP S 33 137.56 -12.86 12.92
C TRP S 33 136.74 -14.06 12.44
N LEU S 34 137.34 -14.97 11.67
CA LEU S 34 136.68 -16.22 11.30
C LEU S 34 136.41 -17.09 12.53
N GLU S 35 137.38 -17.24 13.43
CA GLU S 35 137.20 -18.05 14.64
C GLU S 35 136.06 -17.52 15.52
N ARG S 36 136.03 -16.19 15.76
CA ARG S 36 134.94 -15.55 16.49
C ARG S 36 133.62 -15.76 15.77
N ALA S 37 133.56 -15.54 14.46
CA ALA S 37 132.35 -15.76 13.68
C ALA S 37 131.85 -17.20 13.83
N ALA S 38 132.73 -18.20 13.69
CA ALA S 38 132.35 -19.60 13.79
C ALA S 38 131.77 -19.91 15.16
N ARG S 39 132.43 -19.47 16.23
CA ARG S 39 131.95 -19.64 17.61
C ARG S 39 130.58 -19.01 17.79
N LEU S 40 130.38 -17.79 17.28
CA LEU S 40 129.09 -17.13 17.34
C LEU S 40 128.03 -17.94 16.61
N ALA S 41 128.29 -18.36 15.39
CA ALA S 41 127.32 -19.10 14.60
C ALA S 41 126.96 -20.44 15.28
N GLU S 42 127.95 -21.13 15.85
CA GLU S 42 127.67 -22.35 16.62
C GLU S 42 126.79 -22.05 17.82
N GLU S 43 127.13 -21.05 18.64
CA GLU S 43 126.33 -20.70 19.80
C GLU S 43 124.90 -20.32 19.39
N VAL S 44 124.76 -19.56 18.31
CA VAL S 44 123.46 -19.21 17.76
C VAL S 44 122.70 -20.47 17.38
N ALA S 45 123.32 -21.40 16.66
CA ALA S 45 122.66 -22.65 16.32
C ALA S 45 122.21 -23.40 17.59
N ARG S 46 123.11 -23.53 18.58
CA ARG S 46 122.82 -24.24 19.83
C ARG S 46 121.62 -23.62 20.56
N ARG S 47 121.62 -22.29 20.71
CA ARG S 47 120.52 -21.56 21.32
C ARG S 47 119.25 -21.71 20.49
N ALA S 48 119.36 -21.63 19.17
CA ALA S 48 118.22 -21.76 18.27
C ALA S 48 117.59 -23.15 18.36
N GLU S 49 118.37 -24.21 18.53
CA GLU S 49 117.81 -25.55 18.70
C GLU S 49 116.93 -25.62 19.94
N ARG S 50 117.44 -25.14 21.09
CA ARG S 50 116.66 -25.02 22.32
C ARG S 50 115.39 -24.22 22.06
N LEU S 51 115.52 -23.06 21.41
CA LEU S 51 114.40 -22.21 21.06
C LEU S 51 113.36 -22.99 20.26
N ALA S 52 113.78 -23.74 19.24
CA ALA S 52 112.87 -24.53 18.43
C ALA S 52 112.15 -25.61 19.26
N ARG S 53 112.88 -26.35 20.10
CA ARG S 53 112.27 -27.37 20.95
C ARG S 53 111.26 -26.75 21.92
N GLU S 54 111.60 -25.63 22.53
CA GLU S 54 110.67 -24.90 23.40
C GLU S 54 109.46 -24.40 22.60
N ALA S 55 109.66 -23.83 21.43
CA ALA S 55 108.57 -23.37 20.58
C ALA S 55 107.65 -24.53 20.18
N ARG S 56 108.18 -25.74 20.00
CA ARG S 56 107.37 -26.94 19.74
C ARG S 56 106.40 -27.22 20.89
N LYS S 57 106.80 -26.95 22.12
CA LYS S 57 105.92 -27.03 23.29
C LYS S 57 104.96 -25.83 23.38
N GLU S 58 105.43 -24.63 23.06
CA GLU S 58 104.59 -23.42 23.08
C GLU S 58 103.51 -23.41 21.99
N GLY S 59 103.70 -24.13 20.89
CA GLY S 59 102.69 -24.28 19.84
C GLY S 59 102.57 -23.10 18.86
N ASN S 60 103.42 -22.08 18.96
CA ASN S 60 103.50 -21.07 17.92
C ASN S 60 104.39 -21.56 16.76
N LEU S 61 103.76 -22.21 15.78
CA LEU S 61 104.46 -22.76 14.62
C LEU S 61 105.19 -21.68 13.82
N GLU S 62 104.70 -20.44 13.80
CA GLU S 62 105.36 -19.39 13.05
C GLU S 62 106.70 -18.98 13.68
N LEU S 63 106.72 -18.80 14.99
CA LEU S 63 107.97 -18.53 15.69
C LEU S 63 108.93 -19.70 15.49
N ALA S 64 108.42 -20.93 15.55
CA ALA S 64 109.24 -22.12 15.30
C ALA S 64 109.85 -22.07 13.89
N LEU S 65 109.05 -21.95 12.84
CA LEU S 65 109.62 -21.98 11.50
C LEU S 65 110.53 -20.78 11.25
N LYS S 66 110.27 -19.61 11.85
CA LYS S 66 111.22 -18.51 11.75
C LYS S 66 112.55 -18.88 12.39
N ALA S 67 112.53 -19.51 13.56
CA ALA S 67 113.76 -20.03 14.14
C ALA S 67 114.45 -21.02 13.19
N LEU S 68 113.69 -21.85 12.47
CA LEU S 68 114.29 -22.73 11.47
C LEU S 68 114.96 -21.93 10.35
N GLN S 69 114.33 -20.87 9.85
CA GLN S 69 115.00 -20.03 8.85
C GLN S 69 116.28 -19.40 9.41
N ILE S 70 116.26 -18.97 10.67
CA ILE S 70 117.46 -18.48 11.33
C ILE S 70 118.53 -19.57 11.34
N LEU S 71 118.17 -20.79 11.72
CA LEU S 71 119.12 -21.92 11.68
C LEU S 71 119.66 -22.12 10.27
N VAL S 72 118.84 -22.02 9.24
CA VAL S 72 119.34 -22.15 7.87
C VAL S 72 120.35 -21.05 7.58
N ASN S 73 120.04 -19.80 7.92
CA ASN S 73 120.97 -18.70 7.68
C ASN S 73 122.29 -18.94 8.45
N ALA S 74 122.21 -19.40 9.70
CA ALA S 74 123.39 -19.74 10.48
C ALA S 74 124.19 -20.87 9.83
N ALA S 75 123.50 -21.88 9.31
CA ALA S 75 124.15 -22.99 8.62
C ALA S 75 124.89 -22.48 7.38
N TYR S 76 124.31 -21.53 6.65
CA TYR S 76 124.99 -20.87 5.55
C TYR S 76 126.27 -20.18 6.03
N VAL S 77 126.23 -19.42 7.12
CA VAL S 77 127.44 -18.79 7.65
C VAL S 77 128.47 -19.84 8.06
N LEU S 78 128.05 -20.91 8.75
CA LEU S 78 128.96 -21.97 9.14
C LEU S 78 129.63 -22.57 7.90
N ALA S 79 128.83 -22.93 6.89
CA ALA S 79 129.33 -23.52 5.67
C ALA S 79 130.30 -22.57 4.95
N GLU S 80 129.96 -21.29 4.86
CA GLU S 80 130.80 -20.28 4.20
C GLU S 80 132.18 -20.20 4.81
N ILE S 81 132.27 -20.26 6.15
CA ILE S 81 133.56 -20.31 6.83
C ILE S 81 134.23 -21.66 6.52
N ALA S 82 133.54 -22.75 6.81
CA ALA S 82 134.10 -24.09 6.80
C ALA S 82 134.65 -24.52 5.42
N ARG S 83 133.94 -24.22 4.33
CA ARG S 83 134.37 -24.65 2.98
C ARG S 83 135.61 -23.89 2.48
N ASP S 84 135.76 -22.62 2.85
CA ASP S 84 136.98 -21.86 2.54
C ASP S 84 138.12 -22.19 3.51
N ARG S 85 137.80 -22.45 4.78
CA ARG S 85 138.75 -22.97 5.78
C ARG S 85 139.25 -24.37 5.42
N GLY S 86 138.47 -25.12 4.64
CA GLY S 86 138.81 -26.44 4.12
C GLY S 86 138.63 -27.59 5.11
N ASN S 87 137.65 -27.50 6.03
CA ASN S 87 137.46 -28.47 7.11
C ASN S 87 136.15 -29.26 7.00
N GLU S 88 136.23 -30.59 7.03
CA GLU S 88 135.06 -31.45 6.96
C GLU S 88 134.26 -31.52 8.26
N GLU S 89 134.89 -31.46 9.43
CA GLU S 89 134.18 -31.61 10.71
C GLU S 89 133.15 -30.51 10.92
N GLU S 90 133.50 -29.27 10.62
CA GLU S 90 132.55 -28.17 10.70
C GLU S 90 131.38 -28.37 9.72
N LEU S 91 131.66 -28.89 8.52
CA LEU S 91 130.63 -29.23 7.55
C LEU S 91 129.75 -30.39 8.06
N GLU S 92 130.34 -31.36 8.76
CA GLU S 92 129.62 -32.47 9.37
C GLU S 92 128.68 -31.96 10.48
N TYR S 93 129.15 -31.07 11.34
CA TYR S 93 128.30 -30.46 12.36
C TYR S 93 127.13 -29.74 11.70
N ALA S 94 127.39 -28.94 10.66
CA ALA S 94 126.36 -28.23 9.93
C ALA S 94 125.36 -29.19 9.27
N ALA S 95 125.84 -30.28 8.66
CA ALA S 95 124.96 -31.28 8.08
C ALA S 95 124.06 -31.92 9.14
N ARG S 96 124.63 -32.28 10.29
CA ARG S 96 123.85 -32.86 11.41
C ARG S 96 122.79 -31.88 11.90
N LEU S 97 123.16 -30.61 12.11
CA LEU S 97 122.22 -29.56 12.45
C LEU S 97 121.12 -29.45 11.40
N ALA S 98 121.49 -29.40 10.12
CA ALA S 98 120.54 -29.21 9.04
C ALA S 98 119.56 -30.38 8.96
N GLU S 99 120.02 -31.62 9.05
CA GLU S 99 119.14 -32.78 8.99
C GLU S 99 118.17 -32.81 10.19
N GLU S 100 118.65 -32.48 11.39
CA GLU S 100 117.81 -32.36 12.56
C GLU S 100 116.76 -31.26 12.37
N ALA S 101 117.17 -30.12 11.83
CA ALA S 101 116.24 -29.05 11.48
C ALA S 101 115.23 -29.56 10.45
N ALA S 102 115.66 -30.31 9.44
CA ALA S 102 114.76 -30.84 8.43
C ALA S 102 113.73 -31.76 9.08
N ARG S 103 114.15 -32.64 9.98
CA ARG S 103 113.23 -33.46 10.76
C ARG S 103 112.24 -32.61 11.55
N GLN S 104 112.71 -31.57 12.24
CA GLN S 104 111.81 -30.68 12.95
C GLN S 104 110.83 -30.01 11.98
N ALA S 105 111.30 -29.57 10.81
CA ALA S 105 110.47 -28.94 9.81
C ALA S 105 109.40 -29.90 9.31
N ILE S 106 109.78 -31.15 9.06
CA ILE S 106 108.85 -32.20 8.67
C ILE S 106 107.75 -32.32 9.72
N GLU S 107 108.08 -32.34 11.01
CA GLU S 107 107.07 -32.41 12.07
C GLU S 107 106.14 -31.19 12.05
N ILE S 108 106.69 -29.98 11.89
CA ILE S 108 105.88 -28.77 11.76
C ILE S 108 104.95 -28.92 10.56
N ALA S 109 105.49 -29.36 9.43
CA ALA S 109 104.76 -29.48 8.19
C ALA S 109 103.63 -30.51 8.34
N ALA S 110 103.91 -31.62 9.00
CA ALA S 110 102.92 -32.63 9.29
C ALA S 110 101.74 -32.01 10.04
N GLN S 111 102.01 -31.28 11.12
CA GLN S 111 100.94 -30.65 11.89
C GLN S 111 100.15 -29.66 11.03
N ALA S 112 100.84 -28.77 10.31
CA ALA S 112 100.18 -27.77 9.49
C ALA S 112 99.30 -28.42 8.40
N MET S 113 99.80 -29.45 7.73
CA MET S 113 99.08 -30.12 6.66
C MET S 113 97.94 -30.97 7.19
N GLU S 114 98.05 -31.54 8.38
CA GLU S 114 96.92 -32.19 9.04
C GLU S 114 95.84 -31.18 9.43
N GLU S 115 96.23 -30.05 10.02
CA GLU S 115 95.29 -28.99 10.42
C GLU S 115 94.66 -28.24 9.23
N GLY S 116 95.23 -28.34 8.03
CA GLY S 116 94.74 -27.61 6.86
C GLY S 116 95.15 -26.13 6.82
N ASN S 117 96.20 -25.77 7.56
CA ASN S 117 96.81 -24.45 7.50
C ASN S 117 97.86 -24.44 6.37
N LEU S 118 97.39 -24.27 5.14
CA LEU S 118 98.28 -24.28 3.98
C LEU S 118 99.32 -23.17 4.08
N GLU S 119 99.02 -22.07 4.77
CA GLU S 119 99.95 -20.96 4.95
C GLU S 119 101.22 -21.46 5.63
N LEU S 120 101.07 -22.06 6.81
CA LEU S 120 102.19 -22.63 7.54
C LEU S 120 102.83 -23.75 6.72
N ALA S 121 102.05 -24.55 6.01
CA ALA S 121 102.62 -25.61 5.18
C ALA S 121 103.57 -25.01 4.14
N LEU S 122 103.12 -24.03 3.36
CA LEU S 122 103.96 -23.37 2.37
C LEU S 122 105.21 -22.80 3.03
N LYS S 123 105.05 -22.11 4.16
CA LYS S 123 106.19 -21.55 4.89
C LYS S 123 107.18 -22.64 5.26
N ALA S 124 106.73 -23.72 5.88
CA ALA S 124 107.60 -24.82 6.26
C ALA S 124 108.30 -25.43 5.04
N LEU S 125 107.57 -25.64 3.95
CA LEU S 125 108.15 -26.21 2.74
C LEU S 125 109.25 -25.28 2.22
N GLN S 126 109.02 -23.97 2.19
CA GLN S 126 110.06 -23.01 1.78
C GLN S 126 111.26 -23.07 2.72
N ILE S 127 111.05 -23.25 4.01
CA ILE S 127 112.14 -23.48 4.96
C ILE S 127 112.92 -24.71 4.54
N ILE S 128 112.23 -25.80 4.18
CA ILE S 128 112.89 -27.03 3.73
C ILE S 128 113.70 -26.75 2.47
N VAL S 129 113.16 -26.01 1.51
CA VAL S 129 113.90 -25.64 0.29
C VAL S 129 115.17 -24.88 0.66
N ASN S 130 115.07 -23.91 1.55
CA ASN S 130 116.25 -23.13 1.92
C ASN S 130 117.28 -24.00 2.65
N ALA S 131 116.84 -24.82 3.61
CA ALA S 131 117.73 -25.73 4.32
C ALA S 131 118.43 -26.66 3.34
N ALA S 132 117.67 -27.23 2.43
CA ALA S 132 118.19 -28.09 1.39
C ALA S 132 119.22 -27.35 0.53
N TYR S 133 119.04 -26.06 0.25
CA TYR S 133 120.02 -25.34 -0.55
C TYR S 133 121.37 -25.26 0.16
N VAL S 134 121.35 -25.05 1.48
CA VAL S 134 122.60 -25.08 2.25
C VAL S 134 123.24 -26.47 2.16
N LEU S 135 122.46 -27.52 2.34
CA LEU S 135 122.97 -28.88 2.19
C LEU S 135 123.57 -29.13 0.80
N ALA S 136 122.94 -28.62 -0.27
CA ALA S 136 123.44 -28.80 -1.63
C ALA S 136 124.80 -28.13 -1.83
N GLU S 137 124.94 -26.89 -1.34
CA GLU S 137 126.20 -26.17 -1.43
C GLU S 137 127.30 -26.86 -0.61
N ILE S 138 126.97 -27.39 0.58
CA ILE S 138 127.90 -28.21 1.36
C ILE S 138 128.31 -29.45 0.55
N ALA S 139 127.34 -30.20 0.03
CA ALA S 139 127.55 -31.53 -0.55
C ALA S 139 128.48 -31.54 -1.77
N ARG S 140 128.35 -30.55 -2.67
CA ARG S 140 129.24 -30.42 -3.83
C ARG S 140 130.69 -30.20 -3.40
N ASP S 141 130.90 -29.26 -2.49
CA ASP S 141 132.25 -28.84 -2.13
C ASP S 141 132.93 -29.80 -1.15
N ARG S 142 132.14 -30.57 -0.36
CA ARG S 142 132.61 -31.70 0.46
C ARG S 142 132.86 -32.97 -0.36
N GLY S 143 132.18 -33.17 -1.48
CA GLY S 143 132.32 -34.34 -2.35
C GLY S 143 131.46 -35.53 -1.94
N ASN S 144 130.14 -35.36 -1.86
CA ASN S 144 129.18 -36.40 -1.51
C ASN S 144 127.92 -36.30 -2.38
N GLU S 145 127.90 -37.04 -3.49
CA GLU S 145 126.82 -36.96 -4.48
C GLU S 145 125.48 -37.45 -3.93
N GLU S 146 125.51 -38.38 -2.98
CA GLU S 146 124.32 -38.85 -2.28
C GLU S 146 123.74 -37.75 -1.39
N LEU S 147 124.58 -36.92 -0.78
CA LEU S 147 124.11 -35.77 -0.03
C LEU S 147 123.51 -34.71 -0.96
N LEU S 148 124.06 -34.56 -2.18
CA LEU S 148 123.36 -33.81 -3.22
C LEU S 148 122.01 -34.44 -3.53
N GLU S 149 121.90 -35.75 -3.62
CA GLU S 149 120.60 -36.39 -3.84
C GLU S 149 119.60 -36.03 -2.73
N LYS S 150 120.02 -36.13 -1.46
CA LYS S 150 119.18 -35.70 -0.33
C LYS S 150 118.76 -34.24 -0.48
N ALA S 151 119.71 -33.34 -0.69
CA ALA S 151 119.37 -31.95 -0.86
C ALA S 151 118.39 -31.74 -2.03
N ALA S 152 118.68 -32.32 -3.19
CA ALA S 152 117.89 -32.16 -4.40
C ALA S 152 116.46 -32.65 -4.18
N SER S 153 116.34 -33.87 -3.67
CA SER S 153 115.03 -34.44 -3.40
C SER S 153 114.28 -33.62 -2.36
N LEU S 154 114.93 -33.16 -1.30
CA LEU S 154 114.27 -32.35 -0.29
C LEU S 154 113.68 -31.09 -0.92
N ALA S 155 114.50 -30.37 -1.67
CA ALA S 155 114.10 -29.14 -2.31
C ALA S 155 113.01 -29.38 -3.37
N GLU S 156 113.20 -30.38 -4.23
CA GLU S 156 112.23 -30.69 -5.27
C GLU S 156 110.91 -31.09 -4.64
N ALA S 157 110.92 -32.00 -3.68
CA ALA S 157 109.72 -32.51 -3.06
C ALA S 157 108.98 -31.37 -2.37
N ALA S 158 109.68 -30.56 -1.59
CA ALA S 158 109.04 -29.48 -0.89
C ALA S 158 108.34 -28.53 -1.87
N ALA S 159 109.00 -28.15 -2.97
CA ALA S 159 108.41 -27.27 -3.99
C ALA S 159 107.34 -27.96 -4.84
N ALA S 160 107.42 -29.27 -5.04
CA ALA S 160 106.36 -30.01 -5.66
C ALA S 160 105.12 -30.03 -4.76
N LEU S 161 105.29 -30.18 -3.44
CA LEU S 161 104.16 -30.11 -2.54
C LEU S 161 103.54 -28.71 -2.58
N ALA S 162 104.36 -27.66 -2.57
CA ALA S 162 103.86 -26.30 -2.73
C ALA S 162 103.10 -26.13 -4.05
N GLU S 163 103.62 -26.67 -5.15
CA GLU S 163 102.93 -26.62 -6.42
C GLU S 163 101.59 -27.34 -6.33
N ALA S 164 101.58 -28.52 -5.72
CA ALA S 164 100.35 -29.27 -5.52
C ALA S 164 99.37 -28.46 -4.67
N ILE S 165 99.85 -27.74 -3.66
CA ILE S 165 99.00 -26.88 -2.84
C ILE S 165 98.38 -25.79 -3.71
N ALA S 166 99.16 -25.17 -4.59
CA ALA S 166 98.61 -24.21 -5.53
C ALA S 166 97.52 -24.85 -6.40
N ALA S 167 97.76 -26.08 -6.87
CA ALA S 167 96.77 -26.81 -7.65
C ALA S 167 95.52 -27.22 -6.84
N ILE S 168 95.62 -27.45 -5.52
CA ILE S 168 94.45 -27.63 -4.64
C ILE S 168 93.62 -26.35 -4.65
N LEU S 169 94.28 -25.20 -4.57
CA LEU S 169 93.61 -23.90 -4.51
C LEU S 169 92.98 -23.51 -5.86
N GLU S 170 93.61 -23.86 -6.98
CA GLU S 170 93.01 -23.75 -8.32
C GLU S 170 91.89 -24.79 -8.57
N GLY S 171 91.88 -25.91 -7.84
CA GLY S 171 90.85 -26.96 -7.90
C GLY S 171 91.09 -28.10 -8.90
N ASP S 172 92.14 -28.05 -9.71
CA ASP S 172 92.53 -29.14 -10.61
C ASP S 172 93.24 -30.26 -9.83
N VAL S 173 92.43 -31.07 -9.14
CA VAL S 173 92.92 -32.15 -8.30
C VAL S 173 93.73 -33.18 -9.11
N GLU S 174 93.44 -33.38 -10.40
CA GLU S 174 94.27 -34.27 -11.21
C GLU S 174 95.67 -33.70 -11.39
N LYS S 175 95.80 -32.43 -11.76
CA LYS S 175 97.11 -31.79 -11.88
C LYS S 175 97.84 -31.77 -10.53
N ALA S 176 97.12 -31.54 -9.43
CA ALA S 176 97.69 -31.64 -8.09
C ALA S 176 98.28 -33.04 -7.85
N VAL S 177 97.52 -34.09 -8.18
CA VAL S 177 97.99 -35.47 -8.08
C VAL S 177 99.17 -35.71 -9.01
N ARG S 178 99.18 -35.18 -10.23
CA ARG S 178 100.33 -35.31 -11.13
C ARG S 178 101.59 -34.74 -10.49
N ALA S 179 101.50 -33.55 -9.91
CA ALA S 179 102.61 -32.98 -9.16
C ALA S 179 102.99 -33.88 -7.97
N ALA S 180 102.02 -34.37 -7.20
CA ALA S 180 102.30 -35.21 -6.05
C ALA S 180 102.96 -36.54 -6.45
N GLN S 181 102.57 -37.14 -7.58
CA GLN S 181 103.18 -38.36 -8.10
C GLN S 181 104.66 -38.12 -8.35
N GLU S 182 105.00 -37.02 -9.00
CA GLU S 182 106.40 -36.67 -9.21
C GLU S 182 107.08 -36.40 -7.86
N ALA S 183 106.39 -35.77 -6.92
CA ALA S 183 106.94 -35.52 -5.58
C ALA S 183 107.34 -36.82 -4.89
N VAL S 184 106.43 -37.80 -4.82
CA VAL S 184 106.75 -39.06 -4.13
C VAL S 184 107.90 -39.77 -4.85
N LYS S 185 107.92 -39.76 -6.19
CA LYS S 185 109.03 -40.31 -6.95
C LYS S 185 110.35 -39.66 -6.56
N ALA S 186 110.39 -38.34 -6.53
CA ALA S 186 111.60 -37.60 -6.17
C ALA S 186 112.05 -37.94 -4.73
N ALA S 187 111.12 -37.90 -3.77
CA ALA S 187 111.44 -38.21 -2.39
C ALA S 187 111.98 -39.63 -2.28
N LYS S 188 111.33 -40.59 -2.93
CA LYS S 188 111.71 -42.00 -2.96
C LYS S 188 113.09 -42.21 -3.58
N GLU S 189 113.47 -41.40 -4.56
CA GLU S 189 114.79 -41.51 -5.19
C GLU S 189 115.94 -41.21 -4.24
N ALA S 190 115.74 -40.38 -3.21
CA ALA S 190 116.69 -40.31 -2.09
C ALA S 190 116.37 -41.31 -0.98
N GLY S 191 115.09 -41.51 -0.69
CA GLY S 191 114.60 -42.56 0.21
C GLY S 191 114.35 -42.15 1.68
N ASP S 192 114.27 -40.86 2.01
CA ASP S 192 113.99 -40.44 3.40
C ASP S 192 112.54 -40.68 3.82
N ASN S 193 112.32 -41.63 4.72
CA ASN S 193 111.01 -41.92 5.29
C ASN S 193 110.39 -40.71 5.99
N ASP S 194 111.18 -39.83 6.60
CA ASP S 194 110.60 -38.69 7.31
C ASP S 194 109.98 -37.70 6.33
N MET S 195 110.68 -37.33 5.26
CA MET S 195 110.09 -36.54 4.19
C MET S 195 108.88 -37.28 3.62
N LEU S 196 108.99 -38.58 3.37
CA LEU S 196 107.85 -39.34 2.89
C LEU S 196 106.67 -39.30 3.86
N ARG S 197 106.88 -39.19 5.17
CA ARG S 197 105.78 -38.99 6.14
C ARG S 197 105.07 -37.69 5.84
N ALA S 198 105.82 -36.61 5.65
CA ALA S 198 105.23 -35.35 5.24
C ALA S 198 104.48 -35.50 3.91
N VAL S 199 105.06 -36.17 2.93
CA VAL S 199 104.41 -36.37 1.63
C VAL S 199 103.09 -37.12 1.82
N ALA S 200 103.09 -38.17 2.62
CA ALA S 200 101.87 -38.93 2.91
C ALA S 200 100.81 -38.01 3.52
N ILE S 201 101.20 -37.16 4.46
CA ILE S 201 100.25 -36.24 5.09
C ILE S 201 99.77 -35.19 4.09
N ALA S 202 100.60 -34.79 3.13
CA ALA S 202 100.14 -33.94 2.03
C ALA S 202 99.09 -34.68 1.18
N ALA S 203 99.32 -35.96 0.87
CA ALA S 203 98.33 -36.74 0.16
C ALA S 203 97.03 -36.85 0.98
N LEU S 204 97.12 -36.99 2.30
CA LEU S 204 95.93 -36.93 3.15
C LEU S 204 95.21 -35.59 2.99
N ARG S 205 95.92 -34.45 3.00
CA ARG S 205 95.32 -33.14 2.73
C ARG S 205 94.59 -33.16 1.39
N ILE S 206 95.23 -33.64 0.33
CA ILE S 206 94.60 -33.73 -1.00
C ILE S 206 93.30 -34.54 -0.90
N ALA S 207 93.35 -35.72 -0.29
CA ALA S 207 92.17 -36.56 -0.13
C ALA S 207 91.06 -35.85 0.67
N LYS S 208 91.42 -35.21 1.78
CA LYS S 208 90.48 -34.50 2.65
C LYS S 208 89.79 -33.35 1.91
N GLU S 209 90.48 -32.65 1.03
CA GLU S 209 89.83 -31.66 0.16
C GLU S 209 88.98 -32.34 -0.93
N ALA S 210 89.45 -33.44 -1.53
CA ALA S 210 88.73 -34.13 -2.59
C ALA S 210 87.35 -34.66 -2.13
N GLU S 211 87.18 -35.00 -0.85
CA GLU S 211 85.88 -35.37 -0.28
C GLU S 211 84.82 -34.28 -0.46
N LYS S 212 85.21 -33.00 -0.48
CA LYS S 212 84.28 -31.88 -0.70
C LYS S 212 83.82 -31.79 -2.15
N GLN S 213 84.74 -32.08 -3.09
CA GLN S 213 84.51 -31.94 -4.53
C GLN S 213 83.70 -33.10 -5.12
N GLY S 214 83.80 -34.31 -4.55
CA GLY S 214 83.06 -35.48 -5.00
C GLY S 214 83.68 -36.23 -6.19
N ASN S 215 84.84 -35.82 -6.71
CA ASN S 215 85.59 -36.60 -7.69
C ASN S 215 86.30 -37.79 -7.03
N VAL S 216 85.52 -38.82 -6.68
CA VAL S 216 86.02 -40.02 -6.00
C VAL S 216 87.08 -40.75 -6.83
N GLU S 217 87.03 -40.70 -8.16
CA GLU S 217 88.05 -41.35 -9.00
C GLU S 217 89.42 -40.71 -8.79
N VAL S 218 89.52 -39.39 -8.89
CA VAL S 218 90.79 -38.72 -8.63
C VAL S 218 91.19 -38.85 -7.16
N ALA S 219 90.23 -38.85 -6.23
CA ALA S 219 90.54 -39.10 -4.82
C ALA S 219 91.24 -40.46 -4.62
N VAL S 220 90.79 -41.52 -5.31
CA VAL S 220 91.47 -42.82 -5.28
C VAL S 220 92.90 -42.71 -5.82
N LYS S 221 93.14 -41.92 -6.87
CA LYS S 221 94.49 -41.68 -7.37
C LYS S 221 95.35 -40.96 -6.33
N ALA S 222 94.79 -40.01 -5.60
CA ALA S 222 95.47 -39.39 -4.47
C ALA S 222 95.79 -40.41 -3.38
N ALA S 223 94.83 -41.28 -3.04
CA ALA S 223 95.11 -42.36 -2.09
C ALA S 223 96.22 -43.29 -2.61
N ARG S 224 96.28 -43.53 -3.93
CA ARG S 224 97.35 -44.33 -4.52
C ARG S 224 98.72 -43.68 -4.34
N VAL S 225 98.80 -42.36 -4.41
CA VAL S 225 100.02 -41.64 -3.99
C VAL S 225 100.25 -41.81 -2.51
N ALA S 226 99.19 -41.68 -1.69
CA ALA S 226 99.33 -41.74 -0.25
C ALA S 226 99.99 -43.05 0.19
N VAL S 227 99.46 -44.18 -0.28
CA VAL S 227 100.02 -45.49 0.07
C VAL S 227 101.43 -45.66 -0.49
N GLU S 228 101.75 -45.08 -1.66
CA GLU S 228 103.11 -45.19 -2.20
C GLU S 228 104.14 -44.68 -1.21
N ALA S 229 103.86 -43.55 -0.57
CA ALA S 229 104.70 -43.02 0.50
C ALA S 229 104.56 -43.83 1.79
N ALA S 230 103.32 -44.04 2.26
CA ALA S 230 103.08 -44.63 3.57
C ALA S 230 103.64 -46.06 3.69
N LYS S 231 103.69 -46.80 2.58
CA LYS S 231 104.28 -48.14 2.51
C LYS S 231 105.80 -48.13 2.72
N GLN S 232 106.48 -47.00 2.50
CA GLN S 232 107.88 -46.83 2.89
C GLN S 232 108.00 -46.49 4.38
N ALA S 233 107.17 -45.55 4.85
CA ALA S 233 107.28 -44.98 6.20
C ALA S 233 106.81 -45.90 7.32
N GLY S 234 105.72 -46.65 7.12
CA GLY S 234 105.28 -47.73 8.01
C GLY S 234 104.65 -47.32 9.36
N ASP S 235 104.42 -46.04 9.63
CA ASP S 235 103.77 -45.61 10.87
C ASP S 235 102.28 -45.93 10.86
N ASN S 236 101.86 -46.73 11.85
CA ASN S 236 100.52 -47.29 11.89
C ASN S 236 99.44 -46.21 11.95
N ASP S 237 99.65 -45.13 12.70
CA ASP S 237 98.65 -44.07 12.79
C ASP S 237 98.48 -43.36 11.45
N VAL S 238 99.57 -43.12 10.73
CA VAL S 238 99.50 -42.58 9.37
C VAL S 238 98.71 -43.55 8.49
N LEU S 239 99.06 -44.83 8.51
CA LEU S 239 98.33 -45.84 7.75
C LEU S 239 96.85 -45.89 8.13
N ARG S 240 96.50 -45.74 9.41
CA ARG S 240 95.11 -45.76 9.88
C ARG S 240 94.36 -44.55 9.39
N LYS S 241 94.98 -43.37 9.40
CA LYS S 241 94.41 -42.17 8.80
C LYS S 241 94.15 -42.41 7.31
N VAL S 242 95.12 -42.98 6.59
CA VAL S 242 94.97 -43.35 5.18
C VAL S 242 93.80 -44.31 4.98
N ALA S 243 93.69 -45.35 5.81
CA ALA S 243 92.57 -46.28 5.73
C ALA S 243 91.23 -45.58 5.97
N GLU S 244 91.13 -44.70 6.97
CA GLU S 244 89.89 -43.97 7.23
C GLU S 244 89.49 -43.11 6.04
N GLN S 245 90.43 -42.36 5.46
CA GLN S 245 90.18 -41.62 4.22
C GLN S 245 89.72 -42.56 3.09
N ALA S 246 90.38 -43.71 2.92
CA ALA S 246 90.00 -44.65 1.85
C ALA S 246 88.58 -45.19 2.05
N LEU S 247 88.18 -45.49 3.29
CA LEU S 247 86.82 -45.89 3.60
C LEU S 247 85.82 -44.75 3.39
N ARG S 248 86.16 -43.52 3.77
CA ARG S 248 85.32 -42.35 3.49
C ARG S 248 85.10 -42.22 1.98
N ILE S 249 86.16 -42.31 1.18
CA ILE S 249 86.07 -42.26 -0.29
C ILE S 249 85.20 -43.41 -0.81
N ALA S 250 85.38 -44.62 -0.30
CA ALA S 250 84.55 -45.75 -0.70
C ALA S 250 83.06 -45.51 -0.38
N LYS S 251 82.74 -45.01 0.82
CA LYS S 251 81.36 -44.68 1.22
C LYS S 251 80.74 -43.63 0.31
N GLU S 252 81.48 -42.59 -0.06
CA GLU S 252 80.98 -41.61 -1.03
C GLU S 252 80.79 -42.23 -2.41
N ALA S 253 81.67 -43.12 -2.86
CA ALA S 253 81.50 -43.83 -4.13
C ALA S 253 80.25 -44.74 -4.13
N GLU S 254 79.90 -45.35 -2.99
CA GLU S 254 78.61 -46.05 -2.82
C GLU S 254 77.42 -45.09 -2.98
N LYS S 255 77.44 -43.94 -2.30
CA LYS S 255 76.36 -42.94 -2.37
C LYS S 255 76.18 -42.39 -3.79
N GLN S 256 77.29 -42.16 -4.50
CA GLN S 256 77.31 -41.77 -5.91
C GLN S 256 76.94 -42.91 -6.87
N GLY S 257 76.82 -44.15 -6.38
CA GLY S 257 76.54 -45.33 -7.19
C GLY S 257 77.71 -45.81 -8.06
N ASN S 258 78.87 -45.18 -7.98
CA ASN S 258 80.07 -45.61 -8.70
C ASN S 258 80.76 -46.77 -7.96
N VAL S 259 80.09 -47.92 -7.96
CA VAL S 259 80.57 -49.13 -7.27
C VAL S 259 81.91 -49.61 -7.84
N GLU S 260 82.22 -49.36 -9.11
CA GLU S 260 83.54 -49.69 -9.66
C GLU S 260 84.65 -48.90 -8.95
N VAL S 261 84.49 -47.58 -8.83
CA VAL S 261 85.44 -46.77 -8.06
C VAL S 261 85.41 -47.17 -6.59
N ALA S 262 84.25 -47.48 -6.01
CA ALA S 262 84.19 -47.94 -4.62
C ALA S 262 85.06 -49.19 -4.40
N VAL S 263 84.97 -50.18 -5.28
CA VAL S 263 85.79 -51.40 -5.19
C VAL S 263 87.27 -51.06 -5.30
N LYS S 264 87.63 -50.16 -6.21
CA LYS S 264 89.03 -49.72 -6.33
C LYS S 264 89.48 -48.94 -5.09
N ALA S 265 88.61 -48.15 -4.48
CA ALA S 265 88.88 -47.45 -3.22
C ALA S 265 89.17 -48.46 -2.11
N ALA S 266 88.35 -49.51 -2.01
CA ALA S 266 88.62 -50.61 -1.10
C ALA S 266 89.94 -51.30 -1.45
N ARG S 267 90.27 -51.47 -2.73
CA ARG S 267 91.53 -52.11 -3.15
C ARG S 267 92.75 -51.33 -2.63
N VAL S 268 92.67 -50.01 -2.63
CA VAL S 268 93.70 -49.18 -1.99
C VAL S 268 93.60 -49.27 -0.46
N ALA S 269 92.39 -49.27 0.10
CA ALA S 269 92.21 -49.34 1.55
C ALA S 269 92.89 -50.58 2.13
N VAL S 270 92.65 -51.75 1.55
CA VAL S 270 93.28 -53.00 2.01
C VAL S 270 94.79 -52.97 1.76
N GLU S 271 95.26 -52.39 0.67
CA GLU S 271 96.70 -52.27 0.41
C GLU S 271 97.39 -51.60 1.60
N ALA S 272 96.82 -50.49 2.09
CA ALA S 272 97.35 -49.80 3.25
C ALA S 272 97.13 -50.61 4.54
N ALA S 273 95.91 -51.08 4.79
CA ALA S 273 95.58 -51.76 6.04
C ALA S 273 96.41 -53.03 6.26
N LYS S 274 96.77 -53.73 5.19
CA LYS S 274 97.64 -54.91 5.22
C LYS S 274 99.04 -54.58 5.76
N GLN S 275 99.54 -53.36 5.55
CA GLN S 275 100.84 -52.97 6.09
C GLN S 275 100.79 -52.79 7.62
N ALA S 276 99.66 -52.28 8.13
CA ALA S 276 99.46 -52.01 9.55
C ALA S 276 99.09 -53.27 10.36
N GLY S 277 98.26 -54.15 9.82
CA GLY S 277 97.82 -55.37 10.51
C GLY S 277 96.87 -55.13 11.69
N ASP S 278 96.26 -53.95 11.80
CA ASP S 278 95.31 -53.63 12.87
C ASP S 278 93.96 -54.34 12.63
N ASN S 279 93.62 -55.28 13.51
CA ASN S 279 92.42 -56.09 13.36
C ASN S 279 91.15 -55.24 13.33
N ASP S 280 91.05 -54.19 14.14
CA ASP S 280 89.83 -53.37 14.18
C ASP S 280 89.61 -52.69 12.85
N VAL S 281 90.68 -52.12 12.29
CA VAL S 281 90.64 -51.56 10.93
C VAL S 281 90.25 -52.65 9.95
N LEU S 282 90.98 -53.77 9.93
CA LEU S 282 90.77 -54.80 8.91
C LEU S 282 89.36 -55.39 8.94
N ARG S 283 88.76 -55.55 10.12
CA ARG S 283 87.35 -55.98 10.25
C ARG S 283 86.39 -54.91 9.77
N LYS S 284 86.59 -53.63 10.15
CA LYS S 284 85.77 -52.52 9.66
C LYS S 284 85.85 -52.40 8.14
N VAL S 285 87.06 -52.53 7.59
CA VAL S 285 87.33 -52.51 6.14
C VAL S 285 86.60 -53.65 5.46
N ALA S 286 86.78 -54.90 5.91
CA ALA S 286 86.13 -56.04 5.29
C ALA S 286 84.60 -55.93 5.37
N GLU S 287 84.06 -55.45 6.49
CA GLU S 287 82.62 -55.23 6.66
C GLU S 287 82.11 -54.23 5.61
N GLN S 288 82.73 -53.06 5.51
CA GLN S 288 82.33 -52.10 4.49
C GLN S 288 82.54 -52.68 3.08
N ALA S 289 83.56 -53.51 2.85
CA ALA S 289 83.77 -54.11 1.54
C ALA S 289 82.63 -55.08 1.16
N LEU S 290 82.02 -55.76 2.12
CA LEU S 290 80.78 -56.49 1.87
C LEU S 290 79.60 -55.54 1.65
N GLU S 291 79.53 -54.38 2.30
CA GLU S 291 78.52 -53.38 1.95
C GLU S 291 78.68 -52.91 0.49
N ILE S 292 79.91 -52.74 0.02
CA ILE S 292 80.18 -52.44 -1.40
C ILE S 292 79.70 -53.60 -2.27
N ALA S 293 79.99 -54.85 -1.89
CA ALA S 293 79.52 -56.01 -2.65
C ALA S 293 77.97 -56.06 -2.73
N LYS S 294 77.29 -55.77 -1.62
CA LYS S 294 75.81 -55.65 -1.57
C LYS S 294 75.34 -54.56 -2.51
N LYS S 295 75.95 -53.37 -2.50
CA LYS S 295 75.57 -52.30 -3.43
C LYS S 295 75.84 -52.67 -4.89
N ALA S 296 76.95 -53.35 -5.19
CA ALA S 296 77.23 -53.83 -6.54
C ALA S 296 76.18 -54.86 -7.03
N ALA S 297 75.72 -55.75 -6.13
CA ALA S 297 74.61 -56.65 -6.41
C ALA S 297 73.30 -55.88 -6.64
N GLU S 298 72.99 -54.88 -5.81
CA GLU S 298 71.79 -54.06 -5.96
C GLU S 298 71.79 -53.22 -7.25
N GLN S 299 72.96 -52.76 -7.69
CA GLN S 299 73.15 -52.16 -9.02
C GLN S 299 73.14 -53.20 -10.17
N GLY S 300 73.23 -54.50 -9.86
CA GLY S 300 73.28 -55.58 -10.85
C GLY S 300 74.60 -55.70 -11.62
N ASP S 301 75.66 -55.04 -11.16
CA ASP S 301 76.97 -55.08 -11.81
C ASP S 301 77.73 -56.35 -11.43
N VAL S 302 77.44 -57.45 -12.12
CA VAL S 302 77.89 -58.81 -11.77
C VAL S 302 79.41 -58.89 -11.59
N GLY S 303 80.18 -58.47 -12.59
CA GLY S 303 81.64 -58.54 -12.53
C GLY S 303 82.21 -57.64 -11.44
N VAL S 304 81.66 -56.44 -11.25
CA VAL S 304 82.06 -55.55 -10.16
C VAL S 304 81.76 -56.21 -8.81
N MET S 305 80.64 -56.91 -8.68
CA MET S 305 80.34 -57.65 -7.46
C MET S 305 81.31 -58.83 -7.26
N GLN S 306 81.68 -59.56 -8.30
CA GLN S 306 82.73 -60.58 -8.22
C GLN S 306 84.07 -59.99 -7.74
N LYS S 307 84.43 -58.80 -8.24
CA LYS S 307 85.60 -58.08 -7.76
C LYS S 307 85.42 -57.59 -6.32
N ALA S 308 84.24 -57.09 -5.95
CA ALA S 308 83.94 -56.63 -4.60
C ALA S 308 84.08 -57.77 -3.59
N MET S 309 83.54 -58.94 -3.95
CA MET S 309 83.77 -60.20 -3.24
C MET S 309 85.27 -60.46 -3.11
N ASP S 310 86.00 -60.48 -4.22
CA ASP S 310 87.43 -60.79 -4.21
C ASP S 310 88.21 -59.86 -3.27
N VAL S 311 87.96 -58.55 -3.35
CA VAL S 311 88.59 -57.55 -2.47
C VAL S 311 88.17 -57.73 -1.02
N ALA S 312 86.87 -57.86 -0.74
CA ALA S 312 86.37 -58.05 0.62
C ALA S 312 86.97 -59.32 1.23
N LEU S 313 87.05 -60.40 0.44
CA LEU S 313 87.64 -61.66 0.83
C LEU S 313 89.12 -61.50 1.13
N ARG S 314 89.88 -60.84 0.25
CA ARG S 314 91.30 -60.61 0.52
C ARG S 314 91.49 -59.76 1.78
N ALA S 315 90.63 -58.78 2.01
CA ALA S 315 90.65 -57.99 3.24
C ALA S 315 90.38 -58.85 4.47
N ALA S 316 89.34 -59.68 4.42
CA ALA S 316 89.06 -60.66 5.47
C ALA S 316 90.25 -61.61 5.69
N GLY S 317 90.94 -62.00 4.62
CA GLY S 317 92.12 -62.86 4.64
C GLY S 317 93.33 -62.28 5.38
N GLN S 318 93.29 -61.01 5.79
CA GLN S 318 94.34 -60.40 6.60
C GLN S 318 94.05 -60.41 8.13
N ALA S 319 92.83 -60.77 8.56
CA ALA S 319 92.40 -60.76 9.97
C ALA S 319 91.42 -61.90 10.31
N PRO T 4 57.47 89.48 -37.39
CA PRO T 4 58.39 88.69 -38.23
C PRO T 4 58.03 88.72 -39.73
N ARG T 5 57.01 87.98 -40.18
CA ARG T 5 56.71 87.77 -41.62
C ARG T 5 56.49 89.05 -42.41
N LEU T 6 55.98 90.08 -41.77
CA LEU T 6 55.89 91.43 -42.34
C LEU T 6 57.24 91.89 -42.93
N VAL T 7 58.32 91.71 -42.19
CA VAL T 7 59.65 92.17 -42.61
C VAL T 7 60.06 91.46 -43.89
N LEU T 8 59.84 90.16 -43.96
CA LEU T 8 60.12 89.41 -45.18
C LEU T 8 59.31 89.97 -46.35
N ARG T 9 58.00 90.17 -46.18
CA ARG T 9 57.17 90.76 -47.24
C ARG T 9 57.73 92.10 -47.70
N ALA T 10 58.11 92.95 -46.75
CA ALA T 10 58.65 94.26 -47.09
C ALA T 10 59.94 94.11 -47.89
N LEU T 11 60.88 93.28 -47.44
CA LEU T 11 62.13 93.08 -48.16
C LEU T 11 61.87 92.52 -49.56
N GLU T 12 61.01 91.53 -49.70
CA GLU T 12 60.65 90.98 -51.01
C GLU T 12 60.12 92.11 -51.90
N ASN T 13 59.20 92.89 -51.38
CA ASN T 13 58.58 93.93 -52.18
C ASN T 13 59.57 95.06 -52.48
N MET T 14 60.54 95.31 -51.60
CA MET T 14 61.64 96.20 -51.94
C MET T 14 62.42 95.64 -53.11
N VAL T 15 62.69 94.33 -53.14
CA VAL T 15 63.33 93.73 -54.31
C VAL T 15 62.45 93.90 -55.54
N ARG T 16 61.14 93.70 -55.44
CA ARG T 16 60.24 93.98 -56.57
C ARG T 16 60.47 95.39 -57.07
N ALA T 17 60.48 96.35 -56.15
CA ALA T 17 60.64 97.74 -56.52
C ALA T 17 61.96 97.93 -57.26
N ALA T 18 63.06 97.47 -56.69
CA ALA T 18 64.36 97.63 -57.32
C ALA T 18 64.37 96.97 -58.71
N HIS T 19 63.76 95.80 -58.85
CA HIS T 19 63.68 95.11 -60.13
C HIS T 19 62.92 95.97 -61.14
N THR T 20 61.75 96.48 -60.77
CA THR T 20 61.02 97.38 -61.65
C THR T 20 61.84 98.63 -61.97
N LEU T 21 62.60 99.14 -61.00
CA LEU T 21 63.34 100.37 -61.19
C LEU T 21 64.40 100.17 -62.26
N ALA T 22 65.09 99.03 -62.25
CA ALA T 22 65.99 98.65 -63.31
C ALA T 22 65.25 98.40 -64.63
N GLU T 23 64.10 97.71 -64.58
CA GLU T 23 63.31 97.42 -65.79
C GLU T 23 62.97 98.71 -66.54
N ILE T 24 62.56 99.76 -65.81
CA ILE T 24 62.25 101.06 -66.40
C ILE T 24 63.54 101.76 -66.84
N ALA T 25 64.55 101.81 -65.97
CA ALA T 25 65.73 102.65 -66.18
C ALA T 25 66.51 102.30 -67.45
N ARG T 26 66.53 101.03 -67.88
CA ARG T 26 67.32 100.60 -69.04
C ARG T 26 66.83 101.12 -70.39
N ASP T 27 65.61 101.62 -70.48
CA ASP T 27 65.16 102.34 -71.68
C ASP T 27 65.75 103.76 -71.75
N ASN T 28 65.83 104.45 -70.61
CA ASN T 28 66.38 105.80 -70.53
C ASN T 28 67.91 105.82 -70.51
N GLY T 29 68.53 104.80 -69.92
CA GLY T 29 69.90 104.90 -69.40
C GLY T 29 69.96 105.68 -68.09
N ASN T 30 68.94 105.58 -67.23
CA ASN T 30 68.88 106.33 -65.98
C ASN T 30 69.78 105.70 -64.90
N GLU T 31 71.07 106.04 -64.93
CA GLU T 31 72.04 105.53 -63.96
C GLU T 31 71.64 105.86 -62.52
N GLU T 32 71.03 107.01 -62.25
CA GLU T 32 70.62 107.38 -60.90
C GLU T 32 69.55 106.42 -60.35
N TRP T 33 68.57 106.03 -61.17
CA TRP T 33 67.59 105.02 -60.80
C TRP T 33 68.28 103.66 -60.58
N LEU T 34 69.22 103.29 -61.44
CA LEU T 34 70.01 102.07 -61.24
C LEU T 34 70.84 102.15 -59.95
N GLU T 35 71.40 103.31 -59.62
CA GLU T 35 72.18 103.51 -58.40
C GLU T 35 71.29 103.39 -57.16
N ARG T 36 70.11 104.02 -57.18
CA ARG T 36 69.11 103.84 -56.12
C ARG T 36 68.76 102.38 -55.96
N ALA T 37 68.48 101.69 -57.06
CA ALA T 37 68.18 100.26 -57.02
C ALA T 37 69.34 99.46 -56.41
N ALA T 38 70.58 99.72 -56.84
CA ALA T 38 71.74 98.99 -56.35
C ALA T 38 71.92 99.18 -54.85
N ARG T 39 71.79 100.42 -54.38
CA ARG T 39 71.89 100.75 -52.95
C ARG T 39 70.79 100.05 -52.16
N LEU T 40 69.57 100.02 -52.67
CA LEU T 40 68.50 99.24 -52.07
C LEU T 40 68.86 97.75 -52.04
N ALA T 41 69.38 97.19 -53.12
CA ALA T 41 69.69 95.77 -53.17
C ALA T 41 70.78 95.41 -52.16
N GLU T 42 71.80 96.26 -52.02
CA GLU T 42 72.82 96.07 -51.00
C GLU T 42 72.19 96.12 -49.60
N GLU T 43 71.36 97.12 -49.32
CA GLU T 43 70.65 97.21 -48.04
C GLU T 43 69.84 95.94 -47.78
N VAL T 44 69.11 95.45 -48.78
CA VAL T 44 68.34 94.23 -48.65
C VAL T 44 69.26 93.08 -48.31
N ALA T 45 70.40 92.94 -48.98
CA ALA T 45 71.33 91.88 -48.63
C ALA T 45 71.76 92.01 -47.17
N ARG T 46 72.17 93.22 -46.75
CA ARG T 46 72.64 93.47 -45.38
C ARG T 46 71.57 93.12 -44.34
N ARG T 47 70.35 93.62 -44.52
CA ARG T 47 69.24 93.31 -43.60
C ARG T 47 68.92 91.82 -43.66
N ALA T 48 68.88 91.23 -44.83
CA ALA T 48 68.56 89.82 -44.98
C ALA T 48 69.59 88.93 -44.30
N GLU T 49 70.88 89.26 -44.37
CA GLU T 49 71.89 88.51 -43.65
C GLU T 49 71.65 88.57 -42.14
N ARG T 50 71.39 89.76 -41.60
CA ARG T 50 71.00 89.94 -40.19
C ARG T 50 69.79 89.06 -39.87
N LEU T 51 68.78 89.08 -40.72
CA LEU T 51 67.59 88.27 -40.55
C LEU T 51 67.97 86.78 -40.50
N ALA T 52 68.80 86.31 -41.44
CA ALA T 52 69.22 84.92 -41.47
C ALA T 52 69.97 84.51 -40.20
N ARG T 53 70.91 85.34 -39.74
CA ARG T 53 71.63 85.09 -38.49
C ARG T 53 70.66 84.98 -37.31
N GLU T 54 69.73 85.92 -37.18
CA GLU T 54 68.74 85.88 -36.10
C GLU T 54 67.83 84.66 -36.23
N ALA T 55 67.33 84.35 -37.42
CA ALA T 55 66.48 83.20 -37.65
C ALA T 55 67.20 81.89 -37.27
N ARG T 56 68.51 81.81 -37.49
CA ARG T 56 69.31 80.65 -37.09
C ARG T 56 69.30 80.43 -35.58
N LYS T 57 69.08 81.48 -34.78
CA LYS T 57 68.80 81.37 -33.34
C LYS T 57 67.33 81.05 -33.07
N GLU T 58 66.40 81.71 -33.76
CA GLU T 58 64.96 81.56 -33.51
C GLU T 58 64.38 80.18 -33.91
N GLY T 59 64.98 79.47 -34.86
CA GLY T 59 64.59 78.09 -35.21
C GLY T 59 63.39 77.94 -36.15
N ASN T 60 62.79 79.03 -36.63
CA ASN T 60 61.84 78.94 -37.74
C ASN T 60 62.58 78.96 -39.08
N LEU T 61 62.92 77.76 -39.58
CA LEU T 61 63.69 77.61 -40.81
C LEU T 61 62.97 78.21 -42.02
N GLU T 62 61.65 78.29 -42.02
CA GLU T 62 60.94 78.89 -43.15
C GLU T 62 61.27 80.37 -43.29
N LEU T 63 61.37 81.10 -42.19
CA LEU T 63 61.75 82.51 -42.25
C LEU T 63 63.12 82.62 -42.91
N ALA T 64 64.06 81.78 -42.49
CA ALA T 64 65.39 81.76 -43.06
C ALA T 64 65.34 81.45 -44.56
N LEU T 65 64.73 80.34 -44.97
CA LEU T 65 64.77 79.98 -46.37
C LEU T 65 64.05 81.01 -47.23
N LYS T 66 62.97 81.62 -46.74
CA LYS T 66 62.34 82.72 -47.48
C LYS T 66 63.30 83.89 -47.60
N ALA T 67 63.98 84.27 -46.52
CA ALA T 67 65.01 85.29 -46.60
C ALA T 67 66.07 84.90 -47.63
N LEU T 68 66.45 83.63 -47.70
CA LEU T 68 67.42 83.17 -48.68
C LEU T 68 66.87 83.32 -50.09
N GLN T 69 65.61 82.99 -50.34
CA GLN T 69 65.03 83.24 -51.66
C GLN T 69 65.04 84.73 -51.99
N ILE T 70 64.73 85.58 -51.01
CA ILE T 70 64.84 87.02 -51.19
C ILE T 70 66.28 87.38 -51.54
N LEU T 71 67.27 86.83 -50.86
CA LEU T 71 68.68 87.08 -51.17
C LEU T 71 68.99 86.66 -52.60
N VAL T 72 68.48 85.52 -53.05
CA VAL T 72 68.68 85.11 -54.43
C VAL T 72 68.09 86.14 -55.37
N ASN T 73 66.86 86.55 -55.12
CA ASN T 73 66.20 87.55 -55.95
C ASN T 73 67.01 88.85 -55.98
N ALA T 74 67.49 89.30 -54.81
CA ALA T 74 68.30 90.51 -54.71
C ALA T 74 69.61 90.34 -55.48
N ALA T 75 70.23 89.16 -55.41
CA ALA T 75 71.45 88.89 -56.15
C ALA T 75 71.19 88.97 -57.65
N TYR T 76 70.04 88.49 -58.11
CA TYR T 76 69.62 88.67 -59.50
C TYR T 76 69.53 90.16 -59.85
N VAL T 77 68.88 90.97 -59.02
CA VAL T 77 68.83 92.42 -59.26
C VAL T 77 70.23 93.03 -59.29
N LEU T 78 71.12 92.66 -58.36
CA LEU T 78 72.49 93.15 -58.36
C LEU T 78 73.15 92.79 -59.69
N ALA T 79 73.06 91.53 -60.10
CA ALA T 79 73.68 91.06 -61.33
C ALA T 79 73.14 91.79 -62.55
N GLU T 80 71.82 92.02 -62.63
CA GLU T 80 71.20 92.72 -63.74
C GLU T 80 71.75 94.14 -63.89
N ILE T 81 71.94 94.86 -62.78
CA ILE T 81 72.54 96.20 -62.81
C ILE T 81 74.03 96.10 -63.17
N ALA T 82 74.72 95.18 -62.53
CA ALA T 82 76.16 95.01 -62.66
C ALA T 82 76.59 94.68 -64.10
N ARG T 83 75.92 93.73 -64.75
CA ARG T 83 76.36 93.24 -66.07
C ARG T 83 76.32 94.31 -67.16
N ASP T 84 75.39 95.25 -67.07
CA ASP T 84 75.29 96.36 -68.03
C ASP T 84 76.24 97.51 -67.69
N ARG T 85 76.60 97.71 -66.41
CA ARG T 85 77.75 98.56 -66.04
C ARG T 85 79.09 97.93 -66.44
N GLY T 86 79.18 96.60 -66.46
CA GLY T 86 80.36 95.82 -66.86
C GLY T 86 81.48 95.71 -65.80
N ASN T 87 81.31 96.29 -64.62
CA ASN T 87 82.29 96.28 -63.54
C ASN T 87 82.38 94.91 -62.84
N GLU T 88 83.57 94.50 -62.44
CA GLU T 88 83.75 93.23 -61.73
C GLU T 88 83.33 93.28 -60.27
N GLU T 89 83.66 94.33 -59.52
CA GLU T 89 83.31 94.43 -58.10
C GLU T 89 81.79 94.30 -57.87
N GLU T 90 81.00 94.93 -58.73
CA GLU T 90 79.54 94.85 -58.72
C GLU T 90 79.03 93.41 -58.90
N LEU T 91 79.80 92.54 -59.57
CA LEU T 91 79.53 91.11 -59.67
C LEU T 91 80.14 90.35 -58.48
N GLU T 92 81.35 90.73 -58.06
CA GLU T 92 82.12 90.08 -57.01
C GLU T 92 81.38 90.10 -55.67
N TYR T 93 80.88 91.25 -55.24
CA TYR T 93 80.16 91.36 -53.97
C TYR T 93 78.95 90.44 -53.96
N ALA T 94 78.16 90.46 -55.04
CA ALA T 94 77.00 89.59 -55.20
C ALA T 94 77.40 88.11 -55.17
N ALA T 95 78.49 87.74 -55.86
CA ALA T 95 78.98 86.38 -55.85
C ALA T 95 79.37 85.95 -54.44
N ARG T 96 80.13 86.78 -53.71
CA ARG T 96 80.53 86.49 -52.32
C ARG T 96 79.33 86.33 -51.41
N LEU T 97 78.36 87.25 -51.51
CA LEU T 97 77.11 87.15 -50.77
C LEU T 97 76.40 85.85 -51.10
N ALA T 98 76.25 85.54 -52.39
CA ALA T 98 75.53 84.35 -52.82
C ALA T 98 76.22 83.08 -52.32
N GLU T 99 77.55 83.04 -52.33
CA GLU T 99 78.28 81.87 -51.84
C GLU T 99 78.01 81.62 -50.36
N GLU T 100 78.21 82.60 -49.48
CA GLU T 100 77.93 82.42 -48.06
C GLU T 100 76.43 82.24 -47.79
N ALA T 101 75.56 82.82 -48.60
CA ALA T 101 74.14 82.53 -48.51
C ALA T 101 73.90 81.05 -48.81
N ALA T 102 74.41 80.54 -49.92
CA ALA T 102 74.26 79.14 -50.28
C ALA T 102 74.90 78.24 -49.21
N ARG T 103 76.07 78.60 -48.70
CA ARG T 103 76.72 77.83 -47.66
C ARG T 103 75.84 77.77 -46.40
N GLN T 104 75.29 78.90 -45.97
CA GLN T 104 74.35 78.90 -44.85
C GLN T 104 73.09 78.11 -45.17
N ALA T 105 72.58 78.21 -46.39
CA ALA T 105 71.44 77.41 -46.82
C ALA T 105 71.75 75.91 -46.70
N ILE T 106 72.97 75.51 -47.03
CA ILE T 106 73.36 74.11 -46.89
C ILE T 106 73.28 73.71 -45.42
N GLU T 107 73.68 74.58 -44.48
CA GLU T 107 73.48 74.28 -43.06
C GLU T 107 71.99 74.11 -42.73
N ILE T 108 71.13 74.98 -43.24
CA ILE T 108 69.68 74.85 -43.05
C ILE T 108 69.20 73.49 -43.59
N ALA T 109 69.61 73.15 -44.81
CA ALA T 109 69.23 71.90 -45.44
C ALA T 109 69.73 70.70 -44.63
N ALA T 110 70.97 70.76 -44.16
CA ALA T 110 71.55 69.73 -43.34
C ALA T 110 70.72 69.50 -42.08
N GLN T 111 70.40 70.56 -41.35
CA GLN T 111 69.58 70.45 -40.15
C GLN T 111 68.23 69.81 -40.47
N ALA T 112 67.54 70.31 -41.49
CA ALA T 112 66.23 69.81 -41.86
C ALA T 112 66.26 68.31 -42.22
N MET T 113 67.26 67.88 -42.99
CA MET T 113 67.41 66.48 -43.36
C MET T 113 67.78 65.61 -42.15
N GLU T 114 68.58 66.11 -41.23
CA GLU T 114 68.89 65.39 -40.00
C GLU T 114 67.65 65.24 -39.11
N GLU T 115 66.84 66.29 -38.97
CA GLU T 115 65.57 66.22 -38.26
C GLU T 115 64.51 65.36 -38.98
N GLY T 116 64.69 65.08 -40.27
CA GLY T 116 63.75 64.27 -41.07
C GLY T 116 62.51 65.03 -41.54
N ASN T 117 62.59 66.36 -41.64
CA ASN T 117 61.52 67.18 -42.21
C ASN T 117 61.76 67.36 -43.73
N LEU T 118 61.17 66.47 -44.53
CA LEU T 118 61.39 66.51 -45.96
C LEU T 118 60.89 67.82 -46.57
N GLU T 119 59.85 68.43 -46.01
CA GLU T 119 59.27 69.66 -46.54
C GLU T 119 60.34 70.75 -46.61
N LEU T 120 60.95 71.02 -45.46
CA LEU T 120 62.01 72.01 -45.35
C LEU T 120 63.20 71.60 -46.20
N ALA T 121 63.52 70.31 -46.26
CA ALA T 121 64.61 69.85 -47.11
C ALA T 121 64.34 70.26 -48.56
N LEU T 122 63.19 69.87 -49.10
CA LEU T 122 62.81 70.19 -50.48
C LEU T 122 62.87 71.71 -50.70
N LYS T 123 62.28 72.49 -49.80
CA LYS T 123 62.30 73.95 -49.89
C LYS T 123 63.75 74.44 -49.96
N ALA T 124 64.59 74.04 -49.02
CA ALA T 124 65.96 74.52 -48.97
C ALA T 124 66.72 74.12 -50.22
N LEU T 125 66.59 72.88 -50.66
CA LEU T 125 67.26 72.39 -51.85
C LEU T 125 66.83 73.22 -53.06
N GLN T 126 65.54 73.52 -53.19
CA GLN T 126 65.06 74.40 -54.26
C GLN T 126 65.69 75.78 -54.18
N ILE T 127 65.78 76.34 -52.98
CA ILE T 127 66.48 77.60 -52.78
C ILE T 127 67.92 77.47 -53.26
N ILE T 128 68.59 76.37 -52.94
CA ILE T 128 69.97 76.16 -53.37
C ILE T 128 70.05 76.12 -54.89
N VAL T 129 69.13 75.43 -55.56
CA VAL T 129 69.08 75.43 -57.04
C VAL T 129 68.90 76.86 -57.56
N ASN T 130 68.00 77.63 -56.97
CA ASN T 130 67.80 79.00 -57.44
C ASN T 130 69.06 79.85 -57.21
N ALA T 131 69.69 79.74 -56.04
CA ALA T 131 70.91 80.47 -55.75
C ALA T 131 72.00 80.13 -56.78
N ALA T 132 72.15 78.85 -57.06
CA ALA T 132 73.09 78.37 -58.05
C ALA T 132 72.76 78.94 -59.44
N TYR T 133 71.49 79.18 -59.77
CA TYR T 133 71.17 79.76 -61.07
C TYR T 133 71.78 81.15 -61.20
N VAL T 134 71.73 81.96 -60.15
CA VAL T 134 72.37 83.28 -60.17
C VAL T 134 73.88 83.14 -60.34
N LEU T 135 74.51 82.25 -59.58
CA LEU T 135 75.95 82.02 -59.70
C LEU T 135 76.35 81.60 -61.12
N ALA T 136 75.59 80.69 -61.75
CA ALA T 136 75.87 80.23 -63.11
C ALA T 136 75.69 81.37 -64.14
N GLU T 137 74.64 82.17 -64.01
CA GLU T 137 74.42 83.32 -64.90
C GLU T 137 75.56 84.33 -64.80
N ILE T 138 76.00 84.66 -63.59
CA ILE T 138 77.17 85.52 -63.37
C ILE T 138 78.41 84.89 -64.00
N ALA T 139 78.65 83.59 -63.76
CA ALA T 139 79.85 82.89 -64.20
C ALA T 139 80.07 82.95 -65.73
N ARG T 140 79.02 82.72 -66.52
CA ARG T 140 79.08 82.85 -67.99
C ARG T 140 79.42 84.28 -68.40
N ASP T 141 78.69 85.25 -67.84
CA ASP T 141 78.85 86.64 -68.24
C ASP T 141 80.22 87.23 -67.83
N ARG T 142 80.83 86.72 -66.76
CA ARG T 142 82.15 87.14 -66.25
C ARG T 142 83.34 86.34 -66.81
N GLY T 143 83.12 85.10 -67.25
CA GLY T 143 84.16 84.22 -67.82
C GLY T 143 84.88 83.29 -66.82
N ASN T 144 84.43 83.23 -65.57
CA ASN T 144 84.90 82.23 -64.61
C ASN T 144 84.21 80.89 -64.86
N GLU T 145 84.69 80.12 -65.84
CA GLU T 145 84.03 78.87 -66.23
C GLU T 145 84.00 77.84 -65.10
N GLU T 146 84.99 77.83 -64.21
CA GLU T 146 84.98 76.98 -63.02
C GLU T 146 83.80 77.32 -62.09
N LEU T 147 83.36 78.58 -62.03
CA LEU T 147 82.16 78.92 -61.28
C LEU T 147 80.91 78.32 -61.91
N LEU T 148 80.90 78.06 -63.23
CA LEU T 148 79.82 77.26 -63.83
C LEU T 148 79.84 75.87 -63.23
N GLU T 149 81.00 75.23 -63.17
CA GLU T 149 81.11 73.89 -62.58
C GLU T 149 80.58 73.87 -61.14
N LYS T 150 81.02 74.84 -60.32
CA LYS T 150 80.63 74.92 -58.91
C LYS T 150 79.13 75.19 -58.76
N ALA T 151 78.58 76.14 -59.50
CA ALA T 151 77.15 76.32 -59.48
C ALA T 151 76.44 75.04 -59.94
N ALA T 152 76.85 74.48 -61.07
CA ALA T 152 76.15 73.39 -61.72
C ALA T 152 76.05 72.19 -60.81
N SER T 153 77.17 71.80 -60.23
CA SER T 153 77.22 70.71 -59.27
C SER T 153 76.33 71.00 -58.06
N LEU T 154 76.40 72.22 -57.49
CA LEU T 154 75.57 72.57 -56.33
C LEU T 154 74.09 72.44 -56.66
N ALA T 155 73.69 72.93 -57.83
CA ALA T 155 72.33 72.74 -58.28
C ALA T 155 72.02 71.25 -58.45
N GLU T 156 72.80 70.56 -59.26
CA GLU T 156 72.46 69.22 -59.69
C GLU T 156 72.35 68.30 -58.48
N ALA T 157 73.28 68.41 -57.55
CA ALA T 157 73.24 67.66 -56.30
C ALA T 157 71.98 68.01 -55.52
N ALA T 158 71.68 69.29 -55.33
CA ALA T 158 70.47 69.66 -54.61
C ALA T 158 69.21 69.04 -55.26
N ALA T 159 69.14 69.02 -56.59
CA ALA T 159 68.05 68.39 -57.31
C ALA T 159 68.06 66.85 -57.15
N ALA T 160 69.22 66.24 -57.24
CA ALA T 160 69.34 64.80 -57.04
C ALA T 160 68.89 64.43 -55.63
N LEU T 161 69.20 65.25 -54.62
CA LEU T 161 68.74 64.98 -53.26
C LEU T 161 67.21 65.02 -53.19
N ALA T 162 66.60 66.04 -53.79
CA ALA T 162 65.14 66.10 -53.85
C ALA T 162 64.57 64.87 -54.57
N GLU T 163 65.15 64.48 -55.71
CA GLU T 163 64.68 63.32 -56.43
C GLU T 163 64.79 62.07 -55.57
N ALA T 164 65.92 61.90 -54.89
CA ALA T 164 66.11 60.79 -53.97
C ALA T 164 65.05 60.82 -52.86
N ILE T 165 64.75 61.99 -52.31
CA ILE T 165 63.69 62.12 -51.31
C ILE T 165 62.36 61.62 -51.88
N ALA T 166 62.04 61.97 -53.12
CA ALA T 166 60.84 61.44 -53.75
C ALA T 166 60.88 59.91 -53.81
N ALA T 167 62.02 59.34 -54.21
CA ALA T 167 62.18 57.89 -54.25
C ALA T 167 62.11 57.22 -52.87
N ILE T 168 62.54 57.89 -51.79
CA ILE T 168 62.35 57.41 -50.41
C ILE T 168 60.86 57.33 -50.09
N LEU T 169 60.09 58.34 -50.51
CA LEU T 169 58.65 58.37 -50.29
C LEU T 169 57.90 57.32 -51.11
N GLU T 170 58.36 57.00 -52.33
CA GLU T 170 57.81 55.89 -53.14
C GLU T 170 58.20 54.49 -52.62
N GLY T 171 59.37 54.32 -51.98
CA GLY T 171 59.80 53.08 -51.31
C GLY T 171 60.75 52.17 -52.10
N ASP T 172 61.00 52.42 -53.39
CA ASP T 172 62.13 51.82 -54.12
C ASP T 172 63.43 52.49 -53.69
N VAL T 173 63.93 52.08 -52.52
CA VAL T 173 65.12 52.70 -51.93
C VAL T 173 66.34 52.54 -52.84
N GLU T 174 66.46 51.48 -53.63
CA GLU T 174 67.62 51.36 -54.52
C GLU T 174 67.58 52.38 -55.65
N LYS T 175 66.40 52.72 -56.17
CA LYS T 175 66.27 53.87 -57.07
C LYS T 175 66.74 55.16 -56.39
N ALA T 176 66.41 55.36 -55.12
CA ALA T 176 66.95 56.49 -54.35
C ALA T 176 68.48 56.43 -54.25
N VAL T 177 69.04 55.26 -53.99
CA VAL T 177 70.51 55.08 -53.94
C VAL T 177 71.13 55.37 -55.31
N ARG T 178 70.49 54.97 -56.40
CA ARG T 178 70.97 55.23 -57.76
C ARG T 178 71.04 56.74 -58.00
N ALA T 179 70.00 57.46 -57.61
CA ALA T 179 70.05 58.93 -57.60
C ALA T 179 71.19 59.43 -56.70
N ALA T 180 71.32 58.92 -55.48
CA ALA T 180 72.34 59.40 -54.55
C ALA T 180 73.77 59.15 -55.07
N GLN T 181 74.01 58.06 -55.77
CA GLN T 181 75.30 57.80 -56.42
C GLN T 181 75.61 58.91 -57.42
N GLU T 182 74.65 59.26 -58.26
CA GLU T 182 74.82 60.39 -59.17
C GLU T 182 74.99 61.69 -58.38
N ALA T 183 74.28 61.86 -57.27
CA ALA T 183 74.35 63.06 -56.46
C ALA T 183 75.77 63.29 -55.97
N VAL T 184 76.39 62.29 -55.35
CA VAL T 184 77.75 62.44 -54.85
C VAL T 184 78.70 62.68 -56.02
N LYS T 185 78.53 61.99 -57.16
CA LYS T 185 79.35 62.25 -58.34
C LYS T 185 79.28 63.73 -58.73
N ALA T 186 78.07 64.26 -58.84
CA ALA T 186 77.88 65.65 -59.21
C ALA T 186 78.59 66.58 -58.23
N ALA T 187 78.32 66.41 -56.93
CA ALA T 187 78.96 67.24 -55.91
C ALA T 187 80.49 67.16 -56.02
N LYS T 188 81.02 65.95 -56.20
CA LYS T 188 82.46 65.69 -56.29
C LYS T 188 83.12 66.38 -57.49
N GLU T 189 82.36 66.75 -58.51
CA GLU T 189 82.90 67.50 -59.66
C GLU T 189 83.31 68.94 -59.32
N ALA T 190 82.92 69.49 -58.16
CA ALA T 190 83.47 70.77 -57.68
C ALA T 190 83.84 70.78 -56.19
N GLY T 191 83.30 69.88 -55.38
CA GLY T 191 83.91 69.46 -54.11
C GLY T 191 83.69 70.37 -52.88
N ASP T 192 82.53 71.01 -52.72
CA ASP T 192 82.22 71.66 -51.44
C ASP T 192 81.93 70.65 -50.33
N ASN T 193 82.79 70.63 -49.32
CA ASN T 193 82.63 69.75 -48.16
C ASN T 193 81.29 69.98 -47.44
N ASP T 194 80.75 71.21 -47.41
CA ASP T 194 79.48 71.42 -46.72
C ASP T 194 78.35 70.76 -47.51
N MET T 195 78.29 70.95 -48.82
CA MET T 195 77.34 70.23 -49.66
C MET T 195 77.49 68.74 -49.45
N LEU T 196 78.72 68.25 -49.45
CA LEU T 196 78.96 66.83 -49.23
C LEU T 196 78.50 66.40 -47.83
N ARG T 197 78.60 67.23 -46.80
CA ARG T 197 78.00 66.96 -45.49
C ARG T 197 76.50 66.80 -45.64
N ALA T 198 75.84 67.71 -46.33
CA ALA T 198 74.40 67.59 -46.56
C ALA T 198 74.08 66.30 -47.33
N VAL T 199 74.88 65.94 -48.33
CA VAL T 199 74.70 64.68 -49.07
C VAL T 199 74.83 63.51 -48.11
N ALA T 200 75.86 63.50 -47.27
CA ALA T 200 76.06 62.43 -46.32
C ALA T 200 74.87 62.34 -45.35
N ILE T 201 74.32 63.48 -44.91
CA ILE T 201 73.13 63.49 -44.05
C ILE T 201 71.93 62.91 -44.80
N ALA T 202 71.79 63.19 -46.08
CA ALA T 202 70.75 62.53 -46.87
C ALA T 202 70.96 61.02 -46.91
N ALA T 203 72.20 60.57 -47.15
CA ALA T 203 72.49 59.14 -47.14
C ALA T 203 72.19 58.52 -45.77
N LEU T 204 72.48 59.23 -44.68
CA LEU T 204 72.08 58.81 -43.35
C LEU T 204 70.55 58.73 -43.23
N ARG T 205 69.79 59.68 -43.77
CA ARG T 205 68.32 59.57 -43.82
C ARG T 205 67.91 58.28 -44.52
N ILE T 206 68.53 57.96 -45.66
CA ILE T 206 68.22 56.72 -46.39
C ILE T 206 68.48 55.52 -45.49
N ALA T 207 69.63 55.47 -44.82
CA ALA T 207 69.94 54.37 -43.90
C ALA T 207 68.94 54.29 -42.74
N LYS T 208 68.63 55.42 -42.11
CA LYS T 208 67.67 55.51 -40.99
C LYS T 208 66.28 55.02 -41.40
N GLU T 209 65.86 55.29 -42.64
CA GLU T 209 64.63 54.70 -43.18
C GLU T 209 64.79 53.20 -43.48
N ALA T 210 65.90 52.78 -44.06
CA ALA T 210 66.11 51.38 -44.44
C ALA T 210 66.08 50.42 -43.24
N GLU T 211 66.46 50.87 -42.04
CA GLU T 211 66.32 50.10 -40.80
C GLU T 211 64.87 49.67 -40.53
N LYS T 212 63.88 50.46 -40.95
CA LYS T 212 62.45 50.11 -40.83
C LYS T 212 62.04 49.03 -41.83
N GLN T 213 62.64 49.05 -43.01
CA GLN T 213 62.28 48.17 -44.13
C GLN T 213 62.95 46.79 -44.06
N GLY T 214 64.16 46.72 -43.51
CA GLY T 214 64.90 45.47 -43.38
C GLY T 214 65.64 45.00 -44.65
N ASN T 215 65.65 45.77 -45.74
CA ASN T 215 66.57 45.52 -46.86
C ASN T 215 67.98 46.01 -46.51
N VAL T 216 68.65 45.24 -45.65
CA VAL T 216 70.01 45.53 -45.19
C VAL T 216 71.02 45.57 -46.35
N GLU T 217 70.80 44.82 -47.43
CA GLU T 217 71.70 44.83 -48.59
C GLU T 217 71.74 46.22 -49.23
N VAL T 218 70.58 46.77 -49.57
CA VAL T 218 70.53 48.12 -50.16
C VAL T 218 71.00 49.16 -49.14
N ALA T 219 70.70 48.98 -47.86
CA ALA T 219 71.19 49.89 -46.84
C ALA T 219 72.72 50.03 -46.88
N VAL T 220 73.45 48.92 -47.07
CA VAL T 220 74.92 48.98 -47.24
C VAL T 220 75.28 49.80 -48.49
N LYS T 221 74.56 49.65 -49.59
CA LYS T 221 74.81 50.47 -50.80
C LYS T 221 74.64 51.96 -50.48
N ALA T 222 73.63 52.30 -49.68
CA ALA T 222 73.44 53.68 -49.22
C ALA T 222 74.61 54.14 -48.34
N ALA T 223 75.03 53.32 -47.39
CA ALA T 223 76.20 53.63 -46.59
C ALA T 223 77.44 53.82 -47.49
N ARG T 224 77.58 53.03 -48.56
CA ARG T 224 78.71 53.16 -49.49
C ARG T 224 78.72 54.53 -50.16
N VAL T 225 77.55 55.07 -50.49
CA VAL T 225 77.46 56.48 -50.90
C VAL T 225 77.86 57.38 -49.76
N ALA T 226 77.31 57.16 -48.55
CA ALA T 226 77.56 58.05 -47.42
C ALA T 226 79.05 58.23 -47.17
N VAL T 227 79.80 57.13 -47.10
CA VAL T 227 81.24 57.21 -46.83
C VAL T 227 81.99 57.90 -47.99
N GLU T 228 81.52 57.77 -49.23
CA GLU T 228 82.16 58.44 -50.36
C GLU T 228 82.21 59.95 -50.12
N ALA T 229 81.08 60.53 -49.73
CA ALA T 229 80.99 61.94 -49.39
C ALA T 229 81.75 62.24 -48.10
N ALA T 230 81.52 61.46 -47.04
CA ALA T 230 82.07 61.77 -45.72
C ALA T 230 83.60 61.80 -45.73
N LYS T 231 84.22 60.95 -46.55
CA LYS T 231 85.67 60.89 -46.74
C LYS T 231 86.25 62.17 -47.37
N GLN T 232 85.43 62.99 -48.02
CA GLN T 232 85.85 64.31 -48.49
C GLN T 232 85.81 65.35 -47.36
N ALA T 233 84.73 65.33 -46.56
CA ALA T 233 84.41 66.39 -45.60
C ALA T 233 85.04 66.22 -44.20
N GLY T 234 85.13 64.99 -43.67
CA GLY T 234 85.78 64.72 -42.38
C GLY T 234 85.05 65.22 -41.13
N ASP T 235 83.74 65.44 -41.18
CA ASP T 235 82.97 65.76 -39.98
C ASP T 235 82.87 64.55 -39.06
N ASN T 236 83.45 64.66 -37.87
CA ASN T 236 83.61 63.52 -36.98
C ASN T 236 82.27 62.91 -36.59
N ASP T 237 81.27 63.73 -36.27
CA ASP T 237 79.96 63.21 -35.89
C ASP T 237 79.24 62.55 -37.06
N VAL T 238 79.47 63.00 -38.30
CA VAL T 238 78.94 62.27 -39.46
C VAL T 238 79.56 60.89 -39.50
N LEU T 239 80.88 60.81 -39.43
CA LEU T 239 81.57 59.52 -39.43
C LEU T 239 81.09 58.62 -38.28
N ARG T 240 80.89 59.20 -37.09
CA ARG T 240 80.39 58.52 -35.90
C ARG T 240 78.98 57.98 -36.11
N LYS T 241 78.10 58.78 -36.70
CA LYS T 241 76.75 58.35 -37.04
C LYS T 241 76.80 57.22 -38.07
N VAL T 242 77.65 57.34 -39.09
CA VAL T 242 77.84 56.28 -40.10
C VAL T 242 78.26 54.98 -39.43
N ALA T 243 79.18 55.01 -38.47
CA ALA T 243 79.51 53.81 -37.71
C ALA T 243 78.30 53.26 -36.95
N GLU T 244 77.51 54.10 -36.27
CA GLU T 244 76.32 53.64 -35.55
C GLU T 244 75.33 52.95 -36.49
N GLN T 245 75.02 53.57 -37.62
CA GLN T 245 74.21 52.95 -38.66
C GLN T 245 74.82 51.62 -39.12
N ALA T 246 76.11 51.55 -39.38
CA ALA T 246 76.71 50.30 -39.86
C ALA T 246 76.58 49.17 -38.84
N LEU T 247 76.71 49.49 -37.54
CA LEU T 247 76.49 48.50 -36.49
C LEU T 247 75.02 48.13 -36.33
N ARG T 248 74.11 49.09 -36.46
CA ARG T 248 72.67 48.78 -36.52
C ARG T 248 72.39 47.79 -37.65
N ILE T 249 72.93 48.07 -38.83
CA ILE T 249 72.79 47.21 -40.01
C ILE T 249 73.36 45.82 -39.71
N ALA T 250 74.55 45.73 -39.14
CA ALA T 250 75.13 44.45 -38.76
C ALA T 250 74.24 43.67 -37.77
N LYS T 251 73.78 44.30 -36.68
CA LYS T 251 72.96 43.65 -35.65
C LYS T 251 71.69 43.05 -36.24
N GLU T 252 71.05 43.74 -37.17
CA GLU T 252 69.88 43.19 -37.86
C GLU T 252 70.27 42.12 -38.88
N ALA T 253 71.33 42.33 -39.68
CA ALA T 253 71.78 41.35 -40.66
C ALA T 253 72.18 40.01 -40.00
N GLU T 254 72.74 40.04 -38.79
CA GLU T 254 72.96 38.86 -37.94
C GLU T 254 71.66 38.13 -37.62
N LYS T 255 70.63 38.84 -37.15
CA LYS T 255 69.33 38.26 -36.80
C LYS T 255 68.61 37.71 -38.04
N GLN T 256 68.77 38.39 -39.17
CA GLN T 256 68.33 37.94 -40.49
C GLN T 256 69.19 36.80 -41.07
N GLY T 257 70.30 36.46 -40.42
CA GLY T 257 71.24 35.44 -40.89
C GLY T 257 72.06 35.84 -42.12
N ASN T 258 71.89 37.04 -42.69
CA ASN T 258 72.69 37.51 -43.80
C ASN T 258 74.03 38.07 -43.32
N VAL T 259 74.85 37.18 -42.79
CA VAL T 259 76.20 37.51 -42.32
C VAL T 259 77.08 38.04 -43.44
N GLU T 260 76.84 37.70 -44.72
CA GLU T 260 77.61 38.29 -45.81
C GLU T 260 77.37 39.80 -45.91
N VAL T 261 76.11 40.22 -45.87
CA VAL T 261 75.78 41.64 -45.81
C VAL T 261 76.32 42.26 -44.52
N ALA T 262 76.21 41.57 -43.38
CA ALA T 262 76.76 42.09 -42.14
C ALA T 262 78.26 42.37 -42.25
N VAL T 263 79.05 41.43 -42.80
CA VAL T 263 80.50 41.58 -42.99
C VAL T 263 80.80 42.77 -43.89
N LYS T 264 80.04 42.92 -44.98
CA LYS T 264 80.21 44.09 -45.85
C LYS T 264 79.85 45.38 -45.10
N ALA T 265 78.83 45.36 -44.25
CA ALA T 265 78.48 46.53 -43.43
C ALA T 265 79.65 46.92 -42.51
N ALA T 266 80.28 45.94 -41.89
CA ALA T 266 81.49 46.19 -41.12
C ALA T 266 82.63 46.72 -42.01
N ARG T 267 82.80 46.18 -43.23
CA ARG T 267 83.82 46.66 -44.17
C ARG T 267 83.62 48.14 -44.50
N VAL T 268 82.38 48.57 -44.65
CA VAL T 268 82.07 50.00 -44.77
C VAL T 268 82.33 50.73 -43.45
N ALA T 269 81.93 50.16 -42.32
CA ALA T 269 82.06 50.82 -41.03
C ALA T 269 83.50 51.28 -40.78
N VAL T 270 84.47 50.39 -40.98
CA VAL T 270 85.89 50.74 -40.78
C VAL T 270 86.35 51.80 -41.78
N GLU T 271 85.88 51.75 -43.03
CA GLU T 271 86.27 52.73 -44.05
C GLU T 271 85.98 54.15 -43.55
N ALA T 272 84.85 54.33 -42.88
CA ALA T 272 84.52 55.59 -42.23
C ALA T 272 85.30 55.78 -40.92
N ALA T 273 85.26 54.81 -40.02
CA ALA T 273 85.77 54.97 -38.67
C ALA T 273 87.27 55.28 -38.63
N LYS T 274 88.05 54.74 -39.57
CA LYS T 274 89.49 55.03 -39.66
C LYS T 274 89.77 56.51 -39.90
N GLN T 275 88.90 57.22 -40.63
CA GLN T 275 89.12 58.63 -40.91
C GLN T 275 89.04 59.47 -39.62
N ALA T 276 88.12 59.11 -38.72
CA ALA T 276 87.96 59.78 -37.43
C ALA T 276 89.03 59.34 -36.41
N GLY T 277 89.39 58.06 -36.39
CA GLY T 277 90.39 57.54 -35.45
C GLY T 277 89.92 57.47 -33.99
N ASP T 278 88.61 57.56 -33.71
CA ASP T 278 88.08 57.43 -32.37
C ASP T 278 88.18 55.98 -31.88
N ASN T 279 89.08 55.73 -30.94
CA ASN T 279 89.31 54.39 -30.40
C ASN T 279 88.04 53.78 -29.79
N ASP T 280 87.16 54.57 -29.17
CA ASP T 280 85.95 54.02 -28.56
C ASP T 280 85.06 53.41 -29.63
N VAL T 281 84.82 54.17 -30.70
CA VAL T 281 84.10 53.66 -31.87
C VAL T 281 84.84 52.45 -32.41
N LEU T 282 86.13 52.56 -32.70
CA LEU T 282 86.86 51.48 -33.38
C LEU T 282 86.85 50.17 -32.60
N ARG T 283 86.97 50.23 -31.27
CA ARG T 283 86.86 49.05 -30.41
C ARG T 283 85.43 48.53 -30.36
N LYS T 284 84.43 49.40 -30.19
CA LYS T 284 83.01 48.97 -30.24
C LYS T 284 82.67 48.28 -31.56
N VAL T 285 83.18 48.83 -32.67
CA VAL T 285 83.01 48.29 -34.02
C VAL T 285 83.67 46.92 -34.13
N ALA T 286 84.94 46.80 -33.76
CA ALA T 286 85.61 45.51 -33.79
C ALA T 286 84.91 44.48 -32.90
N GLU T 287 84.37 44.89 -31.75
CA GLU T 287 83.62 44.00 -30.86
C GLU T 287 82.39 43.42 -31.55
N GLN T 288 81.57 44.27 -32.15
CA GLN T 288 80.45 43.77 -32.94
C GLN T 288 80.96 42.93 -34.13
N ALA T 289 82.11 43.25 -34.72
CA ALA T 289 82.64 42.46 -35.83
C ALA T 289 82.98 41.03 -35.40
N LEU T 290 83.46 40.83 -34.18
CA LEU T 290 83.60 39.49 -33.63
C LEU T 290 82.24 38.85 -33.33
N GLU T 291 81.21 39.61 -32.95
CA GLU T 291 79.86 39.04 -32.88
C GLU T 291 79.39 38.56 -34.26
N ILE T 292 79.68 39.28 -35.33
CA ILE T 292 79.40 38.81 -36.70
C ILE T 292 80.16 37.51 -36.96
N ALA T 293 81.46 37.45 -36.64
CA ALA T 293 82.23 36.24 -36.83
C ALA T 293 81.63 35.06 -36.04
N LYS T 294 81.23 35.31 -34.78
CA LYS T 294 80.54 34.33 -33.93
C LYS T 294 79.25 33.86 -34.59
N LYS T 295 78.44 34.78 -35.11
CA LYS T 295 77.21 34.41 -35.82
C LYS T 295 77.49 33.61 -37.08
N ALA T 296 78.52 33.94 -37.85
CA ALA T 296 78.91 33.18 -39.05
C ALA T 296 79.37 31.76 -38.68
N ALA T 297 80.12 31.62 -37.59
CA ALA T 297 80.45 30.31 -37.03
C ALA T 297 79.19 29.55 -36.57
N GLU T 298 78.21 30.23 -35.96
CA GLU T 298 76.93 29.63 -35.58
C GLU T 298 76.12 29.18 -36.80
N GLN T 299 76.25 29.85 -37.94
CA GLN T 299 75.68 29.37 -39.21
C GLN T 299 76.50 28.22 -39.81
N GLY T 300 77.76 28.04 -39.39
CA GLY T 300 78.73 27.15 -40.03
C GLY T 300 79.20 27.67 -41.39
N ASP T 301 79.00 28.96 -41.69
CA ASP T 301 79.37 29.56 -42.97
C ASP T 301 80.88 29.86 -43.00
N VAL T 302 81.68 28.84 -43.27
CA VAL T 302 83.14 28.85 -43.09
C VAL T 302 83.80 30.04 -43.80
N GLY T 303 83.64 30.17 -45.11
CA GLY T 303 84.29 31.25 -45.87
C GLY T 303 83.82 32.63 -45.43
N VAL T 304 82.54 32.79 -45.12
CA VAL T 304 82.01 34.06 -44.60
C VAL T 304 82.60 34.33 -43.22
N MET T 305 82.74 33.31 -42.37
CA MET T 305 83.40 33.45 -41.09
C MET T 305 84.88 33.85 -41.29
N GLN T 306 85.58 33.28 -42.28
CA GLN T 306 86.95 33.71 -42.61
C GLN T 306 86.97 35.19 -42.99
N LYS T 307 86.05 35.62 -43.84
CA LYS T 307 85.91 37.03 -44.19
C LYS T 307 85.54 37.88 -42.96
N ALA T 308 84.72 37.37 -42.05
CA ALA T 308 84.37 38.06 -40.82
C ALA T 308 85.59 38.21 -39.91
N MET T 309 86.41 37.17 -39.81
CA MET T 309 87.73 37.26 -39.19
C MET T 309 88.55 38.35 -39.88
N ASP T 310 88.66 38.30 -41.20
CA ASP T 310 89.45 39.28 -41.94
C ASP T 310 89.01 40.70 -41.61
N VAL T 311 87.73 41.00 -41.76
CA VAL T 311 87.20 42.35 -41.52
C VAL T 311 87.29 42.72 -40.04
N ALA T 312 86.96 41.82 -39.11
CA ALA T 312 87.05 42.13 -37.69
C ALA T 312 88.49 42.45 -37.29
N LEU T 313 89.44 41.60 -37.69
CA LEU T 313 90.85 41.82 -37.41
C LEU T 313 91.37 43.07 -38.10
N ARG T 314 90.98 43.31 -39.35
CA ARG T 314 91.41 44.53 -40.05
C ARG T 314 90.87 45.77 -39.35
N ALA T 315 89.63 45.75 -38.89
CA ALA T 315 89.03 46.83 -38.10
C ALA T 315 89.78 47.04 -36.79
N ALA T 316 90.03 45.96 -36.05
CA ALA T 316 90.87 46.02 -34.86
C ALA T 316 92.26 46.58 -35.17
N GLY T 317 92.83 46.22 -36.33
CA GLY T 317 94.13 46.67 -36.80
C GLY T 317 94.24 48.17 -37.04
N GLN T 318 93.13 48.91 -36.98
CA GLN T 318 93.13 50.37 -37.07
C GLN T 318 93.08 51.06 -35.68
N ALA T 319 93.04 50.30 -34.58
CA ALA T 319 93.05 50.81 -33.20
C ALA T 319 93.85 49.90 -32.24
N PRO U 238 -69.22 75.53 -23.20
CA PRO U 238 -70.12 76.68 -23.49
C PRO U 238 -71.48 76.61 -22.77
N GLU U 239 -72.14 75.47 -22.83
CA GLU U 239 -73.52 75.21 -22.38
C GLU U 239 -73.80 75.67 -20.94
N LEU U 240 -72.79 75.57 -20.08
CA LEU U 240 -72.83 76.06 -18.70
C LEU U 240 -73.31 77.52 -18.62
N PHE U 241 -73.01 78.34 -19.62
CA PHE U 241 -73.45 79.72 -19.69
C PHE U 241 -74.97 79.82 -19.61
N LEU U 242 -75.70 78.92 -20.29
CA LEU U 242 -77.15 78.85 -20.18
C LEU U 242 -77.57 78.58 -18.74
N GLN U 243 -76.92 77.62 -18.08
CA GLN U 243 -77.23 77.27 -16.70
C GLN U 243 -76.98 78.47 -15.77
N ASP U 244 -75.88 79.17 -15.96
CA ASP U 244 -75.59 80.37 -15.18
C ASP U 244 -76.63 81.45 -15.44
N LEU U 245 -76.96 81.74 -16.70
CA LEU U 245 -78.01 82.68 -17.03
C LEU U 245 -79.33 82.29 -16.37
N ARG U 246 -79.72 81.01 -16.48
CA ARG U 246 -80.91 80.48 -15.82
C ARG U 246 -80.85 80.75 -14.32
N SER U 247 -79.71 80.48 -13.69
CA SER U 247 -79.58 80.71 -12.25
C SER U 247 -79.79 82.18 -11.92
N LEU U 248 -79.24 83.10 -12.73
CA LEU U 248 -79.41 84.53 -12.47
C LEU U 248 -80.86 84.95 -12.68
N VAL U 249 -81.54 84.38 -13.67
CA VAL U 249 -82.97 84.62 -13.85
C VAL U 249 -83.73 84.10 -12.64
N GLU U 250 -83.45 82.89 -12.17
CA GLU U 250 -84.11 82.33 -10.99
C GLU U 250 -83.86 83.19 -9.76
N ALA U 251 -82.62 83.63 -9.55
CA ALA U 251 -82.32 84.53 -8.45
C ALA U 251 -83.19 85.79 -8.57
N ALA U 252 -83.23 86.40 -9.76
CA ALA U 252 -84.04 87.60 -9.97
C ALA U 252 -85.52 87.32 -9.70
N ARG U 253 -86.03 86.16 -10.12
CA ARG U 253 -87.41 85.76 -9.85
C ARG U 253 -87.66 85.73 -8.34
N ILE U 254 -86.76 85.07 -7.60
CA ILE U 254 -86.90 84.95 -6.15
C ILE U 254 -86.84 86.33 -5.51
N LEU U 255 -85.90 87.17 -5.95
CA LEU U 255 -85.82 88.54 -5.46
C LEU U 255 -87.14 89.26 -5.71
N ALA U 256 -87.72 89.19 -6.91
CA ALA U 256 -88.98 89.87 -7.18
C ALA U 256 -90.09 89.35 -6.24
N ARG U 257 -90.13 88.04 -6.02
CA ARG U 257 -91.09 87.42 -5.09
C ARG U 257 -90.90 87.98 -3.68
N LEU U 258 -89.66 88.05 -3.21
CA LEU U 258 -89.31 88.63 -1.91
C LEU U 258 -89.70 90.12 -1.86
N ALA U 259 -89.39 90.86 -2.91
CA ALA U 259 -89.60 92.31 -2.96
C ALA U 259 -91.08 92.68 -2.86
N ARG U 260 -91.95 91.88 -3.49
CA ARG U 260 -93.41 92.07 -3.36
C ARG U 260 -93.91 91.87 -1.92
N GLN U 261 -93.13 91.22 -1.06
CA GLN U 261 -93.38 91.18 0.37
C GLN U 261 -92.72 92.38 1.08
N ARG U 262 -91.40 92.56 0.90
CA ARG U 262 -90.58 93.45 1.75
C ARG U 262 -90.64 94.94 1.38
N GLY U 263 -90.97 95.27 0.13
CA GLY U 263 -91.20 96.65 -0.33
C GLY U 263 -89.98 97.48 -0.71
N ASP U 264 -88.75 96.94 -0.69
CA ASP U 264 -87.55 97.67 -1.12
C ASP U 264 -87.54 97.96 -2.63
N GLU U 265 -87.62 99.22 -3.03
CA GLU U 265 -87.54 99.62 -4.44
C GLU U 265 -86.20 99.23 -5.07
N HIS U 266 -85.12 99.20 -4.28
CA HIS U 266 -83.81 98.79 -4.79
C HIS U 266 -83.73 97.28 -5.03
N ALA U 267 -84.60 96.47 -4.43
CA ALA U 267 -84.72 95.06 -4.80
C ALA U 267 -85.38 94.92 -6.18
N LEU U 268 -86.43 95.71 -6.47
CA LEU U 268 -87.03 95.76 -7.80
C LEU U 268 -86.03 96.25 -8.84
N GLU U 269 -85.30 97.33 -8.52
CA GLU U 269 -84.29 97.88 -9.41
C GLU U 269 -83.17 96.87 -9.68
N ARG U 270 -82.64 96.22 -8.63
CA ARG U 270 -81.67 95.14 -8.76
C ARG U 270 -82.20 94.06 -9.68
N ALA U 271 -83.37 93.49 -9.36
CA ALA U 271 -83.93 92.38 -10.13
C ALA U 271 -84.11 92.74 -11.60
N ALA U 272 -84.62 93.94 -11.91
CA ALA U 272 -84.76 94.39 -13.29
C ALA U 272 -83.41 94.43 -14.01
N ARG U 273 -82.40 95.06 -13.39
CA ARG U 273 -81.05 95.15 -13.98
C ARG U 273 -80.44 93.78 -14.19
N TRP U 274 -80.40 92.94 -13.14
CA TRP U 274 -79.91 91.57 -13.22
C TRP U 274 -80.61 90.82 -14.36
N ALA U 275 -81.95 90.88 -14.42
CA ALA U 275 -82.72 90.17 -15.43
C ALA U 275 -82.46 90.70 -16.84
N GLU U 276 -82.44 92.01 -17.04
CA GLU U 276 -82.17 92.60 -18.33
C GLU U 276 -80.79 92.21 -18.83
N GLN U 277 -79.78 92.30 -17.96
CA GLN U 277 -78.42 91.90 -18.30
C GLN U 277 -78.38 90.44 -18.74
N ALA U 278 -79.00 89.54 -17.97
CA ALA U 278 -79.08 88.15 -18.35
C ALA U 278 -79.76 87.98 -19.73
N ALA U 279 -80.87 88.68 -19.96
CA ALA U 279 -81.56 88.63 -21.24
C ALA U 279 -80.64 89.09 -22.38
N ARG U 280 -79.96 90.22 -22.22
CA ARG U 280 -79.05 90.73 -23.25
C ARG U 280 -77.86 89.80 -23.47
N GLN U 281 -77.34 89.19 -22.41
CA GLN U 281 -76.28 88.19 -22.53
C GLN U 281 -76.77 86.98 -23.33
N ALA U 282 -77.98 86.51 -23.03
CA ALA U 282 -78.62 85.48 -23.83
C ALA U 282 -78.83 85.95 -25.26
N GLU U 283 -79.20 87.21 -25.51
CA GLU U 283 -79.42 87.71 -26.86
C GLU U 283 -78.14 87.58 -27.70
N ARG U 284 -77.00 88.00 -27.14
CA ARG U 284 -75.70 87.86 -27.80
C ARG U 284 -75.40 86.40 -28.10
N LEU U 285 -75.60 85.52 -27.11
CA LEU U 285 -75.42 84.08 -27.29
C LEU U 285 -76.33 83.54 -28.40
N ALA U 286 -77.60 83.95 -28.43
CA ALA U 286 -78.56 83.48 -29.40
C ALA U 286 -78.18 83.91 -30.82
N ARG U 287 -77.84 85.20 -31.00
CA ARG U 287 -77.37 85.71 -32.29
C ARG U 287 -76.16 84.92 -32.77
N GLN U 288 -75.22 84.63 -31.88
CA GLN U 288 -74.06 83.79 -32.18
C GLN U 288 -74.48 82.37 -32.57
N ALA U 289 -75.40 81.76 -31.82
CA ALA U 289 -75.84 80.40 -32.07
C ALA U 289 -76.44 80.23 -33.48
N ARG U 290 -77.06 81.28 -34.04
CA ARG U 290 -77.54 81.24 -35.44
C ARG U 290 -76.39 80.96 -36.40
N LYS U 291 -75.27 81.66 -36.21
CA LYS U 291 -74.05 81.48 -36.99
C LYS U 291 -73.45 80.10 -36.76
N GLU U 292 -73.42 79.66 -35.50
CA GLU U 292 -72.87 78.35 -35.14
C GLU U 292 -73.72 77.19 -35.65
N GLY U 293 -75.02 77.40 -35.87
CA GLY U 293 -75.92 76.37 -36.38
C GLY U 293 -76.27 75.26 -35.37
N ASN U 294 -75.79 75.34 -34.13
CA ASN U 294 -76.29 74.48 -33.05
C ASN U 294 -77.67 74.98 -32.60
N LEU U 295 -78.69 74.58 -33.34
CA LEU U 295 -80.05 75.03 -33.10
C LEU U 295 -80.57 74.58 -31.73
N GLU U 296 -80.10 73.47 -31.19
CA GLU U 296 -80.48 73.04 -29.84
C GLU U 296 -80.06 74.09 -28.80
N LEU U 297 -78.76 74.44 -28.79
CA LEU U 297 -78.30 75.51 -27.91
C LEU U 297 -79.05 76.81 -28.23
N ALA U 298 -79.32 77.09 -29.50
CA ALA U 298 -80.04 78.30 -29.88
C ALA U 298 -81.43 78.34 -29.24
N LEU U 299 -82.26 77.32 -29.44
CA LEU U 299 -83.61 77.35 -28.89
C LEU U 299 -83.56 77.29 -27.37
N LYS U 300 -82.55 76.66 -26.78
CA LYS U 300 -82.35 76.75 -25.33
C LYS U 300 -82.08 78.20 -24.91
N ALA U 301 -81.24 78.92 -25.65
CA ALA U 301 -81.06 80.34 -25.41
C ALA U 301 -82.37 81.11 -25.60
N LEU U 302 -83.22 80.72 -26.56
CA LEU U 302 -84.54 81.33 -26.68
C LEU U 302 -85.39 81.02 -25.44
N GLN U 303 -85.31 79.82 -24.88
CA GLN U 303 -86.01 79.52 -23.64
C GLN U 303 -85.52 80.41 -22.50
N ILE U 304 -84.21 80.68 -22.43
CA ILE U 304 -83.69 81.66 -21.47
C ILE U 304 -84.36 83.02 -21.72
N LEU U 305 -84.44 83.47 -22.97
CA LEU U 305 -85.09 84.74 -23.27
C LEU U 305 -86.55 84.75 -22.82
N VAL U 306 -87.31 83.68 -23.09
CA VAL U 306 -88.69 83.61 -22.63
C VAL U 306 -88.78 83.66 -21.12
N ASN U 307 -87.96 82.88 -20.42
CA ASN U 307 -87.97 82.84 -18.97
C ASN U 307 -87.61 84.21 -18.38
N ALA U 308 -86.57 84.86 -18.92
CA ALA U 308 -86.20 86.21 -18.50
C ALA U 308 -87.34 87.19 -18.79
N ALA U 309 -88.01 87.08 -19.94
CA ALA U 309 -89.11 87.96 -20.30
C ALA U 309 -90.27 87.80 -19.32
N TYR U 310 -90.57 86.57 -18.89
CA TYR U 310 -91.56 86.34 -17.85
C TYR U 310 -91.21 87.11 -16.56
N VAL U 311 -89.96 87.03 -16.11
CA VAL U 311 -89.53 87.77 -14.91
C VAL U 311 -89.63 89.29 -15.13
N LEU U 312 -89.18 89.80 -16.28
CA LEU U 312 -89.24 91.23 -16.57
C LEU U 312 -90.69 91.71 -16.55
N ALA U 313 -91.60 90.97 -17.18
CA ALA U 313 -93.02 91.30 -17.18
C ALA U 313 -93.60 91.26 -15.76
N GLU U 314 -93.29 90.24 -14.97
CA GLU U 314 -93.71 90.14 -13.57
C GLU U 314 -93.28 91.37 -12.76
N ILE U 315 -92.04 91.83 -12.93
CA ILE U 315 -91.58 93.05 -12.27
C ILE U 315 -92.37 94.24 -12.81
N ALA U 316 -92.38 94.42 -14.13
CA ALA U 316 -92.90 95.60 -14.76
C ALA U 316 -94.39 95.82 -14.47
N ARG U 317 -95.19 94.76 -14.53
CA ARG U 317 -96.65 94.88 -14.40
C ARG U 317 -97.08 95.31 -12.99
N ASP U 318 -96.33 94.92 -11.96
CA ASP U 318 -96.57 95.38 -10.60
C ASP U 318 -95.86 96.70 -10.30
N ARG U 319 -94.65 96.92 -10.81
CA ARG U 319 -93.91 98.17 -10.60
C ARG U 319 -94.57 99.37 -11.29
N GLY U 320 -95.27 99.13 -12.40
CA GLY U 320 -96.04 100.11 -13.14
C GLY U 320 -95.19 100.96 -14.09
N ASN U 321 -94.71 100.38 -15.19
CA ASN U 321 -94.10 101.13 -16.29
C ASN U 321 -94.28 100.45 -17.66
N GLU U 322 -94.94 101.12 -18.60
CA GLU U 322 -95.18 100.57 -19.95
C GLU U 322 -93.92 100.44 -20.80
N GLU U 323 -92.92 101.31 -20.67
CA GLU U 323 -91.69 101.17 -21.45
C GLU U 323 -90.98 99.86 -21.13
N LEU U 324 -90.91 99.48 -19.85
CA LEU U 324 -90.31 98.20 -19.48
C LEU U 324 -91.12 97.02 -20.04
N LEU U 325 -92.45 97.12 -20.02
CA LEU U 325 -93.30 96.12 -20.68
C LEU U 325 -93.01 96.08 -22.19
N GLU U 326 -92.89 97.23 -22.83
CA GLU U 326 -92.55 97.34 -24.25
C GLU U 326 -91.20 96.69 -24.52
N TYR U 327 -90.19 96.91 -23.68
CA TYR U 327 -88.89 96.27 -23.83
C TYR U 327 -89.01 94.75 -23.72
N ALA U 328 -89.73 94.25 -22.71
CA ALA U 328 -89.96 92.83 -22.57
C ALA U 328 -90.68 92.26 -23.81
N ALA U 329 -91.70 92.95 -24.29
CA ALA U 329 -92.44 92.55 -25.47
C ALA U 329 -91.54 92.51 -26.70
N ARG U 330 -90.68 93.52 -26.89
CA ARG U 330 -89.71 93.53 -27.99
C ARG U 330 -88.73 92.37 -27.88
N LEU U 331 -88.19 92.12 -26.69
CA LEU U 331 -87.32 90.96 -26.45
C LEU U 331 -88.01 89.66 -26.83
N ALA U 332 -89.26 89.49 -26.41
CA ALA U 332 -90.05 88.32 -26.74
C ALA U 332 -90.37 88.24 -28.24
N GLU U 333 -90.80 89.33 -28.86
CA GLU U 333 -91.25 89.33 -30.25
C GLU U 333 -90.10 89.01 -31.20
N GLU U 334 -88.92 89.59 -30.97
CA GLU U 334 -87.72 89.24 -31.72
C GLU U 334 -87.42 87.75 -31.58
N ALA U 335 -87.38 87.23 -30.35
CA ALA U 335 -87.13 85.82 -30.11
C ALA U 335 -88.15 84.95 -30.84
N ALA U 336 -89.44 85.31 -30.81
CA ALA U 336 -90.48 84.57 -31.50
C ALA U 336 -90.25 84.58 -33.01
N ARG U 337 -89.90 85.73 -33.58
CA ARG U 337 -89.58 85.82 -35.01
C ARG U 337 -88.41 84.91 -35.35
N GLN U 338 -87.35 84.92 -34.52
CA GLN U 338 -86.23 84.01 -34.69
C GLN U 338 -86.70 82.55 -34.61
N ALA U 339 -87.54 82.21 -33.65
CA ALA U 339 -88.05 80.86 -33.51
C ALA U 339 -88.84 80.44 -34.74
N ILE U 340 -89.66 81.34 -35.30
CA ILE U 340 -90.44 81.03 -36.51
C ILE U 340 -89.51 80.67 -37.66
N GLU U 341 -88.45 81.45 -37.86
CA GLU U 341 -87.43 81.14 -38.87
C GLU U 341 -86.77 79.79 -38.59
N ILE U 342 -86.35 79.55 -37.35
CA ILE U 342 -85.73 78.27 -36.97
C ILE U 342 -86.68 77.12 -37.26
N ALA U 343 -87.95 77.26 -36.92
CA ALA U 343 -88.95 76.23 -37.15
C ALA U 343 -89.07 75.93 -38.65
N ALA U 344 -89.04 76.95 -39.50
CA ALA U 344 -89.06 76.74 -40.94
C ALA U 344 -87.85 75.90 -41.38
N GLN U 345 -86.65 76.23 -40.92
CA GLN U 345 -85.45 75.47 -41.29
C GLN U 345 -85.55 74.01 -40.83
N ALA U 346 -86.01 73.80 -39.59
CA ALA U 346 -86.20 72.46 -39.06
C ALA U 346 -87.22 71.65 -39.89
N MET U 347 -88.34 72.27 -40.25
CA MET U 347 -89.36 71.61 -41.08
C MET U 347 -88.84 71.33 -42.49
N GLU U 348 -88.03 72.23 -43.07
CA GLU U 348 -87.40 71.98 -44.36
C GLU U 348 -86.47 70.76 -44.29
N GLU U 349 -85.71 70.61 -43.21
CA GLU U 349 -84.92 69.39 -42.98
C GLU U 349 -85.78 68.14 -42.73
N GLY U 350 -87.05 68.30 -42.33
CA GLY U 350 -87.80 67.21 -41.68
C GLY U 350 -87.24 66.84 -40.29
N ASN U 351 -86.44 67.72 -39.70
CA ASN U 351 -85.87 67.60 -38.36
C ASN U 351 -86.91 68.06 -37.32
N PHE U 352 -88.05 67.37 -37.34
CA PHE U 352 -89.24 67.81 -36.63
C PHE U 352 -89.04 67.96 -35.13
N GLU U 353 -88.04 67.29 -34.58
CA GLU U 353 -87.58 67.45 -33.20
C GLU U 353 -87.41 68.94 -32.87
N LEU U 354 -86.57 69.62 -33.65
CA LEU U 354 -86.33 71.04 -33.47
C LEU U 354 -87.61 71.85 -33.77
N ALA U 355 -88.42 71.43 -34.73
CA ALA U 355 -89.64 72.15 -35.06
C ALA U 355 -90.60 72.13 -33.87
N LEU U 356 -90.85 70.96 -33.30
CA LEU U 356 -91.71 70.83 -32.14
C LEU U 356 -91.16 71.65 -30.99
N GLU U 357 -89.85 71.58 -30.76
CA GLU U 357 -89.25 72.36 -29.69
C GLU U 357 -89.40 73.86 -29.94
N ALA U 358 -89.16 74.32 -31.17
CA ALA U 358 -89.32 75.74 -31.49
C ALA U 358 -90.79 76.17 -31.32
N LEU U 359 -91.71 75.33 -31.76
CA LEU U 359 -93.13 75.57 -31.56
C LEU U 359 -93.43 75.65 -30.07
N GLU U 360 -92.82 74.81 -29.25
CA GLU U 360 -92.98 74.85 -27.80
C GLU U 360 -92.51 76.20 -27.26
N ILE U 361 -91.32 76.64 -27.67
CA ILE U 361 -90.81 77.96 -27.31
C ILE U 361 -91.83 79.02 -27.74
N ILE U 362 -92.39 78.89 -28.94
CA ILE U 362 -93.36 79.86 -29.45
C ILE U 362 -94.60 79.87 -28.56
N ASN U 363 -95.06 78.71 -28.11
CA ASN U 363 -96.19 78.67 -27.19
C ASN U 363 -95.84 79.42 -25.91
N GLU U 364 -94.70 79.13 -25.30
CA GLU U 364 -94.34 79.81 -24.07
C GLU U 364 -94.17 81.32 -24.29
N ALA U 365 -93.56 81.71 -25.40
CA ALA U 365 -93.42 83.12 -25.75
C ALA U 365 -94.81 83.76 -25.87
N ALA U 366 -95.75 83.07 -26.51
CA ALA U 366 -97.10 83.58 -26.63
C ALA U 366 -97.72 83.79 -25.25
N ARG U 367 -97.51 82.88 -24.30
CA ARG U 367 -98.04 83.06 -22.94
C ARG U 367 -97.52 84.36 -22.34
N VAL U 368 -96.22 84.60 -22.44
CA VAL U 368 -95.62 85.83 -21.91
C VAL U 368 -96.22 87.05 -22.58
N LEU U 369 -96.34 87.03 -23.92
CA LEU U 369 -96.93 88.14 -24.66
C LEU U 369 -98.36 88.40 -24.20
N ALA U 370 -99.14 87.34 -24.00
CA ALA U 370 -100.50 87.48 -23.49
C ALA U 370 -100.49 88.11 -22.09
N ARG U 371 -99.61 87.65 -21.19
CA ARG U 371 -99.53 88.22 -19.83
C ARG U 371 -99.16 89.70 -19.85
N ILE U 372 -98.33 90.14 -20.78
CA ILE U 372 -98.08 91.58 -20.99
C ILE U 372 -99.37 92.26 -21.46
N ALA U 373 -99.97 91.73 -22.54
CA ALA U 373 -101.14 92.33 -23.16
C ALA U 373 -102.32 92.45 -22.17
N HIS U 374 -102.45 91.51 -21.24
CA HIS U 374 -103.47 91.53 -20.18
C HIS U 374 -103.50 92.87 -19.43
N HIS U 375 -102.31 93.41 -19.16
CA HIS U 375 -102.19 94.63 -18.39
C HIS U 375 -102.29 95.87 -19.27
N ARG U 376 -101.75 95.81 -20.50
CA ARG U 376 -101.77 96.93 -21.45
C ARG U 376 -103.13 97.16 -22.12
N GLY U 377 -104.00 96.14 -22.13
CA GLY U 377 -105.38 96.23 -22.62
C GLY U 377 -105.57 96.07 -24.13
N ASN U 378 -104.53 95.70 -24.87
CA ASN U 378 -104.58 95.52 -26.32
C ASN U 378 -105.27 94.20 -26.71
N GLN U 379 -106.60 94.22 -26.84
CA GLN U 379 -107.40 93.06 -27.26
C GLN U 379 -106.88 92.44 -28.58
N GLU U 380 -106.35 93.28 -29.46
CA GLU U 380 -105.74 92.88 -30.73
C GLU U 380 -104.59 91.90 -30.51
N LEU U 381 -103.72 92.19 -29.54
CA LEU U 381 -102.62 91.31 -29.18
C LEU U 381 -103.12 90.02 -28.54
N LEU U 382 -104.18 90.07 -27.72
CA LEU U 382 -104.74 88.86 -27.12
C LEU U 382 -105.35 87.94 -28.18
N GLU U 383 -106.12 88.50 -29.11
CA GLU U 383 -106.65 87.73 -30.22
C GLU U 383 -105.52 87.21 -31.12
N LYS U 384 -104.47 87.99 -31.35
CA LYS U 384 -103.28 87.50 -32.07
C LYS U 384 -102.61 86.36 -31.31
N ALA U 385 -102.49 86.43 -30.00
CA ALA U 385 -101.90 85.35 -29.22
C ALA U 385 -102.75 84.08 -29.30
N ALA U 386 -104.07 84.21 -29.17
CA ALA U 386 -104.97 83.09 -29.34
C ALA U 386 -104.81 82.49 -30.74
N SER U 387 -104.76 83.34 -31.75
CA SER U 387 -104.57 82.90 -33.13
C SER U 387 -103.22 82.21 -33.28
N LEU U 388 -102.16 82.75 -32.70
CA LEU U 388 -100.81 82.21 -32.77
C LEU U 388 -100.77 80.84 -32.12
N THR U 389 -101.29 80.73 -30.91
CA THR U 389 -101.35 79.45 -30.22
C THR U 389 -102.19 78.46 -30.98
N HIS U 390 -103.30 78.89 -31.60
CA HIS U 390 -104.05 78.01 -32.45
C HIS U 390 -103.20 77.56 -33.64
N ALA U 391 -102.51 78.48 -34.31
CA ALA U 391 -101.70 78.15 -35.48
C ALA U 391 -100.55 77.21 -35.13
N SER U 392 -99.83 77.48 -34.04
CA SER U 392 -98.74 76.63 -33.61
C SER U 392 -99.26 75.24 -33.24
N ALA U 393 -100.43 75.18 -32.60
CA ALA U 393 -101.07 73.89 -32.33
C ALA U 393 -101.35 73.18 -33.65
N ALA U 394 -101.92 73.86 -34.63
CA ALA U 394 -102.23 73.27 -35.91
C ALA U 394 -100.95 72.76 -36.61
N LEU U 395 -99.87 73.54 -36.57
CA LEU U 395 -98.58 73.11 -37.10
C LEU U 395 -98.11 71.86 -36.37
N SER U 396 -98.23 71.85 -35.05
CA SER U 396 -97.87 70.66 -34.28
C SER U 396 -98.70 69.47 -34.73
N ARG U 397 -100.01 69.64 -34.89
CA ARG U 397 -100.89 68.56 -35.32
C ARG U 397 -100.52 68.07 -36.71
N ALA U 398 -100.22 68.99 -37.61
CA ALA U 398 -99.75 68.64 -38.94
C ALA U 398 -98.46 67.81 -38.86
N ILE U 399 -97.51 68.25 -38.03
CA ILE U 399 -96.27 67.50 -37.85
C ILE U 399 -96.61 66.10 -37.34
N ALA U 400 -97.46 65.98 -36.33
CA ALA U 400 -97.83 64.69 -35.77
C ALA U 400 -98.45 63.78 -36.82
N ALA U 401 -99.37 64.31 -37.63
CA ALA U 401 -99.97 63.57 -38.72
C ALA U 401 -98.93 63.12 -39.74
N ILE U 402 -97.93 63.95 -40.02
CA ILE U 402 -96.85 63.58 -40.94
C ILE U 402 -95.97 62.49 -40.34
N LEU U 403 -95.64 62.55 -39.05
CA LEU U 403 -94.92 61.46 -38.41
C LEU U 403 -95.72 60.16 -38.48
N GLU U 404 -97.05 60.23 -38.34
CA GLU U 404 -97.92 59.06 -38.48
C GLU U 404 -98.09 58.62 -39.94
N GLY U 405 -97.91 59.52 -40.90
CA GLY U 405 -98.21 59.33 -42.32
C GLY U 405 -99.69 59.55 -42.70
N ASP U 406 -100.49 60.12 -41.80
CA ASP U 406 -101.95 60.31 -41.88
C ASP U 406 -102.33 61.52 -42.77
N VAL U 407 -101.92 61.46 -44.04
CA VAL U 407 -101.82 62.69 -44.87
C VAL U 407 -103.15 63.39 -45.10
N GLU U 408 -104.27 62.68 -45.29
CA GLU U 408 -105.54 63.38 -45.48
C GLU U 408 -105.90 64.20 -44.24
N LYS U 409 -105.74 63.62 -43.06
CA LYS U 409 -105.92 64.34 -41.81
C LYS U 409 -104.96 65.51 -41.73
N ALA U 410 -103.71 65.34 -42.17
CA ALA U 410 -102.76 66.44 -42.21
C ALA U 410 -103.29 67.59 -43.07
N VAL U 411 -103.79 67.29 -44.26
CA VAL U 411 -104.31 68.31 -45.18
C VAL U 411 -105.53 69.01 -44.57
N ARG U 412 -106.43 68.24 -43.97
CA ARG U 412 -107.56 68.81 -43.23
C ARG U 412 -107.08 69.75 -42.12
N ALA U 413 -106.06 69.36 -41.37
CA ALA U 413 -105.48 70.21 -40.33
C ALA U 413 -104.81 71.47 -40.93
N ALA U 414 -104.12 71.33 -42.05
CA ALA U 414 -103.49 72.46 -42.71
C ALA U 414 -104.54 73.48 -43.18
N GLN U 415 -105.71 73.02 -43.63
CA GLN U 415 -106.79 73.92 -44.02
C GLN U 415 -107.24 74.80 -42.84
N GLU U 416 -107.32 74.26 -41.62
CA GLU U 416 -107.51 75.11 -40.44
C GLU U 416 -106.28 76.00 -40.21
N ALA U 417 -105.07 75.45 -40.34
CA ALA U 417 -103.85 76.18 -40.07
C ALA U 417 -103.77 77.47 -40.89
N VAL U 418 -104.03 77.39 -42.20
CA VAL U 418 -103.92 78.57 -43.06
C VAL U 418 -104.95 79.63 -42.66
N LYS U 419 -106.18 79.24 -42.33
CA LYS U 419 -107.17 80.20 -41.83
C LYS U 419 -106.71 80.85 -40.53
N ALA U 420 -106.18 80.07 -39.60
CA ALA U 420 -105.69 80.59 -38.33
C ALA U 420 -104.53 81.58 -38.54
N ALA U 421 -103.60 81.26 -39.43
CA ALA U 421 -102.51 82.17 -39.77
C ALA U 421 -103.02 83.45 -40.45
N LYS U 422 -104.00 83.33 -41.34
CA LYS U 422 -104.65 84.48 -41.98
C LYS U 422 -105.29 85.40 -40.93
N GLU U 423 -105.98 84.82 -39.94
CA GLU U 423 -106.53 85.57 -38.82
C GLU U 423 -105.41 86.24 -37.98
N ALA U 424 -104.29 85.57 -37.76
CA ALA U 424 -103.14 86.16 -37.06
C ALA U 424 -102.54 87.34 -37.85
N GLY U 425 -102.52 87.23 -39.17
CA GLY U 425 -102.09 88.30 -40.08
C GLY U 425 -100.57 88.46 -40.23
N ASP U 426 -99.78 87.43 -39.92
CA ASP U 426 -98.32 87.46 -40.07
C ASP U 426 -97.84 86.61 -41.26
N ASN U 427 -97.15 87.25 -42.19
CA ASN U 427 -96.54 86.56 -43.34
C ASN U 427 -95.48 85.54 -42.93
N ASP U 428 -94.74 85.74 -41.83
CA ASP U 428 -93.72 84.76 -41.42
C ASP U 428 -94.37 83.50 -40.86
N MET U 429 -95.43 83.61 -40.07
CA MET U 429 -96.26 82.47 -39.72
C MET U 429 -96.85 81.82 -40.97
N LEU U 430 -97.36 82.59 -41.92
CA LEU U 430 -97.80 82.00 -43.18
C LEU U 430 -96.65 81.27 -43.89
N ARG U 431 -95.41 81.76 -43.83
CA ARG U 431 -94.26 81.03 -44.35
C ARG U 431 -94.09 79.72 -43.61
N ALA U 432 -94.19 79.72 -42.29
CA ALA U 432 -94.12 78.46 -41.55
C ALA U 432 -95.20 77.50 -42.06
N VAL U 433 -96.44 77.97 -42.22
CA VAL U 433 -97.52 77.14 -42.76
C VAL U 433 -97.17 76.64 -44.15
N ALA U 434 -96.69 77.50 -45.03
CA ALA U 434 -96.32 77.08 -46.37
C ALA U 434 -95.20 76.04 -46.31
N ILE U 435 -94.21 76.22 -45.46
CA ILE U 435 -93.07 75.30 -45.33
C ILE U 435 -93.57 73.95 -44.82
N ALA U 436 -94.47 73.95 -43.85
CA ALA U 436 -95.12 72.72 -43.45
C ALA U 436 -95.85 72.10 -44.64
N ALA U 437 -96.64 72.87 -45.38
CA ALA U 437 -97.43 72.34 -46.48
C ALA U 437 -96.55 71.76 -47.59
N LEU U 438 -95.44 72.40 -47.89
CA LEU U 438 -94.39 71.88 -48.75
C LEU U 438 -93.91 70.54 -48.20
N ARG U 439 -93.54 70.49 -46.92
CA ARG U 439 -93.05 69.26 -46.33
C ARG U 439 -94.11 68.17 -46.34
N ILE U 440 -95.39 68.51 -46.17
CA ILE U 440 -96.51 67.59 -46.31
C ILE U 440 -96.47 67.01 -47.72
N ALA U 441 -96.47 67.87 -48.73
CA ALA U 441 -96.45 67.41 -50.10
C ALA U 441 -95.22 66.52 -50.38
N LYS U 442 -94.06 66.82 -49.79
CA LYS U 442 -92.87 65.99 -49.93
C LYS U 442 -93.08 64.58 -49.37
N GLU U 443 -93.77 64.47 -48.24
CA GLU U 443 -94.13 63.16 -47.71
C GLU U 443 -95.11 62.45 -48.64
N ALA U 444 -96.09 63.18 -49.18
CA ALA U 444 -97.06 62.58 -50.10
C ALA U 444 -96.38 62.08 -51.37
N GLU U 445 -95.36 62.78 -51.86
CA GLU U 445 -94.53 62.31 -52.98
C GLU U 445 -93.75 61.06 -52.62
N LYS U 446 -93.14 61.02 -51.44
CA LYS U 446 -92.50 59.80 -50.92
C LYS U 446 -93.49 58.63 -50.86
N GLN U 447 -94.73 58.88 -50.47
CA GLN U 447 -95.80 57.87 -50.48
C GLN U 447 -96.32 57.54 -51.88
N GLY U 448 -96.22 58.45 -52.84
CA GLY U 448 -96.90 58.37 -54.13
C GLY U 448 -98.38 58.75 -54.12
N ASN U 449 -98.90 59.36 -53.04
CA ASN U 449 -100.29 59.81 -52.92
C ASN U 449 -100.49 61.18 -53.62
N VAL U 450 -100.33 61.19 -54.94
CA VAL U 450 -100.31 62.43 -55.75
C VAL U 450 -101.62 63.23 -55.64
N GLU U 451 -102.73 62.55 -55.42
CA GLU U 451 -104.06 63.14 -55.32
C GLU U 451 -104.12 64.00 -54.05
N VAL U 452 -103.75 63.40 -52.93
CA VAL U 452 -103.60 64.14 -51.68
C VAL U 452 -102.51 65.19 -51.83
N ALA U 453 -101.42 64.89 -52.54
CA ALA U 453 -100.39 65.88 -52.76
C ALA U 453 -100.93 67.11 -53.48
N VAL U 454 -101.81 66.95 -54.47
CA VAL U 454 -102.44 68.09 -55.16
C VAL U 454 -103.24 68.91 -54.16
N LYS U 455 -104.00 68.27 -53.28
CA LYS U 455 -104.69 69.01 -52.20
C LYS U 455 -103.66 69.75 -51.32
N ALA U 456 -102.59 69.08 -50.92
CA ALA U 456 -101.57 69.67 -50.06
C ALA U 456 -100.92 70.88 -50.72
N ALA U 457 -100.56 70.76 -52.00
CA ALA U 457 -100.05 71.87 -52.77
C ALA U 457 -101.09 72.97 -52.90
N ARG U 458 -102.37 72.63 -53.11
CA ARG U 458 -103.43 73.62 -53.23
C ARG U 458 -103.54 74.48 -51.98
N VAL U 459 -103.36 73.88 -50.80
CA VAL U 459 -103.24 74.62 -49.55
C VAL U 459 -101.93 75.39 -49.50
N ALA U 460 -100.82 74.75 -49.83
CA ALA U 460 -99.50 75.37 -49.75
C ALA U 460 -99.46 76.68 -50.54
N VAL U 461 -99.92 76.62 -51.78
CA VAL U 461 -99.93 77.78 -52.68
C VAL U 461 -100.91 78.83 -52.18
N GLU U 462 -102.00 78.44 -51.51
CA GLU U 462 -102.88 79.43 -50.90
C GLU U 462 -102.13 80.23 -49.83
N ALA U 463 -101.41 79.54 -48.95
CA ALA U 463 -100.59 80.21 -47.93
C ALA U 463 -99.51 81.08 -48.58
N ALA U 464 -98.79 80.55 -49.57
CA ALA U 464 -97.71 81.28 -50.23
C ALA U 464 -98.22 82.53 -50.95
N LYS U 465 -99.38 82.43 -51.62
CA LYS U 465 -100.05 83.53 -52.31
C LYS U 465 -100.44 84.65 -51.35
N GLN U 466 -100.91 84.30 -50.17
CA GLN U 466 -101.23 85.29 -49.14
C GLN U 466 -99.95 85.90 -48.53
N ALA U 467 -98.90 85.10 -48.32
CA ALA U 467 -97.64 85.55 -47.73
C ALA U 467 -96.81 86.46 -48.67
N GLY U 468 -96.88 86.23 -49.99
CA GLY U 468 -96.17 87.00 -51.00
C GLY U 468 -94.68 86.66 -51.18
N ASP U 469 -94.21 85.53 -50.66
CA ASP U 469 -92.80 85.12 -50.81
C ASP U 469 -92.55 84.37 -52.13
N ASN U 470 -91.85 85.03 -53.06
CA ASN U 470 -91.59 84.48 -54.38
C ASN U 470 -90.69 83.24 -54.33
N ASP U 471 -89.74 83.15 -53.40
CA ASP U 471 -88.87 81.97 -53.31
C ASP U 471 -89.67 80.76 -52.85
N VAL U 472 -90.58 80.95 -51.89
CA VAL U 472 -91.53 79.90 -51.53
C VAL U 472 -92.37 79.53 -52.74
N LEU U 473 -92.94 80.49 -53.46
CA LEU U 473 -93.76 80.19 -54.63
C LEU U 473 -92.98 79.37 -55.66
N ARG U 474 -91.69 79.67 -55.86
CA ARG U 474 -90.82 78.89 -56.74
C ARG U 474 -90.67 77.47 -56.23
N LEU U 475 -90.36 77.30 -54.95
CA LEU U 475 -90.22 75.97 -54.35
C LEU U 475 -91.52 75.17 -54.46
N VAL U 476 -92.67 75.84 -54.29
CA VAL U 476 -93.99 75.23 -54.50
C VAL U 476 -94.14 74.80 -55.94
N SER U 477 -93.83 75.66 -56.90
CA SER U 477 -93.88 75.29 -58.30
C SER U 477 -92.99 74.08 -58.59
N GLU U 478 -91.77 74.04 -58.06
CA GLU U 478 -90.88 72.88 -58.22
C GLU U 478 -91.51 71.62 -57.65
N ARG U 479 -92.07 71.68 -56.44
CA ARG U 479 -92.76 70.52 -55.89
C ARG U 479 -93.97 70.13 -56.74
N ALA U 480 -94.69 71.10 -57.28
CA ALA U 480 -95.84 70.83 -58.14
C ALA U 480 -95.40 70.10 -59.42
N LEU U 481 -94.24 70.45 -59.98
CA LEU U 481 -93.68 69.68 -61.07
C LEU U 481 -93.26 68.28 -60.60
N SER U 482 -92.79 68.09 -59.37
CA SER U 482 -92.55 66.74 -58.83
C SER U 482 -93.84 65.94 -58.89
N ILE U 483 -94.91 66.53 -58.35
CA ILE U 483 -96.23 65.90 -58.33
C ILE U 483 -96.68 65.61 -59.76
N ALA U 484 -96.47 66.53 -60.70
CA ALA U 484 -96.87 66.32 -62.08
C ALA U 484 -96.12 65.11 -62.66
N ALA U 485 -94.79 65.06 -62.52
CA ALA U 485 -94.00 63.95 -63.02
C ALA U 485 -94.43 62.62 -62.38
N SER U 486 -94.61 62.61 -61.07
CA SER U 486 -95.15 61.46 -60.35
C SER U 486 -96.53 61.07 -60.87
N SER U 487 -97.37 62.04 -61.23
CA SER U 487 -98.72 61.78 -61.78
C SER U 487 -98.65 61.15 -63.16
N VAL U 488 -97.74 61.59 -64.02
CA VAL U 488 -97.52 60.93 -65.31
C VAL U 488 -96.91 59.54 -65.09
N LYS U 489 -96.07 59.35 -64.06
CA LYS U 489 -95.57 58.03 -63.68
C LYS U 489 -96.69 57.07 -63.27
N GLN U 490 -97.73 57.59 -62.63
CA GLN U 490 -99.00 56.88 -62.38
C GLN U 490 -99.94 56.86 -63.61
N GLY U 491 -99.65 57.60 -64.67
CA GLY U 491 -100.46 57.72 -65.87
C GLY U 491 -101.75 58.55 -65.72
N ASN U 492 -101.92 59.31 -64.63
CA ASN U 492 -103.16 60.05 -64.40
C ASN U 492 -103.11 61.48 -65.00
N TYR U 493 -103.77 61.63 -66.13
CA TYR U 493 -103.88 62.90 -66.86
C TYR U 493 -104.60 63.99 -66.07
N GLU U 494 -105.65 63.66 -65.33
CA GLU U 494 -106.40 64.67 -64.57
C GLU U 494 -105.55 65.25 -63.44
N VAL U 495 -104.86 64.40 -62.70
CA VAL U 495 -103.96 64.86 -61.63
C VAL U 495 -102.80 65.64 -62.23
N LYS U 496 -102.22 65.18 -63.36
CA LYS U 496 -101.24 65.97 -64.11
C LYS U 496 -101.79 67.36 -64.43
N GLU U 497 -103.01 67.42 -64.96
CA GLU U 497 -103.61 68.68 -65.38
C GLU U 497 -103.73 69.65 -64.21
N LYS U 498 -104.25 69.16 -63.08
CA LYS U 498 -104.33 69.95 -61.85
C LYS U 498 -102.94 70.39 -61.40
N ALA U 499 -101.96 69.50 -61.38
CA ALA U 499 -100.61 69.81 -60.94
C ALA U 499 -99.99 70.91 -61.80
N ILE U 500 -100.16 70.84 -63.12
CA ILE U 500 -99.71 71.90 -64.02
C ILE U 500 -100.45 73.20 -63.73
N ARG U 501 -101.77 73.18 -63.57
CA ARG U 501 -102.54 74.39 -63.24
C ARG U 501 -102.08 75.00 -61.91
N VAL U 502 -101.75 74.17 -60.93
CA VAL U 502 -101.18 74.63 -59.65
C VAL U 502 -99.80 75.24 -59.87
N ALA U 503 -98.92 74.57 -60.62
CA ALA U 503 -97.61 75.14 -60.93
C ALA U 503 -97.76 76.49 -61.64
N LYS U 504 -98.73 76.61 -62.55
CA LYS U 504 -99.04 77.85 -63.25
C LYS U 504 -99.66 78.91 -62.36
N GLU U 505 -100.49 78.56 -61.38
CA GLU U 505 -100.93 79.52 -60.37
C GLU U 505 -99.73 80.06 -59.59
N ALA U 506 -98.82 79.18 -59.14
CA ALA U 506 -97.61 79.61 -58.42
C ALA U 506 -96.75 80.53 -59.30
N ASN U 507 -96.57 80.19 -60.58
CA ASN U 507 -95.85 81.03 -61.54
C ASN U 507 -96.55 82.39 -61.75
N LYS U 508 -97.88 82.41 -61.88
CA LYS U 508 -98.66 83.65 -62.07
C LYS U 508 -98.49 84.61 -60.90
N GLN U 509 -98.45 84.10 -59.67
CA GLN U 509 -98.18 84.92 -58.49
C GLN U 509 -96.70 85.38 -58.43
N ALA U 510 -95.75 84.49 -58.74
CA ALA U 510 -94.32 84.80 -58.65
C ALA U 510 -93.84 85.83 -59.70
N GLY U 511 -94.42 85.83 -60.91
CA GLY U 511 -94.12 86.76 -62.00
C GLY U 511 -92.73 86.60 -62.62
N PRO V 238 -99.24 -34.93 7.28
CA PRO V 238 -100.65 -35.35 7.45
C PRO V 238 -100.96 -36.04 8.78
N GLU V 239 -100.15 -37.04 9.15
CA GLU V 239 -100.35 -38.00 10.24
C GLU V 239 -100.76 -37.34 11.56
N LEU V 240 -100.12 -36.22 11.90
CA LEU V 240 -100.37 -35.49 13.14
C LEU V 240 -101.83 -35.06 13.29
N PHE V 241 -102.56 -34.90 12.18
CA PHE V 241 -103.98 -34.58 12.21
C PHE V 241 -104.75 -35.63 13.01
N LEU V 242 -104.43 -36.91 12.83
CA LEU V 242 -105.06 -37.97 13.61
C LEU V 242 -104.76 -37.80 15.10
N GLN V 243 -103.55 -37.37 15.45
CA GLN V 243 -103.19 -37.14 16.84
C GLN V 243 -103.96 -35.95 17.42
N ASP V 244 -104.15 -34.89 16.64
CA ASP V 244 -104.99 -33.78 17.05
C ASP V 244 -106.43 -34.22 17.22
N LEU V 245 -106.99 -34.96 16.27
CA LEU V 245 -108.33 -35.52 16.38
C LEU V 245 -108.43 -36.35 17.67
N ARG V 246 -107.44 -37.20 17.94
CA ARG V 246 -107.40 -37.95 19.20
C ARG V 246 -107.43 -37.01 20.39
N SER V 247 -106.66 -35.94 20.38
CA SER V 247 -106.68 -34.98 21.48
C SER V 247 -108.07 -34.37 21.66
N LEU V 248 -108.76 -34.05 20.57
CA LEU V 248 -110.12 -33.50 20.66
C LEU V 248 -111.11 -34.55 21.18
N VAL V 249 -110.96 -35.81 20.76
CA VAL V 249 -111.74 -36.91 21.32
C VAL V 249 -111.47 -37.04 22.82
N GLU V 250 -110.21 -36.97 23.24
CA GLU V 250 -109.87 -37.06 24.67
C GLU V 250 -110.44 -35.88 25.44
N ALA V 251 -110.33 -34.67 24.90
CA ALA V 251 -110.95 -33.51 25.51
C ALA V 251 -112.45 -33.74 25.68
N ALA V 252 -113.12 -34.17 24.61
CA ALA V 252 -114.54 -34.47 24.66
C ALA V 252 -114.87 -35.50 25.73
N ARG V 253 -114.06 -36.55 25.85
CA ARG V 253 -114.24 -37.58 26.88
C ARG V 253 -114.15 -36.96 28.27
N ILE V 254 -113.12 -36.15 28.51
CA ILE V 254 -112.93 -35.48 29.80
C ILE V 254 -114.10 -34.56 30.09
N LEU V 255 -114.52 -33.77 29.11
CA LEU V 255 -115.70 -32.93 29.25
C LEU V 255 -116.92 -33.78 29.59
N ALA V 256 -117.13 -34.91 28.94
CA ALA V 256 -118.29 -35.75 29.22
C ALA V 256 -118.26 -36.28 30.66
N ARG V 257 -117.09 -36.69 31.16
CA ARG V 257 -116.95 -37.05 32.58
C ARG V 257 -117.32 -35.86 33.47
N LEU V 258 -116.72 -34.70 33.20
CA LEU V 258 -116.90 -33.50 34.00
C LEU V 258 -118.37 -33.08 34.01
N ALA V 259 -119.02 -33.06 32.86
CA ALA V 259 -120.42 -32.67 32.71
C ALA V 259 -121.32 -33.59 33.52
N ARG V 260 -121.03 -34.89 33.53
CA ARG V 260 -121.78 -35.85 34.36
C ARG V 260 -121.60 -35.61 35.86
N GLN V 261 -120.54 -34.94 36.28
CA GLN V 261 -120.43 -34.43 37.64
C GLN V 261 -121.20 -33.11 37.81
N ARG V 262 -120.95 -32.13 36.94
CA ARG V 262 -121.32 -30.72 37.16
C ARG V 262 -122.76 -30.36 36.79
N GLY V 263 -123.40 -31.13 35.89
CA GLY V 263 -124.81 -30.96 35.53
C GLY V 263 -125.11 -29.70 34.69
N ASP V 264 -124.34 -29.43 33.64
CA ASP V 264 -124.48 -28.25 32.78
C ASP V 264 -124.83 -28.63 31.32
N GLU V 265 -126.01 -28.23 30.84
CA GLU V 265 -126.42 -28.50 29.47
C GLU V 265 -125.53 -27.81 28.42
N HIS V 266 -124.89 -26.69 28.75
CA HIS V 266 -123.93 -26.05 27.84
C HIS V 266 -122.66 -26.89 27.69
N ALA V 267 -122.23 -27.58 28.74
CA ALA V 267 -121.16 -28.56 28.64
C ALA V 267 -121.59 -29.76 27.78
N LEU V 268 -122.85 -30.23 27.90
CA LEU V 268 -123.37 -31.29 27.02
C LEU V 268 -123.40 -30.84 25.55
N GLU V 269 -123.86 -29.62 25.29
CA GLU V 269 -123.87 -29.07 23.93
C GLU V 269 -122.44 -28.91 23.39
N ARG V 270 -121.51 -28.37 24.18
CA ARG V 270 -120.08 -28.31 23.82
C ARG V 270 -119.59 -29.70 23.41
N ALA V 271 -119.79 -30.69 24.28
CA ALA V 271 -119.32 -32.04 24.01
C ALA V 271 -119.92 -32.60 22.72
N ALA V 272 -121.23 -32.45 22.50
CA ALA V 272 -121.88 -32.90 21.28
C ALA V 272 -121.27 -32.25 20.03
N ARG V 273 -121.16 -30.92 20.04
CA ARG V 273 -120.61 -30.14 18.92
C ARG V 273 -119.16 -30.55 18.63
N TRP V 274 -118.29 -30.48 19.65
CA TRP V 274 -116.89 -30.87 19.52
C TRP V 274 -116.77 -32.31 18.98
N ALA V 275 -117.50 -33.27 19.55
CA ALA V 275 -117.35 -34.68 19.20
C ALA V 275 -117.85 -35.00 17.78
N GLU V 276 -119.03 -34.53 17.40
CA GLU V 276 -119.52 -34.80 16.05
C GLU V 276 -118.61 -34.20 14.99
N GLN V 277 -118.13 -32.98 15.21
CA GLN V 277 -117.17 -32.35 14.31
C GLN V 277 -115.89 -33.18 14.19
N ALA V 278 -115.35 -33.66 15.29
CA ALA V 278 -114.16 -34.51 15.26
C ALA V 278 -114.42 -35.77 14.42
N ALA V 279 -115.57 -36.42 14.62
CA ALA V 279 -115.92 -37.62 13.87
C ALA V 279 -115.99 -37.34 12.37
N ARG V 280 -116.70 -36.28 11.97
CA ARG V 280 -116.85 -35.94 10.55
C ARG V 280 -115.53 -35.47 9.94
N GLN V 281 -114.68 -34.80 10.71
CA GLN V 281 -113.33 -34.44 10.26
C GLN V 281 -112.48 -35.70 10.03
N ALA V 282 -112.56 -36.67 10.93
CA ALA V 282 -111.89 -37.95 10.72
C ALA V 282 -112.45 -38.65 9.47
N GLU V 283 -113.77 -38.66 9.29
CA GLU V 283 -114.41 -39.35 8.17
C GLU V 283 -113.81 -38.94 6.83
N ARG V 284 -113.57 -37.65 6.62
CA ARG V 284 -112.98 -37.12 5.38
C ARG V 284 -111.65 -37.80 5.09
N LEU V 285 -110.72 -37.75 6.03
CA LEU V 285 -109.41 -38.38 5.87
C LEU V 285 -109.54 -39.90 5.72
N ALA V 286 -110.43 -40.52 6.49
CA ALA V 286 -110.61 -41.97 6.46
C ALA V 286 -111.06 -42.44 5.07
N ARG V 287 -112.05 -41.78 4.47
CA ARG V 287 -112.48 -42.12 3.11
C ARG V 287 -111.36 -41.83 2.10
N GLN V 288 -110.69 -40.70 2.24
CA GLN V 288 -109.56 -40.30 1.40
C GLN V 288 -108.44 -41.35 1.40
N ALA V 289 -108.16 -41.99 2.53
CA ALA V 289 -107.04 -42.92 2.64
C ALA V 289 -107.10 -44.09 1.64
N ARG V 290 -108.29 -44.55 1.21
CA ARG V 290 -108.39 -45.58 0.17
C ARG V 290 -107.91 -45.10 -1.18
N LYS V 291 -108.16 -43.84 -1.52
CA LYS V 291 -107.60 -43.21 -2.72
C LYS V 291 -106.08 -43.13 -2.61
N GLU V 292 -105.58 -42.76 -1.43
CA GLU V 292 -104.14 -42.66 -1.18
C GLU V 292 -103.43 -44.03 -1.08
N GLY V 293 -104.17 -45.10 -0.81
CA GLY V 293 -103.67 -46.47 -0.75
C GLY V 293 -102.80 -46.81 0.47
N ASN V 294 -102.49 -45.85 1.35
CA ASN V 294 -101.78 -46.13 2.60
C ASN V 294 -102.72 -46.75 3.63
N LEU V 295 -102.81 -48.08 3.63
CA LEU V 295 -103.73 -48.81 4.51
C LEU V 295 -103.37 -48.67 5.99
N GLU V 296 -102.11 -48.42 6.33
CA GLU V 296 -101.72 -48.16 7.72
C GLU V 296 -102.39 -46.88 8.23
N LEU V 297 -102.23 -45.78 7.51
CA LEU V 297 -102.91 -44.55 7.85
C LEU V 297 -104.42 -44.74 7.78
N ALA V 298 -104.92 -45.53 6.83
CA ALA V 298 -106.34 -45.83 6.78
C ALA V 298 -106.82 -46.49 8.07
N LEU V 299 -106.22 -47.60 8.49
CA LEU V 299 -106.70 -48.29 9.68
C LEU V 299 -106.43 -47.46 10.93
N LYS V 300 -105.40 -46.60 10.94
CA LYS V 300 -105.23 -45.63 12.02
C LYS V 300 -106.39 -44.64 12.06
N ALA V 301 -106.81 -44.13 10.91
CA ALA V 301 -108.00 -43.27 10.85
C ALA V 301 -109.24 -44.04 11.33
N LEU V 302 -109.43 -45.29 10.89
CA LEU V 302 -110.54 -46.09 11.37
C LEU V 302 -110.47 -46.29 12.89
N GLN V 303 -109.29 -46.56 13.44
CA GLN V 303 -109.11 -46.71 14.88
C GLN V 303 -109.55 -45.44 15.60
N ILE V 304 -109.12 -44.28 15.11
CA ILE V 304 -109.59 -43.00 15.66
C ILE V 304 -111.11 -42.92 15.58
N LEU V 305 -111.73 -43.33 14.46
CA LEU V 305 -113.18 -43.33 14.35
C LEU V 305 -113.82 -44.28 15.36
N VAL V 306 -113.23 -45.43 15.67
CA VAL V 306 -113.75 -46.31 16.71
C VAL V 306 -113.63 -45.67 18.09
N ASN V 307 -112.49 -45.06 18.41
CA ASN V 307 -112.34 -44.36 19.69
C ASN V 307 -113.34 -43.20 19.79
N ALA V 308 -113.51 -42.44 18.72
CA ALA V 308 -114.54 -41.40 18.65
C ALA V 308 -115.93 -42.00 18.84
N ALA V 309 -116.23 -43.15 18.24
CA ALA V 309 -117.51 -43.81 18.40
C ALA V 309 -117.76 -44.17 19.86
N TYR V 310 -116.74 -44.64 20.60
CA TYR V 310 -116.88 -44.87 22.03
C TYR V 310 -117.28 -43.59 22.77
N VAL V 311 -116.60 -42.47 22.51
CA VAL V 311 -116.92 -41.20 23.19
C VAL V 311 -118.32 -40.69 22.79
N LEU V 312 -118.71 -40.82 21.52
CA LEU V 312 -120.07 -40.47 21.09
C LEU V 312 -121.09 -41.33 21.82
N ALA V 313 -120.88 -42.65 21.88
CA ALA V 313 -121.78 -43.57 22.55
C ALA V 313 -121.90 -43.26 24.04
N GLU V 314 -120.79 -42.93 24.72
CA GLU V 314 -120.80 -42.48 26.10
C GLU V 314 -121.68 -41.24 26.29
N ILE V 315 -121.55 -40.24 25.43
CA ILE V 315 -122.40 -39.04 25.49
C ILE V 315 -123.86 -39.45 25.26
N ALA V 316 -124.11 -40.18 24.19
CA ALA V 316 -125.44 -40.52 23.73
C ALA V 316 -126.23 -41.35 24.76
N ARG V 317 -125.63 -42.40 25.32
CA ARG V 317 -126.34 -43.36 26.18
C ARG V 317 -126.82 -42.72 27.49
N ASP V 318 -126.04 -41.78 28.02
CA ASP V 318 -126.46 -41.01 29.19
C ASP V 318 -127.37 -39.84 28.82
N ARG V 319 -127.16 -39.19 27.66
CA ARG V 319 -128.01 -38.07 27.21
C ARG V 319 -129.43 -38.50 26.87
N GLY V 320 -129.61 -39.74 26.37
CA GLY V 320 -130.92 -40.32 26.04
C GLY V 320 -131.45 -40.03 24.63
N ASN V 321 -130.67 -39.39 23.75
CA ASN V 321 -131.07 -39.16 22.35
C ASN V 321 -130.76 -40.39 21.49
N GLU V 322 -131.77 -41.20 21.20
CA GLU V 322 -131.60 -42.43 20.41
C GLU V 322 -131.09 -42.17 18.99
N GLU V 323 -131.29 -40.97 18.46
CA GLU V 323 -130.76 -40.54 17.17
C GLU V 323 -129.23 -40.52 17.20
N LEU V 324 -128.62 -40.04 18.27
CA LEU V 324 -127.17 -40.05 18.40
C LEU V 324 -126.65 -41.49 18.50
N LEU V 325 -127.37 -42.37 19.18
CA LEU V 325 -127.04 -43.80 19.18
C LEU V 325 -127.11 -44.36 17.76
N GLU V 326 -128.15 -44.03 17.00
CA GLU V 326 -128.28 -44.46 15.61
C GLU V 326 -127.10 -43.96 14.76
N TYR V 327 -126.77 -42.68 14.87
CA TYR V 327 -125.67 -42.09 14.11
C TYR V 327 -124.35 -42.77 14.47
N ALA V 328 -124.07 -42.94 15.76
CA ALA V 328 -122.86 -43.62 16.21
C ALA V 328 -122.81 -45.05 15.68
N ALA V 329 -123.92 -45.78 15.75
CA ALA V 329 -124.01 -47.13 15.25
C ALA V 329 -123.72 -47.17 13.74
N ARG V 330 -124.29 -46.24 12.97
CA ARG V 330 -124.03 -46.16 11.52
C ARG V 330 -122.56 -45.86 11.24
N LEU V 331 -121.94 -44.94 11.98
CA LEU V 331 -120.51 -44.66 11.86
C LEU V 331 -119.70 -45.92 12.12
N ALA V 332 -120.01 -46.62 13.20
CA ALA V 332 -119.32 -47.87 13.53
C ALA V 332 -119.55 -48.95 12.46
N GLU V 333 -120.78 -49.12 11.99
CA GLU V 333 -121.12 -50.14 11.01
C GLU V 333 -120.37 -49.92 9.70
N GLU V 334 -120.39 -48.70 9.17
CA GLU V 334 -119.63 -48.39 7.96
C GLU V 334 -118.13 -48.58 8.20
N ALA V 335 -117.61 -48.17 9.36
CA ALA V 335 -116.20 -48.38 9.68
C ALA V 335 -115.87 -49.88 9.64
N ALA V 336 -116.65 -50.71 10.31
CA ALA V 336 -116.43 -52.15 10.36
C ALA V 336 -116.52 -52.75 8.96
N ARG V 337 -117.51 -52.34 8.16
CA ARG V 337 -117.64 -52.83 6.79
C ARG V 337 -116.40 -52.48 5.97
N GLN V 338 -115.91 -51.24 6.09
CA GLN V 338 -114.67 -50.85 5.42
C GLN V 338 -113.49 -51.69 5.91
N ALA V 339 -113.38 -51.92 7.21
CA ALA V 339 -112.30 -52.73 7.76
C ALA V 339 -112.34 -54.16 7.21
N ILE V 340 -113.54 -54.73 7.02
CA ILE V 340 -113.67 -56.07 6.44
C ILE V 340 -113.09 -56.11 5.03
N GLU V 341 -113.33 -55.08 4.22
CA GLU V 341 -112.71 -54.97 2.90
C GLU V 341 -111.18 -54.89 2.99
N ILE V 342 -110.65 -54.10 3.94
CA ILE V 342 -109.21 -54.03 4.14
C ILE V 342 -108.67 -55.40 4.51
N ALA V 343 -109.31 -56.10 5.44
CA ALA V 343 -108.87 -57.41 5.90
C ALA V 343 -108.81 -58.40 4.73
N ALA V 344 -109.80 -58.37 3.84
CA ALA V 344 -109.78 -59.20 2.64
C ALA V 344 -108.54 -58.90 1.79
N GLN V 345 -108.26 -57.62 1.49
CA GLN V 345 -107.07 -57.27 0.71
C GLN V 345 -105.80 -57.74 1.40
N ALA V 346 -105.69 -57.52 2.71
CA ALA V 346 -104.50 -57.91 3.45
C ALA V 346 -104.24 -59.41 3.36
N MET V 347 -105.29 -60.23 3.50
CA MET V 347 -105.17 -61.68 3.39
C MET V 347 -104.89 -62.13 1.95
N GLU V 348 -105.41 -61.42 0.94
CA GLU V 348 -105.03 -61.66 -0.45
C GLU V 348 -103.53 -61.35 -0.69
N GLU V 349 -103.03 -60.26 -0.12
CA GLU V 349 -101.60 -59.93 -0.18
C GLU V 349 -100.72 -60.89 0.63
N GLY V 350 -101.27 -61.58 1.63
CA GLY V 350 -100.47 -62.20 2.69
C GLY V 350 -99.80 -61.18 3.62
N ASN V 351 -100.27 -59.93 3.58
CA ASN V 351 -99.83 -58.81 4.42
C ASN V 351 -100.54 -58.88 5.77
N PHE V 352 -100.38 -60.02 6.45
CA PHE V 352 -101.17 -60.38 7.62
C PHE V 352 -101.10 -59.37 8.75
N GLU V 353 -100.05 -58.54 8.77
CA GLU V 353 -99.92 -57.39 9.64
C GLU V 353 -101.20 -56.55 9.63
N LEU V 354 -101.60 -56.10 8.44
CA LEU V 354 -102.81 -55.30 8.28
C LEU V 354 -104.04 -56.13 8.64
N ALA V 355 -104.04 -57.44 8.35
CA ALA V 355 -105.20 -58.27 8.65
C ALA V 355 -105.42 -58.32 10.17
N LEU V 356 -104.39 -58.65 10.93
CA LEU V 356 -104.50 -58.71 12.38
C LEU V 356 -104.90 -57.36 12.95
N GLU V 357 -104.32 -56.29 12.44
CA GLU V 357 -104.69 -54.95 12.91
C GLU V 357 -106.14 -54.64 12.57
N ALA V 358 -106.58 -54.89 11.34
CA ALA V 358 -107.96 -54.64 10.94
C ALA V 358 -108.91 -55.49 11.78
N LEU V 359 -108.53 -56.73 12.08
CA LEU V 359 -109.32 -57.59 12.96
C LEU V 359 -109.43 -56.96 14.35
N GLU V 360 -108.36 -56.36 14.88
CA GLU V 360 -108.46 -55.62 16.13
C GLU V 360 -109.45 -54.47 16.01
N ILE V 361 -109.37 -53.69 14.93
CA ILE V 361 -110.34 -52.61 14.70
C ILE V 361 -111.74 -53.20 14.75
N ILE V 362 -111.96 -54.33 14.08
CA ILE V 362 -113.27 -54.96 14.03
C ILE V 362 -113.71 -55.35 15.44
N ASN V 363 -112.82 -55.93 16.23
CA ASN V 363 -113.15 -56.28 17.60
C ASN V 363 -113.54 -55.03 18.40
N GLU V 364 -112.76 -53.97 18.30
CA GLU V 364 -113.04 -52.75 19.05
C GLU V 364 -114.36 -52.14 18.60
N ALA V 365 -114.62 -52.12 17.29
CA ALA V 365 -115.90 -51.67 16.78
C ALA V 365 -117.02 -52.53 17.36
N ALA V 366 -116.84 -53.84 17.39
CA ALA V 366 -117.83 -54.74 17.95
C ALA V 366 -118.08 -54.38 19.42
N ARG V 367 -117.04 -54.04 20.19
CA ARG V 367 -117.19 -53.60 21.58
C ARG V 367 -118.15 -52.42 21.67
N VAL V 368 -117.92 -51.40 20.85
CA VAL V 368 -118.79 -50.21 20.86
C VAL V 368 -120.22 -50.59 20.47
N LEU V 369 -120.37 -51.39 19.41
CA LEU V 369 -121.68 -51.82 18.95
C LEU V 369 -122.41 -52.58 20.07
N ALA V 370 -121.71 -53.45 20.79
CA ALA V 370 -122.28 -54.16 21.92
C ALA V 370 -122.73 -53.19 23.01
N ARG V 371 -121.96 -52.16 23.35
CA ARG V 371 -122.39 -51.17 24.33
C ARG V 371 -123.70 -50.51 23.91
N ILE V 372 -123.81 -50.08 22.65
CA ILE V 372 -125.04 -49.47 22.14
C ILE V 372 -126.20 -50.48 22.24
N ALA V 373 -125.99 -51.69 21.73
CA ALA V 373 -127.00 -52.73 21.74
C ALA V 373 -127.47 -53.08 23.16
N HIS V 374 -126.57 -53.06 24.15
CA HIS V 374 -126.90 -53.32 25.55
C HIS V 374 -127.85 -52.26 26.14
N HIS V 375 -127.80 -51.04 25.64
CA HIS V 375 -128.75 -49.99 26.04
C HIS V 375 -130.05 -50.06 25.25
N ARG V 376 -130.00 -50.41 23.96
CA ARG V 376 -131.21 -50.66 23.14
C ARG V 376 -131.97 -51.94 23.49
N GLY V 377 -131.32 -52.90 24.14
CA GLY V 377 -131.88 -54.23 24.44
C GLY V 377 -131.88 -55.21 23.26
N ASN V 378 -131.07 -54.96 22.22
CA ASN V 378 -131.03 -55.77 21.00
C ASN V 378 -130.22 -57.07 21.16
N GLN V 379 -130.88 -58.13 21.65
CA GLN V 379 -130.30 -59.47 21.75
C GLN V 379 -129.74 -59.96 20.40
N GLU V 380 -130.39 -59.59 19.29
CA GLU V 380 -129.99 -59.97 17.94
C GLU V 380 -128.61 -59.40 17.61
N LEU V 381 -128.43 -58.11 17.87
CA LEU V 381 -127.15 -57.44 17.64
C LEU V 381 -126.08 -57.97 18.59
N LEU V 382 -126.40 -58.25 19.85
CA LEU V 382 -125.44 -58.82 20.80
C LEU V 382 -124.97 -60.22 20.34
N GLU V 383 -125.89 -61.08 19.92
CA GLU V 383 -125.53 -62.37 19.33
C GLU V 383 -124.68 -62.19 18.07
N LYS V 384 -124.98 -61.19 17.23
CA LYS V 384 -124.16 -60.88 16.06
C LYS V 384 -122.77 -60.38 16.46
N ALA V 385 -122.64 -59.55 17.48
CA ALA V 385 -121.34 -59.12 17.98
C ALA V 385 -120.53 -60.31 18.53
N ALA V 386 -121.15 -61.17 19.33
CA ALA V 386 -120.49 -62.36 19.82
C ALA V 386 -120.02 -63.23 18.65
N SER V 387 -120.89 -63.44 17.68
CA SER V 387 -120.53 -64.21 16.48
C SER V 387 -119.39 -63.54 15.72
N LEU V 388 -119.44 -62.22 15.54
CA LEU V 388 -118.43 -61.46 14.81
C LEU V 388 -117.08 -61.58 15.50
N THR V 389 -117.04 -61.32 16.79
CA THR V 389 -115.83 -61.48 17.58
C THR V 389 -115.34 -62.91 17.56
N HIS V 390 -116.23 -63.89 17.61
CA HIS V 390 -115.84 -65.27 17.50
C HIS V 390 -115.18 -65.54 16.14
N ALA V 391 -115.78 -65.07 15.06
CA ALA V 391 -115.27 -65.28 13.71
C ALA V 391 -113.92 -64.57 13.53
N SER V 392 -113.80 -63.33 13.99
CA SER V 392 -112.55 -62.60 13.86
C SER V 392 -111.44 -63.28 14.65
N ALA V 393 -111.77 -63.81 15.84
CA ALA V 393 -110.81 -64.60 16.60
C ALA V 393 -110.39 -65.83 15.80
N ALA V 394 -111.34 -66.55 15.20
CA ALA V 394 -111.02 -67.72 14.38
C ALA V 394 -110.13 -67.33 13.19
N LEU V 395 -110.39 -66.19 12.53
CA LEU V 395 -109.54 -65.67 11.47
C LEU V 395 -108.14 -65.39 12.00
N SER V 396 -108.04 -64.78 13.17
CA SER V 396 -106.76 -64.56 13.82
C SER V 396 -106.04 -65.89 14.04
N ARG V 397 -106.75 -66.91 14.54
CA ARG V 397 -106.18 -68.25 14.77
C ARG V 397 -105.70 -68.84 13.45
N ALA V 398 -106.50 -68.72 12.39
CA ALA V 398 -106.11 -69.20 11.08
C ALA V 398 -104.84 -68.51 10.59
N ILE V 399 -104.75 -67.18 10.74
CA ILE V 399 -103.56 -66.44 10.37
C ILE V 399 -102.37 -66.99 11.15
N ALA V 400 -102.50 -67.14 12.47
CA ALA V 400 -101.43 -67.68 13.30
C ALA V 400 -100.99 -69.08 12.83
N ALA V 401 -101.95 -69.95 12.52
CA ALA V 401 -101.66 -71.28 12.03
C ALA V 401 -100.91 -71.22 10.69
N ILE V 402 -101.25 -70.29 9.81
CA ILE V 402 -100.54 -70.10 8.55
C ILE V 402 -99.13 -69.54 8.77
N LEU V 403 -98.95 -68.60 9.70
CA LEU V 403 -97.63 -68.11 10.06
C LEU V 403 -96.76 -69.24 10.61
N GLU V 404 -97.31 -70.12 11.44
CA GLU V 404 -96.59 -71.29 11.95
C GLU V 404 -96.35 -72.33 10.86
N GLY V 405 -97.32 -72.51 9.95
CA GLY V 405 -97.28 -73.41 8.80
C GLY V 405 -98.16 -74.66 8.88
N ASP V 406 -98.85 -74.93 10.00
CA ASP V 406 -99.74 -76.10 10.12
C ASP V 406 -101.09 -75.84 9.45
N VAL V 407 -101.15 -76.17 8.18
CA VAL V 407 -102.37 -76.04 7.39
C VAL V 407 -103.51 -76.91 7.91
N GLU V 408 -103.25 -78.05 8.55
CA GLU V 408 -104.36 -78.86 9.10
C GLU V 408 -105.02 -78.12 10.25
N LYS V 409 -104.21 -77.57 11.16
CA LYS V 409 -104.73 -76.72 12.23
C LYS V 409 -105.44 -75.50 11.65
N ALA V 410 -104.91 -74.91 10.57
CA ALA V 410 -105.59 -73.82 9.90
C ALA V 410 -106.97 -74.26 9.37
N VAL V 411 -107.07 -75.41 8.73
CA VAL V 411 -108.34 -75.92 8.20
C VAL V 411 -109.31 -76.24 9.32
N ARG V 412 -108.82 -76.82 10.41
CA ARG V 412 -109.62 -77.01 11.62
C ARG V 412 -110.18 -75.66 12.10
N ALA V 413 -109.34 -74.62 12.17
CA ALA V 413 -109.80 -73.29 12.55
C ALA V 413 -110.82 -72.73 11.56
N ALA V 414 -110.61 -72.91 10.27
CA ALA V 414 -111.53 -72.44 9.25
C ALA V 414 -112.89 -73.14 9.36
N GLN V 415 -112.91 -74.43 9.71
CA GLN V 415 -114.16 -75.15 9.96
C GLN V 415 -114.95 -74.49 11.09
N GLU V 416 -114.29 -74.03 12.14
CA GLU V 416 -114.98 -73.22 13.17
C GLU V 416 -115.42 -71.86 12.59
N ALA V 417 -114.53 -71.21 11.83
CA ALA V 417 -114.81 -69.89 11.29
C ALA V 417 -116.07 -69.88 10.43
N VAL V 418 -116.21 -70.84 9.51
CA VAL V 418 -117.35 -70.84 8.58
C VAL V 418 -118.66 -71.03 9.33
N LYS V 419 -118.68 -71.88 10.36
CA LYS V 419 -119.86 -72.01 11.23
C LYS V 419 -120.17 -70.68 11.90
N ALA V 420 -119.18 -70.03 12.51
CA ALA V 420 -119.39 -68.75 13.17
C ALA V 420 -119.91 -67.68 12.21
N ALA V 421 -119.36 -67.61 10.99
CA ALA V 421 -119.78 -66.65 9.99
C ALA V 421 -121.23 -66.94 9.52
N LYS V 422 -121.57 -68.21 9.32
CA LYS V 422 -122.94 -68.63 9.02
C LYS V 422 -123.89 -68.21 10.13
N GLU V 423 -123.50 -68.41 11.38
CA GLU V 423 -124.27 -68.02 12.55
C GLU V 423 -124.43 -66.48 12.66
N ALA V 424 -123.42 -65.71 12.28
CA ALA V 424 -123.55 -64.26 12.15
C ALA V 424 -124.54 -63.87 11.03
N GLY V 425 -124.49 -64.60 9.92
CA GLY V 425 -125.35 -64.40 8.75
C GLY V 425 -124.92 -63.23 7.86
N ASP V 426 -123.64 -62.83 7.87
CA ASP V 426 -123.12 -61.76 7.02
C ASP V 426 -122.28 -62.28 5.84
N ASN V 427 -122.71 -61.96 4.63
CA ASN V 427 -121.98 -62.31 3.41
C ASN V 427 -120.60 -61.65 3.33
N ASP V 428 -120.40 -60.44 3.87
CA ASP V 428 -119.10 -59.77 3.76
C ASP V 428 -118.07 -60.43 4.66
N MET V 429 -118.44 -60.80 5.89
CA MET V 429 -117.60 -61.66 6.71
C MET V 429 -117.37 -63.00 6.02
N LEU V 430 -118.40 -63.64 5.45
CA LEU V 430 -118.18 -64.87 4.70
C LEU V 430 -117.18 -64.65 3.55
N ARG V 431 -117.20 -63.50 2.87
CA ARG V 431 -116.20 -63.17 1.84
C ARG V 431 -114.81 -63.12 2.47
N ALA V 432 -114.65 -62.43 3.59
CA ALA V 432 -113.36 -62.42 4.28
C ALA V 432 -112.91 -63.85 4.60
N VAL V 433 -113.81 -64.69 5.12
CA VAL V 433 -113.51 -66.09 5.43
C VAL V 433 -113.10 -66.84 4.16
N ALA V 434 -113.84 -66.70 3.07
CA ALA V 434 -113.46 -67.36 1.83
C ALA V 434 -112.09 -66.89 1.35
N ILE V 435 -111.80 -65.59 1.45
CA ILE V 435 -110.49 -65.04 1.08
C ILE V 435 -109.40 -65.64 1.96
N ALA V 436 -109.65 -65.74 3.27
CA ALA V 436 -108.73 -66.43 4.15
C ALA V 436 -108.54 -67.88 3.68
N ALA V 437 -109.61 -68.59 3.36
CA ALA V 437 -109.55 -69.98 2.94
C ALA V 437 -108.76 -70.15 1.65
N LEU V 438 -108.90 -69.22 0.70
CA LEU V 438 -108.04 -69.14 -0.48
C LEU V 438 -106.59 -68.98 -0.06
N ARG V 439 -106.29 -68.03 0.84
CA ARG V 439 -104.90 -67.85 1.29
C ARG V 439 -104.37 -69.09 2.00
N ILE V 440 -105.20 -69.80 2.76
CA ILE V 440 -104.85 -71.07 3.38
C ILE V 440 -104.46 -72.05 2.29
N ALA V 441 -105.32 -72.24 1.30
CA ALA V 441 -105.02 -73.15 0.20
C ALA V 441 -103.72 -72.76 -0.52
N LYS V 442 -103.46 -71.45 -0.68
CA LYS V 442 -102.22 -70.96 -1.30
C LYS V 442 -100.98 -71.40 -0.52
N GLU V 443 -101.06 -71.42 0.81
CA GLU V 443 -99.96 -71.94 1.63
C GLU V 443 -99.81 -73.45 1.41
N ALA V 444 -100.91 -74.19 1.38
CA ALA V 444 -100.86 -75.63 1.18
C ALA V 444 -100.26 -75.97 -0.20
N GLU V 445 -100.57 -75.19 -1.22
CA GLU V 445 -99.95 -75.30 -2.54
C GLU V 445 -98.47 -74.97 -2.51
N LYS V 446 -98.08 -73.89 -1.83
CA LYS V 446 -96.66 -73.55 -1.61
C LYS V 446 -95.92 -74.71 -0.97
N GLN V 447 -96.54 -75.38 -0.01
CA GLN V 447 -95.99 -76.57 0.64
C GLN V 447 -96.06 -77.84 -0.23
N GLY V 448 -96.98 -77.91 -1.19
CA GLY V 448 -97.31 -79.13 -1.93
C GLY V 448 -98.24 -80.11 -1.18
N ASN V 449 -98.86 -79.70 -0.08
CA ASN V 449 -99.77 -80.51 0.74
C ASN V 449 -101.20 -80.57 0.17
N VAL V 450 -101.32 -81.15 -1.04
CA VAL V 450 -102.55 -81.12 -1.84
C VAL V 450 -103.77 -81.68 -1.10
N GLU V 451 -103.60 -82.70 -0.28
CA GLU V 451 -104.69 -83.31 0.48
C GLU V 451 -105.37 -82.30 1.40
N VAL V 452 -104.60 -81.65 2.27
CA VAL V 452 -105.15 -80.57 3.09
C VAL V 452 -105.59 -79.42 2.20
N ALA V 453 -104.92 -79.15 1.09
CA ALA V 453 -105.39 -78.11 0.18
C ALA V 453 -106.82 -78.41 -0.30
N VAL V 454 -107.14 -79.66 -0.66
CA VAL V 454 -108.51 -80.04 -1.05
C VAL V 454 -109.47 -79.79 0.10
N LYS V 455 -109.11 -80.17 1.32
CA LYS V 455 -109.94 -79.86 2.48
C LYS V 455 -110.15 -78.35 2.62
N ALA V 456 -109.10 -77.56 2.46
CA ALA V 456 -109.18 -76.10 2.54
C ALA V 456 -110.12 -75.55 1.48
N ALA V 457 -109.98 -76.01 0.24
CA ALA V 457 -110.87 -75.62 -0.83
C ALA V 457 -112.32 -76.04 -0.52
N ARG V 458 -112.53 -77.23 0.07
CA ARG V 458 -113.87 -77.69 0.41
C ARG V 458 -114.55 -76.75 1.40
N VAL V 459 -113.80 -76.23 2.37
CA VAL V 459 -114.30 -75.17 3.26
C VAL V 459 -114.48 -73.88 2.48
N ALA V 460 -113.50 -73.47 1.68
CA ALA V 460 -113.55 -72.22 0.95
C ALA V 460 -114.83 -72.13 0.11
N VAL V 461 -115.10 -73.17 -0.67
CA VAL V 461 -116.27 -73.20 -1.55
C VAL V 461 -117.57 -73.21 -0.75
N GLU V 462 -117.59 -73.78 0.45
CA GLU V 462 -118.78 -73.68 1.30
C GLU V 462 -119.06 -72.23 1.67
N ALA V 463 -118.03 -71.50 2.10
CA ALA V 463 -118.16 -70.08 2.40
C ALA V 463 -118.58 -69.30 1.16
N ALA V 464 -117.91 -69.53 0.02
CA ALA V 464 -118.18 -68.81 -1.21
C ALA V 464 -119.60 -69.06 -1.73
N LYS V 465 -120.08 -70.31 -1.65
CA LYS V 465 -121.45 -70.72 -1.94
C LYS V 465 -122.45 -69.88 -1.13
N GLN V 466 -122.22 -69.78 0.17
CA GLN V 466 -123.14 -69.06 1.04
C GLN V 466 -123.05 -67.54 0.85
N ALA V 467 -121.86 -67.01 0.53
CA ALA V 467 -121.66 -65.59 0.28
C ALA V 467 -122.22 -65.12 -1.08
N GLY V 468 -122.11 -65.94 -2.12
CA GLY V 468 -122.58 -65.63 -3.48
C GLY V 468 -121.65 -64.73 -4.32
N ASP V 469 -120.37 -64.57 -3.95
CA ASP V 469 -119.41 -63.78 -4.73
C ASP V 469 -118.81 -64.59 -5.90
N ASN V 470 -119.20 -64.24 -7.12
CA ASN V 470 -118.77 -64.94 -8.31
C ASN V 470 -117.26 -64.82 -8.56
N ASP V 471 -116.63 -63.68 -8.26
CA ASP V 471 -115.20 -63.53 -8.48
C ASP V 471 -114.41 -64.42 -7.52
N VAL V 472 -114.86 -64.49 -6.26
CA VAL V 472 -114.30 -65.46 -5.32
C VAL V 472 -114.52 -66.87 -5.84
N LEU V 473 -115.73 -67.23 -6.28
CA LEU V 473 -115.98 -68.57 -6.80
C LEU V 473 -115.04 -68.89 -7.97
N ARG V 474 -114.78 -67.93 -8.86
CA ARG V 474 -113.83 -68.09 -9.95
C ARG V 474 -112.43 -68.33 -9.43
N LEU V 475 -111.97 -67.51 -8.48
CA LEU V 475 -110.66 -67.68 -7.86
C LEU V 475 -110.54 -69.05 -7.19
N VAL V 476 -111.59 -69.54 -6.54
CA VAL V 476 -111.63 -70.88 -5.94
C VAL V 476 -111.51 -71.92 -7.02
N SER V 477 -112.26 -71.80 -8.11
CA SER V 477 -112.13 -72.72 -9.24
C SER V 477 -110.68 -72.73 -9.77
N GLU V 478 -110.06 -71.57 -9.95
CA GLU V 478 -108.67 -71.47 -10.39
C GLU V 478 -107.73 -72.17 -9.40
N ARG V 479 -107.89 -71.90 -8.11
CA ARG V 479 -107.06 -72.55 -7.09
C ARG V 479 -107.27 -74.06 -7.09
N ALA V 480 -108.50 -74.53 -7.31
CA ALA V 480 -108.81 -75.94 -7.39
C ALA V 480 -108.09 -76.59 -8.57
N LEU V 481 -107.99 -75.90 -9.70
CA LEU V 481 -107.14 -76.34 -10.80
C LEU V 481 -105.65 -76.29 -10.43
N SER V 482 -105.19 -75.33 -9.63
CA SER V 482 -103.81 -75.36 -9.11
C SER V 482 -103.57 -76.66 -8.35
N ILE V 483 -104.48 -76.96 -7.43
CA ILE V 483 -104.41 -78.17 -6.61
C ILE V 483 -104.47 -79.41 -7.51
N ALA V 484 -105.32 -79.42 -8.53
CA ALA V 484 -105.40 -80.55 -9.44
C ALA V 484 -104.06 -80.76 -10.15
N ALA V 485 -103.46 -79.71 -10.70
CA ALA V 485 -102.16 -79.79 -11.37
C ALA V 485 -101.07 -80.26 -10.40
N SER V 486 -101.04 -79.68 -9.21
CA SER V 486 -100.16 -80.13 -8.14
C SER V 486 -100.40 -81.61 -7.80
N SER V 487 -101.64 -82.08 -7.86
CA SER V 487 -101.97 -83.49 -7.59
C SER V 487 -101.46 -84.42 -8.69
N VAL V 488 -101.53 -84.00 -9.95
CA VAL V 488 -100.88 -84.74 -11.04
C VAL V 488 -99.37 -84.72 -10.85
N LYS V 489 -98.79 -83.60 -10.41
CA LYS V 489 -97.36 -83.52 -10.10
C LYS V 489 -96.96 -84.51 -9.01
N GLN V 490 -97.80 -84.63 -7.97
CA GLN V 490 -97.67 -85.68 -6.95
C GLN V 490 -98.04 -87.08 -7.45
N GLY V 491 -98.60 -87.21 -8.65
CA GLY V 491 -99.07 -88.47 -9.25
C GLY V 491 -100.35 -89.04 -8.62
N ASN V 492 -101.03 -88.32 -7.72
CA ASN V 492 -102.18 -88.85 -7.00
C ASN V 492 -103.49 -88.58 -7.75
N TYR V 493 -103.93 -89.58 -8.49
CA TYR V 493 -105.16 -89.55 -9.27
C TYR V 493 -106.39 -89.31 -8.38
N GLU V 494 -106.48 -89.93 -7.21
CA GLU V 494 -107.64 -89.80 -6.32
C GLU V 494 -107.79 -88.35 -5.85
N VAL V 495 -106.70 -87.73 -5.40
CA VAL V 495 -106.74 -86.33 -4.99
C VAL V 495 -107.05 -85.45 -6.20
N LYS V 496 -106.51 -85.77 -7.38
CA LYS V 496 -106.85 -85.06 -8.62
C LYS V 496 -108.34 -85.14 -8.90
N GLU V 497 -108.97 -86.31 -8.81
CA GLU V 497 -110.41 -86.47 -9.01
C GLU V 497 -111.20 -85.55 -8.09
N LYS V 498 -110.85 -85.54 -6.80
CA LYS V 498 -111.48 -84.65 -5.82
C LYS V 498 -111.25 -83.19 -6.20
N ALA V 499 -110.03 -82.82 -6.58
CA ALA V 499 -109.70 -81.44 -6.95
C ALA V 499 -110.52 -80.97 -8.15
N ILE V 500 -110.66 -81.82 -9.17
CA ILE V 500 -111.52 -81.52 -10.31
C ILE V 500 -112.97 -81.43 -9.87
N ARG V 501 -113.46 -82.36 -9.06
CA ARG V 501 -114.84 -82.32 -8.56
C ARG V 501 -115.10 -81.03 -7.78
N VAL V 502 -114.14 -80.54 -7.01
CA VAL V 502 -114.22 -79.26 -6.30
C VAL V 502 -114.15 -78.08 -7.26
N ALA V 503 -113.29 -78.11 -8.28
CA ALA V 503 -113.30 -77.07 -9.31
C ALA V 503 -114.69 -76.99 -9.95
N LYS V 504 -115.28 -78.14 -10.26
CA LYS V 504 -116.64 -78.25 -10.81
C LYS V 504 -117.70 -77.81 -9.82
N GLU V 505 -117.50 -78.01 -8.51
CA GLU V 505 -118.40 -77.41 -7.51
C GLU V 505 -118.35 -75.89 -7.61
N ALA V 506 -117.16 -75.29 -7.60
CA ALA V 506 -117.01 -73.84 -7.68
C ALA V 506 -117.62 -73.28 -8.97
N ASN V 507 -117.44 -73.97 -10.09
CA ASN V 507 -118.11 -73.63 -11.34
C ASN V 507 -119.64 -73.74 -11.24
N LYS V 508 -120.17 -74.85 -10.70
CA LYS V 508 -121.62 -75.08 -10.57
C LYS V 508 -122.30 -74.07 -9.66
N GLN V 509 -121.65 -73.71 -8.56
CA GLN V 509 -122.18 -72.70 -7.62
C GLN V 509 -122.19 -71.29 -8.24
N ALA V 510 -121.25 -70.97 -9.13
CA ALA V 510 -121.29 -69.72 -9.90
C ALA V 510 -122.39 -69.76 -10.98
N GLY V 511 -122.56 -70.89 -11.67
CA GLY V 511 -123.60 -71.14 -12.68
C GLY V 511 -123.41 -70.39 -14.00
N PRO W 238 -6.48 -83.58 63.80
CA PRO W 238 -6.42 -84.75 64.70
C PRO W 238 -5.85 -84.46 66.08
N GLU W 239 -4.72 -83.77 66.14
CA GLU W 239 -3.88 -83.50 67.31
C GLU W 239 -4.68 -83.00 68.53
N LEU W 240 -5.64 -82.11 68.27
CA LEU W 240 -6.52 -81.52 69.27
C LEU W 240 -7.23 -82.58 70.11
N PHE W 241 -7.56 -83.72 69.52
CA PHE W 241 -8.27 -84.80 70.19
C PHE W 241 -7.49 -85.23 71.44
N LEU W 242 -6.17 -85.39 71.31
CA LEU W 242 -5.30 -85.71 72.45
C LEU W 242 -5.40 -84.62 73.52
N GLN W 243 -5.36 -83.36 73.11
CA GLN W 243 -5.41 -82.24 74.04
C GLN W 243 -6.74 -82.21 74.80
N ASP W 244 -7.84 -82.39 74.09
CA ASP W 244 -9.15 -82.48 74.71
C ASP W 244 -9.22 -83.67 75.66
N LEU W 245 -8.81 -84.85 75.21
CA LEU W 245 -8.81 -86.04 76.05
C LEU W 245 -8.01 -85.77 77.34
N ARG W 246 -6.82 -85.20 77.20
CA ARG W 246 -6.00 -84.82 78.35
C ARG W 246 -6.77 -83.87 79.25
N SER W 247 -7.39 -82.83 78.69
CA SER W 247 -8.16 -81.90 79.50
C SER W 247 -9.28 -82.61 80.25
N LEU W 248 -9.92 -83.61 79.65
CA LEU W 248 -10.95 -84.38 80.33
C LEU W 248 -10.34 -85.14 81.48
N VAL W 249 -9.19 -85.78 81.27
CA VAL W 249 -8.48 -86.44 82.36
C VAL W 249 -8.16 -85.42 83.47
N GLU W 250 -7.70 -84.23 83.12
CA GLU W 250 -7.41 -83.19 84.11
C GLU W 250 -8.67 -82.78 84.86
N ALA W 251 -9.77 -82.56 84.16
CA ALA W 251 -11.01 -82.24 84.81
C ALA W 251 -11.39 -83.35 85.78
N ALA W 252 -11.32 -84.61 85.32
CA ALA W 252 -11.63 -85.75 86.16
C ALA W 252 -10.72 -85.76 87.41
N ARG W 253 -9.44 -85.47 87.24
CA ARG W 253 -8.48 -85.38 88.34
C ARG W 253 -8.90 -84.29 89.32
N ILE W 254 -9.20 -83.10 88.83
CA ILE W 254 -9.60 -81.97 89.67
C ILE W 254 -10.88 -82.31 90.41
N LEU W 255 -11.87 -82.86 89.70
CA LEU W 255 -13.11 -83.30 90.30
C LEU W 255 -12.83 -84.33 91.40
N ALA W 256 -11.99 -85.33 91.15
CA ALA W 256 -11.67 -86.33 92.16
C ALA W 256 -10.97 -85.70 93.36
N ARG W 257 -10.04 -84.78 93.14
CA ARG W 257 -9.34 -84.06 94.20
C ARG W 257 -10.34 -83.30 95.06
N LEU W 258 -11.26 -82.59 94.43
CA LEU W 258 -12.33 -81.86 95.12
C LEU W 258 -13.26 -82.82 95.86
N ALA W 259 -13.67 -83.91 95.21
CA ALA W 259 -14.61 -84.88 95.77
C ALA W 259 -14.07 -85.52 97.04
N ARG W 260 -12.76 -85.82 97.08
CA ARG W 260 -12.12 -86.34 98.30
C ARG W 260 -12.16 -85.34 99.46
N GLN W 261 -12.35 -84.06 99.19
CA GLN W 261 -12.70 -83.09 100.23
C GLN W 261 -14.21 -83.10 100.52
N ARG W 262 -15.05 -82.96 99.48
CA ARG W 262 -16.45 -82.52 99.61
C ARG W 262 -17.50 -83.62 99.71
N GLY W 263 -17.17 -84.87 99.35
CA GLY W 263 -17.94 -86.07 99.69
C GLY W 263 -19.02 -86.55 98.71
N ASP W 264 -19.34 -85.84 97.62
CA ASP W 264 -20.35 -86.29 96.65
C ASP W 264 -19.87 -87.51 95.82
N GLU W 265 -20.52 -88.66 95.96
CA GLU W 265 -20.23 -89.83 95.16
C GLU W 265 -20.53 -89.60 93.67
N HIS W 266 -21.48 -88.74 93.32
CA HIS W 266 -21.80 -88.46 91.92
C HIS W 266 -20.71 -87.66 91.22
N ALA W 267 -19.85 -86.94 91.95
CA ALA W 267 -18.62 -86.39 91.39
C ALA W 267 -17.65 -87.52 91.01
N LEU W 268 -17.49 -88.53 91.88
CA LEU W 268 -16.67 -89.69 91.55
C LEU W 268 -17.25 -90.44 90.35
N GLU W 269 -18.57 -90.61 90.32
CA GLU W 269 -19.24 -91.28 89.22
C GLU W 269 -19.05 -90.53 87.89
N ARG W 270 -19.30 -89.21 87.88
CA ARG W 270 -19.04 -88.33 86.74
C ARG W 270 -17.63 -88.52 86.22
N ALA W 271 -16.65 -88.32 87.10
CA ALA W 271 -15.24 -88.38 86.76
C ALA W 271 -14.87 -89.77 86.21
N ALA W 272 -15.27 -90.85 86.88
CA ALA W 272 -14.93 -92.20 86.47
C ALA W 272 -15.48 -92.52 85.09
N ARG W 273 -16.77 -92.23 84.86
CA ARG W 273 -17.40 -92.43 83.56
C ARG W 273 -16.68 -91.63 82.49
N TRP W 274 -16.50 -90.34 82.70
CA TRP W 274 -15.84 -89.48 81.72
C TRP W 274 -14.40 -89.93 81.44
N ALA W 275 -13.67 -90.32 82.47
CA ALA W 275 -12.33 -90.85 82.30
C ALA W 275 -12.35 -92.13 81.47
N GLU W 276 -13.16 -93.13 81.84
CA GLU W 276 -13.23 -94.38 81.09
C GLU W 276 -13.65 -94.12 79.64
N GLN W 277 -14.64 -93.26 79.42
CA GLN W 277 -15.07 -92.91 78.08
C GLN W 277 -13.91 -92.30 77.29
N ALA W 278 -13.20 -91.33 77.87
CA ALA W 278 -12.02 -90.80 77.24
C ALA W 278 -11.00 -91.90 76.94
N ALA W 279 -10.78 -92.83 77.87
CA ALA W 279 -9.83 -93.92 77.67
C ALA W 279 -10.26 -94.79 76.48
N ARG W 280 -11.55 -95.10 76.36
CA ARG W 280 -12.06 -95.84 75.21
C ARG W 280 -11.91 -95.03 73.91
N GLN W 281 -12.19 -93.74 73.95
CA GLN W 281 -12.00 -92.86 72.78
C GLN W 281 -10.54 -92.86 72.35
N ALA W 282 -9.63 -92.72 73.31
CA ALA W 282 -8.21 -92.82 73.08
C ALA W 282 -7.82 -94.20 72.56
N GLU W 283 -8.41 -95.28 73.06
CA GLU W 283 -8.11 -96.63 72.59
C GLU W 283 -8.46 -96.77 71.11
N ARG W 284 -9.67 -96.35 70.73
CA ARG W 284 -10.12 -96.35 69.33
C ARG W 284 -9.16 -95.54 68.47
N LEU W 285 -8.81 -94.34 68.92
CA LEU W 285 -7.83 -93.51 68.25
C LEU W 285 -6.50 -94.26 68.10
N ALA W 286 -6.00 -94.89 69.14
CA ALA W 286 -4.70 -95.56 69.12
C ALA W 286 -4.70 -96.75 68.16
N ARG W 287 -5.75 -97.58 68.20
CA ARG W 287 -5.91 -98.69 67.25
C ARG W 287 -5.86 -98.18 65.81
N GLN W 288 -6.61 -97.11 65.53
CA GLN W 288 -6.57 -96.45 64.23
C GLN W 288 -5.17 -95.93 63.90
N ALA W 289 -4.50 -95.30 64.86
CA ALA W 289 -3.18 -94.71 64.63
C ALA W 289 -2.15 -95.75 64.17
N ARG W 290 -2.22 -97.00 64.62
CA ARG W 290 -1.36 -98.06 64.08
C ARG W 290 -1.65 -98.34 62.60
N LYS W 291 -2.91 -98.36 62.20
CA LYS W 291 -3.27 -98.45 60.77
C LYS W 291 -2.76 -97.24 59.99
N GLU W 292 -2.85 -96.06 60.58
CA GLU W 292 -2.36 -94.82 59.97
C GLU W 292 -0.83 -94.71 59.95
N GLY W 293 -0.13 -95.49 60.77
CA GLY W 293 1.34 -95.55 60.80
C GLY W 293 2.02 -94.36 61.47
N ASN W 294 1.30 -93.32 61.89
CA ASN W 294 1.87 -92.28 62.74
C ASN W 294 1.99 -92.78 64.19
N LEU W 295 3.04 -93.56 64.45
CA LEU W 295 3.27 -94.13 65.77
C LEU W 295 3.58 -93.07 66.82
N GLU W 296 4.02 -91.88 66.43
CA GLU W 296 4.19 -90.77 67.37
C GLU W 296 2.84 -90.38 67.99
N LEU W 297 1.83 -90.11 67.15
CA LEU W 297 0.50 -89.87 67.64
C LEU W 297 -0.03 -91.07 68.43
N ALA W 298 0.28 -92.28 68.00
CA ALA W 298 -0.13 -93.48 68.74
C ALA W 298 0.46 -93.49 70.15
N LEU W 299 1.78 -93.35 70.30
CA LEU W 299 2.38 -93.39 71.63
C LEU W 299 1.94 -92.17 72.46
N LYS W 300 1.67 -91.03 71.84
CA LYS W 300 1.06 -89.91 72.54
C LYS W 300 -0.33 -90.29 73.06
N ALA W 301 -1.14 -90.98 72.27
CA ALA W 301 -2.39 -91.54 72.76
C ALA W 301 -2.14 -92.52 73.92
N LEU W 302 -1.10 -93.37 73.84
CA LEU W 302 -0.78 -94.24 74.97
C LEU W 302 -0.42 -93.42 76.22
N GLN W 303 0.25 -92.28 76.08
CA GLN W 303 0.51 -91.41 77.22
C GLN W 303 -0.79 -90.92 77.86
N ILE W 304 -1.81 -90.60 77.04
CA ILE W 304 -3.14 -90.32 77.59
C ILE W 304 -3.61 -91.51 78.42
N LEU W 305 -3.53 -92.73 77.89
CA LEU W 305 -3.98 -93.91 78.62
C LEU W 305 -3.23 -94.08 79.94
N VAL W 306 -1.93 -93.80 79.98
CA VAL W 306 -1.17 -93.89 81.23
C VAL W 306 -1.68 -92.87 82.24
N ASN W 307 -1.78 -91.60 81.86
CA ASN W 307 -2.26 -90.58 82.79
C ASN W 307 -3.70 -90.88 83.23
N ALA W 308 -4.55 -91.32 82.32
CA ALA W 308 -5.90 -91.75 82.64
C ALA W 308 -5.86 -92.90 83.65
N ALA W 309 -5.01 -93.92 83.44
CA ALA W 309 -4.94 -95.06 84.35
C ALA W 309 -4.51 -94.61 85.75
N TYR W 310 -3.61 -93.63 85.86
CA TYR W 310 -3.29 -93.01 87.14
C TYR W 310 -4.53 -92.43 87.81
N VAL W 311 -5.31 -91.61 87.10
CA VAL W 311 -6.53 -91.02 87.66
C VAL W 311 -7.54 -92.11 88.02
N LEU W 312 -7.71 -93.13 87.19
CA LEU W 312 -8.65 -94.20 87.46
C LEU W 312 -8.25 -94.95 88.74
N ALA W 313 -6.97 -95.27 88.88
CA ALA W 313 -6.47 -95.92 90.08
C ALA W 313 -6.66 -95.03 91.32
N GLU W 314 -6.43 -93.72 91.20
CA GLU W 314 -6.70 -92.78 92.29
C GLU W 314 -8.18 -92.84 92.72
N ILE W 315 -9.11 -92.77 91.76
CA ILE W 315 -10.53 -92.85 92.07
C ILE W 315 -10.82 -94.21 92.72
N ALA W 316 -10.36 -95.29 92.10
CA ALA W 316 -10.66 -96.65 92.54
C ALA W 316 -10.17 -96.93 93.95
N ARG W 317 -8.91 -96.58 94.26
CA ARG W 317 -8.30 -96.97 95.53
C ARG W 317 -8.96 -96.29 96.72
N ASP W 318 -9.38 -95.04 96.55
CA ASP W 318 -10.09 -94.31 97.61
C ASP W 318 -11.60 -94.63 97.62
N ARG W 319 -12.22 -94.86 96.47
CA ARG W 319 -13.62 -95.32 96.40
C ARG W 319 -13.79 -96.75 96.94
N GLY W 320 -12.71 -97.53 96.96
CA GLY W 320 -12.66 -98.86 97.56
C GLY W 320 -13.27 -99.96 96.68
N ASN W 321 -12.93 -100.01 95.39
CA ASN W 321 -13.42 -101.04 94.48
C ASN W 321 -12.30 -101.75 93.67
N GLU W 322 -12.34 -103.08 93.63
CA GLU W 322 -11.31 -103.90 93.01
C GLU W 322 -11.45 -104.01 91.49
N GLU W 323 -12.67 -104.01 90.96
CA GLU W 323 -12.90 -104.13 89.52
C GLU W 323 -12.43 -102.88 88.77
N LEU W 324 -12.61 -101.68 89.31
CA LEU W 324 -12.08 -100.49 88.65
C LEU W 324 -10.55 -100.53 88.61
N LEU W 325 -9.91 -101.07 89.66
CA LEU W 325 -8.48 -101.37 89.60
C LEU W 325 -8.19 -102.41 88.51
N GLU W 326 -8.98 -103.47 88.41
CA GLU W 326 -8.81 -104.48 87.35
C GLU W 326 -8.85 -103.83 85.96
N TYR W 327 -9.83 -102.97 85.72
CA TYR W 327 -9.97 -102.29 84.45
C TYR W 327 -8.76 -101.39 84.17
N ALA W 328 -8.35 -100.58 85.14
CA ALA W 328 -7.17 -99.74 85.00
C ALA W 328 -5.93 -100.59 84.72
N ALA W 329 -5.76 -101.68 85.46
CA ALA W 329 -4.62 -102.58 85.28
C ALA W 329 -4.61 -103.17 83.87
N ARG W 330 -5.76 -103.64 83.38
CA ARG W 330 -5.87 -104.15 82.01
C ARG W 330 -5.56 -103.06 81.00
N LEU W 331 -6.13 -101.86 81.17
CA LEU W 331 -5.86 -100.73 80.28
C LEU W 331 -4.36 -100.45 80.20
N ALA W 332 -3.71 -100.38 81.36
CA ALA W 332 -2.27 -100.18 81.43
C ALA W 332 -1.50 -101.35 80.79
N GLU W 333 -1.81 -102.60 81.14
CA GLU W 333 -1.04 -103.76 80.71
C GLU W 333 -1.13 -103.94 79.20
N GLU W 334 -2.33 -103.87 78.63
CA GLU W 334 -2.50 -103.96 77.18
C GLU W 334 -1.83 -102.77 76.49
N ALA W 335 -1.92 -101.56 77.05
CA ALA W 335 -1.20 -100.43 76.50
C ALA W 335 0.31 -100.68 76.52
N ALA W 336 0.85 -101.21 77.61
CA ALA W 336 2.28 -101.48 77.74
C ALA W 336 2.72 -102.52 76.71
N ARG W 337 1.92 -103.57 76.51
CA ARG W 337 2.19 -104.55 75.45
C ARG W 337 2.21 -103.88 74.08
N GLN W 338 1.25 -103.01 73.79
CA GLN W 338 1.21 -102.26 72.54
C GLN W 338 2.44 -101.35 72.41
N ALA W 339 2.88 -100.73 73.50
CA ALA W 339 4.09 -99.90 73.50
C ALA W 339 5.33 -100.74 73.23
N ILE W 340 5.43 -101.94 73.81
CA ILE W 340 6.57 -102.83 73.59
C ILE W 340 6.66 -103.15 72.10
N GLU W 341 5.54 -103.43 71.45
CA GLU W 341 5.52 -103.66 70.00
C GLU W 341 6.02 -102.43 69.23
N ILE W 342 5.51 -101.24 69.57
CA ILE W 342 5.98 -99.99 68.93
C ILE W 342 7.49 -99.84 69.12
N ALA W 343 7.99 -100.09 70.33
CA ALA W 343 9.40 -99.98 70.62
C ALA W 343 10.21 -100.95 69.76
N ALA W 344 9.78 -102.19 69.64
CA ALA W 344 10.47 -103.16 68.82
C ALA W 344 10.56 -102.68 67.36
N GLN W 345 9.46 -102.19 66.79
CA GLN W 345 9.47 -101.67 65.42
C GLN W 345 10.42 -100.48 65.27
N ALA W 346 10.38 -99.54 66.20
CA ALA W 346 11.28 -98.40 66.20
C ALA W 346 12.75 -98.82 66.30
N MET W 347 13.07 -99.80 67.16
CA MET W 347 14.43 -100.31 67.27
C MET W 347 14.85 -101.05 66.01
N GLU W 348 13.97 -101.79 65.34
CA GLU W 348 14.27 -102.39 64.05
C GLU W 348 14.60 -101.32 62.99
N GLU W 349 13.87 -100.21 62.98
CA GLU W 349 14.21 -99.06 62.13
C GLU W 349 15.54 -98.40 62.50
N GLY W 350 16.08 -98.62 63.70
CA GLY W 350 17.09 -97.75 64.29
C GLY W 350 16.55 -96.34 64.62
N ASN W 351 15.23 -96.19 64.65
CA ASN W 351 14.49 -94.99 65.02
C ASN W 351 14.48 -94.86 66.55
N PHE W 352 15.68 -94.67 67.10
CA PHE W 352 15.86 -94.57 68.55
C PHE W 352 15.00 -93.46 69.15
N GLU W 353 14.70 -92.43 68.37
CA GLU W 353 13.85 -91.32 68.73
C GLU W 353 12.52 -91.82 69.28
N LEU W 354 11.73 -92.52 68.46
CA LEU W 354 10.48 -93.09 68.93
C LEU W 354 10.73 -94.17 69.98
N ALA W 355 11.81 -94.96 69.85
CA ALA W 355 12.05 -96.04 70.80
C ALA W 355 12.18 -95.50 72.23
N LEU W 356 12.96 -94.44 72.41
CA LEU W 356 13.13 -93.82 73.72
C LEU W 356 11.80 -93.30 74.24
N GLU W 357 10.98 -92.69 73.40
CA GLU W 357 9.67 -92.23 73.85
C GLU W 357 8.77 -93.41 74.24
N ALA W 358 8.75 -94.49 73.47
CA ALA W 358 7.97 -95.66 73.83
C ALA W 358 8.47 -96.25 75.16
N LEU W 359 9.78 -96.29 75.36
CA LEU W 359 10.36 -96.71 76.62
C LEU W 359 9.90 -95.79 77.75
N GLU W 360 9.81 -94.48 77.51
CA GLU W 360 9.28 -93.56 78.51
C GLU W 360 7.84 -93.91 78.86
N ILE W 361 6.99 -94.14 77.86
CA ILE W 361 5.61 -94.57 78.11
C ILE W 361 5.65 -95.82 78.97
N ILE W 362 6.48 -96.79 78.63
CA ILE W 362 6.56 -98.04 79.38
C ILE W 362 6.93 -97.74 80.82
N ASN W 363 7.90 -96.86 81.06
CA ASN W 363 8.27 -96.48 82.42
C ASN W 363 7.06 -95.93 83.15
N GLU W 364 6.39 -94.94 82.59
CA GLU W 364 5.28 -94.31 83.28
C GLU W 364 4.14 -95.32 83.50
N ALA W 365 3.86 -96.18 82.52
CA ALA W 365 2.89 -97.23 82.69
C ALA W 365 3.27 -98.13 83.86
N ALA W 366 4.55 -98.50 83.97
CA ALA W 366 5.01 -99.36 85.04
C ALA W 366 4.71 -98.71 86.40
N ARG W 367 4.93 -97.40 86.54
CA ARG W 367 4.61 -96.69 87.78
C ARG W 367 3.16 -96.91 88.16
N VAL W 368 2.25 -96.75 87.20
CA VAL W 368 0.82 -96.90 87.49
C VAL W 368 0.53 -98.32 87.96
N LEU W 369 1.09 -99.32 87.29
CA LEU W 369 0.93 -100.71 87.72
C LEU W 369 1.45 -100.88 89.15
N ALA W 370 2.59 -100.30 89.48
CA ALA W 370 3.13 -100.36 90.83
C ALA W 370 2.18 -99.69 91.83
N ARG W 371 1.62 -98.53 91.51
CA ARG W 371 0.66 -97.84 92.40
C ARG W 371 -0.55 -98.72 92.66
N ILE W 372 -1.06 -99.41 91.64
CA ILE W 372 -2.15 -100.37 91.81
C ILE W 372 -1.70 -101.51 92.72
N ALA W 373 -0.53 -102.08 92.43
CA ALA W 373 0.00 -103.21 93.18
C ALA W 373 0.18 -102.89 94.67
N HIS W 374 0.60 -101.66 95.01
CA HIS W 374 0.74 -101.22 96.39
C HIS W 374 -0.57 -101.30 97.18
N HIS W 375 -1.71 -101.17 96.50
CA HIS W 375 -3.02 -101.31 97.11
C HIS W 375 -3.54 -102.75 97.07
N ARG W 376 -3.30 -103.48 95.97
CA ARG W 376 -3.65 -104.91 95.87
C ARG W 376 -2.82 -105.83 96.76
N GLY W 377 -1.63 -105.41 97.16
CA GLY W 377 -0.71 -106.15 98.03
C GLY W 377 0.14 -107.23 97.34
N ASN W 378 0.08 -107.35 96.02
CA ASN W 378 0.83 -108.37 95.27
C ASN W 378 2.32 -108.02 95.10
N GLN W 379 3.22 -108.80 95.70
CA GLN W 379 4.67 -108.56 95.64
C GLN W 379 5.24 -108.86 94.25
N GLU W 380 4.73 -109.89 93.58
CA GLU W 380 5.23 -110.35 92.28
C GLU W 380 5.10 -109.27 91.21
N LEU W 381 3.97 -108.56 91.18
CA LEU W 381 3.78 -107.44 90.27
C LEU W 381 4.76 -106.29 90.58
N LEU W 382 5.07 -106.01 91.85
CA LEU W 382 6.07 -104.99 92.19
C LEU W 382 7.47 -105.41 91.74
N GLU W 383 7.84 -106.67 91.95
CA GLU W 383 9.10 -107.19 91.41
C GLU W 383 9.11 -107.11 89.89
N LYS W 384 8.00 -107.43 89.22
CA LYS W 384 7.86 -107.27 87.77
C LYS W 384 8.03 -105.81 87.37
N ALA W 385 7.46 -104.87 88.09
CA ALA W 385 7.64 -103.45 87.78
C ALA W 385 9.11 -103.04 87.93
N ALA W 386 9.75 -103.42 89.03
CA ALA W 386 11.17 -103.14 89.21
C ALA W 386 11.98 -103.74 88.07
N SER W 387 11.69 -104.99 87.72
CA SER W 387 12.37 -105.67 86.63
C SER W 387 12.13 -104.96 85.30
N LEU W 388 10.89 -104.57 85.01
CA LEU W 388 10.51 -103.90 83.79
C LEU W 388 11.22 -102.56 83.66
N THR W 389 11.18 -101.77 84.71
CA THR W 389 11.87 -100.48 84.75
C THR W 389 13.37 -100.69 84.63
N HIS W 390 13.93 -101.70 85.27
CA HIS W 390 15.34 -102.00 85.10
C HIS W 390 15.64 -102.37 83.64
N ALA W 391 14.82 -103.21 83.02
CA ALA W 391 15.01 -103.65 81.65
C ALA W 391 14.90 -102.49 80.68
N SER W 392 13.87 -101.65 80.83
CA SER W 392 13.71 -100.49 79.97
C SER W 392 14.87 -99.51 80.16
N ALA W 393 15.37 -99.36 81.38
CA ALA W 393 16.57 -98.58 81.63
C ALA W 393 17.76 -99.18 80.90
N ALA W 394 17.93 -100.50 80.96
CA ALA W 394 19.00 -101.18 80.27
C ALA W 394 18.89 -100.98 78.75
N LEU W 395 17.70 -101.08 78.18
CA LEU W 395 17.46 -100.79 76.78
C LEU W 395 17.85 -99.35 76.46
N SER W 396 17.43 -98.41 77.30
CA SER W 396 17.81 -97.01 77.13
C SER W 396 19.33 -96.84 77.13
N ARG W 397 20.03 -97.49 78.07
CA ARG W 397 21.48 -97.44 78.18
C ARG W 397 22.15 -98.08 76.97
N ALA W 398 21.66 -99.22 76.52
CA ALA W 398 22.16 -99.87 75.33
C ALA W 398 21.99 -98.95 74.12
N ILE W 399 20.82 -98.33 73.96
CA ILE W 399 20.58 -97.38 72.89
C ILE W 399 21.62 -96.25 72.95
N ALA W 400 21.78 -95.62 74.11
CA ALA W 400 22.75 -94.53 74.28
C ALA W 400 24.18 -94.97 73.91
N ALA W 401 24.58 -96.16 74.34
CA ALA W 401 25.89 -96.70 73.99
C ALA W 401 26.02 -96.88 72.47
N ILE W 402 24.97 -97.31 71.78
CA ILE W 402 24.98 -97.43 70.32
C ILE W 402 25.01 -96.06 69.63
N LEU W 403 24.32 -95.04 70.13
CA LEU W 403 24.51 -93.68 69.60
C LEU W 403 25.96 -93.22 69.79
N GLU W 404 26.59 -93.55 70.90
CA GLU W 404 27.98 -93.19 71.17
C GLU W 404 28.96 -94.04 70.33
N GLY W 405 28.55 -95.25 69.91
CA GLY W 405 29.43 -96.26 69.31
C GLY W 405 30.25 -97.05 70.35
N ASP W 406 29.88 -96.99 71.63
CA ASP W 406 30.57 -97.62 72.76
C ASP W 406 30.21 -99.12 72.87
N VAL W 407 30.44 -99.87 71.80
CA VAL W 407 29.82 -101.19 71.59
C VAL W 407 30.18 -102.21 72.66
N GLU W 408 31.41 -102.22 73.18
CA GLU W 408 31.75 -103.17 74.26
C GLU W 408 30.92 -102.87 75.51
N LYS W 409 30.81 -101.61 75.89
CA LYS W 409 29.95 -101.20 76.99
C LYS W 409 28.49 -101.57 76.71
N ALA W 410 28.03 -101.42 75.46
CA ALA W 410 26.70 -101.86 75.08
C ALA W 410 26.52 -103.36 75.35
N VAL W 411 27.48 -104.19 74.95
CA VAL W 411 27.41 -105.65 75.17
C VAL W 411 27.42 -105.96 76.66
N ARG W 412 28.28 -105.30 77.43
CA ARG W 412 28.30 -105.44 78.90
C ARG W 412 26.95 -105.07 79.51
N ALA W 413 26.30 -104.02 79.03
CA ALA W 413 24.95 -103.65 79.46
C ALA W 413 23.90 -104.68 79.02
N ALA W 414 24.03 -105.22 77.81
CA ALA W 414 23.10 -106.20 77.29
C ALA W 414 23.10 -107.47 78.15
N GLN W 415 24.26 -107.87 78.69
CA GLN W 415 24.34 -109.01 79.60
C GLN W 415 23.46 -108.81 80.84
N GLU W 416 23.41 -107.61 81.43
CA GLU W 416 22.43 -107.30 82.47
C GLU W 416 21.01 -107.28 81.90
N ALA W 417 20.82 -106.70 80.71
CA ALA W 417 19.49 -106.58 80.11
C ALA W 417 18.82 -107.94 79.96
N VAL W 418 19.53 -108.93 79.42
CA VAL W 418 18.95 -110.26 79.19
C VAL W 418 18.61 -110.95 80.51
N LYS W 419 19.47 -110.83 81.52
CA LYS W 419 19.15 -111.36 82.86
C LYS W 419 17.92 -110.67 83.43
N ALA W 420 17.82 -109.35 83.32
CA ALA W 420 16.66 -108.63 83.81
C ALA W 420 15.37 -109.08 83.10
N ALA W 421 15.42 -109.28 81.78
CA ALA W 421 14.27 -109.79 81.04
C ALA W 421 13.92 -111.23 81.47
N LYS W 422 14.92 -112.09 81.68
CA LYS W 422 14.72 -113.45 82.21
C LYS W 422 14.02 -113.41 83.57
N GLU W 423 14.47 -112.53 84.46
CA GLU W 423 13.83 -112.32 85.76
C GLU W 423 12.40 -111.78 85.62
N ALA W 424 12.14 -110.90 84.65
CA ALA W 424 10.79 -110.39 84.39
C ALA W 424 9.85 -111.49 83.88
N GLY W 425 10.37 -112.43 83.09
CA GLY W 425 9.62 -113.59 82.59
C GLY W 425 8.66 -113.29 81.45
N ASP W 426 8.85 -112.20 80.70
CA ASP W 426 8.04 -111.85 79.55
C ASP W 426 8.78 -112.07 78.21
N ASN W 427 8.20 -112.91 77.35
CA ASN W 427 8.74 -113.17 76.02
C ASN W 427 8.75 -111.91 75.14
N ASP W 428 7.81 -110.98 75.30
CA ASP W 428 7.78 -109.78 74.46
C ASP W 428 8.89 -108.80 74.88
N MET W 429 9.15 -108.62 76.16
CA MET W 429 10.35 -107.95 76.63
C MET W 429 11.61 -108.67 76.12
N LEU W 430 11.68 -110.00 76.21
CA LEU W 430 12.81 -110.72 75.65
C LEU W 430 12.94 -110.44 74.14
N ARG W 431 11.85 -110.32 73.39
CA ARG W 431 11.90 -109.90 71.98
C ARG W 431 12.47 -108.50 71.86
N ALA W 432 12.01 -107.55 72.66
CA ALA W 432 12.58 -106.21 72.65
C ALA W 432 14.10 -106.28 72.88
N VAL W 433 14.56 -107.05 73.87
CA VAL W 433 15.98 -107.24 74.12
C VAL W 433 16.67 -107.87 72.93
N ALA W 434 16.10 -108.91 72.33
CA ALA W 434 16.67 -109.54 71.16
C ALA W 434 16.79 -108.54 70.00
N ILE W 435 15.77 -107.72 69.77
CA ILE W 435 15.76 -106.70 68.73
C ILE W 435 16.87 -105.68 68.98
N ALA W 436 17.02 -105.24 70.23
CA ALA W 436 18.15 -104.39 70.59
C ALA W 436 19.47 -105.11 70.31
N ALA W 437 19.60 -106.38 70.68
CA ALA W 437 20.83 -107.14 70.47
C ALA W 437 21.16 -107.27 68.98
N LEU W 438 20.14 -107.44 68.13
CA LEU W 438 20.30 -107.38 66.68
C LEU W 438 20.80 -106.00 66.26
N ARG W 439 20.20 -104.91 66.74
CA ARG W 439 20.69 -103.57 66.41
C ARG W 439 22.12 -103.35 66.89
N ILE W 440 22.51 -103.89 68.04
CA ILE W 440 23.88 -103.84 68.54
C ILE W 440 24.79 -104.58 67.55
N ALA W 441 24.43 -105.80 67.17
CA ALA W 441 25.21 -106.56 66.20
C ALA W 441 25.33 -105.79 64.87
N LYS W 442 24.26 -105.13 64.43
CA LYS W 442 24.26 -104.32 63.20
C LYS W 442 25.27 -103.18 63.27
N GLU W 443 25.42 -102.55 64.45
CA GLU W 443 26.45 -101.52 64.64
C GLU W 443 27.85 -102.13 64.56
N ALA W 444 28.07 -103.24 65.26
CA ALA W 444 29.37 -103.90 65.25
C ALA W 444 29.75 -104.34 63.83
N GLU W 445 28.78 -104.80 63.04
CA GLU W 445 28.97 -105.06 61.61
C GLU W 445 29.29 -103.78 60.84
N LYS W 446 28.52 -102.71 61.03
CA LYS W 446 28.73 -101.43 60.34
C LYS W 446 30.14 -100.89 60.56
N GLN W 447 30.69 -101.10 61.76
CA GLN W 447 32.04 -100.65 62.11
C GLN W 447 33.12 -101.74 61.94
N GLY W 448 32.73 -102.99 61.67
CA GLY W 448 33.63 -104.12 61.39
C GLY W 448 34.20 -104.89 62.59
N ASN W 449 33.71 -104.64 63.81
CA ASN W 449 34.17 -105.28 65.05
C ASN W 449 33.53 -106.66 65.25
N VAL W 450 33.92 -107.63 64.41
CA VAL W 450 33.25 -108.93 64.31
C VAL W 450 33.27 -109.74 65.61
N GLU W 451 34.31 -109.62 66.43
CA GLU W 451 34.40 -110.33 67.70
C GLU W 451 33.41 -109.74 68.71
N VAL W 452 33.29 -108.42 68.77
CA VAL W 452 32.21 -107.80 69.53
C VAL W 452 30.86 -108.22 68.96
N ALA W 453 30.73 -108.29 67.64
CA ALA W 453 29.48 -108.73 67.03
C ALA W 453 29.14 -110.16 67.48
N VAL W 454 30.10 -111.08 67.55
CA VAL W 454 29.85 -112.45 68.04
C VAL W 454 29.38 -112.42 69.49
N LYS W 455 29.99 -111.61 70.35
CA LYS W 455 29.51 -111.46 71.72
C LYS W 455 28.07 -110.95 71.74
N ALA W 456 27.76 -109.93 70.94
CA ALA W 456 26.40 -109.39 70.83
C ALA W 456 25.41 -110.44 70.33
N ALA W 457 25.77 -111.20 69.30
CA ALA W 457 24.96 -112.27 68.79
C ALA W 457 24.77 -113.36 69.85
N ARG W 458 25.78 -113.67 70.66
CA ARG W 458 25.67 -114.69 71.71
C ARG W 458 24.59 -114.30 72.72
N VAL W 459 24.53 -113.02 73.07
CA VAL W 459 23.42 -112.49 73.89
C VAL W 459 22.11 -112.53 73.11
N ALA W 460 22.11 -112.11 71.85
CA ALA W 460 20.90 -112.07 71.05
C ALA W 460 20.24 -113.45 70.99
N VAL W 461 21.01 -114.47 70.64
CA VAL W 461 20.50 -115.85 70.54
C VAL W 461 20.09 -116.38 71.90
N GLU W 462 20.72 -115.95 72.99
CA GLU W 462 20.24 -116.31 74.32
C GLU W 462 18.82 -115.78 74.55
N ALA W 463 18.59 -114.50 74.27
CA ALA W 463 17.29 -113.88 74.43
C ALA W 463 16.25 -114.55 73.52
N ALA W 464 16.60 -114.76 72.26
CA ALA W 464 15.71 -115.43 71.30
C ALA W 464 15.38 -116.87 71.73
N LYS W 465 16.38 -117.61 72.24
CA LYS W 465 16.23 -118.99 72.71
C LYS W 465 15.30 -119.07 73.92
N GLN W 466 15.40 -118.12 74.84
CA GLN W 466 14.49 -118.05 75.99
C GLN W 466 13.08 -117.62 75.57
N ALA W 467 12.94 -116.71 74.60
CA ALA W 467 11.64 -116.27 74.09
C ALA W 467 10.92 -117.32 73.23
N GLY W 468 11.65 -118.12 72.47
CA GLY W 468 11.12 -119.15 71.58
C GLY W 468 10.52 -118.65 70.24
N ASP W 469 10.81 -117.41 69.83
CA ASP W 469 10.27 -116.84 68.59
C ASP W 469 11.12 -117.21 67.36
N ASN W 470 10.56 -118.06 66.51
CA ASN W 470 11.26 -118.54 65.31
C ASN W 470 11.64 -117.42 64.34
N ASP W 471 10.83 -116.37 64.19
CA ASP W 471 11.16 -115.28 63.27
C ASP W 471 12.38 -114.49 63.76
N VAL W 472 12.44 -114.27 65.07
CA VAL W 472 13.64 -113.68 65.69
C VAL W 472 14.82 -114.61 65.47
N LEU W 473 14.68 -115.91 65.75
CA LEU W 473 15.78 -116.86 65.57
C LEU W 473 16.28 -116.86 64.11
N ARG W 474 15.37 -116.76 63.14
CA ARG W 474 15.74 -116.65 61.71
C ARG W 474 16.53 -115.38 61.45
N LEU W 475 16.04 -114.23 61.91
CA LEU W 475 16.73 -112.96 61.75
C LEU W 475 18.12 -112.99 62.42
N VAL W 476 18.22 -113.61 63.60
CA VAL W 476 19.49 -113.84 64.28
C VAL W 476 20.40 -114.70 63.44
N SER W 477 19.91 -115.81 62.90
CA SER W 477 20.71 -116.66 62.01
C SER W 477 21.21 -115.87 60.80
N GLU W 478 20.35 -115.05 60.17
CA GLU W 478 20.77 -114.21 59.04
C GLU W 478 21.87 -113.23 59.46
N ARG W 479 21.69 -112.54 60.59
CA ARG W 479 22.74 -111.65 61.09
C ARG W 479 24.02 -112.42 61.41
N ALA W 480 23.91 -113.63 61.93
CA ALA W 480 25.07 -114.46 62.23
C ALA W 480 25.84 -114.80 60.96
N LEU W 481 25.15 -115.05 59.84
CA LEU W 481 25.83 -115.20 58.56
C LEU W 481 26.43 -113.87 58.07
N SER W 482 25.83 -112.71 58.36
CA SER W 482 26.50 -111.42 58.09
C SER W 482 27.85 -111.38 58.81
N ILE W 483 27.83 -111.68 60.10
CA ILE W 483 29.03 -111.72 60.94
C ILE W 483 30.03 -112.74 60.40
N ALA W 484 29.58 -113.92 59.96
CA ALA W 484 30.47 -114.91 59.40
C ALA W 484 31.16 -114.36 58.14
N ALA W 485 30.41 -113.78 57.21
CA ALA W 485 30.98 -113.20 55.99
C ALA W 485 31.98 -112.09 56.32
N SER W 486 31.60 -111.18 57.23
CA SER W 486 32.52 -110.16 57.72
C SER W 486 33.75 -110.78 58.39
N SER W 487 33.62 -111.92 59.07
CA SER W 487 34.75 -112.61 59.69
C SER W 487 35.71 -113.19 58.66
N VAL W 488 35.19 -113.77 57.57
CA VAL W 488 36.04 -114.21 56.46
C VAL W 488 36.67 -113.00 55.78
N LYS W 489 35.96 -111.87 55.65
CA LYS W 489 36.54 -110.62 55.14
C LYS W 489 37.69 -110.12 56.01
N GLN W 490 37.55 -110.23 57.33
CA GLN W 490 38.64 -110.00 58.30
C GLN W 490 39.68 -111.13 58.34
N GLY W 491 39.48 -112.24 57.61
CA GLY W 491 40.36 -113.41 57.58
C GLY W 491 40.38 -114.26 58.86
N ASN W 492 39.46 -114.06 59.80
CA ASN W 492 39.48 -114.74 61.09
C ASN W 492 38.59 -116.00 61.09
N TYR W 493 39.25 -117.15 60.99
CA TYR W 493 38.61 -118.47 60.99
C TYR W 493 37.90 -118.78 62.31
N GLU W 494 38.47 -118.39 63.46
CA GLU W 494 37.86 -118.69 64.76
C GLU W 494 36.55 -117.92 64.94
N VAL W 495 36.53 -116.63 64.57
CA VAL W 495 35.30 -115.84 64.67
C VAL W 495 34.28 -116.33 63.65
N LYS W 496 34.70 -116.72 62.43
CA LYS W 496 33.82 -117.43 61.49
C LYS W 496 33.23 -118.68 62.14
N GLU W 497 34.06 -119.49 62.77
CA GLU W 497 33.61 -120.76 63.36
C GLU W 497 32.55 -120.53 64.42
N LYS W 498 32.78 -119.57 65.32
CA LYS W 498 31.81 -119.15 66.32
C LYS W 498 30.53 -118.65 65.65
N ALA W 499 30.64 -117.79 64.63
CA ALA W 499 29.48 -117.24 63.93
C ALA W 499 28.62 -118.34 63.31
N ILE W 500 29.25 -119.33 62.68
CA ILE W 500 28.55 -120.49 62.14
C ILE W 500 27.92 -121.31 63.27
N ARG W 501 28.63 -121.59 64.36
CA ARG W 501 28.05 -122.32 65.50
C ARG W 501 26.86 -121.58 66.10
N VAL W 502 26.92 -120.25 66.17
CA VAL W 502 25.79 -119.41 66.60
C VAL W 502 24.63 -119.51 65.60
N ALA W 503 24.90 -119.40 64.30
CA ALA W 503 23.86 -119.58 63.30
C ALA W 503 23.20 -120.96 63.44
N LYS W 504 24.01 -122.01 63.67
CA LYS W 504 23.53 -123.37 63.88
C LYS W 504 22.77 -123.54 65.18
N GLU W 505 23.15 -122.86 66.26
CA GLU W 505 22.34 -122.84 67.48
C GLU W 505 20.98 -122.20 67.19
N ALA W 506 20.95 -121.05 66.52
CA ALA W 506 19.70 -120.39 66.16
C ALA W 506 18.81 -121.29 65.28
N ASN W 507 19.41 -121.95 64.29
CA ASN W 507 18.71 -122.92 63.45
C ASN W 507 18.20 -124.12 64.26
N LYS W 508 18.99 -124.65 65.19
CA LYS W 508 18.61 -125.78 66.06
C LYS W 508 17.39 -125.45 66.93
N GLN W 509 17.30 -124.22 67.44
CA GLN W 509 16.13 -123.77 68.19
C GLN W 509 14.92 -123.50 67.27
N ALA W 510 15.13 -122.98 66.05
CA ALA W 510 14.06 -122.66 65.11
C ALA W 510 13.40 -123.89 64.47
N GLY W 511 14.17 -124.96 64.20
CA GLY W 511 13.70 -126.23 63.63
C GLY W 511 13.24 -126.14 62.18
N PRO X 238 79.96 -2.52 68.33
CA PRO X 238 81.02 -2.64 69.36
C PRO X 238 81.22 -1.40 70.24
N GLU X 239 81.31 -0.24 69.60
CA GLU X 239 81.73 1.05 70.15
C GLU X 239 81.02 1.43 71.46
N LEU X 240 79.74 1.11 71.56
CA LEU X 240 78.90 1.34 72.73
C LEU X 240 79.52 0.77 74.01
N PHE X 241 80.30 -0.30 73.90
CA PHE X 241 81.06 -0.87 75.02
C PHE X 241 81.87 0.20 75.73
N LEU X 242 82.61 1.01 74.98
CA LEU X 242 83.41 2.08 75.58
C LEU X 242 82.52 3.09 76.29
N GLN X 243 81.38 3.45 75.68
CA GLN X 243 80.45 4.38 76.30
C GLN X 243 79.88 3.82 77.61
N ASP X 244 79.54 2.54 77.63
CA ASP X 244 79.07 1.90 78.84
C ASP X 244 80.18 1.87 79.89
N LEU X 245 81.39 1.47 79.52
CA LEU X 245 82.52 1.49 80.43
C LEU X 245 82.70 2.89 81.01
N ARG X 246 82.66 3.93 80.18
CA ARG X 246 82.70 5.32 80.62
C ARG X 246 81.61 5.56 81.64
N SER X 247 80.38 5.13 81.37
CA SER X 247 79.28 5.35 82.31
C SER X 247 79.56 4.66 83.65
N LEU X 248 80.11 3.45 83.64
CA LEU X 248 80.43 2.77 84.88
C LEU X 248 81.52 3.53 85.62
N VAL X 249 82.53 4.03 84.91
CA VAL X 249 83.53 4.90 85.51
C VAL X 249 82.87 6.13 86.11
N GLU X 250 81.95 6.78 85.41
CA GLU X 250 81.26 7.96 85.95
C GLU X 250 80.46 7.60 87.19
N ALA X 251 79.76 6.47 87.18
CA ALA X 251 79.04 6.03 88.35
C ALA X 251 80.03 5.85 89.50
N ALA X 252 81.16 5.19 89.26
CA ALA X 252 82.19 5.04 90.28
C ALA X 252 82.67 6.39 90.79
N ARG X 253 82.92 7.35 89.90
CA ARG X 253 83.35 8.70 90.27
C ARG X 253 82.31 9.35 91.19
N ILE X 254 81.05 9.26 90.82
CA ILE X 254 79.96 9.84 91.60
C ILE X 254 79.88 9.13 92.95
N LEU X 255 79.90 7.81 92.96
CA LEU X 255 79.85 7.04 94.19
C LEU X 255 81.00 7.42 95.10
N ALA X 256 82.22 7.57 94.57
CA ALA X 256 83.37 7.99 95.35
C ALA X 256 83.15 9.39 95.92
N ARG X 257 82.68 10.33 95.09
CA ARG X 257 82.35 11.69 95.54
C ARG X 257 81.35 11.64 96.68
N LEU X 258 80.29 10.85 96.52
CA LEU X 258 79.26 10.66 97.53
C LEU X 258 79.85 10.05 98.80
N ALA X 259 80.71 9.05 98.66
CA ALA X 259 81.32 8.35 99.80
C ALA X 259 82.24 9.28 100.61
N ARG X 260 82.89 10.25 99.97
CA ARG X 260 83.64 11.28 100.69
C ARG X 260 82.73 12.18 101.54
N GLN X 261 81.42 12.21 101.25
CA GLN X 261 80.43 12.85 102.11
C GLN X 261 79.89 11.86 103.17
N ARG X 262 79.49 10.66 102.75
CA ARG X 262 78.75 9.68 103.56
C ARG X 262 79.57 8.42 103.82
N GLY X 263 79.83 8.11 105.09
CA GLY X 263 80.71 7.00 105.47
C GLY X 263 80.12 5.61 105.18
N ASP X 264 80.70 4.89 104.21
CA ASP X 264 80.47 3.48 103.96
C ASP X 264 81.68 2.86 103.24
N GLU X 265 82.47 2.06 103.93
CA GLU X 265 83.59 1.35 103.30
C GLU X 265 83.10 0.40 102.20
N HIS X 266 81.87 -0.10 102.26
CA HIS X 266 81.31 -0.93 101.19
C HIS X 266 80.93 -0.11 99.95
N ALA X 267 80.76 1.21 100.06
CA ALA X 267 80.70 2.06 98.89
C ALA X 267 82.09 2.15 98.23
N LEU X 268 83.15 2.29 99.04
CA LEU X 268 84.52 2.29 98.52
C LEU X 268 84.82 0.95 97.85
N GLU X 269 84.48 -0.15 98.51
CA GLU X 269 84.68 -1.49 97.97
C GLU X 269 83.88 -1.71 96.69
N ARG X 270 82.60 -1.32 96.66
CA ARG X 270 81.77 -1.36 95.44
C ARG X 270 82.46 -0.62 94.32
N ALA X 271 82.77 0.66 94.53
CA ALA X 271 83.37 1.49 93.51
C ALA X 271 84.69 0.90 93.00
N ALA X 272 85.56 0.43 93.90
CA ALA X 272 86.83 -0.17 93.53
C ALA X 272 86.63 -1.41 92.66
N ARG X 273 85.75 -2.33 93.09
CA ARG X 273 85.45 -3.55 92.33
C ARG X 273 84.83 -3.23 90.97
N TRP X 274 83.81 -2.38 90.93
CA TRP X 274 83.23 -1.90 89.68
C TRP X 274 84.33 -1.34 88.77
N ALA X 275 85.17 -0.44 89.28
CA ALA X 275 86.18 0.23 88.49
C ALA X 275 87.25 -0.72 87.98
N GLU X 276 87.80 -1.57 88.85
CA GLU X 276 88.81 -2.53 88.44
C GLU X 276 88.27 -3.48 87.36
N GLN X 277 87.06 -4.01 87.55
CA GLN X 277 86.46 -4.89 86.56
C GLN X 277 86.27 -4.17 85.24
N ALA X 278 85.77 -2.94 85.26
CA ALA X 278 85.64 -2.15 84.04
C ALA X 278 87.00 -1.96 83.37
N ALA X 279 88.04 -1.67 84.15
CA ALA X 279 89.38 -1.47 83.63
C ALA X 279 89.92 -2.75 82.98
N ARG X 280 89.74 -3.91 83.61
CA ARG X 280 90.16 -5.18 83.03
C ARG X 280 89.37 -5.50 81.76
N GLN X 281 88.07 -5.20 81.74
CA GLN X 281 87.23 -5.36 80.55
C GLN X 281 87.72 -4.48 79.40
N ALA X 282 88.04 -3.23 79.72
CA ALA X 282 88.68 -2.33 78.78
C ALA X 282 90.02 -2.89 78.30
N GLU X 283 90.86 -3.40 79.20
CA GLU X 283 92.17 -3.94 78.85
C GLU X 283 92.07 -5.07 77.84
N ARG X 284 91.12 -6.00 78.05
CA ARG X 284 90.87 -7.10 77.12
C ARG X 284 90.56 -6.57 75.72
N LEU X 285 89.66 -5.60 75.64
CA LEU X 285 89.32 -4.96 74.37
C LEU X 285 90.54 -4.26 73.79
N ALA X 286 91.31 -3.52 74.59
CA ALA X 286 92.48 -2.77 74.11
C ALA X 286 93.54 -3.71 73.52
N ARG X 287 93.79 -4.86 74.15
CA ARG X 287 94.67 -5.89 73.61
C ARG X 287 94.13 -6.43 72.27
N GLN X 288 92.84 -6.74 72.22
CA GLN X 288 92.18 -7.20 71.00
C GLN X 288 92.25 -6.17 69.87
N ALA X 289 92.06 -4.89 70.17
CA ALA X 289 91.97 -3.84 69.16
C ALA X 289 93.25 -3.73 68.31
N ARG X 290 94.44 -4.00 68.87
CA ARG X 290 95.68 -4.01 68.08
C ARG X 290 95.72 -5.16 67.07
N LYS X 291 95.14 -6.31 67.41
CA LYS X 291 94.95 -7.41 66.45
C LYS X 291 93.94 -7.02 65.37
N GLU X 292 92.88 -6.32 65.76
CA GLU X 292 91.86 -5.84 64.82
C GLU X 292 92.32 -4.67 63.95
N GLY X 293 93.38 -3.96 64.34
CA GLY X 293 93.97 -2.86 63.57
C GLY X 293 93.19 -1.55 63.60
N ASN X 294 92.02 -1.50 64.24
CA ASN X 294 91.31 -0.24 64.47
C ASN X 294 91.98 0.53 65.62
N LEU X 295 93.07 1.21 65.30
CA LEU X 295 93.81 2.00 66.27
C LEU X 295 92.97 3.13 66.87
N GLU X 296 91.97 3.65 66.16
CA GLU X 296 91.09 4.67 66.71
C GLU X 296 90.34 4.14 67.93
N LEU X 297 89.69 2.99 67.80
CA LEU X 297 89.07 2.34 68.94
C LEU X 297 90.11 2.02 70.01
N ALA X 298 91.31 1.56 69.62
CA ALA X 298 92.35 1.26 70.58
C ALA X 298 92.70 2.49 71.42
N LEU X 299 93.04 3.62 70.80
CA LEU X 299 93.42 4.80 71.57
C LEU X 299 92.22 5.35 72.35
N LYS X 300 91.00 5.19 71.85
CA LYS X 300 89.80 5.52 72.63
C LYS X 300 89.72 4.65 73.87
N ALA X 301 89.95 3.35 73.74
CA ALA X 301 90.06 2.48 74.91
C ALA X 301 91.18 2.94 75.85
N LEU X 302 92.35 3.32 75.33
CA LEU X 302 93.40 3.83 76.21
C LEU X 302 92.96 5.12 76.93
N GLN X 303 92.21 6.00 76.27
CA GLN X 303 91.62 7.16 76.94
C GLN X 303 90.70 6.72 78.07
N ILE X 304 89.86 5.71 77.84
CA ILE X 304 89.06 5.12 78.91
C ILE X 304 89.97 4.65 80.03
N LEU X 305 91.06 3.94 79.73
CA LEU X 305 91.97 3.46 80.76
C LEU X 305 92.52 4.62 81.58
N VAL X 306 92.96 5.70 80.94
CA VAL X 306 93.45 6.87 81.67
C VAL X 306 92.34 7.46 82.54
N ASN X 307 91.14 7.63 81.99
CA ASN X 307 90.03 8.21 82.74
C ASN X 307 89.68 7.34 83.95
N ALA X 308 89.63 6.03 83.75
CA ALA X 308 89.43 5.08 84.83
C ALA X 308 90.57 5.17 85.85
N ALA X 309 91.81 5.29 85.39
CA ALA X 309 92.96 5.41 86.26
C ALA X 309 92.87 6.64 87.15
N TYR X 310 92.37 7.78 86.63
CA TYR X 310 92.12 8.94 87.45
C TYR X 310 91.16 8.61 88.61
N VAL X 311 90.05 7.95 88.31
CA VAL X 311 89.09 7.55 89.36
C VAL X 311 89.70 6.53 90.32
N LEU X 312 90.46 5.55 89.82
CA LEU X 312 91.13 4.57 90.68
C LEU X 312 92.10 5.27 91.62
N ALA X 313 92.90 6.21 91.12
CA ALA X 313 93.84 6.96 91.93
C ALA X 313 93.11 7.79 92.99
N GLU X 314 92.02 8.46 92.63
CA GLU X 314 91.18 9.19 93.59
C GLU X 314 90.71 8.28 94.73
N ILE X 315 90.17 7.10 94.40
CA ILE X 315 89.73 6.14 95.41
C ILE X 315 90.93 5.71 96.26
N ALA X 316 92.00 5.27 95.60
CA ALA X 316 93.14 4.69 96.26
C ALA X 316 93.82 5.66 97.23
N ARG X 317 94.07 6.90 96.79
CA ARG X 317 94.82 7.87 97.59
C ARG X 317 94.07 8.26 98.86
N ASP X 318 92.76 8.40 98.79
CA ASP X 318 91.96 8.69 99.98
C ASP X 318 91.70 7.44 100.83
N ARG X 319 91.56 6.25 100.23
CA ARG X 319 91.48 5.00 100.99
C ARG X 319 92.81 4.66 101.70
N GLY X 320 93.93 5.18 101.20
CA GLY X 320 95.24 5.04 101.83
C GLY X 320 95.92 3.69 101.59
N ASN X 321 95.70 3.05 100.44
CA ASN X 321 96.32 1.77 100.09
C ASN X 321 97.35 1.92 98.94
N GLU X 322 98.60 1.57 99.20
CA GLU X 322 99.68 1.72 98.22
C GLU X 322 99.63 0.67 97.11
N GLU X 323 99.19 -0.55 97.41
CA GLU X 323 99.12 -1.62 96.42
C GLU X 323 98.15 -1.30 95.28
N LEU X 324 97.01 -0.69 95.61
CA LEU X 324 96.06 -0.24 94.60
C LEU X 324 96.64 0.92 93.77
N LEU X 325 97.40 1.82 94.40
CA LEU X 325 98.15 2.82 93.64
C LEU X 325 99.16 2.15 92.71
N GLU X 326 99.94 1.20 93.21
CA GLU X 326 100.91 0.45 92.41
C GLU X 326 100.23 -0.24 91.23
N TYR X 327 99.07 -0.87 91.45
CA TYR X 327 98.28 -1.47 90.38
C TYR X 327 97.86 -0.42 89.34
N ALA X 328 97.27 0.68 89.79
CA ALA X 328 96.84 1.73 88.88
C ALA X 328 98.04 2.28 88.09
N ALA X 329 99.18 2.44 88.76
CA ALA X 329 100.40 2.91 88.13
C ALA X 329 100.86 1.93 87.05
N ARG X 330 100.91 0.63 87.35
CA ARG X 330 101.27 -0.38 86.37
C ARG X 330 100.31 -0.36 85.17
N LEU X 331 99.00 -0.25 85.44
CA LEU X 331 97.99 -0.14 84.40
C LEU X 331 98.28 1.06 83.49
N ALA X 332 98.43 2.23 84.09
CA ALA X 332 98.75 3.44 83.34
C ALA X 332 100.07 3.31 82.58
N GLU X 333 101.12 2.77 83.21
CA GLU X 333 102.46 2.76 82.64
C GLU X 333 102.52 1.91 81.37
N GLU X 334 102.07 0.66 81.44
CA GLU X 334 102.03 -0.17 80.23
C GLU X 334 101.01 0.36 79.22
N ALA X 335 99.89 0.94 79.66
CA ALA X 335 98.97 1.56 78.71
C ALA X 335 99.68 2.68 77.93
N ALA X 336 100.38 3.59 78.61
CA ALA X 336 101.11 4.68 77.98
C ALA X 336 102.24 4.14 77.09
N ARG X 337 102.95 3.11 77.55
CA ARG X 337 103.99 2.49 76.72
C ARG X 337 103.39 1.91 75.44
N GLN X 338 102.24 1.23 75.54
CA GLN X 338 101.50 0.77 74.38
C GLN X 338 101.05 1.93 73.49
N ALA X 339 100.62 3.05 74.07
CA ALA X 339 100.32 4.24 73.27
C ALA X 339 101.55 4.71 72.51
N ILE X 340 102.73 4.69 73.10
CA ILE X 340 103.97 5.09 72.44
C ILE X 340 104.22 4.18 71.22
N GLU X 341 103.99 2.88 71.34
CA GLU X 341 104.06 1.97 70.18
C GLU X 341 103.05 2.36 69.09
N ILE X 342 101.80 2.65 69.46
CA ILE X 342 100.78 3.06 68.51
C ILE X 342 101.22 4.34 67.80
N ALA X 343 101.73 5.32 68.55
CA ALA X 343 102.19 6.58 68.00
C ALA X 343 103.32 6.35 66.99
N ALA X 344 104.24 5.43 67.27
CA ALA X 344 105.30 5.09 66.33
C ALA X 344 104.71 4.60 65.00
N GLN X 345 103.73 3.69 65.04
CA GLN X 345 103.08 3.24 63.80
C GLN X 345 102.43 4.41 63.07
N ALA X 346 101.70 5.26 63.77
CA ALA X 346 101.02 6.39 63.15
C ALA X 346 102.01 7.34 62.45
N MET X 347 103.14 7.63 63.08
CA MET X 347 104.18 8.47 62.48
C MET X 347 104.87 7.78 61.30
N GLU X 348 105.09 6.46 61.36
CA GLU X 348 105.60 5.70 60.21
C GLU X 348 104.62 5.77 59.03
N GLU X 349 103.32 5.66 59.28
CA GLU X 349 102.28 5.82 58.26
C GLU X 349 102.16 7.25 57.72
N GLY X 350 102.69 8.27 58.42
CA GLY X 350 102.31 9.67 58.17
C GLY X 350 100.83 9.97 58.51
N ASN X 351 100.20 9.09 59.27
CA ASN X 351 98.82 9.16 59.75
C ASN X 351 98.76 10.01 61.03
N PHE X 352 99.29 11.24 60.93
CA PHE X 352 99.56 12.11 62.08
C PHE X 352 98.33 12.38 62.94
N GLU X 353 97.14 12.21 62.37
CA GLU X 353 95.87 12.22 63.07
C GLU X 353 95.94 11.35 64.32
N LEU X 354 96.23 10.06 64.14
CA LEU X 354 96.31 9.13 65.25
C LEU X 354 97.48 9.50 66.16
N ALA X 355 98.59 9.99 65.61
CA ALA X 355 99.75 10.34 66.41
C ALA X 355 99.40 11.44 67.41
N LEU X 356 98.77 12.52 66.94
CA LEU X 356 98.34 13.59 67.83
C LEU X 356 97.39 13.07 68.90
N GLU X 357 96.43 12.22 68.56
CA GLU X 357 95.53 11.67 69.57
C GLU X 357 96.27 10.77 70.56
N ALA X 358 97.17 9.90 70.11
CA ALA X 358 97.96 9.09 71.01
C ALA X 358 98.82 9.98 71.92
N LEU X 359 99.39 11.05 71.38
CA LEU X 359 100.13 12.01 72.17
C LEU X 359 99.23 12.66 73.21
N GLU X 360 97.96 12.92 72.89
CA GLU X 360 97.00 13.39 73.88
C GLU X 360 96.78 12.36 74.98
N ILE X 361 96.57 11.09 74.62
CA ILE X 361 96.45 10.02 75.62
C ILE X 361 97.68 10.06 76.50
N ILE X 362 98.87 10.19 75.90
CA ILE X 362 100.11 10.24 76.64
C ILE X 362 100.12 11.44 77.59
N ASN X 363 99.68 12.62 77.14
CA ASN X 363 99.60 13.77 78.03
C ASN X 363 98.71 13.45 79.23
N GLU X 364 97.52 12.93 78.99
CA GLU X 364 96.60 12.68 80.09
C GLU X 364 97.11 11.57 81.00
N ALA X 365 97.74 10.54 80.43
CA ALA X 365 98.41 9.53 81.22
C ALA X 365 99.47 10.19 82.10
N ALA X 366 100.28 11.10 81.54
CA ALA X 366 101.29 11.78 82.30
C ALA X 366 100.67 12.57 83.47
N ARG X 367 99.52 13.21 83.23
CA ARG X 367 98.75 13.88 84.29
C ARG X 367 98.42 12.90 85.41
N VAL X 368 97.80 11.76 85.08
CA VAL X 368 97.40 10.78 86.08
C VAL X 368 98.60 10.20 86.82
N LEU X 369 99.68 9.91 86.09
CA LEU X 369 100.92 9.42 86.68
C LEU X 369 101.45 10.44 87.68
N ALA X 370 101.45 11.72 87.32
CA ALA X 370 101.88 12.75 88.24
C ALA X 370 101.00 12.81 89.50
N ARG X 371 99.67 12.71 89.34
CA ARG X 371 98.76 12.68 90.50
C ARG X 371 99.12 11.54 91.45
N ILE X 372 99.38 10.34 90.93
CA ILE X 372 99.80 9.21 91.75
C ILE X 372 101.14 9.52 92.43
N ALA X 373 102.14 9.94 91.64
CA ALA X 373 103.47 10.22 92.16
C ALA X 373 103.46 11.28 93.27
N HIS X 374 102.55 12.27 93.20
CA HIS X 374 102.42 13.30 94.22
C HIS X 374 102.13 12.74 95.62
N HIS X 375 101.45 11.60 95.68
CA HIS X 375 101.13 10.94 96.93
C HIS X 375 102.22 9.93 97.33
N ARG X 376 102.87 9.28 96.36
CA ARG X 376 103.98 8.35 96.62
C ARG X 376 105.29 9.05 96.99
N GLY X 377 105.46 10.32 96.64
CA GLY X 377 106.64 11.13 96.95
C GLY X 377 107.83 10.94 95.99
N ASN X 378 107.66 10.22 94.88
CA ASN X 378 108.73 9.95 93.91
C ASN X 378 109.04 11.15 93.00
N GLN X 379 110.01 11.97 93.41
CA GLN X 379 110.51 13.09 92.59
C GLN X 379 111.02 12.61 91.22
N GLU X 380 111.52 11.38 91.15
CA GLU X 380 112.03 10.77 89.92
C GLU X 380 110.90 10.60 88.91
N LEU X 381 109.76 10.10 89.37
CA LEU X 381 108.58 9.95 88.51
C LEU X 381 108.04 11.32 88.10
N LEU X 382 108.08 12.34 88.97
CA LEU X 382 107.64 13.68 88.60
C LEU X 382 108.56 14.32 87.56
N GLU X 383 109.87 14.15 87.70
CA GLU X 383 110.80 14.56 86.65
C GLU X 383 110.53 13.80 85.35
N LYS X 384 110.25 12.48 85.43
CA LYS X 384 109.86 11.72 84.25
C LYS X 384 108.56 12.25 83.65
N ALA X 385 107.57 12.63 84.45
CA ALA X 385 106.33 13.19 83.92
C ALA X 385 106.59 14.52 83.20
N ALA X 386 107.38 15.41 83.79
CA ALA X 386 107.79 16.64 83.13
C ALA X 386 108.51 16.32 81.82
N SER X 387 109.38 15.31 81.84
CA SER X 387 110.09 14.87 80.64
C SER X 387 109.10 14.32 79.59
N LEU X 388 108.12 13.52 80.00
CA LEU X 388 107.19 12.88 79.10
C LEU X 388 106.31 13.92 78.43
N THR X 389 105.77 14.83 79.24
CA THR X 389 105.01 15.96 78.71
C THR X 389 105.88 16.83 77.83
N HIS X 390 107.12 17.08 78.19
CA HIS X 390 108.03 17.82 77.33
C HIS X 390 108.16 17.11 75.99
N ALA X 391 108.47 15.81 76.00
CA ALA X 391 108.69 15.05 74.79
C ALA X 391 107.44 14.98 73.92
N SER X 392 106.27 14.74 74.52
CA SER X 392 105.04 14.67 73.75
C SER X 392 104.75 16.03 73.12
N ALA X 393 104.99 17.12 73.84
CA ALA X 393 104.87 18.45 73.29
C ALA X 393 105.84 18.62 72.12
N ALA X 394 107.09 18.18 72.27
CA ALA X 394 108.08 18.27 71.21
C ALA X 394 107.63 17.51 69.96
N LEU X 395 107.14 16.27 70.13
CA LEU X 395 106.62 15.49 69.03
C LEU X 395 105.47 16.22 68.35
N SER X 396 104.55 16.77 69.15
CA SER X 396 103.45 17.56 68.61
C SER X 396 103.98 18.74 67.79
N ARG X 397 104.94 19.48 68.33
CA ARG X 397 105.53 20.65 67.67
C ARG X 397 106.20 20.26 66.36
N ALA X 398 106.98 19.20 66.39
CA ALA X 398 107.63 18.69 65.20
C ALA X 398 106.59 18.30 64.14
N ILE X 399 105.54 17.58 64.55
CA ILE X 399 104.46 17.21 63.64
C ILE X 399 103.85 18.46 63.03
N ALA X 400 103.53 19.47 63.84
CA ALA X 400 102.96 20.72 63.33
C ALA X 400 103.86 21.36 62.29
N ALA X 401 105.16 21.44 62.56
CA ALA X 401 106.10 22.02 61.60
C ALA X 401 106.15 21.20 60.31
N ILE X 402 106.04 19.88 60.39
CA ILE X 402 105.98 19.02 59.20
C ILE X 402 104.70 19.26 58.42
N LEU X 403 103.54 19.30 59.07
CA LEU X 403 102.28 19.59 58.38
C LEU X 403 102.31 20.95 57.71
N GLU X 404 102.89 21.95 58.36
CA GLU X 404 103.06 23.29 57.80
C GLU X 404 104.09 23.31 56.65
N GLY X 405 105.04 22.36 56.66
CA GLY X 405 106.21 22.36 55.76
C GLY X 405 107.32 23.33 56.19
N ASP X 406 107.29 23.81 57.44
CA ASP X 406 108.23 24.77 58.02
C ASP X 406 109.55 24.08 58.43
N VAL X 407 110.23 23.48 57.46
CA VAL X 407 111.18 22.40 57.76
C VAL X 407 112.41 22.86 58.55
N GLU X 408 112.88 24.09 58.42
CA GLU X 408 113.98 24.56 59.29
C GLU X 408 113.53 24.59 60.74
N LYS X 409 112.33 25.13 60.99
CA LYS X 409 111.75 25.09 62.34
C LYS X 409 111.54 23.65 62.78
N ALA X 410 111.15 22.75 61.88
CA ALA X 410 111.04 21.34 62.20
C ALA X 410 112.40 20.78 62.66
N VAL X 411 113.49 21.07 61.92
CA VAL X 411 114.84 20.62 62.28
C VAL X 411 115.24 21.17 63.64
N ARG X 412 114.98 22.46 63.88
CA ARG X 412 115.21 23.06 65.20
C ARG X 412 114.42 22.33 66.28
N ALA X 413 113.12 22.09 66.05
CA ALA X 413 112.28 21.38 66.99
C ALA X 413 112.76 19.94 67.24
N ALA X 414 113.26 19.25 66.21
CA ALA X 414 113.83 17.93 66.38
C ALA X 414 115.08 17.98 67.27
N GLN X 415 115.94 18.99 67.11
CA GLN X 415 117.08 19.18 67.99
C GLN X 415 116.64 19.39 69.45
N GLU X 416 115.53 20.09 69.69
CA GLU X 416 114.96 20.16 71.05
C GLU X 416 114.43 18.78 71.48
N ALA X 417 113.74 18.08 70.59
CA ALA X 417 113.14 16.80 70.89
C ALA X 417 114.17 15.76 71.32
N VAL X 418 115.32 15.67 70.65
CA VAL X 418 116.33 14.66 71.04
C VAL X 418 116.89 14.95 72.43
N LYS X 419 117.03 16.22 72.81
CA LYS X 419 117.37 16.57 74.20
C LYS X 419 116.26 16.14 75.14
N ALA X 420 114.99 16.38 74.80
CA ALA X 420 113.87 15.92 75.63
C ALA X 420 113.87 14.38 75.78
N ALA X 421 114.21 13.65 74.73
CA ALA X 421 114.34 12.19 74.83
C ALA X 421 115.48 11.80 75.79
N LYS X 422 116.61 12.51 75.74
CA LYS X 422 117.71 12.33 76.68
C LYS X 422 117.27 12.61 78.13
N GLU X 423 116.43 13.62 78.36
CA GLU X 423 115.82 13.83 79.68
C GLU X 423 114.97 12.64 80.09
N ALA X 424 114.12 12.12 79.20
CA ALA X 424 113.21 11.02 79.51
C ALA X 424 113.95 9.71 79.85
N GLY X 425 115.00 9.39 79.09
CA GLY X 425 115.81 8.18 79.31
C GLY X 425 115.09 6.86 79.00
N ASP X 426 113.99 6.90 78.22
CA ASP X 426 113.24 5.70 77.82
C ASP X 426 113.52 5.33 76.36
N ASN X 427 113.91 4.07 76.13
CA ASN X 427 114.16 3.53 74.80
C ASN X 427 112.91 3.59 73.90
N ASP X 428 111.70 3.36 74.42
CA ASP X 428 110.50 3.41 73.57
C ASP X 428 110.20 4.85 73.13
N MET X 429 110.30 5.82 74.03
CA MET X 429 110.24 7.24 73.66
C MET X 429 111.34 7.59 72.65
N LEU X 430 112.59 7.16 72.89
CA LEU X 430 113.66 7.37 71.93
C LEU X 430 113.30 6.77 70.57
N ARG X 431 112.71 5.57 70.51
CA ARG X 431 112.23 4.98 69.26
C ARG X 431 111.19 5.87 68.62
N ALA X 432 110.17 6.29 69.36
CA ALA X 432 109.16 7.17 68.79
C ALA X 432 109.79 8.43 68.22
N VAL X 433 110.71 9.05 68.96
CA VAL X 433 111.43 10.23 68.50
C VAL X 433 112.26 9.93 67.26
N ALA X 434 112.95 8.80 67.21
CA ALA X 434 113.69 8.43 66.03
C ALA X 434 112.75 8.22 64.83
N ILE X 435 111.59 7.60 65.04
CA ILE X 435 110.60 7.38 63.99
C ILE X 435 110.09 8.73 63.48
N ALA X 436 109.87 9.68 64.38
CA ALA X 436 109.56 11.04 63.98
C ALA X 436 110.73 11.61 63.14
N ALA X 437 111.97 11.49 63.60
CA ALA X 437 113.12 12.03 62.90
C ALA X 437 113.27 11.45 61.49
N LEU X 438 113.02 10.14 61.36
CA LEU X 438 112.94 9.47 60.07
C LEU X 438 111.83 10.10 59.21
N ARG X 439 110.62 10.22 59.74
CA ARG X 439 109.51 10.80 58.97
C ARG X 439 109.79 12.24 58.59
N ILE X 440 110.48 12.99 59.45
CA ILE X 440 110.91 14.37 59.19
C ILE X 440 111.88 14.37 58.01
N ALA X 441 112.92 13.53 58.05
CA ALA X 441 113.86 13.45 56.93
C ALA X 441 113.14 13.06 55.63
N LYS X 442 112.15 12.17 55.70
CA LYS X 442 111.36 11.76 54.52
C LYS X 442 110.64 12.96 53.89
N GLU X 443 110.14 13.88 54.69
CA GLU X 443 109.51 15.09 54.15
C GLU X 443 110.54 15.97 53.44
N ALA X 444 111.74 16.12 54.00
CA ALA X 444 112.81 16.89 53.37
C ALA X 444 113.25 16.26 52.04
N GLU X 445 113.32 14.93 51.98
CA GLU X 445 113.54 14.20 50.73
C GLU X 445 112.41 14.42 49.74
N LYS X 446 111.14 14.39 50.18
CA LYS X 446 109.99 14.72 49.34
C LYS X 446 110.11 16.14 48.78
N GLN X 447 110.59 17.09 49.58
CA GLN X 447 110.87 18.45 49.10
C GLN X 447 112.10 18.54 48.18
N GLY X 448 113.00 17.56 48.23
CA GLY X 448 114.31 17.65 47.57
C GLY X 448 115.33 18.54 48.31
N ASN X 449 115.03 18.96 49.53
CA ASN X 449 115.92 19.77 50.38
C ASN X 449 116.93 18.88 51.13
N VAL X 450 117.92 18.38 50.39
CA VAL X 450 118.87 17.37 50.86
C VAL X 450 119.71 17.83 52.06
N GLU X 451 120.03 19.10 52.15
CA GLU X 451 120.80 19.64 53.27
C GLU X 451 119.96 19.68 54.53
N VAL X 452 118.69 20.11 54.42
CA VAL X 452 117.74 19.98 55.52
C VAL X 452 117.62 18.50 55.89
N ALA X 453 117.52 17.61 54.91
CA ALA X 453 117.46 16.20 55.19
C ALA X 453 118.70 15.71 55.94
N VAL X 454 119.92 16.17 55.59
CA VAL X 454 121.15 15.81 56.32
C VAL X 454 121.07 16.28 57.76
N LYS X 455 120.61 17.50 58.01
CA LYS X 455 120.41 17.98 59.38
C LYS X 455 119.42 17.08 60.13
N ALA X 456 118.29 16.75 59.51
CA ALA X 456 117.29 15.86 60.11
C ALA X 456 117.87 14.48 60.39
N ALA X 457 118.59 13.91 59.44
CA ALA X 457 119.24 12.62 59.60
C ALA X 457 120.28 12.67 60.73
N ARG X 458 121.03 13.76 60.86
CA ARG X 458 122.04 13.89 61.92
C ARG X 458 121.40 13.78 63.31
N VAL X 459 120.20 14.33 63.47
CA VAL X 459 119.38 14.11 64.68
C VAL X 459 118.86 12.69 64.73
N ALA X 460 118.31 12.17 63.64
CA ALA X 460 117.73 10.83 63.62
C ALA X 460 118.75 9.78 64.07
N VAL X 461 119.95 9.81 63.50
CA VAL X 461 121.02 8.87 63.86
C VAL X 461 121.49 9.09 65.29
N GLU X 462 121.45 10.33 65.80
CA GLU X 462 121.74 10.56 67.21
C GLU X 462 120.73 9.85 68.11
N ALA X 463 119.44 9.99 67.81
CA ALA X 463 118.38 9.33 68.56
C ALA X 463 118.52 7.80 68.45
N ALA X 464 118.74 7.29 67.24
CA ALA X 464 118.89 5.86 67.01
C ALA X 464 120.12 5.28 67.74
N LYS X 465 121.24 6.01 67.75
CA LYS X 465 122.47 5.65 68.46
C LYS X 465 122.24 5.55 69.97
N GLN X 466 121.48 6.48 70.54
CA GLN X 466 121.12 6.43 71.96
C GLN X 466 120.10 5.31 72.25
N ALA X 467 119.19 5.02 71.33
CA ALA X 467 118.19 3.95 71.45
C ALA X 467 118.80 2.54 71.37
N GLY X 468 119.73 2.32 70.44
CA GLY X 468 120.36 1.02 70.16
C GLY X 468 119.51 0.03 69.34
N ASP X 469 118.36 0.44 68.79
CA ASP X 469 117.50 -0.44 67.99
C ASP X 469 118.01 -0.61 66.56
N ASN X 470 118.46 -1.83 66.23
CA ASN X 470 119.04 -2.13 64.92
C ASN X 470 118.05 -1.91 63.77
N ASP X 471 116.75 -2.14 63.95
CA ASP X 471 115.79 -1.92 62.87
C ASP X 471 115.67 -0.44 62.53
N VAL X 472 115.66 0.40 63.55
CA VAL X 472 115.73 1.85 63.36
C VAL X 472 117.03 2.21 62.68
N LEU X 473 118.18 1.71 63.17
CA LEU X 473 119.47 2.02 62.56
C LEU X 473 119.50 1.61 61.08
N ARG X 474 118.90 0.48 60.73
CA ARG X 474 118.78 0.02 59.34
C ARG X 474 117.95 1.00 58.53
N LEU X 475 116.76 1.37 59.01
CA LEU X 475 115.91 2.35 58.35
C LEU X 475 116.63 3.69 58.17
N VAL X 476 117.39 4.13 59.18
CA VAL X 476 118.20 5.34 59.10
C VAL X 476 119.26 5.20 58.03
N SER X 477 119.99 4.10 58.01
CA SER X 477 120.99 3.87 56.96
C SER X 477 120.35 3.89 55.58
N GLU X 478 119.19 3.24 55.40
CA GLU X 478 118.46 3.27 54.13
C GLU X 478 118.08 4.71 53.75
N ARG X 479 117.50 5.47 54.68
CA ARG X 479 117.13 6.85 54.39
C ARG X 479 118.36 7.70 54.10
N ALA X 480 119.49 7.45 54.77
CA ALA X 480 120.73 8.16 54.51
C ALA X 480 121.23 7.90 53.09
N LEU X 481 121.11 6.67 52.60
CA LEU X 481 121.37 6.37 51.20
C LEU X 481 120.36 7.05 50.27
N SER X 482 119.08 7.21 50.66
CA SER X 482 118.15 8.02 49.88
C SER X 482 118.69 9.44 49.73
N ILE X 483 119.06 10.05 50.85
CA ILE X 483 119.62 11.41 50.88
C ILE X 483 120.90 11.46 50.04
N ALA X 484 121.77 10.46 50.14
CA ALA X 484 123.01 10.45 49.36
C ALA X 484 122.71 10.45 47.87
N ALA X 485 121.83 9.56 47.40
CA ALA X 485 121.42 9.52 45.99
C ALA X 485 120.77 10.84 45.55
N SER X 486 119.88 11.38 46.37
CA SER X 486 119.28 12.69 46.13
C SER X 486 120.36 13.79 46.07
N SER X 487 121.43 13.68 46.85
CA SER X 487 122.52 14.68 46.86
C SER X 487 123.35 14.61 45.58
N VAL X 488 123.63 13.41 45.08
CA VAL X 488 124.25 13.26 43.75
C VAL X 488 123.30 13.77 42.67
N LYS X 489 121.98 13.54 42.80
CA LYS X 489 120.98 14.07 41.87
C LYS X 489 120.96 15.60 41.85
N GLN X 490 121.07 16.22 43.03
CA GLN X 490 121.29 17.67 43.18
C GLN X 490 122.70 18.12 42.77
N GLY X 491 123.61 17.19 42.43
CA GLY X 491 124.94 17.48 41.91
C GLY X 491 125.97 17.98 42.93
N ASN X 492 125.78 17.73 44.23
CA ASN X 492 126.72 18.21 45.26
C ASN X 492 127.43 17.07 46.03
N TYR X 493 128.76 17.07 45.93
CA TYR X 493 129.62 16.07 46.55
C TYR X 493 129.70 16.21 48.08
N GLU X 494 129.67 17.42 48.62
CA GLU X 494 129.79 17.63 50.06
C GLU X 494 128.55 17.07 50.79
N VAL X 495 127.35 17.32 50.27
CA VAL X 495 126.15 16.78 50.89
C VAL X 495 126.12 15.26 50.75
N LYS X 496 126.54 14.71 49.59
CA LYS X 496 126.78 13.27 49.44
C LYS X 496 127.73 12.75 50.51
N GLU X 497 128.84 13.43 50.72
CA GLU X 497 129.88 13.00 51.65
C GLU X 497 129.33 12.92 53.08
N LYS X 498 128.60 13.95 53.50
CA LYS X 498 127.91 13.94 54.79
C LYS X 498 126.91 12.79 54.86
N ALA X 499 126.08 12.60 53.83
CA ALA X 499 125.07 11.56 53.82
C ALA X 499 125.69 10.16 53.92
N ILE X 500 126.79 9.92 53.22
CA ILE X 500 127.54 8.66 53.31
C ILE X 500 128.14 8.51 54.71
N ARG X 501 128.77 9.56 55.27
CA ARG X 501 129.31 9.49 56.64
C ARG X 501 128.23 9.20 57.67
N VAL X 502 127.03 9.76 57.50
CA VAL X 502 125.87 9.45 58.32
C VAL X 502 125.43 8.00 58.13
N ALA X 503 125.31 7.53 56.88
CA ALA X 503 124.99 6.13 56.62
C ALA X 503 126.01 5.20 57.29
N LYS X 504 127.30 5.57 57.25
CA LYS X 504 128.38 4.81 57.87
C LYS X 504 128.37 4.90 59.39
N GLU X 505 127.97 6.03 59.98
CA GLU X 505 127.73 6.08 61.42
C GLU X 505 126.60 5.12 61.81
N ALA X 506 125.47 5.14 61.08
CA ALA X 506 124.36 4.23 61.33
C ALA X 506 124.79 2.76 61.19
N ASN X 507 125.55 2.44 60.14
CA ASN X 507 126.11 1.11 59.94
C ASN X 507 127.09 0.71 61.07
N LYS X 508 127.95 1.63 61.53
CA LYS X 508 128.91 1.38 62.61
C LYS X 508 128.21 1.03 63.92
N GLN X 509 127.10 1.70 64.22
CA GLN X 509 126.28 1.37 65.40
C GLN X 509 125.52 0.05 65.23
N ALA X 510 125.02 -0.27 64.02
CA ALA X 510 124.31 -1.52 63.75
C ALA X 510 125.21 -2.77 63.79
N GLY X 511 126.48 -2.65 63.35
CA GLY X 511 127.50 -3.72 63.38
C GLY X 511 127.25 -4.86 62.39
N PRO Y 238 41.48 95.95 14.57
CA PRO Y 238 41.93 97.36 14.71
C PRO Y 238 40.86 98.31 15.23
N GLU Y 239 39.66 98.25 14.65
CA GLU Y 239 38.53 99.14 14.86
C GLU Y 239 38.19 99.35 16.34
N LEU Y 240 38.31 98.28 17.13
CA LEU Y 240 38.09 98.32 18.57
C LEU Y 240 38.93 99.41 19.23
N PHE Y 241 40.16 99.63 18.78
CA PHE Y 241 41.03 100.63 19.39
C PHE Y 241 40.39 102.01 19.29
N LEU Y 242 39.84 102.37 18.13
CA LEU Y 242 39.09 103.62 18.00
C LEU Y 242 37.91 103.65 18.96
N GLN Y 243 37.13 102.57 19.02
CA GLN Y 243 35.94 102.53 19.86
C GLN Y 243 36.28 102.67 21.34
N ASP Y 244 37.34 102.01 21.80
CA ASP Y 244 37.79 102.16 23.17
C ASP Y 244 38.45 103.53 23.40
N LEU Y 245 39.21 104.07 22.46
CA LEU Y 245 39.71 105.43 22.58
C LEU Y 245 38.55 106.41 22.75
N ARG Y 246 37.49 106.26 21.95
CA ARG Y 246 36.27 107.04 22.12
C ARG Y 246 35.73 106.84 23.53
N SER Y 247 35.69 105.62 24.03
CA SER Y 247 35.22 105.40 25.40
C SER Y 247 36.07 106.14 26.41
N LEU Y 248 37.39 106.17 26.23
CA LEU Y 248 38.26 106.91 27.13
C LEU Y 248 37.96 108.40 27.05
N VAL Y 249 37.75 108.93 25.84
CA VAL Y 249 37.31 110.31 25.68
C VAL Y 249 35.99 110.53 26.42
N GLU Y 250 35.02 109.63 26.29
CA GLU Y 250 33.74 109.77 27.00
C GLU Y 250 33.93 109.75 28.50
N ALA Y 251 34.72 108.82 29.02
CA ALA Y 251 35.01 108.78 30.44
C ALA Y 251 35.65 110.10 30.87
N ALA Y 252 36.64 110.58 30.13
CA ALA Y 252 37.29 111.85 30.43
C ALA Y 252 36.29 113.01 30.40
N ARG Y 253 35.40 113.04 29.41
CA ARG Y 253 34.36 114.05 29.29
C ARG Y 253 33.47 114.04 30.53
N ILE Y 254 32.99 112.86 30.90
CA ILE Y 254 32.10 112.72 32.05
C ILE Y 254 32.82 113.13 33.32
N LEU Y 255 34.05 112.69 33.50
CA LEU Y 255 34.86 113.10 34.64
C LEU Y 255 35.03 114.62 34.67
N ALA Y 256 35.39 115.25 33.55
CA ALA Y 256 35.58 116.69 33.54
C ALA Y 256 34.28 117.42 33.88
N ARG Y 257 33.16 116.97 33.31
CA ARG Y 257 31.83 117.53 33.61
C ARG Y 257 31.53 117.42 35.10
N LEU Y 258 31.77 116.25 35.68
CA LEU Y 258 31.60 116.02 37.11
C LEU Y 258 32.51 116.94 37.92
N ALA Y 259 33.78 117.04 37.54
CA ALA Y 259 34.78 117.80 38.28
C ALA Y 259 34.43 119.29 38.33
N ARG Y 260 33.83 119.84 37.28
CA ARG Y 260 33.38 121.24 37.30
C ARG Y 260 32.27 121.48 38.34
N GLN Y 261 31.52 120.44 38.69
CA GLN Y 261 30.58 120.52 39.81
C GLN Y 261 31.31 120.31 41.13
N ARG Y 262 32.12 119.24 41.21
CA ARG Y 262 32.77 118.75 42.43
C ARG Y 262 34.27 119.03 42.36
N GLY Y 263 34.67 120.26 42.67
CA GLY Y 263 36.04 120.74 42.49
C GLY Y 263 37.08 119.98 43.32
N ASP Y 264 38.11 119.44 42.65
CA ASP Y 264 39.27 118.77 43.23
C ASP Y 264 40.43 118.77 42.23
N GLU Y 265 41.52 119.45 42.55
CA GLU Y 265 42.71 119.52 41.70
C GLU Y 265 43.31 118.14 41.42
N HIS Y 266 43.16 117.17 42.33
CA HIS Y 266 43.68 115.82 42.11
C HIS Y 266 42.86 115.08 41.06
N ALA Y 267 41.53 115.12 41.14
CA ALA Y 267 40.67 114.63 40.07
C ALA Y 267 40.92 115.38 38.75
N LEU Y 268 41.14 116.71 38.79
CA LEU Y 268 41.42 117.47 37.57
C LEU Y 268 42.74 117.01 36.92
N GLU Y 269 43.80 116.84 37.70
CA GLU Y 269 45.04 116.28 37.18
C GLU Y 269 44.83 114.85 36.67
N ARG Y 270 44.07 114.01 37.39
CA ARG Y 270 43.75 112.64 36.96
C ARG Y 270 43.10 112.66 35.59
N ALA Y 271 42.09 113.49 35.40
CA ALA Y 271 41.42 113.66 34.12
C ALA Y 271 42.39 114.16 33.05
N ALA Y 272 43.25 115.13 33.35
CA ALA Y 272 44.23 115.63 32.40
C ALA Y 272 45.19 114.52 31.94
N ARG Y 273 45.67 113.71 32.89
CA ARG Y 273 46.53 112.54 32.59
C ARG Y 273 45.80 111.54 31.71
N TRP Y 274 44.60 111.11 32.09
CA TRP Y 274 43.78 110.23 31.24
C TRP Y 274 43.61 110.82 29.82
N ALA Y 275 43.30 112.11 29.72
CA ALA Y 275 43.04 112.76 28.45
C ALA Y 275 44.28 112.84 27.56
N GLU Y 276 45.39 113.36 28.08
CA GLU Y 276 46.62 113.45 27.30
C GLU Y 276 47.11 112.07 26.87
N GLN Y 277 47.01 111.07 27.75
CA GLN Y 277 47.36 109.70 27.41
C GLN Y 277 46.50 109.20 26.25
N ALA Y 278 45.18 109.38 26.32
CA ALA Y 278 44.31 109.02 25.21
C ALA Y 278 44.72 109.73 23.92
N ALA Y 279 45.05 111.02 24.00
CA ALA Y 279 45.46 111.78 22.83
C ALA Y 279 46.73 111.19 22.20
N ARG Y 280 47.76 110.96 23.00
CA ARG Y 280 49.02 110.41 22.48
C ARG Y 280 48.85 108.97 21.99
N GLN Y 281 48.02 108.17 22.66
CA GLN Y 281 47.68 106.82 22.20
C GLN Y 281 47.01 106.86 20.83
N ALA Y 282 46.06 107.77 20.65
CA ALA Y 282 45.47 107.98 19.35
C ALA Y 282 46.52 108.44 18.34
N GLU Y 283 47.41 109.38 18.71
CA GLU Y 283 48.38 109.94 17.78
C GLU Y 283 49.22 108.86 17.10
N ARG Y 284 49.65 107.85 17.84
CA ARG Y 284 50.42 106.72 17.29
C ARG Y 284 49.65 106.03 16.17
N LEU Y 285 48.38 105.71 16.40
CA LEU Y 285 47.51 105.15 15.38
C LEU Y 285 47.34 106.13 14.21
N ALA Y 286 47.10 107.40 14.50
CA ALA Y 286 46.82 108.41 13.49
C ALA Y 286 47.99 108.58 12.52
N ARG Y 287 49.23 108.62 13.03
CA ARG Y 287 50.41 108.67 12.18
C ARG Y 287 50.60 107.37 11.40
N GLN Y 288 50.40 106.23 12.06
CA GLN Y 288 50.49 104.91 11.44
C GLN Y 288 49.51 104.75 10.26
N ALA Y 289 48.28 105.24 10.38
CA ALA Y 289 47.23 104.96 9.42
C ALA Y 289 47.58 105.39 7.99
N ARG Y 290 48.40 106.42 7.80
CA ARG Y 290 48.84 106.85 6.46
C ARG Y 290 49.67 105.78 5.76
N LYS Y 291 50.50 105.06 6.51
CA LYS Y 291 51.23 103.90 5.99
C LYS Y 291 50.27 102.77 5.63
N GLU Y 292 49.27 102.55 6.46
CA GLU Y 292 48.27 101.50 6.25
C GLU Y 292 47.32 101.79 5.07
N GLY Y 293 47.15 103.06 4.70
CA GLY Y 293 46.40 103.47 3.51
C GLY Y 293 44.88 103.37 3.62
N ASN Y 294 44.33 102.84 4.72
CA ASN Y 294 42.89 102.91 4.98
C ASN Y 294 42.51 104.32 5.45
N LEU Y 295 42.20 105.18 4.49
CA LEU Y 295 41.89 106.58 4.75
C LEU Y 295 40.65 106.75 5.63
N GLU Y 296 39.69 105.83 5.58
CA GLU Y 296 38.53 105.88 6.46
C GLU Y 296 38.96 105.75 7.93
N LEU Y 297 39.74 104.72 8.25
CA LEU Y 297 40.28 104.57 9.59
C LEU Y 297 41.14 105.78 9.96
N ALA Y 298 41.90 106.33 9.01
CA ALA Y 298 42.70 107.52 9.26
C ALA Y 298 41.81 108.70 9.69
N LEU Y 299 40.85 109.11 8.86
CA LEU Y 299 40.03 110.26 9.21
C LEU Y 299 39.20 109.98 10.47
N LYS Y 300 38.79 108.73 10.71
CA LYS Y 300 38.14 108.37 11.97
C LYS Y 300 39.09 108.57 13.15
N ALA Y 301 40.36 108.20 13.03
CA ALA Y 301 41.33 108.52 14.05
C ALA Y 301 41.46 110.03 14.25
N LEU Y 302 41.43 110.82 13.16
CA LEU Y 302 41.43 112.27 13.29
C LEU Y 302 40.18 112.74 14.03
N GLN Y 303 39.01 112.17 13.75
CA GLN Y 303 37.79 112.53 14.47
C GLN Y 303 37.95 112.29 15.98
N ILE Y 304 38.59 111.19 16.38
CA ILE Y 304 38.92 110.97 17.79
C ILE Y 304 39.74 112.13 18.32
N LEU Y 305 40.82 112.50 17.64
CA LEU Y 305 41.68 113.59 18.09
C LEU Y 305 40.90 114.89 18.21
N VAL Y 306 40.02 115.20 17.25
CA VAL Y 306 39.20 116.41 17.32
C VAL Y 306 38.28 116.37 18.53
N ASN Y 307 37.57 115.26 18.73
CA ASN Y 307 36.66 115.11 19.86
C ASN Y 307 37.43 115.27 21.17
N ALA Y 308 38.60 114.63 21.29
CA ALA Y 308 39.45 114.77 22.46
C ALA Y 308 39.89 116.23 22.65
N ALA Y 309 40.23 116.93 21.57
CA ALA Y 309 40.68 118.30 21.67
C ALA Y 309 39.60 119.20 22.28
N TYR Y 310 38.31 118.92 22.04
CA TYR Y 310 37.24 119.63 22.72
C TYR Y 310 37.37 119.54 24.24
N VAL Y 311 37.58 118.33 24.75
CA VAL Y 311 37.75 118.09 26.20
C VAL Y 311 39.03 118.74 26.71
N LEU Y 312 40.14 118.60 25.99
CA LEU Y 312 41.39 119.21 26.39
C LEU Y 312 41.24 120.72 26.53
N ALA Y 313 40.63 121.36 25.54
CA ALA Y 313 40.40 122.80 25.57
C ALA Y 313 39.53 123.20 26.76
N GLU Y 314 38.43 122.48 27.00
CA GLU Y 314 37.55 122.75 28.13
C GLU Y 314 38.31 122.69 29.46
N ILE Y 315 39.08 121.62 29.68
CA ILE Y 315 39.88 121.48 30.90
C ILE Y 315 40.86 122.64 30.99
N ALA Y 316 41.59 122.88 29.92
CA ALA Y 316 42.66 123.85 29.92
C ALA Y 316 42.16 125.26 30.20
N ARG Y 317 41.07 125.69 29.54
CA ARG Y 317 40.58 127.07 29.67
C ARG Y 317 40.01 127.35 31.06
N ASP Y 318 39.35 126.35 31.65
CA ASP Y 318 38.84 126.50 33.01
C ASP Y 318 39.96 126.38 34.06
N ARG Y 319 40.91 125.47 33.85
CA ARG Y 319 42.04 125.30 34.78
C ARG Y 319 43.06 126.44 34.73
N GLY Y 320 43.17 127.13 33.60
CA GLY Y 320 44.14 128.20 33.37
C GLY Y 320 45.52 127.75 32.92
N ASN Y 321 45.60 126.77 32.00
CA ASN Y 321 46.86 126.23 31.47
C ASN Y 321 46.99 126.46 29.95
N GLU Y 322 47.53 127.62 29.54
CA GLU Y 322 47.68 127.99 28.13
C GLU Y 322 48.61 127.06 27.34
N GLU Y 323 49.41 126.28 28.04
CA GLU Y 323 50.24 125.21 27.48
C GLU Y 323 49.38 124.05 26.99
N LEU Y 324 48.34 123.66 27.73
CA LEU Y 324 47.43 122.62 27.25
C LEU Y 324 46.63 123.15 26.07
N LEU Y 325 46.29 124.44 26.06
CA LEU Y 325 45.74 125.06 24.85
C LEU Y 325 46.73 124.97 23.70
N GLU Y 326 48.02 125.17 23.94
CA GLU Y 326 49.05 125.00 22.90
C GLU Y 326 49.06 123.56 22.37
N TYR Y 327 49.07 122.57 23.26
CA TYR Y 327 49.09 121.17 22.87
C TYR Y 327 47.87 120.81 22.03
N ALA Y 328 46.68 121.20 22.50
CA ALA Y 328 45.45 120.97 21.76
C ALA Y 328 45.51 121.66 20.39
N ALA Y 329 45.95 122.91 20.34
CA ALA Y 329 46.03 123.65 19.08
C ALA Y 329 46.99 122.96 18.11
N ARG Y 330 48.15 122.52 18.59
CA ARG Y 330 49.11 121.77 17.76
C ARG Y 330 48.51 120.47 17.26
N LEU Y 331 47.83 119.71 18.12
CA LEU Y 331 47.13 118.49 17.71
C LEU Y 331 46.13 118.79 16.59
N ALA Y 332 45.31 119.82 16.78
CA ALA Y 332 44.30 120.18 15.80
C ALA Y 332 44.93 120.68 14.49
N GLU Y 333 45.92 121.56 14.54
CA GLU Y 333 46.56 122.12 13.36
C GLU Y 333 47.24 121.02 12.53
N GLU Y 334 47.97 120.13 13.19
CA GLU Y 334 48.57 118.97 12.54
C GLU Y 334 47.48 118.10 11.91
N ALA Y 335 46.47 117.71 12.67
CA ALA Y 335 45.40 116.86 12.17
C ALA Y 335 44.74 117.50 10.95
N ALA Y 336 44.45 118.80 10.99
CA ALA Y 336 43.85 119.51 9.86
C ALA Y 336 44.78 119.50 8.65
N ARG Y 337 46.07 119.73 8.85
CA ARG Y 337 47.04 119.66 7.76
C ARG Y 337 47.05 118.27 7.13
N GLN Y 338 47.06 117.22 7.94
CA GLN Y 338 46.96 115.85 7.46
C GLN Y 338 45.64 115.62 6.71
N ALA Y 339 44.53 116.12 7.25
CA ALA Y 339 43.23 115.98 6.62
C ALA Y 339 43.20 116.66 5.25
N ILE Y 340 43.83 117.82 5.10
CA ILE Y 340 43.90 118.51 3.82
C ILE Y 340 44.58 117.62 2.78
N GLU Y 341 45.65 116.94 3.14
CA GLU Y 341 46.30 115.97 2.25
C GLU Y 341 45.35 114.83 1.89
N ILE Y 342 44.63 114.26 2.87
CA ILE Y 342 43.65 113.21 2.59
C ILE Y 342 42.62 113.71 1.59
N ALA Y 343 42.10 114.92 1.79
CA ALA Y 343 41.12 115.50 0.89
C ALA Y 343 41.69 115.66 -0.51
N ALA Y 344 42.94 116.12 -0.64
CA ALA Y 344 43.58 116.25 -1.94
C ALA Y 344 43.66 114.88 -2.64
N GLN Y 345 44.11 113.85 -1.94
CA GLN Y 345 44.20 112.51 -2.54
C GLN Y 345 42.82 112.00 -2.98
N ALA Y 346 41.82 112.17 -2.14
CA ALA Y 346 40.45 111.77 -2.46
C ALA Y 346 39.90 112.54 -3.67
N MET Y 347 40.18 113.84 -3.76
CA MET Y 347 39.76 114.65 -4.91
C MET Y 347 40.52 114.27 -6.17
N GLU Y 348 41.79 113.89 -6.08
CA GLU Y 348 42.50 113.32 -7.22
C GLU Y 348 41.84 112.03 -7.71
N GLU Y 349 41.38 111.18 -6.79
CA GLU Y 349 40.59 109.99 -7.15
C GLU Y 349 39.17 110.32 -7.65
N GLY Y 350 38.62 111.48 -7.33
CA GLY Y 350 37.16 111.70 -7.39
C GLY Y 350 36.38 110.87 -6.36
N ASN Y 351 37.08 110.35 -5.35
CA ASN Y 351 36.53 109.60 -4.21
C ASN Y 351 35.96 110.58 -3.17
N PHE Y 352 35.08 111.46 -3.65
CA PHE Y 352 34.66 112.65 -2.93
C PHE Y 352 34.08 112.36 -1.56
N GLU Y 353 33.58 111.15 -1.34
CA GLU Y 353 33.12 110.65 -0.06
C GLU Y 353 34.12 110.99 1.05
N LEU Y 354 35.36 110.55 0.86
CA LEU Y 354 36.42 110.81 1.82
C LEU Y 354 36.69 112.30 1.92
N ALA Y 355 36.70 113.02 0.79
CA ALA Y 355 37.00 114.45 0.81
C ALA Y 355 35.97 115.19 1.68
N LEU Y 356 34.69 114.92 1.46
CA LEU Y 356 33.64 115.55 2.24
C LEU Y 356 33.81 115.23 3.71
N GLU Y 357 34.12 113.99 4.05
CA GLU Y 357 34.32 113.62 5.46
C GLU Y 357 35.56 114.30 6.04
N ALA Y 358 36.67 114.33 5.31
CA ALA Y 358 37.86 115.03 5.78
C ALA Y 358 37.56 116.51 6.00
N LEU Y 359 36.82 117.12 5.08
CA LEU Y 359 36.39 118.50 5.24
C LEU Y 359 35.51 118.64 6.48
N GLU Y 360 34.63 117.68 6.74
CA GLU Y 360 33.83 117.68 7.96
C GLU Y 360 34.72 117.65 9.20
N ILE Y 361 35.73 116.77 9.21
CA ILE Y 361 36.71 116.74 10.29
C ILE Y 361 37.31 118.12 10.42
N ILE Y 362 37.73 118.73 9.31
CA ILE Y 362 38.35 120.05 9.35
C ILE Y 362 37.39 121.05 9.96
N ASN Y 363 36.11 120.99 9.63
CA ASN Y 363 35.14 121.90 10.21
C ASN Y 363 35.09 121.73 11.73
N GLU Y 364 34.98 120.49 12.21
CA GLU Y 364 34.93 120.29 13.64
C GLU Y 364 36.25 120.70 14.30
N ALA Y 365 37.38 120.42 13.66
CA ALA Y 365 38.67 120.87 14.15
C ALA Y 365 38.67 122.40 14.27
N ALA Y 366 38.18 123.08 13.24
CA ALA Y 366 38.09 124.52 13.26
C ALA Y 366 37.23 124.97 14.43
N ARG Y 367 36.09 124.31 14.68
CA ARG Y 367 35.21 124.64 15.80
C ARG Y 367 35.99 124.64 17.10
N VAL Y 368 36.75 123.57 17.34
CA VAL Y 368 37.60 123.50 18.54
C VAL Y 368 38.61 124.63 18.53
N LEU Y 369 39.28 124.87 17.41
CA LEU Y 369 40.28 125.92 17.34
C LEU Y 369 39.66 127.28 17.68
N ALA Y 370 38.44 127.54 17.24
CA ALA Y 370 37.77 128.78 17.58
C ALA Y 370 37.53 128.89 19.09
N ARG Y 371 37.04 127.82 19.72
CA ARG Y 371 36.87 127.80 21.18
C ARG Y 371 38.18 128.14 21.88
N ILE Y 372 39.29 127.56 21.43
CA ILE Y 372 40.62 127.84 22.00
C ILE Y 372 40.95 129.32 21.81
N ALA Y 373 40.90 129.79 20.57
CA ALA Y 373 41.34 131.13 20.21
C ALA Y 373 40.55 132.21 20.98
N HIS Y 374 39.26 131.96 21.25
CA HIS Y 374 38.39 132.87 21.99
C HIS Y 374 38.99 133.28 23.34
N HIS Y 375 39.67 132.34 24.00
CA HIS Y 375 40.23 132.57 25.31
C HIS Y 375 41.64 133.15 25.24
N ARG Y 376 42.40 132.82 24.19
CA ARG Y 376 43.70 133.47 23.92
C ARG Y 376 43.59 134.90 23.42
N GLY Y 377 42.45 135.28 22.85
CA GLY Y 377 42.23 136.59 22.21
C GLY Y 377 42.78 136.70 20.78
N ASN Y 378 43.10 135.57 20.13
CA ASN Y 378 43.66 135.56 18.79
C ASN Y 378 42.60 135.77 17.70
N GLN Y 379 42.24 137.03 17.45
CA GLN Y 379 41.30 137.42 16.39
C GLN Y 379 41.72 136.88 15.02
N GLU Y 380 43.02 136.74 14.80
CA GLU Y 380 43.63 136.27 13.57
C GLU Y 380 43.25 134.81 13.33
N LEU Y 381 43.34 133.99 14.37
CA LEU Y 381 42.94 132.60 14.30
C LEU Y 381 41.43 132.49 14.09
N LEU Y 382 40.62 133.36 14.70
CA LEU Y 382 39.17 133.35 14.49
C LEU Y 382 38.83 133.70 13.03
N GLU Y 383 39.47 134.72 12.48
CA GLU Y 383 39.31 135.05 11.07
C GLU Y 383 39.75 133.88 10.19
N LYS Y 384 40.87 133.23 10.51
CA LYS Y 384 41.32 132.05 9.79
C LYS Y 384 40.29 130.93 9.88
N ALA Y 385 39.70 130.66 11.04
CA ALA Y 385 38.67 129.63 11.16
C ALA Y 385 37.45 129.96 10.29
N ALA Y 386 36.98 131.20 10.34
CA ALA Y 386 35.86 131.62 9.51
C ALA Y 386 36.22 131.40 8.03
N SER Y 387 37.40 131.83 7.63
CA SER Y 387 37.88 131.64 6.27
C SER Y 387 37.97 130.16 5.92
N LEU Y 388 38.49 129.34 6.81
CA LEU Y 388 38.71 127.92 6.58
C LEU Y 388 37.37 127.24 6.39
N THR Y 389 36.46 127.45 7.31
CA THR Y 389 35.12 126.89 7.20
C THR Y 389 34.43 127.41 5.95
N HIS Y 390 34.59 128.68 5.60
CA HIS Y 390 34.06 129.17 4.34
C HIS Y 390 34.66 128.39 3.18
N ALA Y 391 35.98 128.22 3.15
CA ALA Y 391 36.66 127.54 2.06
C ALA Y 391 36.25 126.07 1.98
N SER Y 392 36.19 125.36 3.10
CA SER Y 392 35.79 123.96 3.09
C SER Y 392 34.37 123.84 2.58
N ALA Y 393 33.49 124.76 2.97
CA ALA Y 393 32.14 124.80 2.45
C ALA Y 393 32.17 125.01 0.94
N ALA Y 394 32.96 125.96 0.46
CA ALA Y 394 33.05 126.22 -0.97
C ALA Y 394 33.57 124.98 -1.72
N LEU Y 395 34.57 124.30 -1.19
CA LEU Y 395 35.04 123.04 -1.75
C LEU Y 395 33.91 122.03 -1.81
N SER Y 396 33.19 121.89 -0.70
CA SER Y 396 32.05 120.99 -0.66
C SER Y 396 31.03 121.36 -1.73
N ARG Y 397 30.75 122.65 -1.91
CA ARG Y 397 29.79 123.11 -2.93
C ARG Y 397 30.29 122.79 -4.32
N ALA Y 398 31.57 123.02 -4.59
CA ALA Y 398 32.15 122.69 -5.86
C ALA Y 398 32.06 121.19 -6.12
N ILE Y 399 32.34 120.38 -5.10
CA ILE Y 399 32.22 118.93 -5.19
C ILE Y 399 30.79 118.57 -5.57
N ALA Y 400 29.80 119.12 -4.85
CA ALA Y 400 28.41 118.86 -5.15
C ALA Y 400 28.08 119.24 -6.60
N ALA Y 401 28.51 120.42 -7.04
CA ALA Y 401 28.29 120.87 -8.40
C ALA Y 401 28.91 119.91 -9.42
N ILE Y 402 30.01 119.25 -9.07
CA ILE Y 402 30.63 118.24 -9.92
C ILE Y 402 29.79 116.96 -9.96
N LEU Y 403 29.28 116.47 -8.83
CA LEU Y 403 28.37 115.33 -8.87
C LEU Y 403 27.07 115.67 -9.61
N GLU Y 404 26.61 116.92 -9.50
CA GLU Y 404 25.49 117.43 -10.28
C GLU Y 404 25.83 117.61 -11.77
N GLY Y 405 27.11 117.81 -12.09
CA GLY Y 405 27.61 118.05 -13.45
C GLY Y 405 27.54 119.51 -13.94
N ASP Y 406 27.08 120.47 -13.13
CA ASP Y 406 27.08 121.89 -13.53
C ASP Y 406 28.46 122.52 -13.30
N VAL Y 407 29.38 122.22 -14.21
CA VAL Y 407 30.74 122.74 -14.15
C VAL Y 407 30.76 124.27 -14.15
N GLU Y 408 29.83 124.96 -14.80
CA GLU Y 408 29.83 126.42 -14.76
C GLU Y 408 29.54 126.91 -13.34
N LYS Y 409 28.50 126.37 -12.70
CA LYS Y 409 28.24 126.69 -11.30
C LYS Y 409 29.43 126.31 -10.44
N ALA Y 410 30.06 125.17 -10.70
CA ALA Y 410 31.26 124.78 -9.97
C ALA Y 410 32.35 125.84 -10.12
N VAL Y 411 32.61 126.34 -11.33
CA VAL Y 411 33.63 127.37 -11.56
C VAL Y 411 33.26 128.66 -10.86
N ARG Y 412 31.99 129.06 -10.94
CA ARG Y 412 31.49 130.21 -10.19
C ARG Y 412 31.77 130.05 -8.70
N ALA Y 413 31.50 128.87 -8.14
CA ALA Y 413 31.82 128.59 -6.73
C ALA Y 413 33.34 128.58 -6.47
N ALA Y 414 34.13 128.02 -7.38
CA ALA Y 414 35.58 127.99 -7.23
C ALA Y 414 36.16 129.40 -7.21
N GLN Y 415 35.60 130.33 -7.99
CA GLN Y 415 36.01 131.72 -7.95
C GLN Y 415 35.84 132.32 -6.56
N GLU Y 416 34.78 131.94 -5.83
CA GLU Y 416 34.67 132.31 -4.42
C GLU Y 416 35.72 131.57 -3.58
N ALA Y 417 35.90 130.28 -3.83
CA ALA Y 417 36.81 129.46 -3.05
C ALA Y 417 38.23 130.02 -3.08
N VAL Y 418 38.74 130.40 -4.25
CA VAL Y 418 40.11 130.88 -4.37
C VAL Y 418 40.28 132.20 -3.60
N LYS Y 419 39.30 133.09 -3.63
CA LYS Y 419 39.35 134.30 -2.81
C LYS Y 419 39.38 133.94 -1.32
N ALA Y 420 38.54 133.03 -0.88
CA ALA Y 420 38.52 132.60 0.51
C ALA Y 420 39.87 132.01 0.93
N ALA Y 421 40.49 131.19 0.09
CA ALA Y 421 41.80 130.61 0.38
C ALA Y 421 42.88 131.70 0.42
N LYS Y 422 42.84 132.67 -0.50
CA LYS Y 422 43.75 133.83 -0.49
C LYS Y 422 43.64 134.58 0.83
N GLU Y 423 42.41 134.82 1.30
CA GLU Y 423 42.18 135.45 2.60
C GLU Y 423 42.68 134.58 3.76
N ALA Y 424 42.52 133.26 3.70
CA ALA Y 424 43.03 132.35 4.73
C ALA Y 424 44.56 132.35 4.81
N GLY Y 425 45.23 132.48 3.67
CA GLY Y 425 46.69 132.59 3.59
C GLY Y 425 47.45 131.26 3.80
N ASP Y 426 46.83 130.11 3.53
CA ASP Y 426 47.49 128.80 3.58
C ASP Y 426 47.70 128.18 2.19
N ASN Y 427 48.96 127.93 1.84
CA ASN Y 427 49.32 127.29 0.57
C ASN Y 427 48.77 125.86 0.47
N ASP Y 428 48.61 125.12 1.57
CA ASP Y 428 48.09 123.76 1.49
C ASP Y 428 46.59 123.75 1.19
N MET Y 429 45.82 124.65 1.81
CA MET Y 429 44.45 124.90 1.38
C MET Y 429 44.41 125.35 -0.08
N LEU Y 430 45.30 126.24 -0.51
CA LEU Y 430 45.36 126.58 -1.93
C LEU Y 430 45.65 125.34 -2.78
N ARG Y 431 46.49 124.41 -2.33
CA ARG Y 431 46.70 123.13 -3.05
C ARG Y 431 45.39 122.37 -3.12
N ALA Y 432 44.64 122.26 -2.04
CA ALA Y 432 43.33 121.62 -2.11
C ALA Y 432 42.46 122.31 -3.17
N VAL Y 433 42.39 123.64 -3.15
CA VAL Y 433 41.62 124.39 -4.16
C VAL Y 433 42.10 124.07 -5.56
N ALA Y 434 43.42 124.08 -5.79
CA ALA Y 434 43.95 123.76 -7.10
C ALA Y 434 43.59 122.31 -7.49
N ILE Y 435 43.70 121.36 -6.58
CA ILE Y 435 43.37 119.96 -6.85
C ILE Y 435 41.90 119.84 -7.20
N ALA Y 436 41.04 120.55 -6.48
CA ALA Y 436 39.63 120.62 -6.84
C ALA Y 436 39.49 121.19 -8.24
N ALA Y 437 40.14 122.29 -8.55
CA ALA Y 437 40.03 122.95 -9.84
C ALA Y 437 40.51 122.02 -10.96
N LEU Y 438 41.56 121.25 -10.72
CA LEU Y 438 42.02 120.20 -11.63
C LEU Y 438 40.92 119.17 -11.82
N ARG Y 439 40.34 118.65 -10.75
CA ARG Y 439 39.26 117.67 -10.89
C ARG Y 439 38.05 118.25 -11.61
N ILE Y 440 37.76 119.54 -11.41
CA ILE Y 440 36.72 120.25 -12.14
C ILE Y 440 37.07 120.25 -13.62
N ALA Y 441 38.27 120.70 -13.98
CA ALA Y 441 38.69 120.71 -15.37
C ALA Y 441 38.65 119.30 -15.97
N LYS Y 442 39.02 118.27 -15.22
CA LYS Y 442 38.94 116.87 -15.66
C LYS Y 442 37.50 116.47 -15.97
N GLU Y 443 36.54 116.92 -15.18
CA GLU Y 443 35.14 116.68 -15.48
C GLU Y 443 34.72 117.42 -16.75
N ALA Y 444 35.10 118.69 -16.87
CA ALA Y 444 34.75 119.48 -18.04
C ALA Y 444 35.33 118.86 -19.32
N GLU Y 445 36.56 118.34 -19.24
CA GLU Y 445 37.17 117.57 -20.33
C GLU Y 445 36.41 116.28 -20.61
N LYS Y 446 36.04 115.51 -19.58
CA LYS Y 446 35.25 114.29 -19.73
C LYS Y 446 33.95 114.60 -20.49
N GLN Y 447 33.33 115.73 -20.16
CA GLN Y 447 32.09 116.18 -20.78
C GLN Y 447 32.29 117.02 -22.06
N GLY Y 448 33.53 117.33 -22.44
CA GLY Y 448 33.86 118.10 -23.64
C GLY Y 448 33.62 119.62 -23.57
N ASN Y 449 33.36 120.19 -22.40
CA ASN Y 449 33.04 121.61 -22.20
C ASN Y 449 34.30 122.49 -22.09
N VAL Y 450 35.09 122.55 -23.16
CA VAL Y 450 36.43 123.18 -23.17
C VAL Y 450 36.41 124.63 -22.71
N GLU Y 451 35.39 125.39 -23.08
CA GLU Y 451 35.24 126.80 -22.71
C GLU Y 451 35.21 126.97 -21.20
N VAL Y 452 34.30 126.27 -20.52
CA VAL Y 452 34.26 126.26 -19.06
C VAL Y 452 35.55 125.66 -18.54
N ALA Y 453 36.12 124.65 -19.19
CA ALA Y 453 37.38 124.10 -18.74
C ALA Y 453 38.47 125.19 -18.72
N VAL Y 454 38.53 126.09 -19.70
CA VAL Y 454 39.49 127.20 -19.70
C VAL Y 454 39.25 128.11 -18.51
N LYS Y 455 38.00 128.43 -18.22
CA LYS Y 455 37.69 129.19 -17.00
C LYS Y 455 38.17 128.44 -15.75
N ALA Y 456 37.91 127.14 -15.66
CA ALA Y 456 38.34 126.31 -14.55
C ALA Y 456 39.86 126.33 -14.40
N ALA Y 457 40.57 126.16 -15.51
CA ALA Y 457 42.01 126.23 -15.53
C ALA Y 457 42.49 127.62 -15.12
N ARG Y 458 41.82 128.70 -15.54
CA ARG Y 458 42.21 130.05 -15.16
C ARG Y 458 42.16 130.23 -13.65
N VAL Y 459 41.14 129.66 -13.00
CA VAL Y 459 41.08 129.61 -11.52
C VAL Y 459 42.19 128.72 -10.99
N ALA Y 460 42.36 127.52 -11.56
CA ALA Y 460 43.34 126.58 -11.07
C ALA Y 460 44.73 127.20 -11.03
N VAL Y 461 45.14 127.82 -12.13
CA VAL Y 461 46.47 128.44 -12.24
C VAL Y 461 46.57 129.65 -11.33
N GLU Y 462 45.47 130.36 -11.04
CA GLU Y 462 45.52 131.40 -10.02
C GLU Y 462 45.90 130.82 -8.66
N ALA Y 463 45.21 129.74 -8.25
CA ALA Y 463 45.50 129.08 -6.99
C ALA Y 463 46.93 128.55 -6.95
N ALA Y 464 47.37 127.89 -8.02
CA ALA Y 464 48.71 127.35 -8.12
C ALA Y 464 49.78 128.46 -8.09
N LYS Y 465 49.54 129.58 -8.77
CA LYS Y 465 50.43 130.74 -8.83
C LYS Y 465 50.61 131.39 -7.45
N GLN Y 466 49.57 131.38 -6.62
CA GLN Y 466 49.67 131.83 -5.24
C GLN Y 466 50.35 130.79 -4.35
N ALA Y 467 50.07 129.49 -4.53
CA ALA Y 467 50.64 128.42 -3.70
C ALA Y 467 52.13 128.16 -3.95
N GLY Y 468 52.59 128.29 -5.20
CA GLY Y 468 53.99 128.07 -5.60
C GLY Y 468 54.42 126.60 -5.78
N ASP Y 469 53.48 125.65 -5.84
CA ASP Y 469 53.82 124.22 -6.03
C ASP Y 469 54.01 123.84 -7.51
N ASN Y 470 55.25 123.54 -7.88
CA ASN Y 470 55.59 123.19 -9.24
C ASN Y 470 54.89 121.90 -9.72
N ASP Y 471 54.65 120.92 -8.86
CA ASP Y 471 53.99 119.69 -9.29
C ASP Y 471 52.55 119.97 -9.69
N VAL Y 472 51.88 120.84 -8.95
CA VAL Y 472 50.56 121.33 -9.34
C VAL Y 472 50.68 122.07 -10.67
N LEU Y 473 51.60 123.02 -10.79
CA LEU Y 473 51.74 123.79 -12.03
C LEU Y 473 51.97 122.88 -13.24
N ARG Y 474 52.74 121.81 -13.07
CA ARG Y 474 52.97 120.81 -14.12
C ARG Y 474 51.67 120.09 -14.48
N LEU Y 475 50.96 119.58 -13.48
CA LEU Y 475 49.68 118.92 -13.71
C LEU Y 475 48.69 119.86 -14.40
N VAL Y 476 48.67 121.13 -14.00
CA VAL Y 476 47.84 122.17 -14.62
C VAL Y 476 48.25 122.36 -16.07
N SER Y 477 49.55 122.50 -16.35
CA SER Y 477 50.00 122.63 -17.73
C SER Y 477 49.58 121.42 -18.56
N GLU Y 478 49.74 120.20 -18.05
CA GLU Y 478 49.31 118.99 -18.74
C GLU Y 478 47.80 119.02 -19.00
N ARG Y 479 46.99 119.35 -17.99
CA ARG Y 479 45.55 119.46 -18.20
C ARG Y 479 45.22 120.55 -19.20
N ALA Y 480 45.95 121.66 -19.20
CA ALA Y 480 45.75 122.74 -20.15
C ALA Y 480 46.02 122.26 -21.58
N LEU Y 481 47.06 121.44 -21.77
CA LEU Y 481 47.27 120.79 -23.05
C LEU Y 481 46.15 119.79 -23.37
N SER Y 482 45.54 119.10 -22.39
CA SER Y 482 44.35 118.29 -22.66
C SER Y 482 43.26 119.17 -23.25
N ILE Y 483 42.98 120.30 -22.58
CA ILE Y 483 41.98 121.26 -23.03
C ILE Y 483 42.36 121.77 -24.42
N ALA Y 484 43.62 122.08 -24.68
CA ALA Y 484 44.05 122.55 -25.98
C ALA Y 484 43.76 121.50 -27.05
N ALA Y 485 44.12 120.23 -26.82
CA ALA Y 485 43.85 119.16 -27.77
C ALA Y 485 42.35 118.98 -28.00
N SER Y 486 41.57 118.98 -26.93
CA SER Y 486 40.12 118.97 -27.01
C SER Y 486 39.60 120.18 -27.79
N SER Y 487 40.22 121.35 -27.67
CA SER Y 487 39.83 122.55 -28.41
C SER Y 487 40.12 122.41 -29.90
N VAL Y 488 41.25 121.84 -30.27
CA VAL Y 488 41.52 121.51 -31.68
C VAL Y 488 40.55 120.43 -32.16
N LYS Y 489 40.18 119.47 -31.32
CA LYS Y 489 39.15 118.47 -31.65
C LYS Y 489 37.81 119.12 -31.95
N GLN Y 490 37.45 120.15 -31.18
CA GLN Y 490 36.31 121.03 -31.47
C GLN Y 490 36.56 121.99 -32.65
N GLY Y 491 37.79 122.11 -33.14
CA GLY Y 491 38.21 123.07 -34.17
C GLY Y 491 38.22 124.53 -33.70
N ASN Y 492 38.11 124.80 -32.41
CA ASN Y 492 38.04 126.17 -31.89
C ASN Y 492 39.44 126.75 -31.63
N TYR Y 493 39.90 127.54 -32.59
CA TYR Y 493 41.20 128.20 -32.54
C TYR Y 493 41.31 129.17 -31.36
N GLU Y 494 40.26 129.91 -31.02
CA GLU Y 494 40.32 130.88 -29.92
C GLU Y 494 40.48 130.16 -28.58
N VAL Y 495 39.71 129.10 -28.35
CA VAL Y 495 39.81 128.34 -27.10
C VAL Y 495 41.15 127.60 -27.06
N LYS Y 496 41.65 127.09 -28.20
CA LYS Y 496 43.02 126.59 -28.30
C LYS Y 496 44.00 127.65 -27.86
N GLU Y 497 43.86 128.87 -28.38
CA GLU Y 497 44.79 129.97 -28.11
C GLU Y 497 44.84 130.28 -26.62
N LYS Y 498 43.67 130.39 -26.00
CA LYS Y 498 43.57 130.57 -24.55
C LYS Y 498 44.21 129.39 -23.81
N ALA Y 499 43.91 128.15 -24.21
CA ALA Y 499 44.44 126.96 -23.54
C ALA Y 499 45.97 126.93 -23.59
N ILE Y 500 46.56 127.28 -24.74
CA ILE Y 500 48.01 127.42 -24.86
C ILE Y 500 48.52 128.54 -23.97
N ARG Y 501 47.90 129.73 -24.00
CA ARG Y 501 48.33 130.85 -23.15
C ARG Y 501 48.27 130.50 -21.66
N VAL Y 502 47.26 129.74 -21.24
CA VAL Y 502 47.14 129.22 -19.87
C VAL Y 502 48.23 128.20 -19.59
N ALA Y 503 48.46 127.24 -20.48
CA ALA Y 503 49.57 126.29 -20.30
C ALA Y 503 50.90 127.05 -20.16
N LYS Y 504 51.09 128.11 -20.96
CA LYS Y 504 52.28 128.95 -20.91
C LYS Y 504 52.35 129.83 -19.67
N GLU Y 505 51.24 130.30 -19.12
CA GLU Y 505 51.25 130.94 -17.82
C GLU Y 505 51.74 129.96 -16.75
N ALA Y 506 51.20 128.74 -16.73
CA ALA Y 506 51.64 127.71 -15.78
C ALA Y 506 53.13 127.40 -15.94
N ASN Y 507 53.61 127.28 -17.18
CA ASN Y 507 55.04 127.11 -17.46
C ASN Y 507 55.87 128.31 -16.99
N LYS Y 508 55.39 129.55 -17.21
CA LYS Y 508 56.08 130.79 -16.80
C LYS Y 508 56.25 130.88 -15.29
N GLN Y 509 55.25 130.44 -14.52
CA GLN Y 509 55.36 130.37 -13.06
C GLN Y 509 56.29 129.23 -12.60
N ALA Y 510 56.27 128.07 -13.28
CA ALA Y 510 57.13 126.95 -12.93
C ALA Y 510 58.63 127.21 -13.22
N GLY Y 511 58.93 127.96 -14.29
CA GLY Y 511 60.30 128.38 -14.68
C GLY Y 511 61.21 127.25 -15.16
N PRO Z 242 -70.11 27.95 -73.09
CA PRO Z 242 -70.10 27.14 -74.32
C PRO Z 242 -69.51 27.88 -75.53
N GLU Z 243 -68.39 28.59 -75.32
CA GLU Z 243 -67.79 29.51 -76.30
C GLU Z 243 -67.36 28.79 -77.58
N LEU Z 244 -66.98 27.53 -77.41
CA LEU Z 244 -66.64 26.60 -78.48
C LEU Z 244 -67.75 26.52 -79.53
N PHE Z 245 -69.02 26.58 -79.12
CA PHE Z 245 -70.16 26.43 -80.03
C PHE Z 245 -70.04 27.41 -81.21
N LEU Z 246 -69.85 28.68 -80.92
CA LEU Z 246 -69.72 29.68 -81.97
C LEU Z 246 -68.48 29.42 -82.83
N GLN Z 247 -67.35 29.07 -82.22
CA GLN Z 247 -66.10 28.84 -82.94
C GLN Z 247 -66.22 27.65 -83.88
N ASP Z 248 -66.82 26.56 -83.40
CA ASP Z 248 -67.08 25.39 -84.22
C ASP Z 248 -68.09 25.73 -85.31
N LEU Z 249 -69.17 26.46 -85.01
CA LEU Z 249 -70.09 26.91 -86.05
C LEU Z 249 -69.35 27.70 -87.11
N ARG Z 250 -68.48 28.64 -86.71
CA ARG Z 250 -67.65 29.39 -87.65
C ARG Z 250 -66.81 28.45 -88.49
N SER Z 251 -66.16 27.46 -87.88
CA SER Z 251 -65.38 26.50 -88.66
C SER Z 251 -66.26 25.76 -89.68
N LEU Z 252 -67.47 25.36 -89.31
CA LEU Z 252 -68.37 24.65 -90.22
C LEU Z 252 -68.86 25.57 -91.34
N VAL Z 253 -69.09 26.84 -91.04
CA VAL Z 253 -69.40 27.86 -92.04
C VAL Z 253 -68.22 28.01 -93.01
N GLU Z 254 -66.98 28.05 -92.51
CA GLU Z 254 -65.82 28.10 -93.41
C GLU Z 254 -65.75 26.85 -94.29
N ALA Z 255 -65.98 25.67 -93.74
CA ALA Z 255 -65.97 24.44 -94.51
C ALA Z 255 -67.03 24.46 -95.63
N ALA Z 256 -68.26 24.89 -95.35
CA ALA Z 256 -69.28 25.03 -96.37
C ALA Z 256 -68.84 25.98 -97.50
N ARG Z 257 -68.24 27.13 -97.15
CA ARG Z 257 -67.70 28.10 -98.10
C ARG Z 257 -66.57 27.49 -98.94
N ILE Z 258 -65.62 26.81 -98.30
CA ILE Z 258 -64.44 26.24 -98.97
C ILE Z 258 -64.86 25.07 -99.88
N LEU Z 259 -65.78 24.22 -99.45
CA LEU Z 259 -66.35 23.16 -100.29
C LEU Z 259 -66.92 23.77 -101.56
N ALA Z 260 -67.75 24.81 -101.43
CA ALA Z 260 -68.37 25.46 -102.58
C ALA Z 260 -67.34 26.10 -103.52
N ARG Z 261 -66.30 26.75 -102.97
CA ARG Z 261 -65.22 27.36 -103.77
C ARG Z 261 -64.57 26.31 -104.68
N LEU Z 262 -64.27 25.13 -104.12
CA LEU Z 262 -63.65 24.05 -104.89
C LEU Z 262 -64.66 23.39 -105.83
N ALA Z 263 -65.87 23.14 -105.35
CA ALA Z 263 -66.94 22.50 -106.12
C ALA Z 263 -67.24 23.26 -107.42
N ARG Z 264 -67.21 24.60 -107.39
CA ARG Z 264 -67.42 25.41 -108.59
C ARG Z 264 -66.31 25.26 -109.63
N GLN Z 265 -65.07 25.01 -109.21
CA GLN Z 265 -63.99 24.67 -110.15
C GLN Z 265 -64.28 23.32 -110.80
N ARG Z 266 -64.75 22.35 -110.01
CA ARG Z 266 -65.18 21.04 -110.46
C ARG Z 266 -66.56 21.01 -111.13
N GLY Z 267 -67.25 22.15 -111.22
CA GLY Z 267 -68.61 22.23 -111.77
C GLY Z 267 -69.66 21.35 -111.07
N ASP Z 268 -69.44 20.95 -109.81
CA ASP Z 268 -70.37 20.09 -109.05
C ASP Z 268 -71.55 20.89 -108.45
N GLU Z 269 -72.64 20.19 -108.09
CA GLU Z 269 -73.73 20.72 -107.26
C GLU Z 269 -74.04 19.86 -106.03
N HIS Z 270 -73.64 18.59 -105.99
CA HIS Z 270 -73.88 17.74 -104.81
C HIS Z 270 -73.19 18.30 -103.57
N ALA Z 271 -71.95 18.76 -103.71
CA ALA Z 271 -71.26 19.48 -102.66
C ALA Z 271 -71.95 20.81 -102.29
N LEU Z 272 -72.67 21.46 -103.22
CA LEU Z 272 -73.41 22.68 -102.92
C LEU Z 272 -74.67 22.38 -102.10
N GLU Z 273 -75.35 21.27 -102.38
CA GLU Z 273 -76.36 20.77 -101.46
C GLU Z 273 -75.74 20.48 -100.09
N ARG Z 274 -74.64 19.73 -100.01
CA ARG Z 274 -73.99 19.43 -98.72
C ARG Z 274 -73.60 20.70 -97.97
N ALA Z 275 -73.03 21.68 -98.65
CA ALA Z 275 -72.69 22.96 -98.06
C ALA Z 275 -73.95 23.67 -97.54
N ALA Z 276 -75.01 23.73 -98.34
CA ALA Z 276 -76.27 24.29 -97.89
C ALA Z 276 -76.77 23.58 -96.63
N ARG Z 277 -76.66 22.25 -96.57
CA ARG Z 277 -77.02 21.46 -95.38
C ARG Z 277 -76.14 21.82 -94.19
N TRP Z 278 -74.82 21.92 -94.37
CA TRP Z 278 -73.94 22.42 -93.31
C TRP Z 278 -74.40 23.77 -92.79
N ALA Z 279 -74.73 24.70 -93.70
CA ALA Z 279 -75.18 26.02 -93.31
C ALA Z 279 -76.52 25.98 -92.58
N GLU Z 280 -77.49 25.21 -93.07
CA GLU Z 280 -78.80 25.07 -92.45
C GLU Z 280 -78.69 24.52 -91.02
N GLN Z 281 -77.83 23.51 -90.82
CA GLN Z 281 -77.61 22.92 -89.51
C GLN Z 281 -77.06 23.96 -88.51
N ALA Z 282 -76.16 24.84 -88.96
CA ALA Z 282 -75.76 25.98 -88.14
C ALA Z 282 -76.96 26.91 -87.90
N ALA Z 283 -77.64 27.35 -88.97
CA ALA Z 283 -78.63 28.43 -88.90
C ALA Z 283 -79.78 28.12 -87.95
N ARG Z 284 -80.36 26.91 -88.04
CA ARG Z 284 -81.49 26.51 -87.20
C ARG Z 284 -81.11 26.49 -85.72
N GLN Z 285 -79.93 25.99 -85.38
CA GLN Z 285 -79.45 26.01 -83.99
C GLN Z 285 -79.12 27.43 -83.54
N ALA Z 286 -78.39 28.18 -84.36
CA ALA Z 286 -77.93 29.52 -84.03
C ALA Z 286 -79.10 30.49 -83.79
N GLU Z 287 -80.14 30.45 -84.62
CA GLU Z 287 -81.31 31.31 -84.46
C GLU Z 287 -81.94 31.12 -83.07
N ARG Z 288 -82.22 29.87 -82.71
CA ARG Z 288 -82.79 29.51 -81.42
C ARG Z 288 -81.86 29.93 -80.29
N LEU Z 289 -80.56 29.69 -80.43
CA LEU Z 289 -79.57 30.10 -79.45
C LEU Z 289 -79.63 31.61 -79.22
N ALA Z 290 -79.66 32.40 -80.30
CA ALA Z 290 -79.72 33.86 -80.18
C ALA Z 290 -81.01 34.31 -79.48
N ARG Z 291 -82.15 33.72 -79.82
CA ARG Z 291 -83.41 34.04 -79.12
C ARG Z 291 -83.30 33.69 -77.64
N GLN Z 292 -82.80 32.50 -77.32
CA GLN Z 292 -82.58 32.04 -75.95
C GLN Z 292 -81.63 32.98 -75.19
N ALA Z 293 -80.58 33.43 -75.85
CA ALA Z 293 -79.59 34.30 -75.22
C ALA Z 293 -80.20 35.61 -74.69
N ARG Z 294 -81.33 36.09 -75.24
CA ARG Z 294 -82.02 37.24 -74.66
C ARG Z 294 -82.44 36.96 -73.22
N LYS Z 295 -82.92 35.74 -72.96
CA LYS Z 295 -83.26 35.30 -71.60
C LYS Z 295 -82.02 35.14 -70.74
N GLU Z 296 -80.95 34.61 -71.32
CA GLU Z 296 -79.69 34.43 -70.58
C GLU Z 296 -79.01 35.76 -70.24
N GLY Z 297 -79.23 36.79 -71.05
CA GLY Z 297 -78.80 38.16 -70.78
C GLY Z 297 -77.33 38.49 -71.09
N ASN Z 298 -76.50 37.52 -71.50
CA ASN Z 298 -75.14 37.85 -71.98
C ASN Z 298 -75.21 38.40 -73.41
N LEU Z 299 -75.36 39.72 -73.50
CA LEU Z 299 -75.55 40.39 -74.79
C LEU Z 299 -74.30 40.28 -75.68
N GLU Z 300 -73.11 40.15 -75.11
CA GLU Z 300 -71.90 39.91 -75.90
C GLU Z 300 -72.02 38.59 -76.67
N LEU Z 301 -72.30 37.50 -75.98
CA LEU Z 301 -72.50 36.21 -76.63
C LEU Z 301 -73.66 36.28 -77.62
N ALA Z 302 -74.72 36.99 -77.28
CA ALA Z 302 -75.84 37.15 -78.19
C ALA Z 302 -75.40 37.84 -79.48
N LEU Z 303 -74.80 39.03 -79.40
CA LEU Z 303 -74.48 39.75 -80.62
C LEU Z 303 -73.38 39.00 -81.39
N LYS Z 304 -72.50 38.28 -80.70
CA LYS Z 304 -71.54 37.40 -81.37
C LYS Z 304 -72.26 36.30 -82.14
N ALA Z 305 -73.28 35.68 -81.56
CA ALA Z 305 -74.10 34.75 -82.31
C ALA Z 305 -74.75 35.44 -83.52
N LEU Z 306 -75.22 36.68 -83.39
CA LEU Z 306 -75.76 37.40 -84.54
C LEU Z 306 -74.70 37.62 -85.61
N GLN Z 307 -73.44 37.86 -85.23
CA GLN Z 307 -72.36 37.93 -86.19
C GLN Z 307 -72.19 36.59 -86.92
N ILE Z 308 -72.31 35.46 -86.20
CA ILE Z 308 -72.34 34.16 -86.86
C ILE Z 308 -73.48 34.12 -87.88
N LEU Z 309 -74.68 34.58 -87.52
CA LEU Z 309 -75.80 34.59 -88.46
C LEU Z 309 -75.47 35.42 -89.70
N VAL Z 310 -74.99 36.64 -89.52
CA VAL Z 310 -74.67 37.48 -90.67
C VAL Z 310 -73.60 36.81 -91.53
N ASN Z 311 -72.57 36.24 -90.92
CA ASN Z 311 -71.50 35.59 -91.67
C ASN Z 311 -72.05 34.38 -92.45
N ALA Z 312 -72.90 33.59 -91.82
CA ALA Z 312 -73.55 32.48 -92.48
C ALA Z 312 -74.41 32.98 -93.64
N ALA Z 313 -75.10 34.10 -93.46
CA ALA Z 313 -75.89 34.69 -94.51
C ALA Z 313 -75.00 35.05 -95.70
N TYR Z 314 -73.80 35.58 -95.46
CA TYR Z 314 -72.85 35.88 -96.53
C TYR Z 314 -72.46 34.62 -97.30
N VAL Z 315 -72.13 33.54 -96.60
CA VAL Z 315 -71.80 32.28 -97.26
C VAL Z 315 -73.00 31.75 -98.05
N LEU Z 316 -74.19 31.78 -97.44
CA LEU Z 316 -75.41 31.33 -98.10
C LEU Z 316 -75.67 32.12 -99.38
N ALA Z 317 -75.53 33.44 -99.32
CA ALA Z 317 -75.63 34.27 -100.51
C ALA Z 317 -74.57 33.89 -101.56
N GLU Z 318 -73.32 33.65 -101.13
CA GLU Z 318 -72.22 33.31 -102.04
C GLU Z 318 -72.52 32.04 -102.84
N ILE Z 319 -73.19 31.07 -102.24
CA ILE Z 319 -73.68 29.88 -102.96
C ILE Z 319 -74.92 30.25 -103.78
N ALA Z 320 -75.95 30.76 -103.13
CA ALA Z 320 -77.28 30.89 -103.71
C ALA Z 320 -77.32 31.82 -104.93
N ARG Z 321 -76.49 32.85 -104.97
CA ARG Z 321 -76.43 33.78 -106.11
C ARG Z 321 -75.92 33.11 -107.39
N ASP Z 322 -75.05 32.12 -107.28
CA ASP Z 322 -74.69 31.26 -108.41
C ASP Z 322 -75.76 30.20 -108.67
N ARG Z 323 -76.40 29.68 -107.61
CA ARG Z 323 -77.21 28.47 -107.69
C ARG Z 323 -78.49 28.60 -108.54
N GLY Z 324 -79.04 29.81 -108.65
CA GLY Z 324 -80.26 30.07 -109.43
C GLY Z 324 -81.57 29.64 -108.75
N ASN Z 325 -81.54 29.33 -107.45
CA ASN Z 325 -82.72 28.99 -106.65
C ASN Z 325 -83.01 30.12 -105.64
N GLU Z 326 -84.19 30.74 -105.71
CA GLU Z 326 -84.55 31.85 -104.82
C GLU Z 326 -84.93 31.41 -103.41
N GLU Z 327 -85.23 30.14 -103.19
CA GLU Z 327 -85.65 29.62 -101.87
C GLU Z 327 -84.61 29.94 -100.79
N LEU Z 328 -83.34 29.64 -101.07
CA LEU Z 328 -82.23 29.91 -100.15
C LEU Z 328 -82.10 31.42 -99.90
N LEU Z 329 -82.20 32.24 -100.95
CA LEU Z 329 -82.16 33.70 -100.83
C LEU Z 329 -83.32 34.21 -99.97
N GLU Z 330 -84.52 33.66 -100.15
CA GLU Z 330 -85.69 34.06 -99.38
C GLU Z 330 -85.55 33.68 -97.91
N TYR Z 331 -85.10 32.45 -97.61
CA TYR Z 331 -84.81 32.04 -96.24
C TYR Z 331 -83.78 32.97 -95.61
N ALA Z 332 -82.65 33.18 -96.31
CA ALA Z 332 -81.58 34.03 -95.83
C ALA Z 332 -82.07 35.46 -95.60
N ALA Z 333 -82.84 36.04 -96.52
CA ALA Z 333 -83.32 37.41 -96.39
C ALA Z 333 -84.22 37.55 -95.16
N ARG Z 334 -85.18 36.64 -94.98
CA ARG Z 334 -86.06 36.65 -93.81
C ARG Z 334 -85.27 36.49 -92.53
N LEU Z 335 -84.33 35.53 -92.51
CA LEU Z 335 -83.45 35.32 -91.36
C LEU Z 335 -82.58 36.55 -91.06
N ALA Z 336 -82.08 37.23 -92.09
CA ALA Z 336 -81.22 38.41 -91.91
C ALA Z 336 -82.04 39.62 -91.41
N GLU Z 337 -83.23 39.82 -91.96
CA GLU Z 337 -84.13 40.87 -91.50
C GLU Z 337 -84.46 40.68 -90.02
N GLU Z 338 -84.76 39.45 -89.63
CA GLU Z 338 -84.97 39.09 -88.23
C GLU Z 338 -83.69 39.31 -87.41
N ALA Z 339 -82.51 38.92 -87.90
CA ALA Z 339 -81.26 39.13 -87.17
C ALA Z 339 -81.01 40.61 -86.91
N ALA Z 340 -81.25 41.47 -87.89
CA ALA Z 340 -81.21 42.91 -87.68
C ALA Z 340 -82.25 43.32 -86.62
N ARG Z 341 -83.47 42.80 -86.70
CA ARG Z 341 -84.50 43.09 -85.70
C ARG Z 341 -84.06 42.69 -84.29
N GLN Z 342 -83.45 41.53 -84.14
CA GLN Z 342 -82.89 41.08 -82.87
C GLN Z 342 -81.76 41.99 -82.40
N ALA Z 343 -80.87 42.41 -83.29
CA ALA Z 343 -79.86 43.39 -82.94
C ALA Z 343 -80.52 44.70 -82.46
N ILE Z 344 -81.58 45.15 -83.13
CA ILE Z 344 -82.29 46.36 -82.73
C ILE Z 344 -82.85 46.20 -81.31
N GLU Z 345 -83.43 45.05 -80.98
CA GLU Z 345 -83.89 44.78 -79.61
C GLU Z 345 -82.72 44.87 -78.62
N ILE Z 346 -81.60 44.24 -78.93
CA ILE Z 346 -80.41 44.31 -78.07
C ILE Z 346 -80.00 45.76 -77.88
N ALA Z 347 -79.94 46.53 -78.96
CA ALA Z 347 -79.56 47.92 -78.91
C ALA Z 347 -80.54 48.74 -78.07
N ALA Z 348 -81.84 48.48 -78.18
CA ALA Z 348 -82.83 49.19 -77.38
C ALA Z 348 -82.56 48.95 -75.88
N GLN Z 349 -82.37 47.70 -75.48
CA GLN Z 349 -82.03 47.38 -74.09
C GLN Z 349 -80.74 48.09 -73.66
N ALA Z 350 -79.71 48.01 -74.49
CA ALA Z 350 -78.41 48.60 -74.17
C ALA Z 350 -78.49 50.12 -74.02
N MET Z 351 -79.13 50.82 -74.96
CA MET Z 351 -79.22 52.29 -74.93
C MET Z 351 -80.17 52.79 -73.85
N GLU Z 352 -81.19 52.02 -73.46
CA GLU Z 352 -81.96 52.35 -72.26
C GLU Z 352 -81.05 52.35 -71.03
N GLU Z 353 -80.22 51.33 -70.88
CA GLU Z 353 -79.21 51.26 -69.82
C GLU Z 353 -78.04 52.24 -70.03
N GLY Z 354 -77.94 52.89 -71.19
CA GLY Z 354 -76.82 53.74 -71.55
C GLY Z 354 -75.52 52.99 -71.86
N ASN Z 355 -75.56 51.67 -72.04
CA ASN Z 355 -74.41 50.89 -72.48
C ASN Z 355 -74.20 51.07 -73.99
N PHE Z 356 -73.62 52.20 -74.37
CA PHE Z 356 -73.25 52.44 -75.74
C PHE Z 356 -72.24 51.40 -76.25
N GLU Z 357 -71.47 50.77 -75.37
CA GLU Z 357 -70.42 49.83 -75.73
C GLU Z 357 -71.00 48.67 -76.53
N LEU Z 358 -72.02 48.02 -75.98
CA LEU Z 358 -72.76 47.00 -76.68
C LEU Z 358 -73.47 47.60 -77.89
N ALA Z 359 -74.04 48.81 -77.74
CA ALA Z 359 -74.84 49.39 -78.79
C ALA Z 359 -74.04 49.58 -80.08
N LEU Z 360 -72.80 50.03 -79.99
CA LEU Z 360 -71.96 50.16 -81.17
C LEU Z 360 -71.79 48.81 -81.87
N GLU Z 361 -71.53 47.74 -81.13
CA GLU Z 361 -71.41 46.43 -81.75
C GLU Z 361 -72.75 45.97 -82.35
N ALA Z 362 -73.87 46.19 -81.66
CA ALA Z 362 -75.17 45.82 -82.23
C ALA Z 362 -75.44 46.58 -83.53
N LEU Z 363 -75.14 47.88 -83.54
CA LEU Z 363 -75.24 48.69 -84.74
C LEU Z 363 -74.34 48.13 -85.84
N GLU Z 364 -73.18 47.58 -85.48
CA GLU Z 364 -72.27 46.95 -86.43
C GLU Z 364 -72.90 45.72 -87.07
N ILE Z 365 -73.60 44.90 -86.29
CA ILE Z 365 -74.35 43.77 -86.84
C ILE Z 365 -75.40 44.31 -87.81
N ILE Z 366 -76.09 45.39 -87.44
CA ILE Z 366 -77.11 45.98 -88.31
C ILE Z 366 -76.47 46.40 -89.64
N ASN Z 367 -75.31 47.05 -89.59
CA ASN Z 367 -74.59 47.44 -90.80
C ASN Z 367 -74.29 46.23 -91.68
N GLU Z 368 -73.70 45.19 -91.12
CA GLU Z 368 -73.24 44.08 -91.94
C GLU Z 368 -74.41 43.24 -92.47
N ALA Z 369 -75.49 43.09 -91.70
CA ALA Z 369 -76.68 42.38 -92.18
C ALA Z 369 -77.22 43.05 -93.45
N ALA Z 370 -77.26 44.39 -93.44
CA ALA Z 370 -77.66 45.15 -94.60
C ALA Z 370 -76.69 44.93 -95.79
N ARG Z 371 -75.39 44.69 -95.56
CA ARG Z 371 -74.46 44.38 -96.67
C ARG Z 371 -74.92 43.13 -97.41
N VAL Z 372 -75.27 42.09 -96.67
CA VAL Z 372 -75.74 40.84 -97.28
C VAL Z 372 -77.05 41.08 -98.02
N LEU Z 373 -78.01 41.76 -97.38
CA LEU Z 373 -79.28 42.05 -98.03
C LEU Z 373 -79.06 42.83 -99.34
N ALA Z 374 -78.19 43.84 -99.33
CA ALA Z 374 -77.88 44.63 -100.51
C ALA Z 374 -77.20 43.78 -101.61
N ARG Z 375 -76.19 42.98 -101.25
CA ARG Z 375 -75.54 42.06 -102.20
C ARG Z 375 -76.58 41.15 -102.86
N ILE Z 376 -77.48 40.57 -102.07
CA ILE Z 376 -78.58 39.73 -102.59
C ILE Z 376 -79.48 40.54 -103.52
N ALA Z 377 -79.89 41.72 -103.09
CA ALA Z 377 -80.80 42.57 -103.86
C ALA Z 377 -80.22 42.98 -105.21
N HIS Z 378 -78.90 43.20 -105.31
CA HIS Z 378 -78.25 43.46 -106.59
C HIS Z 378 -78.43 42.31 -107.59
N HIS Z 379 -78.53 41.07 -107.11
CA HIS Z 379 -78.77 39.91 -107.95
C HIS Z 379 -80.27 39.67 -108.19
N ARG Z 380 -81.13 39.89 -107.20
CA ARG Z 380 -82.60 39.75 -107.34
C ARG Z 380 -83.26 40.90 -108.12
N GLY Z 381 -82.59 42.05 -108.24
CA GLY Z 381 -83.00 43.19 -109.08
C GLY Z 381 -83.89 44.26 -108.42
N ASN Z 382 -84.30 44.09 -107.16
CA ASN Z 382 -85.13 45.07 -106.45
C ASN Z 382 -84.32 46.24 -105.89
N GLN Z 383 -84.34 47.37 -106.61
CA GLN Z 383 -83.78 48.64 -106.12
C GLN Z 383 -84.43 49.07 -104.78
N GLU Z 384 -85.66 48.63 -104.53
CA GLU Z 384 -86.38 48.87 -103.29
C GLU Z 384 -85.66 48.25 -102.10
N LEU Z 385 -85.28 46.98 -102.23
CA LEU Z 385 -84.53 46.30 -101.17
C LEU Z 385 -83.15 46.92 -100.99
N LEU Z 386 -82.49 47.31 -102.10
CA LEU Z 386 -81.23 48.04 -102.03
C LEU Z 386 -81.39 49.32 -101.21
N GLU Z 387 -82.38 50.14 -101.57
CA GLU Z 387 -82.65 51.38 -100.86
C GLU Z 387 -82.94 51.13 -99.38
N LYS Z 388 -83.76 50.12 -99.07
CA LYS Z 388 -84.05 49.77 -97.68
C LYS Z 388 -82.78 49.42 -96.95
N ALA Z 389 -82.01 48.47 -97.46
CA ALA Z 389 -80.79 48.03 -96.82
C ALA Z 389 -79.82 49.21 -96.63
N ALA Z 390 -79.59 49.99 -97.67
CA ALA Z 390 -78.68 51.13 -97.61
C ALA Z 390 -79.15 52.09 -96.52
N SER Z 391 -80.42 52.43 -96.54
CA SER Z 391 -80.98 53.31 -95.52
C SER Z 391 -80.83 52.72 -94.13
N LEU Z 392 -80.96 51.39 -93.99
CA LEU Z 392 -80.79 50.73 -92.70
C LEU Z 392 -79.36 50.95 -92.18
N THR Z 393 -78.36 50.82 -93.03
CA THR Z 393 -77.01 51.25 -92.62
C THR Z 393 -77.00 52.73 -92.29
N HIS Z 394 -77.69 53.54 -93.07
CA HIS Z 394 -77.58 54.97 -92.93
C HIS Z 394 -78.07 55.44 -91.56
N ALA Z 395 -79.17 54.86 -91.09
CA ALA Z 395 -79.70 55.16 -89.77
C ALA Z 395 -78.73 54.70 -88.67
N SER Z 396 -78.26 53.46 -88.73
CA SER Z 396 -77.35 52.95 -87.71
C SER Z 396 -76.04 53.73 -87.70
N ALA Z 397 -75.56 54.16 -88.86
CA ALA Z 397 -74.39 55.01 -88.99
C ALA Z 397 -74.59 56.35 -88.30
N ALA Z 398 -75.73 56.99 -88.54
CA ALA Z 398 -76.03 58.25 -87.88
C ALA Z 398 -76.04 58.06 -86.35
N LEU Z 399 -76.66 56.99 -85.85
CA LEU Z 399 -76.62 56.69 -84.42
C LEU Z 399 -75.19 56.53 -83.94
N SER Z 400 -74.36 55.83 -84.69
CA SER Z 400 -72.94 55.67 -84.35
C SER Z 400 -72.26 57.04 -84.21
N ARG Z 401 -72.48 57.94 -85.19
CA ARG Z 401 -71.93 59.29 -85.14
C ARG Z 401 -72.45 60.05 -83.92
N ALA Z 402 -73.74 59.94 -83.63
CA ALA Z 402 -74.35 60.62 -82.49
C ALA Z 402 -73.78 60.12 -81.15
N ILE Z 403 -73.55 58.81 -81.03
CA ILE Z 403 -72.97 58.23 -79.84
C ILE Z 403 -71.60 58.84 -79.58
N ALA Z 404 -70.77 58.99 -80.62
CA ALA Z 404 -69.45 59.60 -80.48
C ALA Z 404 -69.53 60.99 -79.85
N ALA Z 405 -70.47 61.82 -80.32
CA ALA Z 405 -70.67 63.17 -79.79
C ALA Z 405 -71.09 63.15 -78.30
N ILE Z 406 -71.92 62.18 -77.88
CA ILE Z 406 -72.27 62.04 -76.47
C ILE Z 406 -71.04 61.68 -75.64
N LEU Z 407 -70.24 60.71 -76.09
CA LEU Z 407 -69.03 60.34 -75.37
C LEU Z 407 -68.02 61.50 -75.32
N GLU Z 408 -67.93 62.30 -76.38
CA GLU Z 408 -67.11 63.51 -76.41
C GLU Z 408 -67.69 64.62 -75.50
N GLY Z 409 -69.01 64.65 -75.32
CA GLY Z 409 -69.72 65.52 -74.37
C GLY Z 409 -70.38 66.77 -74.96
N ASP Z 410 -70.23 67.08 -76.25
CA ASP Z 410 -70.98 68.17 -76.89
C ASP Z 410 -72.40 67.72 -77.24
N VAL Z 411 -73.31 67.95 -76.30
CA VAL Z 411 -74.72 67.60 -76.51
C VAL Z 411 -75.35 68.38 -77.65
N GLU Z 412 -74.89 69.58 -78.00
CA GLU Z 412 -75.50 70.30 -79.13
C GLU Z 412 -75.11 69.62 -80.43
N LYS Z 413 -73.83 69.29 -80.59
CA LYS Z 413 -73.38 68.45 -81.72
C LYS Z 413 -74.15 67.13 -81.70
N ALA Z 414 -74.34 66.52 -80.53
CA ALA Z 414 -75.10 65.29 -80.44
C ALA Z 414 -76.53 65.48 -80.95
N VAL Z 415 -77.21 66.54 -80.52
CA VAL Z 415 -78.58 66.81 -80.96
C VAL Z 415 -78.63 67.11 -82.44
N ARG Z 416 -77.64 67.83 -82.98
CA ARG Z 416 -77.54 68.03 -84.43
C ARG Z 416 -77.41 66.67 -85.13
N ALA Z 417 -76.53 65.81 -84.65
CA ALA Z 417 -76.38 64.46 -85.20
C ALA Z 417 -77.67 63.65 -85.06
N ALA Z 418 -78.40 63.79 -83.96
CA ALA Z 418 -79.69 63.16 -83.81
C ALA Z 418 -80.68 63.71 -84.83
N GLN Z 419 -80.69 65.01 -85.07
CA GLN Z 419 -81.54 65.63 -86.08
C GLN Z 419 -81.23 65.06 -87.47
N GLU Z 420 -79.97 64.80 -87.77
CA GLU Z 420 -79.64 64.04 -88.99
C GLU Z 420 -80.17 62.60 -88.90
N ALA Z 421 -79.97 61.93 -87.77
CA ALA Z 421 -80.32 60.55 -87.59
C ALA Z 421 -81.82 60.32 -87.78
N VAL Z 422 -82.67 61.18 -87.26
CA VAL Z 422 -84.12 60.99 -87.41
C VAL Z 422 -84.51 61.13 -88.86
N LYS Z 423 -83.92 62.06 -89.62
CA LYS Z 423 -84.17 62.15 -91.06
C LYS Z 423 -83.69 60.87 -91.77
N ALA Z 424 -82.51 60.37 -91.42
CA ALA Z 424 -82.03 59.13 -91.99
C ALA Z 424 -82.99 57.98 -91.66
N ALA Z 425 -83.52 57.91 -90.45
CA ALA Z 425 -84.51 56.91 -90.09
C ALA Z 425 -85.81 57.10 -90.87
N LYS Z 426 -86.22 58.35 -91.15
CA LYS Z 426 -87.39 58.64 -91.99
C LYS Z 426 -87.18 58.10 -93.41
N GLU Z 427 -85.99 58.25 -93.95
CA GLU Z 427 -85.62 57.62 -95.22
C GLU Z 427 -85.66 56.09 -95.12
N ALA Z 428 -85.23 55.51 -94.00
CA ALA Z 428 -85.23 54.05 -93.80
C ALA Z 428 -86.63 53.44 -93.61
N GLY Z 429 -87.58 54.16 -93.03
CA GLY Z 429 -88.97 53.72 -92.92
C GLY Z 429 -89.18 52.47 -92.05
N ASP Z 430 -88.38 52.27 -91.00
CA ASP Z 430 -88.60 51.20 -90.01
C ASP Z 430 -88.94 51.76 -88.63
N ASN Z 431 -90.11 51.38 -88.13
CA ASN Z 431 -90.58 51.73 -86.79
C ASN Z 431 -89.61 51.24 -85.70
N ASP Z 432 -89.01 50.06 -85.84
CA ASP Z 432 -88.18 49.51 -84.76
C ASP Z 432 -86.83 50.22 -84.68
N MET Z 433 -86.22 50.54 -85.81
CA MET Z 433 -85.11 51.48 -85.85
C MET Z 433 -85.55 52.81 -85.23
N LEU Z 434 -86.71 53.33 -85.59
CA LEU Z 434 -87.20 54.55 -84.95
C LEU Z 434 -87.32 54.39 -83.43
N ARG Z 435 -87.74 53.22 -82.92
CA ARG Z 435 -87.75 53.00 -81.46
C ARG Z 435 -86.35 53.09 -80.90
N ALA Z 436 -85.38 52.45 -81.53
CA ALA Z 436 -83.99 52.58 -81.07
C ALA Z 436 -83.57 54.06 -81.07
N VAL Z 437 -83.90 54.80 -82.12
CA VAL Z 437 -83.62 56.24 -82.18
C VAL Z 437 -84.28 56.95 -81.02
N ALA Z 438 -85.55 56.66 -80.72
CA ALA Z 438 -86.25 57.32 -79.65
C ALA Z 438 -85.60 57.01 -78.29
N ILE Z 439 -85.19 55.76 -78.06
CA ILE Z 439 -84.47 55.38 -76.86
C ILE Z 439 -83.17 56.17 -76.76
N ALA Z 440 -82.46 56.32 -77.88
CA ALA Z 440 -81.28 57.16 -77.89
C ALA Z 440 -81.65 58.60 -77.53
N ALA Z 441 -82.71 59.15 -78.12
CA ALA Z 441 -83.12 60.53 -77.87
C ALA Z 441 -83.47 60.77 -76.40
N LEU Z 442 -84.08 59.79 -75.74
CA LEU Z 442 -84.27 59.81 -74.29
C LEU Z 442 -82.91 59.85 -73.56
N ARG Z 443 -82.00 58.92 -73.85
CA ARG Z 443 -80.70 58.90 -73.17
C ARG Z 443 -79.92 60.19 -73.42
N ILE Z 444 -80.03 60.75 -74.62
CA ILE Z 444 -79.44 62.03 -74.99
C ILE Z 444 -80.07 63.12 -74.13
N ALA Z 445 -81.40 63.17 -74.04
CA ALA Z 445 -82.06 64.17 -73.21
C ALA Z 445 -81.58 64.07 -71.75
N LYS Z 446 -81.41 62.86 -71.22
CA LYS Z 446 -80.86 62.66 -69.87
C LYS Z 446 -79.45 63.21 -69.73
N GLU Z 447 -78.62 63.09 -70.76
CA GLU Z 447 -77.30 63.73 -70.75
C GLU Z 447 -77.42 65.25 -70.68
N ALA Z 448 -78.30 65.83 -71.48
CA ALA Z 448 -78.48 67.28 -71.51
C ALA Z 448 -79.06 67.81 -70.19
N GLU Z 449 -79.92 67.04 -69.52
CA GLU Z 449 -80.30 67.34 -68.15
C GLU Z 449 -79.10 67.30 -67.20
N LYS Z 450 -78.24 66.29 -67.31
CA LYS Z 450 -77.03 66.18 -66.47
C LYS Z 450 -76.11 67.38 -66.64
N GLN Z 451 -76.01 67.93 -67.85
CA GLN Z 451 -75.28 69.16 -68.12
C GLN Z 451 -76.05 70.45 -67.79
N GLY Z 452 -77.36 70.38 -67.55
CA GLY Z 452 -78.19 71.55 -67.25
C GLY Z 452 -78.50 72.47 -68.44
N ASN Z 453 -78.06 72.12 -69.65
CA ASN Z 453 -78.40 72.83 -70.89
C ASN Z 453 -79.79 72.41 -71.38
N VAL Z 454 -80.81 72.70 -70.56
CA VAL Z 454 -82.19 72.24 -70.76
C VAL Z 454 -82.75 72.59 -72.13
N GLU Z 455 -82.28 73.66 -72.76
CA GLU Z 455 -82.73 74.07 -74.09
C GLU Z 455 -82.39 73.00 -75.11
N VAL Z 456 -81.16 72.48 -75.03
CA VAL Z 456 -80.73 71.34 -75.83
C VAL Z 456 -81.55 70.11 -75.44
N ALA Z 457 -81.83 69.91 -74.15
CA ALA Z 457 -82.65 68.79 -73.72
C ALA Z 457 -84.04 68.86 -74.37
N VAL Z 458 -84.64 70.04 -74.45
CA VAL Z 458 -85.95 70.23 -75.11
C VAL Z 458 -85.85 69.84 -76.57
N LYS Z 459 -84.78 70.22 -77.26
CA LYS Z 459 -84.57 69.76 -78.64
C LYS Z 459 -84.48 68.23 -78.67
N ALA Z 460 -83.72 67.61 -77.78
CA ALA Z 460 -83.55 66.16 -77.76
C ALA Z 460 -84.90 65.45 -77.58
N ALA Z 461 -85.68 65.90 -76.62
CA ALA Z 461 -87.01 65.38 -76.45
C ALA Z 461 -87.89 65.71 -77.66
N ARG Z 462 -87.76 66.88 -78.27
CA ARG Z 462 -88.56 67.25 -79.44
C ARG Z 462 -88.29 66.28 -80.58
N VAL Z 463 -87.05 65.85 -80.75
CA VAL Z 463 -86.71 64.78 -81.68
C VAL Z 463 -87.31 63.47 -81.20
N ALA Z 464 -87.23 63.15 -79.90
CA ALA Z 464 -87.80 61.91 -79.41
C ALA Z 464 -89.29 61.81 -79.78
N VAL Z 465 -90.05 62.87 -79.50
CA VAL Z 465 -91.48 62.88 -79.84
C VAL Z 465 -91.69 63.00 -81.33
N GLU Z 466 -90.76 63.59 -82.09
CA GLU Z 466 -90.84 63.48 -83.55
C GLU Z 466 -90.82 62.01 -83.96
N ALA Z 467 -89.85 61.24 -83.47
CA ALA Z 467 -89.72 59.83 -83.78
C ALA Z 467 -91.00 59.09 -83.39
N ALA Z 468 -91.48 59.31 -82.17
CA ALA Z 468 -92.72 58.68 -81.71
C ALA Z 468 -93.92 59.09 -82.57
N LYS Z 469 -94.02 60.36 -82.97
CA LYS Z 469 -95.13 60.84 -83.80
C LYS Z 469 -95.06 60.25 -85.21
N GLN Z 470 -93.85 60.00 -85.72
CA GLN Z 470 -93.65 59.31 -86.98
C GLN Z 470 -93.91 57.80 -86.89
N ALA Z 471 -93.70 57.18 -85.73
CA ALA Z 471 -93.98 55.76 -85.50
C ALA Z 471 -94.28 55.50 -84.02
N GLY Z 472 -95.53 55.12 -83.72
CA GLY Z 472 -96.07 55.13 -82.35
C GLY Z 472 -95.47 54.08 -81.39
N ASP Z 473 -95.21 54.50 -80.15
CA ASP Z 473 -94.96 53.64 -79.00
C ASP Z 473 -95.37 54.36 -77.70
N ASN Z 474 -96.38 53.82 -77.02
CA ASN Z 474 -96.97 54.48 -75.87
C ASN Z 474 -96.00 54.57 -74.69
N ASP Z 475 -95.20 53.54 -74.43
CA ASP Z 475 -94.29 53.58 -73.28
C ASP Z 475 -93.14 54.55 -73.53
N VAL Z 476 -92.70 54.67 -74.77
CA VAL Z 476 -91.84 55.79 -75.16
C VAL Z 476 -92.57 57.10 -74.87
N LEU Z 477 -93.79 57.30 -75.37
CA LEU Z 477 -94.48 58.57 -75.20
C LEU Z 477 -94.65 58.94 -73.72
N LYS Z 478 -94.94 57.96 -72.85
CA LYS Z 478 -94.95 58.15 -71.40
C LYS Z 478 -93.59 58.67 -70.94
N ARG Z 479 -92.54 57.88 -71.18
CA ARG Z 479 -91.18 58.20 -70.73
C ARG Z 479 -90.76 59.57 -71.20
N VAL Z 480 -91.09 59.91 -72.44
CA VAL Z 480 -90.82 61.23 -73.04
C VAL Z 480 -91.59 62.31 -72.29
N SER Z 481 -92.90 62.18 -72.16
CA SER Z 481 -93.72 63.19 -71.51
C SER Z 481 -93.24 63.43 -70.07
N GLU Z 482 -92.92 62.35 -69.34
CA GLU Z 482 -92.31 62.41 -68.01
C GLU Z 482 -91.00 63.19 -68.05
N THR Z 483 -90.09 62.77 -68.92
CA THR Z 483 -88.79 63.40 -69.06
C THR Z 483 -88.94 64.88 -69.38
N LEU Z 484 -89.96 65.27 -70.14
CA LEU Z 484 -90.19 66.68 -70.44
C LEU Z 484 -90.64 67.45 -69.20
N LEU Z 485 -91.36 66.83 -68.28
CA LEU Z 485 -91.56 67.45 -66.99
C LEU Z 485 -90.25 67.50 -66.21
N SER Z 486 -89.41 66.47 -66.27
CA SER Z 486 -88.10 66.49 -65.60
C SER Z 486 -87.27 67.67 -66.09
N ILE Z 487 -87.25 67.88 -67.40
CA ILE Z 487 -86.63 69.03 -68.04
C ILE Z 487 -87.30 70.31 -67.53
N ALA Z 488 -88.63 70.37 -67.47
CA ALA Z 488 -89.31 71.57 -66.98
C ALA Z 488 -88.90 71.90 -65.54
N ALA Z 489 -88.68 70.89 -64.71
CA ALA Z 489 -88.24 71.08 -63.33
C ALA Z 489 -86.83 71.67 -63.29
N GLU Z 490 -85.90 71.11 -64.05
CA GLU Z 490 -84.56 71.71 -64.16
C GLU Z 490 -84.64 73.14 -64.73
N ALA Z 491 -85.48 73.39 -65.74
CA ALA Z 491 -85.67 74.73 -66.28
C ALA Z 491 -86.23 75.71 -65.24
N THR Z 492 -87.11 75.21 -64.35
CA THR Z 492 -87.60 75.98 -63.21
C THR Z 492 -86.47 76.29 -62.24
N LYS Z 493 -85.59 75.32 -61.96
CA LYS Z 493 -84.41 75.52 -61.10
C LYS Z 493 -83.46 76.56 -61.67
N GLN Z 494 -83.33 76.62 -63.00
CA GLN Z 494 -82.60 77.68 -63.72
C GLN Z 494 -83.39 78.99 -63.86
N GLY Z 495 -84.66 79.05 -63.45
CA GLY Z 495 -85.51 80.22 -63.55
C GLY Z 495 -85.97 80.59 -64.97
N ASN Z 496 -85.77 79.72 -65.97
CA ASN Z 496 -86.19 79.99 -67.35
C ASN Z 496 -87.65 79.57 -67.58
N SER Z 497 -88.56 80.50 -67.31
CA SER Z 497 -90.00 80.28 -67.44
C SER Z 497 -90.43 79.98 -68.89
N GLU Z 498 -89.80 80.60 -69.89
CA GLU Z 498 -90.13 80.36 -71.29
C GLU Z 498 -89.80 78.92 -71.71
N VAL Z 499 -88.60 78.44 -71.38
CA VAL Z 499 -88.21 77.06 -71.69
C VAL Z 499 -89.07 76.07 -70.89
N MET Z 500 -89.36 76.36 -69.62
CA MET Z 500 -90.28 75.53 -68.83
C MET Z 500 -91.66 75.42 -69.51
N GLU Z 501 -92.23 76.53 -69.97
CA GLU Z 501 -93.51 76.55 -70.68
C GLU Z 501 -93.44 75.69 -71.94
N LYS Z 502 -92.39 75.86 -72.76
CA LYS Z 502 -92.19 75.03 -73.95
C LYS Z 502 -92.11 73.55 -73.57
N ALA Z 503 -91.34 73.20 -72.55
CA ALA Z 503 -91.21 71.83 -72.10
C ALA Z 503 -92.57 71.25 -71.66
N ILE Z 504 -93.37 72.04 -70.95
CA ILE Z 504 -94.73 71.63 -70.58
C ILE Z 504 -95.59 71.44 -71.85
N ARG Z 505 -95.58 72.38 -72.79
CA ARG Z 505 -96.36 72.25 -74.04
C ARG Z 505 -95.99 71.00 -74.81
N VAL Z 506 -94.71 70.67 -74.91
CA VAL Z 506 -94.27 69.44 -75.58
C VAL Z 506 -94.61 68.22 -74.72
N SER Z 507 -94.47 68.30 -73.40
CA SER Z 507 -94.88 67.20 -72.51
C SER Z 507 -96.35 66.86 -72.73
N GLU Z 508 -97.17 67.91 -72.84
CA GLU Z 508 -98.58 67.85 -73.16
C GLU Z 508 -98.83 67.31 -74.56
N GLU Z 509 -98.05 67.72 -75.56
CA GLU Z 509 -98.16 67.14 -76.90
C GLU Z 509 -97.88 65.63 -76.86
N ALA Z 510 -96.85 65.19 -76.14
CA ALA Z 510 -96.52 63.77 -76.02
C ALA Z 510 -97.65 63.01 -75.31
N GLU Z 511 -98.25 63.60 -74.29
CA GLU Z 511 -99.45 63.05 -73.68
C GLU Z 511 -100.63 63.01 -74.67
N LYS Z 512 -100.82 64.07 -75.46
CA LYS Z 512 -101.89 64.16 -76.46
C LYS Z 512 -101.74 63.13 -77.58
N GLN Z 513 -100.50 62.84 -77.95
CA GLN Z 513 -100.18 61.73 -78.85
C GLN Z 513 -100.45 60.38 -78.21
N ALA Z 514 -100.15 60.20 -76.92
CA ALA Z 514 -100.42 58.95 -76.22
C ALA Z 514 -101.93 58.64 -76.13
N GLY Z 515 -102.77 59.66 -75.90
CA GLY Z 515 -104.24 59.61 -75.99
C GLY Z 515 -104.91 58.66 -75.00
N PRO AA 242 -60.63 -80.96 -27.86
CA PRO AA 242 -60.07 -81.92 -28.84
C PRO AA 242 -60.66 -81.77 -30.25
N GLU AA 243 -60.78 -80.53 -30.73
CA GLU AA 243 -61.47 -80.18 -31.97
C GLU AA 243 -60.78 -80.80 -33.19
N LEU AA 244 -59.47 -80.90 -33.11
CA LEU AA 244 -58.62 -81.57 -34.08
C LEU AA 244 -59.11 -83.00 -34.33
N PHE AA 245 -59.58 -83.69 -33.29
CA PHE AA 245 -59.95 -85.10 -33.40
C PHE AA 245 -60.99 -85.31 -34.48
N LEU AA 246 -62.02 -84.48 -34.51
CA LEU AA 246 -63.03 -84.51 -35.56
C LEU AA 246 -62.41 -84.21 -36.93
N GLN AA 247 -61.56 -83.20 -37.02
CA GLN AA 247 -60.96 -82.78 -38.30
C GLN AA 247 -60.08 -83.89 -38.86
N ASP AA 248 -59.26 -84.50 -38.02
CA ASP AA 248 -58.45 -85.65 -38.40
C ASP AA 248 -59.34 -86.84 -38.74
N LEU AA 249 -60.37 -87.16 -37.95
CA LEU AA 249 -61.28 -88.25 -38.27
C LEU AA 249 -61.82 -88.07 -39.69
N ARG AA 250 -62.28 -86.86 -40.00
CA ARG AA 250 -62.79 -86.50 -41.31
C ARG AA 250 -61.73 -86.76 -42.37
N SER AA 251 -60.48 -86.35 -42.13
CA SER AA 251 -59.42 -86.61 -43.09
C SER AA 251 -59.22 -88.11 -43.32
N LEU AA 252 -59.25 -88.91 -42.25
CA LEU AA 252 -59.05 -90.36 -42.37
C LEU AA 252 -60.19 -91.00 -43.15
N VAL AA 253 -61.42 -90.53 -42.94
CA VAL AA 253 -62.58 -90.96 -43.71
C VAL AA 253 -62.40 -90.63 -45.19
N GLU AA 254 -61.91 -89.42 -45.52
CA GLU AA 254 -61.64 -89.06 -46.93
C GLU AA 254 -60.56 -89.94 -47.54
N ALA AA 255 -59.49 -90.25 -46.80
CA ALA AA 255 -58.41 -91.10 -47.29
C ALA AA 255 -58.91 -92.51 -47.63
N ALA AA 256 -59.71 -93.12 -46.75
CA ALA AA 256 -60.32 -94.42 -47.01
C ALA AA 256 -61.16 -94.40 -48.30
N ARG AA 257 -61.97 -93.36 -48.50
CA ARG AA 257 -62.76 -93.16 -49.72
C ARG AA 257 -61.85 -93.09 -50.95
N ILE AA 258 -60.85 -92.22 -50.93
CA ILE AA 258 -60.02 -91.95 -52.10
C ILE AA 258 -59.19 -93.20 -52.47
N LEU AA 259 -58.60 -93.87 -51.49
CA LEU AA 259 -57.83 -95.09 -51.74
C LEU AA 259 -58.71 -96.15 -52.40
N ALA AA 260 -59.93 -96.34 -51.90
CA ALA AA 260 -60.87 -97.30 -52.49
C ALA AA 260 -61.34 -96.88 -53.90
N ARG AA 261 -61.47 -95.59 -54.18
CA ARG AA 261 -61.73 -95.13 -55.54
C ARG AA 261 -60.57 -95.52 -56.45
N LEU AA 262 -59.34 -95.28 -56.02
CA LEU AA 262 -58.16 -95.63 -56.80
C LEU AA 262 -58.11 -97.14 -57.05
N ALA AA 263 -58.43 -97.92 -56.02
CA ALA AA 263 -58.56 -99.38 -56.06
C ALA AA 263 -59.74 -99.90 -56.92
N ARG AA 264 -60.54 -99.01 -57.51
CA ARG AA 264 -61.52 -99.36 -58.56
C ARG AA 264 -61.06 -98.85 -59.93
N GLN AA 265 -60.45 -97.67 -59.99
CA GLN AA 265 -59.85 -97.16 -61.24
C GLN AA 265 -58.69 -98.04 -61.74
N ARG AA 266 -58.01 -98.73 -60.83
CA ARG AA 266 -57.35 -100.00 -61.11
C ARG AA 266 -57.77 -101.00 -60.05
N GLY AA 267 -58.10 -102.23 -60.43
CA GLY AA 267 -58.65 -103.20 -59.49
C GLY AA 267 -57.68 -103.57 -58.35
N ASP AA 268 -58.20 -103.69 -57.14
CA ASP AA 268 -57.53 -104.29 -55.96
C ASP AA 268 -58.57 -104.71 -54.89
N GLU AA 269 -58.16 -105.54 -53.94
CA GLU AA 269 -58.87 -105.85 -52.70
C GLU AA 269 -58.06 -105.51 -51.45
N HIS AA 270 -56.71 -105.52 -51.53
CA HIS AA 270 -55.86 -105.21 -50.37
C HIS AA 270 -56.06 -103.77 -49.91
N ALA AA 271 -56.08 -102.84 -50.85
CA ALA AA 271 -56.47 -101.46 -50.58
C ALA AA 271 -57.90 -101.37 -50.04
N LEU AA 272 -58.84 -102.19 -50.51
CA LEU AA 272 -60.22 -102.15 -49.99
C LEU AA 272 -60.27 -102.60 -48.54
N GLU AA 273 -59.55 -103.66 -48.21
CA GLU AA 273 -59.41 -104.09 -46.83
C GLU AA 273 -58.79 -102.98 -45.97
N ARG AA 274 -57.66 -102.43 -46.42
CA ARG AA 274 -56.96 -101.36 -45.70
C ARG AA 274 -57.86 -100.14 -45.52
N ALA AA 275 -58.53 -99.71 -46.57
CA ALA AA 275 -59.50 -98.62 -46.50
C ALA AA 275 -60.57 -98.93 -45.48
N ALA AA 276 -61.19 -100.11 -45.56
CA ALA AA 276 -62.23 -100.49 -44.64
C ALA AA 276 -61.72 -100.39 -43.21
N ARG AA 277 -60.51 -100.86 -42.94
CA ARG AA 277 -59.89 -100.78 -41.62
C ARG AA 277 -59.65 -99.34 -41.20
N TRP AA 278 -59.11 -98.48 -42.07
CA TRP AA 278 -58.97 -97.06 -41.75
C TRP AA 278 -60.32 -96.48 -41.33
N ALA AA 279 -61.36 -96.74 -42.12
CA ALA AA 279 -62.69 -96.23 -41.85
C ALA AA 279 -63.28 -96.80 -40.57
N GLU AA 280 -63.17 -98.11 -40.36
CA GLU AA 280 -63.74 -98.79 -39.21
C GLU AA 280 -63.12 -98.29 -37.91
N GLN AA 281 -61.79 -98.10 -37.89
CA GLN AA 281 -61.09 -97.51 -36.75
C GLN AA 281 -61.71 -96.17 -36.38
N ALA AA 282 -61.81 -95.27 -37.36
CA ALA AA 282 -62.42 -93.97 -37.16
C ALA AA 282 -63.86 -94.08 -36.63
N ALA AA 283 -64.70 -94.90 -37.27
CA ALA AA 283 -66.11 -95.03 -36.90
C ALA AA 283 -66.30 -95.58 -35.48
N ARG AA 284 -65.62 -96.68 -35.13
CA ARG AA 284 -65.76 -97.28 -33.81
C ARG AA 284 -65.21 -96.35 -32.72
N GLN AA 285 -64.07 -95.72 -32.96
CA GLN AA 285 -63.51 -94.76 -32.00
C GLN AA 285 -64.48 -93.58 -31.79
N ALA AA 286 -64.99 -93.02 -32.89
CA ALA AA 286 -65.96 -91.93 -32.82
C ALA AA 286 -67.23 -92.34 -32.08
N GLU AA 287 -67.74 -93.56 -32.28
CA GLU AA 287 -68.93 -94.05 -31.59
C GLU AA 287 -68.75 -93.97 -30.08
N ARG AA 288 -67.62 -94.46 -29.56
CA ARG AA 288 -67.31 -94.40 -28.13
C ARG AA 288 -67.29 -92.96 -27.63
N LEU AA 289 -66.59 -92.07 -28.35
CA LEU AA 289 -66.51 -90.65 -27.99
C LEU AA 289 -67.90 -90.02 -27.96
N ALA AA 290 -68.72 -90.28 -28.99
CA ALA AA 290 -70.05 -89.73 -29.09
C ALA AA 290 -70.92 -90.20 -27.92
N ARG AA 291 -70.96 -91.51 -27.66
CA ARG AA 291 -71.73 -92.05 -26.54
C ARG AA 291 -71.28 -91.44 -25.21
N GLN AA 292 -69.98 -91.25 -25.02
CA GLN AA 292 -69.44 -90.56 -23.84
C GLN AA 292 -69.89 -89.10 -23.78
N ALA AA 293 -69.85 -88.39 -24.89
CA ALA AA 293 -70.22 -86.98 -24.94
C ALA AA 293 -71.67 -86.73 -24.47
N ARG AA 294 -72.55 -87.74 -24.53
CA ARG AA 294 -73.90 -87.66 -23.98
C ARG AA 294 -73.89 -87.32 -22.49
N LYS AA 295 -72.92 -87.86 -21.75
CA LYS AA 295 -72.69 -87.52 -20.34
C LYS AA 295 -72.14 -86.12 -20.20
N GLU AA 296 -71.22 -85.75 -21.07
CA GLU AA 296 -70.55 -84.44 -21.02
C GLU AA 296 -71.47 -83.28 -21.38
N GLY AA 297 -72.50 -83.52 -22.19
CA GLY AA 297 -73.59 -82.58 -22.45
C GLY AA 297 -73.29 -81.47 -23.45
N ASN AA 298 -72.11 -81.42 -24.08
CA ASN AA 298 -71.88 -80.47 -25.18
C ASN AA 298 -72.54 -80.98 -26.47
N LEU AA 299 -73.82 -80.65 -26.65
CA LEU AA 299 -74.62 -81.16 -27.75
C LEU AA 299 -74.13 -80.65 -29.11
N GLU AA 300 -73.44 -79.51 -29.17
CA GLU AA 300 -72.79 -79.08 -30.40
C GLU AA 300 -71.75 -80.11 -30.84
N LEU AA 301 -70.82 -80.44 -29.94
CA LEU AA 301 -69.81 -81.46 -30.23
C LEU AA 301 -70.47 -82.80 -30.52
N ALA AA 302 -71.55 -83.14 -29.81
CA ALA AA 302 -72.24 -84.39 -30.04
C ALA AA 302 -72.81 -84.43 -31.47
N LEU AA 303 -73.65 -83.49 -31.86
CA LEU AA 303 -74.26 -83.57 -33.17
C LEU AA 303 -73.19 -83.47 -34.26
N LYS AA 304 -72.13 -82.68 -34.04
CA LYS AA 304 -70.98 -82.66 -34.95
C LYS AA 304 -70.32 -84.02 -35.05
N ALA AA 305 -70.10 -84.72 -33.94
CA ALA AA 305 -69.59 -86.08 -33.99
C ALA AA 305 -70.55 -86.99 -34.74
N LEU AA 306 -71.86 -86.85 -34.56
CA LEU AA 306 -72.81 -87.66 -35.31
C LEU AA 306 -72.67 -87.40 -36.81
N GLN AA 307 -72.44 -86.16 -37.22
CA GLN AA 307 -72.18 -85.87 -38.64
C GLN AA 307 -70.92 -86.61 -39.14
N ILE AA 308 -69.89 -86.74 -38.31
CA ILE AA 308 -68.75 -87.60 -38.67
C ILE AA 308 -69.24 -89.03 -38.91
N LEU AA 309 -70.06 -89.58 -38.03
CA LEU AA 309 -70.60 -90.92 -38.24
C LEU AA 309 -71.46 -91.00 -39.51
N VAL AA 310 -72.29 -90.01 -39.78
CA VAL AA 310 -73.11 -90.00 -41.00
C VAL AA 310 -72.21 -89.98 -42.24
N ASN AA 311 -71.19 -89.13 -42.25
CA ASN AA 311 -70.24 -89.07 -43.36
C ASN AA 311 -69.49 -90.41 -43.49
N ALA AA 312 -69.08 -91.01 -42.38
CA ALA AA 312 -68.41 -92.29 -42.40
C ALA AA 312 -69.33 -93.36 -42.96
N ALA AA 313 -70.59 -93.37 -42.56
CA ALA AA 313 -71.58 -94.33 -43.05
C ALA AA 313 -71.69 -94.23 -44.57
N TYR AA 314 -71.69 -93.01 -45.11
CA TYR AA 314 -71.63 -92.78 -46.55
C TYR AA 314 -70.42 -93.46 -47.17
N VAL AA 315 -69.21 -93.18 -46.69
CA VAL AA 315 -68.02 -93.79 -47.26
C VAL AA 315 -68.09 -95.31 -47.16
N LEU AA 316 -68.54 -95.84 -46.04
CA LEU AA 316 -68.65 -97.28 -45.84
C LEU AA 316 -69.59 -97.89 -46.87
N ALA AA 317 -70.76 -97.30 -47.08
CA ALA AA 317 -71.66 -97.73 -48.14
C ALA AA 317 -70.98 -97.61 -49.51
N GLU AA 318 -70.26 -96.52 -49.76
CA GLU AA 318 -69.62 -96.24 -51.04
C GLU AA 318 -68.65 -97.34 -51.46
N ILE AA 319 -67.97 -97.94 -50.49
CA ILE AA 319 -67.15 -99.13 -50.72
C ILE AA 319 -68.05 -100.36 -50.79
N ALA AA 320 -68.79 -100.63 -49.72
CA ALA AA 320 -69.39 -101.92 -49.47
C ALA AA 320 -70.39 -102.35 -50.54
N ARG AA 321 -71.06 -101.38 -51.16
CA ARG AA 321 -71.99 -101.62 -52.28
C ARG AA 321 -71.32 -102.30 -53.47
N ASP AA 322 -70.05 -102.02 -53.71
CA ASP AA 322 -69.24 -102.75 -54.70
C ASP AA 322 -68.62 -104.01 -54.11
N ARG AA 323 -68.13 -103.97 -52.86
CA ARG AA 323 -67.35 -105.08 -52.28
C ARG AA 323 -68.16 -106.36 -52.08
N GLY AA 324 -69.49 -106.26 -51.98
CA GLY AA 324 -70.40 -107.39 -52.12
C GLY AA 324 -70.57 -108.27 -50.88
N ASN AA 325 -70.28 -107.76 -49.68
CA ASN AA 325 -70.58 -108.44 -48.41
C ASN AA 325 -71.72 -107.75 -47.66
N GLU AA 326 -72.78 -108.49 -47.34
CA GLU AA 326 -73.96 -107.91 -46.68
C GLU AA 326 -73.77 -107.67 -45.18
N GLU AA 327 -72.91 -108.41 -44.47
CA GLU AA 327 -72.67 -108.13 -43.05
C GLU AA 327 -72.04 -106.76 -42.85
N LEU AA 328 -71.09 -106.36 -43.70
CA LEU AA 328 -70.50 -105.03 -43.67
C LEU AA 328 -71.58 -103.95 -43.89
N LEU AA 329 -72.46 -104.15 -44.87
CA LEU AA 329 -73.60 -103.25 -45.09
C LEU AA 329 -74.54 -103.25 -43.88
N GLU AA 330 -74.81 -104.40 -43.28
CA GLU AA 330 -75.67 -104.51 -42.11
C GLU AA 330 -75.08 -103.76 -40.90
N TYR AA 331 -73.75 -103.82 -40.69
CA TYR AA 331 -73.10 -103.01 -39.68
C TYR AA 331 -73.38 -101.54 -39.92
N ALA AA 332 -73.10 -101.05 -41.13
CA ALA AA 332 -73.32 -99.65 -41.48
C ALA AA 332 -74.79 -99.24 -41.29
N ALA AA 333 -75.74 -100.06 -41.73
CA ALA AA 333 -77.16 -99.76 -41.59
C ALA AA 333 -77.58 -99.69 -40.12
N ARG AA 334 -77.22 -100.69 -39.31
CA ARG AA 334 -77.58 -100.70 -37.88
C ARG AA 334 -76.90 -99.56 -37.15
N LEU AA 335 -75.63 -99.31 -37.43
CA LEU AA 335 -74.91 -98.17 -36.86
C LEU AA 335 -75.60 -96.86 -37.21
N ALA AA 336 -76.01 -96.65 -38.47
CA ALA AA 336 -76.69 -95.43 -38.88
C ALA AA 336 -78.07 -95.29 -38.23
N GLU AA 337 -78.84 -96.37 -38.15
CA GLU AA 337 -80.14 -96.36 -37.48
C GLU AA 337 -79.99 -95.95 -36.01
N GLU AA 338 -79.04 -96.57 -35.32
CA GLU AA 338 -78.70 -96.22 -33.95
C GLU AA 338 -78.22 -94.76 -33.85
N ALA AA 339 -77.41 -94.28 -34.79
CA ALA AA 339 -76.94 -92.90 -34.77
C ALA AA 339 -78.11 -91.92 -34.90
N ALA AA 340 -79.06 -92.20 -35.79
CA ALA AA 340 -80.28 -91.41 -35.87
C ALA AA 340 -81.05 -91.51 -34.56
N ARG AA 341 -81.15 -92.69 -33.96
CA ARG AA 341 -81.83 -92.86 -32.68
C ARG AA 341 -81.18 -92.00 -31.58
N GLN AA 342 -79.85 -91.99 -31.50
CA GLN AA 342 -79.14 -91.11 -30.57
C GLN AA 342 -79.37 -89.64 -30.93
N ALA AA 343 -79.43 -89.28 -32.21
CA ALA AA 343 -79.79 -87.93 -32.59
C ALA AA 343 -81.19 -87.57 -32.08
N ILE AA 344 -82.14 -88.50 -32.13
CA ILE AA 344 -83.49 -88.25 -31.63
C ILE AA 344 -83.45 -87.95 -30.14
N GLU AA 345 -82.64 -88.67 -29.37
CA GLU AA 345 -82.45 -88.34 -27.95
C GLU AA 345 -81.88 -86.92 -27.78
N ILE AA 346 -80.89 -86.53 -28.58
CA ILE AA 346 -80.35 -85.17 -28.53
C ILE AA 346 -81.48 -84.17 -28.83
N ALA AA 347 -82.27 -84.44 -29.86
CA ALA AA 347 -83.36 -83.54 -30.26
C ALA AA 347 -84.40 -83.42 -29.15
N ALA AA 348 -84.75 -84.53 -28.50
CA ALA AA 348 -85.70 -84.51 -27.40
C ALA AA 348 -85.18 -83.62 -26.26
N GLN AA 349 -83.92 -83.77 -25.86
CA GLN AA 349 -83.32 -82.93 -24.84
C GLN AA 349 -83.36 -81.45 -25.25
N ALA AA 350 -82.97 -81.14 -26.48
CA ALA AA 350 -82.93 -79.77 -26.98
C ALA AA 350 -84.32 -79.12 -26.99
N MET AA 351 -85.33 -79.82 -27.53
CA MET AA 351 -86.70 -79.30 -27.60
C MET AA 351 -87.36 -79.23 -26.23
N GLU AA 352 -87.01 -80.11 -25.29
CA GLU AA 352 -87.46 -79.98 -23.90
C GLU AA 352 -86.93 -78.67 -23.28
N GLU AA 353 -85.67 -78.31 -23.54
CA GLU AA 353 -85.13 -77.01 -23.16
C GLU AA 353 -85.64 -75.85 -24.03
N GLY AA 354 -86.30 -76.13 -25.15
CA GLY AA 354 -86.68 -75.12 -26.14
C GLY AA 354 -85.49 -74.56 -26.94
N ASN AA 355 -84.33 -75.21 -26.90
CA ASN AA 355 -83.18 -74.86 -27.72
C ASN AA 355 -83.41 -75.34 -29.15
N PHE AA 356 -84.23 -74.59 -29.88
CA PHE AA 356 -84.54 -74.93 -31.25
C PHE AA 356 -83.28 -74.97 -32.12
N GLU AA 357 -82.24 -74.21 -31.78
CA GLU AA 357 -81.01 -74.14 -32.55
C GLU AA 357 -80.37 -75.52 -32.64
N LEU AA 358 -80.08 -76.11 -31.49
CA LEU AA 358 -79.61 -77.47 -31.43
C LEU AA 358 -80.63 -78.41 -32.03
N ALA AA 359 -81.93 -78.18 -31.77
CA ALA AA 359 -82.96 -79.09 -32.27
C ALA AA 359 -82.95 -79.19 -33.80
N LEU AA 360 -82.98 -78.05 -34.49
CA LEU AA 360 -82.91 -78.03 -35.93
C LEU AA 360 -81.64 -78.73 -36.41
N GLU AA 361 -80.51 -78.49 -35.75
CA GLU AA 361 -79.28 -79.12 -36.19
C GLU AA 361 -79.28 -80.63 -35.93
N ALA AA 362 -79.86 -81.11 -34.84
CA ALA AA 362 -80.06 -82.54 -34.65
C ALA AA 362 -80.98 -83.11 -35.74
N LEU AA 363 -82.08 -82.41 -36.01
CA LEU AA 363 -82.99 -82.79 -37.07
C LEU AA 363 -82.25 -82.81 -38.40
N GLU AA 364 -81.29 -81.91 -38.63
CA GLU AA 364 -80.47 -81.88 -39.83
C GLU AA 364 -79.64 -83.15 -39.95
N ILE AA 365 -79.03 -83.61 -38.85
CA ILE AA 365 -78.34 -84.90 -38.83
C ILE AA 365 -79.33 -85.98 -39.23
N ILE AA 366 -80.53 -85.96 -38.67
CA ILE AA 366 -81.54 -86.98 -38.98
C ILE AA 366 -81.88 -86.95 -40.47
N ASN AA 367 -82.15 -85.76 -41.01
CA ASN AA 367 -82.49 -85.57 -42.43
C ASN AA 367 -81.40 -86.13 -43.35
N GLU AA 368 -80.12 -85.87 -43.05
CA GLU AA 368 -79.05 -86.38 -43.88
C GLU AA 368 -78.84 -87.88 -43.68
N ALA AA 369 -78.97 -88.40 -42.45
CA ALA AA 369 -78.70 -89.80 -42.16
C ALA AA 369 -79.54 -90.76 -43.02
N ALA AA 370 -80.78 -90.37 -43.26
CA ALA AA 370 -81.68 -91.11 -44.14
C ALA AA 370 -81.11 -91.30 -45.55
N ARG AA 371 -80.31 -90.36 -46.06
CA ARG AA 371 -79.77 -90.39 -47.43
C ARG AA 371 -78.91 -91.63 -47.65
N VAL AA 372 -78.10 -91.95 -46.66
CA VAL AA 372 -77.25 -93.15 -46.67
C VAL AA 372 -78.12 -94.40 -46.59
N LEU AA 373 -79.08 -94.44 -45.66
CA LEU AA 373 -79.96 -95.59 -45.53
C LEU AA 373 -80.68 -95.88 -46.84
N ALA AA 374 -81.22 -94.85 -47.50
CA ALA AA 374 -81.88 -94.97 -48.78
C ALA AA 374 -80.94 -95.52 -49.86
N ARG AA 375 -79.75 -94.94 -50.02
CA ARG AA 375 -78.78 -95.42 -51.00
C ARG AA 375 -78.39 -96.87 -50.75
N ILE AA 376 -78.22 -97.29 -49.49
CA ILE AA 376 -77.96 -98.70 -49.16
C ILE AA 376 -79.13 -99.57 -49.61
N ALA AA 377 -80.33 -99.23 -49.17
CA ALA AA 377 -81.52 -100.02 -49.43
C ALA AA 377 -81.84 -100.14 -50.93
N HIS AA 378 -81.52 -99.12 -51.74
CA HIS AA 378 -81.65 -99.18 -53.19
C HIS AA 378 -80.88 -100.36 -53.79
N HIS AA 379 -79.66 -100.61 -53.31
CA HIS AA 379 -78.87 -101.75 -53.77
C HIS AA 379 -79.41 -103.08 -53.21
N ARG AA 380 -79.91 -103.10 -51.96
CA ARG AA 380 -80.37 -104.33 -51.30
C ARG AA 380 -81.82 -104.74 -51.64
N GLY AA 381 -82.63 -103.84 -52.20
CA GLY AA 381 -83.99 -104.11 -52.70
C GLY AA 381 -85.13 -103.91 -51.69
N ASN AA 382 -84.84 -103.66 -50.41
CA ASN AA 382 -85.87 -103.45 -49.37
C ASN AA 382 -86.50 -102.05 -49.41
N GLN AA 383 -87.58 -101.92 -50.17
CA GLN AA 383 -88.35 -100.68 -50.29
C GLN AA 383 -88.90 -100.20 -48.93
N GLU AA 384 -89.05 -101.11 -47.98
CA GLU AA 384 -89.55 -100.83 -46.64
C GLU AA 384 -88.59 -99.90 -45.89
N LEU AA 385 -87.29 -100.19 -45.98
CA LEU AA 385 -86.28 -99.34 -45.39
C LEU AA 385 -86.31 -97.95 -46.03
N LEU AA 386 -86.43 -97.91 -47.36
CA LEU AA 386 -86.56 -96.65 -48.09
C LEU AA 386 -87.75 -95.86 -47.57
N GLU AA 387 -88.92 -96.48 -47.49
CA GLU AA 387 -90.13 -95.82 -47.03
C GLU AA 387 -89.93 -95.27 -45.60
N LYS AA 388 -89.31 -96.06 -44.73
CA LYS AA 388 -89.01 -95.60 -43.37
C LYS AA 388 -88.06 -94.42 -43.40
N ALA AA 389 -86.97 -94.51 -44.12
CA ALA AA 389 -86.01 -93.42 -44.21
C ALA AA 389 -86.69 -92.14 -44.72
N ALA AA 390 -87.47 -92.24 -45.79
CA ALA AA 390 -88.17 -91.10 -46.35
C ALA AA 390 -89.08 -90.49 -45.30
N SER AA 391 -89.91 -91.32 -44.69
CA SER AA 391 -90.82 -90.89 -43.64
C SER AA 391 -90.06 -90.27 -42.47
N LEU AA 392 -88.87 -90.77 -42.15
CA LEU AA 392 -88.03 -90.22 -41.09
C LEU AA 392 -87.67 -88.79 -41.40
N THR AA 393 -87.17 -88.53 -42.62
CA THR AA 393 -86.97 -87.14 -43.04
C THR AA 393 -88.27 -86.37 -42.99
N HIS AA 394 -89.38 -86.99 -43.38
CA HIS AA 394 -90.63 -86.29 -43.54
C HIS AA 394 -91.09 -85.72 -42.21
N ALA AA 395 -91.03 -86.51 -41.14
CA ALA AA 395 -91.43 -86.09 -39.81
C ALA AA 395 -90.54 -84.96 -39.31
N SER AA 396 -89.22 -85.11 -39.40
CA SER AA 396 -88.29 -84.09 -38.93
C SER AA 396 -88.45 -82.80 -39.72
N ALA AA 397 -88.73 -82.89 -41.02
CA ALA AA 397 -88.99 -81.73 -41.86
C ALA AA 397 -90.25 -80.99 -41.41
N ALA AA 398 -91.32 -81.72 -41.13
CA ALA AA 398 -92.54 -81.12 -40.63
C ALA AA 398 -92.28 -80.41 -39.29
N LEU AA 399 -91.53 -81.03 -38.38
CA LEU AA 399 -91.13 -80.37 -37.13
C LEU AA 399 -90.31 -79.11 -37.42
N SER AA 400 -89.42 -79.15 -38.40
CA SER AA 400 -88.65 -77.98 -38.79
C SER AA 400 -89.60 -76.85 -39.23
N ARG AA 401 -90.61 -77.17 -40.04
CA ARG AA 401 -91.61 -76.21 -40.45
C ARG AA 401 -92.38 -75.66 -39.25
N ALA AA 402 -92.75 -76.53 -38.31
CA ALA AA 402 -93.46 -76.13 -37.10
C ALA AA 402 -92.60 -75.18 -36.25
N ILE AA 403 -91.30 -75.47 -36.11
CA ILE AA 403 -90.37 -74.61 -35.40
C ILE AA 403 -90.33 -73.24 -36.09
N ALA AA 404 -90.23 -73.22 -37.42
CA ALA AA 404 -90.24 -71.96 -38.15
C ALA AA 404 -91.51 -71.16 -37.88
N ALA AA 405 -92.68 -71.82 -37.86
CA ALA AA 405 -93.95 -71.17 -37.52
C ALA AA 405 -93.98 -70.63 -36.08
N ILE AA 406 -93.36 -71.32 -35.13
CA ILE AA 406 -93.22 -70.81 -33.76
C ILE AA 406 -92.32 -69.58 -33.74
N LEU AA 407 -91.21 -69.59 -34.47
CA LEU AA 407 -90.35 -68.42 -34.60
C LEU AA 407 -91.06 -67.26 -35.31
N GLU AA 408 -91.93 -67.53 -36.28
CA GLU AA 408 -92.83 -66.53 -36.88
C GLU AA 408 -93.98 -66.11 -35.94
N GLY AA 409 -94.27 -66.89 -34.89
CA GLY AA 409 -95.31 -66.63 -33.90
C GLY AA 409 -96.74 -67.06 -34.29
N ASP AA 410 -96.95 -67.64 -35.47
CA ASP AA 410 -98.28 -68.16 -35.85
C ASP AA 410 -98.48 -69.56 -35.27
N VAL AA 411 -99.03 -69.60 -34.07
CA VAL AA 411 -99.32 -70.87 -33.40
C VAL AA 411 -100.35 -71.70 -34.16
N GLU AA 412 -101.28 -71.12 -34.92
CA GLU AA 412 -102.22 -71.94 -35.67
C GLU AA 412 -101.50 -72.63 -36.81
N LYS AA 413 -100.66 -71.91 -37.56
CA LYS AA 413 -99.80 -72.52 -38.57
C LYS AA 413 -98.91 -73.56 -37.91
N ALA AA 414 -98.38 -73.30 -36.72
CA ALA AA 414 -97.59 -74.29 -36.01
C ALA AA 414 -98.42 -75.56 -35.73
N VAL AA 415 -99.65 -75.41 -35.24
CA VAL AA 415 -100.54 -76.55 -34.99
C VAL AA 415 -100.88 -77.28 -36.27
N ARG AA 416 -101.14 -76.57 -37.37
CA ARG AA 416 -101.34 -77.19 -38.67
C ARG AA 416 -100.12 -78.01 -39.06
N ALA AA 417 -98.92 -77.44 -38.95
CA ALA AA 417 -97.69 -78.16 -39.21
C ALA AA 417 -97.52 -79.37 -38.28
N ALA AA 418 -97.91 -79.25 -37.02
CA ALA AA 418 -97.88 -80.39 -36.11
C ALA AA 418 -98.87 -81.47 -36.57
N GLN AA 419 -100.06 -81.08 -37.01
CA GLN AA 419 -101.02 -82.03 -37.57
C GLN AA 419 -100.43 -82.74 -38.79
N GLU AA 420 -99.69 -82.04 -39.65
CA GLU AA 420 -98.95 -82.71 -40.72
C GLU AA 420 -97.88 -83.64 -40.14
N ALA AA 421 -97.14 -83.19 -39.13
CA ALA AA 421 -96.07 -83.96 -38.53
C ALA AA 421 -96.58 -85.27 -37.94
N VAL AA 422 -97.70 -85.25 -37.23
CA VAL AA 422 -98.19 -86.48 -36.60
C VAL AA 422 -98.65 -87.47 -37.66
N LYS AA 423 -99.28 -87.01 -38.74
CA LYS AA 423 -99.58 -87.89 -39.88
C LYS AA 423 -98.31 -88.48 -40.47
N ALA AA 424 -97.28 -87.67 -40.68
CA ALA AA 424 -96.01 -88.19 -41.16
C ALA AA 424 -95.43 -89.22 -40.20
N ALA AA 425 -95.54 -88.99 -38.89
CA ALA AA 425 -95.08 -89.95 -37.91
C ALA AA 425 -95.88 -91.26 -37.98
N LYS AA 426 -97.20 -91.18 -38.23
CA LYS AA 426 -98.04 -92.35 -38.47
C LYS AA 426 -97.57 -93.12 -39.70
N GLU AA 427 -97.15 -92.43 -40.74
CA GLU AA 427 -96.54 -93.06 -41.91
C GLU AA 427 -95.19 -93.73 -41.55
N ALA AA 428 -94.39 -93.10 -40.70
CA ALA AA 428 -93.06 -93.60 -40.32
C ALA AA 428 -93.11 -94.85 -39.40
N GLY AA 429 -93.99 -94.85 -38.40
CA GLY AA 429 -94.04 -95.90 -37.38
C GLY AA 429 -92.77 -96.00 -36.52
N ASP AA 430 -92.33 -94.89 -35.92
CA ASP AA 430 -91.30 -94.90 -34.85
C ASP AA 430 -91.77 -94.18 -33.58
N ASN AA 431 -91.79 -94.92 -32.48
CA ASN AA 431 -92.09 -94.41 -31.15
C ASN AA 431 -91.18 -93.26 -30.74
N ASP AA 432 -89.88 -93.31 -31.06
CA ASP AA 432 -88.95 -92.30 -30.56
C ASP AA 432 -89.11 -90.98 -31.31
N MET AA 433 -89.29 -91.02 -32.63
CA MET AA 433 -89.74 -89.86 -33.37
C MET AA 433 -91.08 -89.36 -32.80
N LEU AA 434 -92.02 -90.24 -32.49
CA LEU AA 434 -93.26 -89.80 -31.85
C LEU AA 434 -92.98 -89.10 -30.51
N ARG AA 435 -92.00 -89.55 -29.71
CA ARG AA 435 -91.60 -88.82 -28.50
C ARG AA 435 -91.08 -87.44 -28.84
N ALA AA 436 -90.20 -87.32 -29.82
CA ALA AA 436 -89.74 -86.01 -30.26
C ALA AA 436 -90.93 -85.13 -30.66
N VAL AA 437 -91.88 -85.66 -31.43
CA VAL AA 437 -93.09 -84.93 -31.81
C VAL AA 437 -93.83 -84.48 -30.56
N ALA AA 438 -94.03 -85.35 -29.58
CA ALA AA 438 -94.75 -85.01 -28.37
C ALA AA 438 -94.04 -83.89 -27.60
N ILE AA 439 -92.71 -83.96 -27.48
CA ILE AA 439 -91.93 -82.90 -26.82
C ILE AA 439 -92.14 -81.58 -27.55
N ALA AA 440 -92.10 -81.58 -28.88
CA ALA AA 440 -92.41 -80.41 -29.66
C ALA AA 440 -93.84 -79.93 -29.37
N ALA AA 441 -94.83 -80.82 -29.36
CA ALA AA 441 -96.21 -80.47 -29.13
C ALA AA 441 -96.42 -79.82 -27.75
N LEU AA 442 -95.71 -80.29 -26.73
CA LEU AA 442 -95.69 -79.63 -25.43
C LEU AA 442 -95.14 -78.20 -25.55
N ARG AA 443 -93.97 -78.02 -26.18
CA ARG AA 443 -93.40 -76.68 -26.36
C ARG AA 443 -94.34 -75.77 -27.16
N ILE AA 444 -95.02 -76.30 -28.17
CA ILE AA 444 -96.02 -75.58 -28.95
C ILE AA 444 -97.19 -75.18 -28.04
N ALA AA 445 -97.70 -76.11 -27.25
CA ALA AA 445 -98.79 -75.82 -26.33
C ALA AA 445 -98.39 -74.71 -25.34
N LYS AA 446 -97.16 -74.74 -24.83
CA LYS AA 446 -96.61 -73.69 -23.96
C LYS AA 446 -96.58 -72.33 -24.67
N GLU AA 447 -96.30 -72.29 -25.96
CA GLU AA 447 -96.40 -71.05 -26.72
C GLU AA 447 -97.85 -70.55 -26.76
N ALA AA 448 -98.79 -71.42 -27.08
CA ALA AA 448 -100.21 -71.04 -27.18
C ALA AA 448 -100.81 -70.62 -25.83
N GLU AA 449 -100.32 -71.17 -24.72
CA GLU AA 449 -100.57 -70.61 -23.39
C GLU AA 449 -99.96 -69.21 -23.25
N LYS AA 450 -98.68 -69.05 -23.58
CA LYS AA 450 -97.95 -67.79 -23.44
C LYS AA 450 -98.61 -66.65 -24.23
N GLN AA 451 -99.20 -66.98 -25.38
CA GLN AA 451 -99.94 -66.04 -26.22
C GLN AA 451 -101.46 -66.08 -26.00
N GLY AA 452 -101.96 -66.86 -25.03
CA GLY AA 452 -103.35 -66.82 -24.56
C GLY AA 452 -104.40 -67.49 -25.46
N ASN AA 453 -104.02 -68.03 -26.61
CA ASN AA 453 -104.93 -68.74 -27.52
C ASN AA 453 -105.15 -70.18 -27.06
N VAL AA 454 -105.77 -70.33 -25.89
CA VAL AA 454 -105.95 -71.63 -25.23
C VAL AA 454 -106.65 -72.65 -26.12
N GLU AA 455 -107.50 -72.22 -27.05
CA GLU AA 455 -108.19 -73.10 -27.99
C GLU AA 455 -107.16 -73.78 -28.90
N VAL AA 456 -106.23 -72.99 -29.42
CA VAL AA 456 -105.09 -73.52 -30.19
C VAL AA 456 -104.24 -74.41 -29.28
N ALA AA 457 -104.06 -74.04 -28.02
CA ALA AA 457 -103.33 -74.87 -27.09
C ALA AA 457 -104.00 -76.25 -26.94
N VAL AA 458 -105.33 -76.30 -26.87
CA VAL AA 458 -106.07 -77.57 -26.79
C VAL AA 458 -105.79 -78.41 -28.01
N LYS AA 459 -105.77 -77.82 -29.20
CA LYS AA 459 -105.36 -78.57 -30.40
C LYS AA 459 -103.93 -79.12 -30.24
N ALA AA 460 -102.99 -78.29 -29.81
CA ALA AA 460 -101.59 -78.70 -29.64
C ALA AA 460 -101.46 -79.87 -28.66
N ALA AA 461 -102.10 -79.76 -27.51
CA ALA AA 461 -102.13 -80.86 -26.56
C ALA AA 461 -102.86 -82.08 -27.14
N ARG AA 462 -103.95 -81.88 -27.89
CA ARG AA 462 -104.69 -82.99 -28.47
C ARG AA 462 -103.81 -83.78 -29.43
N VAL AA 463 -102.97 -83.10 -30.19
CA VAL AA 463 -101.93 -83.75 -30.99
C VAL AA 463 -100.91 -84.41 -30.08
N ALA AA 464 -100.47 -83.76 -29.01
CA ALA AA 464 -99.49 -84.37 -28.12
C ALA AA 464 -100.00 -85.73 -27.61
N VAL AA 465 -101.24 -85.76 -27.11
CA VAL AA 465 -101.84 -87.01 -26.61
C VAL AA 465 -102.18 -87.95 -27.77
N GLU AA 466 -102.41 -87.46 -28.98
CA GLU AA 466 -102.46 -88.36 -30.13
C GLU AA 466 -101.14 -89.12 -30.26
N ALA AA 467 -100.02 -88.41 -30.25
CA ALA AA 467 -98.71 -89.02 -30.37
C ALA AA 467 -98.47 -90.01 -29.22
N ALA AA 468 -98.74 -89.58 -27.99
CA ALA AA 468 -98.56 -90.44 -26.82
C ALA AA 468 -99.50 -91.66 -26.86
N LYS AA 469 -100.70 -91.53 -27.42
CA LYS AA 469 -101.62 -92.67 -27.58
C LYS AA 469 -101.12 -93.62 -28.67
N GLN AA 470 -100.53 -93.08 -29.74
CA GLN AA 470 -99.95 -93.89 -30.79
C GLN AA 470 -98.66 -94.61 -30.35
N ALA AA 471 -97.92 -94.06 -29.39
CA ALA AA 471 -96.74 -94.70 -28.80
C ALA AA 471 -96.55 -94.27 -27.34
N GLY AA 472 -96.71 -95.20 -26.41
CA GLY AA 472 -96.81 -94.91 -24.97
C GLY AA 472 -95.53 -94.32 -24.35
N ASP AA 473 -95.70 -93.26 -23.56
CA ASP AA 473 -94.69 -92.72 -22.64
C ASP AA 473 -95.39 -92.04 -21.45
N ASN AA 474 -95.23 -92.62 -20.27
CA ASN AA 474 -95.97 -92.18 -19.10
C ASN AA 474 -95.55 -90.77 -18.65
N ASP AA 475 -94.27 -90.42 -18.71
CA ASP AA 475 -93.82 -89.11 -18.26
C ASP AA 475 -94.26 -88.02 -19.24
N VAL AA 476 -94.29 -88.32 -20.53
CA VAL AA 476 -94.98 -87.47 -21.49
C VAL AA 476 -96.44 -87.32 -21.07
N LEU AA 477 -97.15 -88.42 -20.81
CA LEU AA 477 -98.57 -88.34 -20.46
C LEU AA 477 -98.80 -87.50 -19.19
N LYS AA 478 -97.94 -87.62 -18.18
CA LYS AA 478 -97.98 -86.75 -16.99
C LYS AA 478 -97.84 -85.29 -17.42
N ARG AA 479 -96.76 -84.96 -18.11
CA ARG AA 479 -96.49 -83.59 -18.57
C ARG AA 479 -97.66 -83.04 -19.37
N VAL AA 480 -98.22 -83.85 -20.26
CA VAL AA 480 -99.38 -83.49 -21.08
C VAL AA 480 -100.59 -83.23 -20.18
N SER AA 481 -100.92 -84.14 -19.28
CA SER AA 481 -102.06 -83.95 -18.38
C SER AA 481 -101.89 -82.67 -17.57
N GLU AA 482 -100.70 -82.43 -17.01
CA GLU AA 482 -100.38 -81.21 -16.26
C GLU AA 482 -100.60 -79.98 -17.15
N THR AA 483 -100.02 -79.99 -18.34
CA THR AA 483 -100.16 -78.90 -19.30
C THR AA 483 -101.63 -78.66 -19.60
N LEU AA 484 -102.44 -79.71 -19.76
CA LEU AA 484 -103.87 -79.57 -20.03
C LEU AA 484 -104.61 -78.94 -18.85
N LEU AA 485 -104.22 -79.25 -17.62
CA LEU AA 485 -104.75 -78.51 -16.48
C LEU AA 485 -104.28 -77.06 -16.51
N SER AA 486 -103.04 -76.76 -16.89
CA SER AA 486 -102.57 -75.38 -17.04
C SER AA 486 -103.43 -74.65 -18.07
N ILE AA 487 -103.70 -75.29 -19.20
CA ILE AA 487 -104.59 -74.76 -20.23
C ILE AA 487 -105.98 -74.54 -19.63
N ALA AA 488 -106.52 -75.48 -18.86
CA ALA AA 488 -107.82 -75.31 -18.24
C ALA AA 488 -107.82 -74.10 -17.30
N ALA AA 489 -106.74 -73.86 -16.57
CA ALA AA 489 -106.62 -72.72 -15.69
C ALA AA 489 -106.61 -71.41 -16.49
N GLU AA 490 -105.81 -71.33 -17.55
CA GLU AA 490 -105.84 -70.16 -18.42
C GLU AA 490 -107.23 -69.97 -19.04
N ALA AA 491 -107.89 -71.04 -19.50
CA ALA AA 491 -109.25 -70.98 -20.03
C ALA AA 491 -110.25 -70.49 -18.97
N THR AA 492 -110.05 -70.86 -17.71
CA THR AA 492 -110.81 -70.30 -16.59
C THR AA 492 -110.55 -68.80 -16.45
N LYS AA 493 -109.29 -68.37 -16.56
CA LYS AA 493 -108.91 -66.94 -16.51
C LYS AA 493 -109.56 -66.14 -17.63
N GLN AA 494 -109.70 -66.73 -18.80
CA GLN AA 494 -110.45 -66.18 -19.93
C GLN AA 494 -111.98 -66.37 -19.82
N GLY AA 495 -112.46 -67.08 -18.79
CA GLY AA 495 -113.88 -67.36 -18.57
C GLY AA 495 -114.52 -68.36 -19.55
N ASN AA 496 -113.75 -69.00 -20.43
CA ASN AA 496 -114.29 -69.95 -21.41
C ASN AA 496 -114.49 -71.34 -20.78
N SER AA 497 -115.64 -71.53 -20.15
CA SER AA 497 -116.00 -72.77 -19.46
C SER AA 497 -116.02 -73.99 -20.40
N GLU AA 498 -116.42 -73.82 -21.65
CA GLU AA 498 -116.48 -74.93 -22.62
C GLU AA 498 -115.08 -75.45 -22.96
N VAL AA 499 -114.16 -74.54 -23.31
CA VAL AA 499 -112.78 -74.92 -23.60
C VAL AA 499 -112.11 -75.46 -22.35
N MET AA 500 -112.41 -74.90 -21.18
CA MET AA 500 -111.91 -75.42 -19.90
C MET AA 500 -112.36 -76.88 -19.71
N GLU AA 501 -113.65 -77.16 -19.86
CA GLU AA 501 -114.21 -78.51 -19.75
C GLU AA 501 -113.54 -79.46 -20.75
N LYS AA 502 -113.35 -79.04 -22.00
CA LYS AA 502 -112.62 -79.83 -22.99
C LYS AA 502 -111.21 -80.13 -22.49
N ALA AA 503 -110.48 -79.14 -22.01
CA ALA AA 503 -109.13 -79.33 -21.50
C ALA AA 503 -109.11 -80.31 -20.31
N ILE AA 504 -110.11 -80.28 -19.44
CA ILE AA 504 -110.25 -81.29 -18.40
C ILE AA 504 -110.50 -82.66 -19.03
N ARG AA 505 -111.49 -82.82 -19.92
CA ARG AA 505 -111.79 -84.12 -20.53
C ARG AA 505 -110.58 -84.71 -21.24
N VAL AA 506 -109.81 -83.90 -21.96
CA VAL AA 506 -108.59 -84.37 -22.62
C VAL AA 506 -107.54 -84.70 -21.56
N SER AA 507 -107.42 -83.94 -20.48
CA SER AA 507 -106.49 -84.31 -19.41
C SER AA 507 -106.89 -85.64 -18.75
N GLU AA 508 -108.19 -85.89 -18.62
CA GLU AA 508 -108.72 -87.18 -18.17
C GLU AA 508 -108.38 -88.29 -19.15
N GLU AA 509 -108.44 -88.03 -20.47
CA GLU AA 509 -107.95 -89.01 -21.44
C GLU AA 509 -106.46 -89.28 -21.24
N ALA AA 510 -105.63 -88.25 -21.07
CA ALA AA 510 -104.20 -88.42 -20.85
C ALA AA 510 -103.92 -89.24 -19.59
N GLU AA 511 -104.65 -88.98 -18.50
CA GLU AA 511 -104.58 -89.79 -17.30
C GLU AA 511 -105.06 -91.24 -17.56
N LYS AA 512 -106.15 -91.42 -18.31
CA LYS AA 512 -106.69 -92.74 -18.65
C LYS AA 512 -105.70 -93.55 -19.48
N GLN AA 513 -104.97 -92.90 -20.38
CA GLN AA 513 -103.88 -93.52 -21.13
C GLN AA 513 -102.67 -93.85 -20.23
N ALA AA 514 -102.37 -93.02 -19.22
CA ALA AA 514 -101.30 -93.33 -18.28
C ALA AA 514 -101.64 -94.57 -17.41
N GLY AA 515 -102.92 -94.73 -17.03
CA GLY AA 515 -103.48 -95.95 -16.39
C GLY AA 515 -102.90 -96.27 -15.02
N PRO BA 242 47.22 -91.75 20.79
CA PRO BA 242 48.18 -92.26 19.77
C PRO BA 242 47.53 -93.21 18.76
N GLU BA 243 46.33 -92.88 18.28
CA GLU BA 243 45.48 -93.78 17.49
C GLU BA 243 46.14 -94.18 16.16
N LEU BA 244 46.88 -93.23 15.59
CA LEU BA 244 47.66 -93.45 14.37
C LEU BA 244 48.71 -94.54 14.57
N PHE BA 245 49.32 -94.62 15.75
CA PHE BA 245 50.45 -95.50 15.99
C PHE BA 245 50.09 -96.94 15.69
N LEU BA 246 48.94 -97.39 16.15
CA LEU BA 246 48.41 -98.72 15.85
C LEU BA 246 48.30 -98.93 14.34
N GLN BA 247 47.73 -97.97 13.62
CA GLN BA 247 47.49 -98.11 12.19
C GLN BA 247 48.81 -98.14 11.42
N ASP BA 248 49.76 -97.29 11.80
CA ASP BA 248 51.09 -97.28 11.19
C ASP BA 248 51.84 -98.58 11.52
N LEU BA 249 51.77 -99.09 12.76
CA LEU BA 249 52.32 -100.40 13.09
C LEU BA 249 51.76 -101.46 12.15
N ARG BA 250 50.43 -101.46 11.97
CA ARG BA 250 49.76 -102.39 11.08
C ARG BA 250 50.28 -102.25 9.65
N SER BA 251 50.48 -101.02 9.18
CA SER BA 251 51.04 -100.81 7.85
C SER BA 251 52.44 -101.42 7.73
N LEU BA 252 53.28 -101.30 8.75
CA LEU BA 252 54.64 -101.85 8.71
C LEU BA 252 54.59 -103.38 8.68
N VAL BA 253 53.66 -103.98 9.43
CA VAL BA 253 53.45 -105.42 9.38
C VAL BA 253 53.01 -105.86 7.98
N GLU BA 254 52.06 -105.16 7.37
CA GLU BA 254 51.60 -105.52 6.01
C GLU BA 254 52.71 -105.36 4.97
N ALA BA 255 53.50 -104.29 5.07
CA ALA BA 255 54.61 -104.05 4.16
C ALA BA 255 55.64 -105.18 4.26
N ALA BA 256 56.04 -105.57 5.47
CA ALA BA 256 56.97 -106.68 5.67
C ALA BA 256 56.43 -107.98 5.06
N ARG BA 257 55.15 -108.29 5.28
CA ARG BA 257 54.48 -109.46 4.68
C ARG BA 257 54.61 -109.44 3.16
N ILE BA 258 54.26 -108.33 2.54
CA ILE BA 258 54.29 -108.20 1.07
C ILE BA 258 55.72 -108.32 0.54
N LEU BA 259 56.69 -107.66 1.19
CA LEU BA 259 58.10 -107.75 0.78
C LEU BA 259 58.57 -109.19 0.79
N ALA BA 260 58.24 -109.95 1.83
CA ALA BA 260 58.66 -111.34 1.93
C ALA BA 260 58.05 -112.23 0.85
N ARG BA 261 56.80 -111.98 0.43
CA ARG BA 261 56.22 -112.71 -0.72
C ARG BA 261 57.04 -112.47 -1.98
N LEU BA 262 57.39 -111.21 -2.23
CA LEU BA 262 58.17 -110.83 -3.40
C LEU BA 262 59.59 -111.41 -3.32
N ALA BA 263 60.20 -111.32 -2.15
CA ALA BA 263 61.50 -111.90 -1.89
C ALA BA 263 61.50 -113.41 -2.14
N ARG BA 264 60.41 -114.13 -1.80
CA ARG BA 264 60.28 -115.57 -2.09
C ARG BA 264 60.10 -115.89 -3.58
N GLN BA 265 59.72 -114.93 -4.41
CA GLN BA 265 59.85 -115.09 -5.86
C GLN BA 265 61.32 -114.98 -6.28
N ARG BA 266 62.03 -114.01 -5.69
CA ARG BA 266 63.42 -113.67 -6.03
C ARG BA 266 64.50 -114.51 -5.34
N GLY BA 267 64.15 -115.31 -4.33
CA GLY BA 267 65.11 -116.00 -3.46
C GLY BA 267 65.97 -115.06 -2.59
N ASP BA 268 65.48 -113.85 -2.26
CA ASP BA 268 66.29 -112.77 -1.68
C ASP BA 268 66.38 -112.81 -0.14
N GLU BA 269 67.45 -113.41 0.38
CA GLU BA 269 67.74 -113.45 1.82
C GLU BA 269 67.92 -112.06 2.44
N HIS BA 270 68.47 -111.10 1.70
CA HIS BA 270 68.74 -109.76 2.22
C HIS BA 270 67.45 -109.00 2.44
N ALA BA 271 66.52 -109.13 1.50
CA ALA BA 271 65.15 -108.67 1.71
C ALA BA 271 64.50 -109.42 2.88
N LEU BA 272 64.65 -110.75 2.98
CA LEU BA 272 64.03 -111.49 4.09
C LEU BA 272 64.58 -111.06 5.46
N GLU BA 273 65.85 -110.70 5.55
CA GLU BA 273 66.37 -110.03 6.75
C GLU BA 273 65.68 -108.67 6.96
N ARG BA 274 65.76 -107.76 5.99
CA ARG BA 274 65.25 -106.39 6.17
C ARG BA 274 63.75 -106.35 6.46
N ALA BA 275 62.98 -107.22 5.82
CA ALA BA 275 61.57 -107.42 6.13
C ALA BA 275 61.40 -107.90 7.58
N ALA BA 276 62.15 -108.93 7.99
CA ALA BA 276 62.10 -109.39 9.36
C ALA BA 276 62.42 -108.26 10.33
N ARG BA 277 63.38 -107.39 10.00
CA ARG BA 277 63.70 -106.19 10.80
C ARG BA 277 62.52 -105.22 10.86
N TRP BA 278 61.89 -104.90 9.74
CA TRP BA 278 60.68 -104.06 9.75
C TRP BA 278 59.62 -104.66 10.69
N ALA BA 279 59.43 -105.97 10.64
CA ALA BA 279 58.44 -106.66 11.47
C ALA BA 279 58.83 -106.69 12.95
N GLU BA 280 60.09 -107.02 13.24
CA GLU BA 280 60.61 -107.14 14.61
C GLU BA 280 60.49 -105.81 15.36
N GLN BA 281 60.77 -104.69 14.69
CA GLN BA 281 60.60 -103.36 15.27
C GLN BA 281 59.18 -103.16 15.78
N ALA BA 282 58.19 -103.41 14.93
CA ALA BA 282 56.79 -103.32 15.31
C ALA BA 282 56.44 -104.26 16.47
N ALA BA 283 56.88 -105.52 16.42
CA ALA BA 283 56.57 -106.50 17.45
C ALA BA 283 57.13 -106.12 18.82
N ARG BA 284 58.42 -105.74 18.91
CA ARG BA 284 59.03 -105.32 20.17
C ARG BA 284 58.34 -104.08 20.73
N GLN BA 285 58.11 -103.08 19.88
CA GLN BA 285 57.45 -101.84 20.30
C GLN BA 285 56.02 -102.11 20.79
N ALA BA 286 55.28 -103.00 20.11
CA ALA BA 286 53.92 -103.37 20.54
C ALA BA 286 53.91 -104.05 21.92
N GLU BA 287 54.93 -104.84 22.26
CA GLU BA 287 55.03 -105.43 23.60
C GLU BA 287 55.13 -104.33 24.66
N ARG BA 288 56.01 -103.34 24.43
CA ARG BA 288 56.17 -102.19 25.33
C ARG BA 288 54.87 -101.40 25.45
N LEU BA 289 54.18 -101.19 24.33
CA LEU BA 289 52.86 -100.54 24.31
C LEU BA 289 51.87 -101.29 25.20
N ALA BA 290 51.79 -102.62 25.06
CA ALA BA 290 50.88 -103.43 25.86
C ALA BA 290 51.23 -103.41 27.35
N ARG BA 291 52.51 -103.50 27.69
CA ARG BA 291 52.97 -103.38 29.07
C ARG BA 291 52.58 -102.02 29.67
N GLN BA 292 52.78 -100.95 28.91
CA GLN BA 292 52.34 -99.61 29.32
C GLN BA 292 50.82 -99.52 29.46
N ALA BA 293 50.08 -100.12 28.53
CA ALA BA 293 48.62 -100.12 28.59
C ALA BA 293 48.09 -100.79 29.86
N ARG BA 294 48.76 -101.83 30.38
CA ARG BA 294 48.37 -102.44 31.66
C ARG BA 294 48.51 -101.47 32.84
N LYS BA 295 49.43 -100.52 32.76
CA LYS BA 295 49.48 -99.40 33.72
C LYS BA 295 48.34 -98.42 33.45
N GLU BA 296 48.19 -97.99 32.21
CA GLU BA 296 47.28 -96.90 31.85
C GLU BA 296 45.79 -97.26 31.96
N GLY BA 297 45.43 -98.54 31.81
CA GLY BA 297 44.07 -99.04 32.02
C GLY BA 297 43.07 -98.78 30.89
N ASN BA 298 43.46 -98.18 29.77
CA ASN BA 298 42.59 -98.08 28.58
C ASN BA 298 42.53 -99.44 27.85
N LEU BA 299 41.56 -100.27 28.21
CA LEU BA 299 41.52 -101.64 27.69
C LEU BA 299 41.10 -101.71 26.22
N GLU BA 300 40.47 -100.68 25.67
CA GLU BA 300 40.31 -100.60 24.22
C GLU BA 300 41.67 -100.53 23.54
N LEU BA 301 42.56 -99.65 23.99
CA LEU BA 301 43.92 -99.61 23.45
C LEU BA 301 44.64 -100.92 23.72
N ALA BA 302 44.43 -101.53 24.90
CA ALA BA 302 45.10 -102.78 25.23
C ALA BA 302 44.69 -103.90 24.26
N LEU BA 303 43.40 -104.11 24.03
CA LEU BA 303 42.99 -105.16 23.12
C LEU BA 303 43.49 -104.87 21.71
N LYS BA 304 43.46 -103.60 21.28
CA LYS BA 304 44.00 -103.23 19.97
C LYS BA 304 45.49 -103.54 19.88
N ALA BA 305 46.27 -103.18 20.88
CA ALA BA 305 47.68 -103.53 20.93
C ALA BA 305 47.86 -105.06 20.87
N LEU BA 306 47.05 -105.83 21.61
CA LEU BA 306 47.15 -107.27 21.56
C LEU BA 306 46.91 -107.77 20.15
N GLN BA 307 45.94 -107.21 19.45
CA GLN BA 307 45.70 -107.57 18.05
C GLN BA 307 46.94 -107.31 17.19
N ILE BA 308 47.66 -106.20 17.43
CA ILE BA 308 48.92 -105.97 16.72
C ILE BA 308 49.87 -107.14 17.00
N LEU BA 309 50.03 -107.53 18.26
CA LEU BA 309 50.94 -108.63 18.59
C LEU BA 309 50.52 -109.92 17.88
N VAL BA 310 49.25 -110.28 17.97
CA VAL BA 310 48.74 -111.50 17.31
C VAL BA 310 49.00 -111.42 15.80
N ASN BA 311 48.67 -110.30 15.17
CA ASN BA 311 48.84 -110.14 13.73
C ASN BA 311 50.32 -110.21 13.34
N ALA BA 312 51.18 -109.54 14.10
CA ALA BA 312 52.61 -109.59 13.86
C ALA BA 312 53.11 -111.03 13.98
N ALA BA 313 52.67 -111.74 15.03
CA ALA BA 313 53.07 -113.11 15.26
C ALA BA 313 52.69 -113.99 14.06
N TYR BA 314 51.49 -113.80 13.51
CA TYR BA 314 51.08 -114.52 12.30
C TYR BA 314 52.05 -114.27 11.15
N VAL BA 315 52.34 -113.01 10.84
CA VAL BA 315 53.26 -112.70 9.74
C VAL BA 315 54.63 -113.29 10.02
N LEU BA 316 55.14 -113.12 11.24
CA LEU BA 316 56.46 -113.61 11.62
C LEU BA 316 56.55 -115.12 11.44
N ALA BA 317 55.52 -115.86 11.85
CA ALA BA 317 55.44 -117.29 11.57
C ALA BA 317 55.42 -117.56 10.06
N GLU BA 318 54.57 -116.84 9.32
CA GLU BA 318 54.36 -117.03 7.89
C GLU BA 318 55.66 -116.88 7.08
N ILE BA 319 56.53 -115.97 7.51
CA ILE BA 319 57.89 -115.83 6.99
C ILE BA 319 58.80 -116.93 7.55
N ALA BA 320 58.99 -116.95 8.87
CA ALA BA 320 60.13 -117.62 9.50
C ALA BA 320 60.15 -119.13 9.29
N ARG BA 321 58.96 -119.73 9.11
CA ARG BA 321 58.80 -121.17 8.84
C ARG BA 321 59.62 -121.66 7.64
N ASP BA 322 59.89 -120.81 6.66
CA ASP BA 322 60.68 -121.18 5.48
C ASP BA 322 62.19 -121.16 5.71
N ARG BA 323 62.69 -120.49 6.76
CA ARG BA 323 64.11 -120.12 6.85
C ARG BA 323 64.99 -121.01 7.73
N GLY BA 324 64.39 -121.84 8.57
CA GLY BA 324 65.11 -122.76 9.46
C GLY BA 324 65.81 -122.12 10.67
N ASN BA 325 65.60 -120.83 10.92
CA ASN BA 325 66.07 -120.16 12.14
C ASN BA 325 65.10 -120.45 13.31
N GLU BA 326 65.33 -121.54 14.03
CA GLU BA 326 64.47 -121.95 15.14
C GLU BA 326 64.48 -120.94 16.29
N GLU BA 327 65.55 -120.16 16.44
CA GLU BA 327 65.65 -119.15 17.50
C GLU BA 327 64.61 -118.04 17.31
N LEU BA 328 64.45 -117.55 16.09
CA LEU BA 328 63.42 -116.57 15.75
C LEU BA 328 62.02 -117.16 15.99
N LEU BA 329 61.80 -118.41 15.59
CA LEU BA 329 60.53 -119.10 15.83
C LEU BA 329 60.24 -119.26 17.33
N GLU BA 330 61.26 -119.64 18.11
CA GLU BA 330 61.14 -119.79 19.55
C GLU BA 330 60.83 -118.44 20.21
N TYR BA 331 61.53 -117.37 19.81
CA TYR BA 331 61.24 -116.02 20.27
C TYR BA 331 59.79 -115.61 19.98
N ALA BA 332 59.34 -115.82 18.74
CA ALA BA 332 57.98 -115.48 18.35
C ALA BA 332 56.94 -116.28 19.16
N ALA BA 333 57.17 -117.59 19.35
CA ALA BA 333 56.29 -118.42 20.16
C ALA BA 333 56.24 -117.96 21.63
N ARG BA 334 57.39 -117.65 22.22
CA ARG BA 334 57.46 -117.13 23.59
C ARG BA 334 56.75 -115.78 23.71
N LEU BA 335 56.93 -114.89 22.74
CA LEU BA 335 56.22 -113.62 22.70
C LEU BA 335 54.70 -113.85 22.60
N ALA BA 336 54.26 -114.74 21.72
CA ALA BA 336 52.83 -115.02 21.56
C ALA BA 336 52.23 -115.64 22.83
N GLU BA 337 52.94 -116.57 23.47
CA GLU BA 337 52.51 -117.17 24.73
C GLU BA 337 52.36 -116.11 25.82
N GLU BA 338 53.34 -115.22 25.96
CA GLU BA 338 53.27 -114.10 26.89
C GLU BA 338 52.07 -113.20 26.56
N ALA BA 339 51.88 -112.81 25.29
CA ALA BA 339 50.76 -111.95 24.90
C ALA BA 339 49.41 -112.61 25.24
N ALA BA 340 49.24 -113.89 24.94
CA ALA BA 340 48.04 -114.62 25.31
C ALA BA 340 47.87 -114.62 26.83
N ARG BA 341 48.92 -114.93 27.59
CA ARG BA 341 48.87 -114.94 29.05
C ARG BA 341 48.44 -113.59 29.61
N GLN BA 342 49.01 -112.49 29.09
CA GLN BA 342 48.63 -111.16 29.53
C GLN BA 342 47.21 -110.80 29.09
N ALA BA 343 46.75 -111.27 27.94
CA ALA BA 343 45.36 -111.13 27.57
C ALA BA 343 44.46 -111.81 28.61
N ILE BA 344 44.83 -112.99 29.12
CA ILE BA 344 44.05 -113.69 30.15
C ILE BA 344 43.96 -112.83 31.41
N GLU BA 345 45.04 -112.16 31.82
CA GLU BA 345 44.98 -111.24 32.96
C GLU BA 345 43.98 -110.10 32.69
N ILE BA 346 44.03 -109.49 31.50
CA ILE BA 346 43.06 -108.46 31.15
C ILE BA 346 41.63 -109.02 31.22
N ALA BA 347 41.42 -110.22 30.69
CA ALA BA 347 40.12 -110.87 30.73
C ALA BA 347 39.64 -111.10 32.17
N ALA BA 348 40.52 -111.48 33.08
CA ALA BA 348 40.15 -111.66 34.48
C ALA BA 348 39.69 -110.32 35.09
N GLN BA 349 40.42 -109.24 34.83
CA GLN BA 349 40.02 -107.91 35.29
C GLN BA 349 38.65 -107.51 34.72
N ALA BA 350 38.44 -107.74 33.43
CA ALA BA 350 37.17 -107.44 32.76
C ALA BA 350 35.99 -108.25 33.36
N MET BA 351 36.15 -109.55 33.55
CA MET BA 351 35.08 -110.41 34.08
C MET BA 351 34.79 -110.13 35.56
N GLU BA 352 35.79 -109.75 36.36
CA GLU BA 352 35.53 -109.27 37.72
C GLU BA 352 34.63 -108.02 37.70
N GLU BA 353 34.90 -107.09 36.79
CA GLU BA 353 34.07 -105.90 36.59
C GLU BA 353 32.74 -106.18 35.84
N GLY BA 354 32.53 -107.41 35.36
CA GLY BA 354 31.37 -107.75 34.55
C GLY BA 354 31.37 -107.11 33.15
N ASN BA 355 32.50 -106.57 32.69
CA ASN BA 355 32.66 -106.06 31.34
C ASN BA 355 32.86 -107.24 30.38
N PHE BA 356 31.77 -107.96 30.14
CA PHE BA 356 31.78 -109.09 29.24
C PHE BA 356 32.21 -108.69 27.83
N GLU BA 357 32.04 -107.44 27.45
CA GLU BA 357 32.44 -106.92 26.15
C GLU BA 357 33.93 -107.13 25.96
N LEU BA 358 34.72 -106.54 26.85
CA LEU BA 358 36.16 -106.74 26.84
C LEU BA 358 36.51 -108.21 27.08
N ALA BA 359 35.72 -108.95 27.85
CA ALA BA 359 35.99 -110.37 28.02
C ALA BA 359 35.90 -111.10 26.68
N LEU BA 360 34.83 -110.88 25.92
CA LEU BA 360 34.71 -111.49 24.60
C LEU BA 360 35.84 -111.03 23.70
N GLU BA 361 36.21 -109.75 23.72
CA GLU BA 361 37.35 -109.28 22.93
C GLU BA 361 38.61 -110.06 23.30
N ALA BA 362 38.95 -110.15 24.59
CA ALA BA 362 40.16 -110.83 25.01
C ALA BA 362 40.12 -112.30 24.62
N LEU BA 363 38.98 -112.96 24.81
CA LEU BA 363 38.82 -114.35 24.44
C LEU BA 363 39.01 -114.52 22.94
N GLU BA 364 38.46 -113.60 22.13
CA GLU BA 364 38.66 -113.59 20.68
C GLU BA 364 40.15 -113.46 20.35
N ILE BA 365 40.88 -112.59 21.05
CA ILE BA 365 42.33 -112.50 20.92
C ILE BA 365 42.95 -113.85 21.25
N ILE BA 366 42.55 -114.49 22.35
CA ILE BA 366 43.14 -115.75 22.76
C ILE BA 366 42.93 -116.82 21.70
N ASN BA 367 41.73 -116.88 21.09
CA ASN BA 367 41.45 -117.82 20.01
C ASN BA 367 42.41 -117.60 18.82
N GLU BA 368 42.53 -116.38 18.33
CA GLU BA 368 43.39 -116.14 17.18
C GLU BA 368 44.87 -116.31 17.54
N ALA BA 369 45.28 -115.97 18.77
CA ALA BA 369 46.64 -116.19 19.23
C ALA BA 369 46.99 -117.69 19.19
N ALA BA 370 46.07 -118.51 19.66
CA ALA BA 370 46.23 -119.95 19.59
C ALA BA 370 46.30 -120.45 18.14
N ARG BA 371 45.61 -119.82 17.18
CA ARG BA 371 45.76 -120.16 15.75
C ARG BA 371 47.22 -120.06 15.33
N VAL BA 372 47.88 -118.96 15.68
CA VAL BA 372 49.29 -118.75 15.37
C VAL BA 372 50.15 -119.81 16.04
N LEU BA 373 49.95 -120.03 17.34
CA LEU BA 373 50.73 -121.03 18.07
C LEU BA 373 50.62 -122.40 17.40
N ALA BA 374 49.40 -122.82 17.03
CA ALA BA 374 49.19 -124.10 16.36
C ALA BA 374 49.86 -124.15 14.98
N ARG BA 375 49.70 -123.11 14.17
CA ARG BA 375 50.36 -123.03 12.84
C ARG BA 375 51.88 -123.20 12.99
N ILE BA 376 52.49 -122.53 13.98
CA ILE BA 376 53.92 -122.69 14.27
C ILE BA 376 54.23 -124.14 14.65
N ALA BA 377 53.49 -124.68 15.61
CA ALA BA 377 53.73 -126.03 16.13
C ALA BA 377 53.61 -127.11 15.05
N HIS BA 378 52.74 -126.92 14.05
CA HIS BA 378 52.64 -127.82 12.91
C HIS BA 378 53.96 -127.91 12.13
N HIS BA 379 54.55 -126.75 11.80
CA HIS BA 379 55.83 -126.72 11.09
C HIS BA 379 56.99 -127.26 11.95
N ARG BA 380 56.94 -127.06 13.26
CA ARG BA 380 57.92 -127.61 14.21
C ARG BA 380 57.73 -129.10 14.52
N GLY BA 381 56.56 -129.67 14.22
CA GLY BA 381 56.24 -131.09 14.46
C GLY BA 381 55.93 -131.47 15.91
N ASN BA 382 55.67 -130.50 16.80
CA ASN BA 382 55.37 -130.75 18.21
C ASN BA 382 53.87 -130.95 18.47
N GLN BA 383 53.42 -132.20 18.47
CA GLN BA 383 52.04 -132.57 18.80
C GLN BA 383 51.63 -132.09 20.20
N GLU BA 384 52.59 -131.96 21.12
CA GLU BA 384 52.37 -131.49 22.48
C GLU BA 384 51.92 -130.02 22.48
N LEU BA 385 52.66 -129.17 21.77
CA LEU BA 385 52.32 -127.77 21.62
C LEU BA 385 51.02 -127.61 20.83
N LEU BA 386 50.81 -128.43 19.80
CA LEU BA 386 49.55 -128.44 19.07
C LEU BA 386 48.39 -128.73 20.03
N GLU BA 387 48.50 -129.78 20.83
CA GLU BA 387 47.46 -130.14 21.78
C GLU BA 387 47.20 -128.99 22.76
N LYS BA 388 48.24 -128.36 23.30
CA LYS BA 388 48.05 -127.20 24.18
C LYS BA 388 47.38 -126.05 23.46
N ALA BA 389 47.84 -125.67 22.29
CA ALA BA 389 47.21 -124.57 21.54
C ALA BA 389 45.74 -124.88 21.25
N ALA BA 390 45.42 -126.10 20.81
CA ALA BA 390 44.04 -126.49 20.57
C ALA BA 390 43.24 -126.35 21.87
N SER BA 391 43.76 -126.90 22.95
CA SER BA 391 43.10 -126.82 24.24
C SER BA 391 42.91 -125.38 24.69
N LEU BA 392 43.86 -124.49 24.36
CA LEU BA 392 43.75 -123.08 24.68
C LEU BA 392 42.53 -122.48 24.00
N THR BA 393 42.36 -122.74 22.69
CA THR BA 393 41.10 -122.34 22.03
C THR BA 393 39.92 -122.96 22.76
N HIS BA 394 40.01 -124.23 23.14
CA HIS BA 394 38.85 -124.92 23.64
C HIS BA 394 38.34 -124.28 24.93
N ALA BA 395 39.24 -123.93 25.84
CA ALA BA 395 38.86 -123.30 27.09
C ALA BA 395 38.30 -121.89 26.85
N SER BA 396 38.96 -121.06 26.05
CA SER BA 396 38.44 -119.72 25.77
C SER BA 396 37.10 -119.78 25.04
N ALA BA 397 36.90 -120.78 24.19
CA ALA BA 397 35.63 -121.01 23.52
C ALA BA 397 34.52 -121.34 24.51
N ALA BA 398 34.79 -122.25 25.44
CA ALA BA 398 33.82 -122.61 26.45
C ALA BA 398 33.44 -121.38 27.29
N LEU BA 399 34.42 -120.56 27.68
CA LEU BA 399 34.15 -119.30 28.38
C LEU BA 399 33.25 -118.39 27.54
N SER BA 400 33.56 -118.26 26.25
CA SER BA 400 32.74 -117.45 25.34
C SER BA 400 31.29 -117.93 25.32
N ARG BA 401 31.07 -119.24 25.19
CA ARG BA 401 29.73 -119.82 25.25
C ARG BA 401 29.07 -119.55 26.60
N ALA BA 402 29.80 -119.73 27.70
CA ALA BA 402 29.26 -119.50 29.03
C ALA BA 402 28.83 -118.04 29.24
N ILE BA 403 29.61 -117.08 28.74
CA ILE BA 403 29.24 -115.67 28.82
C ILE BA 403 27.91 -115.44 28.11
N ALA BA 404 27.74 -116.03 26.92
CA ALA BA 404 26.49 -115.90 26.17
C ALA BA 404 25.30 -116.37 26.99
N ALA BA 405 25.43 -117.50 27.68
CA ALA BA 405 24.36 -118.03 28.53
C ALA BA 405 24.00 -117.08 29.68
N ILE BA 406 24.96 -116.40 30.29
CA ILE BA 406 24.65 -115.38 31.30
C ILE BA 406 23.90 -114.21 30.66
N LEU BA 407 24.36 -113.71 29.51
CA LEU BA 407 23.67 -112.62 28.83
C LEU BA 407 22.26 -113.01 28.39
N GLU BA 408 22.06 -114.26 27.98
CA GLU BA 408 20.76 -114.82 27.63
C GLU BA 408 19.89 -115.14 28.88
N GLY BA 409 20.50 -115.21 30.07
CA GLY BA 409 19.82 -115.22 31.37
C GLY BA 409 19.52 -116.59 31.99
N ASP BA 410 19.76 -117.71 31.31
CA ASP BA 410 19.58 -119.05 31.89
C ASP BA 410 20.82 -119.47 32.68
N VAL BA 411 20.76 -119.30 34.00
CA VAL BA 411 21.88 -119.66 34.87
C VAL BA 411 22.14 -121.16 34.91
N GLU BA 412 21.14 -122.03 34.69
CA GLU BA 412 21.43 -123.46 34.66
C GLU BA 412 22.21 -123.81 33.40
N LYS BA 413 21.80 -123.28 32.25
CA LYS BA 413 22.60 -123.38 31.02
C LYS BA 413 23.99 -122.81 31.26
N ALA BA 414 24.09 -121.67 31.94
CA ALA BA 414 25.40 -121.11 32.25
C ALA BA 414 26.24 -122.09 33.08
N VAL BA 415 25.68 -122.66 34.15
CA VAL BA 415 26.39 -123.63 35.00
C VAL BA 415 26.79 -124.87 34.19
N ARG BA 416 25.92 -125.35 33.31
CA ARG BA 416 26.28 -126.45 32.41
C ARG BA 416 27.46 -126.05 31.51
N ALA BA 417 27.42 -124.87 30.91
CA ALA BA 417 28.52 -124.38 30.08
C ALA BA 417 29.82 -124.22 30.89
N ALA BA 418 29.74 -123.74 32.12
CA ALA BA 418 30.90 -123.67 33.00
C ALA BA 418 31.41 -125.07 33.33
N GLN BA 419 30.52 -126.03 33.58
CA GLN BA 419 30.90 -127.42 33.81
C GLN BA 419 31.65 -127.99 32.61
N GLU BA 420 31.29 -127.62 31.38
CA GLU BA 420 32.10 -127.95 30.21
C GLU BA 420 33.45 -127.19 30.24
N ALA BA 421 33.41 -125.90 30.56
CA ALA BA 421 34.61 -125.07 30.56
C ALA BA 421 35.67 -125.61 31.52
N VAL BA 422 35.30 -125.98 32.74
CA VAL BA 422 36.28 -126.48 33.70
C VAL BA 422 36.88 -127.80 33.22
N LYS BA 423 36.10 -128.67 32.57
CA LYS BA 423 36.66 -129.87 31.94
C LYS BA 423 37.64 -129.51 30.83
N ALA BA 424 37.29 -128.55 29.98
CA ALA BA 424 38.21 -128.08 28.94
C ALA BA 424 39.50 -127.53 29.56
N ALA BA 425 39.40 -126.78 30.66
CA ALA BA 425 40.58 -126.29 31.36
C ALA BA 425 41.39 -127.44 31.96
N LYS BA 426 40.74 -128.49 32.49
CA LYS BA 426 41.41 -129.70 32.98
C LYS BA 426 42.18 -130.40 31.87
N GLU BA 427 41.62 -130.45 30.66
CA GLU BA 427 42.32 -130.94 29.48
C GLU BA 427 43.52 -130.05 29.12
N ALA BA 428 43.37 -128.72 29.22
CA ALA BA 428 44.42 -127.76 28.85
C ALA BA 428 45.62 -127.73 29.82
N GLY BA 429 45.36 -127.75 31.13
CA GLY BA 429 46.38 -127.59 32.16
C GLY BA 429 47.02 -126.20 32.18
N ASP BA 430 46.28 -125.17 32.60
CA ASP BA 430 46.82 -123.83 32.89
C ASP BA 430 46.09 -123.16 34.06
N ASN BA 431 46.86 -122.82 35.09
CA ASN BA 431 46.39 -122.10 36.27
C ASN BA 431 45.70 -120.78 35.91
N ASP BA 432 46.21 -120.02 34.94
CA ASP BA 432 45.68 -118.68 34.68
C ASP BA 432 44.36 -118.74 33.91
N MET BA 433 44.24 -119.65 32.95
CA MET BA 433 42.95 -120.02 32.40
C MET BA 433 42.01 -120.49 33.51
N LEU BA 434 42.47 -121.33 34.43
CA LEU BA 434 41.63 -121.73 35.57
C LEU BA 434 41.22 -120.52 36.42
N ARG BA 435 42.07 -119.49 36.59
CA ARG BA 435 41.64 -118.25 37.25
C ARG BA 435 40.52 -117.58 36.47
N ALA BA 436 40.64 -117.52 35.15
CA ALA BA 436 39.55 -116.98 34.34
C ALA BA 436 38.26 -117.77 34.60
N VAL BA 437 38.33 -119.11 34.61
CA VAL BA 437 37.16 -119.94 34.94
C VAL BA 437 36.62 -119.60 36.33
N ALA BA 438 37.48 -119.46 37.33
CA ALA BA 438 37.02 -119.15 38.68
C ALA BA 438 36.35 -117.77 38.74
N ILE BA 439 36.94 -116.75 38.11
CA ILE BA 439 36.35 -115.41 38.08
C ILE BA 439 35.00 -115.45 37.38
N ALA BA 440 34.91 -116.17 36.26
CA ALA BA 440 33.63 -116.38 35.60
C ALA BA 440 32.64 -117.04 36.56
N ALA BA 441 33.04 -118.12 37.23
CA ALA BA 441 32.16 -118.88 38.12
C ALA BA 441 31.65 -118.02 39.28
N LEU BA 442 32.48 -117.15 39.85
CA LEU BA 442 32.03 -116.16 40.82
C LEU BA 442 30.94 -115.26 40.23
N ARG BA 443 31.19 -114.68 39.05
CA ARG BA 443 30.21 -113.80 38.41
C ARG BA 443 28.92 -114.54 38.09
N ILE BA 444 29.01 -115.80 37.67
CA ILE BA 444 27.85 -116.67 37.44
C ILE BA 444 27.09 -116.83 38.75
N ALA BA 445 27.78 -117.17 39.85
CA ALA BA 445 27.12 -117.35 41.14
C ALA BA 445 26.36 -116.08 41.55
N LYS BA 446 26.95 -114.90 41.35
CA LYS BA 446 26.29 -113.62 41.63
C LYS BA 446 25.01 -113.42 40.82
N GLU BA 447 24.97 -113.88 39.58
CA GLU BA 447 23.74 -113.84 38.79
C GLU BA 447 22.68 -114.77 39.38
N ALA BA 448 23.05 -116.00 39.74
CA ALA BA 448 22.12 -116.96 40.32
C ALA BA 448 21.58 -116.49 41.69
N GLU BA 449 22.41 -115.81 42.49
CA GLU BA 449 21.94 -115.09 43.67
C GLU BA 449 20.94 -113.99 43.29
N LYS BA 450 21.23 -113.18 42.28
CA LYS BA 450 20.33 -112.11 41.82
C LYS BA 450 18.97 -112.65 41.38
N GLN BA 451 18.95 -113.84 40.79
CA GLN BA 451 17.71 -114.54 40.44
C GLN BA 451 17.06 -115.30 41.60
N GLY BA 452 17.75 -115.50 42.72
CA GLY BA 452 17.28 -116.34 43.83
C GLY BA 452 17.31 -117.85 43.54
N ASN BA 453 17.94 -118.27 42.44
CA ASN BA 453 18.18 -119.68 42.10
C ASN BA 453 19.40 -120.21 42.87
N VAL BA 454 19.34 -120.10 44.19
CA VAL BA 454 20.49 -120.30 45.10
C VAL BA 454 21.11 -121.69 44.96
N GLU BA 455 20.33 -122.70 44.62
CA GLU BA 455 20.82 -124.06 44.39
C GLU BA 455 21.76 -124.09 43.20
N VAL BA 456 21.43 -123.35 42.13
CA VAL BA 456 22.32 -123.18 40.99
C VAL BA 456 23.55 -122.38 41.41
N ALA BA 457 23.39 -121.38 42.27
CA ALA BA 457 24.54 -120.64 42.78
C ALA BA 457 25.53 -121.58 43.50
N VAL BA 458 25.03 -122.54 44.28
CA VAL BA 458 25.88 -123.55 44.93
C VAL BA 458 26.68 -124.32 43.88
N LYS BA 459 26.04 -124.76 42.80
CA LYS BA 459 26.77 -125.43 41.71
C LYS BA 459 27.85 -124.51 41.12
N ALA BA 460 27.52 -123.25 40.85
CA ALA BA 460 28.46 -122.29 40.29
C ALA BA 460 29.69 -122.12 41.18
N ALA BA 461 29.47 -121.86 42.46
CA ALA BA 461 30.56 -121.78 43.40
C ALA BA 461 31.29 -123.13 43.53
N ARG BA 462 30.59 -124.27 43.44
CA ARG BA 462 31.23 -125.58 43.51
C ARG BA 462 32.21 -125.75 42.35
N VAL BA 463 31.87 -125.26 41.17
CA VAL BA 463 32.79 -125.18 40.04
C VAL BA 463 33.92 -124.21 40.34
N ALA BA 464 33.63 -123.06 40.95
CA ALA BA 464 34.69 -122.11 41.29
C ALA BA 464 35.75 -122.77 42.18
N VAL BA 465 35.32 -123.43 43.27
CA VAL BA 465 36.26 -124.13 44.16
C VAL BA 465 36.84 -125.36 43.49
N GLU BA 466 36.17 -125.97 42.53
CA GLU BA 466 36.82 -127.00 41.72
C GLU BA 466 38.03 -126.41 40.99
N ALA BA 467 37.84 -125.28 40.30
CA ALA BA 467 38.92 -124.64 39.57
C ALA BA 467 40.07 -124.27 40.51
N ALA BA 468 39.75 -123.67 41.66
CA ALA BA 468 40.75 -123.31 42.65
C ALA BA 468 41.46 -124.54 43.24
N LYS BA 469 40.74 -125.64 43.48
CA LYS BA 469 41.35 -126.87 43.98
C LYS BA 469 42.23 -127.53 42.93
N GLN BA 470 41.88 -127.41 41.66
CA GLN BA 470 42.71 -127.88 40.55
C GLN BA 470 43.94 -126.98 40.32
N ALA BA 471 43.87 -125.69 40.63
CA ALA BA 471 45.02 -124.79 40.60
C ALA BA 471 44.85 -123.62 41.58
N GLY BA 472 45.71 -123.57 42.60
CA GLY BA 472 45.52 -122.71 43.78
C GLY BA 472 45.61 -121.20 43.53
N ASP BA 473 44.69 -120.44 44.13
CA ASP BA 473 44.77 -118.99 44.31
C ASP BA 473 44.01 -118.58 45.57
N ASN BA 474 44.73 -118.08 46.57
CA ASN BA 474 44.16 -117.84 47.90
C ASN BA 474 43.10 -116.75 47.87
N ASP BA 475 43.30 -115.67 47.10
CA ASP BA 475 42.32 -114.57 47.06
C ASP BA 475 41.04 -115.00 46.33
N VAL BA 476 41.16 -115.86 45.32
CA VAL BA 476 40.00 -116.56 44.79
C VAL BA 476 39.34 -117.37 45.91
N LEU BA 477 40.07 -118.20 46.63
CA LEU BA 477 39.48 -119.06 47.66
C LEU BA 477 38.75 -118.25 48.74
N LYS BA 478 39.31 -117.11 49.16
CA LYS BA 478 38.64 -116.16 50.06
C LYS BA 478 37.33 -115.70 49.43
N ARG BA 479 37.38 -115.10 48.24
CA ARG BA 479 36.20 -114.58 47.56
C ARG BA 479 35.12 -115.64 47.40
N VAL BA 480 35.51 -116.85 47.04
CA VAL BA 480 34.62 -118.00 46.91
C VAL BA 480 34.01 -118.34 48.26
N SER BA 481 34.81 -118.54 49.30
CA SER BA 481 34.32 -118.91 50.61
C SER BA 481 33.33 -117.87 51.14
N GLU BA 482 33.65 -116.57 50.99
CA GLU BA 482 32.76 -115.46 51.32
C GLU BA 482 31.46 -115.56 50.54
N THR BA 483 31.54 -115.70 49.22
CA THR BA 483 30.37 -115.81 48.36
C THR BA 483 29.50 -116.98 48.79
N LEU BA 484 30.10 -118.09 49.22
CA LEU BA 484 29.34 -119.23 49.70
C LEU BA 484 28.61 -118.94 51.01
N LEU BA 485 29.13 -118.04 51.85
CA LEU BA 485 28.32 -117.52 52.95
C LEU BA 485 27.19 -116.63 52.43
N SER BA 486 27.42 -115.81 51.41
CA SER BA 486 26.35 -115.00 50.80
C SER BA 486 25.22 -115.91 50.30
N ILE BA 487 25.61 -116.99 49.62
CA ILE BA 487 24.72 -118.05 49.18
C ILE BA 487 24.01 -118.67 50.39
N ALA BA 488 24.72 -118.99 51.46
CA ALA BA 488 24.08 -119.54 52.65
C ALA BA 488 23.06 -118.56 53.24
N ALA BA 489 23.31 -117.26 53.18
CA ALA BA 489 22.39 -116.25 53.66
C ALA BA 489 21.14 -116.19 52.78
N GLU BA 490 21.29 -116.22 51.46
CA GLU BA 490 20.13 -116.35 50.58
C GLU BA 490 19.35 -117.64 50.88
N ALA BA 491 20.04 -118.78 51.04
CA ALA BA 491 19.39 -120.04 51.36
C ALA BA 491 18.65 -119.98 52.71
N THR BA 492 19.19 -119.24 53.67
CA THR BA 492 18.51 -118.95 54.95
C THR BA 492 17.26 -118.12 54.72
N LYS BA 493 17.32 -117.08 53.87
CA LYS BA 493 16.17 -116.25 53.52
C LYS BA 493 15.07 -117.08 52.86
N GLN BA 494 15.45 -118.03 52.01
CA GLN BA 494 14.53 -119.01 51.40
C GLN BA 494 14.11 -120.14 52.35
N GLY BA 495 14.65 -120.20 53.58
CA GLY BA 495 14.37 -121.25 54.56
C GLY BA 495 14.89 -122.65 54.21
N ASN BA 496 15.72 -122.79 53.18
CA ASN BA 496 16.25 -124.08 52.72
C ASN BA 496 17.48 -124.48 53.55
N SER BA 497 17.25 -125.13 54.68
CA SER BA 497 18.30 -125.55 55.61
C SER BA 497 19.31 -126.53 54.98
N GLU BA 498 18.87 -127.42 54.09
CA GLU BA 498 19.77 -128.38 53.44
C GLU BA 498 20.74 -127.67 52.48
N VAL BA 499 20.23 -126.80 51.60
CA VAL BA 499 21.08 -126.03 50.69
C VAL BA 499 21.97 -125.07 51.48
N MET BA 500 21.47 -124.49 52.56
CA MET BA 500 22.29 -123.65 53.45
C MET BA 500 23.45 -124.46 54.06
N GLU BA 501 23.18 -125.65 54.61
CA GLU BA 501 24.21 -126.54 55.15
C GLU BA 501 25.25 -126.89 54.09
N LYS BA 502 24.81 -127.23 52.87
CA LYS BA 502 25.74 -127.48 51.75
C LYS BA 502 26.59 -126.24 51.47
N ALA BA 503 25.98 -125.06 51.39
CA ALA BA 503 26.71 -123.82 51.16
C ALA BA 503 27.75 -123.56 52.26
N ILE BA 504 27.41 -123.86 53.53
CA ILE BA 504 28.39 -123.80 54.60
C ILE BA 504 29.49 -124.83 54.39
N ARG BA 505 29.18 -126.10 54.13
CA ARG BA 505 30.20 -127.14 53.94
C ARG BA 505 31.16 -126.79 52.80
N VAL BA 506 30.65 -126.24 51.71
CA VAL BA 506 31.51 -125.83 50.59
C VAL BA 506 32.26 -124.54 50.95
N SER BA 507 31.65 -123.59 51.65
CA SER BA 507 32.36 -122.40 52.13
C SER BA 507 33.54 -122.80 53.01
N GLU BA 508 33.31 -123.79 53.88
CA GLU BA 508 34.30 -124.40 54.74
C GLU BA 508 35.36 -125.15 53.94
N GLU BA 509 34.99 -125.90 52.91
CA GLU BA 509 35.99 -126.53 52.03
C GLU BA 509 36.88 -125.47 51.40
N ALA BA 510 36.33 -124.38 50.89
CA ALA BA 510 37.13 -123.30 50.30
C ALA BA 510 38.06 -122.66 51.34
N GLU BA 511 37.59 -122.45 52.56
CA GLU BA 511 38.43 -122.00 53.67
C GLU BA 511 39.53 -123.03 54.00
N LYS BA 512 39.19 -124.32 54.02
CA LYS BA 512 40.12 -125.42 54.30
C LYS BA 512 41.20 -125.52 53.22
N GLN BA 513 40.85 -125.25 51.96
CA GLN BA 513 41.79 -125.13 50.86
C GLN BA 513 42.66 -123.88 50.99
N ALA BA 514 42.12 -122.74 51.47
CA ALA BA 514 42.91 -121.53 51.68
C ALA BA 514 43.98 -121.73 52.79
N GLY BA 515 43.63 -122.44 53.87
CA GLY BA 515 44.55 -122.91 54.92
C GLY BA 515 45.26 -121.80 55.71
N PRO CA 242 104.71 10.81 4.60
CA PRO CA 242 105.43 10.70 3.31
C PRO CA 242 105.95 9.27 3.04
N GLU CA 243 105.09 8.28 3.23
CA GLU CA 243 105.47 6.86 3.24
C GLU CA 243 105.97 6.38 1.88
N LEU CA 244 105.46 6.98 0.81
CA LEU CA 244 105.92 6.74 -0.55
C LEU CA 244 107.37 7.19 -0.76
N PHE CA 245 107.82 8.22 -0.04
CA PHE CA 245 109.06 8.91 -0.35
C PHE CA 245 110.25 7.97 -0.28
N LEU CA 246 110.33 7.18 0.78
CA LEU CA 246 111.37 6.14 0.91
C LEU CA 246 111.30 5.12 -0.24
N GLN CA 247 110.09 4.69 -0.62
CA GLN CA 247 109.90 3.69 -1.66
C GLN CA 247 110.44 4.19 -3.00
N ASP CA 248 110.11 5.44 -3.31
CA ASP CA 248 110.57 6.10 -4.51
C ASP CA 248 112.07 6.39 -4.43
N LEU CA 249 112.58 6.86 -3.30
CA LEU CA 249 114.03 7.07 -3.12
C LEU CA 249 114.78 5.77 -3.43
N ARG CA 250 114.34 4.66 -2.83
CA ARG CA 250 114.92 3.34 -3.08
C ARG CA 250 114.78 2.96 -4.55
N SER CA 251 113.67 3.28 -5.20
CA SER CA 251 113.56 3.03 -6.64
C SER CA 251 114.63 3.78 -7.42
N LEU CA 252 114.97 5.01 -7.04
CA LEU CA 252 116.01 5.75 -7.73
C LEU CA 252 117.38 5.09 -7.51
N VAL CA 253 117.64 4.60 -6.30
CA VAL CA 253 118.89 3.85 -6.01
C VAL CA 253 118.98 2.60 -6.90
N GLU CA 254 117.90 1.84 -7.04
CA GLU CA 254 117.88 0.68 -7.94
C GLU CA 254 118.05 1.08 -9.40
N ALA CA 255 117.38 2.15 -9.84
CA ALA CA 255 117.48 2.63 -11.21
C ALA CA 255 118.92 3.02 -11.55
N ALA CA 256 119.59 3.79 -10.68
CA ALA CA 256 121.00 4.15 -10.88
C ALA CA 256 121.89 2.90 -10.98
N ARG CA 257 121.67 1.90 -10.13
CA ARG CA 257 122.40 0.62 -10.15
C ARG CA 257 122.23 -0.08 -11.50
N ILE CA 258 121.00 -0.20 -11.99
CA ILE CA 258 120.71 -0.90 -13.24
C ILE CA 258 121.26 -0.09 -14.44
N LEU CA 259 121.11 1.23 -14.45
CA LEU CA 259 121.72 2.10 -15.46
C LEU CA 259 123.21 1.86 -15.51
N ALA CA 260 123.88 1.81 -14.37
CA ALA CA 260 125.32 1.58 -14.31
C ALA CA 260 125.74 0.20 -14.86
N ARG CA 261 124.93 -0.85 -14.67
CA ARG CA 261 125.20 -2.15 -15.31
C ARG CA 261 125.20 -2.00 -16.83
N LEU CA 262 124.13 -1.42 -17.38
CA LEU CA 262 123.97 -1.27 -18.82
C LEU CA 262 125.04 -0.33 -19.39
N ALA CA 263 125.31 0.76 -18.69
CA ALA CA 263 126.36 1.70 -19.03
C ALA CA 263 127.72 1.01 -19.12
N ARG CA 264 128.02 0.05 -18.22
CA ARG CA 264 129.28 -0.72 -18.29
C ARG CA 264 129.33 -1.70 -19.45
N GLN CA 265 128.19 -2.21 -19.93
CA GLN CA 265 128.17 -2.92 -21.20
C GLN CA 265 128.48 -1.96 -22.36
N ARG CA 266 127.95 -0.74 -22.29
CA ARG CA 266 128.10 0.31 -23.30
C ARG CA 266 129.33 1.22 -23.13
N GLY CA 267 130.18 0.98 -22.13
CA GLY CA 267 131.33 1.84 -21.81
C GLY CA 267 131.02 3.32 -21.55
N ASP CA 268 129.78 3.66 -21.13
CA ASP CA 268 129.26 5.04 -21.21
C ASP CA 268 129.47 5.88 -19.93
N GLU CA 269 130.53 6.69 -19.91
CA GLU CA 269 130.80 7.63 -18.82
C GLU CA 269 129.73 8.71 -18.63
N HIS CA 270 128.99 9.09 -19.68
CA HIS CA 270 127.90 10.07 -19.55
C HIS CA 270 126.72 9.45 -18.82
N ALA CA 271 126.46 8.18 -19.10
CA ALA CA 271 125.51 7.42 -18.29
C ALA CA 271 126.01 7.27 -16.85
N LEU CA 272 127.30 7.00 -16.62
CA LEU CA 272 127.82 6.91 -15.25
C LEU CA 272 127.71 8.25 -14.51
N GLU CA 273 127.93 9.36 -15.20
CA GLU CA 273 127.65 10.68 -14.65
C GLU CA 273 126.17 10.81 -14.27
N ARG CA 274 125.27 10.56 -15.22
CA ARG CA 274 123.82 10.68 -15.00
C ARG CA 274 123.36 9.78 -13.85
N ALA CA 275 123.80 8.53 -13.82
CA ALA CA 275 123.46 7.60 -12.76
C ALA CA 275 123.94 8.14 -11.40
N ALA CA 276 125.19 8.61 -11.33
CA ALA CA 276 125.71 9.19 -10.12
C ALA CA 276 124.83 10.37 -9.69
N ARG CA 277 124.43 11.24 -10.62
CA ARG CA 277 123.54 12.36 -10.34
C ARG CA 277 122.18 11.88 -9.83
N TRP CA 278 121.57 10.87 -10.45
CA TRP CA 278 120.32 10.31 -9.96
C TRP CA 278 120.47 9.87 -8.50
N ALA CA 279 121.52 9.11 -8.20
CA ALA CA 279 121.77 8.64 -6.85
C ALA CA 279 122.05 9.81 -5.89
N GLU CA 280 122.86 10.77 -6.31
CA GLU CA 280 123.23 11.91 -5.48
C GLU CA 280 122.00 12.75 -5.11
N GLN CA 281 121.07 12.94 -6.05
CA GLN CA 281 119.83 13.67 -5.77
C GLN CA 281 119.04 13.00 -4.65
N ALA CA 282 118.92 11.68 -4.69
CA ALA CA 282 118.32 10.93 -3.60
C ALA CA 282 119.12 11.12 -2.30
N ALA CA 283 120.44 10.94 -2.34
CA ALA CA 283 121.29 10.98 -1.16
C ALA CA 283 121.24 12.34 -0.43
N ARG CA 284 121.35 13.45 -1.15
CA ARG CA 284 121.29 14.78 -0.54
C ARG CA 284 119.96 15.03 0.15
N GLN CA 285 118.85 14.70 -0.52
CA GLN CA 285 117.53 14.84 0.07
C GLN CA 285 117.35 13.92 1.28
N ALA CA 286 117.82 12.68 1.18
CA ALA CA 286 117.74 11.72 2.27
C ALA CA 286 118.55 12.17 3.50
N GLU CA 287 119.73 12.78 3.31
CA GLU CA 287 120.50 13.31 4.44
C GLU CA 287 119.68 14.34 5.22
N ARG CA 288 119.04 15.27 4.50
CA ARG CA 288 118.18 16.29 5.11
C ARG CA 288 117.01 15.63 5.84
N LEU CA 289 116.34 14.67 5.21
CA LEU CA 289 115.24 13.92 5.84
C LEU CA 289 115.70 13.28 7.16
N ALA CA 290 116.85 12.61 7.13
CA ALA CA 290 117.40 11.93 8.31
C ALA CA 290 117.69 12.94 9.42
N ARG CA 291 118.42 14.01 9.10
CA ARG CA 291 118.74 15.05 10.10
C ARG CA 291 117.46 15.67 10.67
N GLN CA 292 116.46 15.92 9.83
CA GLN CA 292 115.18 16.49 10.22
C GLN CA 292 114.39 15.56 11.15
N ALA CA 293 114.31 14.27 10.80
CA ALA CA 293 113.47 13.33 11.53
C ALA CA 293 113.83 13.25 13.03
N ARG CA 294 115.08 13.55 13.39
CA ARG CA 294 115.54 13.64 14.78
C ARG CA 294 114.68 14.60 15.60
N LYS CA 295 114.26 15.71 14.99
CA LYS CA 295 113.35 16.68 15.61
C LYS CA 295 111.94 16.12 15.71
N GLU CA 296 111.48 15.48 14.64
CA GLU CA 296 110.12 14.96 14.53
C GLU CA 296 109.85 13.79 15.49
N GLY CA 297 110.88 13.02 15.83
CA GLY CA 297 110.85 12.00 16.87
C GLY CA 297 110.29 10.64 16.47
N ASN CA 298 109.80 10.43 15.24
CA ASN CA 298 109.45 9.10 14.76
C ASN CA 298 110.72 8.32 14.36
N LEU CA 299 111.28 7.59 15.32
CA LEU CA 299 112.54 6.87 15.12
C LEU CA 299 112.41 5.72 14.11
N GLU CA 300 111.22 5.13 13.97
CA GLU CA 300 111.00 4.11 12.95
C GLU CA 300 111.23 4.70 11.55
N LEU CA 301 110.56 5.80 11.24
CA LEU CA 301 110.78 6.49 9.96
C LEU CA 301 112.22 6.96 9.82
N ALA CA 302 112.84 7.42 10.91
CA ALA CA 302 114.22 7.88 10.86
C ALA CA 302 115.16 6.74 10.46
N LEU CA 303 115.14 5.61 11.16
CA LEU CA 303 116.06 4.52 10.81
C LEU CA 303 115.70 3.93 9.45
N LYS CA 304 114.42 3.90 9.08
CA LYS CA 304 114.03 3.51 7.72
C LYS CA 304 114.64 4.45 6.69
N ALA CA 305 114.70 5.75 6.96
CA ALA CA 305 115.42 6.67 6.09
C ALA CA 305 116.92 6.32 6.06
N LEU CA 306 117.54 5.95 7.17
CA LEU CA 306 118.96 5.58 7.17
C LEU CA 306 119.25 4.40 6.24
N GLN CA 307 118.29 3.48 6.08
CA GLN CA 307 118.43 2.39 5.13
C GLN CA 307 118.67 2.91 3.71
N ILE CA 308 118.03 4.02 3.34
CA ILE CA 308 118.29 4.67 2.05
C ILE CA 308 119.77 5.02 1.96
N LEU CA 309 120.32 5.65 3.00
CA LEU CA 309 121.72 6.07 2.97
C LEU CA 309 122.64 4.85 2.80
N VAL CA 310 122.37 3.78 3.53
CA VAL CA 310 123.19 2.57 3.42
C VAL CA 310 123.15 2.01 2.00
N ASN CA 311 121.96 1.77 1.45
CA ASN CA 311 121.86 1.20 0.10
C ASN CA 311 122.41 2.17 -0.96
N ALA CA 312 122.17 3.46 -0.82
CA ALA CA 312 122.72 4.45 -1.73
C ALA CA 312 124.25 4.36 -1.72
N ALA CA 313 124.85 4.35 -0.53
CA ALA CA 313 126.30 4.29 -0.41
C ALA CA 313 126.86 3.05 -1.12
N TYR CA 314 126.17 1.91 -1.01
CA TYR CA 314 126.54 0.71 -1.76
C TYR CA 314 126.59 0.98 -3.27
N VAL CA 315 125.52 1.52 -3.83
CA VAL CA 315 125.50 1.80 -5.26
C VAL CA 315 126.60 2.78 -5.65
N LEU CA 316 126.80 3.83 -4.84
CA LEU CA 316 127.82 4.83 -5.13
C LEU CA 316 129.21 4.21 -5.14
N ALA CA 317 129.52 3.34 -4.18
CA ALA CA 317 130.75 2.58 -4.20
C ALA CA 317 130.83 1.69 -5.46
N GLU CA 318 129.73 1.04 -5.82
CA GLU CA 318 129.67 0.14 -6.98
C GLU CA 318 130.03 0.86 -8.28
N ILE CA 319 129.64 2.12 -8.42
CA ILE CA 319 130.09 2.98 -9.51
C ILE CA 319 131.55 3.37 -9.27
N ALA CA 320 131.82 4.04 -8.15
CA ALA CA 320 133.06 4.79 -7.97
C ALA CA 320 134.30 3.89 -8.01
N ARG CA 321 134.18 2.65 -7.53
CA ARG CA 321 135.27 1.66 -7.58
C ARG CA 321 135.70 1.33 -9.01
N ASP CA 322 134.77 1.38 -9.97
CA ASP CA 322 135.11 1.30 -11.40
C ASP CA 322 135.52 2.66 -11.97
N ARG CA 323 134.87 3.74 -11.52
CA ARG CA 323 135.02 5.08 -12.13
C ARG CA 323 136.37 5.75 -11.85
N GLY CA 324 137.10 5.31 -10.83
CA GLY CA 324 138.44 5.82 -10.54
C GLY CA 324 138.48 7.24 -9.96
N ASN CA 325 137.40 7.68 -9.31
CA ASN CA 325 137.31 8.97 -8.61
C ASN CA 325 137.24 8.75 -7.09
N GLU CA 326 138.20 9.27 -6.33
CA GLU CA 326 138.21 9.10 -4.87
C GLU CA 326 137.37 10.16 -4.14
N GLU CA 327 137.08 11.30 -4.76
CA GLU CA 327 136.29 12.35 -4.11
C GLU CA 327 134.86 11.86 -3.84
N LEU CA 328 134.24 11.17 -4.79
CA LEU CA 328 132.94 10.56 -4.58
C LEU CA 328 132.98 9.50 -3.46
N LEU CA 329 134.03 8.68 -3.42
CA LEU CA 329 134.23 7.74 -2.30
C LEU CA 329 134.39 8.49 -0.97
N GLU CA 330 135.12 9.60 -0.95
CA GLU CA 330 135.29 10.40 0.26
C GLU CA 330 133.96 10.99 0.73
N TYR CA 331 133.15 11.54 -0.19
CA TYR CA 331 131.80 12.01 0.15
C TYR CA 331 130.97 10.88 0.76
N ALA CA 332 130.90 9.75 0.06
CA ALA CA 332 130.14 8.59 0.52
C ALA CA 332 130.64 8.08 1.88
N ALA CA 333 131.96 8.00 2.08
CA ALA CA 333 132.54 7.52 3.33
C ALA CA 333 132.18 8.45 4.49
N ARG CA 334 132.37 9.77 4.31
CA ARG CA 334 132.02 10.75 5.34
C ARG CA 334 130.53 10.71 5.64
N LEU CA 335 129.69 10.62 4.61
CA LEU CA 335 128.25 10.45 4.78
C LEU CA 335 127.92 9.18 5.56
N ALA CA 336 128.52 8.05 5.22
CA ALA CA 336 128.23 6.78 5.87
C ALA CA 336 128.70 6.78 7.34
N GLU CA 337 129.89 7.31 7.61
CA GLU CA 337 130.41 7.42 8.97
C GLU CA 337 129.48 8.27 9.84
N GLU CA 338 129.04 9.41 9.29
CA GLU CA 338 128.05 10.26 9.93
C GLU CA 338 126.73 9.51 10.14
N ALA CA 339 126.24 8.77 9.14
CA ALA CA 339 125.01 8.01 9.27
C ALA CA 339 125.11 6.98 10.40
N ALA CA 340 126.23 6.27 10.50
CA ALA CA 340 126.46 5.36 11.61
C ALA CA 340 126.45 6.12 12.94
N ARG CA 341 127.12 7.27 13.01
CA ARG CA 341 127.14 8.08 14.23
C ARG CA 341 125.73 8.55 14.63
N GLN CA 342 124.94 9.03 13.67
CA GLN CA 342 123.55 9.42 13.92
C GLN CA 342 122.70 8.21 14.29
N ALA CA 343 122.97 7.04 13.73
CA ALA CA 343 122.30 5.82 14.16
C ALA CA 343 122.62 5.54 15.64
N ILE CA 344 123.88 5.69 16.05
CA ILE CA 344 124.27 5.48 17.44
C ILE CA 344 123.53 6.45 18.36
N GLU CA 345 123.40 7.72 17.95
CA GLU CA 345 122.61 8.68 18.73
C GLU CA 345 121.15 8.20 18.90
N ILE CA 346 120.51 7.75 17.82
CA ILE CA 346 119.17 7.17 17.89
C ILE CA 346 119.17 5.98 18.85
N ALA CA 347 120.15 5.09 18.72
CA ALA CA 347 120.24 3.90 19.55
C ALA CA 347 120.37 4.28 21.03
N ALA CA 348 121.19 5.27 21.37
CA ALA CA 348 121.38 5.70 22.74
C ALA CA 348 120.05 6.20 23.34
N GLN CA 349 119.29 7.00 22.60
CA GLN CA 349 117.97 7.46 23.03
C GLN CA 349 117.03 6.27 23.26
N ALA CA 350 116.95 5.34 22.31
CA ALA CA 350 116.08 4.17 22.42
C ALA CA 350 116.45 3.26 23.61
N MET CA 351 117.74 3.00 23.80
CA MET CA 351 118.20 2.12 24.89
C MET CA 351 118.06 2.77 26.27
N GLU CA 352 118.19 4.09 26.39
CA GLU CA 352 117.90 4.76 27.66
C GLU CA 352 116.44 4.57 28.06
N GLU CA 353 115.51 4.69 27.10
CA GLU CA 353 114.10 4.38 27.31
C GLU CA 353 113.82 2.87 27.45
N GLY CA 354 114.76 2.00 27.08
CA GLY CA 354 114.58 0.56 27.05
C GLY CA 354 113.69 0.07 25.90
N ASN CA 355 113.50 0.87 24.84
CA ASN CA 355 112.85 0.41 23.62
C ASN CA 355 113.83 -0.46 22.81
N PHE CA 356 114.02 -1.68 23.30
CA PHE CA 356 114.93 -2.62 22.68
C PHE CA 356 114.56 -2.92 21.24
N GLU CA 357 113.29 -2.82 20.88
CA GLU CA 357 112.81 -3.04 19.53
C GLU CA 357 113.48 -2.07 18.58
N LEU CA 358 113.32 -0.78 18.84
CA LEU CA 358 114.03 0.26 18.10
C LEU CA 358 115.54 0.07 18.24
N ALA CA 359 116.03 -0.35 19.41
CA ALA CA 359 117.46 -0.53 19.58
C ALA CA 359 118.01 -1.57 18.60
N LEU CA 360 117.37 -2.73 18.51
CA LEU CA 360 117.78 -3.76 17.56
C LEU CA 360 117.66 -3.23 16.13
N GLU CA 361 116.60 -2.49 15.80
CA GLU CA 361 116.49 -1.93 14.46
C GLU CA 361 117.63 -0.95 14.16
N ALA CA 362 117.98 -0.06 15.08
CA ALA CA 362 119.10 0.86 14.88
C ALA CA 362 120.42 0.09 14.78
N LEU CA 363 120.62 -0.88 15.66
CA LEU CA 363 121.80 -1.72 15.63
C LEU CA 363 121.89 -2.45 14.29
N GLU CA 364 120.77 -2.83 13.68
CA GLU CA 364 120.77 -3.47 12.37
C GLU CA 364 121.35 -2.55 11.30
N ILE CA 365 121.00 -1.26 11.33
CA ILE CA 365 121.61 -0.28 10.42
C ILE CA 365 123.10 -0.22 10.70
N ILE CA 366 123.50 -0.17 11.97
CA ILE CA 366 124.91 -0.07 12.32
C ILE CA 366 125.68 -1.30 11.82
N ASN CA 367 125.12 -2.50 12.00
CA ASN CA 367 125.73 -3.75 11.52
C ASN CA 367 125.94 -3.71 10.00
N GLU CA 368 124.94 -3.25 9.24
CA GLU CA 368 125.03 -3.26 7.78
C GLU CA 368 125.91 -2.14 7.24
N ALA CA 369 125.89 -0.95 7.83
CA ALA CA 369 126.61 0.21 7.30
C ALA CA 369 128.11 -0.08 7.14
N ALA CA 370 128.66 -0.83 8.09
CA ALA CA 370 130.03 -1.30 8.05
C ALA CA 370 130.34 -2.09 6.76
N ARG CA 371 129.42 -2.92 6.26
CA ARG CA 371 129.63 -3.76 5.06
C ARG CA 371 130.02 -2.91 3.87
N VAL CA 372 129.33 -1.79 3.68
CA VAL CA 372 129.59 -0.84 2.60
C VAL CA 372 130.94 -0.15 2.81
N LEU CA 373 131.19 0.36 4.01
CA LEU CA 373 132.48 0.97 4.35
C LEU CA 373 133.62 -0.01 4.05
N ALA CA 374 133.46 -1.28 4.41
CA ALA CA 374 134.48 -2.30 4.20
C ALA CA 374 134.70 -2.58 2.71
N ARG CA 375 133.63 -2.73 1.92
CA ARG CA 375 133.79 -2.89 0.46
C ARG CA 375 134.49 -1.68 -0.16
N ILE CA 376 134.25 -0.46 0.33
CA ILE CA 376 135.02 0.72 -0.10
C ILE CA 376 136.50 0.54 0.28
N ALA CA 377 136.78 0.23 1.54
CA ALA CA 377 138.13 0.06 2.03
C ALA CA 377 138.91 -1.03 1.30
N HIS CA 378 138.23 -2.10 0.83
CA HIS CA 378 138.86 -3.13 0.02
C HIS CA 378 139.50 -2.56 -1.25
N HIS CA 379 138.90 -1.52 -1.84
CA HIS CA 379 139.44 -0.84 -3.00
C HIS CA 379 140.43 0.27 -2.63
N ARG CA 380 140.19 1.01 -1.53
CA ARG CA 380 141.09 2.10 -1.10
C ARG CA 380 142.38 1.61 -0.40
N GLY CA 381 142.42 0.38 0.09
CA GLY CA 381 143.61 -0.30 0.60
C GLY CA 381 143.95 -0.11 2.08
N ASN CA 382 143.43 0.92 2.76
CA ASN CA 382 143.64 1.14 4.19
C ASN CA 382 142.94 0.08 5.06
N GLN CA 383 143.69 -0.91 5.52
CA GLN CA 383 143.18 -1.99 6.37
C GLN CA 383 142.60 -1.46 7.69
N GLU CA 384 143.06 -0.29 8.13
CA GLU CA 384 142.57 0.41 9.31
C GLU CA 384 141.06 0.66 9.23
N LEU CA 385 140.56 1.01 8.04
CA LEU CA 385 139.13 1.18 7.84
C LEU CA 385 138.39 -0.14 7.99
N LEU CA 386 138.95 -1.24 7.47
CA LEU CA 386 138.36 -2.57 7.66
C LEU CA 386 138.30 -2.88 9.15
N GLU CA 387 139.40 -2.68 9.87
CA GLU CA 387 139.46 -2.93 11.30
C GLU CA 387 138.39 -2.13 12.03
N LYS CA 388 138.25 -0.83 11.71
CA LYS CA 388 137.22 0.02 12.29
C LYS CA 388 135.83 -0.52 11.99
N ALA CA 389 135.54 -0.79 10.73
CA ALA CA 389 134.23 -1.29 10.33
C ALA CA 389 133.89 -2.60 11.06
N ALA CA 390 134.83 -3.55 11.06
CA ALA CA 390 134.63 -4.84 11.70
C ALA CA 390 134.37 -4.63 13.19
N SER CA 391 135.21 -3.85 13.85
CA SER CA 391 135.04 -3.56 15.27
C SER CA 391 133.70 -2.88 15.55
N LEU CA 392 133.24 -2.00 14.65
CA LEU CA 392 131.93 -1.36 14.78
C LEU CA 392 130.82 -2.40 14.78
N THR CA 393 130.85 -3.34 13.83
CA THR CA 393 129.91 -4.46 13.90
C THR CA 393 130.10 -5.26 15.17
N HIS CA 394 131.34 -5.47 15.60
CA HIS CA 394 131.61 -6.40 16.69
C HIS CA 394 130.95 -5.91 17.99
N ALA CA 395 131.05 -4.61 18.26
CA ALA CA 395 130.41 -4.02 19.43
C ALA CA 395 128.88 -4.04 19.32
N SER CA 396 128.32 -3.65 18.17
CA SER CA 396 126.86 -3.65 18.02
C SER CA 396 126.29 -5.07 18.07
N ALA CA 397 127.04 -6.08 17.62
CA ALA CA 397 126.65 -7.48 17.74
C ALA CA 397 126.56 -7.89 19.22
N ALA CA 398 127.56 -7.53 20.01
CA ALA CA 398 127.51 -7.80 21.44
C ALA CA 398 126.31 -7.10 22.10
N LEU CA 399 126.02 -5.85 21.75
CA LEU CA 399 124.82 -5.16 22.26
C LEU CA 399 123.54 -5.91 21.90
N SER CA 400 123.46 -6.38 20.66
CA SER CA 400 122.32 -7.19 20.21
C SER CA 400 122.18 -8.45 21.07
N ARG CA 401 123.28 -9.13 21.36
CA ARG CA 401 123.29 -10.30 22.23
C ARG CA 401 122.87 -9.94 23.66
N ALA CA 402 123.37 -8.83 24.18
CA ALA CA 402 123.08 -8.40 25.54
C ALA CA 402 121.57 -8.12 25.71
N ILE CA 403 120.94 -7.51 24.70
CA ILE CA 403 119.49 -7.34 24.68
C ILE CA 403 118.82 -8.71 24.77
N ALA CA 404 119.22 -9.68 23.94
CA ALA CA 404 118.63 -11.02 23.97
C ALA CA 404 118.74 -11.66 25.36
N ALA CA 405 119.87 -11.50 26.04
CA ALA CA 405 120.06 -12.02 27.40
C ALA CA 405 119.10 -11.37 28.40
N ILE CA 406 118.90 -10.05 28.31
CA ILE CA 406 117.93 -9.36 29.17
C ILE CA 406 116.50 -9.82 28.88
N LEU CA 407 116.15 -10.00 27.60
CA LEU CA 407 114.82 -10.49 27.23
C LEU CA 407 114.60 -11.93 27.66
N GLU CA 408 115.65 -12.77 27.63
CA GLU CA 408 115.62 -14.12 28.21
C GLU CA 408 115.58 -14.08 29.75
N GLY CA 409 116.03 -12.98 30.36
CA GLY CA 409 115.98 -12.70 31.80
C GLY CA 409 117.23 -13.08 32.59
N ASP CA 410 118.26 -13.65 31.97
CA ASP CA 410 119.50 -13.98 32.66
C ASP CA 410 120.46 -12.78 32.71
N VAL CA 411 120.41 -12.05 33.82
CA VAL CA 411 121.29 -10.91 34.04
C VAL CA 411 122.76 -11.31 34.14
N GLU CA 412 123.10 -12.52 34.56
CA GLU CA 412 124.52 -12.90 34.59
C GLU CA 412 125.01 -13.14 33.17
N LYS CA 413 124.23 -13.83 32.34
CA LYS CA 413 124.53 -13.92 30.90
C LYS CA 413 124.61 -12.53 30.31
N ALA CA 414 123.72 -11.62 30.70
CA ALA CA 414 123.79 -10.23 30.22
C ALA CA 414 125.11 -9.58 30.64
N VAL CA 415 125.54 -9.73 31.90
CA VAL CA 415 126.82 -9.19 32.38
C VAL CA 415 128.00 -9.81 31.65
N ARG CA 416 127.98 -11.12 31.40
CA ARG CA 416 129.00 -11.78 30.60
C ARG CA 416 129.03 -11.18 29.19
N ALA CA 417 127.87 -11.03 28.56
CA ALA CA 417 127.78 -10.39 27.25
C ALA CA 417 128.29 -8.95 27.30
N ALA CA 418 128.01 -8.20 28.36
CA ALA CA 418 128.53 -6.86 28.53
C ALA CA 418 130.06 -6.89 28.66
N GLN CA 419 130.62 -7.85 29.38
CA GLN CA 419 132.07 -8.01 29.46
C GLN CA 419 132.68 -8.26 28.08
N GLU CA 420 132.01 -9.04 27.22
CA GLU CA 420 132.43 -9.14 25.82
C GLU CA 420 132.27 -7.80 25.08
N ALA CA 421 131.15 -7.11 25.30
CA ALA CA 421 130.85 -5.86 24.63
C ALA CA 421 131.90 -4.80 24.93
N VAL CA 422 132.32 -4.65 26.19
CA VAL CA 422 133.30 -3.63 26.54
C VAL CA 422 134.66 -3.95 25.93
N LYS CA 423 135.05 -5.22 25.86
CA LYS CA 423 136.27 -5.60 25.12
C LYS CA 423 136.14 -5.27 23.64
N ALA CA 424 135.01 -5.59 23.02
CA ALA CA 424 134.78 -5.22 21.63
C ALA CA 424 134.84 -3.69 21.45
N ALA CA 425 134.28 -2.92 22.37
CA ALA CA 425 134.36 -1.47 22.33
C ALA CA 425 135.81 -0.98 22.50
N LYS CA 426 136.61 -1.62 23.35
CA LYS CA 426 138.04 -1.33 23.52
C LYS CA 426 138.79 -1.55 22.21
N GLU CA 427 138.45 -2.60 21.47
CA GLU CA 427 138.99 -2.82 20.12
C GLU CA 427 138.51 -1.74 19.13
N ALA CA 428 137.26 -1.29 19.23
CA ALA CA 428 136.69 -0.29 18.32
C ALA CA 428 137.21 1.14 18.54
N GLY CA 429 137.40 1.57 19.78
CA GLY CA 429 137.92 2.90 20.11
C GLY CA 429 136.97 4.08 19.82
N ASP CA 430 135.65 3.88 19.81
CA ASP CA 430 134.67 4.97 19.68
C ASP CA 430 133.95 5.26 21.00
N ASN CA 431 134.05 6.51 21.45
CA ASN CA 431 133.37 6.98 22.65
C ASN CA 431 131.83 6.90 22.54
N ASP CA 432 131.26 7.09 21.35
CA ASP CA 432 129.80 7.07 21.22
C ASP CA 432 129.25 5.64 21.29
N MET CA 433 129.93 4.68 20.67
CA MET CA 433 129.67 3.27 20.94
C MET CA 433 129.85 2.97 22.42
N LEU CA 434 130.91 3.47 23.07
CA LEU CA 434 131.05 3.27 24.51
C LEU CA 434 129.87 3.89 25.29
N ARG CA 435 129.29 5.01 24.86
CA ARG CA 435 128.09 5.57 25.48
C ARG CA 435 126.92 4.60 25.32
N ALA CA 436 126.73 4.04 24.13
CA ALA CA 436 125.71 3.02 23.96
C ALA CA 436 125.94 1.86 24.94
N VAL CA 437 127.17 1.36 25.06
CA VAL CA 437 127.51 0.31 26.03
C VAL CA 437 127.18 0.73 27.45
N ALA CA 438 127.57 1.93 27.87
CA ALA CA 438 127.28 2.39 29.22
C ALA CA 438 125.77 2.51 29.47
N ILE CA 439 125.01 3.04 28.51
CA ILE CA 439 123.55 3.14 28.60
C ILE CA 439 122.94 1.74 28.73
N ALA CA 440 123.42 0.77 27.95
CA ALA CA 440 122.96 -0.60 28.10
C ALA CA 440 123.32 -1.13 29.49
N ALA CA 441 124.54 -0.90 29.97
CA ALA CA 441 124.98 -1.39 31.27
C ALA CA 441 124.17 -0.79 32.43
N LEU CA 442 123.75 0.48 32.32
CA LEU CA 442 122.77 1.06 33.23
C LEU CA 442 121.44 0.30 33.17
N ARG CA 443 120.89 0.07 31.98
CA ARG CA 443 119.63 -0.66 31.85
C ARG CA 443 119.73 -2.08 32.39
N ILE CA 444 120.88 -2.74 32.19
CA ILE CA 444 121.16 -4.07 32.76
C ILE CA 444 121.18 -3.97 34.29
N ALA CA 445 121.87 -2.99 34.85
CA ALA CA 445 121.91 -2.81 36.29
C ALA CA 445 120.50 -2.62 36.86
N LYS CA 446 119.65 -1.81 36.21
CA LYS CA 446 118.24 -1.64 36.59
C LYS CA 446 117.48 -2.98 36.57
N GLU CA 447 117.74 -3.85 35.62
CA GLU CA 447 117.12 -5.18 35.61
C GLU CA 447 117.60 -6.04 36.79
N ALA CA 448 118.91 -6.02 37.07
CA ALA CA 448 119.48 -6.78 38.17
C ALA CA 448 118.97 -6.30 39.55
N GLU CA 449 118.78 -4.98 39.72
CA GLU CA 449 118.05 -4.43 40.86
C GLU CA 449 116.60 -4.94 40.90
N LYS CA 450 115.90 -4.95 39.77
CA LYS CA 450 114.52 -5.46 39.70
C LYS CA 450 114.42 -6.93 40.11
N GLN CA 451 115.43 -7.73 39.78
CA GLN CA 451 115.55 -9.11 40.25
C GLN CA 451 116.14 -9.25 41.66
N GLY CA 452 116.63 -8.17 42.27
CA GLY CA 452 117.29 -8.20 43.59
C GLY CA 452 118.69 -8.82 43.59
N ASN CA 453 119.25 -9.16 42.43
CA ASN CA 453 120.59 -9.72 42.29
C ASN CA 453 121.64 -8.60 42.29
N VAL CA 454 121.70 -7.85 43.39
CA VAL CA 454 122.55 -6.67 43.54
C VAL CA 454 124.03 -6.97 43.27
N GLU CA 455 124.49 -8.18 43.52
CA GLU CA 455 125.86 -8.59 43.24
C GLU CA 455 126.13 -8.53 41.74
N VAL CA 456 125.19 -9.05 40.95
CA VAL CA 456 125.25 -8.94 39.50
C VAL CA 456 125.10 -7.47 39.09
N ALA CA 457 124.25 -6.71 39.77
CA ALA CA 457 124.12 -5.29 39.49
C ALA CA 457 125.46 -4.56 39.68
N VAL CA 458 126.23 -4.90 40.73
CA VAL CA 458 127.57 -4.33 40.94
C VAL CA 458 128.48 -4.66 39.77
N LYS CA 459 128.46 -5.89 39.26
CA LYS CA 459 129.24 -6.23 38.06
C LYS CA 459 128.80 -5.37 36.88
N ALA CA 460 127.49 -5.26 36.63
CA ALA CA 460 126.94 -4.46 35.53
C ALA CA 460 127.38 -2.99 35.63
N ALA CA 461 127.21 -2.39 36.80
CA ALA CA 461 127.65 -1.04 37.03
C ALA CA 461 129.18 -0.92 36.92
N ARG CA 462 129.95 -1.93 37.34
CA ARG CA 462 131.40 -1.88 37.24
C ARG CA 462 131.84 -1.83 35.79
N VAL CA 463 131.17 -2.57 34.91
CA VAL CA 463 131.35 -2.43 33.46
C VAL CA 463 130.89 -1.05 33.01
N ALA CA 464 129.74 -0.57 33.49
CA ALA CA 464 129.23 0.74 33.08
C ALA CA 464 130.27 1.83 33.35
N VAL CA 465 130.80 1.88 34.57
CA VAL CA 465 131.83 2.87 34.93
C VAL CA 465 133.12 2.61 34.18
N GLU CA 466 133.47 1.37 33.84
CA GLU CA 466 134.62 1.13 32.98
C GLU CA 466 134.44 1.81 31.63
N ALA CA 467 133.30 1.57 30.98
CA ALA CA 467 133.00 2.14 29.67
C ALA CA 467 133.00 3.67 29.75
N ALA CA 468 132.30 4.21 30.75
CA ALA CA 468 132.22 5.65 30.95
C ALA CA 468 133.59 6.27 31.25
N LYS CA 469 134.44 5.60 32.04
CA LYS CA 469 135.80 6.04 32.38
C LYS CA 469 136.70 6.05 31.15
N GLN CA 470 136.55 5.07 30.27
CA GLN CA 470 137.26 5.05 29.00
C GLN CA 470 136.75 6.13 28.05
N ALA CA 471 135.44 6.41 28.02
CA ALA CA 471 134.84 7.39 27.10
C ALA CA 471 135.02 8.86 27.54
N GLY CA 472 134.94 9.14 28.85
CA GLY CA 472 135.00 10.49 29.41
C GLY CA 472 133.66 11.27 29.49
N ASP CA 473 132.50 10.60 29.49
CA ASP CA 473 131.19 11.27 29.61
C ASP CA 473 130.74 11.47 31.07
N ASN CA 474 130.82 12.72 31.54
CA ASN CA 474 130.50 13.04 32.93
C ASN CA 474 129.01 12.82 33.26
N ASP CA 475 128.08 13.06 32.34
CA ASP CA 475 126.66 12.90 32.65
C ASP CA 475 126.29 11.43 32.77
N VAL CA 476 126.94 10.56 31.99
CA VAL CA 476 126.89 9.12 32.27
C VAL CA 476 127.46 8.85 33.66
N LEU CA 477 128.66 9.35 33.99
CA LEU CA 477 129.29 9.04 35.28
C LEU CA 477 128.42 9.46 36.47
N LYS CA 478 127.72 10.60 36.37
CA LYS CA 478 126.71 11.00 37.36
C LYS CA 478 125.63 9.93 37.49
N ARG CA 479 124.96 9.59 36.38
CA ARG CA 479 123.86 8.62 36.36
C ARG CA 479 124.30 7.27 36.94
N VAL CA 480 125.50 6.84 36.59
CA VAL CA 480 126.13 5.63 37.13
C VAL CA 480 126.34 5.76 38.64
N SER CA 481 126.98 6.83 39.10
CA SER CA 481 127.25 7.03 40.52
C SER CA 481 125.96 7.00 41.35
N GLU CA 482 124.91 7.69 40.86
CA GLU CA 482 123.57 7.66 41.46
C GLU CA 482 123.04 6.23 41.53
N THR CA 483 123.05 5.54 40.40
CA THR CA 483 122.54 4.17 40.31
C THR CA 483 123.27 3.26 41.29
N LEU CA 484 124.58 3.44 41.48
CA LEU CA 484 125.33 2.66 42.44
C LEU CA 484 124.89 2.90 43.89
N LEU CA 485 124.44 4.10 44.23
CA LEU CA 485 123.78 4.30 45.52
C LEU CA 485 122.43 3.59 45.57
N SER CA 486 121.67 3.55 44.47
CA SER CA 486 120.45 2.74 44.40
C SER CA 486 120.76 1.27 44.69
N ILE CA 487 121.83 0.75 44.09
CA ILE CA 487 122.31 -0.60 44.37
C ILE CA 487 122.68 -0.73 45.85
N ALA CA 488 123.41 0.23 46.42
CA ALA CA 488 123.77 0.17 47.83
C ALA CA 488 122.53 0.11 48.73
N ALA CA 489 121.47 0.84 48.37
CA ALA CA 489 120.22 0.83 49.13
C ALA CA 489 119.54 -0.54 49.03
N GLU CA 490 119.41 -1.11 47.83
CA GLU CA 490 118.88 -2.46 47.69
C GLU CA 490 119.74 -3.48 48.46
N ALA CA 491 121.07 -3.36 48.41
CA ALA CA 491 121.97 -4.22 49.18
C ALA CA 491 121.74 -4.08 50.69
N THR CA 492 121.45 -2.85 51.15
CA THR CA 492 121.06 -2.61 52.53
C THR CA 492 119.74 -3.30 52.86
N LYS CA 493 118.76 -3.27 51.96
CA LYS CA 493 117.48 -3.97 52.13
C LYS CA 493 117.65 -5.48 52.27
N GLN CA 494 118.60 -6.05 51.53
CA GLN CA 494 119.02 -7.45 51.68
C GLN CA 494 119.95 -7.71 52.89
N GLY CA 495 120.37 -6.65 53.60
CA GLY CA 495 121.29 -6.72 54.74
C GLY CA 495 122.77 -6.99 54.38
N ASN CA 496 123.14 -6.96 53.10
CA ASN CA 496 124.50 -7.27 52.66
C ASN CA 496 125.41 -6.03 52.75
N SER CA 497 126.03 -5.85 53.91
CA SER CA 497 126.92 -4.71 54.19
C SER CA 497 128.17 -4.69 53.31
N GLU CA 498 128.72 -5.85 52.94
CA GLU CA 498 129.90 -5.93 52.08
C GLU CA 498 129.59 -5.45 50.66
N VAL CA 499 128.50 -5.92 50.06
CA VAL CA 499 128.09 -5.47 48.73
C VAL CA 499 127.68 -4.00 48.76
N MET CA 500 127.02 -3.54 49.83
CA MET CA 500 126.73 -2.11 50.01
C MET CA 500 128.03 -1.28 50.02
N GLU CA 501 129.04 -1.69 50.78
CA GLU CA 501 130.34 -1.01 50.83
C GLU CA 501 130.99 -0.97 49.44
N LYS CA 502 130.99 -2.09 48.71
CA LYS CA 502 131.51 -2.12 47.34
C LYS CA 502 130.75 -1.15 46.45
N ALA CA 503 129.41 -1.15 46.51
CA ALA CA 503 128.58 -0.25 45.73
C ALA CA 503 128.88 1.22 46.05
N ILE CA 504 129.10 1.55 47.32
CA ILE CA 504 129.54 2.89 47.71
C ILE CA 504 130.92 3.18 47.14
N ARG CA 505 131.92 2.29 47.29
CA ARG CA 505 133.28 2.51 46.76
C ARG CA 505 133.26 2.76 45.25
N VAL CA 506 132.49 1.98 44.50
CA VAL CA 506 132.39 2.18 43.05
C VAL CA 506 131.57 3.43 42.73
N SER CA 507 130.53 3.76 43.51
CA SER CA 507 129.80 5.02 43.35
C SER CA 507 130.76 6.20 43.52
N GLU CA 508 131.66 6.10 44.50
CA GLU CA 508 132.69 7.08 44.80
C GLU CA 508 133.73 7.15 43.68
N GLU CA 509 134.15 6.04 43.10
CA GLU CA 509 135.00 6.06 41.90
C GLU CA 509 134.30 6.81 40.76
N ALA CA 510 133.03 6.50 40.49
CA ALA CA 510 132.28 7.15 39.43
C ALA CA 510 132.14 8.66 39.68
N GLU CA 511 131.88 9.05 40.92
CA GLU CA 511 131.89 10.45 41.33
C GLU CA 511 133.28 11.08 41.15
N LYS CA 512 134.34 10.39 41.54
CA LYS CA 512 135.73 10.86 41.43
C LYS CA 512 136.13 11.09 39.97
N GLN CA 513 135.68 10.22 39.08
CA GLN CA 513 135.86 10.43 37.64
C GLN CA 513 134.98 11.58 37.10
N ALA CA 514 133.75 11.74 37.60
CA ALA CA 514 132.87 12.83 37.17
C ALA CA 514 133.40 14.23 37.54
N GLY CA 515 134.02 14.37 38.71
CA GLY CA 515 134.71 15.59 39.18
C GLY CA 515 133.79 16.79 39.40
N PRO DA 242 31.90 84.14 -53.81
CA PRO DA 242 32.55 85.23 -54.57
C PRO DA 242 33.82 84.82 -55.30
N GLU DA 243 34.71 84.11 -54.60
CA GLU DA 243 36.11 83.83 -54.95
C GLU DA 243 36.29 83.25 -56.35
N LEU DA 244 35.38 82.36 -56.75
CA LEU DA 244 35.39 81.73 -58.06
C LEU DA 244 35.40 82.77 -59.18
N PHE DA 245 34.72 83.92 -59.00
CA PHE DA 245 34.70 84.99 -59.98
C PHE DA 245 36.11 85.42 -60.35
N LEU DA 246 36.92 85.73 -59.34
CA LEU DA 246 38.30 86.16 -59.57
C LEU DA 246 39.12 85.03 -60.23
N GLN DA 247 38.95 83.80 -59.77
CA GLN DA 247 39.70 82.66 -60.32
C GLN DA 247 39.37 82.44 -61.79
N ASP DA 248 38.09 82.51 -62.14
CA ASP DA 248 37.66 82.43 -63.52
C ASP DA 248 38.14 83.64 -64.30
N LEU DA 249 38.07 84.86 -63.76
CA LEU DA 249 38.59 86.03 -64.45
C LEU DA 249 40.07 85.84 -64.78
N ARG DA 250 40.86 85.33 -63.84
CA ARG DA 250 42.27 85.00 -64.10
C ARG DA 250 42.36 84.02 -65.27
N SER DA 251 41.58 82.95 -65.27
CA SER DA 251 41.59 82.02 -66.39
C SER DA 251 41.24 82.71 -67.71
N LEU DA 252 40.24 83.61 -67.73
CA LEU DA 252 39.83 84.31 -68.93
C LEU DA 252 40.90 85.28 -69.42
N VAL DA 253 41.61 85.94 -68.50
CA VAL DA 253 42.77 86.77 -68.82
C VAL DA 253 43.88 85.93 -69.45
N GLU DA 254 44.17 84.76 -68.91
CA GLU DA 254 45.16 83.85 -69.52
C GLU DA 254 44.72 83.42 -70.92
N ALA DA 255 43.43 83.10 -71.10
CA ALA DA 255 42.90 82.71 -72.41
C ALA DA 255 43.09 83.84 -73.44
N ALA DA 256 42.74 85.09 -73.11
CA ALA DA 256 42.96 86.22 -74.00
C ALA DA 256 44.45 86.38 -74.37
N ARG DA 257 45.35 86.23 -73.39
CA ARG DA 257 46.81 86.29 -73.60
C ARG DA 257 47.27 85.19 -74.55
N ILE DA 258 46.87 83.95 -74.31
CA ILE DA 258 47.29 82.80 -75.10
C ILE DA 258 46.72 82.90 -76.52
N LEU DA 259 45.45 83.31 -76.67
CA LEU DA 259 44.85 83.53 -78.00
C LEU DA 259 45.68 84.53 -78.78
N ALA DA 260 46.07 85.66 -78.19
CA ALA DA 260 46.90 86.64 -78.89
C ALA DA 260 48.29 86.08 -79.26
N ARG DA 261 48.90 85.28 -78.38
CA ARG DA 261 50.18 84.61 -78.68
C ARG DA 261 50.05 83.72 -79.91
N LEU DA 262 48.99 82.91 -79.98
CA LEU DA 262 48.73 82.05 -81.14
C LEU DA 262 48.34 82.88 -82.37
N ALA DA 263 47.50 83.89 -82.18
CA ALA DA 263 46.98 84.73 -83.25
C ALA DA 263 48.09 85.41 -84.05
N ARG DA 264 49.18 85.82 -83.40
CA ARG DA 264 50.32 86.41 -84.10
C ARG DA 264 51.07 85.41 -84.99
N GLN DA 265 51.08 84.13 -84.61
CA GLN DA 265 51.56 83.07 -85.49
C GLN DA 265 50.58 82.86 -86.65
N ARG DA 266 49.29 82.88 -86.34
CA ARG DA 266 48.19 82.73 -87.29
C ARG DA 266 47.98 83.95 -88.20
N GLY DA 267 48.58 85.09 -87.86
CA GLY DA 267 48.41 86.36 -88.56
C GLY DA 267 46.98 86.94 -88.50
N ASP DA 268 46.20 86.67 -87.45
CA ASP DA 268 44.76 86.97 -87.41
C ASP DA 268 44.36 88.18 -86.52
N GLU DA 269 43.68 89.17 -87.10
CA GLU DA 269 43.07 90.29 -86.37
C GLU DA 269 41.74 89.94 -85.68
N HIS DA 270 40.97 88.98 -86.19
CA HIS DA 270 39.67 88.64 -85.59
C HIS DA 270 39.85 88.03 -84.20
N ALA DA 271 40.86 87.21 -84.02
CA ALA DA 271 41.26 86.76 -82.70
C ALA DA 271 41.66 87.93 -81.78
N LEU DA 272 42.28 89.00 -82.29
CA LEU DA 272 42.60 90.15 -81.44
C LEU DA 272 41.34 90.91 -81.04
N GLU DA 273 40.38 91.03 -81.95
CA GLU DA 273 39.08 91.58 -81.61
C GLU DA 273 38.40 90.75 -80.53
N ARG DA 274 38.35 89.42 -80.71
CA ARG DA 274 37.80 88.49 -79.72
C ARG DA 274 38.51 88.63 -78.38
N ALA DA 275 39.84 88.65 -78.38
CA ALA DA 275 40.61 88.79 -77.16
C ALA DA 275 40.31 90.11 -76.46
N ALA DA 276 40.33 91.21 -77.19
CA ALA DA 276 40.01 92.50 -76.64
C ALA DA 276 38.62 92.48 -75.98
N ARG DA 277 37.65 91.84 -76.63
CA ARG DA 277 36.29 91.68 -76.08
C ARG DA 277 36.28 90.78 -74.86
N TRP DA 278 36.97 89.63 -74.87
CA TRP DA 278 37.11 88.79 -73.69
C TRP DA 278 37.63 89.62 -72.52
N ALA DA 279 38.68 90.42 -72.76
CA ALA DA 279 39.30 91.23 -71.74
C ALA DA 279 38.36 92.33 -71.24
N GLU DA 280 37.77 93.12 -72.14
CA GLU DA 280 36.89 94.23 -71.77
C GLU DA 280 35.68 93.74 -70.94
N GLN DA 281 35.09 92.61 -71.31
CA GLN DA 281 33.96 92.04 -70.58
C GLN DA 281 34.33 91.71 -69.13
N ALA DA 282 35.54 91.21 -68.87
CA ALA DA 282 36.03 91.08 -67.51
C ALA DA 282 36.27 92.47 -66.87
N ALA DA 283 37.01 93.33 -67.55
CA ALA DA 283 37.57 94.55 -66.97
C ALA DA 283 36.48 95.46 -66.40
N ARG DA 284 35.45 95.77 -67.18
CA ARG DA 284 34.39 96.68 -66.73
C ARG DA 284 33.63 96.13 -65.52
N GLN DA 285 33.35 94.83 -65.51
CA GLN DA 285 32.69 94.18 -64.37
C GLN DA 285 33.61 94.19 -63.13
N ALA DA 286 34.89 93.85 -63.30
CA ALA DA 286 35.85 93.86 -62.22
C ALA DA 286 36.02 95.26 -61.62
N GLU DA 287 36.05 96.30 -62.45
CA GLU DA 287 36.16 97.67 -61.98
C GLU DA 287 34.99 98.04 -61.05
N ARG DA 288 33.77 97.68 -61.44
CA ARG DA 288 32.58 97.85 -60.60
C ARG DA 288 32.69 97.05 -59.31
N LEU DA 289 33.17 95.81 -59.36
CA LEU DA 289 33.40 95.01 -58.16
C LEU DA 289 34.38 95.69 -57.21
N ALA DA 290 35.51 96.19 -57.73
CA ALA DA 290 36.53 96.82 -56.90
C ALA DA 290 35.98 98.08 -56.22
N ARG DA 291 35.20 98.88 -56.95
CA ARG DA 291 34.49 100.03 -56.38
C ARG DA 291 33.51 99.57 -55.28
N GLN DA 292 32.66 98.60 -55.59
CA GLN DA 292 31.68 98.02 -54.67
C GLN DA 292 32.32 97.52 -53.38
N ALA DA 293 33.47 96.87 -53.47
CA ALA DA 293 34.13 96.29 -52.32
C ALA DA 293 34.48 97.33 -51.23
N ARG DA 294 34.60 98.63 -51.56
CA ARG DA 294 34.79 99.67 -50.54
C ARG DA 294 33.60 99.79 -49.59
N LYS DA 295 32.40 99.46 -50.06
CA LYS DA 295 31.23 99.33 -49.18
C LYS DA 295 31.33 98.06 -48.34
N GLU DA 296 31.73 96.96 -48.97
CA GLU DA 296 31.73 95.64 -48.33
C GLU DA 296 32.84 95.47 -47.28
N GLY DA 297 33.96 96.17 -47.41
CA GLY DA 297 35.04 96.22 -46.44
C GLY DA 297 36.00 95.02 -46.44
N ASN DA 298 35.82 94.01 -47.29
CA ASN DA 298 36.80 92.93 -47.46
C ASN DA 298 37.96 93.39 -48.36
N LEU DA 299 38.93 94.08 -47.74
CA LEU DA 299 40.03 94.68 -48.47
C LEU DA 299 40.96 93.64 -49.10
N GLU DA 300 41.01 92.42 -48.58
CA GLU DA 300 41.73 91.33 -49.24
C GLU DA 300 41.13 91.04 -50.62
N LEU DA 301 39.82 90.81 -50.69
CA LEU DA 301 39.17 90.62 -51.99
C LEU DA 301 39.30 91.87 -52.86
N ALA DA 302 39.24 93.06 -52.28
CA ALA DA 302 39.41 94.29 -53.03
C ALA DA 302 40.80 94.35 -53.69
N LEU DA 303 41.87 94.19 -52.93
CA LEU DA 303 43.20 94.29 -53.51
C LEU DA 303 43.43 93.15 -54.49
N LYS DA 304 42.88 91.96 -54.24
CA LYS DA 304 42.94 90.86 -55.20
C LYS DA 304 42.23 91.22 -56.51
N ALA DA 305 41.07 91.84 -56.44
CA ALA DA 305 40.40 92.33 -57.65
C ALA DA 305 41.26 93.37 -58.38
N LEU DA 306 41.88 94.31 -57.65
CA LEU DA 306 42.78 95.28 -58.25
C LEU DA 306 43.97 94.58 -58.92
N GLN DA 307 44.54 93.55 -58.30
CA GLN DA 307 45.61 92.78 -58.91
C GLN DA 307 45.12 92.10 -60.18
N ILE DA 308 43.92 91.54 -60.19
CA ILE DA 308 43.32 90.99 -61.40
C ILE DA 308 43.24 92.07 -62.47
N LEU DA 309 42.79 93.27 -62.12
CA LEU DA 309 42.76 94.39 -63.07
C LEU DA 309 44.15 94.72 -63.59
N VAL DA 310 45.17 94.78 -62.74
CA VAL DA 310 46.54 95.03 -63.19
C VAL DA 310 46.99 93.90 -64.13
N ASN DA 311 46.73 92.65 -63.79
CA ASN DA 311 47.13 91.53 -64.62
C ASN DA 311 46.44 91.60 -66.00
N ALA DA 312 45.15 91.96 -66.01
CA ALA DA 312 44.44 92.20 -67.25
C ALA DA 312 45.06 93.37 -68.03
N ALA DA 313 45.44 94.44 -67.34
CA ALA DA 313 46.01 95.62 -67.98
C ALA DA 313 47.28 95.25 -68.75
N TYR DA 314 48.12 94.41 -68.16
CA TYR DA 314 49.29 93.85 -68.86
C TYR DA 314 48.88 93.16 -70.16
N VAL DA 315 47.92 92.25 -70.10
CA VAL DA 315 47.50 91.52 -71.30
C VAL DA 315 46.94 92.49 -72.34
N LEU DA 316 46.14 93.46 -71.91
CA LEU DA 316 45.58 94.48 -72.81
C LEU DA 316 46.70 95.25 -73.49
N ALA DA 317 47.71 95.69 -72.74
CA ALA DA 317 48.87 96.35 -73.31
C ALA DA 317 49.59 95.43 -74.31
N GLU DA 318 49.72 94.14 -73.99
CA GLU DA 318 50.39 93.16 -74.84
C GLU DA 318 49.74 93.06 -76.22
N ILE DA 319 48.42 93.18 -76.28
CA ILE DA 319 47.71 93.30 -77.56
C ILE DA 319 47.93 94.70 -78.14
N ALA DA 320 47.57 95.72 -77.38
CA ALA DA 320 47.41 97.07 -77.90
C ALA DA 320 48.69 97.64 -78.50
N ARG DA 321 49.85 97.31 -77.91
CA ARG DA 321 51.15 97.76 -78.41
C ARG DA 321 51.46 97.23 -79.81
N ASP DA 322 50.96 96.05 -80.16
CA ASP DA 322 51.04 95.52 -81.52
C ASP DA 322 49.90 96.06 -82.41
N ARG DA 323 48.69 96.18 -81.86
CA ARG DA 323 47.48 96.49 -82.67
C ARG DA 323 47.46 97.92 -83.22
N GLY DA 324 48.22 98.84 -82.62
CA GLY DA 324 48.45 100.18 -83.17
C GLY DA 324 47.28 101.16 -83.00
N ASN DA 325 46.38 100.94 -82.05
CA ASN DA 325 45.29 101.87 -81.73
C ASN DA 325 45.51 102.58 -80.39
N GLU DA 326 45.57 103.91 -80.41
CA GLU DA 326 45.83 104.68 -79.19
C GLU DA 326 44.61 104.85 -78.28
N GLU DA 327 43.37 104.74 -78.78
CA GLU DA 327 42.20 104.79 -77.90
C GLU DA 327 42.20 103.61 -76.92
N LEU DA 328 42.47 102.40 -77.41
CA LEU DA 328 42.60 101.23 -76.55
C LEU DA 328 43.72 101.41 -75.51
N LEU DA 329 44.88 101.93 -75.92
CA LEU DA 329 45.97 102.25 -74.99
C LEU DA 329 45.52 103.27 -73.95
N GLU DA 330 44.82 104.33 -74.37
CA GLU DA 330 44.33 105.36 -73.46
C GLU DA 330 43.29 104.81 -72.47
N TYR DA 331 42.38 103.93 -72.92
CA TYR DA 331 41.44 103.25 -72.02
C TYR DA 331 42.19 102.47 -70.96
N ALA DA 332 43.13 101.62 -71.37
CA ALA DA 332 43.93 100.84 -70.45
C ALA DA 332 44.71 101.74 -69.47
N ALA DA 333 45.33 102.81 -69.98
CA ALA DA 333 46.12 103.73 -69.16
C ALA DA 333 45.25 104.42 -68.09
N ARG DA 334 44.11 104.99 -68.50
CA ARG DA 334 43.20 105.67 -67.56
C ARG DA 334 42.64 104.69 -66.55
N LEU DA 335 42.28 103.48 -66.98
CA LEU DA 335 41.85 102.42 -66.07
C LEU DA 335 42.95 102.10 -65.05
N ALA DA 336 44.19 101.89 -65.49
CA ALA DA 336 45.30 101.58 -64.60
C ALA DA 336 45.59 102.73 -63.63
N GLU DA 337 45.54 103.97 -64.10
CA GLU DA 337 45.76 105.15 -63.27
C GLU DA 337 44.73 105.22 -62.13
N GLU DA 338 43.45 105.07 -62.46
CA GLU DA 338 42.41 105.00 -61.43
C GLU DA 338 42.56 103.77 -60.53
N ALA DA 339 43.04 102.63 -61.04
CA ALA DA 339 43.28 101.45 -60.21
C ALA DA 339 44.37 101.74 -59.17
N ALA DA 340 45.50 102.30 -59.60
CA ALA DA 340 46.56 102.68 -58.67
C ALA DA 340 46.04 103.71 -57.67
N ARG DA 341 45.30 104.72 -58.14
CA ARG DA 341 44.75 105.75 -57.27
C ARG DA 341 43.84 105.14 -56.21
N GLN DA 342 42.95 104.25 -56.61
CA GLN DA 342 42.08 103.56 -55.66
C GLN DA 342 42.86 102.65 -54.71
N ALA DA 343 43.94 102.02 -55.17
CA ALA DA 343 44.80 101.27 -54.26
C ALA DA 343 45.35 102.20 -53.17
N ILE DA 344 45.77 103.41 -53.53
CA ILE DA 344 46.23 104.39 -52.54
C ILE DA 344 45.10 104.73 -51.57
N GLU DA 345 43.88 104.92 -52.05
CA GLU DA 345 42.74 105.16 -51.14
C GLU DA 345 42.53 104.01 -50.15
N ILE DA 346 42.66 102.76 -50.61
CA ILE DA 346 42.62 101.60 -49.71
C ILE DA 346 43.76 101.69 -48.71
N ALA DA 347 44.97 101.95 -49.18
CA ALA DA 347 46.14 101.99 -48.31
C ALA DA 347 46.00 103.07 -47.24
N ALA DA 348 45.43 104.22 -47.57
CA ALA DA 348 45.22 105.28 -46.59
C ALA DA 348 44.38 104.80 -45.41
N GLN DA 349 43.26 104.11 -45.69
CA GLN DA 349 42.46 103.51 -44.62
C GLN DA 349 43.27 102.49 -43.82
N ALA DA 350 43.97 101.59 -44.52
CA ALA DA 350 44.73 100.52 -43.85
C ALA DA 350 45.80 101.10 -42.89
N MET DA 351 46.56 102.11 -43.32
CA MET DA 351 47.59 102.72 -42.49
C MET DA 351 47.01 103.57 -41.37
N GLU DA 352 45.86 104.22 -41.57
CA GLU DA 352 45.14 104.87 -40.47
C GLU DA 352 44.77 103.84 -39.40
N GLU DA 353 44.25 102.70 -39.81
CA GLU DA 353 43.95 101.57 -38.93
C GLU DA 353 45.20 100.86 -38.39
N GLY DA 354 46.39 101.20 -38.89
CA GLY DA 354 47.64 100.53 -38.53
C GLY DA 354 47.77 99.10 -39.08
N ASN DA 355 46.91 98.68 -40.00
CA ASN DA 355 47.03 97.40 -40.68
C ASN DA 355 48.10 97.47 -41.76
N PHE DA 356 49.36 97.44 -41.32
CA PHE DA 356 50.49 97.40 -42.22
C PHE DA 356 50.42 96.21 -43.18
N GLU DA 357 49.74 95.13 -42.81
CA GLU DA 357 49.63 93.92 -43.60
C GLU DA 357 48.98 94.23 -44.94
N LEU DA 358 47.75 94.73 -44.88
CA LEU DA 358 47.05 95.21 -46.06
C LEU DA 358 47.84 96.33 -46.71
N ALA DA 359 48.48 97.22 -45.93
CA ALA DA 359 49.22 98.33 -46.52
C ALA DA 359 50.32 97.82 -47.45
N LEU DA 360 51.15 96.87 -46.99
CA LEU DA 360 52.18 96.30 -47.82
C LEU DA 360 51.58 95.64 -49.06
N GLU DA 361 50.45 94.94 -48.94
CA GLU DA 361 49.85 94.37 -50.14
C GLU DA 361 49.34 95.46 -51.10
N ALA DA 362 48.70 96.50 -50.60
CA ALA DA 362 48.25 97.59 -51.47
C ALA DA 362 49.46 98.26 -52.13
N LEU DA 363 50.52 98.50 -51.38
CA LEU DA 363 51.75 99.04 -51.91
C LEU DA 363 52.32 98.09 -52.96
N GLU DA 364 52.21 96.78 -52.78
CA GLU DA 364 52.61 95.80 -53.77
C GLU DA 364 51.83 95.97 -55.07
N ILE DA 365 50.50 96.13 -54.97
CA ILE DA 365 49.68 96.44 -56.14
C ILE DA 365 50.25 97.70 -56.80
N ILE DA 366 50.54 98.74 -56.02
CA ILE DA 366 51.03 100.01 -56.56
C ILE DA 366 52.38 99.81 -57.27
N ASN DA 367 53.29 99.04 -56.67
CA ASN DA 367 54.60 98.76 -57.27
C ASN DA 367 54.45 98.06 -58.63
N GLU DA 368 53.60 97.04 -58.72
CA GLU DA 368 53.44 96.30 -59.96
C GLU DA 368 52.68 97.12 -61.00
N ALA DA 369 51.67 97.89 -60.60
CA ALA DA 369 50.76 98.57 -61.52
C ALA DA 369 51.48 99.51 -62.49
N ALA DA 370 52.52 100.18 -62.00
CA ALA DA 370 53.33 101.09 -62.81
C ALA DA 370 53.95 100.39 -64.02
N ARG DA 371 54.27 99.09 -63.94
CA ARG DA 371 55.01 98.36 -64.98
C ARG DA 371 54.27 98.38 -66.30
N VAL DA 372 52.95 98.26 -66.24
CA VAL DA 372 52.08 98.32 -67.42
C VAL DA 372 52.15 99.70 -68.04
N LEU DA 373 52.02 100.75 -67.24
CA LEU DA 373 52.13 102.12 -67.75
C LEU DA 373 53.52 102.34 -68.38
N ALA DA 374 54.58 101.81 -67.76
CA ALA DA 374 55.93 101.95 -68.30
C ALA DA 374 56.10 101.21 -69.63
N ARG DA 375 55.66 99.96 -69.73
CA ARG DA 375 55.72 99.22 -70.99
C ARG DA 375 54.84 99.84 -72.07
N ILE DA 376 53.71 100.45 -71.72
CA ILE DA 376 52.95 101.29 -72.67
C ILE DA 376 53.80 102.48 -73.12
N ALA DA 377 54.37 103.23 -72.17
CA ALA DA 377 55.17 104.41 -72.45
C ALA DA 377 56.44 104.10 -73.27
N HIS DA 378 56.99 102.89 -73.16
CA HIS DA 378 58.08 102.43 -74.02
C HIS DA 378 57.72 102.59 -75.50
N HIS DA 379 56.46 102.32 -75.85
CA HIS DA 379 55.95 102.42 -77.20
C HIS DA 379 55.44 103.84 -77.52
N ARG DA 380 54.75 104.50 -76.58
CA ARG DA 380 54.21 105.87 -76.78
C ARG DA 380 55.26 106.98 -76.73
N GLY DA 381 56.46 106.70 -76.21
CA GLY DA 381 57.64 107.59 -76.28
C GLY DA 381 57.71 108.71 -75.24
N ASN DA 382 56.73 108.86 -74.35
CA ASN DA 382 56.76 109.86 -73.28
C ASN DA 382 57.61 109.39 -72.08
N GLN DA 383 58.84 109.89 -71.99
CA GLN DA 383 59.69 109.73 -70.80
C GLN DA 383 58.99 110.25 -69.54
N GLU DA 384 58.06 111.20 -69.69
CA GLU DA 384 57.29 111.78 -68.61
C GLU DA 384 56.44 110.71 -67.91
N LEU DA 385 55.82 109.82 -68.68
CA LEU DA 385 55.09 108.70 -68.13
C LEU DA 385 56.05 107.74 -67.42
N LEU DA 386 57.22 107.46 -68.01
CA LEU DA 386 58.22 106.63 -67.36
C LEU DA 386 58.63 107.22 -66.01
N GLU DA 387 58.86 108.53 -65.96
CA GLU DA 387 59.21 109.22 -64.72
C GLU DA 387 58.08 109.05 -63.70
N LYS DA 388 56.83 109.28 -64.11
CA LYS DA 388 55.68 109.10 -63.22
C LYS DA 388 55.63 107.68 -62.70
N ALA DA 389 55.73 106.70 -63.58
CA ALA DA 389 55.71 105.30 -63.19
C ALA DA 389 56.82 104.98 -62.19
N ALA DA 390 58.07 105.34 -62.51
CA ALA DA 390 59.20 105.05 -61.64
C ALA DA 390 58.97 105.69 -60.27
N SER DA 391 58.58 106.94 -60.27
CA SER DA 391 58.31 107.67 -59.04
C SER DA 391 57.20 107.00 -58.25
N LEU DA 392 56.14 106.52 -58.91
CA LEU DA 392 55.03 105.86 -58.25
C LEU DA 392 55.54 104.64 -57.49
N THR DA 393 56.32 103.80 -58.15
CA THR DA 393 56.94 102.69 -57.45
C THR DA 393 57.84 103.20 -56.33
N HIS DA 394 58.63 104.24 -56.58
CA HIS DA 394 59.66 104.63 -55.63
C HIS DA 394 59.02 105.05 -54.31
N ALA DA 395 57.98 105.87 -54.35
CA ALA DA 395 57.29 106.31 -53.15
C ALA DA 395 56.68 105.13 -52.39
N SER DA 396 55.99 104.22 -53.07
CA SER DA 396 55.42 103.06 -52.38
C SER DA 396 56.52 102.15 -51.83
N ALA DA 397 57.66 102.05 -52.50
CA ALA DA 397 58.80 101.29 -52.03
C ALA DA 397 59.41 101.92 -50.78
N ALA DA 398 59.57 103.24 -50.77
CA ALA DA 398 60.07 103.94 -49.60
C ALA DA 398 59.12 103.72 -48.42
N LEU DA 399 57.80 103.79 -48.63
CA LEU DA 399 56.84 103.46 -47.58
C LEU DA 399 57.05 102.03 -47.09
N SER DA 400 57.24 101.09 -47.98
CA SER DA 400 57.56 99.71 -47.60
C SER DA 400 58.82 99.65 -46.73
N ARG DA 401 59.88 100.33 -47.14
CA ARG DA 401 61.15 100.37 -46.41
C ARG DA 401 60.93 100.97 -45.02
N ALA DA 402 60.15 102.04 -44.91
CA ALA DA 402 59.83 102.66 -43.63
C ALA DA 402 58.99 101.74 -42.74
N ILE DA 403 57.99 101.07 -43.30
CA ILE DA 403 57.12 100.16 -42.55
C ILE DA 403 57.95 99.06 -41.90
N ALA DA 404 58.92 98.51 -42.62
CA ALA DA 404 59.81 97.48 -42.08
C ALA DA 404 60.50 97.94 -40.79
N ALA DA 405 61.02 99.17 -40.75
CA ALA DA 405 61.67 99.72 -39.56
C ALA DA 405 60.71 99.88 -38.36
N ILE DA 406 59.43 100.17 -38.61
CA ILE DA 406 58.44 100.21 -37.54
C ILE DA 406 58.19 98.81 -36.99
N LEU DA 407 58.00 97.82 -37.86
CA LEU DA 407 57.81 96.44 -37.42
C LEU DA 407 59.05 95.90 -36.71
N GLU DA 408 60.24 96.28 -37.15
CA GLU DA 408 61.51 95.96 -36.49
C GLU DA 408 61.71 96.74 -35.17
N GLY DA 409 60.96 97.83 -34.95
CA GLY DA 409 60.90 98.54 -33.68
C GLY DA 409 61.98 99.62 -33.47
N ASP DA 410 62.40 100.36 -34.50
CA ASP DA 410 63.23 101.56 -34.33
C ASP DA 410 62.61 102.77 -35.04
N VAL DA 411 61.95 103.60 -34.26
CA VAL DA 411 61.27 104.80 -34.77
C VAL DA 411 62.25 105.83 -35.33
N GLU DA 412 63.50 105.92 -34.86
CA GLU DA 412 64.42 106.91 -35.43
C GLU DA 412 64.85 106.48 -36.82
N LYS DA 413 65.23 105.21 -36.97
CA LYS DA 413 65.51 104.65 -38.29
C LYS DA 413 64.28 104.77 -39.18
N ALA DA 414 63.09 104.49 -38.65
CA ALA DA 414 61.86 104.69 -39.40
C ALA DA 414 61.69 106.15 -39.84
N VAL DA 415 61.90 107.12 -38.96
CA VAL DA 415 61.77 108.53 -39.31
C VAL DA 415 62.80 108.92 -40.36
N ARG DA 416 64.04 108.45 -40.24
CA ARG DA 416 65.05 108.68 -41.27
C ARG DA 416 64.56 108.12 -42.61
N ALA DA 417 64.05 106.89 -42.63
CA ALA DA 417 63.48 106.32 -43.85
C ALA DA 417 62.29 107.14 -44.36
N ALA DA 418 61.42 107.62 -43.47
CA ALA DA 418 60.33 108.47 -43.86
C ALA DA 418 60.84 109.78 -44.46
N GLN DA 419 61.91 110.35 -43.92
CA GLN DA 419 62.54 111.54 -44.48
C GLN DA 419 63.03 111.28 -45.91
N GLU DA 420 63.51 110.08 -46.22
CA GLU DA 420 63.74 109.70 -47.61
C GLU DA 420 62.42 109.59 -48.38
N ALA DA 421 61.41 108.95 -47.81
CA ALA DA 421 60.13 108.71 -48.47
C ALA DA 421 59.46 110.01 -48.87
N VAL DA 422 59.45 111.02 -48.01
CA VAL DA 422 58.83 112.30 -48.36
C VAL DA 422 59.58 112.96 -49.51
N LYS DA 423 60.91 112.88 -49.57
CA LYS DA 423 61.63 113.37 -50.75
C LYS DA 423 61.25 112.58 -52.00
N ALA DA 424 61.12 111.27 -51.91
CA ALA DA 424 60.66 110.46 -53.03
C ALA DA 424 59.27 110.92 -53.48
N ALA DA 425 58.35 111.15 -52.55
CA ALA DA 425 57.03 111.66 -52.87
C ALA DA 425 57.10 113.08 -53.48
N LYS DA 426 58.04 113.92 -53.04
CA LYS DA 426 58.27 115.25 -53.61
C LYS DA 426 58.67 115.16 -55.08
N GLU DA 427 59.53 114.20 -55.42
CA GLU DA 427 59.82 113.91 -56.83
C GLU DA 427 58.57 113.40 -57.58
N ALA DA 428 57.75 112.58 -56.93
CA ALA DA 428 56.56 111.96 -57.55
C ALA DA 428 55.42 112.94 -57.86
N GLY DA 429 55.16 113.91 -56.98
CA GLY DA 429 54.14 114.94 -57.23
C GLY DA 429 52.69 114.42 -57.30
N ASP DA 430 52.31 113.44 -56.47
CA ASP DA 430 50.90 113.06 -56.27
C ASP DA 430 50.42 113.36 -54.86
N ASN DA 431 49.37 114.18 -54.77
CA ASN DA 431 48.72 114.54 -53.51
C ASN DA 431 48.23 113.31 -52.74
N ASP DA 432 47.72 112.28 -53.42
CA ASP DA 432 47.15 111.13 -52.71
C ASP DA 432 48.23 110.22 -52.15
N MET DA 433 49.32 110.01 -52.89
CA MET DA 433 50.53 109.44 -52.32
C MET DA 433 51.01 110.28 -51.14
N LEU DA 434 51.02 111.61 -51.26
CA LEU DA 434 51.37 112.45 -50.12
C LEU DA 434 50.42 112.23 -48.93
N ARG DA 435 49.11 112.01 -49.15
CA ARG DA 435 48.20 111.65 -48.06
C ARG DA 435 48.62 110.32 -47.44
N ALA DA 436 48.94 109.32 -48.25
CA ALA DA 436 49.45 108.06 -47.71
C ALA DA 436 50.69 108.31 -46.84
N VAL DA 437 51.64 109.12 -47.31
CA VAL DA 437 52.82 109.49 -46.52
C VAL DA 437 52.39 110.15 -45.22
N ALA DA 438 51.46 111.09 -45.26
CA ALA DA 438 51.03 111.79 -44.06
C ALA DA 438 50.40 110.83 -43.05
N ILE DA 439 49.52 109.93 -43.50
CA ILE DA 439 48.89 108.95 -42.65
C ILE DA 439 49.95 108.03 -42.03
N ALA DA 440 50.94 107.62 -42.82
CA ALA DA 440 52.05 106.85 -42.28
C ALA DA 440 52.77 107.65 -41.21
N ALA DA 441 53.10 108.91 -41.48
CA ALA DA 441 53.82 109.76 -40.54
C ALA DA 441 53.04 109.97 -39.24
N LEU DA 442 51.71 110.08 -39.31
CA LEU DA 442 50.85 110.08 -38.13
C LEU DA 442 51.00 108.77 -37.35
N ARG DA 443 50.84 107.62 -38.01
CA ARG DA 443 50.97 106.33 -37.32
C ARG DA 443 52.37 106.16 -36.71
N ILE DA 444 53.39 106.65 -37.39
CA ILE DA 444 54.77 106.67 -36.90
C ILE DA 444 54.84 107.56 -35.67
N ALA DA 445 54.29 108.77 -35.73
CA ALA DA 445 54.30 109.67 -34.58
C ALA DA 445 53.62 109.00 -33.37
N LYS DA 446 52.48 108.33 -33.58
CA LYS DA 446 51.80 107.55 -32.53
C LYS DA 446 52.69 106.45 -31.97
N GLU DA 447 53.46 105.78 -32.81
CA GLU DA 447 54.43 104.81 -32.33
C GLU DA 447 55.49 105.48 -31.45
N ALA DA 448 56.03 106.60 -31.89
CA ALA DA 448 57.08 107.31 -31.16
C ALA DA 448 56.56 107.82 -29.80
N GLU DA 449 55.30 108.27 -29.73
CA GLU DA 449 54.64 108.54 -28.46
C GLU DA 449 54.52 107.29 -27.60
N LYS DA 450 54.08 106.16 -28.17
CA LYS DA 450 53.96 104.90 -27.44
C LYS DA 450 55.30 104.45 -26.85
N GLN DA 451 56.38 104.71 -27.57
CA GLN DA 451 57.75 104.44 -27.14
C GLN DA 451 58.38 105.59 -26.31
N GLY DA 452 57.67 106.69 -26.10
CA GLY DA 452 58.11 107.83 -25.27
C GLY DA 452 59.17 108.74 -25.91
N ASN DA 453 59.52 108.53 -27.18
CA ASN DA 453 60.56 109.28 -27.88
C ASN DA 453 59.97 110.53 -28.56
N VAL DA 454 59.51 111.46 -27.74
CA VAL DA 454 58.79 112.66 -28.20
C VAL DA 454 59.58 113.49 -29.20
N GLU DA 455 60.89 113.60 -29.01
CA GLU DA 455 61.79 114.26 -29.95
C GLU DA 455 61.68 113.66 -31.36
N VAL DA 456 61.82 112.34 -31.46
CA VAL DA 456 61.59 111.64 -32.73
C VAL DA 456 60.16 111.87 -33.19
N ALA DA 457 59.17 111.85 -32.29
CA ALA DA 457 57.80 112.11 -32.67
C ALA DA 457 57.64 113.49 -33.31
N VAL DA 458 58.33 114.52 -32.81
CA VAL DA 458 58.31 115.87 -33.40
C VAL DA 458 58.83 115.80 -34.83
N LYS DA 459 59.92 115.08 -35.07
CA LYS DA 459 60.39 114.87 -36.43
C LYS DA 459 59.30 114.18 -37.27
N ALA DA 460 58.68 113.12 -36.76
CA ALA DA 460 57.66 112.35 -37.48
C ALA DA 460 56.48 113.25 -37.89
N ALA DA 461 55.95 113.99 -36.93
CA ALA DA 461 54.92 114.95 -37.23
C ALA DA 461 55.43 116.05 -38.16
N ARG DA 462 56.69 116.48 -38.04
CA ARG DA 462 57.23 117.52 -38.91
C ARG DA 462 57.22 117.04 -40.35
N VAL DA 463 57.55 115.78 -40.58
CA VAL DA 463 57.37 115.15 -41.89
C VAL DA 463 55.89 115.10 -42.26
N ALA DA 464 55.00 114.75 -41.34
CA ALA DA 464 53.58 114.70 -41.65
C ALA DA 464 53.09 116.06 -42.18
N VAL DA 465 53.41 117.14 -41.48
CA VAL DA 465 53.04 118.48 -41.93
C VAL DA 465 53.85 118.90 -43.14
N GLU DA 466 55.06 118.37 -43.36
CA GLU DA 466 55.74 118.60 -44.63
C GLU DA 466 54.88 118.10 -45.78
N ALA DA 467 54.39 116.86 -45.70
CA ALA DA 467 53.55 116.31 -46.74
C ALA DA 467 52.29 117.16 -46.95
N ALA DA 468 51.61 117.52 -45.86
CA ALA DA 468 50.43 118.36 -45.96
C ALA DA 468 50.74 119.76 -46.53
N LYS DA 469 51.89 120.34 -46.16
CA LYS DA 469 52.31 121.65 -46.66
C LYS DA 469 52.66 121.59 -48.14
N GLN DA 470 53.14 120.44 -48.61
CA GLN DA 470 53.35 120.21 -50.04
C GLN DA 470 52.04 119.96 -50.80
N ALA DA 471 51.04 119.33 -50.17
CA ALA DA 471 49.73 119.10 -50.76
C ALA DA 471 48.63 119.06 -49.69
N GLY DA 472 47.75 120.06 -49.70
CA GLY DA 472 46.85 120.34 -48.58
C GLY DA 472 45.77 119.29 -48.31
N ASP DA 473 45.55 118.97 -47.03
CA ASP DA 473 44.39 118.24 -46.51
C ASP DA 473 44.10 118.69 -45.09
N ASN DA 474 42.97 119.37 -44.90
CA ASN DA 474 42.67 120.02 -43.63
C ASN DA 474 42.47 118.99 -42.51
N ASP DA 475 41.83 117.85 -42.78
CA ASP DA 475 41.59 116.86 -41.73
C ASP DA 475 42.90 116.18 -41.30
N VAL DA 476 43.82 116.00 -42.24
CA VAL DA 476 45.20 115.65 -41.87
C VAL DA 476 45.76 116.75 -40.97
N LEU DA 477 45.71 118.01 -41.39
CA LEU DA 477 46.31 119.11 -40.62
C LEU DA 477 45.73 119.19 -39.21
N LYS DA 478 44.42 118.98 -39.03
CA LYS DA 478 43.79 118.86 -37.72
C LYS DA 478 44.44 117.72 -36.93
N ARG DA 479 44.38 116.50 -37.46
CA ARG DA 479 44.92 115.31 -36.79
C ARG DA 479 46.36 115.51 -36.37
N VAL DA 480 47.16 116.08 -37.26
CA VAL DA 480 48.57 116.40 -37.02
C VAL DA 480 48.67 117.42 -35.89
N SER DA 481 47.97 118.54 -35.98
CA SER DA 481 48.05 119.59 -34.97
C SER DA 481 47.66 119.03 -33.60
N GLU DA 482 46.60 118.23 -33.54
CA GLU DA 482 46.18 117.52 -32.32
C GLU DA 482 47.30 116.65 -31.80
N THR DA 483 47.81 115.78 -32.66
CA THR DA 483 48.89 114.86 -32.29
C THR DA 483 50.08 115.63 -31.77
N LEU DA 484 50.38 116.80 -32.33
CA LEU DA 484 51.49 117.62 -31.86
C LEU DA 484 51.24 118.17 -30.47
N LEU DA 485 49.99 118.48 -30.12
CA LEU DA 485 49.70 118.74 -28.71
C LEU DA 485 49.85 117.47 -27.88
N SER DA 486 49.47 116.31 -28.38
CA SER DA 486 49.67 115.05 -27.65
C SER DA 486 51.15 114.85 -27.34
N ILE DA 487 51.99 115.09 -28.33
CA ILE DA 487 53.44 115.08 -28.18
C ILE DA 487 53.85 116.14 -27.16
N ALA DA 488 53.33 117.37 -27.25
CA ALA DA 488 53.70 118.41 -26.29
C ALA DA 488 53.36 117.98 -24.85
N ALA DA 489 52.24 117.29 -24.66
CA ALA DA 489 51.82 116.83 -23.36
C ALA DA 489 52.78 115.76 -22.84
N GLU DA 490 53.11 114.77 -23.67
CA GLU DA 490 54.13 113.80 -23.28
C GLU DA 490 55.47 114.49 -23.00
N ALA DA 491 55.86 115.49 -23.80
CA ALA DA 491 57.09 116.26 -23.55
C ALA DA 491 57.03 117.02 -22.21
N THR DA 492 55.85 117.50 -21.85
CA THR DA 492 55.61 118.08 -20.54
C THR DA 492 55.78 117.03 -19.45
N LYS DA 493 55.28 115.81 -19.66
CA LYS DA 493 55.44 114.69 -18.72
C LYS DA 493 56.90 114.32 -18.52
N GLN DA 494 57.69 114.39 -19.58
CA GLN DA 494 59.16 114.24 -19.54
C GLN DA 494 59.88 115.47 -18.95
N GLY DA 495 59.19 116.59 -18.74
CA GLY DA 495 59.77 117.85 -18.28
C GLY DA 495 60.65 118.58 -19.31
N ASN DA 496 60.65 118.14 -20.58
CA ASN DA 496 61.44 118.76 -21.63
C ASN DA 496 60.72 119.97 -22.24
N SER DA 497 60.97 121.14 -21.66
CA SER DA 497 60.34 122.39 -22.10
C SER DA 497 60.67 122.75 -23.55
N GLU DA 498 61.87 122.46 -24.03
CA GLU DA 498 62.27 122.76 -25.41
C GLU DA 498 61.47 121.93 -26.41
N VAL DA 499 61.40 120.62 -26.22
CA VAL DA 499 60.61 119.75 -27.10
C VAL DA 499 59.13 120.09 -27.00
N MET DA 500 58.62 120.40 -25.81
CA MET DA 500 57.23 120.87 -25.65
C MET DA 500 56.98 122.15 -26.46
N GLU DA 501 57.87 123.14 -26.36
CA GLU DA 501 57.74 124.40 -27.10
C GLU DA 501 57.75 124.15 -28.60
N LYS DA 502 58.67 123.32 -29.09
CA LYS DA 502 58.70 122.94 -30.50
C LYS DA 502 57.39 122.28 -30.91
N ALA DA 503 56.91 121.31 -30.13
CA ALA DA 503 55.67 120.60 -30.42
C ALA DA 503 54.47 121.57 -30.47
N ILE DA 504 54.43 122.57 -29.59
CA ILE DA 504 53.42 123.62 -29.66
C ILE DA 504 53.62 124.45 -30.93
N ARG DA 505 54.83 124.96 -31.20
CA ARG DA 505 55.08 125.80 -32.39
C ARG DA 505 54.71 125.08 -33.68
N VAL DA 506 55.00 123.79 -33.79
CA VAL DA 506 54.65 123.02 -34.98
C VAL DA 506 53.16 122.66 -34.98
N SER DA 507 52.55 122.39 -33.82
CA SER DA 507 51.09 122.23 -33.75
C SER DA 507 50.40 123.49 -34.29
N GLU DA 508 50.94 124.66 -33.93
CA GLU DA 508 50.51 125.97 -34.38
C GLU DA 508 50.81 126.18 -35.86
N GLU DA 509 51.95 125.73 -36.38
CA GLU DA 509 52.20 125.76 -37.82
C GLU DA 509 51.12 124.95 -38.55
N ALA DA 510 50.81 123.74 -38.09
CA ALA DA 510 49.78 122.91 -38.72
C ALA DA 510 48.41 123.60 -38.70
N GLU DA 511 48.06 124.22 -37.57
CA GLU DA 511 46.87 125.06 -37.50
C GLU DA 511 46.94 126.24 -38.48
N LYS DA 512 48.09 126.92 -38.56
CA LYS DA 512 48.30 128.07 -39.43
C LYS DA 512 48.22 127.71 -40.91
N GLN DA 513 48.69 126.52 -41.27
CA GLN DA 513 48.53 125.95 -42.60
C GLN DA 513 47.07 125.57 -42.88
N ALA DA 514 46.32 125.09 -41.89
CA ALA DA 514 44.88 124.84 -42.06
C ALA DA 514 44.11 126.16 -42.33
N GLY DA 515 44.50 127.25 -41.65
CA GLY DA 515 44.05 128.62 -41.93
C GLY DA 515 42.56 128.88 -41.72
#